data_4DVQ
#
_entry.id   4DVQ
#
_cell.length_a   130.347
_cell.length_b   199.629
_cell.length_c   150.153
_cell.angle_alpha   90.00
_cell.angle_beta   112.18
_cell.angle_gamma   90.00
#
_symmetry.space_group_name_H-M   'P 1 21 1'
#
loop_
_entity.id
_entity.type
_entity.pdbx_description
1 polymer 'Cytochrome P450 11B2, mitochondrial'
2 non-polymer 'PROTOPORPHYRIN IX CONTAINING FE'
3 non-polymer DESOXYCORTICOSTERONE
4 non-polymer 'SULFATE ION'
5 water water
#
_entity_poly.entity_id   1
_entity_poly.type   'polypeptide(L)'
_entity_poly.pdbx_seq_one_letter_code
;MAKKTSSTVLPFEAMPQHPGNRWLRLLQIWREQGYEHLHLEMHQTFQELGPIFRYNLGGPRMVCVMLPEDVEKLQQVDSL
HPCRMILEPWVAYRQHRGHKCGVFLLNGPEWRFNRLRLNPDVLSPKAVQRFLPMVDAVARDFSQALKKKVLQNARGSLTL
DVQPSIFHYTIEASNLALFGERLGLVGHSPSSASLNFLHALEVMFKSTVQLMFMPRSLSRWISPKVWKEHFEAWDCIFQY
GDNCIQKIYQELAFNRPQHYTGIVAELLLKAELSLEAIKANSMELTAGSVDTTAFPLLMTLFELARNPDVQQILRQESLA
AAASISEHPQKATTELPLLRAALKETLRLYPVGLFLERVVSSDLVLQNYHIPAGTLVQVFLYSLGRNAALFPRPERYNPQ
RWLDIRGSGRNFHHVPFGFGMRQCLGRRLAEAEMLLLLHHVLKHFLVETLTQEDIKMVYSFILRPGTSPLLTFRAINHHH
HHH
;
_entity_poly.pdbx_strand_id   A,B,C,D,E,F,G,H,I,J,K,L
#
# COMPACT_ATOMS: atom_id res chain seq x y z
N THR A 8 60.42 -34.63 -13.61
CA THR A 8 58.91 -34.61 -13.51
C THR A 8 58.35 -33.40 -12.72
N VAL A 9 59.21 -32.44 -12.39
CA VAL A 9 58.78 -31.21 -11.73
C VAL A 9 58.31 -30.20 -12.77
N LEU A 10 57.07 -29.74 -12.64
CA LEU A 10 56.46 -28.84 -13.61
C LEU A 10 57.08 -27.45 -13.57
N PRO A 11 56.95 -26.68 -14.67
CA PRO A 11 57.50 -25.32 -14.69
C PRO A 11 56.61 -24.33 -13.95
N PHE A 12 57.22 -23.26 -13.45
CA PHE A 12 56.46 -22.22 -12.78
C PHE A 12 55.23 -21.86 -13.55
N GLU A 13 55.36 -21.72 -14.88
CA GLU A 13 54.27 -21.21 -15.74
C GLU A 13 53.15 -22.22 -15.94
N ALA A 14 53.39 -23.50 -15.68
CA ALA A 14 52.32 -24.50 -15.73
C ALA A 14 51.19 -24.18 -14.72
N MET A 15 51.57 -23.59 -13.60
CA MET A 15 50.68 -23.28 -12.49
C MET A 15 49.42 -22.52 -12.91
N PRO A 16 48.26 -22.88 -12.31
CA PRO A 16 47.04 -22.16 -12.59
C PRO A 16 47.15 -20.70 -12.20
N GLN A 17 46.54 -19.82 -12.98
CA GLN A 17 46.63 -18.40 -12.77
C GLN A 17 45.32 -17.90 -12.19
N HIS A 18 45.41 -16.95 -11.28
CA HIS A 18 44.24 -16.23 -10.82
C HIS A 18 43.69 -15.52 -12.02
N PRO A 19 42.35 -15.54 -12.21
CA PRO A 19 41.79 -15.03 -13.46
C PRO A 19 41.57 -13.51 -13.50
N GLY A 20 41.81 -12.83 -12.39
CA GLY A 20 41.60 -11.39 -12.28
C GLY A 20 42.81 -10.58 -12.67
N ASN A 21 42.56 -9.39 -13.21
CA ASN A 21 43.63 -8.48 -13.64
C ASN A 21 43.96 -7.48 -12.51
N ARG A 22 45.26 -7.29 -12.27
CA ARG A 22 45.76 -6.41 -11.20
C ARG A 22 45.21 -4.98 -11.28
N TRP A 23 45.04 -4.48 -12.51
CA TRP A 23 44.49 -3.15 -12.73
C TRP A 23 43.06 -3.05 -12.28
N LEU A 24 42.27 -4.08 -12.56
CA LEU A 24 40.85 -4.07 -12.19
C LEU A 24 40.65 -4.03 -10.66
N ARG A 25 41.52 -4.72 -9.90
CA ARG A 25 41.42 -4.62 -8.45
C ARG A 25 42.02 -3.31 -7.91
N LEU A 26 43.08 -2.77 -8.52
CA LEU A 26 43.56 -1.45 -8.11
C LEU A 26 42.42 -0.46 -8.15
N LEU A 27 41.55 -0.62 -9.11
CA LEU A 27 40.45 0.30 -9.28
C LEU A 27 39.32 -0.05 -8.33
N GLN A 28 39.07 -1.35 -8.16
CA GLN A 28 38.04 -1.81 -7.21
C GLN A 28 38.39 -1.33 -5.77
N ILE A 29 39.68 -1.31 -5.45
CA ILE A 29 40.13 -0.83 -4.15
C ILE A 29 40.05 0.69 -4.09
N TRP A 30 40.37 1.36 -5.20
CA TRP A 30 40.10 2.80 -5.27
C TRP A 30 38.65 3.09 -4.95
N ARG A 31 37.75 2.32 -5.57
CA ARG A 31 36.31 2.61 -5.49
C ARG A 31 35.73 2.29 -4.13
N GLU A 32 35.99 1.07 -3.66
CA GLU A 32 35.44 0.56 -2.40
C GLU A 32 36.16 1.07 -1.13
N GLN A 33 37.27 1.78 -1.30
CA GLN A 33 38.14 2.23 -0.20
C GLN A 33 38.59 1.06 0.69
N GLY A 34 38.76 -0.10 0.09
CA GLY A 34 39.09 -1.29 0.85
C GLY A 34 39.07 -2.54 -0.01
N TYR A 35 39.19 -3.69 0.65
CA TYR A 35 39.24 -5.00 0.03
C TYR A 35 38.76 -6.04 1.07
N GLU A 36 37.58 -5.78 1.65
CA GLU A 36 37.03 -6.55 2.77
C GLU A 36 36.76 -7.99 2.54
N HIS A 37 36.68 -8.43 1.28
CA HIS A 37 36.31 -9.83 0.96
C HIS A 37 37.51 -10.66 0.57
N LEU A 38 38.70 -10.05 0.67
CA LEU A 38 39.96 -10.66 0.23
C LEU A 38 40.04 -12.12 0.63
N HIS A 39 39.81 -12.38 1.90
CA HIS A 39 39.85 -13.74 2.41
C HIS A 39 38.90 -14.64 1.68
N LEU A 40 37.70 -14.16 1.37
CA LEU A 40 36.71 -14.99 0.69
C LEU A 40 37.13 -15.26 -0.79
N GLU A 41 37.48 -14.19 -1.51
CA GLU A 41 38.00 -14.30 -2.88
C GLU A 41 39.13 -15.34 -2.99
N MET A 42 40.16 -15.25 -2.15
CA MET A 42 41.27 -16.17 -2.25
C MET A 42 40.78 -17.56 -1.95
N HIS A 43 39.81 -17.65 -1.04
CA HIS A 43 39.24 -18.90 -0.70
C HIS A 43 38.55 -19.51 -1.89
N GLN A 44 37.66 -18.76 -2.54
CA GLN A 44 36.92 -19.28 -3.67
C GLN A 44 37.90 -19.75 -4.77
N THR A 45 38.99 -19.02 -4.93
CA THR A 45 40.03 -19.36 -5.90
C THR A 45 40.76 -20.67 -5.64
N PHE A 46 41.03 -20.98 -4.37
CA PHE A 46 41.63 -22.28 -4.02
C PHE A 46 40.63 -23.40 -4.29
N GLN A 47 39.36 -23.14 -4.05
CA GLN A 47 38.32 -24.15 -4.33
C GLN A 47 38.33 -24.48 -5.82
N GLU A 48 38.41 -23.43 -6.64
CA GLU A 48 38.39 -23.57 -8.09
C GLU A 48 39.67 -24.18 -8.67
N LEU A 49 40.80 -23.57 -8.35
CA LEU A 49 42.04 -23.89 -9.06
C LEU A 49 42.92 -24.94 -8.36
N GLY A 50 42.52 -25.37 -7.16
CA GLY A 50 43.37 -26.25 -6.33
C GLY A 50 44.16 -25.48 -5.27
N PRO A 51 44.97 -26.18 -4.47
CA PRO A 51 45.70 -25.57 -3.33
C PRO A 51 46.96 -24.74 -3.69
N ILE A 52 47.06 -24.27 -4.94
CA ILE A 52 48.21 -23.49 -5.42
C ILE A 52 47.96 -22.83 -6.74
N PHE A 53 48.20 -21.53 -6.81
CA PHE A 53 48.08 -20.78 -8.03
C PHE A 53 48.96 -19.55 -7.96
N ARG A 54 49.27 -18.99 -9.12
CA ARG A 54 50.06 -17.77 -9.23
C ARG A 54 49.15 -16.62 -9.60
N TYR A 55 49.61 -15.39 -9.33
CA TYR A 55 48.82 -14.20 -9.61
C TYR A 55 49.57 -13.37 -10.63
N ASN A 56 48.85 -12.88 -11.65
CA ASN A 56 49.46 -12.01 -12.63
C ASN A 56 49.70 -10.63 -12.00
N LEU A 57 50.90 -10.45 -11.47
CA LEU A 57 51.25 -9.22 -10.79
C LEU A 57 51.87 -8.23 -11.77
N GLY A 58 52.17 -8.70 -12.98
CA GLY A 58 52.72 -7.86 -14.05
C GLY A 58 54.23 -7.97 -14.17
N GLY A 59 54.73 -9.21 -14.10
CA GLY A 59 56.16 -9.46 -14.13
C GLY A 59 56.61 -10.24 -12.91
N PRO A 60 56.57 -9.59 -11.71
CA PRO A 60 57.03 -10.28 -10.49
C PRO A 60 56.20 -11.52 -10.22
N ARG A 61 56.84 -12.56 -9.70
CA ARG A 61 56.18 -13.82 -9.50
C ARG A 61 55.58 -13.87 -8.11
N MET A 62 54.33 -14.29 -8.05
CA MET A 62 53.60 -14.41 -6.80
C MET A 62 52.84 -15.74 -6.78
N VAL A 63 53.07 -16.53 -5.75
CA VAL A 63 52.41 -17.83 -5.59
C VAL A 63 51.62 -17.86 -4.28
N CYS A 64 50.34 -18.23 -4.35
CA CYS A 64 49.50 -18.37 -3.18
C CYS A 64 49.31 -19.85 -2.85
N VAL A 65 49.57 -20.25 -1.60
CA VAL A 65 49.42 -21.65 -1.15
C VAL A 65 48.54 -21.75 0.11
N MET A 66 48.21 -22.99 0.51
CA MET A 66 47.33 -23.20 1.66
C MET A 66 47.55 -24.47 2.46
N LEU A 67 48.64 -25.19 2.21
CA LEU A 67 48.87 -26.45 2.87
C LEU A 67 50.08 -26.40 3.83
N PRO A 68 49.97 -27.03 5.02
CA PRO A 68 51.14 -27.18 5.87
C PRO A 68 52.41 -27.67 5.12
N GLU A 69 52.27 -28.67 4.24
CA GLU A 69 53.41 -29.16 3.41
C GLU A 69 54.27 -28.01 2.93
N ASP A 70 53.61 -26.98 2.41
CA ASP A 70 54.23 -25.81 1.79
C ASP A 70 54.92 -24.84 2.80
N VAL A 71 54.36 -24.72 4.00
CA VAL A 71 54.96 -23.86 5.02
C VAL A 71 56.26 -24.51 5.48
N GLU A 72 56.19 -25.82 5.70
CA GLU A 72 57.36 -26.59 6.08
C GLU A 72 58.51 -26.33 5.09
N LYS A 73 58.19 -26.39 3.80
CA LYS A 73 59.18 -26.17 2.75
C LYS A 73 59.65 -24.75 2.71
N LEU A 74 58.77 -23.84 3.09
CA LEU A 74 59.12 -22.45 3.17
C LEU A 74 60.14 -22.25 4.30
N GLN A 75 59.91 -22.88 5.45
CA GLN A 75 60.83 -22.75 6.55
C GLN A 75 62.20 -23.27 6.15
N GLN A 76 62.23 -24.41 5.46
CA GLN A 76 63.50 -25.00 4.99
C GLN A 76 64.36 -24.04 4.18
N VAL A 77 63.74 -23.05 3.54
CA VAL A 77 64.42 -22.12 2.65
C VAL A 77 64.52 -20.68 3.22
N ASP A 78 64.01 -20.45 4.44
CA ASP A 78 64.29 -19.20 5.20
C ASP A 78 65.79 -19.04 5.20
N SER A 79 66.30 -17.91 4.75
CA SER A 79 67.75 -17.73 4.81
C SER A 79 68.12 -17.62 6.30
N LEU A 80 69.34 -17.20 6.56
CA LEU A 80 69.68 -16.59 7.84
C LEU A 80 68.87 -15.27 8.00
N HIS A 81 68.58 -14.58 6.89
CA HIS A 81 67.73 -13.40 6.86
C HIS A 81 66.50 -13.58 6.04
N PRO A 82 65.43 -14.15 6.64
CA PRO A 82 64.16 -14.30 5.94
C PRO A 82 63.53 -12.95 5.59
N CYS A 83 63.01 -12.82 4.39
CA CYS A 83 62.49 -11.55 3.88
C CYS A 83 60.99 -11.58 3.67
N ARG A 84 60.34 -10.51 4.09
CA ARG A 84 58.96 -10.30 3.77
C ARG A 84 58.96 -9.16 2.78
N MET A 85 57.85 -8.91 2.10
CA MET A 85 57.77 -7.75 1.21
C MET A 85 57.51 -6.55 2.10
N ILE A 86 58.47 -5.64 2.20
CA ILE A 86 58.31 -4.52 3.12
C ILE A 86 57.12 -3.66 2.71
N LEU A 87 56.41 -3.21 3.73
CA LEU A 87 55.15 -2.55 3.58
C LEU A 87 55.49 -1.09 3.42
N GLU A 88 55.31 -0.60 2.20
CA GLU A 88 55.83 0.69 1.77
C GLU A 88 55.20 1.87 2.52
N PRO A 89 53.89 1.79 2.84
CA PRO A 89 53.27 2.87 3.61
C PRO A 89 53.81 3.01 5.03
N TRP A 90 54.11 1.89 5.69
CA TRP A 90 54.61 1.99 7.06
C TRP A 90 56.04 2.53 7.08
N VAL A 91 56.85 2.04 6.15
CA VAL A 91 58.25 2.43 6.03
C VAL A 91 58.36 3.91 5.66
N ALA A 92 57.54 4.33 4.71
CA ALA A 92 57.50 5.73 4.29
C ALA A 92 57.34 6.64 5.49
N TYR A 93 56.48 6.23 6.42
CA TYR A 93 56.18 7.09 7.54
C TYR A 93 57.41 7.20 8.43
N ARG A 94 58.04 6.07 8.71
CA ARG A 94 59.24 6.11 9.53
C ARG A 94 60.22 7.05 8.88
N GLN A 95 60.44 6.92 7.57
CA GLN A 95 61.45 7.80 6.94
C GLN A 95 60.98 9.27 6.88
N HIS A 96 59.67 9.52 6.72
CA HIS A 96 59.17 10.89 6.78
C HIS A 96 59.43 11.61 8.08
N ARG A 97 59.42 10.89 9.20
CA ARG A 97 59.61 11.52 10.50
C ARG A 97 61.01 11.30 11.11
N GLY A 98 61.84 10.50 10.46
CA GLY A 98 63.23 10.35 10.83
C GLY A 98 63.48 9.24 11.82
N HIS A 99 62.63 8.22 11.81
CA HIS A 99 62.67 7.13 12.77
C HIS A 99 63.31 5.93 12.16
N LYS A 100 63.92 5.10 13.02
CA LYS A 100 64.41 3.79 12.62
C LYS A 100 63.20 2.91 12.49
N CYS A 101 63.40 1.78 11.84
CA CYS A 101 62.35 0.78 11.67
C CYS A 101 62.56 -0.31 12.65
N GLY A 102 61.48 -0.76 13.28
CA GLY A 102 61.53 -1.93 14.15
C GLY A 102 61.59 -3.21 13.34
N VAL A 103 61.56 -4.32 14.05
CA VAL A 103 61.86 -5.63 13.50
C VAL A 103 60.87 -6.05 12.39
N PHE A 104 59.62 -5.60 12.44
CA PHE A 104 58.63 -6.03 11.45
C PHE A 104 58.91 -5.46 10.07
N LEU A 105 59.57 -4.31 10.03
CA LEU A 105 59.74 -3.56 8.79
C LEU A 105 61.19 -3.62 8.28
N LEU A 106 62.00 -4.41 8.94
CA LEU A 106 63.42 -4.53 8.60
C LEU A 106 63.63 -5.87 7.91
N ASN A 107 64.67 -5.94 7.09
CA ASN A 107 65.15 -7.19 6.55
C ASN A 107 66.65 -7.28 6.75
N GLY A 108 67.21 -8.47 6.57
CA GLY A 108 68.66 -8.60 6.46
C GLY A 108 69.41 -8.53 7.78
N PRO A 109 70.68 -8.10 7.75
CA PRO A 109 71.49 -8.09 8.96
C PRO A 109 70.95 -7.21 10.07
N GLU A 110 70.38 -6.06 9.71
CA GLU A 110 69.76 -5.14 10.68
C GLU A 110 68.53 -5.77 11.38
N TRP A 111 67.77 -6.57 10.63
CA TRP A 111 66.69 -7.32 11.24
C TRP A 111 67.20 -8.30 12.29
N ARG A 112 68.20 -9.09 11.90
CA ARG A 112 68.73 -10.14 12.78
C ARG A 112 69.35 -9.56 14.06
N PHE A 113 70.06 -8.45 13.90
CA PHE A 113 70.69 -7.76 15.02
C PHE A 113 69.63 -7.32 16.02
N ASN A 114 68.59 -6.66 15.51
CA ASN A 114 67.43 -6.32 16.31
C ASN A 114 66.74 -7.52 16.94
N ARG A 115 66.46 -8.56 16.16
CA ARG A 115 65.69 -9.67 16.69
C ARG A 115 66.38 -10.39 17.85
N LEU A 116 67.66 -10.74 17.65
CA LEU A 116 68.38 -11.53 18.66
C LEU A 116 68.49 -10.77 19.97
N ARG A 117 68.30 -9.46 19.93
CA ARG A 117 68.31 -8.60 21.11
C ARG A 117 66.92 -8.28 21.72
N LEU A 118 65.86 -8.77 21.06
CA LEU A 118 64.50 -8.68 21.55
C LEU A 118 63.94 -10.03 22.11
N ASN A 119 64.28 -11.15 21.48
CA ASN A 119 63.76 -12.46 21.87
C ASN A 119 63.89 -12.73 23.36
N PRO A 120 65.12 -12.51 23.92
CA PRO A 120 65.36 -12.84 25.33
C PRO A 120 64.35 -12.19 26.28
N ASP A 121 64.02 -10.93 26.02
CA ASP A 121 63.13 -10.16 26.89
C ASP A 121 61.66 -10.07 26.44
N VAL A 122 61.36 -10.35 25.16
CA VAL A 122 59.95 -10.29 24.72
C VAL A 122 59.28 -11.64 24.62
N LEU A 123 60.06 -12.65 24.27
CA LEU A 123 59.50 -13.93 23.85
C LEU A 123 60.00 -15.14 24.62
N SER A 124 61.22 -15.07 25.15
CA SER A 124 61.83 -16.22 25.85
C SER A 124 60.99 -16.64 27.05
N PRO A 125 61.05 -17.93 27.41
CA PRO A 125 60.34 -18.40 28.61
C PRO A 125 60.83 -17.78 29.91
N LYS A 126 62.06 -17.27 29.95
CA LYS A 126 62.51 -16.50 31.12
C LYS A 126 61.69 -15.22 31.21
N ALA A 127 61.47 -14.58 30.06
CA ALA A 127 60.68 -13.35 30.01
C ALA A 127 59.24 -13.63 30.49
N VAL A 128 58.64 -14.66 29.98
CA VAL A 128 57.28 -14.99 30.37
C VAL A 128 57.13 -15.22 31.87
N GLN A 129 58.10 -15.85 32.52
CA GLN A 129 57.99 -16.12 33.95
C GLN A 129 57.90 -14.82 34.72
N ARG A 130 58.48 -13.76 34.20
CA ARG A 130 58.51 -12.49 34.90
C ARG A 130 57.27 -11.63 34.60
N PHE A 131 56.81 -11.55 33.35
CA PHE A 131 55.68 -10.66 33.04
C PHE A 131 54.30 -11.31 33.10
N LEU A 132 54.23 -12.64 33.11
CA LEU A 132 52.94 -13.31 33.18
C LEU A 132 52.14 -12.97 34.45
N PRO A 133 52.80 -12.80 35.60
CA PRO A 133 52.02 -12.50 36.82
C PRO A 133 51.40 -11.14 36.79
N MET A 134 52.02 -10.19 36.11
CA MET A 134 51.46 -8.86 35.95
C MET A 134 50.19 -8.99 35.10
N VAL A 135 50.32 -9.59 33.92
CA VAL A 135 49.16 -9.84 33.08
C VAL A 135 48.05 -10.50 33.91
N ASP A 136 48.40 -11.53 34.66
CA ASP A 136 47.42 -12.26 35.50
C ASP A 136 46.65 -11.32 36.46
N ALA A 137 47.37 -10.40 37.08
CA ALA A 137 46.74 -9.40 37.91
C ALA A 137 45.68 -8.62 37.09
N VAL A 138 46.02 -8.21 35.86
CA VAL A 138 45.07 -7.46 35.04
C VAL A 138 43.87 -8.34 34.73
N ALA A 139 44.13 -9.55 34.32
CA ALA A 139 43.06 -10.50 34.03
C ALA A 139 42.14 -10.70 35.23
N ARG A 140 42.69 -10.69 36.45
CA ARG A 140 41.86 -10.88 37.63
C ARG A 140 40.97 -9.67 37.81
N ASP A 141 41.57 -8.49 37.68
CA ASP A 141 40.86 -7.23 37.79
C ASP A 141 39.71 -7.14 36.78
N PHE A 142 39.90 -7.63 35.57
CA PHE A 142 38.77 -7.67 34.62
C PHE A 142 37.56 -8.46 35.10
N SER A 143 37.80 -9.65 35.63
CA SER A 143 36.72 -10.50 36.12
C SER A 143 36.09 -9.95 37.39
N GLN A 144 36.93 -9.48 38.30
CA GLN A 144 36.46 -8.85 39.54
C GLN A 144 35.55 -7.66 39.21
N ALA A 145 35.95 -6.85 38.23
CA ALA A 145 35.13 -5.71 37.82
C ALA A 145 33.78 -6.16 37.24
N LEU A 146 33.80 -7.19 36.42
CA LEU A 146 32.59 -7.65 35.77
C LEU A 146 31.66 -8.34 36.79
N LYS A 147 32.21 -9.20 37.62
CA LYS A 147 31.41 -9.84 38.70
C LYS A 147 30.64 -8.82 39.53
N LYS A 148 31.29 -7.73 39.91
CA LYS A 148 30.65 -6.67 40.64
C LYS A 148 29.44 -6.04 39.88
N LYS A 149 29.60 -5.69 38.59
CA LYS A 149 28.46 -5.18 37.82
C LYS A 149 27.39 -6.26 37.75
N VAL A 150 27.83 -7.50 37.60
CA VAL A 150 26.93 -8.61 37.41
C VAL A 150 26.05 -8.87 38.62
N LEU A 151 26.63 -8.82 39.79
CA LEU A 151 25.92 -9.06 41.03
C LEU A 151 25.00 -7.91 41.45
N GLN A 152 25.10 -6.75 40.81
CA GLN A 152 24.20 -5.63 41.10
C GLN A 152 22.85 -5.87 40.43
N ASN A 153 22.83 -6.75 39.44
CA ASN A 153 21.61 -7.11 38.75
C ASN A 153 20.88 -8.27 39.45
N ALA A 154 19.55 -8.18 39.54
CA ALA A 154 18.76 -9.19 40.26
C ALA A 154 18.89 -10.60 39.66
N ARG A 155 19.14 -10.70 38.36
CA ARG A 155 19.35 -12.02 37.72
C ARG A 155 20.80 -12.47 37.76
N GLY A 156 21.63 -11.71 38.46
CA GLY A 156 23.04 -12.04 38.55
C GLY A 156 23.70 -12.24 37.20
N SER A 157 23.28 -11.46 36.19
CA SER A 157 23.97 -11.47 34.90
C SER A 157 24.11 -10.05 34.29
N LEU A 158 25.02 -9.91 33.33
CA LEU A 158 25.17 -8.67 32.57
C LEU A 158 25.25 -9.04 31.13
N THR A 159 24.50 -8.31 30.32
CA THR A 159 24.45 -8.53 28.92
C THR A 159 24.88 -7.27 28.21
N LEU A 160 25.97 -7.39 27.44
CA LEU A 160 26.60 -6.26 26.81
C LEU A 160 27.39 -6.66 25.59
N ASP A 161 27.74 -5.64 24.81
CA ASP A 161 28.83 -5.74 23.85
C ASP A 161 30.15 -5.69 24.65
N VAL A 162 30.92 -6.78 24.68
CA VAL A 162 32.21 -6.83 25.41
C VAL A 162 33.41 -6.27 24.64
N GLN A 163 33.23 -5.99 23.38
CA GLN A 163 34.35 -5.43 22.61
C GLN A 163 35.03 -4.23 23.28
N PRO A 164 34.29 -3.23 23.69
CA PRO A 164 35.09 -2.16 24.33
C PRO A 164 35.93 -2.58 25.56
N SER A 165 35.38 -3.34 26.49
CA SER A 165 36.18 -3.73 27.69
C SER A 165 37.33 -4.69 27.38
N ILE A 166 37.18 -5.48 26.33
CA ILE A 166 38.22 -6.40 25.90
C ILE A 166 39.39 -5.64 25.27
N PHE A 167 39.09 -4.68 24.41
CA PHE A 167 40.15 -3.81 23.88
C PHE A 167 40.89 -3.08 24.99
N HIS A 168 40.17 -2.64 26.01
CA HIS A 168 40.82 -1.92 27.08
C HIS A 168 41.64 -2.81 27.95
N TYR A 169 41.17 -4.05 28.10
CA TYR A 169 41.93 -5.09 28.77
C TYR A 169 43.24 -5.31 28.06
N THR A 170 43.22 -5.43 26.73
CA THR A 170 44.47 -5.68 26.03
C THR A 170 45.40 -4.48 26.16
N ILE A 171 44.86 -3.27 26.03
CA ILE A 171 45.71 -2.08 26.25
C ILE A 171 46.34 -2.11 27.64
N GLU A 172 45.56 -2.48 28.66
CA GLU A 172 46.04 -2.48 30.05
C GLU A 172 47.10 -3.57 30.24
N ALA A 173 46.79 -4.80 29.86
CA ALA A 173 47.73 -5.89 30.01
C ALA A 173 49.02 -5.56 29.30
N SER A 174 48.92 -5.09 28.08
CA SER A 174 50.11 -4.89 27.28
C SER A 174 50.95 -3.79 27.84
N ASN A 175 50.30 -2.75 28.35
CA ASN A 175 51.04 -1.61 28.85
C ASN A 175 51.71 -1.97 30.15
N LEU A 176 51.08 -2.81 30.94
CA LEU A 176 51.72 -3.22 32.20
C LEU A 176 52.94 -4.07 31.87
N ALA A 177 52.75 -5.07 31.01
CA ALA A 177 53.83 -5.98 30.65
C ALA A 177 54.92 -5.25 29.92
N LEU A 178 54.58 -4.30 29.06
CA LEU A 178 55.61 -3.57 28.33
C LEU A 178 56.34 -2.50 29.20
N PHE A 179 55.59 -1.62 29.85
CA PHE A 179 56.14 -0.46 30.53
C PHE A 179 56.09 -0.48 32.05
N GLY A 180 55.44 -1.49 32.64
CA GLY A 180 55.28 -1.55 34.09
C GLY A 180 54.29 -0.57 34.70
N GLU A 181 53.45 0.04 33.85
CA GLU A 181 52.46 1.07 34.27
C GLU A 181 51.05 0.49 34.23
N ARG A 182 50.28 0.71 35.29
CA ARG A 182 48.83 0.50 35.24
C ARG A 182 48.18 1.78 34.74
N LEU A 183 47.40 1.66 33.69
CA LEU A 183 46.74 2.80 33.10
C LEU A 183 45.36 3.07 33.73
N GLY A 184 44.80 2.08 34.42
CA GLY A 184 43.50 2.25 35.05
C GLY A 184 42.30 2.13 34.11
N LEU A 185 42.46 1.38 33.02
CA LEU A 185 41.39 1.21 32.05
C LEU A 185 40.59 -0.10 32.20
N VAL A 186 40.78 -0.85 33.28
CA VAL A 186 39.92 -2.02 33.55
C VAL A 186 39.08 -1.72 34.78
N GLY A 187 37.78 -1.94 34.68
CA GLY A 187 36.85 -1.61 35.77
C GLY A 187 36.59 -0.11 35.88
N HIS A 188 37.04 0.64 34.88
CA HIS A 188 36.80 2.07 34.80
C HIS A 188 36.52 2.40 33.40
N SER A 189 36.09 3.62 33.12
CA SER A 189 35.74 3.98 31.74
C SER A 189 36.94 4.12 30.84
N PRO A 190 36.72 4.02 29.53
CA PRO A 190 37.72 4.43 28.55
C PRO A 190 38.19 5.85 28.83
N SER A 191 39.49 6.07 28.67
CA SER A 191 40.04 7.41 28.70
C SER A 191 39.94 7.91 27.29
N SER A 192 40.24 9.19 27.08
CA SER A 192 40.16 9.77 25.74
C SER A 192 41.46 9.55 25.00
N ALA A 193 42.57 9.43 25.72
CA ALA A 193 43.79 8.94 25.10
C ALA A 193 43.57 7.52 24.59
N SER A 194 42.90 6.67 25.38
CA SER A 194 42.77 5.28 24.96
C SER A 194 41.86 5.19 23.75
N LEU A 195 40.79 5.97 23.74
CA LEU A 195 39.86 6.00 22.59
C LEU A 195 40.51 6.54 21.30
N ASN A 196 41.25 7.63 21.43
CA ASN A 196 41.97 8.17 20.31
C ASN A 196 42.95 7.14 19.73
N PHE A 197 43.56 6.36 20.61
CA PHE A 197 44.49 5.32 20.20
C PHE A 197 43.78 4.21 19.42
N LEU A 198 42.65 3.71 19.93
CA LEU A 198 41.94 2.68 19.18
C LEU A 198 41.55 3.18 17.80
N HIS A 199 41.02 4.39 17.76
CA HIS A 199 40.61 5.01 16.49
C HIS A 199 41.74 5.11 15.51
N ALA A 200 42.87 5.68 15.92
CA ALA A 200 44.03 5.80 15.01
C ALA A 200 44.48 4.46 14.42
N LEU A 201 44.52 3.43 15.27
CA LEU A 201 44.88 2.10 14.81
C LEU A 201 43.91 1.66 13.71
N GLU A 202 42.62 1.90 13.93
CA GLU A 202 41.60 1.45 12.97
C GLU A 202 41.79 2.14 11.63
N VAL A 203 42.01 3.44 11.67
CA VAL A 203 42.22 4.22 10.47
C VAL A 203 43.54 3.83 9.82
N MET A 204 44.60 3.66 10.61
CA MET A 204 45.90 3.26 10.08
C MET A 204 45.74 1.97 9.31
N PHE A 205 45.05 1.00 9.91
CA PHE A 205 44.81 -0.29 9.26
C PHE A 205 44.01 -0.17 7.97
N LYS A 206 42.85 0.47 8.05
CA LYS A 206 42.01 0.70 6.86
C LYS A 206 42.84 1.33 5.74
N SER A 207 43.40 2.50 6.02
CA SER A 207 44.22 3.20 5.05
C SER A 207 45.44 2.40 4.60
N THR A 208 45.91 1.46 5.42
CA THR A 208 47.03 0.58 5.01
C THR A 208 46.62 -0.20 3.80
N VAL A 209 45.43 -0.76 3.83
CA VAL A 209 44.92 -1.56 2.72
C VAL A 209 44.83 -0.75 1.43
N GLN A 210 44.29 0.46 1.52
CA GLN A 210 44.11 1.30 0.34
C GLN A 210 45.47 1.53 -0.34
N LEU A 211 46.48 1.88 0.45
CA LEU A 211 47.83 2.19 -0.08
C LEU A 211 48.65 0.94 -0.40
N MET A 212 48.28 -0.17 0.19
CA MET A 212 49.02 -1.40 0.02
C MET A 212 49.11 -1.86 -1.43
N PHE A 213 48.02 -1.71 -2.16
CA PHE A 213 47.83 -2.39 -3.44
C PHE A 213 48.03 -1.54 -4.70
N MET A 214 48.55 -0.32 -4.55
CA MET A 214 49.07 0.42 -5.69
C MET A 214 50.48 0.93 -5.38
N PRO A 215 51.35 1.03 -6.41
CA PRO A 215 52.66 1.60 -6.13
C PRO A 215 52.59 3.04 -5.67
N ARG A 216 53.62 3.48 -4.97
CA ARG A 216 53.67 4.84 -4.45
C ARG A 216 53.45 5.82 -5.60
N SER A 217 54.01 5.51 -6.77
CA SER A 217 53.91 6.36 -7.95
C SER A 217 52.48 6.76 -8.34
N LEU A 218 51.55 5.81 -8.30
CA LEU A 218 50.17 6.12 -8.70
C LEU A 218 49.35 6.69 -7.54
N SER A 219 49.52 6.08 -6.36
CA SER A 219 48.73 6.46 -5.18
C SER A 219 49.07 7.86 -4.73
N ARG A 220 50.34 8.23 -4.86
CA ARG A 220 50.85 9.59 -4.62
C ARG A 220 49.92 10.72 -5.16
N TRP A 221 49.38 10.54 -6.37
CA TRP A 221 48.49 11.58 -6.96
C TRP A 221 47.06 11.15 -7.13
N ILE A 222 46.79 9.85 -7.06
CA ILE A 222 45.41 9.34 -7.10
C ILE A 222 44.75 9.38 -5.73
N SER A 223 45.55 9.27 -4.67
CA SER A 223 45.02 9.29 -3.29
C SER A 223 45.94 10.07 -2.34
N PRO A 224 46.23 11.33 -2.67
CA PRO A 224 46.97 12.14 -1.73
C PRO A 224 46.32 12.20 -0.34
N LYS A 225 44.99 12.24 -0.26
CA LYS A 225 44.37 12.39 1.07
C LYS A 225 44.25 11.09 1.88
N VAL A 226 44.41 9.94 1.22
CA VAL A 226 44.59 8.69 1.95
C VAL A 226 45.97 8.68 2.60
N TRP A 227 46.99 9.13 1.89
CA TRP A 227 48.34 9.28 2.46
C TRP A 227 48.38 10.20 3.62
N LYS A 228 47.64 11.31 3.54
CA LYS A 228 47.52 12.22 4.66
C LYS A 228 46.94 11.53 5.87
N GLU A 229 45.83 10.81 5.67
CA GLU A 229 45.15 10.06 6.76
C GLU A 229 46.09 9.05 7.43
N HIS A 230 46.82 8.29 6.61
CA HIS A 230 47.71 7.27 7.10
C HIS A 230 48.68 7.90 8.05
N PHE A 231 49.26 9.00 7.61
CA PHE A 231 50.30 9.69 8.36
C PHE A 231 49.76 10.33 9.64
N GLU A 232 48.53 10.83 9.61
CA GLU A 232 47.94 11.43 10.82
C GLU A 232 47.56 10.34 11.82
N ALA A 233 47.16 9.17 11.32
CA ALA A 233 46.89 8.04 12.19
C ALA A 233 48.20 7.66 12.87
N TRP A 234 49.26 7.46 12.10
CA TRP A 234 50.55 7.16 12.69
C TRP A 234 51.06 8.21 13.63
N ASP A 235 50.75 9.47 13.37
CA ASP A 235 51.14 10.55 14.30
C ASP A 235 50.52 10.34 15.67
N CYS A 236 49.23 10.07 15.70
CA CYS A 236 48.51 9.76 16.94
C CYS A 236 49.11 8.51 17.62
N ILE A 237 49.32 7.46 16.85
CA ILE A 237 49.91 6.24 17.38
C ILE A 237 51.32 6.50 17.96
N PHE A 238 52.13 7.27 17.24
CA PHE A 238 53.45 7.61 17.76
C PHE A 238 53.38 8.52 18.99
N GLN A 239 52.49 9.51 19.00
CA GLN A 239 52.34 10.38 20.17
C GLN A 239 52.08 9.49 21.39
N TYR A 240 51.13 8.58 21.26
CA TYR A 240 50.80 7.69 22.35
C TYR A 240 51.98 6.81 22.80
N GLY A 241 52.71 6.23 21.85
CA GLY A 241 53.79 5.30 22.17
C GLY A 241 55.04 6.05 22.61
N ASP A 242 55.15 7.29 22.18
CA ASP A 242 56.20 8.14 22.64
C ASP A 242 55.95 8.61 24.07
N ASN A 243 54.71 8.92 24.41
CA ASN A 243 54.42 9.31 25.78
C ASN A 243 54.90 8.22 26.76
N CYS A 244 54.55 6.96 26.49
CA CYS A 244 54.98 5.84 27.34
C CYS A 244 56.50 5.74 27.46
N ILE A 245 57.18 6.07 26.39
CA ILE A 245 58.64 5.92 26.34
C ILE A 245 59.32 7.06 27.08
N GLN A 246 58.76 8.26 26.99
CA GLN A 246 59.31 9.37 27.75
C GLN A 246 59.22 9.09 29.27
N LYS A 247 58.09 8.55 29.70
CA LYS A 247 57.84 8.32 31.10
C LYS A 247 58.83 7.31 31.67
N ILE A 248 58.90 6.14 31.04
CA ILE A 248 59.79 5.10 31.50
C ILE A 248 61.26 5.56 31.38
N TYR A 249 61.64 6.19 30.28
CA TYR A 249 63.05 6.63 30.09
C TYR A 249 63.49 7.58 31.18
N GLN A 250 62.60 8.49 31.58
CA GLN A 250 62.89 9.41 32.63
C GLN A 250 62.99 8.69 33.98
N GLU A 251 62.05 7.80 34.25
CA GLU A 251 62.10 7.06 35.51
C GLU A 251 63.42 6.27 35.64
N LEU A 252 63.81 5.53 34.58
CA LEU A 252 65.04 4.75 34.63
C LEU A 252 66.31 5.61 34.62
N ALA A 253 66.24 6.85 34.12
CA ALA A 253 67.38 7.79 34.23
C ALA A 253 67.74 8.06 35.69
N PHE A 254 66.73 8.09 36.56
CA PHE A 254 66.92 8.48 37.96
C PHE A 254 67.02 7.32 38.94
N ASN A 255 66.45 6.18 38.61
CA ASN A 255 66.57 4.99 39.47
C ASN A 255 66.48 3.73 38.63
N ARG A 256 67.40 2.80 38.85
CA ARG A 256 67.44 1.56 38.08
C ARG A 256 66.96 0.49 38.99
N PRO A 257 65.69 0.13 38.88
CA PRO A 257 65.14 -0.83 39.82
C PRO A 257 65.84 -2.21 39.80
N GLN A 258 65.56 -3.01 40.83
CA GLN A 258 66.28 -4.24 41.14
C GLN A 258 65.31 -5.40 41.07
N HIS A 259 64.16 -5.16 40.48
CA HIS A 259 63.10 -6.12 40.38
C HIS A 259 62.43 -5.86 39.05
N TYR A 260 61.79 -6.87 38.48
CA TYR A 260 61.20 -6.75 37.17
C TYR A 260 60.12 -5.66 37.12
N THR A 261 60.29 -4.67 36.24
CA THR A 261 59.26 -3.69 35.98
C THR A 261 58.90 -3.60 34.47
N GLY A 262 58.91 -4.73 33.78
CA GLY A 262 58.41 -4.79 32.40
C GLY A 262 59.47 -5.03 31.33
N ILE A 263 58.98 -5.29 30.12
CA ILE A 263 59.81 -5.66 28.98
C ILE A 263 60.75 -4.54 28.53
N VAL A 264 60.20 -3.37 28.29
CA VAL A 264 61.00 -2.27 27.79
C VAL A 264 62.04 -1.81 28.83
N ALA A 265 61.80 -2.07 30.09
CA ALA A 265 62.78 -1.69 31.08
C ALA A 265 64.00 -2.59 30.90
N GLU A 266 63.79 -3.91 30.76
CA GLU A 266 64.90 -4.81 30.45
C GLU A 266 65.73 -4.30 29.24
N LEU A 267 65.05 -3.81 28.20
CA LEU A 267 65.77 -3.38 26.99
C LEU A 267 66.60 -2.15 27.24
N LEU A 268 66.04 -1.17 27.94
CA LEU A 268 66.78 0.06 28.20
C LEU A 268 67.96 -0.21 29.16
N LEU A 269 67.73 -1.08 30.14
CA LEU A 269 68.74 -1.41 31.11
C LEU A 269 69.94 -2.10 30.42
N LYS A 270 69.68 -3.14 29.63
CA LYS A 270 70.74 -3.83 28.86
C LYS A 270 71.48 -2.90 27.86
N ALA A 271 70.78 -1.93 27.28
CA ALA A 271 71.32 -1.05 26.22
C ALA A 271 72.20 -1.79 25.19
N GLU A 272 71.73 -2.93 24.70
CA GLU A 272 72.37 -3.60 23.58
C GLU A 272 71.97 -2.91 22.28
N LEU A 273 70.70 -2.50 22.18
CA LEU A 273 70.20 -1.74 21.04
C LEU A 273 70.33 -0.28 21.32
N SER A 274 70.48 0.52 20.27
CA SER A 274 70.49 1.95 20.45
C SER A 274 69.12 2.37 20.91
N LEU A 275 69.08 3.54 21.53
CA LEU A 275 67.86 4.15 21.98
C LEU A 275 66.87 4.31 20.84
N GLU A 276 67.35 4.69 19.67
CA GLU A 276 66.45 4.89 18.52
C GLU A 276 65.88 3.55 18.07
N ALA A 277 66.66 2.50 18.25
CA ALA A 277 66.23 1.14 17.96
C ALA A 277 65.20 0.70 18.98
N ILE A 278 65.51 0.90 20.27
CA ILE A 278 64.57 0.55 21.34
C ILE A 278 63.25 1.30 21.11
N LYS A 279 63.33 2.57 20.79
CA LYS A 279 62.13 3.34 20.55
C LYS A 279 61.33 2.72 19.41
N ALA A 280 62.02 2.37 18.31
CA ALA A 280 61.33 1.87 17.12
C ALA A 280 60.62 0.58 17.37
N ASN A 281 61.26 -0.32 18.11
CA ASN A 281 60.64 -1.60 18.48
C ASN A 281 59.61 -1.47 19.60
N SER A 282 59.80 -0.52 20.50
CA SER A 282 58.81 -0.33 21.54
C SER A 282 57.51 0.11 20.93
N MET A 283 57.61 0.95 19.91
CA MET A 283 56.43 1.38 19.17
C MET A 283 55.72 0.25 18.44
N GLU A 284 56.46 -0.74 17.93
CA GLU A 284 55.82 -1.88 17.23
C GLU A 284 55.08 -2.75 18.21
N LEU A 285 55.70 -3.01 19.35
CA LEU A 285 55.08 -3.76 20.44
C LEU A 285 53.81 -3.06 20.98
N THR A 286 53.85 -1.72 21.14
CA THR A 286 52.69 -0.96 21.62
C THR A 286 51.58 -0.91 20.57
N ALA A 287 51.93 -0.58 19.34
CA ALA A 287 50.94 -0.56 18.26
C ALA A 287 50.36 -1.95 18.03
N GLY A 288 51.21 -2.97 18.04
CA GLY A 288 50.79 -4.32 17.64
C GLY A 288 50.16 -5.21 18.69
N SER A 289 49.88 -4.68 19.88
CA SER A 289 49.53 -5.53 21.01
C SER A 289 48.13 -5.32 21.49
N VAL A 290 47.28 -4.75 20.64
CA VAL A 290 45.93 -4.40 21.00
C VAL A 290 44.95 -5.19 20.14
N ASP A 291 44.85 -4.87 18.85
CA ASP A 291 43.81 -5.46 18.00
C ASP A 291 44.04 -6.93 17.76
N THR A 292 45.31 -7.26 17.57
CA THR A 292 45.78 -8.59 17.23
C THR A 292 45.33 -9.58 18.25
N THR A 293 45.35 -9.16 19.52
CA THR A 293 44.92 -9.98 20.64
C THR A 293 43.45 -9.79 21.01
N ALA A 294 42.95 -8.57 20.93
CA ALA A 294 41.57 -8.32 21.34
C ALA A 294 40.60 -9.16 20.51
N PHE A 295 40.84 -9.28 19.22
CA PHE A 295 39.87 -9.90 18.30
C PHE A 295 39.80 -11.44 18.42
N PRO A 296 40.95 -12.11 18.55
CA PRO A 296 40.83 -13.55 18.81
C PRO A 296 40.15 -13.88 20.13
N LEU A 297 40.37 -13.05 21.16
CA LEU A 297 39.66 -13.18 22.43
C LEU A 297 38.17 -13.05 22.22
N LEU A 298 37.75 -12.06 21.43
CA LEU A 298 36.33 -11.84 21.16
C LEU A 298 35.73 -13.07 20.51
N MET A 299 36.40 -13.56 19.50
CA MET A 299 35.92 -14.72 18.75
C MET A 299 35.84 -15.99 19.59
N THR A 300 36.75 -16.13 20.54
CA THR A 300 36.75 -17.24 21.45
C THR A 300 35.57 -17.14 22.41
N LEU A 301 35.34 -15.94 22.94
CA LEU A 301 34.18 -15.73 23.79
C LEU A 301 32.94 -16.06 22.99
N PHE A 302 32.87 -15.58 21.75
CA PHE A 302 31.72 -15.86 20.91
C PHE A 302 31.55 -17.36 20.62
N GLU A 303 32.63 -18.05 20.25
CA GLU A 303 32.51 -19.49 20.01
C GLU A 303 32.16 -20.25 21.28
N LEU A 304 32.67 -19.83 22.44
CA LEU A 304 32.31 -20.52 23.68
C LEU A 304 30.82 -20.35 24.00
N ALA A 305 30.28 -19.12 23.83
CA ALA A 305 28.83 -18.87 24.03
C ALA A 305 27.98 -19.78 23.15
N ARG A 306 28.53 -20.07 21.99
CA ARG A 306 27.87 -20.79 20.94
C ARG A 306 27.99 -22.30 21.11
N ASN A 307 28.99 -22.73 21.86
CA ASN A 307 29.29 -24.13 22.12
C ASN A 307 29.37 -24.37 23.62
N PRO A 308 28.21 -24.29 24.32
CA PRO A 308 28.17 -24.43 25.78
C PRO A 308 28.77 -25.71 26.30
N ASP A 309 28.55 -26.82 25.58
CA ASP A 309 29.22 -28.10 25.92
C ASP A 309 30.74 -27.99 25.97
N VAL A 310 31.32 -27.27 25.02
CA VAL A 310 32.78 -27.09 24.96
C VAL A 310 33.20 -26.12 26.04
N GLN A 311 32.40 -25.08 26.23
CA GLN A 311 32.68 -24.13 27.29
C GLN A 311 32.72 -24.85 28.63
N GLN A 312 31.80 -25.80 28.82
CA GLN A 312 31.65 -26.46 30.11
C GLN A 312 32.84 -27.32 30.42
N ILE A 313 33.33 -28.04 29.41
CA ILE A 313 34.56 -28.80 29.53
C ILE A 313 35.70 -27.88 29.90
N LEU A 314 35.83 -26.77 29.19
CA LEU A 314 36.90 -25.80 29.52
C LEU A 314 36.72 -25.23 30.92
N ARG A 315 35.47 -25.06 31.35
CA ARG A 315 35.24 -24.67 32.75
C ARG A 315 35.69 -25.68 33.77
N GLN A 316 35.42 -26.97 33.54
CA GLN A 316 35.85 -28.00 34.51
C GLN A 316 37.40 -27.92 34.66
N GLU A 317 38.10 -27.68 33.54
CA GLU A 317 39.55 -27.65 33.53
C GLU A 317 40.10 -26.49 34.32
N SER A 318 39.43 -25.35 34.20
CA SER A 318 39.93 -24.16 34.87
C SER A 318 39.60 -24.16 36.35
N LEU A 319 38.43 -24.69 36.71
CA LEU A 319 38.08 -24.85 38.14
C LEU A 319 39.04 -25.88 38.76
N ALA A 320 39.19 -27.02 38.10
CA ALA A 320 40.12 -28.06 38.57
C ALA A 320 41.54 -27.56 38.84
N ALA A 321 41.94 -26.48 38.17
CA ALA A 321 43.34 -26.06 38.14
C ALA A 321 43.52 -24.67 38.75
N ALA A 322 42.41 -24.11 39.25
CA ALA A 322 42.35 -22.74 39.76
C ALA A 322 43.27 -22.53 40.91
N ALA A 323 43.26 -23.50 41.83
CA ALA A 323 43.99 -23.38 43.09
C ALA A 323 45.50 -23.28 42.81
N SER A 324 46.02 -24.19 41.99
CA SER A 324 47.45 -24.11 41.63
C SER A 324 47.82 -22.84 40.85
N ILE A 325 46.89 -22.30 40.06
CA ILE A 325 47.17 -21.08 39.27
C ILE A 325 47.12 -19.84 40.17
N SER A 326 46.26 -19.85 41.19
CA SER A 326 46.33 -18.78 42.18
C SER A 326 47.68 -18.69 42.88
N GLU A 327 48.23 -19.83 43.31
CA GLU A 327 49.58 -19.83 43.92
C GLU A 327 50.69 -19.45 42.94
N HIS A 328 50.61 -19.98 41.73
CA HIS A 328 51.61 -19.69 40.71
C HIS A 328 50.96 -19.47 39.36
N PRO A 329 50.78 -18.21 38.96
CA PRO A 329 50.10 -17.91 37.71
C PRO A 329 50.77 -18.52 36.49
N GLN A 330 52.08 -18.73 36.56
CA GLN A 330 52.87 -19.35 35.47
C GLN A 330 52.40 -20.74 35.10
N LYS A 331 51.79 -21.45 36.03
CA LYS A 331 51.34 -22.80 35.75
C LYS A 331 50.20 -22.81 34.70
N ALA A 332 49.55 -21.66 34.52
CA ALA A 332 48.39 -21.59 33.62
C ALA A 332 48.76 -22.06 32.22
N THR A 333 49.99 -21.80 31.81
CA THR A 333 50.45 -22.26 30.50
C THR A 333 50.48 -23.79 30.38
N THR A 334 50.86 -24.48 31.46
CA THR A 334 50.96 -25.95 31.46
C THR A 334 49.69 -26.68 31.89
N GLU A 335 48.84 -26.02 32.69
CA GLU A 335 47.70 -26.71 33.31
C GLU A 335 46.38 -26.44 32.63
N LEU A 336 46.39 -25.59 31.60
CA LEU A 336 45.19 -25.29 30.83
C LEU A 336 45.37 -25.72 29.38
N PRO A 337 45.67 -27.00 29.16
CA PRO A 337 45.93 -27.44 27.79
C PRO A 337 44.71 -27.43 26.87
N LEU A 338 43.52 -27.61 27.42
CA LEU A 338 42.30 -27.58 26.58
C LEU A 338 42.03 -26.15 26.19
N LEU A 339 42.24 -25.22 27.13
CA LEU A 339 42.03 -23.81 26.87
C LEU A 339 43.02 -23.33 25.81
N ARG A 340 44.29 -23.71 25.93
CA ARG A 340 45.26 -23.44 24.89
C ARG A 340 44.85 -24.02 23.52
N ALA A 341 44.25 -25.20 23.52
CA ALA A 341 43.77 -25.81 22.29
C ALA A 341 42.68 -24.95 21.71
N ALA A 342 41.82 -24.38 22.58
CA ALA A 342 40.68 -23.58 22.13
C ALA A 342 41.22 -22.36 21.38
N LEU A 343 42.29 -21.75 21.89
CA LEU A 343 42.90 -20.62 21.20
C LEU A 343 43.37 -21.03 19.82
N LYS A 344 44.04 -22.18 19.74
CA LYS A 344 44.49 -22.69 18.45
C LYS A 344 43.28 -22.86 17.55
N GLU A 345 42.16 -23.24 18.13
CA GLU A 345 40.92 -23.43 17.38
C GLU A 345 40.34 -22.11 16.90
N THR A 346 40.36 -21.10 17.77
CA THR A 346 39.94 -19.79 17.37
C THR A 346 40.79 -19.29 16.20
N LEU A 347 42.10 -19.44 16.32
CA LEU A 347 42.99 -18.89 15.29
C LEU A 347 42.96 -19.68 13.97
N ARG A 348 42.70 -20.98 14.06
CA ARG A 348 42.40 -21.79 12.88
C ARG A 348 41.27 -21.21 12.06
N LEU A 349 40.14 -20.90 12.71
CA LEU A 349 38.94 -20.41 11.99
C LEU A 349 38.97 -18.92 11.75
N TYR A 350 39.65 -18.15 12.61
CA TYR A 350 39.65 -16.68 12.52
C TYR A 350 41.05 -16.12 12.71
N PRO A 351 41.94 -16.40 11.77
CA PRO A 351 43.33 -15.98 11.92
C PRO A 351 43.49 -14.48 11.77
N VAL A 352 44.03 -13.81 12.78
CA VAL A 352 44.16 -12.37 12.74
C VAL A 352 45.02 -11.94 11.57
N GLY A 353 46.14 -12.61 11.39
CA GLY A 353 46.97 -12.49 10.18
C GLY A 353 46.45 -13.45 9.12
N LEU A 354 45.86 -12.94 8.06
CA LEU A 354 45.30 -13.76 6.99
C LEU A 354 46.36 -14.58 6.31
N PHE A 355 47.48 -13.94 5.97
CA PHE A 355 48.51 -14.62 5.21
C PHE A 355 49.94 -14.45 5.75
N LEU A 356 50.70 -15.54 5.69
CA LEU A 356 52.12 -15.48 5.95
C LEU A 356 52.77 -15.16 4.62
N GLU A 357 53.93 -14.54 4.66
CA GLU A 357 54.52 -14.04 3.45
C GLU A 357 56.01 -14.19 3.47
N ARG A 358 56.58 -14.68 2.37
CA ARG A 358 58.05 -14.57 2.10
C ARG A 358 58.32 -14.19 0.65
N VAL A 359 59.32 -13.32 0.45
CA VAL A 359 59.96 -13.12 -0.83
C VAL A 359 61.11 -14.09 -0.75
N VAL A 360 61.01 -15.19 -1.47
CA VAL A 360 61.89 -16.34 -1.25
C VAL A 360 63.28 -16.09 -1.85
N SER A 361 64.31 -16.56 -1.16
CA SER A 361 65.69 -16.23 -1.53
C SER A 361 66.41 -17.45 -2.11
N SER A 362 65.66 -18.53 -2.34
CA SER A 362 66.17 -19.63 -3.12
C SER A 362 65.09 -20.31 -3.91
N ASP A 363 65.46 -20.79 -5.09
CA ASP A 363 64.65 -21.73 -5.83
C ASP A 363 64.13 -22.82 -4.93
N LEU A 364 62.87 -23.17 -5.11
CA LEU A 364 62.26 -24.26 -4.36
C LEU A 364 61.14 -24.93 -5.17
N VAL A 365 60.58 -25.99 -4.61
CA VAL A 365 59.51 -26.77 -5.22
C VAL A 365 58.29 -26.80 -4.29
N LEU A 366 57.17 -26.28 -4.76
CA LEU A 366 55.91 -26.36 -4.01
C LEU A 366 54.86 -27.06 -4.84
N GLN A 367 54.28 -28.14 -4.31
CA GLN A 367 53.22 -28.84 -5.00
C GLN A 367 53.73 -29.29 -6.39
N ASN A 368 54.99 -29.69 -6.43
CA ASN A 368 55.63 -30.11 -7.66
C ASN A 368 55.73 -29.03 -8.77
N TYR A 369 55.79 -27.76 -8.39
CA TYR A 369 56.08 -26.69 -9.34
C TYR A 369 57.38 -26.04 -8.95
N HIS A 370 58.11 -25.57 -9.94
CA HIS A 370 59.34 -24.89 -9.71
C HIS A 370 59.02 -23.49 -9.28
N ILE A 371 59.52 -23.11 -8.11
CA ILE A 371 59.41 -21.74 -7.60
C ILE A 371 60.77 -21.02 -7.68
N PRO A 372 60.90 -20.05 -8.61
CA PRO A 372 62.21 -19.35 -8.68
C PRO A 372 62.49 -18.44 -7.48
N ALA A 373 63.74 -18.45 -7.02
CA ALA A 373 64.31 -17.39 -6.20
C ALA A 373 63.72 -16.06 -6.57
N GLY A 374 63.27 -15.29 -5.58
CA GLY A 374 62.74 -13.94 -5.82
C GLY A 374 61.23 -13.86 -5.82
N THR A 375 60.56 -15.02 -5.79
CA THR A 375 59.09 -15.09 -5.83
C THR A 375 58.44 -14.76 -4.48
N LEU A 376 57.39 -13.95 -4.53
CA LEU A 376 56.56 -13.70 -3.37
C LEU A 376 55.68 -14.93 -3.15
N VAL A 377 55.85 -15.60 -2.02
CA VAL A 377 54.95 -16.71 -1.68
C VAL A 377 54.07 -16.30 -0.49
N GLN A 378 52.76 -16.40 -0.64
CA GLN A 378 51.83 -16.10 0.46
C GLN A 378 51.04 -17.33 0.87
N VAL A 379 50.98 -17.60 2.17
CA VAL A 379 50.17 -18.71 2.68
C VAL A 379 48.85 -18.21 3.27
N PHE A 380 47.72 -18.61 2.70
CA PHE A 380 46.43 -18.17 3.23
C PHE A 380 45.89 -19.12 4.30
N LEU A 381 45.98 -18.65 5.54
CA LEU A 381 45.66 -19.43 6.71
C LEU A 381 44.17 -19.68 6.79
N TYR A 382 43.39 -18.70 6.38
CA TYR A 382 41.94 -18.83 6.38
C TYR A 382 41.55 -20.12 5.67
N SER A 383 42.11 -20.33 4.48
CA SER A 383 41.80 -21.54 3.72
C SER A 383 42.52 -22.76 4.27
N LEU A 384 43.75 -22.57 4.74
CA LEU A 384 44.48 -23.65 5.34
C LEU A 384 43.69 -24.31 6.48
N GLY A 385 42.96 -23.49 7.25
CA GLY A 385 42.26 -23.99 8.42
C GLY A 385 40.91 -24.54 8.08
N ARG A 386 40.52 -24.45 6.81
CA ARG A 386 39.22 -24.97 6.39
C ARG A 386 39.26 -26.16 5.43
N ASN A 387 40.46 -26.64 5.12
CA ASN A 387 40.66 -27.88 4.37
C ASN A 387 40.20 -29.08 5.20
N ALA A 388 39.08 -29.67 4.78
CA ALA A 388 38.44 -30.79 5.51
C ALA A 388 39.37 -31.97 5.67
N ALA A 389 40.20 -32.24 4.67
CA ALA A 389 41.15 -33.37 4.70
C ALA A 389 42.12 -33.31 5.86
N LEU A 390 42.60 -32.11 6.18
CA LEU A 390 43.57 -31.94 7.26
C LEU A 390 42.86 -31.66 8.56
N PHE A 391 41.63 -31.16 8.46
CA PHE A 391 40.85 -30.79 9.62
C PHE A 391 39.44 -31.33 9.47
N PRO A 392 39.25 -32.62 9.84
CA PRO A 392 37.92 -33.23 9.77
C PRO A 392 36.85 -32.43 10.53
N ARG A 393 35.68 -32.27 9.88
CA ARG A 393 34.62 -31.41 10.36
C ARG A 393 35.20 -30.02 10.60
N PRO A 394 35.56 -29.33 9.50
CA PRO A 394 36.26 -28.04 9.55
C PRO A 394 35.48 -26.91 10.22
N GLU A 395 34.17 -26.90 10.08
CA GLU A 395 33.34 -25.84 10.67
C GLU A 395 33.05 -26.05 12.17
N ARG A 396 33.53 -27.15 12.73
CA ARG A 396 33.25 -27.50 14.12
C ARG A 396 34.35 -26.99 15.06
N TYR A 397 33.92 -26.31 16.12
CA TYR A 397 34.82 -25.72 17.10
C TYR A 397 35.21 -26.78 18.14
N ASN A 398 36.30 -27.49 17.87
CA ASN A 398 36.62 -28.70 18.60
C ASN A 398 38.02 -28.69 19.18
N PRO A 399 38.20 -27.97 20.29
CA PRO A 399 39.51 -27.92 20.91
C PRO A 399 40.27 -29.28 20.96
N GLN A 400 39.55 -30.38 21.26
CA GLN A 400 40.18 -31.71 21.42
C GLN A 400 40.96 -32.18 20.20
N ARG A 401 40.59 -31.69 19.03
CA ARG A 401 41.33 -32.03 17.80
C ARG A 401 42.84 -31.79 17.91
N TRP A 402 43.26 -30.91 18.82
CA TRP A 402 44.68 -30.60 19.02
C TRP A 402 45.37 -31.45 20.07
N LEU A 403 44.62 -32.05 20.98
CA LEU A 403 45.24 -32.95 21.95
C LEU A 403 45.50 -34.36 21.37
N ASP A 404 44.84 -34.66 20.24
CA ASP A 404 45.09 -35.90 19.48
C ASP A 404 46.26 -35.72 18.48
N ILE A 405 46.19 -34.64 17.68
CA ILE A 405 47.32 -34.18 16.83
C ILE A 405 48.47 -33.73 17.74
N PHE A 412 52.95 -28.62 11.38
CA PHE A 412 52.83 -27.30 10.76
C PHE A 412 51.37 -26.90 10.54
N HIS A 413 50.47 -27.49 11.32
CA HIS A 413 49.01 -27.28 11.19
C HIS A 413 48.59 -26.06 11.94
N HIS A 414 49.25 -25.80 13.07
CA HIS A 414 49.11 -24.56 13.82
C HIS A 414 50.25 -23.65 13.48
N VAL A 415 50.02 -22.73 12.54
CA VAL A 415 51.03 -21.71 12.19
C VAL A 415 50.46 -20.30 12.10
N PRO A 416 49.51 -19.93 12.98
CA PRO A 416 48.94 -18.60 12.84
C PRO A 416 49.87 -17.47 13.33
N PHE A 417 50.96 -17.81 13.99
CA PHE A 417 51.99 -16.85 14.36
C PHE A 417 53.22 -16.99 13.43
N GLY A 418 53.04 -17.59 12.26
CA GLY A 418 54.17 -17.80 11.36
C GLY A 418 55.10 -18.89 11.86
N PHE A 419 56.34 -18.87 11.39
CA PHE A 419 57.26 -19.98 11.60
C PHE A 419 58.64 -19.40 11.55
N GLY A 420 59.61 -20.14 12.04
CA GLY A 420 61.03 -19.79 11.91
C GLY A 420 61.48 -18.68 12.81
N MET A 421 62.66 -18.12 12.52
CA MET A 421 63.26 -17.03 13.33
C MET A 421 62.44 -15.73 13.27
N ARG A 422 61.64 -15.60 12.21
CA ARG A 422 60.73 -14.48 12.02
C ARG A 422 59.35 -14.65 12.68
N GLN A 423 59.07 -15.80 13.31
CA GLN A 423 57.76 -16.02 13.91
C GLN A 423 57.39 -14.96 14.94
N CYS A 424 56.09 -14.74 15.17
CA CYS A 424 55.60 -13.65 16.02
C CYS A 424 56.50 -13.41 17.20
N LEU A 425 56.94 -12.17 17.41
CA LEU A 425 57.78 -11.82 18.56
C LEU A 425 56.94 -11.65 19.84
N GLY A 426 55.66 -11.35 19.68
CA GLY A 426 54.74 -11.11 20.81
C GLY A 426 53.88 -12.31 21.19
N ARG A 427 54.27 -13.49 20.72
CA ARG A 427 53.43 -14.68 20.79
C ARG A 427 53.05 -15.01 22.23
N ARG A 428 54.08 -15.11 23.07
CA ARG A 428 53.90 -15.52 24.44
C ARG A 428 53.17 -14.48 25.27
N LEU A 429 53.44 -13.21 25.01
CA LEU A 429 52.64 -12.12 25.55
C LEU A 429 51.20 -12.31 25.09
N ALA A 430 50.99 -12.34 23.78
CA ALA A 430 49.62 -12.48 23.25
C ALA A 430 48.91 -13.63 23.94
N GLU A 431 49.56 -14.79 23.94
CA GLU A 431 48.95 -16.03 24.44
C GLU A 431 48.68 -15.91 25.92
N ALA A 432 49.63 -15.38 26.68
CA ALA A 432 49.39 -15.16 28.12
C ALA A 432 48.14 -14.26 28.38
N GLU A 433 48.04 -13.12 27.70
CA GLU A 433 46.85 -12.21 27.82
C GLU A 433 45.52 -12.94 27.55
N MET A 434 45.49 -13.73 26.49
CA MET A 434 44.27 -14.45 26.08
C MET A 434 43.93 -15.52 27.08
N LEU A 435 44.96 -16.26 27.50
CA LEU A 435 44.77 -17.45 28.32
C LEU A 435 44.20 -17.02 29.64
N LEU A 436 44.81 -16.00 30.25
CA LEU A 436 44.44 -15.61 31.60
C LEU A 436 43.08 -14.90 31.68
N LEU A 437 42.73 -14.11 30.69
CA LEU A 437 41.45 -13.49 30.74
C LEU A 437 40.38 -14.57 30.71
N LEU A 438 40.53 -15.52 29.80
CA LEU A 438 39.49 -16.52 29.61
C LEU A 438 39.43 -17.41 30.82
N HIS A 439 40.57 -17.56 31.49
CA HIS A 439 40.65 -18.45 32.60
C HIS A 439 39.86 -17.93 33.73
N HIS A 440 40.03 -16.66 34.07
CA HIS A 440 39.27 -16.05 35.15
C HIS A 440 37.84 -15.85 34.85
N VAL A 441 37.50 -15.69 33.59
CA VAL A 441 36.09 -15.58 33.24
C VAL A 441 35.41 -16.92 33.43
N LEU A 442 35.99 -17.96 32.84
CA LEU A 442 35.42 -19.30 32.88
C LEU A 442 35.18 -19.79 34.30
N LYS A 443 36.07 -19.45 35.23
CA LYS A 443 35.82 -19.72 36.67
C LYS A 443 34.54 -19.10 37.24
N HIS A 444 34.21 -17.87 36.85
CA HIS A 444 33.14 -17.10 37.50
C HIS A 444 31.84 -16.95 36.75
N PHE A 445 31.84 -17.22 35.44
CA PHE A 445 30.69 -16.85 34.58
C PHE A 445 30.36 -17.90 33.57
N LEU A 446 29.06 -18.09 33.33
CA LEU A 446 28.61 -18.72 32.12
C LEU A 446 28.49 -17.62 31.07
N VAL A 447 28.84 -17.92 29.82
CA VAL A 447 28.74 -16.98 28.73
C VAL A 447 27.77 -17.52 27.69
N GLU A 448 26.81 -16.69 27.26
CA GLU A 448 25.67 -17.15 26.43
C GLU A 448 25.27 -16.12 25.39
N THR A 449 24.50 -16.54 24.38
CA THR A 449 23.98 -15.65 23.34
C THR A 449 22.87 -16.27 22.52
N LEU A 450 21.91 -15.44 22.12
CA LEU A 450 20.91 -15.87 21.14
C LEU A 450 21.50 -15.82 19.75
N THR A 451 22.26 -14.76 19.46
CA THR A 451 22.91 -14.58 18.17
C THR A 451 23.92 -15.66 17.85
N GLN A 452 23.40 -16.78 17.38
CA GLN A 452 24.16 -18.01 17.21
C GLN A 452 24.72 -18.17 15.76
N GLU A 453 24.27 -17.32 14.82
CA GLU A 453 24.73 -17.43 13.43
C GLU A 453 26.19 -16.93 13.18
N ASP A 454 26.83 -17.47 12.15
CA ASP A 454 28.23 -17.14 11.82
C ASP A 454 28.45 -15.62 11.78
N ILE A 455 29.61 -15.20 12.31
CA ILE A 455 30.03 -13.80 12.19
C ILE A 455 30.84 -13.64 10.91
N LYS A 456 30.43 -12.69 10.07
CA LYS A 456 31.13 -12.40 8.84
C LYS A 456 32.41 -11.70 9.20
N MET A 457 33.52 -12.22 8.70
CA MET A 457 34.81 -11.61 8.92
C MET A 457 35.08 -10.56 7.82
N VAL A 458 35.88 -9.58 8.18
CA VAL A 458 36.16 -8.46 7.30
C VAL A 458 37.67 -8.25 7.26
N TYR A 459 38.24 -8.19 6.06
CA TYR A 459 39.68 -7.96 5.92
C TYR A 459 39.99 -6.47 5.93
N SER A 460 40.87 -6.06 6.83
CA SER A 460 41.29 -4.67 6.94
C SER A 460 42.72 -4.67 7.44
N PHE A 461 43.58 -5.34 6.67
CA PHE A 461 44.98 -5.62 7.03
C PHE A 461 45.11 -6.67 8.11
N ILE A 462 44.36 -6.49 9.20
CA ILE A 462 44.12 -7.55 10.14
C ILE A 462 42.77 -8.13 9.75
N LEU A 463 42.51 -9.38 10.09
CA LEU A 463 41.23 -9.97 9.72
C LEU A 463 40.38 -9.99 10.97
N ARG A 464 39.17 -9.50 10.88
CA ARG A 464 38.40 -9.22 12.08
C ARG A 464 36.91 -9.34 11.90
N PRO A 465 36.19 -9.69 12.98
CA PRO A 465 34.73 -9.74 12.97
C PRO A 465 34.14 -8.41 12.54
N GLY A 466 33.16 -8.43 11.64
CA GLY A 466 32.49 -7.20 11.19
C GLY A 466 31.38 -6.77 12.13
N THR A 467 31.05 -7.64 13.08
CA THR A 467 29.92 -7.48 13.95
C THR A 467 30.33 -7.95 15.34
N SER A 468 29.64 -7.43 16.36
CA SER A 468 29.94 -7.77 17.74
C SER A 468 28.67 -8.21 18.47
N PRO A 469 28.53 -9.51 18.71
CA PRO A 469 27.33 -10.10 19.25
C PRO A 469 27.08 -9.76 20.74
N LEU A 470 25.82 -9.72 21.14
CA LEU A 470 25.43 -9.44 22.51
C LEU A 470 25.71 -10.70 23.37
N LEU A 471 26.59 -10.56 24.36
CA LEU A 471 26.97 -11.69 25.21
C LEU A 471 26.42 -11.48 26.60
N THR A 472 25.99 -12.58 27.21
CA THR A 472 25.51 -12.57 28.56
C THR A 472 26.53 -13.29 29.43
N PHE A 473 26.97 -12.65 30.50
CA PHE A 473 27.83 -13.25 31.51
C PHE A 473 27.02 -13.47 32.79
N ARG A 474 26.64 -14.73 33.01
CA ARG A 474 25.83 -15.12 34.17
C ARG A 474 26.70 -15.70 35.30
N ALA A 475 26.73 -15.05 36.46
CA ALA A 475 27.52 -15.50 37.61
C ALA A 475 27.15 -16.91 37.98
N ILE A 476 28.14 -17.75 38.20
CA ILE A 476 27.88 -19.18 38.41
C ILE A 476 27.21 -19.44 39.77
N THR B 8 56.63 -12.82 -49.14
CA THR B 8 56.52 -12.65 -47.65
C THR B 8 55.42 -11.65 -47.26
N VAL B 9 54.23 -12.18 -47.04
CA VAL B 9 53.20 -11.43 -46.31
C VAL B 9 53.35 -11.79 -44.84
N LEU B 10 54.09 -10.94 -44.11
CA LEU B 10 54.38 -11.16 -42.68
C LEU B 10 53.10 -11.16 -41.85
N PRO B 11 53.05 -12.00 -40.80
CA PRO B 11 51.87 -12.07 -39.94
C PRO B 11 51.69 -10.81 -39.10
N PHE B 12 50.44 -10.58 -38.68
CA PHE B 12 50.08 -9.42 -37.87
C PHE B 12 51.11 -9.11 -36.79
N GLU B 13 51.55 -10.15 -36.06
CA GLU B 13 52.37 -9.96 -34.85
C GLU B 13 53.73 -9.35 -35.18
N ALA B 14 54.24 -9.65 -36.37
CA ALA B 14 55.52 -9.12 -36.80
C ALA B 14 55.54 -7.61 -36.62
N MET B 15 54.40 -6.99 -36.88
CA MET B 15 54.27 -5.53 -36.83
C MET B 15 54.72 -4.96 -35.50
N PRO B 16 55.48 -3.85 -35.53
CA PRO B 16 55.91 -3.22 -34.29
C PRO B 16 54.74 -2.83 -33.38
N GLN B 17 55.02 -2.80 -32.08
CA GLN B 17 54.03 -2.54 -31.06
C GLN B 17 54.34 -1.19 -30.40
N HIS B 18 53.30 -0.49 -29.97
CA HIS B 18 53.45 0.77 -29.27
C HIS B 18 53.89 0.43 -27.88
N PRO B 19 54.86 1.17 -27.33
CA PRO B 19 55.28 0.88 -25.95
C PRO B 19 54.25 1.27 -24.88
N GLY B 20 53.09 1.76 -25.29
CA GLY B 20 52.10 2.28 -24.35
C GLY B 20 51.36 1.17 -23.64
N ASN B 21 51.09 1.39 -22.35
CA ASN B 21 50.18 0.54 -21.59
C ASN B 21 48.79 1.13 -21.60
N ARG B 22 47.85 0.40 -22.19
CA ARG B 22 46.44 0.78 -22.18
C ARG B 22 46.03 1.46 -20.86
N TRP B 23 46.55 0.96 -19.73
CA TRP B 23 46.10 1.41 -18.41
C TRP B 23 46.73 2.68 -17.92
N LEU B 24 48.01 2.87 -18.22
CA LEU B 24 48.70 4.11 -17.85
C LEU B 24 48.20 5.27 -18.72
N ARG B 25 47.77 4.98 -19.95
CA ARG B 25 47.07 5.95 -20.76
C ARG B 25 45.74 6.40 -20.14
N LEU B 26 44.89 5.46 -19.68
CA LEU B 26 43.60 5.86 -19.05
C LEU B 26 43.86 6.77 -17.89
N LEU B 27 44.80 6.36 -17.05
CA LEU B 27 45.14 7.09 -15.84
C LEU B 27 45.71 8.48 -16.15
N GLN B 28 46.53 8.58 -17.19
CA GLN B 28 47.12 9.88 -17.58
C GLN B 28 46.05 10.83 -18.18
N ILE B 29 45.05 10.27 -18.85
CA ILE B 29 43.89 11.02 -19.29
C ILE B 29 43.01 11.47 -18.12
N TRP B 30 42.72 10.54 -17.20
CA TRP B 30 41.98 10.88 -15.98
C TRP B 30 42.63 12.07 -15.30
N ARG B 31 43.95 11.99 -15.13
CA ARG B 31 44.73 12.98 -14.39
C ARG B 31 44.80 14.35 -15.07
N GLU B 32 45.22 14.38 -16.33
CA GLU B 32 45.39 15.64 -17.08
C GLU B 32 44.06 16.20 -17.61
N GLN B 33 42.97 15.43 -17.49
CA GLN B 33 41.67 15.82 -18.03
C GLN B 33 41.74 16.05 -19.56
N GLY B 34 42.55 15.24 -20.23
CA GLY B 34 42.67 15.32 -21.67
C GLY B 34 43.90 14.61 -22.24
N TYR B 35 44.18 14.87 -23.50
CA TYR B 35 45.24 14.23 -24.24
C TYR B 35 45.71 15.24 -25.28
N GLU B 36 46.06 16.43 -24.83
CA GLU B 36 46.40 17.53 -25.74
C GLU B 36 47.62 17.27 -26.67
N HIS B 37 48.40 16.23 -26.40
CA HIS B 37 49.63 16.00 -27.18
C HIS B 37 49.53 14.80 -28.08
N LEU B 38 48.35 14.17 -28.13
CA LEU B 38 48.11 12.95 -28.94
C LEU B 38 48.77 12.95 -30.32
N HIS B 39 48.65 14.06 -31.02
CA HIS B 39 49.24 14.16 -32.36
C HIS B 39 50.75 14.11 -32.38
N LEU B 40 51.40 14.66 -31.37
CA LEU B 40 52.87 14.70 -31.33
C LEU B 40 53.43 13.32 -30.94
N GLU B 41 52.73 12.66 -30.03
CA GLU B 41 53.08 11.30 -29.59
C GLU B 41 53.05 10.33 -30.76
N MET B 42 51.91 10.27 -31.45
CA MET B 42 51.74 9.36 -32.56
C MET B 42 52.78 9.65 -33.63
N HIS B 43 53.05 10.93 -33.86
CA HIS B 43 54.07 11.36 -34.81
C HIS B 43 55.44 10.81 -34.48
N GLN B 44 55.89 10.93 -33.23
CA GLN B 44 57.24 10.48 -32.90
C GLN B 44 57.30 8.94 -32.96
N THR B 45 56.26 8.27 -32.48
CA THR B 45 56.15 6.81 -32.65
C THR B 45 56.35 6.39 -34.10
N PHE B 46 55.79 7.16 -35.04
CA PHE B 46 55.99 6.88 -36.47
C PHE B 46 57.44 7.10 -36.89
N GLN B 47 58.08 8.11 -36.31
CA GLN B 47 59.50 8.35 -36.53
C GLN B 47 60.33 7.20 -35.94
N GLU B 48 59.89 6.66 -34.80
CA GLU B 48 60.59 5.55 -34.15
C GLU B 48 60.44 4.21 -34.88
N LEU B 49 59.21 3.83 -35.21
CA LEU B 49 58.89 2.46 -35.60
C LEU B 49 58.42 2.30 -37.05
N GLY B 50 58.64 3.30 -37.88
CA GLY B 50 58.21 3.25 -39.29
C GLY B 50 56.73 3.62 -39.49
N PRO B 51 56.26 3.52 -40.75
CA PRO B 51 54.95 4.00 -41.18
C PRO B 51 53.72 3.17 -40.75
N ILE B 52 53.94 2.09 -40.00
CA ILE B 52 52.84 1.31 -39.43
C ILE B 52 53.25 0.74 -38.09
N PHE B 53 52.30 0.71 -37.15
CA PHE B 53 52.48 0.02 -35.89
C PHE B 53 51.15 -0.38 -35.29
N ARG B 54 51.19 -1.23 -34.26
CA ARG B 54 50.00 -1.78 -33.62
C ARG B 54 49.98 -1.33 -32.16
N TYR B 55 48.80 -1.22 -31.56
CA TYR B 55 48.67 -0.74 -30.19
C TYR B 55 48.08 -1.82 -29.31
N ASN B 56 48.76 -2.19 -28.23
CA ASN B 56 48.19 -3.14 -27.28
C ASN B 56 46.93 -2.55 -26.63
N LEU B 57 45.78 -2.92 -27.19
CA LEU B 57 44.48 -2.42 -26.73
C LEU B 57 43.87 -3.40 -25.73
N GLY B 58 44.53 -4.53 -25.51
CA GLY B 58 44.05 -5.56 -24.59
C GLY B 58 43.09 -6.51 -25.26
N GLY B 59 43.54 -7.14 -26.36
CA GLY B 59 42.71 -8.06 -27.15
C GLY B 59 42.42 -7.57 -28.56
N PRO B 60 41.54 -6.54 -28.71
CA PRO B 60 41.19 -6.10 -30.07
C PRO B 60 42.35 -5.43 -30.78
N ARG B 61 42.24 -5.35 -32.09
CA ARG B 61 43.38 -5.08 -32.94
C ARG B 61 43.34 -3.68 -33.51
N MET B 62 44.22 -2.82 -33.00
CA MET B 62 44.37 -1.47 -33.50
C MET B 62 45.63 -1.38 -34.31
N VAL B 63 45.54 -0.75 -35.46
CA VAL B 63 46.70 -0.48 -36.31
C VAL B 63 46.66 0.98 -36.71
N CYS B 64 47.79 1.67 -36.56
CA CYS B 64 47.94 3.06 -36.97
C CYS B 64 48.86 3.20 -38.21
N VAL B 65 48.35 3.80 -39.28
CA VAL B 65 49.13 4.04 -40.51
C VAL B 65 49.33 5.53 -40.79
N MET B 66 50.03 5.88 -41.87
CA MET B 66 50.18 7.29 -42.26
C MET B 66 50.59 7.52 -43.74
N LEU B 67 50.28 6.57 -44.62
CA LEU B 67 50.68 6.67 -46.03
C LEU B 67 49.46 6.64 -46.98
N PRO B 68 49.48 7.48 -48.02
CA PRO B 68 48.41 7.43 -49.03
C PRO B 68 48.17 6.01 -49.52
N GLU B 69 49.27 5.32 -49.81
CA GLU B 69 49.29 3.88 -50.10
C GLU B 69 48.24 3.13 -49.28
N ASP B 70 48.32 3.29 -47.96
CA ASP B 70 47.47 2.56 -47.00
C ASP B 70 45.99 2.99 -47.03
N VAL B 71 45.74 4.30 -47.16
CA VAL B 71 44.38 4.82 -47.28
C VAL B 71 43.68 4.25 -48.52
N GLU B 72 44.42 4.19 -49.62
CA GLU B 72 43.90 3.69 -50.90
C GLU B 72 43.41 2.25 -50.77
N LYS B 73 44.24 1.42 -50.17
CA LYS B 73 43.86 0.03 -49.94
C LYS B 73 42.59 0.05 -49.11
N LEU B 74 42.56 0.93 -48.12
CA LEU B 74 41.45 0.98 -47.18
C LEU B 74 40.12 1.32 -47.86
N GLN B 75 40.16 2.20 -48.84
CA GLN B 75 38.95 2.52 -49.60
C GLN B 75 38.49 1.27 -50.40
N GLN B 76 39.44 0.42 -50.81
CA GLN B 76 39.10 -0.83 -51.52
C GLN B 76 38.48 -1.90 -50.61
N VAL B 77 38.34 -1.60 -49.33
CA VAL B 77 37.72 -2.54 -48.39
C VAL B 77 36.59 -1.90 -47.58
N ASP B 78 36.26 -0.65 -47.88
CA ASP B 78 34.97 -0.10 -47.49
C ASP B 78 33.96 -1.11 -47.99
N SER B 79 33.13 -1.61 -47.09
CA SER B 79 32.04 -2.46 -47.54
C SER B 79 31.07 -1.56 -48.31
N LEU B 80 29.87 -2.04 -48.54
CA LEU B 80 28.79 -1.17 -48.97
C LEU B 80 28.37 -0.32 -47.75
N HIS B 81 28.75 -0.78 -46.56
CA HIS B 81 28.44 -0.11 -45.29
C HIS B 81 29.72 0.12 -44.52
N PRO B 82 30.57 1.06 -45.00
CA PRO B 82 31.80 1.39 -44.30
C PRO B 82 31.50 1.79 -42.88
N CYS B 83 32.32 1.30 -41.97
CA CYS B 83 32.02 1.31 -40.56
C CYS B 83 33.10 2.05 -39.75
N ARG B 84 32.67 2.90 -38.82
CA ARG B 84 33.59 3.57 -37.92
C ARG B 84 33.24 3.06 -36.55
N MET B 85 34.07 3.33 -35.55
CA MET B 85 33.79 2.79 -34.23
C MET B 85 32.77 3.64 -33.49
N ILE B 86 31.89 2.98 -32.75
CA ILE B 86 30.89 3.71 -31.98
C ILE B 86 31.58 4.73 -31.11
N LEU B 87 31.18 6.00 -31.23
CA LEU B 87 31.56 7.01 -30.25
C LEU B 87 30.53 7.01 -29.12
N GLU B 88 30.83 6.26 -28.06
CA GLU B 88 29.86 5.95 -26.98
C GLU B 88 29.22 7.18 -26.34
N PRO B 89 30.03 8.20 -25.97
CA PRO B 89 29.50 9.37 -25.29
C PRO B 89 28.42 10.09 -26.09
N TRP B 90 28.63 10.25 -27.41
CA TRP B 90 27.65 10.95 -28.25
C TRP B 90 26.37 10.16 -28.39
N VAL B 91 26.48 8.86 -28.71
CA VAL B 91 25.30 7.97 -28.84
C VAL B 91 24.53 7.88 -27.51
N ALA B 92 25.29 7.80 -26.43
CA ALA B 92 24.71 7.72 -25.08
C ALA B 92 23.78 8.87 -24.83
N TYR B 93 24.20 10.08 -25.18
CA TYR B 93 23.37 11.26 -24.99
C TYR B 93 22.12 11.17 -25.82
N ARG B 94 22.26 10.69 -27.07
CA ARG B 94 21.11 10.60 -27.95
C ARG B 94 20.09 9.69 -27.30
N GLN B 95 20.51 8.47 -26.97
CA GLN B 95 19.58 7.51 -26.37
C GLN B 95 19.00 7.99 -25.05
N HIS B 96 19.73 8.81 -24.29
CA HIS B 96 19.22 9.37 -23.01
C HIS B 96 18.10 10.35 -23.21
N ARG B 97 18.16 11.17 -24.27
CA ARG B 97 17.09 12.13 -24.54
C ARG B 97 16.07 11.63 -25.58
N GLY B 98 16.29 10.43 -26.11
CA GLY B 98 15.31 9.77 -26.98
C GLY B 98 15.34 10.29 -28.40
N HIS B 99 16.51 10.67 -28.88
CA HIS B 99 16.69 11.13 -30.23
C HIS B 99 17.25 10.04 -31.07
N LYS B 100 17.09 10.17 -32.37
CA LYS B 100 17.74 9.26 -33.29
C LYS B 100 19.14 9.79 -33.52
N CYS B 101 19.96 8.98 -34.18
CA CYS B 101 21.33 9.32 -34.52
C CYS B 101 21.44 9.74 -35.95
N GLY B 102 22.13 10.86 -36.20
CA GLY B 102 22.40 11.32 -37.56
C GLY B 102 23.48 10.46 -38.22
N VAL B 103 23.86 10.80 -39.44
CA VAL B 103 24.76 9.97 -40.22
C VAL B 103 26.13 9.64 -39.53
N PHE B 104 26.71 10.60 -38.83
CA PHE B 104 28.04 10.39 -38.24
C PHE B 104 28.08 9.32 -37.16
N LEU B 105 26.95 9.03 -36.54
CA LEU B 105 26.90 8.09 -35.44
C LEU B 105 26.14 6.81 -35.78
N LEU B 106 25.95 6.57 -37.07
CA LEU B 106 25.22 5.39 -37.53
C LEU B 106 26.21 4.48 -38.26
N ASN B 107 25.93 3.19 -38.28
CA ASN B 107 26.59 2.29 -39.22
C ASN B 107 25.51 1.49 -39.93
N GLY B 108 25.89 0.80 -41.00
CA GLY B 108 25.05 -0.25 -41.57
C GLY B 108 23.93 0.25 -42.47
N PRO B 109 22.87 -0.57 -42.65
CA PRO B 109 21.68 -0.19 -43.41
C PRO B 109 21.19 1.23 -43.11
N GLU B 110 21.03 1.55 -41.83
CA GLU B 110 20.47 2.82 -41.40
C GLU B 110 21.37 4.00 -41.79
N TRP B 111 22.68 3.83 -41.69
CA TRP B 111 23.61 4.84 -42.20
C TRP B 111 23.38 5.12 -43.65
N ARG B 112 23.30 4.06 -44.44
CA ARG B 112 23.24 4.19 -45.91
C ARG B 112 21.93 4.85 -46.33
N PHE B 113 20.84 4.47 -45.66
CA PHE B 113 19.54 5.04 -45.93
C PHE B 113 19.53 6.55 -45.69
N ASN B 114 20.08 6.98 -44.55
CA ASN B 114 20.24 8.41 -44.26
C ASN B 114 21.17 9.11 -45.30
N ARG B 115 22.39 8.61 -45.43
CA ARG B 115 23.39 9.23 -46.29
C ARG B 115 22.87 9.53 -47.70
N LEU B 116 22.27 8.54 -48.35
CA LEU B 116 21.82 8.69 -49.72
C LEU B 116 20.70 9.71 -49.81
N ARG B 117 19.88 9.84 -48.77
CA ARG B 117 18.88 10.94 -48.73
C ARG B 117 19.42 12.31 -48.24
N LEU B 118 20.75 12.38 -48.06
CA LEU B 118 21.43 13.62 -47.62
C LEU B 118 22.38 14.19 -48.64
N ASN B 119 23.10 13.33 -49.39
CA ASN B 119 24.08 13.79 -50.39
C ASN B 119 23.53 14.83 -51.37
N PRO B 120 22.33 14.57 -51.94
CA PRO B 120 21.84 15.49 -52.99
C PRO B 120 21.67 16.95 -52.53
N ASP B 121 21.24 17.14 -51.30
CA ASP B 121 20.92 18.46 -50.82
C ASP B 121 22.04 19.10 -50.00
N VAL B 122 22.93 18.31 -49.39
CA VAL B 122 24.04 18.87 -48.61
C VAL B 122 25.37 18.98 -49.39
N LEU B 123 25.71 17.92 -50.12
CA LEU B 123 27.05 17.73 -50.69
C LEU B 123 27.13 17.91 -52.22
N SER B 124 26.05 17.58 -52.92
CA SER B 124 26.07 17.49 -54.39
C SER B 124 26.33 18.84 -55.03
N PRO B 125 26.91 18.84 -56.24
CA PRO B 125 27.21 20.06 -56.99
C PRO B 125 26.00 20.93 -57.24
N LYS B 126 24.83 20.31 -57.37
CA LYS B 126 23.61 21.05 -57.59
C LYS B 126 23.20 21.82 -56.35
N ALA B 127 23.63 21.34 -55.18
CA ALA B 127 23.36 22.02 -53.91
C ALA B 127 24.32 23.19 -53.68
N VAL B 128 25.60 22.97 -53.94
CA VAL B 128 26.55 24.08 -53.87
C VAL B 128 26.04 25.27 -54.68
N GLN B 129 25.75 25.04 -55.95
CA GLN B 129 25.27 26.08 -56.88
C GLN B 129 24.16 26.96 -56.25
N ARG B 130 23.27 26.35 -55.48
CA ARG B 130 22.19 27.08 -54.82
C ARG B 130 22.63 27.80 -53.51
N PHE B 131 23.43 27.15 -52.66
CA PHE B 131 23.76 27.77 -51.37
C PHE B 131 24.98 28.66 -51.37
N LEU B 132 25.84 28.50 -52.37
CA LEU B 132 27.11 29.23 -52.40
C LEU B 132 26.89 30.74 -52.49
N PRO B 133 25.91 31.19 -53.29
CA PRO B 133 25.59 32.64 -53.30
C PRO B 133 25.21 33.22 -51.92
N MET B 134 24.52 32.43 -51.11
CA MET B 134 24.13 32.87 -49.79
C MET B 134 25.40 33.01 -48.94
N VAL B 135 26.24 31.96 -48.92
CA VAL B 135 27.52 32.03 -48.23
C VAL B 135 28.29 33.28 -48.61
N ASP B 136 28.51 33.46 -49.92
CA ASP B 136 29.16 34.68 -50.48
C ASP B 136 28.57 36.00 -49.94
N ALA B 137 27.25 36.08 -49.84
CA ALA B 137 26.62 37.24 -49.22
C ALA B 137 27.19 37.50 -47.82
N VAL B 138 27.38 36.44 -47.03
CA VAL B 138 27.90 36.58 -45.67
C VAL B 138 29.39 36.91 -45.69
N ALA B 139 30.12 36.35 -46.63
CA ALA B 139 31.54 36.66 -46.72
C ALA B 139 31.78 38.11 -47.13
N ARG B 140 30.94 38.63 -48.04
CA ARG B 140 31.09 40.04 -48.43
C ARG B 140 30.82 40.90 -47.24
N ASP B 141 29.81 40.52 -46.46
CA ASP B 141 29.48 41.27 -45.24
C ASP B 141 30.64 41.26 -44.24
N PHE B 142 31.32 40.13 -44.09
CA PHE B 142 32.44 40.06 -43.17
C PHE B 142 33.49 41.12 -43.50
N SER B 143 33.90 41.18 -44.77
CA SER B 143 34.89 42.19 -45.19
C SER B 143 34.39 43.64 -45.17
N GLN B 144 33.14 43.87 -45.56
CA GLN B 144 32.57 45.22 -45.45
C GLN B 144 32.63 45.71 -44.01
N ALA B 145 32.22 44.85 -43.08
CA ALA B 145 32.20 45.24 -41.65
C ALA B 145 33.62 45.57 -41.19
N LEU B 146 34.56 44.79 -41.67
CA LEU B 146 35.94 44.96 -41.32
C LEU B 146 36.51 46.22 -41.98
N LYS B 147 36.18 46.45 -43.25
CA LYS B 147 36.66 47.67 -43.93
C LYS B 147 36.18 48.94 -43.19
N LYS B 148 34.91 48.99 -42.84
CA LYS B 148 34.37 50.16 -42.12
C LYS B 148 35.13 50.46 -40.80
N LYS B 149 35.48 49.40 -40.04
CA LYS B 149 36.26 49.55 -38.80
C LYS B 149 37.64 50.07 -39.11
N VAL B 150 38.30 49.40 -40.05
CA VAL B 150 39.63 49.78 -40.50
C VAL B 150 39.75 51.24 -40.95
N LEU B 151 38.85 51.69 -41.79
CA LEU B 151 38.91 53.05 -42.30
C LEU B 151 38.65 54.16 -41.24
N GLN B 152 38.18 53.79 -40.04
CA GLN B 152 38.03 54.76 -38.95
C GLN B 152 39.36 55.01 -38.28
N ASN B 153 40.33 54.13 -38.50
CA ASN B 153 41.68 54.28 -37.95
C ASN B 153 42.63 55.07 -38.89
N ALA B 154 43.46 55.93 -38.32
CA ALA B 154 44.32 56.83 -39.10
C ALA B 154 45.29 56.09 -40.04
N ARG B 155 45.70 54.90 -39.66
CA ARG B 155 46.63 54.13 -40.44
C ARG B 155 45.94 53.15 -41.36
N GLY B 156 44.61 53.27 -41.50
CA GLY B 156 43.84 52.39 -42.39
C GLY B 156 44.13 50.92 -42.11
N SER B 157 44.14 50.56 -40.83
CA SER B 157 44.33 49.18 -40.47
C SER B 157 43.72 48.88 -39.10
N LEU B 158 43.34 47.62 -38.89
CA LEU B 158 42.90 47.13 -37.58
C LEU B 158 43.68 45.86 -37.22
N THR B 159 44.16 45.83 -35.99
CA THR B 159 44.94 44.75 -35.51
C THR B 159 44.17 44.13 -34.36
N LEU B 160 43.88 42.83 -34.47
CA LEU B 160 43.00 42.17 -33.54
C LEU B 160 43.25 40.68 -33.52
N ASP B 161 42.83 40.06 -32.44
CA ASP B 161 42.59 38.63 -32.43
C ASP B 161 41.30 38.43 -33.24
N VAL B 162 41.39 37.76 -34.39
CA VAL B 162 40.24 37.51 -35.28
C VAL B 162 39.45 36.26 -34.96
N GLN B 163 39.86 35.49 -33.97
CA GLN B 163 39.12 34.24 -33.68
C GLN B 163 37.64 34.48 -33.37
N PRO B 164 37.33 35.43 -32.48
CA PRO B 164 35.89 35.55 -32.27
C PRO B 164 35.11 35.85 -33.54
N SER B 165 35.51 36.85 -34.31
CA SER B 165 34.75 37.20 -35.52
C SER B 165 34.75 36.10 -36.58
N ILE B 166 35.83 35.33 -36.71
CA ILE B 166 35.83 34.19 -37.65
C ILE B 166 34.90 33.07 -37.24
N PHE B 167 34.77 32.82 -35.94
CA PHE B 167 33.83 31.80 -35.44
C PHE B 167 32.40 32.22 -35.69
N HIS B 168 32.15 33.52 -35.57
CA HIS B 168 30.80 34.08 -35.77
C HIS B 168 30.38 34.10 -37.23
N TYR B 169 31.35 34.32 -38.11
CA TYR B 169 31.16 34.13 -39.54
C TYR B 169 30.75 32.68 -39.86
N THR B 170 31.47 31.69 -39.35
CA THR B 170 31.05 30.31 -39.61
C THR B 170 29.65 30.04 -39.05
N ILE B 171 29.33 30.54 -37.86
CA ILE B 171 27.96 30.35 -37.36
C ILE B 171 26.95 30.95 -38.36
N GLU B 172 27.19 32.18 -38.78
CA GLU B 172 26.26 32.92 -39.64
C GLU B 172 26.16 32.30 -41.02
N ALA B 173 27.30 32.04 -41.66
CA ALA B 173 27.31 31.45 -42.98
C ALA B 173 26.65 30.06 -42.98
N SER B 174 26.95 29.26 -41.99
CA SER B 174 26.38 27.95 -41.89
C SER B 174 24.91 28.02 -41.65
N ASN B 175 24.47 29.01 -40.90
CA ASN B 175 23.06 29.10 -40.57
C ASN B 175 22.24 29.53 -41.77
N LEU B 176 22.77 30.48 -42.53
CA LEU B 176 22.10 30.93 -43.72
C LEU B 176 21.99 29.75 -44.72
N ALA B 177 23.09 29.04 -44.94
CA ALA B 177 23.12 27.87 -45.82
C ALA B 177 22.20 26.79 -45.35
N LEU B 178 22.21 26.50 -44.06
CA LEU B 178 21.43 25.39 -43.53
C LEU B 178 19.93 25.71 -43.41
N PHE B 179 19.61 26.89 -42.87
CA PHE B 179 18.23 27.27 -42.52
C PHE B 179 17.63 28.48 -43.27
N GLY B 180 18.44 29.19 -44.06
CA GLY B 180 17.93 30.36 -44.75
C GLY B 180 17.73 31.59 -43.86
N GLU B 181 18.26 31.55 -42.63
CA GLU B 181 18.13 32.69 -41.73
C GLU B 181 19.43 33.45 -41.56
N ARG B 182 19.27 34.75 -41.38
CA ARG B 182 20.37 35.65 -41.12
C ARG B 182 20.30 35.94 -39.62
N LEU B 183 21.34 35.57 -38.88
CA LEU B 183 21.33 35.73 -37.42
C LEU B 183 21.85 37.11 -36.96
N GLY B 184 22.62 37.78 -37.80
CA GLY B 184 23.07 39.13 -37.54
C GLY B 184 24.27 39.15 -36.62
N LEU B 185 25.20 38.22 -36.87
CA LEU B 185 26.39 38.05 -36.07
C LEU B 185 27.69 38.43 -36.79
N VAL B 186 27.57 38.98 -38.01
CA VAL B 186 28.72 39.50 -38.76
C VAL B 186 28.60 41.02 -38.78
N GLY B 187 29.67 41.73 -38.43
CA GLY B 187 29.63 43.18 -38.27
C GLY B 187 28.75 43.67 -37.12
N HIS B 188 28.58 42.83 -36.10
CA HIS B 188 27.83 43.17 -34.89
C HIS B 188 28.40 42.38 -33.78
N SER B 189 27.88 42.53 -32.57
CA SER B 189 28.42 41.75 -31.47
C SER B 189 27.88 40.33 -31.42
N PRO B 190 28.62 39.43 -30.77
CA PRO B 190 28.05 38.15 -30.37
C PRO B 190 26.78 38.31 -29.53
N SER B 191 25.79 37.48 -29.81
CA SER B 191 24.66 37.34 -28.92
C SER B 191 25.06 36.40 -27.80
N SER B 192 24.23 36.28 -26.78
CA SER B 192 24.56 35.38 -25.68
C SER B 192 24.30 33.94 -26.13
N ALA B 193 23.27 33.76 -26.95
CA ALA B 193 22.96 32.45 -27.52
C ALA B 193 24.15 31.98 -28.35
N SER B 194 24.73 32.90 -29.08
CA SER B 194 25.99 32.68 -29.77
C SER B 194 27.13 32.21 -28.86
N LEU B 195 27.37 32.89 -27.74
CA LEU B 195 28.52 32.54 -26.88
C LEU B 195 28.27 31.27 -26.10
N ASN B 196 27.03 31.11 -25.65
CA ASN B 196 26.64 29.88 -24.97
C ASN B 196 26.88 28.68 -25.89
N PHE B 197 26.49 28.81 -27.14
CA PHE B 197 26.69 27.76 -28.14
C PHE B 197 28.19 27.46 -28.32
N LEU B 198 29.02 28.49 -28.47
CA LEU B 198 30.45 28.23 -28.69
C LEU B 198 31.05 27.58 -27.48
N HIS B 199 30.65 28.02 -26.30
CA HIS B 199 31.15 27.46 -25.06
C HIS B 199 30.75 26.02 -24.95
N ALA B 200 29.48 25.70 -25.20
CA ALA B 200 29.06 24.30 -25.09
C ALA B 200 29.84 23.40 -26.06
N LEU B 201 30.03 23.85 -27.29
CA LEU B 201 30.82 23.09 -28.26
C LEU B 201 32.18 22.79 -27.65
N GLU B 202 32.82 23.82 -27.10
CA GLU B 202 34.19 23.66 -26.54
C GLU B 202 34.19 22.59 -25.45
N VAL B 203 33.22 22.68 -24.53
CA VAL B 203 33.11 21.74 -23.44
C VAL B 203 32.69 20.34 -23.91
N MET B 204 31.76 20.27 -24.85
CA MET B 204 31.40 18.97 -25.42
C MET B 204 32.65 18.24 -25.93
N PHE B 205 33.52 18.97 -26.64
CA PHE B 205 34.71 18.40 -27.24
C PHE B 205 35.70 17.96 -26.19
N LYS B 206 35.93 18.82 -25.19
CA LYS B 206 36.88 18.54 -24.11
C LYS B 206 36.49 17.25 -23.37
N SER B 207 35.27 17.22 -22.87
CA SER B 207 34.72 16.00 -22.25
C SER B 207 34.67 14.74 -23.15
N THR B 208 34.53 14.93 -24.47
CA THR B 208 34.50 13.78 -25.39
C THR B 208 35.81 13.00 -25.27
N VAL B 209 36.93 13.71 -25.30
CA VAL B 209 38.23 13.10 -25.11
C VAL B 209 38.33 12.32 -23.78
N GLN B 210 37.81 12.91 -22.71
CA GLN B 210 37.91 12.28 -21.41
C GLN B 210 37.20 10.94 -21.42
N LEU B 211 35.99 10.92 -21.96
CA LEU B 211 35.14 9.74 -21.90
C LEU B 211 35.38 8.74 -23.03
N MET B 212 36.06 9.12 -24.10
CA MET B 212 36.21 8.21 -25.25
C MET B 212 37.35 7.20 -25.09
N PHE B 213 38.20 7.40 -24.09
CA PHE B 213 39.41 6.59 -23.96
C PHE B 213 39.38 5.63 -22.76
N MET B 214 38.20 5.43 -22.19
CA MET B 214 38.01 4.41 -21.18
C MET B 214 36.57 3.93 -21.29
N PRO B 215 36.33 2.60 -21.19
CA PRO B 215 34.96 2.08 -21.33
C PRO B 215 33.95 2.73 -20.36
N ARG B 216 32.69 2.79 -20.79
CA ARG B 216 31.59 3.35 -19.98
C ARG B 216 31.52 2.61 -18.64
N SER B 217 31.79 1.32 -18.73
CA SER B 217 32.07 0.45 -17.59
C SER B 217 32.73 1.20 -16.42
N LEU B 218 33.89 1.80 -16.66
CA LEU B 218 34.67 2.47 -15.60
C LEU B 218 34.31 3.95 -15.45
N SER B 219 34.14 4.63 -16.58
CA SER B 219 33.87 6.07 -16.61
C SER B 219 32.61 6.45 -15.83
N ARG B 220 31.58 5.62 -15.90
CA ARG B 220 30.31 5.90 -15.23
C ARG B 220 30.52 6.17 -13.75
N TRP B 221 31.51 5.52 -13.14
CA TRP B 221 31.79 5.72 -11.71
C TRP B 221 33.10 6.40 -11.41
N ILE B 222 34.08 6.28 -12.30
CA ILE B 222 35.32 7.03 -12.10
C ILE B 222 35.11 8.52 -12.27
N SER B 223 34.43 8.92 -13.35
CA SER B 223 34.25 10.36 -13.67
C SER B 223 32.79 10.75 -13.96
N PRO B 224 31.86 10.43 -13.05
CA PRO B 224 30.45 10.79 -13.29
C PRO B 224 30.23 12.30 -13.51
N LYS B 225 31.07 13.14 -12.92
CA LYS B 225 30.95 14.59 -13.13
C LYS B 225 31.29 14.95 -14.59
N VAL B 226 32.23 14.21 -15.19
CA VAL B 226 32.49 14.36 -16.61
C VAL B 226 31.25 14.01 -17.46
N TRP B 227 30.45 13.02 -17.04
CA TRP B 227 29.21 12.69 -17.76
C TRP B 227 28.21 13.80 -17.71
N LYS B 228 27.93 14.34 -16.53
CA LYS B 228 26.93 15.41 -16.45
C LYS B 228 27.39 16.68 -17.19
N GLU B 229 28.69 16.91 -17.19
CA GLU B 229 29.29 17.99 -17.94
C GLU B 229 29.04 17.80 -19.48
N HIS B 230 29.22 16.58 -19.96
CA HIS B 230 29.07 16.24 -21.36
C HIS B 230 27.64 16.37 -21.78
N PHE B 231 26.73 15.92 -20.93
CA PHE B 231 25.33 15.93 -21.26
C PHE B 231 24.77 17.34 -21.22
N GLU B 232 25.20 18.13 -20.25
CA GLU B 232 24.73 19.52 -20.15
C GLU B 232 25.23 20.35 -21.34
N ALA B 233 26.46 20.08 -21.80
CA ALA B 233 26.96 20.71 -23.00
C ALA B 233 26.06 20.32 -24.16
N TRP B 234 25.78 19.01 -24.31
CA TRP B 234 24.87 18.58 -25.40
C TRP B 234 23.49 19.16 -25.25
N ASP B 235 22.98 19.25 -24.03
CA ASP B 235 21.69 19.91 -23.82
C ASP B 235 21.68 21.30 -24.39
N CYS B 236 22.74 22.04 -24.16
CA CYS B 236 22.82 23.39 -24.68
C CYS B 236 22.89 23.40 -26.22
N ILE B 237 23.73 22.55 -26.79
CA ILE B 237 23.86 22.44 -28.25
C ILE B 237 22.52 22.08 -28.90
N PHE B 238 21.78 21.15 -28.29
CA PHE B 238 20.50 20.72 -28.85
C PHE B 238 19.49 21.81 -28.73
N GLN B 239 19.54 22.56 -27.63
CA GLN B 239 18.62 23.68 -27.41
C GLN B 239 18.81 24.66 -28.53
N TYR B 240 20.07 24.94 -28.84
CA TYR B 240 20.38 25.87 -29.90
C TYR B 240 19.86 25.35 -31.25
N GLY B 241 20.15 24.08 -31.56
CA GLY B 241 19.78 23.51 -32.84
C GLY B 241 18.30 23.21 -32.97
N ASP B 242 17.63 22.97 -31.86
CA ASP B 242 16.21 22.71 -31.91
C ASP B 242 15.47 23.99 -32.25
N ASN B 243 15.88 25.11 -31.68
CA ASN B 243 15.23 26.40 -31.93
C ASN B 243 15.27 26.75 -33.44
N CYS B 244 16.42 26.49 -34.08
CA CYS B 244 16.53 26.64 -35.51
C CYS B 244 15.50 25.73 -36.23
N ILE B 245 15.35 24.49 -35.75
CA ILE B 245 14.44 23.52 -36.37
C ILE B 245 12.97 23.90 -36.16
N GLN B 246 12.61 24.29 -34.95
CA GLN B 246 11.25 24.75 -34.66
C GLN B 246 10.83 25.91 -35.57
N LYS B 247 11.79 26.77 -35.93
CA LYS B 247 11.47 27.95 -36.68
C LYS B 247 11.14 27.57 -38.08
N ILE B 248 12.07 26.89 -38.72
CA ILE B 248 11.91 26.52 -40.11
C ILE B 248 10.70 25.56 -40.27
N TYR B 249 10.53 24.64 -39.34
CA TYR B 249 9.39 23.75 -39.40
C TYR B 249 8.06 24.53 -39.45
N GLN B 250 7.90 25.52 -38.57
CA GLN B 250 6.65 26.28 -38.48
C GLN B 250 6.39 27.09 -39.75
N GLU B 251 7.45 27.69 -40.26
CA GLU B 251 7.38 28.51 -41.46
C GLU B 251 6.98 27.68 -42.72
N LEU B 252 7.45 26.43 -42.80
CA LEU B 252 7.19 25.61 -43.99
C LEU B 252 5.79 25.01 -43.90
N ALA B 253 5.32 24.72 -42.69
CA ALA B 253 3.96 24.24 -42.50
C ALA B 253 2.93 25.20 -43.01
N PHE B 254 3.24 26.50 -43.07
CA PHE B 254 2.28 27.51 -43.56
C PHE B 254 2.55 27.98 -44.97
N ASN B 255 3.81 27.90 -45.41
CA ASN B 255 4.15 28.26 -46.78
C ASN B 255 5.34 27.48 -47.29
N ARG B 256 5.15 26.79 -48.40
CA ARG B 256 6.23 26.04 -49.05
C ARG B 256 6.76 26.94 -50.13
N PRO B 257 7.97 27.50 -49.95
CA PRO B 257 8.45 28.51 -50.91
C PRO B 257 8.76 27.95 -52.32
N GLN B 258 8.80 28.82 -53.33
CA GLN B 258 9.11 28.43 -54.71
C GLN B 258 10.57 28.74 -55.08
N HIS B 259 11.35 29.19 -54.11
CA HIS B 259 12.76 29.53 -54.34
C HIS B 259 13.62 28.92 -53.28
N TYR B 260 14.92 28.79 -53.55
CA TYR B 260 15.81 28.15 -52.61
C TYR B 260 15.91 28.95 -51.29
N THR B 261 15.69 28.29 -50.16
CA THR B 261 15.88 28.90 -48.83
C THR B 261 16.78 28.05 -47.91
N GLY B 262 17.67 27.26 -48.51
CA GLY B 262 18.64 26.49 -47.74
C GLY B 262 18.45 24.97 -47.68
N ILE B 263 19.48 24.33 -47.13
CA ILE B 263 19.62 22.88 -47.19
C ILE B 263 18.53 22.12 -46.42
N VAL B 264 18.32 22.47 -45.17
CA VAL B 264 17.30 21.80 -44.38
C VAL B 264 15.91 21.92 -45.01
N ALA B 265 15.65 23.05 -45.67
CA ALA B 265 14.35 23.27 -46.26
C ALA B 265 14.16 22.18 -47.28
N GLU B 266 15.16 22.00 -48.13
CA GLU B 266 15.11 20.93 -49.15
C GLU B 266 14.80 19.58 -48.52
N LEU B 267 15.45 19.25 -47.41
CA LEU B 267 15.16 17.99 -46.73
C LEU B 267 13.70 17.92 -46.25
N LEU B 268 13.24 18.94 -45.52
CA LEU B 268 11.87 18.93 -45.00
C LEU B 268 10.82 18.91 -46.13
N LEU B 269 11.09 19.65 -47.18
CA LEU B 269 10.19 19.67 -48.32
C LEU B 269 10.05 18.26 -48.89
N LYS B 270 11.16 17.61 -49.16
CA LYS B 270 11.11 16.29 -49.78
C LYS B 270 10.42 15.27 -48.89
N ALA B 271 10.58 15.41 -47.58
CA ALA B 271 10.12 14.41 -46.59
C ALA B 271 10.38 12.92 -46.96
N GLU B 272 11.55 12.64 -47.53
CA GLU B 272 12.08 11.26 -47.72
C GLU B 272 12.53 10.63 -46.39
N LEU B 273 13.18 11.44 -45.54
CA LEU B 273 13.57 11.00 -44.20
C LEU B 273 12.45 11.37 -43.24
N SER B 274 12.38 10.66 -42.10
CA SER B 274 11.43 11.01 -41.07
C SER B 274 11.86 12.34 -40.43
N LEU B 275 10.91 13.06 -39.84
CA LEU B 275 11.21 14.32 -39.17
C LEU B 275 12.29 14.04 -38.15
N GLU B 276 12.11 12.96 -37.41
CA GLU B 276 12.99 12.63 -36.33
C GLU B 276 14.40 12.37 -36.89
N ALA B 277 14.48 11.73 -38.04
CA ALA B 277 15.79 11.54 -38.70
C ALA B 277 16.34 12.86 -39.27
N ILE B 278 15.47 13.70 -39.82
CA ILE B 278 15.85 15.04 -40.27
C ILE B 278 16.34 15.89 -39.08
N LYS B 279 15.66 15.80 -37.93
CA LYS B 279 16.06 16.58 -36.77
C LYS B 279 17.49 16.24 -36.38
N ALA B 280 17.81 14.94 -36.42
CA ALA B 280 19.10 14.43 -35.88
C ALA B 280 20.22 14.75 -36.82
N ASN B 281 19.92 14.77 -38.11
CA ASN B 281 20.93 15.15 -39.08
C ASN B 281 21.16 16.66 -39.16
N SER B 282 20.14 17.47 -38.84
CA SER B 282 20.33 18.92 -38.81
C SER B 282 21.21 19.31 -37.66
N MET B 283 21.04 18.61 -36.55
CA MET B 283 21.88 18.84 -35.37
C MET B 283 23.34 18.50 -35.63
N GLU B 284 23.59 17.46 -36.43
CA GLU B 284 24.95 17.13 -36.82
C GLU B 284 25.53 18.22 -37.70
N LEU B 285 24.75 18.70 -38.66
CA LEU B 285 25.22 19.77 -39.54
C LEU B 285 25.40 21.09 -38.76
N THR B 286 24.47 21.40 -37.87
CA THR B 286 24.55 22.63 -37.09
C THR B 286 25.72 22.62 -36.12
N ALA B 287 25.93 21.52 -35.43
CA ALA B 287 27.04 21.40 -34.50
C ALA B 287 28.38 21.29 -35.21
N GLY B 288 28.42 20.56 -36.31
CA GLY B 288 29.66 20.29 -37.02
C GLY B 288 30.12 21.38 -37.96
N SER B 289 29.34 22.44 -38.10
CA SER B 289 29.65 23.46 -39.09
C SER B 289 30.39 24.67 -38.55
N VAL B 290 30.74 24.66 -37.26
CA VAL B 290 31.34 25.83 -36.61
C VAL B 290 32.87 25.70 -36.51
N ASP B 291 33.35 24.94 -35.53
CA ASP B 291 34.81 24.84 -35.24
C ASP B 291 35.60 24.18 -36.37
N THR B 292 35.04 23.12 -36.95
CA THR B 292 35.70 22.37 -38.00
C THR B 292 36.15 23.28 -39.12
N THR B 293 35.32 24.27 -39.42
CA THR B 293 35.64 25.27 -40.43
C THR B 293 36.41 26.47 -39.88
N ALA B 294 36.04 26.99 -38.71
CA ALA B 294 36.67 28.19 -38.19
C ALA B 294 38.19 28.03 -38.06
N PHE B 295 38.64 26.92 -37.52
CA PHE B 295 40.07 26.76 -37.22
C PHE B 295 40.98 26.70 -38.42
N PRO B 296 40.64 25.89 -39.43
CA PRO B 296 41.46 25.91 -40.68
C PRO B 296 41.54 27.31 -41.28
N LEU B 297 40.41 28.00 -41.29
CA LEU B 297 40.31 29.39 -41.71
C LEU B 297 41.30 30.29 -40.96
N LEU B 298 41.35 30.18 -39.64
CA LEU B 298 42.33 30.94 -38.85
C LEU B 298 43.76 30.54 -39.21
N MET B 299 44.01 29.24 -39.35
CA MET B 299 45.39 28.80 -39.68
C MET B 299 45.84 29.35 -41.04
N THR B 300 44.93 29.42 -41.98
CA THR B 300 45.26 29.95 -43.28
C THR B 300 45.60 31.44 -43.21
N LEU B 301 44.75 32.22 -42.54
CA LEU B 301 45.05 33.61 -42.30
C LEU B 301 46.42 33.73 -41.66
N PHE B 302 46.74 32.88 -40.72
CA PHE B 302 48.04 32.95 -40.07
C PHE B 302 49.18 32.66 -41.05
N GLU B 303 49.06 31.55 -41.79
CA GLU B 303 50.09 31.19 -42.77
C GLU B 303 50.27 32.24 -43.84
N LEU B 304 49.16 32.78 -44.35
CA LEU B 304 49.23 33.84 -45.33
C LEU B 304 49.97 35.07 -44.79
N ALA B 305 49.84 35.33 -43.48
CA ALA B 305 50.47 36.50 -42.83
C ALA B 305 51.97 36.29 -42.57
N ARG B 306 52.37 35.03 -42.39
CA ARG B 306 53.80 34.64 -42.31
C ARG B 306 54.48 34.56 -43.67
N ASN B 307 53.69 34.39 -44.74
CA ASN B 307 54.17 34.15 -46.09
C ASN B 307 53.54 35.14 -47.05
N PRO B 308 53.95 36.42 -46.94
CA PRO B 308 53.32 37.49 -47.72
C PRO B 308 53.52 37.38 -49.21
N ASP B 309 54.57 36.69 -49.63
CA ASP B 309 54.77 36.41 -51.04
C ASP B 309 53.67 35.51 -51.58
N VAL B 310 53.32 34.49 -50.81
CA VAL B 310 52.23 33.57 -51.18
C VAL B 310 50.91 34.33 -51.13
N GLN B 311 50.77 35.19 -50.13
CA GLN B 311 49.57 36.00 -50.00
C GLN B 311 49.39 36.85 -51.26
N GLN B 312 50.46 37.53 -51.71
CA GLN B 312 50.37 38.42 -52.88
C GLN B 312 49.97 37.64 -54.15
N ILE B 313 50.52 36.42 -54.32
CA ILE B 313 50.10 35.55 -55.42
C ILE B 313 48.62 35.25 -55.34
N LEU B 314 48.15 34.89 -54.15
CA LEU B 314 46.73 34.62 -53.98
C LEU B 314 45.86 35.86 -54.19
N ARG B 315 46.37 37.01 -53.76
CA ARG B 315 45.66 38.26 -54.04
C ARG B 315 45.57 38.52 -55.55
N GLN B 316 46.69 38.35 -56.23
CA GLN B 316 46.76 38.53 -57.68
C GLN B 316 45.51 37.93 -58.35
N GLU B 317 45.29 36.64 -58.11
CA GLU B 317 44.26 35.91 -58.82
C GLU B 317 42.87 36.28 -58.35
N SER B 318 42.74 36.62 -57.06
CA SER B 318 41.42 36.99 -56.54
C SER B 318 40.97 38.34 -57.10
N LEU B 319 41.92 39.23 -57.36
CA LEU B 319 41.63 40.51 -58.02
C LEU B 319 41.24 40.31 -59.50
N ALA B 320 41.97 39.43 -60.18
CA ALA B 320 41.67 39.05 -61.58
C ALA B 320 40.26 38.48 -61.72
N ALA B 321 39.87 37.61 -60.78
CA ALA B 321 38.54 36.98 -60.81
C ALA B 321 37.46 37.80 -60.10
N ALA B 322 37.86 38.86 -59.39
CA ALA B 322 36.92 39.72 -58.66
C ALA B 322 35.72 39.98 -59.53
N ALA B 323 35.99 40.55 -60.70
CA ALA B 323 34.98 40.85 -61.71
C ALA B 323 33.91 39.77 -61.82
N SER B 324 34.30 38.60 -62.35
CA SER B 324 33.33 37.53 -62.65
C SER B 324 32.64 36.94 -61.43
N ILE B 325 33.39 36.80 -60.32
CA ILE B 325 32.78 36.22 -59.12
C ILE B 325 31.64 37.08 -58.62
N SER B 326 31.78 38.40 -58.64
CA SER B 326 30.67 39.21 -58.14
C SER B 326 29.48 39.13 -59.09
N GLU B 327 29.73 38.85 -60.38
CA GLU B 327 28.64 38.59 -61.33
C GLU B 327 28.03 37.20 -61.07
N HIS B 328 28.89 36.17 -61.03
CA HIS B 328 28.46 34.79 -60.67
C HIS B 328 29.32 34.23 -59.54
N PRO B 329 28.83 34.30 -58.29
CA PRO B 329 29.62 33.78 -57.16
C PRO B 329 29.99 32.30 -57.32
N GLN B 330 29.14 31.56 -58.02
CA GLN B 330 29.29 30.10 -58.12
C GLN B 330 30.60 29.71 -58.81
N LYS B 331 31.22 30.66 -59.51
CA LYS B 331 32.42 30.36 -60.27
C LYS B 331 33.68 30.50 -59.45
N ALA B 332 33.55 30.89 -58.18
CA ALA B 332 34.71 31.05 -57.32
C ALA B 332 35.40 29.70 -57.09
N THR B 333 34.61 28.62 -57.07
CA THR B 333 35.16 27.26 -56.97
C THR B 333 36.19 27.03 -58.08
N THR B 334 35.78 27.32 -59.32
CA THR B 334 36.61 27.03 -60.50
C THR B 334 37.70 28.09 -60.72
N GLU B 335 37.37 29.36 -60.53
CA GLU B 335 38.26 30.48 -60.90
C GLU B 335 39.37 30.88 -59.91
N LEU B 336 39.39 30.30 -58.71
CA LEU B 336 40.43 30.63 -57.71
C LEU B 336 41.19 29.37 -57.28
N PRO B 337 41.86 28.68 -58.23
CA PRO B 337 42.44 27.36 -57.97
C PRO B 337 43.70 27.40 -57.10
N LEU B 338 44.30 28.57 -57.00
CA LEU B 338 45.49 28.77 -56.19
C LEU B 338 45.07 28.93 -54.72
N LEU B 339 43.94 29.61 -54.50
CA LEU B 339 43.37 29.72 -53.17
C LEU B 339 42.88 28.36 -52.65
N ARG B 340 42.29 27.54 -53.52
CA ARG B 340 41.88 26.19 -53.12
C ARG B 340 43.09 25.35 -52.76
N ALA B 341 44.18 25.51 -53.50
CA ALA B 341 45.42 24.83 -53.16
C ALA B 341 45.93 25.24 -51.75
N ALA B 342 45.67 26.48 -51.35
CA ALA B 342 46.13 26.98 -50.06
C ALA B 342 45.40 26.27 -48.95
N LEU B 343 44.13 25.94 -49.19
CA LEU B 343 43.31 25.26 -48.19
C LEU B 343 43.85 23.89 -48.06
N LYS B 344 44.03 23.22 -49.19
CA LYS B 344 44.69 21.92 -49.23
C LYS B 344 45.96 21.93 -48.40
N GLU B 345 46.72 23.02 -48.53
CA GLU B 345 47.99 23.19 -47.85
C GLU B 345 47.81 23.42 -46.34
N THR B 346 46.80 24.18 -45.96
CA THR B 346 46.47 24.40 -44.55
C THR B 346 46.06 23.10 -43.85
N LEU B 347 45.27 22.29 -44.53
CA LEU B 347 44.75 21.08 -43.89
C LEU B 347 45.79 19.93 -43.88
N ARG B 348 46.80 20.04 -44.74
CA ARG B 348 47.92 19.12 -44.71
C ARG B 348 48.71 19.35 -43.43
N LEU B 349 48.98 20.61 -43.14
CA LEU B 349 49.75 20.93 -41.96
C LEU B 349 48.93 20.97 -40.66
N TYR B 350 47.63 21.22 -40.77
CA TYR B 350 46.80 21.44 -39.57
C TYR B 350 45.44 20.81 -39.77
N PRO B 351 45.40 19.48 -39.83
CA PRO B 351 44.16 18.78 -40.13
C PRO B 351 43.20 18.76 -38.95
N VAL B 352 41.99 19.29 -39.12
CA VAL B 352 41.05 19.43 -38.00
C VAL B 352 40.67 18.08 -37.47
N GLY B 353 40.43 17.16 -38.37
CA GLY B 353 40.21 15.77 -38.04
C GLY B 353 41.57 15.15 -38.09
N LEU B 354 42.05 14.75 -36.92
CA LEU B 354 43.39 14.27 -36.81
C LEU B 354 43.58 12.93 -37.51
N PHE B 355 42.60 12.02 -37.35
CA PHE B 355 42.74 10.68 -37.87
C PHE B 355 41.48 10.11 -38.51
N LEU B 356 41.65 9.41 -39.62
CA LEU B 356 40.56 8.74 -40.29
C LEU B 356 40.46 7.41 -39.59
N GLU B 357 39.30 6.78 -39.66
CA GLU B 357 39.01 5.64 -38.81
C GLU B 357 38.09 4.65 -39.56
N ARG B 358 38.47 3.37 -39.60
CA ARG B 358 37.62 2.30 -40.14
C ARG B 358 37.79 1.03 -39.32
N VAL B 359 36.70 0.43 -38.87
CA VAL B 359 36.72 -0.94 -38.37
C VAL B 359 36.49 -1.79 -39.61
N VAL B 360 37.53 -2.50 -40.05
CA VAL B 360 37.52 -3.15 -41.38
C VAL B 360 36.69 -4.42 -41.37
N SER B 361 35.82 -4.56 -42.37
CA SER B 361 34.85 -5.66 -42.42
C SER B 361 35.46 -6.92 -43.04
N SER B 362 36.54 -6.74 -43.82
CA SER B 362 37.31 -7.86 -44.38
C SER B 362 38.79 -7.80 -43.97
N ASP B 363 39.52 -8.87 -44.27
CA ASP B 363 40.98 -8.89 -44.10
C ASP B 363 41.61 -8.13 -45.27
N LEU B 364 42.84 -7.65 -45.08
CA LEU B 364 43.56 -6.87 -46.10
C LEU B 364 45.06 -6.84 -45.80
N VAL B 365 45.83 -6.21 -46.68
CA VAL B 365 47.27 -6.14 -46.49
C VAL B 365 47.79 -4.69 -46.60
N LEU B 366 48.55 -4.27 -45.60
CA LEU B 366 49.14 -2.93 -45.54
C LEU B 366 50.62 -3.03 -45.15
N GLN B 367 51.49 -2.39 -45.94
CA GLN B 367 52.94 -2.49 -45.76
C GLN B 367 53.43 -3.95 -45.77
N ASN B 368 52.71 -4.80 -46.49
CA ASN B 368 52.94 -6.25 -46.50
C ASN B 368 52.85 -6.92 -45.11
N TYR B 369 51.97 -6.40 -44.24
CA TYR B 369 51.55 -7.10 -43.02
C TYR B 369 50.13 -7.57 -43.18
N HIS B 370 49.79 -8.70 -42.59
CA HIS B 370 48.43 -9.20 -42.65
C HIS B 370 47.60 -8.49 -41.61
N ILE B 371 46.49 -7.90 -42.08
CA ILE B 371 45.54 -7.21 -41.20
C ILE B 371 44.19 -7.92 -41.21
N PRO B 372 43.83 -8.60 -40.10
CA PRO B 372 42.58 -9.40 -40.07
C PRO B 372 41.33 -8.56 -39.91
N ALA B 373 40.20 -9.13 -40.35
CA ALA B 373 38.91 -8.44 -40.31
C ALA B 373 38.52 -8.14 -38.87
N GLY B 374 37.77 -7.06 -38.69
CA GLY B 374 37.40 -6.56 -37.34
C GLY B 374 38.46 -5.63 -36.74
N THR B 375 39.51 -5.34 -37.50
CA THR B 375 40.63 -4.55 -37.00
C THR B 375 40.35 -3.05 -37.09
N LEU B 376 40.69 -2.34 -36.01
CA LEU B 376 40.59 -0.90 -35.97
C LEU B 376 41.79 -0.30 -36.69
N VAL B 377 41.53 0.37 -37.81
CA VAL B 377 42.60 1.00 -38.59
C VAL B 377 42.48 2.53 -38.56
N GLN B 378 43.56 3.20 -38.12
CA GLN B 378 43.60 4.66 -37.98
C GLN B 378 44.69 5.33 -38.83
N VAL B 379 44.29 6.24 -39.71
CA VAL B 379 45.25 7.01 -40.51
C VAL B 379 45.48 8.37 -39.84
N PHE B 380 46.71 8.64 -39.39
CA PHE B 380 47.03 9.90 -38.74
C PHE B 380 47.56 10.92 -39.74
N LEU B 381 46.68 11.87 -40.09
CA LEU B 381 46.91 12.82 -41.17
C LEU B 381 47.98 13.84 -40.85
N TYR B 382 48.23 14.05 -39.56
CA TYR B 382 49.27 14.98 -39.13
C TYR B 382 50.61 14.51 -39.62
N SER B 383 50.95 13.26 -39.33
CA SER B 383 52.23 12.69 -39.76
C SER B 383 52.27 12.49 -41.25
N LEU B 384 51.15 12.08 -41.81
CA LEU B 384 51.01 11.91 -43.25
C LEU B 384 51.40 13.18 -43.99
N GLY B 385 50.78 14.30 -43.58
CA GLY B 385 51.03 15.59 -44.22
C GLY B 385 52.48 16.03 -44.16
N ARG B 386 53.23 15.53 -43.17
CA ARG B 386 54.62 15.93 -42.95
C ARG B 386 55.70 14.97 -43.48
N ASN B 387 55.29 13.90 -44.16
CA ASN B 387 56.23 13.01 -44.81
C ASN B 387 57.08 13.75 -45.86
N ALA B 388 58.35 13.96 -45.54
CA ALA B 388 59.24 14.69 -46.43
C ALA B 388 59.27 14.05 -47.82
N ALA B 389 59.14 12.72 -47.88
CA ALA B 389 59.16 11.98 -49.15
C ALA B 389 58.08 12.41 -50.14
N LEU B 390 56.82 12.37 -49.71
CA LEU B 390 55.69 12.67 -50.63
C LEU B 390 55.50 14.18 -50.77
N PHE B 391 55.94 14.91 -49.76
CA PHE B 391 55.77 16.35 -49.72
C PHE B 391 57.13 17.00 -49.57
N PRO B 392 57.85 17.18 -50.71
CA PRO B 392 59.14 17.88 -50.71
C PRO B 392 59.05 19.16 -49.89
N ARG B 393 60.06 19.42 -49.07
CA ARG B 393 60.05 20.57 -48.18
C ARG B 393 58.71 20.61 -47.42
N PRO B 394 58.46 19.58 -46.59
CA PRO B 394 57.18 19.46 -45.90
C PRO B 394 56.77 20.71 -45.05
N GLU B 395 57.74 21.41 -44.49
CA GLU B 395 57.46 22.51 -43.56
C GLU B 395 57.04 23.78 -44.31
N ARG B 396 57.21 23.80 -45.62
CA ARG B 396 56.95 24.98 -46.43
C ARG B 396 55.48 25.06 -46.77
N TYR B 397 54.93 26.28 -46.72
CA TYR B 397 53.52 26.53 -47.08
C TYR B 397 53.44 27.01 -48.53
N ASN B 398 53.27 26.07 -49.44
CA ASN B 398 53.45 26.29 -50.86
C ASN B 398 52.29 25.65 -51.65
N PRO B 399 51.22 26.42 -51.91
CA PRO B 399 50.09 25.95 -52.68
C PRO B 399 50.41 25.42 -54.10
N GLN B 400 51.53 25.84 -54.69
CA GLN B 400 51.95 25.30 -56.00
C GLN B 400 52.11 23.77 -55.95
N ARG B 401 52.72 23.30 -54.87
CA ARG B 401 52.74 21.87 -54.51
C ARG B 401 51.57 21.09 -55.09
N TRP B 402 50.40 21.72 -55.12
CA TRP B 402 49.18 21.05 -55.57
C TRP B 402 48.88 21.22 -57.03
N LEU B 403 49.31 22.34 -57.63
CA LEU B 403 49.07 22.56 -59.07
C LEU B 403 49.95 21.67 -59.97
N ASP B 404 51.17 21.38 -59.51
CA ASP B 404 52.16 20.63 -60.31
C ASP B 404 51.71 19.20 -60.59
N ILE B 405 51.18 18.54 -59.55
CA ILE B 405 50.71 17.15 -59.63
C ILE B 405 49.75 16.91 -60.82
N PHE B 412 45.58 10.45 -53.54
CA PHE B 412 45.27 10.16 -52.14
C PHE B 412 46.19 10.94 -51.18
N HIS B 413 46.81 11.99 -51.69
CA HIS B 413 47.68 12.85 -50.90
C HIS B 413 46.89 13.86 -50.11
N HIS B 414 45.68 14.20 -50.61
CA HIS B 414 44.74 15.09 -49.96
C HIS B 414 43.54 14.30 -49.53
N VAL B 415 43.50 13.93 -48.26
CA VAL B 415 42.34 13.23 -47.68
C VAL B 415 41.93 13.75 -46.29
N PRO B 416 42.06 15.05 -46.05
CA PRO B 416 41.66 15.58 -44.74
C PRO B 416 40.15 15.54 -44.54
N PHE B 417 39.40 15.34 -45.63
CA PHE B 417 37.95 15.06 -45.54
C PHE B 417 37.59 13.57 -45.59
N GLY B 418 38.56 12.67 -45.49
CA GLY B 418 38.25 11.23 -45.63
C GLY B 418 38.06 10.75 -47.07
N PHE B 419 37.34 9.63 -47.26
CA PHE B 419 37.29 8.97 -48.56
C PHE B 419 36.06 8.11 -48.73
N GLY B 420 35.67 7.92 -49.99
CA GLY B 420 34.61 7.00 -50.30
C GLY B 420 33.27 7.59 -50.02
N MET B 421 32.36 6.76 -49.52
CA MET B 421 30.97 7.12 -49.36
C MET B 421 30.69 7.74 -47.98
N ARG B 422 31.66 7.56 -47.07
CA ARG B 422 31.61 8.16 -45.74
C ARG B 422 32.35 9.49 -45.68
N GLN B 423 33.10 9.85 -46.71
CA GLN B 423 33.77 11.14 -46.72
C GLN B 423 32.82 12.26 -46.31
N CYS B 424 33.40 13.30 -45.73
CA CYS B 424 32.69 14.45 -45.17
C CYS B 424 31.49 14.86 -45.99
N LEU B 425 30.32 14.83 -45.36
CA LEU B 425 29.09 15.28 -45.95
C LEU B 425 29.05 16.80 -46.12
N GLY B 426 29.78 17.53 -45.28
CA GLY B 426 29.77 19.01 -45.27
C GLY B 426 30.92 19.62 -46.07
N ARG B 427 31.65 18.77 -46.78
CA ARG B 427 32.83 19.21 -47.49
C ARG B 427 32.63 20.43 -48.38
N ARG B 428 31.54 20.46 -49.14
CA ARG B 428 31.44 21.53 -50.10
C ARG B 428 31.00 22.82 -49.44
N LEU B 429 30.14 22.71 -48.44
CA LEU B 429 29.81 23.84 -47.59
C LEU B 429 31.08 24.40 -46.95
N ALA B 430 31.82 23.55 -46.22
CA ALA B 430 33.00 24.01 -45.54
C ALA B 430 33.89 24.75 -46.48
N GLU B 431 34.15 24.14 -47.64
CA GLU B 431 35.08 24.74 -48.63
C GLU B 431 34.56 26.03 -49.20
N ALA B 432 33.26 26.12 -49.44
CA ALA B 432 32.65 27.40 -49.82
C ALA B 432 32.89 28.49 -48.76
N GLU B 433 32.62 28.17 -47.51
CA GLU B 433 32.74 29.14 -46.42
C GLU B 433 34.19 29.67 -46.32
N MET B 434 35.16 28.77 -46.41
CA MET B 434 36.58 29.18 -46.28
C MET B 434 37.03 29.96 -47.51
N LEU B 435 36.72 29.45 -48.68
CA LEU B 435 37.17 30.04 -49.92
C LEU B 435 36.61 31.45 -50.06
N LEU B 436 35.33 31.61 -49.82
CA LEU B 436 34.70 32.92 -50.00
C LEU B 436 35.21 33.98 -49.03
N LEU B 437 35.35 33.64 -47.76
CA LEU B 437 35.86 34.61 -46.80
C LEU B 437 37.24 35.07 -47.20
N LEU B 438 38.12 34.13 -47.52
CA LEU B 438 39.49 34.48 -47.92
C LEU B 438 39.47 35.37 -49.16
N HIS B 439 38.73 34.97 -50.18
CA HIS B 439 38.68 35.73 -51.40
C HIS B 439 38.34 37.17 -51.13
N HIS B 440 37.27 37.40 -50.36
CA HIS B 440 36.84 38.78 -50.11
C HIS B 440 37.78 39.55 -49.25
N VAL B 441 38.44 38.86 -48.34
CA VAL B 441 39.45 39.52 -47.51
C VAL B 441 40.64 39.92 -48.35
N LEU B 442 41.00 39.03 -49.26
CA LEU B 442 42.22 39.19 -50.09
C LEU B 442 42.14 40.31 -51.10
N LYS B 443 40.96 40.60 -51.62
CA LYS B 443 40.75 41.76 -52.49
C LYS B 443 41.01 43.06 -51.74
N HIS B 444 40.71 43.09 -50.45
CA HIS B 444 40.61 44.39 -49.76
C HIS B 444 41.69 44.69 -48.78
N PHE B 445 42.33 43.64 -48.23
CA PHE B 445 43.28 43.83 -47.11
C PHE B 445 44.60 43.12 -47.31
N LEU B 446 45.66 43.74 -46.76
CA LEU B 446 46.89 43.03 -46.49
C LEU B 446 46.78 42.46 -45.08
N VAL B 447 47.17 41.20 -44.92
CA VAL B 447 47.22 40.52 -43.62
C VAL B 447 48.67 40.36 -43.19
N GLU B 448 48.98 40.77 -41.95
CA GLU B 448 50.35 40.81 -41.41
C GLU B 448 50.43 40.39 -39.93
N THR B 449 51.54 39.77 -39.52
CA THR B 449 51.85 39.51 -38.10
C THR B 449 53.30 39.61 -37.82
N LEU B 450 53.60 40.00 -36.59
CA LEU B 450 54.94 39.94 -36.04
C LEU B 450 55.19 38.54 -35.52
N THR B 451 54.14 37.90 -35.01
CA THR B 451 54.25 36.57 -34.43
C THR B 451 54.42 35.53 -35.52
N GLN B 452 55.66 35.40 -35.99
CA GLN B 452 56.05 34.49 -37.05
C GLN B 452 56.32 33.02 -36.59
N GLU B 453 56.45 32.78 -35.29
CA GLU B 453 56.80 31.44 -34.79
C GLU B 453 55.63 30.43 -34.89
N ASP B 454 55.97 29.14 -35.01
CA ASP B 454 54.96 28.09 -35.17
C ASP B 454 53.91 28.16 -34.07
N ILE B 455 52.65 27.90 -34.42
CA ILE B 455 51.60 27.83 -33.43
C ILE B 455 51.47 26.38 -32.99
N LYS B 456 51.36 26.17 -31.69
CA LYS B 456 51.32 24.83 -31.16
C LYS B 456 49.90 24.33 -31.25
N MET B 457 49.71 23.21 -31.95
CA MET B 457 48.41 22.59 -32.04
C MET B 457 48.13 21.81 -30.75
N VAL B 458 46.85 21.66 -30.44
CA VAL B 458 46.36 20.97 -29.27
C VAL B 458 45.19 20.07 -29.67
N TYR B 459 45.15 18.85 -29.14
CA TYR B 459 44.15 17.88 -29.51
C TYR B 459 43.07 17.76 -28.45
N SER B 460 41.88 18.29 -28.73
CA SER B 460 40.68 17.99 -27.94
C SER B 460 39.56 17.56 -28.88
N PHE B 461 39.66 16.32 -29.33
CA PHE B 461 38.77 15.75 -30.35
C PHE B 461 38.99 16.35 -31.74
N ILE B 462 38.80 17.66 -31.86
CA ILE B 462 39.26 18.38 -33.03
C ILE B 462 40.67 18.79 -32.71
N LEU B 463 41.49 18.95 -33.73
CA LEU B 463 42.86 19.41 -33.53
C LEU B 463 42.90 20.90 -33.81
N ARG B 464 43.25 21.72 -32.82
CA ARG B 464 43.06 23.14 -32.93
C ARG B 464 44.23 23.97 -32.38
N PRO B 465 44.39 25.21 -32.88
CA PRO B 465 45.49 26.05 -32.46
C PRO B 465 45.41 26.34 -31.01
N GLY B 466 46.51 26.20 -30.29
CA GLY B 466 46.51 26.48 -28.85
C GLY B 466 46.57 27.98 -28.55
N THR B 467 46.85 28.76 -29.56
CA THR B 467 47.15 30.14 -29.38
C THR B 467 46.50 30.87 -30.54
N SER B 468 46.19 32.14 -30.34
CA SER B 468 45.57 32.95 -31.40
C SER B 468 46.40 34.22 -31.62
N PRO B 469 47.14 34.28 -32.72
CA PRO B 469 48.02 35.40 -32.96
C PRO B 469 47.30 36.67 -33.39
N LEU B 470 47.89 37.81 -33.04
CA LEU B 470 47.38 39.14 -33.35
C LEU B 470 47.64 39.46 -34.83
N LEU B 471 46.56 39.57 -35.62
CA LEU B 471 46.67 39.83 -37.05
C LEU B 471 46.29 41.26 -37.39
N THR B 472 47.09 41.87 -38.25
CA THR B 472 46.83 43.22 -38.74
C THR B 472 46.21 43.10 -40.11
N PHE B 473 45.10 43.81 -40.31
CA PHE B 473 44.44 43.93 -41.62
C PHE B 473 44.57 45.37 -42.09
N ARG B 474 45.44 45.58 -43.07
CA ARG B 474 45.73 46.91 -43.64
C ARG B 474 44.99 47.03 -44.96
N ALA B 475 44.18 48.08 -45.10
CA ALA B 475 43.38 48.31 -46.32
C ALA B 475 44.29 48.80 -47.44
N ILE B 476 44.00 48.36 -48.66
CA ILE B 476 44.94 48.55 -49.78
C ILE B 476 44.76 49.91 -50.45
N THR C 8 70.48 68.99 44.17
CA THR C 8 69.21 69.33 43.47
C THR C 8 68.95 68.32 42.34
N VAL C 9 67.73 68.37 41.79
CA VAL C 9 67.15 67.30 40.98
C VAL C 9 67.07 67.63 39.49
N LEU C 10 67.18 66.61 38.64
CA LEU C 10 67.01 66.78 37.19
C LEU C 10 65.53 66.77 36.83
N PRO C 11 65.14 67.55 35.80
CA PRO C 11 63.72 67.58 35.40
C PRO C 11 63.22 66.22 34.91
N PHE C 12 61.90 66.04 34.90
CA PHE C 12 61.30 64.79 34.47
C PHE C 12 61.78 64.38 33.08
N GLU C 13 61.85 65.35 32.17
CA GLU C 13 62.18 65.09 30.76
C GLU C 13 63.68 64.78 30.55
N ALA C 14 64.51 65.07 31.55
CA ALA C 14 65.93 64.69 31.52
C ALA C 14 66.08 63.16 31.52
N MET C 15 65.08 62.48 32.04
CA MET C 15 65.07 61.01 32.13
C MET C 15 65.29 60.34 30.78
N PRO C 16 66.04 59.22 30.74
CA PRO C 16 66.13 58.43 29.52
C PRO C 16 64.76 57.98 29.06
N GLN C 17 64.65 57.67 27.78
CA GLN C 17 63.36 57.47 27.14
C GLN C 17 63.32 56.11 26.47
N HIS C 18 62.27 55.35 26.73
CA HIS C 18 62.07 54.10 26.04
C HIS C 18 61.96 54.40 24.56
N PRO C 19 62.65 53.63 23.70
CA PRO C 19 62.60 53.91 22.24
C PRO C 19 61.24 53.74 21.53
N GLY C 20 60.22 53.26 22.24
CA GLY C 20 59.03 52.74 21.60
C GLY C 20 57.89 53.73 21.38
N ASN C 21 56.94 53.30 20.56
CA ASN C 21 55.72 54.05 20.26
C ASN C 21 54.53 53.30 20.80
N ARG C 22 53.68 53.98 21.56
CA ARG C 22 52.43 53.37 22.02
C ARG C 22 51.58 52.92 20.82
N TRP C 23 51.86 53.49 19.64
CA TRP C 23 51.13 53.16 18.41
C TRP C 23 51.61 51.90 17.74
N LEU C 24 52.93 51.76 17.60
CA LEU C 24 53.47 50.50 17.03
C LEU C 24 53.17 49.33 17.97
N ARG C 25 53.26 49.60 19.27
CA ARG C 25 52.82 48.67 20.30
C ARG C 25 51.36 48.20 20.08
N LEU C 26 50.39 49.14 19.92
CA LEU C 26 48.98 48.76 19.56
C LEU C 26 48.96 47.73 18.47
N LEU C 27 49.70 48.05 17.43
CA LEU C 27 49.62 47.35 16.17
C LEU C 27 50.32 46.00 16.30
N GLN C 28 51.43 45.97 17.02
CA GLN C 28 52.10 44.69 17.29
C GLN C 28 51.13 43.79 18.07
N ILE C 29 50.52 44.35 19.11
CA ILE C 29 49.54 43.60 19.90
C ILE C 29 48.33 43.23 19.04
N TRP C 30 47.85 44.19 18.25
CA TRP C 30 46.77 43.95 17.31
C TRP C 30 47.07 42.75 16.45
N ARG C 31 48.26 42.76 15.83
CA ARG C 31 48.68 41.67 14.96
C ARG C 31 48.83 40.32 15.68
N GLU C 32 49.69 40.32 16.71
CA GLU C 32 50.04 39.07 17.42
C GLU C 32 48.94 38.53 18.34
N GLN C 33 47.94 39.35 18.68
CA GLN C 33 46.87 38.98 19.61
C GLN C 33 47.43 38.70 21.00
N GLY C 34 48.48 39.42 21.34
CA GLY C 34 49.18 39.21 22.59
C GLY C 34 50.37 40.12 22.76
N TYR C 35 51.16 39.82 23.78
CA TYR C 35 52.31 40.62 24.14
C TYR C 35 53.20 39.79 25.07
N GLU C 36 53.54 38.58 24.61
CA GLU C 36 54.14 37.57 25.45
C GLU C 36 55.57 37.84 25.94
N HIS C 37 56.24 38.83 25.37
CA HIS C 37 57.64 39.08 25.70
C HIS C 37 57.79 40.34 26.51
N LEU C 38 56.68 40.92 26.96
CA LEU C 38 56.73 42.20 27.68
C LEU C 38 57.83 42.21 28.72
N HIS C 39 57.89 41.17 29.52
CA HIS C 39 58.92 41.05 30.57
C HIS C 39 60.31 41.12 30.05
N LEU C 40 60.57 40.43 28.95
CA LEU C 40 61.91 40.44 28.34
C LEU C 40 62.24 41.81 27.75
N GLU C 41 61.26 42.42 27.06
CA GLU C 41 61.44 43.75 26.49
C GLU C 41 61.80 44.76 27.55
N MET C 42 61.10 44.72 28.67
CA MET C 42 61.35 45.71 29.72
C MET C 42 62.66 45.45 30.41
N HIS C 43 63.03 44.16 30.54
CA HIS C 43 64.27 43.77 31.20
C HIS C 43 65.40 44.25 30.37
N GLN C 44 65.32 43.93 29.08
CA GLN C 44 66.32 44.35 28.10
C GLN C 44 66.45 45.86 28.08
N THR C 45 65.32 46.58 28.18
CA THR C 45 65.33 48.05 28.21
C THR C 45 66.10 48.65 29.40
N PHE C 46 65.92 48.10 30.61
CA PHE C 46 66.69 48.56 31.81
C PHE C 46 68.21 48.35 31.69
N GLN C 47 68.61 47.23 31.09
CA GLN C 47 70.01 47.00 30.79
C GLN C 47 70.59 48.16 30.01
N GLU C 48 69.87 48.59 28.97
CA GLU C 48 70.38 49.59 28.04
C GLU C 48 70.30 50.99 28.59
N LEU C 49 69.17 51.35 29.19
CA LEU C 49 68.96 52.72 29.59
C LEU C 49 69.19 52.93 31.08
N GLY C 50 69.38 51.86 31.83
CA GLY C 50 69.56 52.03 33.27
C GLY C 50 68.34 51.72 34.11
N PRO C 51 68.37 52.10 35.39
CA PRO C 51 67.39 51.62 36.35
C PRO C 51 66.04 52.38 36.35
N ILE C 52 65.97 53.50 35.63
CA ILE C 52 64.75 54.30 35.57
C ILE C 52 64.58 54.85 34.17
N PHE C 53 63.36 54.80 33.65
CA PHE C 53 63.04 55.41 32.36
C PHE C 53 61.58 55.73 32.17
N ARG C 54 61.34 56.65 31.21
CA ARG C 54 60.01 57.16 30.89
C ARG C 54 59.53 56.62 29.56
N TYR C 55 58.21 56.53 29.44
CA TYR C 55 57.55 56.02 28.24
C TYR C 55 56.67 57.10 27.62
N ASN C 56 56.65 57.17 26.29
CA ASN C 56 55.84 58.16 25.60
C ASN C 56 54.39 57.67 25.50
N LEU C 57 53.54 58.23 26.35
CA LEU C 57 52.12 57.90 26.34
C LEU C 57 51.26 58.95 25.60
N GLY C 58 51.89 60.03 25.14
CA GLY C 58 51.23 61.06 24.33
C GLY C 58 50.80 62.31 25.10
N GLY C 59 51.55 62.63 26.17
CA GLY C 59 51.12 63.63 27.14
C GLY C 59 51.16 63.06 28.56
N PRO C 60 50.46 61.92 28.80
CA PRO C 60 50.55 61.31 30.14
C PRO C 60 51.99 60.84 30.46
N ARG C 61 52.36 60.99 31.73
CA ARG C 61 53.69 60.66 32.20
C ARG C 61 53.76 59.25 32.79
N MET C 62 54.67 58.44 32.26
CA MET C 62 54.89 57.07 32.74
C MET C 62 56.35 56.85 33.11
N VAL C 63 56.61 56.29 34.28
CA VAL C 63 57.97 55.98 34.70
C VAL C 63 58.06 54.52 35.08
N CYS C 64 59.06 53.83 34.52
CA CYS C 64 59.34 52.44 34.86
C CYS C 64 60.59 52.35 35.73
N VAL C 65 60.47 51.66 36.88
CA VAL C 65 61.58 51.47 37.80
C VAL C 65 61.78 49.99 38.13
N MET C 66 62.88 49.66 38.81
CA MET C 66 63.18 48.27 39.22
C MET C 66 64.03 48.07 40.50
N LEU C 67 64.27 49.14 41.27
CA LEU C 67 65.11 49.07 42.48
C LEU C 67 64.27 49.20 43.76
N PRO C 68 64.58 48.37 44.79
CA PRO C 68 63.91 48.48 46.08
C PRO C 68 63.96 49.90 46.60
N GLU C 69 65.17 50.44 46.69
CA GLU C 69 65.38 51.85 46.88
C GLU C 69 64.16 52.68 46.40
N ASP C 70 63.76 52.49 45.13
CA ASP C 70 62.69 53.29 44.52
C ASP C 70 61.28 52.87 44.94
N VAL C 71 61.08 51.59 45.22
CA VAL C 71 59.81 51.10 45.77
C VAL C 71 59.56 51.64 47.18
N GLU C 72 60.63 51.73 47.95
CA GLU C 72 60.59 52.34 49.27
C GLU C 72 60.10 53.78 49.18
N LYS C 73 60.58 54.52 48.18
CA LYS C 73 60.14 55.92 47.98
C LYS C 73 58.69 55.98 47.50
N LEU C 74 58.27 54.98 46.72
CA LEU C 74 56.94 54.96 46.19
C LEU C 74 55.91 54.73 47.30
N GLN C 75 56.23 53.86 48.25
CA GLN C 75 55.32 53.66 49.40
C GLN C 75 55.28 54.90 50.24
N GLN C 76 56.39 55.61 50.30
CA GLN C 76 56.43 56.86 51.03
C GLN C 76 55.31 57.83 50.57
N VAL C 77 55.02 57.86 49.28
CA VAL C 77 53.90 58.69 48.78
C VAL C 77 52.59 57.93 48.56
N ASP C 78 52.42 56.77 49.21
CA ASP C 78 51.08 56.16 49.31
C ASP C 78 50.27 57.14 50.18
N SER C 79 49.14 57.59 49.65
CA SER C 79 48.26 58.43 50.42
C SER C 79 47.48 57.56 51.40
N LEU C 80 46.35 58.06 51.88
CA LEU C 80 45.39 57.22 52.59
C LEU C 80 44.56 56.44 51.53
N HIS C 81 44.59 56.89 50.28
CA HIS C 81 43.85 56.28 49.18
C HIS C 81 44.74 56.06 47.97
N PRO C 82 45.59 55.02 48.01
CA PRO C 82 46.49 54.78 46.87
C PRO C 82 45.74 54.38 45.61
N CYS C 83 46.21 54.86 44.45
CA CYS C 83 45.54 54.63 43.16
C CYS C 83 46.35 53.79 42.22
N ARG C 84 45.66 53.01 41.40
CA ARG C 84 46.27 52.34 40.26
C ARG C 84 45.54 52.83 39.00
N MET C 85 46.12 52.57 37.82
CA MET C 85 45.46 52.99 36.60
C MET C 85 44.16 52.17 36.43
N ILE C 86 43.17 52.82 35.82
CA ILE C 86 41.85 52.22 35.58
C ILE C 86 42.04 51.04 34.64
N LEU C 87 41.83 49.81 35.12
CA LEU C 87 41.84 48.67 34.20
C LEU C 87 40.50 48.64 33.47
N GLU C 88 40.42 49.41 32.39
CA GLU C 88 39.13 49.73 31.73
C GLU C 88 38.32 48.52 31.25
N PRO C 89 38.99 47.50 30.71
CA PRO C 89 38.22 46.36 30.27
C PRO C 89 37.45 45.72 31.39
N TRP C 90 38.10 45.57 32.54
CA TRP C 90 37.49 44.92 33.70
C TRP C 90 36.41 45.78 34.33
N VAL C 91 36.68 47.07 34.48
CA VAL C 91 35.66 48.01 34.97
C VAL C 91 34.48 48.01 34.01
N ALA C 92 34.78 48.13 32.71
CA ALA C 92 33.76 48.15 31.68
C ALA C 92 32.79 46.95 31.78
N TYR C 93 33.28 45.75 32.09
CA TYR C 93 32.36 44.62 32.24
C TYR C 93 31.40 44.85 33.39
N ARG C 94 31.90 45.39 34.51
CA ARG C 94 31.02 45.56 35.66
C ARG C 94 29.95 46.59 35.28
N GLN C 95 30.34 47.71 34.65
CA GLN C 95 29.31 48.72 34.29
C GLN C 95 28.29 48.20 33.26
N HIS C 96 28.73 47.43 32.27
CA HIS C 96 27.80 46.80 31.31
C HIS C 96 26.80 45.85 31.94
N ARG C 97 27.08 45.34 33.14
CA ARG C 97 26.18 44.37 33.76
C ARG C 97 25.54 44.85 35.05
N GLY C 98 25.87 46.06 35.49
CA GLY C 98 25.29 46.64 36.70
C GLY C 98 25.88 46.16 38.02
N HIS C 99 27.11 45.64 37.98
CA HIS C 99 27.73 45.08 39.16
C HIS C 99 28.60 46.08 39.79
N LYS C 100 28.71 45.98 41.11
CA LYS C 100 29.60 46.84 41.86
C LYS C 100 31.02 46.28 41.71
N CYS C 101 32.02 47.14 41.87
CA CYS C 101 33.41 46.75 41.76
C CYS C 101 33.95 46.30 43.11
N GLY C 102 34.78 45.26 43.07
CA GLY C 102 35.48 44.77 44.23
C GLY C 102 36.74 45.56 44.46
N VAL C 103 37.47 45.21 45.50
CA VAL C 103 38.53 46.07 45.99
C VAL C 103 39.61 46.34 44.94
N PHE C 104 39.97 45.34 44.16
CA PHE C 104 40.98 45.53 43.12
C PHE C 104 40.65 46.67 42.13
N LEU C 105 39.38 46.83 41.76
CA LEU C 105 38.97 47.83 40.76
C LEU C 105 38.49 49.18 41.36
N LEU C 106 38.57 49.32 42.67
CA LEU C 106 38.08 50.53 43.35
C LEU C 106 39.23 51.48 43.62
N ASN C 107 38.92 52.77 43.61
CA ASN C 107 39.85 53.79 44.08
C ASN C 107 39.11 54.61 45.13
N GLY C 108 39.85 55.43 45.86
CA GLY C 108 39.26 56.42 46.72
C GLY C 108 38.62 55.84 47.97
N PRO C 109 37.72 56.61 48.59
CA PRO C 109 37.01 56.21 49.81
C PRO C 109 36.26 54.87 49.75
N GLU C 110 35.59 54.60 48.64
CA GLU C 110 34.92 53.31 48.45
C GLU C 110 35.92 52.17 48.54
N TRP C 111 37.13 52.39 48.02
CA TRP C 111 38.16 51.36 48.11
C TRP C 111 38.46 51.05 49.55
N ARG C 112 38.66 52.11 50.32
CA ARG C 112 39.04 52.00 51.72
C ARG C 112 37.95 51.39 52.57
N PHE C 113 36.73 51.82 52.29
CA PHE C 113 35.58 51.27 52.98
C PHE C 113 35.56 49.72 52.77
N ASN C 114 35.76 49.27 51.52
CA ASN C 114 35.77 47.82 51.24
C ASN C 114 36.98 47.16 51.86
N ARG C 115 38.15 47.76 51.69
CA ARG C 115 39.37 47.10 52.20
C ARG C 115 39.33 46.89 53.71
N LEU C 116 38.95 47.91 54.46
CA LEU C 116 38.99 47.80 55.93
C LEU C 116 37.98 46.78 56.47
N ARG C 117 37.01 46.39 55.66
CA ARG C 117 36.06 45.34 56.03
C ARG C 117 36.41 43.94 55.47
N LEU C 118 37.48 43.89 54.66
CA LEU C 118 37.99 42.66 54.10
C LEU C 118 39.25 42.12 54.82
N ASN C 119 40.15 43.01 55.26
CA ASN C 119 41.42 42.58 55.93
C ASN C 119 41.22 41.56 57.05
N PRO C 120 40.34 41.84 58.00
CA PRO C 120 40.32 40.92 59.12
C PRO C 120 40.02 39.45 58.75
N ASP C 121 39.11 39.21 57.82
CA ASP C 121 38.68 37.85 57.52
C ASP C 121 39.39 37.18 56.33
N VAL C 122 40.10 37.96 55.49
CA VAL C 122 40.85 37.37 54.38
C VAL C 122 42.37 37.32 54.57
N LEU C 123 42.92 38.37 55.15
CA LEU C 123 44.39 38.54 55.26
C LEU C 123 44.98 38.47 56.69
N SER C 124 44.17 38.62 57.73
CA SER C 124 44.73 38.76 59.08
C SER C 124 45.28 37.43 59.58
N PRO C 125 46.26 37.48 60.50
CA PRO C 125 46.83 36.25 61.09
C PRO C 125 45.80 35.37 61.77
N LYS C 126 44.75 36.00 62.29
CA LYS C 126 43.72 35.28 63.00
C LYS C 126 42.86 34.52 61.99
N ALA C 127 42.48 35.18 60.90
CA ALA C 127 41.74 34.53 59.79
C ALA C 127 42.49 33.29 59.24
N VAL C 128 43.77 33.45 58.98
CA VAL C 128 44.65 32.36 58.54
C VAL C 128 44.64 31.16 59.47
N GLN C 129 44.62 31.44 60.76
CA GLN C 129 44.57 30.38 61.78
C GLN C 129 43.34 29.53 61.63
N ARG C 130 42.27 30.10 61.10
CA ARG C 130 41.01 29.37 61.03
C ARG C 130 40.91 28.58 59.74
N PHE C 131 41.50 29.09 58.64
CA PHE C 131 41.39 28.40 57.34
C PHE C 131 42.55 27.47 56.92
N LEU C 132 43.74 27.56 57.55
CA LEU C 132 44.82 26.57 57.29
C LEU C 132 44.36 25.15 57.50
N PRO C 133 43.69 24.87 58.58
CA PRO C 133 43.32 23.47 58.74
C PRO C 133 42.45 22.92 57.59
N MET C 134 41.66 23.79 56.93
CA MET C 134 40.80 23.37 55.82
C MET C 134 41.67 23.14 54.60
N VAL C 135 42.48 24.13 54.24
CA VAL C 135 43.51 24.02 53.19
C VAL C 135 44.36 22.77 53.39
N ASP C 136 44.72 22.49 54.62
CA ASP C 136 45.57 21.34 54.95
C ASP C 136 44.91 20.03 54.53
N ALA C 137 43.60 19.96 54.71
CA ALA C 137 42.83 18.77 54.32
C ALA C 137 42.89 18.57 52.81
N VAL C 138 42.91 19.67 52.05
CA VAL C 138 42.83 19.52 50.60
C VAL C 138 44.17 19.08 50.08
N ALA C 139 45.22 19.69 50.64
CA ALA C 139 46.60 19.32 50.33
C ALA C 139 46.90 17.90 50.73
N ARG C 140 46.27 17.41 51.80
CA ARG C 140 46.46 16.01 52.21
C ARG C 140 45.80 15.08 51.21
N ASP C 141 44.61 15.44 50.76
CA ASP C 141 43.93 14.62 49.78
C ASP C 141 44.72 14.51 48.47
N PHE C 142 45.31 15.61 48.01
CA PHE C 142 46.14 15.61 46.79
C PHE C 142 47.30 14.62 46.81
N SER C 143 48.05 14.59 47.91
CA SER C 143 49.15 13.62 48.03
C SER C 143 48.74 12.16 48.21
N GLN C 144 47.65 11.97 48.90
CA GLN C 144 47.11 10.65 49.13
C GLN C 144 46.61 10.07 47.79
N ALA C 145 45.91 10.89 46.99
CA ALA C 145 45.42 10.48 45.65
C ALA C 145 46.59 10.15 44.73
N LEU C 146 47.60 11.00 44.71
CA LEU C 146 48.78 10.74 43.92
C LEU C 146 49.53 9.48 44.38
N LYS C 147 49.59 9.24 45.67
CA LYS C 147 50.30 8.09 46.19
C LYS C 147 49.56 6.81 45.85
N LYS C 148 48.23 6.83 45.72
CA LYS C 148 47.50 5.63 45.28
C LYS C 148 47.84 5.24 43.83
N LYS C 149 47.97 6.23 42.94
CA LYS C 149 48.38 5.96 41.57
C LYS C 149 49.83 5.55 41.50
N VAL C 150 50.68 6.34 42.12
CA VAL C 150 52.10 6.06 42.10
C VAL C 150 52.35 4.62 42.46
N LEU C 151 51.68 4.10 43.50
CA LEU C 151 51.94 2.73 43.99
C LEU C 151 51.32 1.62 43.12
N GLN C 152 50.40 1.99 42.24
CA GLN C 152 49.88 1.03 41.30
C GLN C 152 50.93 0.68 40.22
N ASN C 153 51.98 1.49 40.10
CA ASN C 153 53.02 1.26 39.12
C ASN C 153 54.22 0.44 39.71
N ALA C 154 54.78 -0.44 38.91
CA ALA C 154 55.85 -1.34 39.36
C ALA C 154 57.08 -0.63 39.89
N ARG C 155 57.45 0.51 39.33
CA ARG C 155 58.59 1.30 39.80
C ARG C 155 58.18 2.31 40.88
N GLY C 156 56.98 2.15 41.43
CA GLY C 156 56.50 3.09 42.46
C GLY C 156 56.74 4.57 42.11
N SER C 157 56.42 4.96 40.88
CA SER C 157 56.51 6.35 40.44
C SER C 157 55.40 6.68 39.43
N LEU C 158 55.04 7.95 39.34
CA LEU C 158 54.22 8.42 38.23
C LEU C 158 54.89 9.61 37.59
N THR C 159 54.89 9.63 36.27
CA THR C 159 55.52 10.68 35.51
C THR C 159 54.43 11.29 34.65
N LEU C 160 54.18 12.58 34.87
CA LEU C 160 53.03 13.22 34.31
C LEU C 160 53.28 14.69 34.15
N ASP C 161 52.39 15.32 33.41
CA ASP C 161 52.23 16.76 33.43
C ASP C 161 51.27 17.00 34.60
N VAL C 162 51.71 17.71 35.64
CA VAL C 162 50.87 17.92 36.85
C VAL C 162 50.04 19.18 36.83
N GLN C 163 50.18 19.98 35.80
CA GLN C 163 49.50 21.27 35.76
C GLN C 163 47.99 21.10 36.00
N PRO C 164 47.29 20.28 35.19
CA PRO C 164 45.85 20.11 35.48
C PRO C 164 45.51 19.82 36.93
N SER C 165 46.18 18.85 37.55
CA SER C 165 45.88 18.50 38.93
C SER C 165 46.25 19.62 39.91
N ILE C 166 47.38 20.31 39.70
CA ILE C 166 47.69 21.47 40.55
C ILE C 166 46.59 22.53 40.43
N PHE C 167 46.08 22.72 39.22
CA PHE C 167 45.05 23.72 39.00
C PHE C 167 43.76 23.35 39.68
N HIS C 168 43.42 22.08 39.69
CA HIS C 168 42.22 21.67 40.40
C HIS C 168 42.36 21.72 41.91
N TYR C 169 43.58 21.47 42.38
CA TYR C 169 43.94 21.70 43.76
C TYR C 169 43.64 23.13 44.17
N THR C 170 44.10 24.09 43.37
CA THR C 170 43.91 25.47 43.76
C THR C 170 42.44 25.85 43.67
N ILE C 171 41.70 25.36 42.68
CA ILE C 171 40.25 25.61 42.66
C ILE C 171 39.64 25.02 43.92
N GLU C 172 40.01 23.79 44.25
CA GLU C 172 39.43 23.08 45.37
C GLU C 172 39.76 23.73 46.71
N ALA C 173 41.03 23.99 46.95
CA ALA C 173 41.46 24.63 48.20
C ALA C 173 40.82 26.00 48.39
N SER C 174 40.88 26.80 47.35
CA SER C 174 40.31 28.13 47.40
C SER C 174 38.85 28.10 47.72
N ASN C 175 38.12 27.16 47.13
CA ASN C 175 36.69 27.10 47.30
C ASN C 175 36.29 26.73 48.74
N LEU C 176 37.04 25.84 49.36
CA LEU C 176 36.82 25.47 50.75
C LEU C 176 37.17 26.66 51.65
N ALA C 177 38.33 27.25 51.49
CA ALA C 177 38.68 28.38 52.33
C ALA C 177 37.66 29.48 52.18
N LEU C 178 37.17 29.71 50.96
CA LEU C 178 36.30 30.85 50.71
C LEU C 178 34.85 30.55 51.10
N PHE C 179 34.34 29.40 50.70
CA PHE C 179 32.89 29.15 50.79
C PHE C 179 32.51 28.00 51.72
N GLY C 180 33.50 27.20 52.13
CA GLY C 180 33.25 26.09 53.02
C GLY C 180 32.84 24.81 52.32
N GLU C 181 32.85 24.83 50.98
CA GLU C 181 32.42 23.67 50.18
C GLU C 181 33.57 22.80 49.69
N ARG C 182 33.39 21.49 49.71
CA ARG C 182 34.29 20.61 48.97
C ARG C 182 33.71 20.36 47.62
N LEU C 183 34.43 20.76 46.57
CA LEU C 183 33.95 20.56 45.22
C LEU C 183 34.18 19.15 44.72
N GLY C 184 35.08 18.42 45.34
CA GLY C 184 35.35 17.05 44.93
C GLY C 184 36.29 16.94 43.73
N LEU C 185 37.09 17.98 43.48
CA LEU C 185 38.01 18.02 42.33
C LEU C 185 39.46 17.61 42.67
N VAL C 186 39.70 16.96 43.81
CA VAL C 186 41.01 16.41 44.14
C VAL C 186 40.92 14.91 44.27
N GLY C 187 41.80 14.19 43.56
CA GLY C 187 41.72 12.73 43.46
C GLY C 187 40.53 12.20 42.64
N HIS C 188 40.04 13.04 41.73
CA HIS C 188 38.94 12.69 40.82
C HIS C 188 39.12 13.52 39.60
N SER C 189 38.26 13.32 38.61
CA SER C 189 38.44 14.03 37.37
C SER C 189 37.82 15.43 37.39
N PRO C 190 38.40 16.35 36.62
CA PRO C 190 37.78 17.64 36.38
C PRO C 190 36.31 17.50 36.01
N SER C 191 35.47 18.41 36.52
CA SER C 191 34.10 18.55 36.07
C SER C 191 34.04 19.56 34.89
N SER C 192 32.94 19.52 34.15
CA SER C 192 32.75 20.49 33.09
C SER C 192 32.72 21.89 33.70
N ALA C 193 32.16 22.03 34.89
CA ALA C 193 32.18 23.36 35.51
C ALA C 193 33.64 23.84 35.76
N SER C 194 34.51 22.96 36.23
CA SER C 194 35.86 23.37 36.49
C SER C 194 36.65 23.68 35.19
N LEU C 195 36.45 22.87 34.14
CA LEU C 195 37.18 23.10 32.88
C LEU C 195 36.71 24.38 32.18
N ASN C 196 35.40 24.64 32.26
CA ASN C 196 34.84 25.87 31.69
C ASN C 196 35.46 27.07 32.35
N PHE C 197 35.47 27.04 33.68
CA PHE C 197 36.06 28.09 34.48
C PHE C 197 37.54 28.30 34.15
N LEU C 198 38.32 27.23 34.05
CA LEU C 198 39.77 27.41 33.73
C LEU C 198 39.96 28.07 32.39
N HIS C 199 39.21 27.59 31.40
CA HIS C 199 39.24 28.14 30.04
C HIS C 199 38.85 29.61 30.02
N ALA C 200 37.77 29.97 30.71
CA ALA C 200 37.32 31.37 30.70
C ALA C 200 38.37 32.29 31.29
N LEU C 201 38.99 31.87 32.40
CA LEU C 201 40.06 32.68 33.00
C LEU C 201 41.17 32.88 31.98
N GLU C 202 41.54 31.82 31.29
CA GLU C 202 42.58 31.96 30.27
C GLU C 202 42.19 32.91 29.14
N VAL C 203 40.97 32.77 28.60
CA VAL C 203 40.52 33.71 27.58
C VAL C 203 40.46 35.13 28.12
N MET C 204 39.90 35.29 29.34
CA MET C 204 39.79 36.61 30.01
C MET C 204 41.16 37.26 30.13
N PHE C 205 42.12 36.52 30.68
CA PHE C 205 43.47 37.07 30.76
C PHE C 205 44.02 37.47 29.38
N LYS C 206 43.90 36.59 28.40
CA LYS C 206 44.47 36.82 27.05
C LYS C 206 43.88 38.08 26.44
N SER C 207 42.54 38.19 26.48
CA SER C 207 41.86 39.40 25.95
C SER C 207 42.16 40.66 26.75
N THR C 208 42.48 40.52 28.02
CA THR C 208 42.83 41.71 28.78
C THR C 208 44.04 42.35 28.15
N VAL C 209 45.00 41.51 27.77
CA VAL C 209 46.24 42.02 27.14
C VAL C 209 45.93 42.70 25.79
N GLN C 210 45.14 42.05 24.95
CA GLN C 210 44.73 42.61 23.66
C GLN C 210 43.96 43.93 23.78
N LEU C 211 43.34 44.19 24.94
CA LEU C 211 42.53 45.40 25.13
C LEU C 211 43.14 46.49 26.02
N MET C 212 43.98 46.11 26.98
CA MET C 212 44.45 47.06 28.00
C MET C 212 45.47 48.07 27.53
N PHE C 213 45.97 47.94 26.30
CA PHE C 213 47.08 48.82 25.86
C PHE C 213 46.65 49.84 24.84
N MET C 214 45.34 50.06 24.72
CA MET C 214 44.81 51.09 23.85
C MET C 214 43.45 51.49 24.38
N PRO C 215 43.06 52.77 24.21
CA PRO C 215 41.80 53.28 24.78
C PRO C 215 40.56 52.63 24.16
N ARG C 216 39.44 52.70 24.89
CA ARG C 216 38.20 52.09 24.43
C ARG C 216 37.77 52.69 23.10
N SER C 217 37.88 54.01 22.98
CA SER C 217 37.53 54.71 21.74
C SER C 217 38.28 54.18 20.49
N LEU C 218 39.42 53.51 20.69
CA LEU C 218 40.15 52.88 19.59
C LEU C 218 39.85 51.37 19.50
N SER C 219 39.98 50.66 20.61
CA SER C 219 39.71 49.23 20.62
C SER C 219 38.25 48.92 20.24
N ARG C 220 37.36 49.84 20.59
CA ARG C 220 35.93 49.79 20.24
C ARG C 220 35.71 49.34 18.80
N TRP C 221 36.55 49.83 17.87
CA TRP C 221 36.42 49.48 16.45
C TRP C 221 37.62 48.74 15.88
N ILE C 222 38.80 48.88 16.49
CA ILE C 222 39.92 48.03 16.07
C ILE C 222 39.64 46.55 16.40
N SER C 223 39.02 46.29 17.56
CA SER C 223 38.92 44.92 18.05
C SER C 223 37.58 44.60 18.73
N PRO C 224 36.46 44.87 18.05
CA PRO C 224 35.15 44.58 18.61
C PRO C 224 34.96 43.13 19.02
N LYS C 225 35.50 42.19 18.26
CA LYS C 225 35.38 40.78 18.62
C LYS C 225 36.18 40.44 19.87
N VAL C 226 37.25 41.18 20.13
CA VAL C 226 38.05 40.93 21.34
C VAL C 226 37.21 41.28 22.56
N TRP C 227 36.64 42.48 22.55
CA TRP C 227 35.63 42.89 23.52
C TRP C 227 34.54 41.86 23.71
N LYS C 228 34.05 41.28 22.62
CA LYS C 228 33.01 40.26 22.72
C LYS C 228 33.55 39.05 23.47
N GLU C 229 34.71 38.55 23.04
CA GLU C 229 35.38 37.41 23.69
C GLU C 229 35.57 37.65 25.22
N HIS C 230 35.90 38.87 25.58
CA HIS C 230 36.24 39.26 26.96
C HIS C 230 35.04 39.25 27.85
N PHE C 231 33.95 39.83 27.38
CA PHE C 231 32.73 39.89 28.19
C PHE C 231 32.10 38.53 28.31
N GLU C 232 32.30 37.69 27.30
CA GLU C 232 31.75 36.36 27.26
C GLU C 232 32.50 35.51 28.27
N ALA C 233 33.81 35.68 28.29
CA ALA C 233 34.65 35.04 29.30
C ALA C 233 34.22 35.52 30.70
N TRP C 234 34.09 36.84 30.88
CA TRP C 234 33.59 37.31 32.17
C TRP C 234 32.24 36.74 32.50
N ASP C 235 31.35 36.63 31.52
CA ASP C 235 30.03 36.08 31.84
C ASP C 235 30.19 34.74 32.47
N CYS C 236 31.04 33.91 31.91
CA CYS C 236 31.20 32.52 32.35
C CYS C 236 31.87 32.44 33.75
N ILE C 237 32.83 33.32 33.99
CA ILE C 237 33.43 33.49 35.30
C ILE C 237 32.37 33.97 36.29
N PHE C 238 31.58 34.99 35.92
CA PHE C 238 30.59 35.56 36.87
C PHE C 238 29.48 34.57 37.19
N GLN C 239 29.23 33.60 36.30
CA GLN C 239 28.24 32.56 36.56
C GLN C 239 28.79 31.52 37.53
N TYR C 240 30.06 31.20 37.40
CA TYR C 240 30.70 30.30 38.36
C TYR C 240 30.67 30.91 39.78
N GLY C 241 31.10 32.15 39.88
CA GLY C 241 31.13 32.84 41.16
C GLY C 241 29.76 33.09 41.75
N ASP C 242 28.83 33.58 40.95
CA ASP C 242 27.46 33.78 41.43
C ASP C 242 26.90 32.51 42.02
N ASN C 243 27.12 31.39 41.34
CA ASN C 243 26.59 30.13 41.78
C ASN C 243 27.09 29.82 43.16
N CYS C 244 28.42 29.99 43.38
CA CYS C 244 29.01 29.74 44.68
C CYS C 244 28.36 30.65 45.73
N ILE C 245 28.16 31.92 45.39
CA ILE C 245 27.69 32.88 46.40
C ILE C 245 26.22 32.61 46.77
N GLN C 246 25.37 32.38 45.78
CA GLN C 246 23.94 32.05 46.03
C GLN C 246 23.78 30.85 46.95
N LYS C 247 24.58 29.81 46.72
CA LYS C 247 24.59 28.63 47.61
C LYS C 247 24.83 29.06 49.06
N ILE C 248 25.92 29.79 49.31
CA ILE C 248 26.29 30.13 50.67
C ILE C 248 25.29 31.13 51.30
N TYR C 249 24.75 32.03 50.49
CA TYR C 249 23.85 33.06 50.98
C TYR C 249 22.58 32.45 51.55
N GLN C 250 22.09 31.40 50.89
CA GLN C 250 20.85 30.75 51.29
C GLN C 250 21.10 29.90 52.52
N GLU C 251 22.25 29.27 52.61
CA GLU C 251 22.52 28.41 53.76
C GLU C 251 22.59 29.30 55.00
N LEU C 252 23.24 30.44 54.86
CA LEU C 252 23.42 31.33 56.02
C LEU C 252 22.17 32.15 56.37
N ALA C 253 21.18 32.17 55.49
CA ALA C 253 19.89 32.79 55.81
C ALA C 253 19.14 31.93 56.81
N PHE C 254 19.36 30.61 56.74
CA PHE C 254 18.62 29.65 57.57
C PHE C 254 19.33 29.16 58.82
N ASN C 255 20.63 29.34 58.90
CA ASN C 255 21.37 28.90 60.05
C ASN C 255 22.71 29.58 60.12
N ARG C 256 23.01 30.22 61.25
CA ARG C 256 24.30 30.86 61.48
C ARG C 256 25.22 29.94 62.27
N PRO C 257 26.24 29.35 61.63
CA PRO C 257 26.99 28.33 62.35
C PRO C 257 27.71 28.94 63.55
N GLN C 258 28.02 28.11 64.55
CA GLN C 258 28.82 28.57 65.67
C GLN C 258 30.30 28.15 65.49
N HIS C 259 30.62 27.60 64.32
CA HIS C 259 32.00 27.28 64.01
C HIS C 259 32.39 27.88 62.70
N TYR C 260 33.67 27.77 62.38
CA TYR C 260 34.23 28.37 61.19
C TYR C 260 33.82 27.59 59.93
N THR C 261 33.25 28.30 58.97
CA THR C 261 33.00 27.69 57.67
C THR C 261 33.47 28.55 56.52
N GLY C 262 34.49 29.35 56.74
CA GLY C 262 35.19 30.03 55.67
C GLY C 262 35.14 31.54 55.66
N ILE C 263 35.97 32.10 54.77
CA ILE C 263 36.19 33.52 54.62
C ILE C 263 34.90 34.19 54.23
N VAL C 264 34.23 33.72 53.20
CA VAL C 264 33.06 34.45 52.69
C VAL C 264 31.88 34.43 53.68
N ALA C 265 31.81 33.40 54.50
CA ALA C 265 30.77 33.26 55.51
C ALA C 265 30.87 34.38 56.56
N GLU C 266 32.07 34.62 57.08
CA GLU C 266 32.33 35.73 58.02
C GLU C 266 31.88 37.06 57.39
N LEU C 267 32.23 37.29 56.15
CA LEU C 267 31.81 38.54 55.58
C LEU C 267 30.31 38.61 55.61
N LEU C 268 29.64 37.47 55.34
CA LEU C 268 28.17 37.45 55.23
C LEU C 268 27.51 37.54 56.57
N LEU C 269 28.00 36.79 57.52
CA LEU C 269 27.50 36.81 58.88
C LEU C 269 27.53 38.25 59.49
N LYS C 270 28.65 38.95 59.36
CA LYS C 270 28.77 40.30 59.92
C LYS C 270 27.96 41.30 59.10
N ALA C 271 27.73 41.01 57.84
CA ALA C 271 27.00 41.97 57.01
C ALA C 271 27.42 43.43 57.30
N GLU C 272 28.73 43.69 57.40
CA GLU C 272 29.24 45.08 57.46
C GLU C 272 29.31 45.75 56.10
N LEU C 273 29.48 44.96 55.04
CA LEU C 273 29.38 45.46 53.68
C LEU C 273 28.04 45.10 53.16
N SER C 274 27.58 45.81 52.16
CA SER C 274 26.34 45.48 51.50
C SER C 274 26.47 44.15 50.76
N LEU C 275 25.32 43.56 50.39
CA LEU C 275 25.33 42.29 49.68
C LEU C 275 26.02 42.45 48.34
N GLU C 276 25.76 43.56 47.65
CA GLU C 276 26.37 43.79 46.35
C GLU C 276 27.90 43.92 46.47
N ALA C 277 28.36 44.52 47.56
CA ALA C 277 29.81 44.67 47.80
C ALA C 277 30.46 43.33 48.19
N ILE C 278 29.76 42.56 48.99
CA ILE C 278 30.20 41.22 49.30
C ILE C 278 30.31 40.41 48.01
N LYS C 279 29.35 40.54 47.09
CA LYS C 279 29.35 39.74 45.85
C LYS C 279 30.50 40.11 44.97
N ALA C 280 30.74 41.41 44.85
CA ALA C 280 31.80 41.94 44.01
C ALA C 280 33.15 41.48 44.51
N ASN C 281 33.34 41.44 45.82
CA ASN C 281 34.59 40.99 46.40
C ASN C 281 34.75 39.48 46.36
N SER C 282 33.67 38.74 46.61
CA SER C 282 33.75 37.30 46.50
C SER C 282 34.11 36.87 45.10
N MET C 283 33.73 37.67 44.12
CA MET C 283 34.02 37.32 42.73
C MET C 283 35.51 37.55 42.48
N GLU C 284 36.03 38.64 43.04
CA GLU C 284 37.43 38.94 42.89
C GLU C 284 38.30 37.87 43.55
N LEU C 285 37.89 37.42 44.73
CA LEU C 285 38.58 36.34 45.44
C LEU C 285 38.51 35.03 44.69
N THR C 286 37.36 34.80 44.06
CA THR C 286 37.10 33.55 43.41
C THR C 286 37.82 33.46 42.07
N ALA C 287 37.76 34.52 41.28
CA ALA C 287 38.50 34.56 40.03
C ALA C 287 40.03 34.65 40.27
N GLY C 288 40.42 35.22 41.41
CA GLY C 288 41.83 35.51 41.68
C GLY C 288 42.61 34.42 42.37
N SER C 289 41.98 33.32 42.73
CA SER C 289 42.63 32.36 43.62
C SER C 289 42.97 31.05 42.93
N VAL C 290 43.11 31.08 41.62
CA VAL C 290 43.31 29.87 40.87
C VAL C 290 44.66 29.91 40.15
N ASP C 291 44.76 30.82 39.18
CA ASP C 291 45.94 30.91 38.29
C ASP C 291 47.08 31.52 39.03
N THR C 292 46.77 32.58 39.79
CA THR C 292 47.78 33.29 40.56
C THR C 292 48.53 32.37 41.50
N THR C 293 47.84 31.38 42.04
CA THR C 293 48.44 30.44 42.97
C THR C 293 49.01 29.21 42.28
N ALA C 294 48.40 28.80 41.18
CA ALA C 294 48.74 27.56 40.53
C ALA C 294 50.11 27.67 39.88
N PHE C 295 50.39 28.78 39.24
CA PHE C 295 51.59 28.88 38.44
C PHE C 295 52.87 28.92 39.28
N PRO C 296 52.92 29.79 40.32
CA PRO C 296 54.08 29.77 41.22
C PRO C 296 54.29 28.40 41.84
N LEU C 297 53.19 27.75 42.19
CA LEU C 297 53.27 26.40 42.75
C LEU C 297 53.90 25.40 41.75
N LEU C 298 53.64 25.58 40.46
CA LEU C 298 54.26 24.72 39.43
C LEU C 298 55.72 25.06 39.24
N MET C 299 56.05 26.33 39.39
CA MET C 299 57.40 26.77 39.18
C MET C 299 58.28 26.25 40.30
N THR C 300 57.71 26.19 41.52
CA THR C 300 58.42 25.64 42.67
C THR C 300 58.66 24.14 42.54
N LEU C 301 57.66 23.38 42.13
CA LEU C 301 57.86 21.94 41.87
C LEU C 301 58.98 21.81 40.85
N PHE C 302 58.96 22.69 39.85
CA PHE C 302 59.96 22.63 38.78
C PHE C 302 61.37 22.95 39.28
N GLU C 303 61.50 24.04 40.02
CA GLU C 303 62.80 24.39 40.56
C GLU C 303 63.29 23.38 41.58
N LEU C 304 62.38 22.67 42.29
CA LEU C 304 62.83 21.65 43.25
C LEU C 304 63.29 20.41 42.53
N ALA C 305 62.63 20.07 41.42
CA ALA C 305 63.03 18.91 40.60
C ALA C 305 64.39 19.13 39.92
N ARG C 306 64.72 20.39 39.72
CA ARG C 306 65.92 20.81 39.05
C ARG C 306 67.04 21.06 40.07
N ASN C 307 66.70 21.17 41.35
CA ASN C 307 67.69 21.39 42.43
C ASN C 307 67.58 20.32 43.53
N PRO C 308 67.99 19.07 43.22
CA PRO C 308 67.74 17.98 44.18
C PRO C 308 68.28 18.21 45.61
N ASP C 309 69.36 18.98 45.74
CA ASP C 309 69.92 19.32 47.04
C ASP C 309 69.00 20.27 47.81
N VAL C 310 68.51 21.30 47.13
CA VAL C 310 67.55 22.18 47.79
C VAL C 310 66.31 21.40 48.21
N GLN C 311 65.82 20.53 47.34
CA GLN C 311 64.62 19.74 47.66
C GLN C 311 64.84 18.90 48.91
N GLN C 312 66.00 18.27 49.02
CA GLN C 312 66.29 17.38 50.16
C GLN C 312 66.36 18.15 51.47
N ILE C 313 66.92 19.33 51.45
CA ILE C 313 66.88 20.17 52.64
C ILE C 313 65.41 20.43 53.03
N LEU C 314 64.58 20.82 52.06
CA LEU C 314 63.16 21.09 52.35
C LEU C 314 62.40 19.85 52.84
N ARG C 315 62.71 18.71 52.27
CA ARG C 315 62.10 17.47 52.73
C ARG C 315 62.45 17.18 54.18
N GLN C 316 63.73 17.28 54.54
CA GLN C 316 64.15 17.03 55.93
C GLN C 316 63.41 17.97 56.87
N GLU C 317 63.29 19.24 56.50
CA GLU C 317 62.47 20.13 57.27
C GLU C 317 61.04 19.61 57.39
N SER C 318 60.46 19.10 56.30
CA SER C 318 59.07 18.69 56.36
C SER C 318 58.86 17.34 57.06
N LEU C 319 59.80 16.41 56.94
CA LEU C 319 59.74 15.20 57.77
C LEU C 319 59.87 15.55 59.26
N ALA C 320 60.82 16.39 59.63
CA ALA C 320 61.00 16.79 61.05
C ALA C 320 59.74 17.40 61.66
N ALA C 321 59.00 18.16 60.87
CA ALA C 321 57.87 18.92 61.39
C ALA C 321 56.55 18.22 61.15
N ALA C 322 56.60 17.01 60.59
CA ALA C 322 55.41 16.34 60.12
C ALA C 322 54.37 16.01 61.21
N ALA C 323 54.81 15.49 62.35
CA ALA C 323 53.87 15.10 63.43
C ALA C 323 53.25 16.34 64.07
N SER C 324 54.09 17.30 64.38
CA SER C 324 53.64 18.57 64.93
C SER C 324 52.56 19.24 64.06
N ILE C 325 52.78 19.30 62.74
CA ILE C 325 51.80 19.87 61.79
C ILE C 325 50.52 19.03 61.67
N SER C 326 50.63 17.70 61.67
CA SER C 326 49.42 16.86 61.72
C SER C 326 48.54 17.18 62.93
N GLU C 327 49.18 17.32 64.09
CA GLU C 327 48.48 17.70 65.32
C GLU C 327 47.83 19.07 65.15
N HIS C 328 48.63 20.09 64.85
CA HIS C 328 48.11 21.43 64.56
C HIS C 328 48.53 21.97 63.22
N PRO C 329 47.65 21.85 62.21
CA PRO C 329 48.01 22.33 60.88
C PRO C 329 48.41 23.80 60.85
N GLN C 330 47.87 24.56 61.81
CA GLN C 330 48.19 25.98 61.97
C GLN C 330 49.66 26.28 62.26
N LYS C 331 50.43 25.27 62.65
CA LYS C 331 51.85 25.47 62.92
C LYS C 331 52.69 25.49 61.66
N ALA C 332 52.10 25.08 60.54
CA ALA C 332 52.80 25.08 59.26
C ALA C 332 53.52 26.41 59.04
N THR C 333 52.81 27.51 59.32
CA THR C 333 53.34 28.84 59.10
C THR C 333 54.72 28.97 59.76
N THR C 334 54.80 28.63 61.04
CA THR C 334 56.04 28.85 61.80
C THR C 334 57.02 27.68 61.79
N GLU C 335 56.58 26.45 61.55
CA GLU C 335 57.53 25.31 61.53
C GLU C 335 58.19 25.07 60.15
N LEU C 336 57.82 25.79 59.11
CA LEU C 336 58.39 25.50 57.81
C LEU C 336 59.05 26.72 57.19
N PRO C 337 60.08 27.26 57.87
CA PRO C 337 60.68 28.50 57.38
C PRO C 337 61.49 28.34 56.11
N LEU C 338 62.09 27.18 55.90
CA LEU C 338 62.88 26.99 54.67
C LEU C 338 61.94 26.88 53.47
N LEU C 339 60.80 26.22 53.68
CA LEU C 339 59.83 26.03 52.61
C LEU C 339 59.16 27.37 52.29
N ARG C 340 58.90 28.18 53.30
CA ARG C 340 58.42 29.56 53.07
C ARG C 340 59.43 30.42 52.31
N ALA C 341 60.70 30.30 52.64
CA ALA C 341 61.76 30.97 51.89
C ALA C 341 61.82 30.51 50.41
N ALA C 342 61.54 29.24 50.16
CA ALA C 342 61.53 28.70 48.80
C ALA C 342 60.48 29.44 47.94
N LEU C 343 59.31 29.66 48.56
CA LEU C 343 58.23 30.37 47.89
C LEU C 343 58.66 31.77 47.49
N LYS C 344 59.33 32.48 48.39
CA LYS C 344 59.83 33.82 48.09
C LYS C 344 60.83 33.75 46.97
N GLU C 345 61.58 32.66 46.93
CA GLU C 345 62.59 32.50 45.90
C GLU C 345 61.92 32.25 44.53
N THR C 346 60.88 31.42 44.52
CA THR C 346 60.08 31.26 43.34
C THR C 346 59.56 32.58 42.84
N LEU C 347 59.03 33.39 43.74
CA LEU C 347 58.40 34.65 43.34
C LEU C 347 59.38 35.77 42.99
N ARG C 348 60.63 35.62 43.42
CA ARG C 348 61.71 36.51 42.98
C ARG C 348 61.97 36.30 41.52
N LEU C 349 61.95 35.04 41.10
CA LEU C 349 62.36 34.65 39.75
C LEU C 349 61.18 34.65 38.83
N TYR C 350 60.03 34.18 39.32
CA TYR C 350 58.84 34.05 38.51
C TYR C 350 57.65 34.80 39.12
N PRO C 351 57.72 36.13 39.20
CA PRO C 351 56.62 36.91 39.78
C PRO C 351 55.33 36.79 38.96
N VAL C 352 54.22 36.38 39.61
CA VAL C 352 52.93 36.20 38.96
C VAL C 352 52.51 37.52 38.39
N GLY C 353 52.72 38.55 39.17
CA GLY C 353 52.40 39.90 38.77
C GLY C 353 53.70 40.56 38.37
N LEU C 354 53.81 40.85 37.09
CA LEU C 354 55.01 41.33 36.51
C LEU C 354 55.36 42.70 37.03
N PHE C 355 54.36 43.57 37.20
CA PHE C 355 54.65 44.92 37.68
C PHE C 355 53.65 45.45 38.69
N LEU C 356 54.15 46.24 39.63
CA LEU C 356 53.32 47.00 40.54
C LEU C 356 53.07 48.31 39.84
N GLU C 357 52.11 49.08 40.33
CA GLU C 357 51.83 50.39 39.73
C GLU C 357 51.07 51.34 40.67
N ARG C 358 51.37 52.62 40.56
CA ARG C 358 50.74 53.66 41.39
C ARG C 358 50.61 54.94 40.59
N VAL C 359 49.41 55.49 40.52
CA VAL C 359 49.25 56.83 39.95
C VAL C 359 49.43 57.72 41.11
N VAL C 360 50.56 58.41 41.10
CA VAL C 360 51.06 59.09 42.27
C VAL C 360 50.27 60.37 42.55
N SER C 361 49.93 60.60 43.81
CA SER C 361 49.08 61.75 44.21
C SER C 361 49.87 62.92 44.82
N SER C 362 51.20 62.78 44.94
CA SER C 362 52.12 63.85 45.40
C SER C 362 53.36 63.89 44.52
N ASP C 363 53.99 65.06 44.40
CA ASP C 363 55.30 65.15 43.76
C ASP C 363 56.31 64.25 44.50
N LEU C 364 57.29 63.76 43.73
CA LEU C 364 58.17 62.69 44.16
C LEU C 364 59.55 62.79 43.47
N VAL C 365 60.58 62.18 44.06
CA VAL C 365 61.89 62.13 43.41
C VAL C 365 62.44 60.71 43.39
N LEU C 366 62.70 60.19 42.19
CA LEU C 366 63.25 58.87 42.00
C LEU C 366 64.50 58.94 41.17
N GLN C 367 65.55 58.27 41.65
CA GLN C 367 66.83 58.23 40.93
C GLN C 367 67.30 59.65 40.59
N ASN C 368 67.07 60.58 41.52
CA ASN C 368 67.42 61.98 41.33
C ASN C 368 66.77 62.61 40.09
N TYR C 369 65.51 62.26 39.82
CA TYR C 369 64.69 62.93 38.81
C TYR C 369 63.40 63.41 39.47
N HIS C 370 62.86 64.54 39.00
CA HIS C 370 61.59 65.06 39.45
C HIS C 370 60.49 64.20 38.89
N ILE C 371 59.60 63.72 39.75
CA ILE C 371 58.42 62.92 39.33
C ILE C 371 57.15 63.67 39.73
N PRO C 372 56.52 64.34 38.75
CA PRO C 372 55.36 65.16 39.06
C PRO C 372 54.14 64.36 39.49
N ALA C 373 53.36 64.97 40.38
CA ALA C 373 52.05 64.45 40.81
C ALA C 373 51.27 63.99 39.59
N GLY C 374 50.59 62.85 39.72
CA GLY C 374 49.77 62.28 38.62
C GLY C 374 50.50 61.39 37.62
N THR C 375 51.75 61.04 37.89
CA THR C 375 52.54 60.17 37.01
C THR C 375 52.28 58.69 37.35
N LEU C 376 52.19 57.86 36.33
CA LEU C 376 52.06 56.40 36.53
C LEU C 376 53.47 55.83 36.72
N VAL C 377 53.74 55.34 37.93
CA VAL C 377 55.01 54.70 38.25
C VAL C 377 54.80 53.20 38.23
N GLN C 378 55.46 52.50 37.30
CA GLN C 378 55.45 51.04 37.30
C GLN C 378 56.75 50.49 37.92
N VAL C 379 56.61 49.50 38.80
CA VAL C 379 57.75 48.75 39.31
C VAL C 379 57.78 47.37 38.64
N PHE C 380 58.82 47.08 37.85
CA PHE C 380 58.91 45.79 37.17
C PHE C 380 59.71 44.81 37.97
N LEU C 381 59.00 43.80 38.49
CA LEU C 381 59.55 42.90 39.48
C LEU C 381 60.48 41.89 38.84
N TYR C 382 60.19 41.46 37.62
CA TYR C 382 61.07 40.53 36.90
C TYR C 382 62.53 40.98 36.92
N SER C 383 62.75 42.27 36.70
CA SER C 383 64.08 42.86 36.71
C SER C 383 64.52 43.11 38.12
N LEU C 384 63.63 43.61 38.95
CA LEU C 384 63.97 43.88 40.34
C LEU C 384 64.59 42.64 40.99
N GLY C 385 63.99 41.49 40.75
CA GLY C 385 64.43 40.22 41.29
C GLY C 385 65.66 39.60 40.63
N ARG C 386 65.98 40.03 39.40
CA ARG C 386 67.19 39.52 38.70
C ARG C 386 68.38 40.46 38.74
N ASN C 387 68.29 41.53 39.53
CA ASN C 387 69.41 42.42 39.72
C ASN C 387 70.55 41.69 40.43
N ALA C 388 71.51 41.19 39.66
CA ALA C 388 72.68 40.48 40.22
C ALA C 388 73.35 41.27 41.36
N ALA C 389 73.43 42.58 41.19
CA ALA C 389 74.03 43.45 42.20
C ALA C 389 73.34 43.33 43.56
N LEU C 390 72.04 43.02 43.56
CA LEU C 390 71.28 42.92 44.79
C LEU C 390 70.99 41.48 45.18
N PHE C 391 70.98 40.58 44.20
CA PHE C 391 70.79 39.17 44.45
C PHE C 391 71.88 38.38 43.73
N PRO C 392 73.00 38.14 44.41
CA PRO C 392 74.13 37.41 43.81
C PRO C 392 73.72 36.13 43.11
N ARG C 393 74.32 35.88 41.94
CA ARG C 393 74.05 34.66 41.17
C ARG C 393 72.57 34.48 41.05
N PRO C 394 71.88 35.48 40.50
CA PRO C 394 70.44 35.54 40.54
C PRO C 394 69.80 34.39 39.78
N GLU C 395 70.56 33.69 38.96
CA GLU C 395 70.00 32.58 38.22
C GLU C 395 69.92 31.36 39.12
N ARG C 396 70.43 31.45 40.36
CA ARG C 396 70.40 30.31 41.26
C ARG C 396 69.23 30.31 42.28
N TYR C 397 68.55 29.15 42.35
CA TYR C 397 67.42 28.96 43.26
C TYR C 397 67.94 28.61 44.62
N ASN C 398 67.93 29.58 45.51
CA ASN C 398 68.52 29.44 46.84
C ASN C 398 67.61 30.06 47.88
N PRO C 399 66.78 29.23 48.50
CA PRO C 399 65.90 29.73 49.53
C PRO C 399 66.65 30.41 50.69
N GLN C 400 67.95 30.09 50.89
CA GLN C 400 68.70 30.62 52.04
C GLN C 400 68.85 32.14 52.07
N ARG C 401 68.79 32.78 50.89
CA ARG C 401 68.73 34.25 50.79
C ARG C 401 67.78 34.87 51.79
N TRP C 402 66.73 34.15 52.18
CA TRP C 402 65.61 34.77 52.86
C TRP C 402 65.54 34.48 54.33
N LEU C 403 66.59 33.90 54.90
CA LEU C 403 66.60 33.61 56.37
C LEU C 403 67.12 34.76 57.28
N ASP C 404 67.91 35.70 56.72
CA ASP C 404 68.51 36.82 57.52
C ASP C 404 67.55 37.43 58.57
N PHE C 412 62.14 45.38 51.70
CA PHE C 412 61.71 45.86 50.37
C PHE C 412 62.39 45.14 49.22
N HIS C 413 62.95 43.96 49.49
CA HIS C 413 63.50 43.09 48.46
C HIS C 413 62.49 42.08 48.00
N HIS C 414 61.51 41.79 48.86
CA HIS C 414 60.43 40.85 48.59
C HIS C 414 59.15 41.64 48.48
N VAL C 415 58.85 42.11 47.26
CA VAL C 415 57.63 42.89 47.03
C VAL C 415 56.68 42.29 45.98
N PRO C 416 56.66 40.95 45.81
CA PRO C 416 55.80 40.35 44.77
C PRO C 416 54.32 40.34 45.09
N PHE C 417 53.97 40.70 46.33
CA PHE C 417 52.57 40.97 46.70
C PHE C 417 52.36 42.47 46.86
N GLY C 418 53.30 43.27 46.37
CA GLY C 418 53.21 44.73 46.51
C GLY C 418 53.50 45.16 47.93
N PHE C 419 52.87 46.23 48.37
CA PHE C 419 53.23 46.85 49.61
C PHE C 419 52.12 47.77 50.03
N GLY C 420 52.16 48.17 51.30
CA GLY C 420 51.26 49.19 51.82
C GLY C 420 49.89 48.64 52.09
N MET C 421 48.93 49.55 52.23
CA MET C 421 47.53 49.19 52.46
C MET C 421 46.85 48.44 51.28
N ARG C 422 47.43 48.58 50.08
CA ARG C 422 46.96 47.88 48.87
C ARG C 422 47.69 46.57 48.57
N GLN C 423 48.62 46.15 49.43
CA GLN C 423 49.29 44.87 49.25
C GLN C 423 48.25 43.75 49.08
N CYS C 424 48.64 42.71 48.37
CA CYS C 424 47.76 41.60 48.04
C CYS C 424 46.89 41.21 49.20
N LEU C 425 45.59 41.12 48.94
CA LEU C 425 44.61 40.73 49.96
C LEU C 425 44.65 39.23 50.20
N GLY C 426 45.04 38.46 49.18
CA GLY C 426 45.03 36.98 49.26
C GLY C 426 46.36 36.34 49.65
N ARG C 427 47.32 37.16 50.01
CA ARG C 427 48.67 36.71 50.17
C ARG C 427 48.74 35.55 51.13
N ARG C 428 48.03 35.65 52.25
CA ARG C 428 48.14 34.61 53.26
C ARG C 428 47.43 33.33 52.86
N LEU C 429 46.33 33.44 52.12
CA LEU C 429 45.64 32.24 51.57
C LEU C 429 46.49 31.63 50.49
N ALA C 430 47.01 32.47 49.61
CA ALA C 430 47.91 32.03 48.55
C ALA C 430 49.10 31.28 49.15
N GLU C 431 49.77 31.92 50.11
CA GLU C 431 50.93 31.31 50.75
C GLU C 431 50.56 29.99 51.37
N ALA C 432 49.46 29.97 52.13
CA ALA C 432 49.00 28.73 52.78
C ALA C 432 48.77 27.56 51.80
N GLU C 433 48.12 27.81 50.69
CA GLU C 433 47.80 26.75 49.75
C GLU C 433 49.05 26.17 49.15
N MET C 434 49.99 27.04 48.81
CA MET C 434 51.23 26.60 48.22
C MET C 434 52.06 25.83 49.23
N LEU C 435 52.21 26.43 50.41
CA LEU C 435 53.02 25.86 51.48
C LEU C 435 52.58 24.44 51.77
N LEU C 436 51.30 24.27 51.98
CA LEU C 436 50.80 22.98 52.41
C LEU C 436 50.81 21.90 51.34
N LEU C 437 50.68 22.27 50.08
CA LEU C 437 50.71 21.29 49.06
C LEU C 437 52.12 20.75 49.00
N LEU C 438 53.08 21.66 48.97
CA LEU C 438 54.47 21.27 48.90
C LEU C 438 54.84 20.45 50.11
N HIS C 439 54.39 20.88 51.27
CA HIS C 439 54.68 20.13 52.49
C HIS C 439 54.28 18.66 52.38
N HIS C 440 53.07 18.41 51.88
CA HIS C 440 52.63 17.02 51.81
C HIS C 440 53.29 16.25 50.70
N VAL C 441 53.68 16.92 49.61
CA VAL C 441 54.37 16.22 48.52
C VAL C 441 55.79 15.83 48.98
N LEU C 442 56.49 16.76 49.61
CA LEU C 442 57.85 16.50 50.12
C LEU C 442 57.90 15.34 51.13
N LYS C 443 56.90 15.23 51.99
CA LYS C 443 56.82 14.09 52.93
C LYS C 443 56.84 12.76 52.19
N HIS C 444 56.18 12.68 51.05
CA HIS C 444 55.87 11.40 50.43
C HIS C 444 56.55 11.14 49.12
N PHE C 445 57.05 12.17 48.44
CA PHE C 445 57.64 11.96 47.10
C PHE C 445 58.98 12.62 46.86
N LEU C 446 59.85 11.92 46.14
CA LEU C 446 60.94 12.58 45.40
C LEU C 446 60.34 13.10 44.07
N VAL C 447 60.88 14.20 43.56
CA VAL C 447 60.38 14.86 42.36
C VAL C 447 61.52 15.14 41.40
N GLU C 448 61.42 14.60 40.19
CA GLU C 448 62.57 14.43 39.29
C GLU C 448 62.24 14.86 37.85
N THR C 449 63.25 15.32 37.09
CA THR C 449 63.05 15.67 35.68
C THR C 449 64.32 15.60 34.91
N LEU C 450 64.22 15.14 33.68
CA LEU C 450 65.31 15.25 32.74
C LEU C 450 65.32 16.63 32.12
N THR C 451 64.17 17.30 32.12
CA THR C 451 63.99 18.62 31.54
C THR C 451 64.59 19.72 32.42
N GLN C 452 65.89 19.95 32.27
CA GLN C 452 66.62 20.85 33.17
C GLN C 452 66.77 22.29 32.59
N GLU C 453 66.39 22.53 31.34
CA GLU C 453 66.57 23.87 30.77
C GLU C 453 65.42 24.82 31.14
N ASP C 454 65.75 26.09 31.32
CA ASP C 454 64.77 27.09 31.76
C ASP C 454 63.47 27.04 30.97
N ILE C 455 62.36 27.15 31.70
CA ILE C 455 61.06 27.32 31.07
C ILE C 455 60.95 28.75 30.61
N LYS C 456 60.46 28.97 29.40
CA LYS C 456 60.16 30.32 28.94
C LYS C 456 58.88 30.81 29.58
N MET C 457 58.95 31.96 30.23
CA MET C 457 57.77 32.59 30.79
C MET C 457 57.08 33.43 29.72
N VAL C 458 55.76 33.46 29.79
CA VAL C 458 54.94 34.22 28.86
C VAL C 458 54.08 35.21 29.63
N TYR C 459 53.98 36.45 29.15
CA TYR C 459 53.07 37.44 29.77
C TYR C 459 51.72 37.42 29.09
N SER C 460 50.70 37.00 29.81
CA SER C 460 49.32 37.29 29.44
C SER C 460 48.59 37.76 30.69
N PHE C 461 48.85 39.02 31.02
CA PHE C 461 48.40 39.65 32.27
C PHE C 461 49.06 39.09 33.52
N ILE C 462 48.88 37.80 33.76
CA ILE C 462 49.71 37.11 34.73
C ILE C 462 50.93 36.64 33.95
N LEU C 463 52.07 36.50 34.63
CA LEU C 463 53.29 35.97 34.01
C LEU C 463 53.32 34.49 34.33
N ARG C 464 53.26 33.65 33.30
CA ARG C 464 53.13 32.22 33.49
C ARG C 464 54.11 31.44 32.63
N PRO C 465 54.44 30.20 33.03
CA PRO C 465 55.31 29.37 32.18
C PRO C 465 54.67 29.03 30.85
N GLY C 466 55.47 28.99 29.79
CA GLY C 466 55.01 28.63 28.46
C GLY C 466 54.92 27.15 28.20
N THR C 467 55.65 26.34 28.97
CA THR C 467 55.57 24.88 28.83
C THR C 467 55.39 24.30 30.20
N SER C 468 55.03 23.02 30.23
CA SER C 468 54.77 22.30 31.45
C SER C 468 55.59 21.02 31.38
N PRO C 469 56.72 20.97 32.06
CA PRO C 469 57.63 19.86 31.88
C PRO C 469 57.13 18.59 32.56
N LEU C 470 57.62 17.46 32.08
CA LEU C 470 57.22 16.17 32.60
C LEU C 470 57.93 15.92 33.94
N LEU C 471 57.18 15.82 35.04
CA LEU C 471 57.77 15.53 36.34
C LEU C 471 57.47 14.13 36.80
N THR C 472 58.46 13.48 37.41
CA THR C 472 58.26 12.19 38.02
C THR C 472 58.10 12.37 39.51
N PHE C 473 57.16 11.64 40.07
CA PHE C 473 56.92 11.59 41.49
C PHE C 473 57.15 10.16 41.90
N ARG C 474 58.15 9.97 42.77
CA ARG C 474 58.56 8.66 43.25
C ARG C 474 58.29 8.55 44.75
N ALA C 475 57.40 7.63 45.12
CA ALA C 475 57.09 7.33 46.56
C ALA C 475 58.37 6.97 47.28
N ILE C 476 58.59 7.57 48.45
CA ILE C 476 59.90 7.50 49.14
C ILE C 476 60.13 6.14 49.78
N THR D 8 -40.45 38.75 -0.43
CA THR D 8 -39.94 38.14 -1.71
C THR D 8 -38.40 38.14 -1.79
N VAL D 9 -37.73 38.76 -0.82
CA VAL D 9 -36.26 38.96 -0.89
C VAL D 9 -35.53 38.00 0.03
N LEU D 10 -34.79 37.06 -0.54
CA LEU D 10 -34.05 36.09 0.30
C LEU D 10 -32.97 36.83 1.11
N PRO D 11 -32.90 36.57 2.45
CA PRO D 11 -31.89 37.27 3.22
C PRO D 11 -30.47 36.79 2.87
N PHE D 12 -29.47 37.57 3.28
CA PHE D 12 -28.10 37.36 2.86
C PHE D 12 -27.57 35.93 3.00
N GLU D 13 -27.90 35.24 4.09
CA GLU D 13 -27.31 33.90 4.37
C GLU D 13 -28.02 32.76 3.61
N ALA D 14 -29.22 33.02 3.09
CA ALA D 14 -29.86 32.08 2.15
C ALA D 14 -28.86 31.71 1.06
N MET D 15 -28.26 32.75 0.49
CA MET D 15 -27.29 32.63 -0.58
C MET D 15 -26.30 31.51 -0.37
N PRO D 16 -26.03 30.72 -1.43
CA PRO D 16 -25.06 29.62 -1.34
C PRO D 16 -23.65 30.07 -0.93
N GLN D 17 -22.82 29.11 -0.55
CA GLN D 17 -21.56 29.41 0.11
C GLN D 17 -20.41 28.69 -0.54
N HIS D 18 -19.35 29.42 -0.84
CA HIS D 18 -18.11 28.80 -1.27
C HIS D 18 -17.73 27.76 -0.24
N PRO D 19 -17.30 26.57 -0.68
CA PRO D 19 -16.94 25.53 0.30
C PRO D 19 -15.75 25.90 1.21
N GLY D 20 -14.67 26.39 0.61
CA GLY D 20 -13.43 26.65 1.33
C GLY D 20 -13.48 27.76 2.38
N ASN D 21 -12.38 27.84 3.13
CA ASN D 21 -12.22 28.80 4.24
C ASN D 21 -10.89 29.55 4.11
N ARG D 22 -10.87 30.78 4.62
CA ARG D 22 -9.75 31.69 4.39
C ARG D 22 -8.41 31.25 4.97
N TRP D 23 -8.46 30.34 5.95
CA TRP D 23 -7.23 29.87 6.58
C TRP D 23 -6.53 28.84 5.72
N LEU D 24 -7.27 27.88 5.19
CA LEU D 24 -6.66 26.95 4.22
C LEU D 24 -6.07 27.75 3.07
N ARG D 25 -6.90 28.67 2.55
CA ARG D 25 -6.48 29.55 1.48
C ARG D 25 -5.10 30.15 1.77
N LEU D 26 -4.94 30.86 2.89
CA LEU D 26 -3.66 31.57 3.11
C LEU D 26 -2.47 30.62 3.33
N LEU D 27 -2.71 29.53 4.03
CA LEU D 27 -1.70 28.48 4.16
C LEU D 27 -1.32 27.92 2.79
N GLN D 28 -2.32 27.61 1.98
CA GLN D 28 -2.07 27.16 0.59
C GLN D 28 -1.16 28.14 -0.16
N ILE D 29 -1.50 29.43 -0.07
CA ILE D 29 -0.71 30.48 -0.71
C ILE D 29 0.68 30.58 -0.10
N TRP D 30 0.80 30.42 1.22
CA TRP D 30 2.12 30.41 1.86
C TRP D 30 2.97 29.27 1.31
N ARG D 31 2.33 28.14 1.03
CA ARG D 31 3.02 26.94 0.54
C ARG D 31 3.32 27.06 -0.96
N GLU D 32 2.29 27.33 -1.75
CA GLU D 32 2.45 27.46 -3.20
C GLU D 32 3.22 28.73 -3.59
N GLN D 33 3.28 29.71 -2.68
CA GLN D 33 3.92 31.00 -2.94
C GLN D 33 3.16 31.73 -4.04
N GLY D 34 1.86 31.53 -4.06
CA GLY D 34 1.03 32.09 -5.10
C GLY D 34 -0.41 31.59 -5.07
N TYR D 35 -1.17 31.92 -6.10
CA TYR D 35 -2.58 31.55 -6.19
C TYR D 35 -2.99 31.56 -7.67
N GLU D 36 -2.23 30.82 -8.46
CA GLU D 36 -2.26 30.92 -9.90
C GLU D 36 -3.56 30.47 -10.54
N HIS D 37 -4.38 29.75 -9.78
CA HIS D 37 -5.59 29.12 -10.32
C HIS D 37 -6.81 29.86 -9.86
N LEU D 38 -6.64 31.03 -9.28
CA LEU D 38 -7.81 31.71 -8.70
C LEU D 38 -8.95 31.78 -9.70
N HIS D 39 -8.64 32.04 -10.97
CA HIS D 39 -9.67 32.20 -11.99
C HIS D 39 -10.46 30.94 -12.23
N LEU D 40 -9.75 29.85 -12.42
CA LEU D 40 -10.38 28.57 -12.66
C LEU D 40 -11.24 28.13 -11.46
N GLU D 41 -10.69 28.25 -10.25
CA GLU D 41 -11.42 27.93 -9.01
C GLU D 41 -12.74 28.67 -8.91
N MET D 42 -12.69 29.98 -9.08
CA MET D 42 -13.92 30.77 -8.97
C MET D 42 -14.90 30.42 -10.07
N HIS D 43 -14.38 30.12 -11.26
CA HIS D 43 -15.21 29.73 -12.39
C HIS D 43 -15.98 28.47 -12.06
N GLN D 44 -15.27 27.42 -11.63
CA GLN D 44 -15.99 26.17 -11.31
C GLN D 44 -16.89 26.31 -10.08
N THR D 45 -16.61 27.29 -9.21
CA THR D 45 -17.53 27.60 -8.13
C THR D 45 -18.82 28.17 -8.66
N PHE D 46 -18.74 29.01 -9.68
CA PHE D 46 -19.96 29.57 -10.26
C PHE D 46 -20.82 28.51 -10.97
N GLN D 47 -20.18 27.64 -11.77
CA GLN D 47 -20.89 26.53 -12.40
C GLN D 47 -21.70 25.80 -11.35
N GLU D 48 -21.02 25.46 -10.26
CA GLU D 48 -21.49 24.51 -9.25
C GLU D 48 -22.57 25.09 -8.36
N LEU D 49 -22.42 26.34 -7.94
CA LEU D 49 -23.31 26.90 -6.92
C LEU D 49 -24.28 27.93 -7.47
N GLY D 50 -24.10 28.30 -8.73
CA GLY D 50 -24.94 29.33 -9.33
C GLY D 50 -24.23 30.64 -9.66
N PRO D 51 -24.99 31.61 -10.18
CA PRO D 51 -24.42 32.88 -10.65
C PRO D 51 -24.08 33.89 -9.53
N ILE D 52 -24.19 33.46 -8.27
CA ILE D 52 -23.88 34.31 -7.14
C ILE D 52 -23.58 33.47 -5.87
N PHE D 53 -22.52 33.83 -5.15
CA PHE D 53 -22.26 33.22 -3.85
C PHE D 53 -21.48 34.10 -2.89
N ARG D 54 -21.66 33.81 -1.60
CA ARG D 54 -20.94 34.47 -0.51
C ARG D 54 -19.71 33.66 -0.10
N TYR D 55 -18.69 34.36 0.36
CA TYR D 55 -17.48 33.72 0.85
C TYR D 55 -17.38 33.99 2.35
N ASN D 56 -16.93 33.00 3.09
CA ASN D 56 -16.83 33.14 4.54
C ASN D 56 -15.55 33.88 4.90
N LEU D 57 -15.72 35.15 5.28
CA LEU D 57 -14.68 35.97 5.87
C LEU D 57 -14.81 36.00 7.41
N GLY D 58 -15.79 35.26 7.93
CA GLY D 58 -15.98 35.10 9.37
C GLY D 58 -16.47 36.36 10.04
N GLY D 59 -17.58 36.89 9.52
CA GLY D 59 -18.15 38.15 10.00
C GLY D 59 -18.34 39.11 8.85
N PRO D 60 -17.23 39.57 8.23
CA PRO D 60 -17.37 40.48 7.09
C PRO D 60 -18.09 39.82 5.90
N ARG D 61 -18.85 40.62 5.17
CA ARG D 61 -19.68 40.15 4.08
C ARG D 61 -18.99 40.31 2.73
N MET D 62 -18.92 39.21 1.98
CA MET D 62 -18.34 39.21 0.65
C MET D 62 -19.22 38.43 -0.31
N VAL D 63 -19.59 39.06 -1.41
CA VAL D 63 -20.34 38.39 -2.47
C VAL D 63 -19.54 38.35 -3.74
N CYS D 64 -19.70 37.27 -4.49
CA CYS D 64 -19.09 37.09 -5.80
C CYS D 64 -20.18 36.96 -6.85
N VAL D 65 -20.06 37.70 -7.95
CA VAL D 65 -21.04 37.64 -9.02
C VAL D 65 -20.38 37.52 -10.37
N MET D 66 -21.17 37.26 -11.41
CA MET D 66 -20.66 37.08 -12.77
C MET D 66 -21.58 37.61 -13.88
N LEU D 67 -22.70 38.26 -13.55
CA LEU D 67 -23.70 38.70 -14.55
C LEU D 67 -23.74 40.22 -14.77
N PRO D 68 -23.87 40.66 -16.05
CA PRO D 68 -24.08 42.06 -16.39
C PRO D 68 -25.23 42.68 -15.61
N GLU D 69 -26.37 41.99 -15.65
CA GLU D 69 -27.51 42.26 -14.80
C GLU D 69 -27.10 42.78 -13.41
N ASP D 70 -26.16 42.06 -12.77
CA ASP D 70 -25.66 42.37 -11.43
C ASP D 70 -24.70 43.57 -11.39
N VAL D 71 -23.91 43.74 -12.47
CA VAL D 71 -23.02 44.89 -12.62
C VAL D 71 -23.81 46.18 -12.77
N GLU D 72 -24.93 46.11 -13.49
CA GLU D 72 -25.74 47.30 -13.76
C GLU D 72 -26.25 47.88 -12.45
N LYS D 73 -26.66 47.00 -11.54
CA LYS D 73 -27.15 47.41 -10.21
C LYS D 73 -26.02 47.68 -9.24
N LEU D 74 -24.84 47.11 -9.49
CA LEU D 74 -23.66 47.48 -8.73
C LEU D 74 -23.32 48.95 -9.00
N GLN D 75 -23.41 49.38 -10.26
CA GLN D 75 -23.20 50.79 -10.59
C GLN D 75 -24.29 51.71 -10.04
N GLN D 76 -25.54 51.30 -10.12
CA GLN D 76 -26.60 52.19 -9.63
C GLN D 76 -26.43 52.52 -8.14
N VAL D 77 -25.82 51.61 -7.39
CA VAL D 77 -25.47 51.84 -5.99
C VAL D 77 -24.05 52.44 -5.81
N ASP D 78 -23.39 52.88 -6.91
CA ASP D 78 -22.16 53.69 -6.79
C ASP D 78 -22.57 55.00 -6.16
N SER D 79 -21.82 55.42 -5.16
CA SER D 79 -22.03 56.70 -4.53
C SER D 79 -21.35 57.80 -5.34
N LEU D 80 -21.21 58.97 -4.74
CA LEU D 80 -20.30 60.01 -5.23
C LEU D 80 -18.82 59.62 -4.97
N HIS D 81 -18.59 58.74 -3.99
CA HIS D 81 -17.27 58.22 -3.69
C HIS D 81 -17.28 56.73 -3.65
N PRO D 82 -17.24 56.08 -4.82
CA PRO D 82 -17.20 54.62 -4.84
C PRO D 82 -15.93 54.04 -4.18
N CYS D 83 -16.09 53.09 -3.28
CA CYS D 83 -14.96 52.54 -2.53
C CYS D 83 -14.61 51.16 -2.97
N ARG D 84 -13.32 50.92 -3.12
CA ARG D 84 -12.77 49.56 -3.25
C ARG D 84 -12.06 49.17 -1.94
N MET D 85 -11.65 47.90 -1.83
CA MET D 85 -10.93 47.42 -0.65
C MET D 85 -9.52 48.01 -0.56
N ILE D 86 -9.09 48.30 0.66
CA ILE D 86 -7.72 48.73 0.91
C ILE D 86 -6.78 47.66 0.39
N LEU D 87 -6.01 47.97 -0.64
CA LEU D 87 -4.94 47.09 -1.06
C LEU D 87 -3.74 47.34 -0.14
N GLU D 88 -3.71 46.61 0.98
CA GLU D 88 -2.79 46.90 2.08
C GLU D 88 -1.29 46.90 1.73
N PRO D 89 -0.81 45.88 1.03
CA PRO D 89 0.59 45.87 0.65
C PRO D 89 1.05 47.12 -0.08
N TRP D 90 0.23 47.60 -1.01
CA TRP D 90 0.57 48.77 -1.81
C TRP D 90 0.52 50.05 -1.01
N VAL D 91 -0.48 50.21 -0.18
CA VAL D 91 -0.57 51.40 0.69
C VAL D 91 0.54 51.41 1.77
N ALA D 92 0.93 50.23 2.23
CA ALA D 92 1.98 50.12 3.23
C ALA D 92 3.33 50.59 2.68
N TYR D 93 3.58 50.38 1.39
CA TYR D 93 4.79 50.91 0.79
C TYR D 93 4.75 52.40 0.78
N ARG D 94 3.60 52.96 0.48
CA ARG D 94 3.53 54.40 0.36
C ARG D 94 3.84 54.99 1.73
N GLN D 95 3.27 54.39 2.77
CA GLN D 95 3.44 54.88 4.14
C GLN D 95 4.88 54.72 4.57
N HIS D 96 5.43 53.52 4.42
CA HIS D 96 6.85 53.27 4.73
C HIS D 96 7.81 54.28 4.14
N ARG D 97 7.58 54.75 2.92
CA ARG D 97 8.52 55.70 2.26
C ARG D 97 8.12 57.18 2.31
N GLY D 98 6.93 57.49 2.85
CA GLY D 98 6.49 58.87 2.97
C GLY D 98 5.84 59.45 1.73
N HIS D 99 5.33 58.62 0.85
CA HIS D 99 4.68 59.10 -0.35
C HIS D 99 3.21 59.19 -0.17
N LYS D 100 2.58 59.88 -1.09
CA LYS D 100 1.15 60.03 -1.08
C LYS D 100 0.59 58.90 -1.91
N CYS D 101 -0.70 58.63 -1.76
CA CYS D 101 -1.37 57.62 -2.58
C CYS D 101 -1.97 58.28 -3.81
N GLY D 102 -1.90 57.59 -4.94
CA GLY D 102 -2.52 58.03 -6.16
C GLY D 102 -3.92 57.44 -6.27
N VAL D 103 -4.55 57.66 -7.41
CA VAL D 103 -5.99 57.50 -7.47
C VAL D 103 -6.49 56.06 -7.24
N PHE D 104 -5.73 55.08 -7.69
CA PHE D 104 -6.13 53.69 -7.50
C PHE D 104 -6.26 53.29 -6.01
N LEU D 105 -5.46 53.93 -5.15
CA LEU D 105 -5.39 53.55 -3.75
C LEU D 105 -6.06 54.57 -2.83
N LEU D 106 -6.75 55.54 -3.42
CA LEU D 106 -7.49 56.51 -2.66
C LEU D 106 -8.96 56.08 -2.55
N ASN D 107 -9.61 56.47 -1.47
CA ASN D 107 -11.07 56.43 -1.38
C ASN D 107 -11.56 57.80 -0.98
N GLY D 108 -12.85 58.07 -1.17
CA GLY D 108 -13.47 59.25 -0.58
C GLY D 108 -13.17 60.56 -1.29
N PRO D 109 -13.30 61.68 -0.57
CA PRO D 109 -13.13 63.00 -1.20
C PRO D 109 -11.76 63.24 -1.83
N GLU D 110 -10.72 62.69 -1.21
CA GLU D 110 -9.37 62.79 -1.76
C GLU D 110 -9.30 62.05 -3.08
N TRP D 111 -9.92 60.88 -3.15
CA TRP D 111 -10.02 60.16 -4.45
C TRP D 111 -10.60 61.01 -5.55
N ARG D 112 -11.73 61.63 -5.23
CA ARG D 112 -12.47 62.40 -6.22
C ARG D 112 -11.69 63.64 -6.62
N PHE D 113 -11.01 64.26 -5.65
CA PHE D 113 -10.25 65.48 -5.93
C PHE D 113 -9.12 65.20 -6.94
N ASN D 114 -8.42 64.09 -6.75
CA ASN D 114 -7.42 63.63 -7.74
C ASN D 114 -8.07 63.24 -9.04
N ARG D 115 -9.07 62.39 -8.98
CA ARG D 115 -9.67 61.85 -10.19
C ARG D 115 -10.14 62.98 -11.08
N LEU D 116 -10.89 63.93 -10.52
CA LEU D 116 -11.46 64.97 -11.37
C LEU D 116 -10.39 65.81 -12.07
N ARG D 117 -9.22 65.93 -11.46
CA ARG D 117 -8.10 66.68 -12.06
C ARG D 117 -7.21 65.82 -12.99
N LEU D 118 -7.49 64.52 -13.02
CA LEU D 118 -6.75 63.55 -13.82
C LEU D 118 -7.45 63.25 -15.16
N ASN D 119 -8.77 63.11 -15.16
CA ASN D 119 -9.49 62.72 -16.39
C ASN D 119 -9.22 63.59 -17.63
N PRO D 120 -9.20 64.89 -17.45
CA PRO D 120 -9.13 65.66 -18.70
C PRO D 120 -7.87 65.39 -19.57
N ASP D 121 -6.74 65.20 -18.92
CA ASP D 121 -5.45 65.01 -19.62
C ASP D 121 -5.04 63.53 -19.79
N VAL D 122 -5.57 62.64 -18.93
CA VAL D 122 -5.28 61.21 -19.08
C VAL D 122 -6.29 60.47 -20.00
N LEU D 123 -7.59 60.75 -19.84
CA LEU D 123 -8.65 59.92 -20.44
C LEU D 123 -9.59 60.63 -21.43
N SER D 124 -9.70 61.95 -21.40
CA SER D 124 -10.64 62.64 -22.29
C SER D 124 -10.26 62.45 -23.76
N PRO D 125 -11.26 62.45 -24.65
CA PRO D 125 -11.02 62.38 -26.10
C PRO D 125 -10.09 63.48 -26.60
N LYS D 126 -10.09 64.62 -25.92
CA LYS D 126 -9.17 65.71 -26.25
C LYS D 126 -7.75 65.34 -25.91
N ALA D 127 -7.56 64.77 -24.71
CA ALA D 127 -6.26 64.18 -24.36
C ALA D 127 -5.81 63.20 -25.45
N VAL D 128 -6.71 62.32 -25.90
CA VAL D 128 -6.35 61.25 -26.86
C VAL D 128 -5.82 61.78 -28.17
N GLN D 129 -6.54 62.76 -28.72
CA GLN D 129 -6.15 63.36 -29.99
C GLN D 129 -4.74 64.00 -29.88
N ARG D 130 -4.36 64.45 -28.70
CA ARG D 130 -3.02 65.01 -28.53
C ARG D 130 -1.93 63.93 -28.46
N PHE D 131 -2.14 62.81 -27.73
CA PHE D 131 -1.07 61.80 -27.52
C PHE D 131 -1.03 60.66 -28.52
N LEU D 132 -2.13 60.41 -29.21
CA LEU D 132 -2.23 59.29 -30.16
C LEU D 132 -1.21 59.39 -31.29
N PRO D 133 -0.89 60.59 -31.76
CA PRO D 133 0.07 60.60 -32.87
C PRO D 133 1.48 60.23 -32.42
N MET D 134 1.76 60.46 -31.14
CA MET D 134 3.04 60.08 -30.56
C MET D 134 3.08 58.55 -30.52
N VAL D 135 2.09 57.97 -29.85
CA VAL D 135 1.93 56.52 -29.82
C VAL D 135 2.06 55.93 -31.20
N ASP D 136 1.50 56.59 -32.21
CA ASP D 136 1.55 56.09 -33.60
C ASP D 136 2.97 56.02 -34.15
N ALA D 137 3.79 57.00 -33.83
CA ALA D 137 5.21 56.99 -34.23
C ALA D 137 5.94 55.74 -33.70
N VAL D 138 5.63 55.36 -32.44
CA VAL D 138 6.34 54.26 -31.81
C VAL D 138 5.91 52.97 -32.42
N ALA D 139 4.61 52.81 -32.60
CA ALA D 139 4.08 51.60 -33.26
C ALA D 139 4.57 51.45 -34.69
N ARG D 140 4.73 52.54 -35.40
CA ARG D 140 5.36 52.51 -36.73
C ARG D 140 6.84 52.08 -36.67
N ASP D 141 7.56 52.45 -35.61
CA ASP D 141 8.93 52.01 -35.50
C ASP D 141 8.98 50.53 -35.20
N PHE D 142 8.02 50.01 -34.44
CA PHE D 142 8.01 48.58 -34.14
C PHE D 142 7.99 47.77 -35.43
N SER D 143 6.98 48.00 -36.24
CA SER D 143 6.79 47.21 -37.46
C SER D 143 7.94 47.39 -38.43
N GLN D 144 8.45 48.61 -38.53
CA GLN D 144 9.55 48.89 -39.43
C GLN D 144 10.84 48.19 -38.96
N ALA D 145 11.03 48.09 -37.65
CA ALA D 145 12.20 47.37 -37.12
C ALA D 145 12.05 45.91 -37.48
N LEU D 146 10.84 45.40 -37.32
CA LEU D 146 10.57 44.00 -37.51
C LEU D 146 10.67 43.62 -38.99
N LYS D 147 10.20 44.53 -39.85
CA LYS D 147 10.22 44.32 -41.27
C LYS D 147 11.66 44.23 -41.80
N LYS D 148 12.56 45.03 -41.23
CA LYS D 148 13.98 44.99 -41.61
C LYS D 148 14.62 43.62 -41.30
N LYS D 149 14.31 43.08 -40.13
CA LYS D 149 14.81 41.77 -39.74
C LYS D 149 14.18 40.71 -40.62
N VAL D 150 12.85 40.77 -40.76
CA VAL D 150 12.11 39.79 -41.51
C VAL D 150 12.62 39.66 -42.93
N LEU D 151 12.89 40.78 -43.57
CA LEU D 151 13.37 40.76 -44.97
C LEU D 151 14.80 40.22 -45.18
N GLN D 152 15.59 40.10 -44.12
CA GLN D 152 16.95 39.57 -44.25
C GLN D 152 16.95 38.06 -44.34
N ASN D 153 15.81 37.45 -44.06
CA ASN D 153 15.67 36.01 -44.17
C ASN D 153 15.13 35.65 -45.54
N ALA D 154 15.60 34.54 -46.09
CA ALA D 154 15.26 34.12 -47.44
C ALA D 154 13.77 33.80 -47.62
N ARG D 155 13.13 33.29 -46.59
CA ARG D 155 11.67 33.04 -46.66
C ARG D 155 10.85 34.28 -46.28
N GLY D 156 11.49 35.45 -46.22
CA GLY D 156 10.81 36.69 -45.85
C GLY D 156 9.89 36.58 -44.64
N SER D 157 10.32 35.85 -43.63
CA SER D 157 9.62 35.83 -42.35
C SER D 157 10.57 35.65 -41.17
N LEU D 158 10.11 36.04 -39.98
CA LEU D 158 10.85 35.78 -38.74
C LEU D 158 9.92 35.13 -37.76
N THR D 159 10.41 34.06 -37.20
CA THR D 159 9.70 33.35 -36.19
C THR D 159 10.42 33.57 -34.88
N LEU D 160 9.66 34.04 -33.90
CA LEU D 160 10.21 34.39 -32.61
C LEU D 160 9.12 34.38 -31.55
N ASP D 161 9.59 34.48 -30.32
CA ASP D 161 8.77 34.78 -29.17
C ASP D 161 8.75 36.30 -29.11
N VAL D 162 7.58 36.91 -29.24
CA VAL D 162 7.50 38.38 -29.36
C VAL D 162 7.33 39.06 -28.06
N GLN D 163 7.15 38.31 -26.99
CA GLN D 163 6.80 38.93 -25.70
C GLN D 163 7.82 40.03 -25.29
N PRO D 164 9.12 39.68 -25.24
CA PRO D 164 10.11 40.75 -24.96
C PRO D 164 9.89 42.03 -25.75
N SER D 165 9.91 41.98 -27.07
CA SER D 165 9.75 43.22 -27.85
C SER D 165 8.42 43.94 -27.59
N ILE D 166 7.31 43.21 -27.45
CA ILE D 166 6.02 43.88 -27.18
C ILE D 166 6.02 44.59 -25.83
N PHE D 167 6.67 44.02 -24.84
CA PHE D 167 6.72 44.65 -23.52
C PHE D 167 7.50 45.94 -23.59
N HIS D 168 8.55 45.93 -24.40
CA HIS D 168 9.37 47.13 -24.59
C HIS D 168 8.66 48.18 -25.41
N TYR D 169 7.75 47.73 -26.28
CA TYR D 169 6.92 48.63 -27.03
C TYR D 169 6.04 49.41 -26.07
N THR D 170 5.37 48.70 -25.18
CA THR D 170 4.47 49.38 -24.29
C THR D 170 5.22 50.31 -23.38
N ILE D 171 6.44 49.94 -22.97
CA ILE D 171 7.29 50.81 -22.15
C ILE D 171 7.56 52.06 -22.95
N GLU D 172 8.01 51.89 -24.17
CA GLU D 172 8.35 53.00 -25.02
C GLU D 172 7.11 53.88 -25.31
N ALA D 173 5.99 53.27 -25.67
CA ALA D 173 4.79 54.02 -26.01
C ALA D 173 4.21 54.77 -24.79
N SER D 174 4.18 54.14 -23.64
CA SER D 174 3.65 54.77 -22.45
C SER D 174 4.51 55.93 -22.07
N ASN D 175 5.82 55.74 -22.16
CA ASN D 175 6.75 56.77 -21.73
C ASN D 175 6.67 58.04 -22.56
N LEU D 176 6.57 57.87 -23.89
CA LEU D 176 6.42 59.02 -24.77
C LEU D 176 5.08 59.76 -24.46
N ALA D 177 3.99 59.04 -24.48
CA ALA D 177 2.70 59.60 -24.16
C ALA D 177 2.73 60.29 -22.77
N LEU D 178 3.36 59.64 -21.81
CA LEU D 178 3.34 60.13 -20.44
C LEU D 178 4.33 61.31 -20.22
N PHE D 179 5.54 61.21 -20.76
CA PHE D 179 6.62 62.16 -20.45
C PHE D 179 7.23 62.88 -21.64
N GLY D 180 6.85 62.50 -22.85
CA GLY D 180 7.41 63.13 -24.04
C GLY D 180 8.81 62.66 -24.39
N GLU D 181 9.30 61.62 -23.73
CA GLU D 181 10.64 61.10 -23.98
C GLU D 181 10.58 59.79 -24.82
N ARG D 182 11.49 59.68 -25.79
CA ARG D 182 11.73 58.41 -26.46
C ARG D 182 12.84 57.74 -25.71
N LEU D 183 12.63 56.50 -25.28
CA LEU D 183 13.67 55.79 -24.55
C LEU D 183 14.63 55.05 -25.49
N GLY D 184 14.23 54.86 -26.74
CA GLY D 184 15.10 54.15 -27.68
C GLY D 184 15.11 52.64 -27.54
N LEU D 185 14.00 52.06 -27.05
CA LEU D 185 13.92 50.62 -26.82
C LEU D 185 13.20 49.81 -27.95
N VAL D 186 12.77 50.47 -29.03
CA VAL D 186 12.04 49.81 -30.12
C VAL D 186 12.98 49.70 -31.30
N GLY D 187 13.22 48.48 -31.75
CA GLY D 187 14.23 48.22 -32.79
C GLY D 187 15.64 48.35 -32.27
N HIS D 188 15.82 48.03 -30.99
CA HIS D 188 17.12 48.06 -30.30
C HIS D 188 17.10 47.11 -29.14
N SER D 189 18.13 47.14 -28.31
CA SER D 189 18.21 46.23 -27.19
C SER D 189 17.44 46.76 -26.00
N PRO D 190 16.91 45.85 -25.20
CA PRO D 190 16.53 46.23 -23.85
C PRO D 190 17.70 46.93 -23.18
N SER D 191 17.40 47.88 -22.30
CA SER D 191 18.41 48.53 -21.47
C SER D 191 18.32 47.89 -20.11
N SER D 192 19.37 48.01 -19.31
CA SER D 192 19.35 47.42 -17.97
C SER D 192 18.23 48.06 -17.12
N ALA D 193 17.89 49.33 -17.36
CA ALA D 193 16.79 49.95 -16.63
C ALA D 193 15.46 49.29 -17.00
N SER D 194 15.23 49.11 -18.30
CA SER D 194 13.99 48.48 -18.72
C SER D 194 13.86 47.04 -18.20
N LEU D 195 14.93 46.24 -18.30
CA LEU D 195 14.86 44.85 -17.78
C LEU D 195 14.65 44.81 -16.27
N ASN D 196 15.39 45.64 -15.54
CA ASN D 196 15.13 45.79 -14.11
C ASN D 196 13.72 46.21 -13.83
N PHE D 197 13.20 47.17 -14.59
CA PHE D 197 11.83 47.59 -14.45
C PHE D 197 10.82 46.43 -14.63
N LEU D 198 10.98 45.66 -15.70
CA LEU D 198 10.09 44.53 -15.95
C LEU D 198 10.24 43.48 -14.88
N HIS D 199 11.46 43.23 -14.43
CA HIS D 199 11.63 42.25 -13.35
C HIS D 199 10.97 42.70 -12.07
N ALA D 200 11.20 43.95 -11.68
CA ALA D 200 10.58 44.45 -10.48
C ALA D 200 9.06 44.37 -10.57
N LEU D 201 8.46 44.80 -11.68
CA LEU D 201 6.98 44.71 -11.82
C LEU D 201 6.50 43.28 -11.59
N GLU D 202 7.20 42.31 -12.17
CA GLU D 202 6.82 40.90 -12.02
C GLU D 202 6.88 40.38 -10.57
N VAL D 203 7.93 40.76 -9.83
CA VAL D 203 8.05 40.42 -8.40
C VAL D 203 7.01 41.18 -7.58
N MET D 204 6.72 42.42 -7.93
CA MET D 204 5.72 43.18 -7.19
C MET D 204 4.34 42.50 -7.24
N PHE D 205 3.98 42.03 -8.42
CA PHE D 205 2.66 41.41 -8.64
C PHE D 205 2.61 40.07 -7.89
N LYS D 206 3.64 39.26 -8.05
CA LYS D 206 3.68 37.94 -7.41
C LYS D 206 3.56 38.15 -5.93
N SER D 207 4.44 38.97 -5.38
CA SER D 207 4.43 39.25 -3.95
C SER D 207 3.12 39.86 -3.46
N THR D 208 2.39 40.54 -4.34
CA THR D 208 1.11 41.11 -3.97
C THR D 208 0.10 40.02 -3.62
N VAL D 209 0.04 39.02 -4.48
CA VAL D 209 -0.82 37.86 -4.24
C VAL D 209 -0.47 37.16 -2.91
N GLN D 210 0.82 37.09 -2.61
CA GLN D 210 1.29 36.46 -1.37
C GLN D 210 0.88 37.25 -0.13
N LEU D 211 0.55 38.54 -0.27
CA LEU D 211 0.21 39.37 0.89
C LEU D 211 -1.25 39.82 1.01
N MET D 212 -1.92 40.05 -0.12
CA MET D 212 -3.32 40.57 -0.11
C MET D 212 -4.36 39.65 0.50
N PHE D 213 -4.05 38.35 0.66
CA PHE D 213 -5.04 37.41 1.21
C PHE D 213 -4.91 37.10 2.70
N MET D 214 -4.12 37.88 3.43
CA MET D 214 -4.09 37.75 4.88
C MET D 214 -3.89 39.11 5.53
N PRO D 215 -4.32 39.25 6.78
CA PRO D 215 -4.07 40.55 7.45
C PRO D 215 -2.59 40.78 7.65
N ARG D 216 -2.16 42.05 7.74
CA ARG D 216 -0.76 42.35 7.98
C ARG D 216 -0.32 41.62 9.26
N SER D 217 -1.14 41.68 10.31
CA SER D 217 -0.86 41.02 11.59
C SER D 217 -0.52 39.53 11.54
N LEU D 218 -0.85 38.84 10.44
CA LEU D 218 -0.41 37.45 10.21
C LEU D 218 0.80 37.37 9.26
N SER D 219 0.71 38.09 8.14
CA SER D 219 1.78 38.09 7.14
C SER D 219 3.06 38.69 7.69
N ARG D 220 2.88 39.64 8.62
CA ARG D 220 3.97 40.28 9.35
C ARG D 220 4.97 39.26 9.94
N TRP D 221 4.52 38.07 10.33
CA TRP D 221 5.42 36.97 10.75
C TRP D 221 5.28 35.67 9.99
N ILE D 222 4.14 35.42 9.36
CA ILE D 222 4.06 34.27 8.45
C ILE D 222 5.02 34.44 7.26
N SER D 223 5.14 35.68 6.76
CA SER D 223 5.85 35.93 5.51
C SER D 223 6.69 37.21 5.48
N PRO D 224 7.47 37.45 6.53
CA PRO D 224 8.31 38.67 6.56
C PRO D 224 9.28 38.83 5.37
N LYS D 225 9.69 37.73 4.78
CA LYS D 225 10.55 37.80 3.61
C LYS D 225 9.74 38.29 2.40
N VAL D 226 8.48 37.93 2.33
CA VAL D 226 7.65 38.39 1.20
C VAL D 226 7.42 39.91 1.30
N TRP D 227 7.23 40.45 2.51
CA TRP D 227 7.22 41.91 2.70
C TRP D 227 8.49 42.60 2.26
N LYS D 228 9.63 42.04 2.62
CA LYS D 228 10.90 42.59 2.20
C LYS D 228 11.00 42.56 0.65
N GLU D 229 10.50 41.50 0.03
CA GLU D 229 10.59 41.29 -1.44
C GLU D 229 9.72 42.36 -2.14
N HIS D 230 8.52 42.52 -1.62
CA HIS D 230 7.54 43.49 -2.12
C HIS D 230 8.11 44.89 -2.13
N PHE D 231 8.64 45.35 -1.01
CA PHE D 231 9.13 46.75 -0.89
C PHE D 231 10.35 47.00 -1.73
N GLU D 232 11.19 46.00 -1.86
CA GLU D 232 12.34 46.11 -2.75
C GLU D 232 11.91 46.29 -4.20
N ALA D 233 10.88 45.54 -4.61
CA ALA D 233 10.37 45.64 -5.97
C ALA D 233 9.82 47.03 -6.17
N TRP D 234 9.04 47.50 -5.19
CA TRP D 234 8.52 48.85 -5.27
C TRP D 234 9.62 49.87 -5.35
N ASP D 235 10.69 49.70 -4.56
CA ASP D 235 11.83 50.64 -4.60
C ASP D 235 12.37 50.79 -5.99
N CYS D 236 12.54 49.68 -6.68
CA CYS D 236 13.07 49.68 -8.03
C CYS D 236 12.08 50.37 -8.96
N ILE D 237 10.80 50.10 -8.76
CA ILE D 237 9.72 50.74 -9.52
C ILE D 237 9.67 52.24 -9.23
N PHE D 238 9.76 52.64 -7.97
CA PHE D 238 9.74 54.09 -7.67
C PHE D 238 10.98 54.78 -8.18
N GLN D 239 12.10 54.08 -8.23
CA GLN D 239 13.30 54.69 -8.73
C GLN D 239 13.16 54.99 -10.21
N TYR D 240 12.70 54.02 -10.97
CA TYR D 240 12.41 54.22 -12.39
C TYR D 240 11.50 55.40 -12.63
N GLY D 241 10.41 55.47 -11.88
CA GLY D 241 9.42 56.50 -12.09
C GLY D 241 9.92 57.84 -11.65
N ASP D 242 10.64 57.86 -10.55
CA ASP D 242 11.21 59.11 -10.06
C ASP D 242 12.22 59.71 -11.04
N ASN D 243 13.05 58.88 -11.67
CA ASN D 243 13.99 59.39 -12.68
C ASN D 243 13.23 60.14 -13.77
N CYS D 244 12.12 59.56 -14.24
CA CYS D 244 11.27 60.16 -15.24
C CYS D 244 10.73 61.51 -14.78
N ILE D 245 10.23 61.55 -13.54
CA ILE D 245 9.66 62.77 -12.96
C ILE D 245 10.71 63.86 -12.84
N GLN D 246 11.86 63.54 -12.25
CA GLN D 246 12.92 64.54 -12.02
C GLN D 246 13.34 65.21 -13.36
N LYS D 247 13.48 64.40 -14.41
CA LYS D 247 13.78 64.91 -15.74
C LYS D 247 12.73 65.93 -16.22
N ILE D 248 11.47 65.52 -16.30
CA ILE D 248 10.44 66.40 -16.88
C ILE D 248 10.26 67.63 -16.00
N TYR D 249 10.34 67.45 -14.69
CA TYR D 249 10.16 68.54 -13.76
C TYR D 249 11.20 69.64 -13.97
N GLN D 250 12.45 69.23 -14.25
CA GLN D 250 13.54 70.15 -14.41
C GLN D 250 13.38 70.88 -15.71
N GLU D 251 12.99 70.16 -16.74
CA GLU D 251 12.84 70.79 -18.06
C GLU D 251 11.77 71.86 -18.03
N LEU D 252 10.64 71.58 -17.38
CA LEU D 252 9.54 72.54 -17.33
C LEU D 252 9.87 73.77 -16.47
N ALA D 253 10.62 73.59 -15.40
CA ALA D 253 11.01 74.72 -14.58
C ALA D 253 11.79 75.75 -15.41
N PHE D 254 12.52 75.30 -16.44
CA PHE D 254 13.30 76.19 -17.29
C PHE D 254 12.59 76.68 -18.53
N ASN D 255 11.61 75.94 -19.00
CA ASN D 255 10.89 76.36 -20.19
C ASN D 255 9.54 75.66 -20.27
N ARG D 256 8.49 76.45 -20.50
CA ARG D 256 7.14 75.94 -20.64
C ARG D 256 6.88 75.81 -22.13
N PRO D 257 6.56 74.60 -22.59
CA PRO D 257 6.28 74.43 -24.01
C PRO D 257 4.99 75.15 -24.44
N GLN D 258 4.93 75.55 -25.70
CA GLN D 258 3.69 76.01 -26.28
C GLN D 258 3.05 74.89 -27.10
N HIS D 259 3.67 73.71 -27.13
CA HIS D 259 3.11 72.55 -27.84
C HIS D 259 2.95 71.41 -26.88
N TYR D 260 2.31 70.34 -27.33
CA TYR D 260 2.05 69.16 -26.50
C TYR D 260 3.30 68.32 -26.35
N THR D 261 3.70 68.05 -25.12
CA THR D 261 4.83 67.18 -24.84
C THR D 261 4.46 66.06 -23.86
N GLY D 262 3.18 65.66 -23.86
CA GLY D 262 2.72 64.54 -23.04
C GLY D 262 1.78 64.83 -21.88
N ILE D 263 1.28 63.74 -21.28
CA ILE D 263 0.28 63.80 -20.24
C ILE D 263 0.81 64.44 -18.98
N VAL D 264 1.95 63.95 -18.47
CA VAL D 264 2.42 64.42 -17.19
C VAL D 264 2.71 65.90 -17.25
N ALA D 265 3.22 66.39 -18.36
CA ALA D 265 3.49 67.83 -18.53
C ALA D 265 2.24 68.69 -18.31
N GLU D 266 1.15 68.34 -19.00
CA GLU D 266 -0.12 69.02 -18.74
C GLU D 266 -0.45 69.09 -17.23
N LEU D 267 -0.24 68.02 -16.47
CA LEU D 267 -0.53 68.06 -15.02
C LEU D 267 0.37 69.07 -14.29
N LEU D 268 1.63 69.12 -14.69
CA LEU D 268 2.61 69.96 -14.04
C LEU D 268 2.34 71.39 -14.39
N LEU D 269 2.07 71.63 -15.66
CA LEU D 269 1.83 72.98 -16.13
C LEU D 269 0.61 73.62 -15.45
N LYS D 270 -0.48 72.85 -15.32
CA LYS D 270 -1.72 73.33 -14.68
C LYS D 270 -1.63 73.44 -13.15
N ALA D 271 -0.77 72.64 -12.52
CA ALA D 271 -0.56 72.70 -11.06
C ALA D 271 -1.85 72.75 -10.22
N GLU D 272 -2.92 72.15 -10.71
CA GLU D 272 -4.17 72.00 -9.95
C GLU D 272 -4.03 70.99 -8.81
N LEU D 273 -3.14 70.00 -8.99
CA LEU D 273 -2.79 69.07 -7.91
C LEU D 273 -1.43 69.42 -7.40
N SER D 274 -1.16 69.06 -6.15
CA SER D 274 0.15 69.26 -5.55
C SER D 274 1.23 68.44 -6.24
N LEU D 275 2.49 68.82 -5.99
CA LEU D 275 3.62 68.10 -6.53
C LEU D 275 3.56 66.67 -6.08
N GLU D 276 3.36 66.46 -4.79
CA GLU D 276 3.34 65.09 -4.26
C GLU D 276 2.22 64.28 -4.89
N ALA D 277 1.12 64.97 -5.23
CA ALA D 277 -0.05 64.32 -5.83
C ALA D 277 0.23 63.97 -7.28
N ILE D 278 0.72 64.93 -8.07
CA ILE D 278 1.16 64.62 -9.43
C ILE D 278 2.09 63.40 -9.42
N LYS D 279 3.02 63.33 -8.46
CA LYS D 279 4.06 62.25 -8.45
C LYS D 279 3.48 60.89 -8.19
N ALA D 280 2.58 60.83 -7.22
CA ALA D 280 1.94 59.62 -6.84
C ALA D 280 1.15 59.06 -8.03
N ASN D 281 0.39 59.91 -8.72
CA ASN D 281 -0.38 59.50 -9.88
C ASN D 281 0.51 59.18 -11.06
N SER D 282 1.58 59.96 -11.24
CA SER D 282 2.54 59.65 -12.30
C SER D 282 3.16 58.26 -12.13
N MET D 283 3.40 57.84 -10.89
CA MET D 283 3.86 56.44 -10.60
C MET D 283 2.78 55.40 -10.87
N GLU D 284 1.51 55.72 -10.66
CA GLU D 284 0.46 54.73 -10.96
C GLU D 284 0.43 54.51 -12.48
N LEU D 285 0.40 55.62 -13.22
CA LEU D 285 0.41 55.59 -14.67
C LEU D 285 1.62 54.87 -15.25
N THR D 286 2.79 55.09 -14.65
CA THR D 286 4.03 54.59 -15.20
C THR D 286 4.14 53.11 -14.93
N ALA D 287 3.77 52.72 -13.72
CA ALA D 287 3.83 51.32 -13.31
C ALA D 287 2.68 50.51 -13.90
N GLY D 288 1.62 51.22 -14.30
CA GLY D 288 0.36 50.60 -14.67
C GLY D 288 0.19 50.51 -16.15
N SER D 289 1.21 50.85 -16.90
CA SER D 289 1.06 50.95 -18.35
C SER D 289 2.01 50.05 -19.15
N VAL D 290 2.58 49.07 -18.48
CA VAL D 290 3.46 48.13 -19.11
C VAL D 290 2.73 46.79 -19.30
N ASP D 291 2.45 46.11 -18.18
CA ASP D 291 1.97 44.70 -18.21
C ASP D 291 0.49 44.61 -18.53
N THR D 292 -0.26 45.61 -18.08
CA THR D 292 -1.68 45.68 -18.35
C THR D 292 -1.95 45.74 -19.84
N THR D 293 -1.16 46.51 -20.56
CA THR D 293 -1.32 46.68 -21.99
C THR D 293 -0.64 45.59 -22.83
N ALA D 294 0.50 45.10 -22.37
CA ALA D 294 1.31 44.17 -23.16
C ALA D 294 0.67 42.79 -23.29
N PHE D 295 0.03 42.34 -22.22
CA PHE D 295 -0.51 40.99 -22.20
C PHE D 295 -1.71 40.83 -23.15
N PRO D 296 -2.73 41.68 -23.05
CA PRO D 296 -3.80 41.60 -24.06
C PRO D 296 -3.27 41.72 -25.49
N LEU D 297 -2.25 42.54 -25.69
CA LEU D 297 -1.69 42.72 -27.00
C LEU D 297 -1.18 41.39 -27.49
N LEU D 298 -0.51 40.65 -26.63
CA LEU D 298 0.01 39.34 -26.96
C LEU D 298 -1.10 38.35 -27.24
N MET D 299 -2.09 38.34 -26.35
CA MET D 299 -3.23 37.46 -26.55
C MET D 299 -3.94 37.75 -27.87
N THR D 300 -4.04 39.04 -28.24
CA THR D 300 -4.61 39.42 -29.53
C THR D 300 -3.78 38.90 -30.72
N LEU D 301 -2.48 39.15 -30.70
CA LEU D 301 -1.57 38.49 -31.66
C LEU D 301 -1.83 37.00 -31.77
N PHE D 302 -1.96 36.34 -30.63
CA PHE D 302 -2.14 34.89 -30.60
C PHE D 302 -3.46 34.46 -31.22
N GLU D 303 -4.56 35.11 -30.82
CA GLU D 303 -5.87 34.76 -31.37
C GLU D 303 -5.97 35.06 -32.86
N LEU D 304 -5.30 36.13 -33.34
CA LEU D 304 -5.26 36.38 -34.78
C LEU D 304 -4.55 35.24 -35.48
N ALA D 305 -3.42 34.81 -34.96
CA ALA D 305 -2.68 33.67 -35.50
C ALA D 305 -3.55 32.40 -35.56
N ARG D 306 -4.33 32.14 -34.52
CA ARG D 306 -5.24 30.99 -34.49
C ARG D 306 -6.36 31.07 -35.52
N ASN D 307 -6.91 32.28 -35.71
CA ASN D 307 -8.08 32.52 -36.56
C ASN D 307 -7.71 33.29 -37.82
N PRO D 308 -7.05 32.64 -38.80
CA PRO D 308 -6.59 33.39 -40.00
C PRO D 308 -7.69 34.05 -40.82
N ASP D 309 -8.91 33.56 -40.70
CA ASP D 309 -10.05 34.21 -41.32
C ASP D 309 -10.37 35.54 -40.69
N VAL D 310 -10.33 35.62 -39.37
CA VAL D 310 -10.58 36.93 -38.70
C VAL D 310 -9.39 37.90 -38.92
N GLN D 311 -8.19 37.36 -39.12
CA GLN D 311 -7.04 38.19 -39.35
C GLN D 311 -7.18 38.92 -40.68
N GLN D 312 -7.64 38.22 -41.72
CA GLN D 312 -7.83 38.84 -43.06
C GLN D 312 -8.82 40.01 -43.05
N ILE D 313 -9.99 39.78 -42.51
CA ILE D 313 -10.97 40.83 -42.33
C ILE D 313 -10.29 42.06 -41.68
N LEU D 314 -9.51 41.84 -40.61
CA LEU D 314 -8.84 42.98 -39.94
C LEU D 314 -7.73 43.62 -40.82
N ARG D 315 -6.96 42.78 -41.50
CA ARG D 315 -5.99 43.27 -42.45
C ARG D 315 -6.65 44.20 -43.46
N GLN D 316 -7.66 43.68 -44.15
CA GLN D 316 -8.36 44.44 -45.21
C GLN D 316 -8.87 45.76 -44.69
N GLU D 317 -9.44 45.75 -43.49
CA GLU D 317 -9.84 47.01 -42.86
C GLU D 317 -8.62 47.95 -42.75
N SER D 318 -7.48 47.43 -42.30
CA SER D 318 -6.33 48.31 -42.02
C SER D 318 -5.65 48.77 -43.31
N LEU D 319 -5.53 47.89 -44.30
CA LEU D 319 -5.06 48.32 -45.62
C LEU D 319 -5.97 49.40 -46.17
N ALA D 320 -7.28 49.23 -46.03
CA ALA D 320 -8.22 50.22 -46.55
C ALA D 320 -8.02 51.59 -45.91
N ALA D 321 -7.68 51.62 -44.63
CA ALA D 321 -7.64 52.89 -43.86
C ALA D 321 -6.25 53.42 -43.69
N ALA D 322 -5.26 52.66 -44.16
CA ALA D 322 -3.87 53.04 -44.04
C ALA D 322 -3.61 54.51 -44.39
N ALA D 323 -3.95 54.90 -45.61
CA ALA D 323 -3.66 56.26 -46.10
C ALA D 323 -4.19 57.34 -45.16
N SER D 324 -5.47 57.28 -44.83
CA SER D 324 -6.03 58.33 -43.97
C SER D 324 -5.33 58.36 -42.63
N ILE D 325 -5.02 57.19 -42.07
CA ILE D 325 -4.33 57.13 -40.77
C ILE D 325 -2.90 57.69 -40.85
N SER D 326 -2.19 57.44 -41.94
CA SER D 326 -0.88 58.08 -42.12
C SER D 326 -1.01 59.61 -42.17
N GLU D 327 -1.94 60.09 -42.99
CA GLU D 327 -2.33 61.51 -42.99
C GLU D 327 -2.64 62.03 -41.58
N HIS D 328 -3.67 61.47 -40.95
CA HIS D 328 -4.06 61.81 -39.58
C HIS D 328 -4.15 60.57 -38.75
N PRO D 329 -3.20 60.37 -37.84
CA PRO D 329 -3.31 59.14 -37.07
C PRO D 329 -4.52 59.11 -36.14
N GLN D 330 -5.06 60.29 -35.82
CA GLN D 330 -6.21 60.42 -34.88
C GLN D 330 -7.47 59.75 -35.39
N LYS D 331 -7.56 59.56 -36.70
CA LYS D 331 -8.68 58.86 -37.29
C LYS D 331 -8.68 57.36 -36.97
N ALA D 332 -7.56 56.84 -36.47
CA ALA D 332 -7.46 55.40 -36.13
C ALA D 332 -8.57 54.96 -35.19
N THR D 333 -8.90 55.81 -34.21
CA THR D 333 -10.03 55.55 -33.32
C THR D 333 -11.29 55.25 -34.13
N THR D 334 -11.64 56.14 -35.05
CA THR D 334 -12.91 56.05 -35.79
C THR D 334 -12.88 55.17 -37.05
N GLU D 335 -11.71 54.89 -37.63
CA GLU D 335 -11.65 54.13 -38.92
C GLU D 335 -11.28 52.64 -38.81
N LEU D 336 -11.12 52.12 -37.59
CA LEU D 336 -10.77 50.70 -37.42
C LEU D 336 -11.75 50.04 -36.46
N PRO D 337 -13.06 50.17 -36.73
CA PRO D 337 -14.09 49.65 -35.82
C PRO D 337 -13.99 48.13 -35.57
N LEU D 338 -13.51 47.38 -36.55
CA LEU D 338 -13.35 45.93 -36.37
C LEU D 338 -12.17 45.59 -35.44
N LEU D 339 -11.08 46.34 -35.56
CA LEU D 339 -9.90 46.14 -34.72
C LEU D 339 -10.23 46.55 -33.29
N ARG D 340 -10.97 47.63 -33.13
CA ARG D 340 -11.49 47.97 -31.79
C ARG D 340 -12.32 46.84 -31.20
N ALA D 341 -13.21 46.25 -32.01
CA ALA D 341 -14.00 45.11 -31.57
C ALA D 341 -13.10 43.92 -31.18
N ALA D 342 -12.07 43.66 -31.98
CA ALA D 342 -11.06 42.65 -31.68
C ALA D 342 -10.58 42.74 -30.22
N LEU D 343 -10.24 43.96 -29.79
CA LEU D 343 -9.74 44.19 -28.45
C LEU D 343 -10.76 43.80 -27.41
N LYS D 344 -12.01 44.16 -27.67
CA LYS D 344 -13.09 43.85 -26.76
C LYS D 344 -13.17 42.34 -26.64
N GLU D 345 -12.87 41.63 -27.71
CA GLU D 345 -12.99 40.19 -27.72
C GLU D 345 -11.84 39.54 -26.99
N THR D 346 -10.62 40.02 -27.23
CA THR D 346 -9.47 39.63 -26.44
C THR D 346 -9.80 39.83 -24.95
N LEU D 347 -10.33 40.99 -24.57
CA LEU D 347 -10.61 41.29 -23.15
C LEU D 347 -11.80 40.56 -22.54
N ARG D 348 -12.70 40.06 -23.38
CA ARG D 348 -13.78 39.15 -22.93
C ARG D 348 -13.18 37.82 -22.46
N LEU D 349 -12.22 37.32 -23.21
CA LEU D 349 -11.69 35.99 -22.96
C LEU D 349 -10.49 36.03 -22.03
N TYR D 350 -9.76 37.14 -22.04
CA TYR D 350 -8.53 37.24 -21.31
C TYR D 350 -8.46 38.58 -20.58
N PRO D 351 -9.38 38.79 -19.63
CA PRO D 351 -9.43 40.04 -18.90
C PRO D 351 -8.21 40.24 -17.99
N VAL D 352 -7.41 41.27 -18.26
CA VAL D 352 -6.21 41.57 -17.50
C VAL D 352 -6.48 41.61 -16.00
N GLY D 353 -7.56 42.26 -15.61
CA GLY D 353 -7.98 42.33 -14.24
C GLY D 353 -9.19 41.44 -14.11
N LEU D 354 -9.05 40.46 -13.23
CA LEU D 354 -9.92 39.32 -13.12
C LEU D 354 -11.25 39.68 -12.50
N PHE D 355 -11.23 40.54 -11.48
CA PHE D 355 -12.48 40.94 -10.83
C PHE D 355 -12.60 42.44 -10.62
N LEU D 356 -13.78 42.99 -10.89
CA LEU D 356 -14.14 44.30 -10.41
C LEU D 356 -14.51 44.13 -8.96
N GLU D 357 -14.54 45.24 -8.22
CA GLU D 357 -14.72 45.19 -6.77
C GLU D 357 -15.30 46.51 -6.26
N ARG D 358 -16.29 46.40 -5.37
CA ARG D 358 -16.92 47.56 -4.73
C ARG D 358 -17.29 47.17 -3.32
N VAL D 359 -16.97 48.04 -2.36
CA VAL D 359 -17.40 47.84 -0.99
C VAL D 359 -18.59 48.73 -0.91
N VAL D 360 -19.75 48.12 -0.92
CA VAL D 360 -20.93 48.83 -1.34
C VAL D 360 -21.41 49.69 -0.18
N SER D 361 -21.95 50.87 -0.51
CA SER D 361 -22.23 51.91 0.49
C SER D 361 -23.71 52.11 0.84
N SER D 362 -24.62 51.53 0.03
CA SER D 362 -26.04 51.41 0.39
C SER D 362 -26.43 49.94 0.32
N ASP D 363 -27.60 49.60 0.85
CA ASP D 363 -28.16 48.27 0.67
C ASP D 363 -28.52 48.08 -0.80
N LEU D 364 -28.54 46.82 -1.24
CA LEU D 364 -29.06 46.49 -2.57
C LEU D 364 -29.49 45.03 -2.64
N VAL D 365 -30.05 44.64 -3.77
CA VAL D 365 -30.45 43.26 -4.00
C VAL D 365 -29.84 42.77 -5.29
N LEU D 366 -29.28 41.57 -5.23
CA LEU D 366 -28.72 40.90 -6.41
C LEU D 366 -29.16 39.44 -6.40
N GLN D 367 -29.60 38.94 -7.55
CA GLN D 367 -30.19 37.60 -7.67
C GLN D 367 -31.25 37.36 -6.61
N ASN D 368 -32.05 38.38 -6.31
CA ASN D 368 -33.13 38.28 -5.33
C ASN D 368 -32.62 37.94 -3.92
N TYR D 369 -31.42 38.42 -3.60
CA TYR D 369 -30.89 38.35 -2.24
C TYR D 369 -30.72 39.75 -1.69
N HIS D 370 -30.89 39.91 -0.37
CA HIS D 370 -30.62 41.20 0.29
C HIS D 370 -29.14 41.30 0.52
N ILE D 371 -28.56 42.42 0.09
CA ILE D 371 -27.11 42.66 0.23
C ILE D 371 -26.83 43.92 1.02
N PRO D 372 -26.36 43.75 2.27
CA PRO D 372 -26.33 44.91 3.15
C PRO D 372 -25.21 45.89 2.82
N ALA D 373 -25.41 47.16 3.17
CA ALA D 373 -24.34 48.15 3.14
C ALA D 373 -23.08 47.57 3.79
N GLY D 374 -21.91 47.98 3.29
CA GLY D 374 -20.62 47.49 3.80
C GLY D 374 -20.17 46.14 3.26
N THR D 375 -20.99 45.50 2.43
CA THR D 375 -20.60 44.26 1.76
C THR D 375 -19.59 44.52 0.61
N LEU D 376 -18.64 43.60 0.48
CA LEU D 376 -17.66 43.56 -0.61
C LEU D 376 -18.20 42.72 -1.79
N VAL D 377 -18.73 43.38 -2.80
CA VAL D 377 -19.23 42.71 -4.00
C VAL D 377 -18.13 42.67 -5.03
N GLN D 378 -17.73 41.46 -5.43
CA GLN D 378 -16.70 41.27 -6.46
C GLN D 378 -17.35 40.72 -7.72
N VAL D 379 -17.13 41.37 -8.86
CA VAL D 379 -17.58 40.85 -10.18
C VAL D 379 -16.45 40.09 -10.94
N PHE D 380 -16.60 38.78 -11.17
CA PHE D 380 -15.55 38.03 -11.87
C PHE D 380 -15.74 38.01 -13.37
N LEU D 381 -14.89 38.78 -14.05
CA LEU D 381 -15.03 38.99 -15.48
C LEU D 381 -14.62 37.79 -16.31
N TYR D 382 -13.78 36.91 -15.78
CA TYR D 382 -13.41 35.67 -16.51
C TYR D 382 -14.58 34.74 -16.79
N SER D 383 -15.51 34.70 -15.81
CA SER D 383 -16.69 33.86 -15.89
C SER D 383 -17.76 34.61 -16.61
N LEU D 384 -17.91 35.88 -16.29
CA LEU D 384 -18.88 36.72 -17.01
C LEU D 384 -18.71 36.59 -18.53
N GLY D 385 -17.48 36.64 -19.00
CA GLY D 385 -17.19 36.61 -20.42
C GLY D 385 -17.41 35.26 -21.08
N ARG D 386 -17.44 34.20 -20.27
CA ARG D 386 -17.59 32.84 -20.76
C ARG D 386 -19.01 32.29 -20.56
N ASN D 387 -19.91 33.15 -20.15
CA ASN D 387 -21.31 32.80 -20.09
C ASN D 387 -21.80 32.55 -21.52
N ALA D 388 -21.75 31.28 -21.92
CA ALA D 388 -22.26 30.83 -23.23
C ALA D 388 -23.72 31.25 -23.47
N ALA D 389 -24.47 31.38 -22.38
CA ALA D 389 -25.84 31.90 -22.43
C ALA D 389 -25.91 33.38 -22.87
N LEU D 390 -24.79 34.08 -22.80
CA LEU D 390 -24.77 35.51 -23.16
C LEU D 390 -23.82 35.79 -24.31
N PHE D 391 -22.84 34.90 -24.48
CA PHE D 391 -21.99 34.94 -25.62
C PHE D 391 -22.03 33.56 -26.29
N PRO D 392 -22.99 33.39 -27.20
CA PRO D 392 -23.13 32.17 -27.95
C PRO D 392 -21.80 31.76 -28.58
N ARG D 393 -21.45 30.48 -28.41
CA ARG D 393 -20.14 29.94 -28.79
C ARG D 393 -19.06 30.75 -28.09
N PRO D 394 -18.98 30.56 -26.77
CA PRO D 394 -18.14 31.40 -25.92
C PRO D 394 -16.65 31.25 -26.17
N GLU D 395 -16.22 30.13 -26.75
CA GLU D 395 -14.80 29.95 -27.02
C GLU D 395 -14.42 30.46 -28.38
N ARG D 396 -15.39 30.99 -29.13
CA ARG D 396 -15.07 31.52 -30.45
C ARG D 396 -14.61 32.98 -30.36
N TYR D 397 -13.46 33.26 -30.98
CA TYR D 397 -12.91 34.59 -31.07
C TYR D 397 -13.63 35.31 -32.19
N ASN D 398 -14.64 36.10 -31.86
CA ASN D 398 -15.47 36.72 -32.89
C ASN D 398 -15.60 38.22 -32.64
N PRO D 399 -14.83 39.01 -33.35
CA PRO D 399 -14.93 40.44 -33.15
C PRO D 399 -16.29 41.02 -33.48
N GLN D 400 -17.01 40.38 -34.42
CA GLN D 400 -18.26 40.91 -34.97
C GLN D 400 -19.32 41.16 -33.91
N ARG D 401 -19.37 40.31 -32.89
CA ARG D 401 -20.36 40.44 -31.81
C ARG D 401 -20.32 41.77 -31.09
N TRP D 402 -19.38 42.65 -31.42
CA TRP D 402 -19.32 43.95 -30.77
C TRP D 402 -19.65 45.12 -31.66
N LEU D 403 -20.17 44.86 -32.85
CA LEU D 403 -20.52 45.92 -33.80
C LEU D 403 -21.86 46.65 -33.49
N ASP D 404 -22.73 46.04 -32.67
CA ASP D 404 -24.12 46.53 -32.47
C ASP D 404 -24.25 47.85 -31.71
N PHE D 412 -23.08 47.07 -21.24
CA PHE D 412 -22.82 46.43 -19.94
C PHE D 412 -22.33 44.98 -20.00
N HIS D 413 -22.08 44.49 -21.20
CA HIS D 413 -21.40 43.23 -21.40
C HIS D 413 -19.91 43.49 -21.48
N HIS D 414 -19.55 44.73 -21.81
CA HIS D 414 -18.15 45.14 -21.95
C HIS D 414 -17.78 45.96 -20.75
N VAL D 415 -17.27 45.29 -19.72
CA VAL D 415 -16.85 45.93 -18.47
C VAL D 415 -15.43 45.54 -18.01
N PRO D 416 -14.51 45.22 -18.94
CA PRO D 416 -13.16 44.86 -18.54
C PRO D 416 -12.30 46.05 -18.05
N PHE D 417 -12.78 47.27 -18.27
CA PHE D 417 -12.21 48.46 -17.67
C PHE D 417 -13.11 48.93 -16.54
N GLY D 418 -13.99 48.06 -16.04
CA GLY D 418 -14.93 48.47 -15.01
C GLY D 418 -15.96 49.49 -15.49
N PHE D 419 -16.40 50.36 -14.59
CA PHE D 419 -17.53 51.19 -14.84
C PHE D 419 -17.53 52.35 -13.86
N GLY D 420 -18.39 53.33 -14.10
CA GLY D 420 -18.63 54.42 -13.16
C GLY D 420 -17.55 55.47 -13.26
N MET D 421 -17.54 56.39 -12.31
CA MET D 421 -16.48 57.41 -12.22
C MET D 421 -15.08 56.81 -12.01
N ARG D 422 -15.04 55.59 -11.50
CA ARG D 422 -13.83 54.83 -11.21
C ARG D 422 -13.31 53.99 -12.39
N GLN D 423 -14.06 53.92 -13.48
CA GLN D 423 -13.58 53.15 -14.62
C GLN D 423 -12.12 53.50 -14.91
N CYS D 424 -11.42 52.55 -15.53
CA CYS D 424 -10.02 52.66 -15.82
C CYS D 424 -9.67 54.03 -16.35
N LEU D 425 -8.78 54.71 -15.66
CA LEU D 425 -8.27 56.01 -16.09
C LEU D 425 -7.34 55.91 -17.30
N GLY D 426 -6.73 54.75 -17.53
CA GLY D 426 -5.78 54.60 -18.64
C GLY D 426 -6.34 53.99 -19.91
N ARG D 427 -7.66 53.87 -19.97
CA ARG D 427 -8.30 53.05 -20.96
C ARG D 427 -8.02 53.53 -22.37
N ARG D 428 -8.15 54.84 -22.58
CA ARG D 428 -7.93 55.38 -23.92
C ARG D 428 -6.47 55.32 -24.32
N LEU D 429 -5.56 55.49 -23.36
CA LEU D 429 -4.13 55.34 -23.66
C LEU D 429 -3.82 53.86 -23.95
N ALA D 430 -4.36 52.97 -23.14
CA ALA D 430 -4.21 51.54 -23.39
C ALA D 430 -4.73 51.11 -24.77
N GLU D 431 -5.98 51.49 -25.08
CA GLU D 431 -6.60 51.11 -26.36
C GLU D 431 -5.80 51.69 -27.52
N ALA D 432 -5.37 52.95 -27.39
CA ALA D 432 -4.61 53.55 -28.45
C ALA D 432 -3.33 52.74 -28.73
N GLU D 433 -2.58 52.37 -27.68
CA GLU D 433 -1.32 51.60 -27.85
C GLU D 433 -1.57 50.28 -28.52
N MET D 434 -2.59 49.57 -28.05
CA MET D 434 -2.94 48.25 -28.59
C MET D 434 -3.36 48.36 -30.03
N LEU D 435 -4.27 49.29 -30.29
CA LEU D 435 -4.83 49.52 -31.61
C LEU D 435 -3.78 49.83 -32.65
N LEU D 436 -2.89 50.76 -32.32
CA LEU D 436 -1.93 51.26 -33.32
C LEU D 436 -0.91 50.21 -33.62
N LEU D 437 -0.55 49.42 -32.63
CA LEU D 437 0.45 48.43 -32.85
C LEU D 437 -0.11 47.38 -33.77
N LEU D 438 -1.31 46.89 -33.46
CA LEU D 438 -1.92 45.89 -34.31
C LEU D 438 -2.14 46.43 -35.69
N HIS D 439 -2.52 47.72 -35.79
CA HIS D 439 -2.73 48.33 -37.10
C HIS D 439 -1.50 48.26 -38.00
N HIS D 440 -0.35 48.65 -37.45
CA HIS D 440 0.86 48.69 -38.24
C HIS D 440 1.40 47.28 -38.50
N VAL D 441 1.12 46.34 -37.62
CA VAL D 441 1.53 44.95 -37.89
C VAL D 441 0.69 44.35 -39.03
N LEU D 442 -0.63 44.54 -38.97
CA LEU D 442 -1.53 43.91 -39.95
C LEU D 442 -1.24 44.37 -41.36
N LYS D 443 -0.94 45.66 -41.50
CA LYS D 443 -0.54 46.25 -42.80
C LYS D 443 0.60 45.52 -43.51
N HIS D 444 1.54 44.98 -42.73
CA HIS D 444 2.82 44.49 -43.26
C HIS D 444 3.11 43.03 -43.09
N PHE D 445 2.44 42.32 -42.19
CA PHE D 445 2.74 40.88 -42.00
C PHE D 445 1.50 40.04 -41.86
N LEU D 446 1.60 38.80 -42.32
CA LEU D 446 0.71 37.72 -41.85
C LEU D 446 1.31 37.13 -40.54
N VAL D 447 0.45 36.73 -39.60
CA VAL D 447 0.88 36.23 -38.29
C VAL D 447 0.38 34.80 -38.13
N GLU D 448 1.29 33.85 -37.91
CA GLU D 448 0.99 32.41 -37.95
C GLU D 448 1.61 31.61 -36.78
N THR D 449 0.95 30.53 -36.36
CA THR D 449 1.53 29.53 -35.44
C THR D 449 1.01 28.13 -35.67
N LEU D 450 1.86 27.15 -35.38
CA LEU D 450 1.44 25.76 -35.22
C LEU D 450 0.78 25.51 -33.87
N THR D 451 1.09 26.37 -32.91
CA THR D 451 0.70 26.22 -31.52
C THR D 451 -0.77 26.57 -31.29
N GLN D 452 -1.67 25.75 -31.81
CA GLN D 452 -3.10 26.10 -31.84
C GLN D 452 -3.84 25.94 -30.49
N GLU D 453 -3.29 25.20 -29.55
CA GLU D 453 -3.98 24.91 -28.28
C GLU D 453 -4.11 26.14 -27.37
N ASP D 454 -5.17 26.16 -26.56
CA ASP D 454 -5.41 27.28 -25.61
C ASP D 454 -4.22 27.48 -24.69
N ILE D 455 -3.85 28.74 -24.46
CA ILE D 455 -2.76 29.03 -23.54
C ILE D 455 -3.35 29.10 -22.15
N LYS D 456 -2.73 28.40 -21.21
CA LYS D 456 -3.18 28.46 -19.82
C LYS D 456 -2.94 29.87 -19.29
N MET D 457 -3.97 30.48 -18.73
CA MET D 457 -3.80 31.75 -18.04
C MET D 457 -3.36 31.50 -16.59
N VAL D 458 -2.71 32.50 -15.99
CA VAL D 458 -2.17 32.41 -14.64
C VAL D 458 -2.48 33.68 -13.88
N TYR D 459 -2.91 33.55 -12.64
CA TYR D 459 -3.20 34.73 -11.83
C TYR D 459 -2.04 35.09 -10.93
N SER D 460 -1.34 36.19 -11.24
CA SER D 460 -0.55 36.90 -10.23
C SER D 460 -0.96 38.34 -10.26
N PHE D 461 -2.13 38.59 -9.68
CA PHE D 461 -2.76 39.91 -9.52
C PHE D 461 -3.27 40.46 -10.84
N ILE D 462 -2.47 40.41 -11.88
CA ILE D 462 -2.96 40.60 -13.22
C ILE D 462 -3.16 39.19 -13.73
N LEU D 463 -4.14 38.98 -14.61
CA LEU D 463 -4.33 37.69 -15.25
C LEU D 463 -3.45 37.69 -16.50
N ARG D 464 -2.70 36.63 -16.70
CA ARG D 464 -1.72 36.63 -17.77
C ARG D 464 -1.42 35.24 -18.33
N PRO D 465 -1.01 35.18 -19.62
CA PRO D 465 -0.66 33.90 -20.19
C PRO D 465 0.52 33.29 -19.47
N GLY D 466 0.43 32.01 -19.17
CA GLY D 466 1.53 31.29 -18.52
C GLY D 466 2.62 30.85 -19.47
N THR D 467 2.34 30.87 -20.77
CA THR D 467 3.35 30.56 -21.78
C THR D 467 3.26 31.53 -22.91
N SER D 468 4.28 31.53 -23.75
CA SER D 468 4.40 32.49 -24.84
C SER D 468 4.59 31.73 -26.14
N PRO D 469 3.56 31.66 -26.96
CA PRO D 469 3.67 30.86 -28.16
C PRO D 469 4.61 31.50 -29.17
N LEU D 470 5.15 30.68 -30.02
CA LEU D 470 6.12 31.09 -30.99
C LEU D 470 5.35 31.56 -32.23
N LEU D 471 5.53 32.82 -32.62
CA LEU D 471 4.73 33.39 -33.68
C LEU D 471 5.60 33.73 -34.86
N THR D 472 5.09 33.44 -36.06
CA THR D 472 5.80 33.74 -37.29
C THR D 472 5.19 34.98 -37.93
N PHE D 473 6.03 35.90 -38.34
CA PHE D 473 5.57 37.10 -39.01
C PHE D 473 6.10 37.01 -40.40
N ARG D 474 5.20 36.93 -41.36
CA ARG D 474 5.58 36.79 -42.76
C ARG D 474 5.19 38.04 -43.52
N ALA D 475 6.18 38.73 -44.10
CA ALA D 475 5.93 40.02 -44.78
C ALA D 475 5.04 39.83 -46.01
N ILE D 476 4.08 40.72 -46.16
CA ILE D 476 3.26 40.81 -47.35
C ILE D 476 3.98 41.76 -48.30
N THR E 8 -36.58 19.99 30.38
CA THR E 8 -35.93 20.51 31.60
C THR E 8 -34.37 20.46 31.54
N VAL E 9 -33.83 19.47 30.83
CA VAL E 9 -32.39 19.44 30.53
C VAL E 9 -32.13 20.35 29.33
N LEU E 10 -31.10 21.21 29.46
CA LEU E 10 -30.73 22.18 28.42
C LEU E 10 -30.07 21.46 27.26
N PRO E 11 -30.22 21.97 26.03
CA PRO E 11 -29.59 21.34 24.86
C PRO E 11 -28.09 21.70 24.76
N PHE E 12 -27.36 20.93 23.96
CA PHE E 12 -25.91 21.13 23.82
C PHE E 12 -25.54 22.60 23.55
N GLU E 13 -26.23 23.21 22.61
CA GLU E 13 -25.85 24.55 22.14
C GLU E 13 -26.16 25.66 23.14
N ALA E 14 -26.97 25.39 24.16
CA ALA E 14 -27.17 26.34 25.27
C ALA E 14 -25.89 26.57 26.08
N MET E 15 -24.97 25.60 26.04
CA MET E 15 -23.70 25.64 26.78
C MET E 15 -22.79 26.78 26.31
N PRO E 16 -22.32 27.62 27.25
CA PRO E 16 -21.39 28.69 26.93
C PRO E 16 -20.23 28.20 26.11
N GLN E 17 -19.58 29.11 25.39
CA GLN E 17 -18.58 28.73 24.41
C GLN E 17 -17.24 29.43 24.67
N HIS E 18 -16.15 28.67 24.52
CA HIS E 18 -14.84 29.27 24.48
C HIS E 18 -14.78 30.15 23.24
N PRO E 19 -14.28 31.40 23.38
CA PRO E 19 -14.32 32.30 22.23
C PRO E 19 -13.19 32.13 21.20
N GLY E 20 -12.55 30.98 21.14
CA GLY E 20 -11.38 30.81 20.26
C GLY E 20 -11.61 30.03 18.97
N ASN E 21 -11.09 30.55 17.86
CA ASN E 21 -11.05 29.79 16.61
C ASN E 21 -9.97 28.75 16.74
N ARG E 22 -10.28 27.51 16.37
CA ARG E 22 -9.22 26.49 16.33
C ARG E 22 -8.05 26.99 15.49
N TRP E 23 -8.33 27.86 14.52
CA TRP E 23 -7.31 28.38 13.61
C TRP E 23 -6.39 29.36 14.27
N LEU E 24 -6.94 30.24 15.11
CA LEU E 24 -6.10 31.23 15.78
C LEU E 24 -5.10 30.55 16.70
N ARG E 25 -5.51 29.50 17.40
CA ARG E 25 -4.55 28.75 18.24
C ARG E 25 -3.59 27.88 17.40
N LEU E 26 -4.11 27.27 16.32
CA LEU E 26 -3.29 26.57 15.34
C LEU E 26 -2.08 27.45 14.94
N LEU E 27 -2.34 28.73 14.72
CA LEU E 27 -1.34 29.60 14.12
C LEU E 27 -0.41 30.10 15.16
N GLN E 28 -0.95 30.35 16.35
CA GLN E 28 -0.12 30.72 17.49
C GLN E 28 0.89 29.59 17.84
N ILE E 29 0.44 28.34 17.81
CA ILE E 29 1.31 27.17 18.01
C ILE E 29 2.40 27.09 16.94
N TRP E 30 2.04 27.36 15.70
CA TRP E 30 3.03 27.44 14.61
C TRP E 30 4.07 28.51 14.87
N ARG E 31 3.62 29.65 15.36
CA ARG E 31 4.48 30.79 15.66
C ARG E 31 5.32 30.57 16.92
N GLU E 32 4.66 30.35 18.06
CA GLU E 32 5.34 30.13 19.34
C GLU E 32 5.98 28.76 19.50
N GLN E 33 5.72 27.82 18.59
CA GLN E 33 6.27 26.43 18.63
C GLN E 33 5.95 25.73 19.94
N GLY E 34 4.74 25.95 20.44
CA GLY E 34 4.30 25.41 21.69
C GLY E 34 3.02 26.04 22.14
N TYR E 35 2.61 25.74 23.36
CA TYR E 35 1.38 26.20 23.90
C TYR E 35 1.54 26.10 25.41
N GLU E 36 2.53 26.85 25.90
CA GLU E 36 2.92 26.77 27.28
C GLU E 36 1.86 27.21 28.28
N HIS E 37 0.92 28.06 27.85
CA HIS E 37 -0.03 28.67 28.83
C HIS E 37 -1.43 28.08 28.80
N LEU E 38 -1.61 26.95 28.10
CA LEU E 38 -2.91 26.28 27.95
C LEU E 38 -3.65 26.21 29.28
N HIS E 39 -2.99 25.68 30.28
CA HIS E 39 -3.60 25.53 31.59
C HIS E 39 -4.14 26.81 32.13
N LEU E 40 -3.44 27.92 31.89
CA LEU E 40 -3.90 29.22 32.37
C LEU E 40 -5.08 29.74 31.50
N GLU E 41 -5.03 29.47 30.20
CA GLU E 41 -6.13 29.86 29.30
C GLU E 41 -7.43 29.20 29.74
N MET E 42 -7.40 27.88 29.89
CA MET E 42 -8.57 27.14 30.35
C MET E 42 -9.01 27.62 31.72
N HIS E 43 -8.06 27.78 32.62
CA HIS E 43 -8.44 28.21 33.96
C HIS E 43 -9.24 29.50 33.95
N GLN E 44 -8.76 30.49 33.18
CA GLN E 44 -9.45 31.77 33.03
C GLN E 44 -10.83 31.61 32.38
N THR E 45 -10.92 30.77 31.37
CA THR E 45 -12.17 30.51 30.70
C THR E 45 -13.24 29.93 31.64
N PHE E 46 -12.85 29.06 32.58
CA PHE E 46 -13.78 28.58 33.64
C PHE E 46 -14.11 29.70 34.63
N GLN E 47 -13.12 30.54 34.92
CA GLN E 47 -13.31 31.73 35.74
C GLN E 47 -14.42 32.60 35.13
N GLU E 48 -14.39 32.74 33.81
CA GLU E 48 -15.29 33.62 33.08
C GLU E 48 -16.65 32.96 32.79
N LEU E 49 -16.63 31.72 32.28
CA LEU E 49 -17.86 31.05 31.81
C LEU E 49 -18.49 30.10 32.82
N GLY E 50 -17.84 29.90 33.97
CA GLY E 50 -18.30 28.91 34.94
C GLY E 50 -17.79 27.52 34.61
N PRO E 51 -18.22 26.51 35.40
CA PRO E 51 -17.58 25.18 35.43
C PRO E 51 -17.69 24.31 34.17
N ILE E 52 -18.34 24.79 33.10
CA ILE E 52 -18.47 24.00 31.88
C ILE E 52 -18.65 24.89 30.65
N PHE E 53 -18.02 24.47 29.54
CA PHE E 53 -18.13 25.16 28.26
C PHE E 53 -17.76 24.24 27.12
N ARG E 54 -18.05 24.65 25.90
CA ARG E 54 -17.72 23.86 24.73
C ARG E 54 -16.70 24.64 23.96
N TYR E 55 -16.10 24.00 22.97
CA TYR E 55 -15.05 24.62 22.19
C TYR E 55 -15.29 24.40 20.71
N ASN E 56 -15.25 25.47 19.94
CA ASN E 56 -15.43 25.39 18.50
C ASN E 56 -14.29 24.55 17.88
N LEU E 57 -14.48 23.24 17.81
CA LEU E 57 -13.47 22.33 17.26
C LEU E 57 -13.73 22.14 15.76
N GLY E 58 -12.88 21.37 15.08
CA GLY E 58 -12.96 21.22 13.61
C GLY E 58 -14.12 20.40 13.06
N GLY E 59 -15.29 20.52 13.71
CA GLY E 59 -16.45 19.68 13.44
C GLY E 59 -17.06 19.16 14.73
N PRO E 60 -16.41 18.15 15.37
CA PRO E 60 -17.00 17.37 16.46
C PRO E 60 -17.06 18.13 17.77
N ARG E 61 -18.05 17.77 18.58
CA ARG E 61 -18.28 18.47 19.83
C ARG E 61 -17.14 18.16 20.83
N MET E 62 -16.83 19.16 21.64
CA MET E 62 -15.81 19.07 22.66
C MET E 62 -16.28 19.90 23.87
N VAL E 63 -16.17 19.35 25.07
CA VAL E 63 -16.66 20.00 26.28
C VAL E 63 -15.61 19.95 27.39
N CYS E 64 -15.49 21.04 28.11
CA CYS E 64 -14.47 21.16 29.14
C CYS E 64 -15.11 21.33 30.51
N VAL E 65 -14.76 20.44 31.43
CA VAL E 65 -15.39 20.38 32.75
C VAL E 65 -14.34 20.37 33.85
N MET E 66 -14.75 20.60 35.09
CA MET E 66 -13.78 20.75 36.17
C MET E 66 -14.27 20.33 37.55
N LEU E 67 -15.43 19.66 37.61
CA LEU E 67 -15.98 19.22 38.88
C LEU E 67 -15.90 17.71 38.97
N PRO E 68 -15.63 17.18 40.17
CA PRO E 68 -15.74 15.74 40.37
C PRO E 68 -17.08 15.20 39.85
N GLU E 69 -18.21 15.76 40.31
CA GLU E 69 -19.54 15.37 39.79
C GLU E 69 -19.37 14.85 38.37
N ASP E 70 -18.67 15.63 37.54
CA ASP E 70 -18.57 15.36 36.11
C ASP E 70 -17.70 14.13 35.81
N VAL E 71 -16.66 13.91 36.63
CA VAL E 71 -15.83 12.70 36.48
C VAL E 71 -16.63 11.46 36.85
N GLU E 72 -17.24 11.48 38.02
CA GLU E 72 -18.16 10.44 38.46
C GLU E 72 -19.12 10.04 37.35
N LYS E 73 -19.79 11.03 36.74
CA LYS E 73 -20.72 10.75 35.64
C LYS E 73 -19.99 10.12 34.49
N LEU E 74 -18.85 10.68 34.17
CA LEU E 74 -18.03 10.24 33.07
C LEU E 74 -17.59 8.77 33.22
N GLN E 75 -17.28 8.36 34.44
CA GLN E 75 -16.96 6.95 34.70
C GLN E 75 -18.16 6.02 34.49
N GLN E 76 -19.35 6.47 34.87
CA GLN E 76 -20.57 5.68 34.62
C GLN E 76 -20.67 5.33 33.12
N VAL E 77 -20.39 6.32 32.27
CA VAL E 77 -20.53 6.13 30.82
C VAL E 77 -19.35 5.37 30.17
N ASP E 78 -18.37 4.93 30.97
CA ASP E 78 -17.29 4.10 30.43
C ASP E 78 -17.86 2.77 29.97
N SER E 79 -17.73 2.48 28.69
CA SER E 79 -18.15 1.19 28.18
C SER E 79 -17.14 0.12 28.63
N LEU E 80 -17.17 -1.02 27.98
CA LEU E 80 -16.22 -2.07 28.26
C LEU E 80 -14.88 -1.62 27.73
N HIS E 81 -14.94 -0.73 26.72
CA HIS E 81 -13.77 -0.23 26.06
C HIS E 81 -13.75 1.27 26.09
N PRO E 82 -13.32 1.86 27.21
CA PRO E 82 -13.26 3.30 27.16
C PRO E 82 -12.27 3.78 26.10
N CYS E 83 -12.46 5.01 25.66
CA CYS E 83 -11.84 5.48 24.45
C CYS E 83 -11.28 6.89 24.63
N ARG E 84 -10.16 7.16 23.96
CA ARG E 84 -9.55 8.47 24.02
C ARG E 84 -9.29 8.97 22.61
N MET E 85 -9.05 10.26 22.48
CA MET E 85 -8.69 10.84 21.20
C MET E 85 -7.38 10.22 20.73
N ILE E 86 -7.33 9.76 19.49
CA ILE E 86 -6.07 9.24 18.90
C ILE E 86 -4.98 10.30 19.09
N LEU E 87 -3.82 9.92 19.61
CA LEU E 87 -2.73 10.87 19.62
C LEU E 87 -1.84 10.58 18.40
N GLU E 88 -2.17 11.28 17.30
CA GLU E 88 -1.63 10.99 15.95
C GLU E 88 -0.10 10.91 15.77
N PRO E 89 0.65 11.86 16.35
CA PRO E 89 2.10 11.85 16.11
C PRO E 89 2.74 10.60 16.70
N TRP E 90 2.35 10.27 17.92
CA TRP E 90 2.77 9.02 18.58
C TRP E 90 2.38 7.79 17.81
N VAL E 91 1.09 7.69 17.44
CA VAL E 91 0.62 6.51 16.65
C VAL E 91 1.28 6.47 15.26
N ALA E 92 1.51 7.64 14.67
CA ALA E 92 2.20 7.74 13.39
C ALA E 92 3.58 7.10 13.46
N TYR E 93 4.26 7.27 14.58
CA TYR E 93 5.60 6.73 14.70
C TYR E 93 5.52 5.21 14.67
N ARG E 94 4.68 4.63 15.53
CA ARG E 94 4.55 3.17 15.58
C ARG E 94 4.26 2.59 14.18
N GLN E 95 3.33 3.20 13.46
CA GLN E 95 3.01 2.69 12.12
C GLN E 95 4.15 2.89 11.12
N HIS E 96 4.91 3.98 11.27
CA HIS E 96 6.02 4.24 10.36
C HIS E 96 7.16 3.26 10.48
N ARG E 97 7.35 2.70 11.67
CA ARG E 97 8.45 1.77 11.94
C ARG E 97 7.96 0.31 12.09
N GLY E 98 6.66 0.08 11.95
CA GLY E 98 6.10 -1.28 11.98
C GLY E 98 5.86 -1.83 13.38
N HIS E 99 5.73 -0.96 14.37
CA HIS E 99 5.62 -1.39 15.76
C HIS E 99 4.21 -1.45 16.19
N LYS E 100 3.93 -2.40 17.07
CA LYS E 100 2.66 -2.48 17.73
C LYS E 100 2.52 -1.27 18.67
N CYS E 101 1.29 -0.92 19.00
CA CYS E 101 0.99 0.11 19.96
C CYS E 101 0.69 -0.52 21.32
N GLY E 102 1.21 0.07 22.37
CA GLY E 102 0.91 -0.36 23.72
C GLY E 102 -0.39 0.22 24.23
N VAL E 103 -0.71 -0.07 25.49
CA VAL E 103 -2.01 0.30 26.05
C VAL E 103 -2.41 1.75 25.81
N PHE E 104 -1.52 2.69 26.09
CA PHE E 104 -1.92 4.10 26.03
C PHE E 104 -2.50 4.48 24.66
N LEU E 105 -1.94 3.91 23.59
CA LEU E 105 -2.30 4.25 22.22
C LEU E 105 -3.32 3.27 21.62
N LEU E 106 -3.76 2.29 22.41
CA LEU E 106 -4.69 1.29 21.92
C LEU E 106 -6.08 1.69 22.34
N ASN E 107 -7.06 1.37 21.48
CA ASN E 107 -8.48 1.47 21.77
C ASN E 107 -9.15 0.12 21.42
N GLY E 108 -10.36 -0.07 21.89
CA GLY E 108 -11.14 -1.24 21.53
C GLY E 108 -10.62 -2.51 22.18
N PRO E 109 -10.98 -3.68 21.62
CA PRO E 109 -10.62 -4.98 22.22
C PRO E 109 -9.12 -5.28 22.28
N GLU E 110 -8.34 -4.76 21.34
CA GLU E 110 -6.87 -4.90 21.42
C GLU E 110 -6.36 -4.26 22.75
N TRP E 111 -6.96 -3.14 23.11
CA TRP E 111 -6.63 -2.46 24.35
C TRP E 111 -6.96 -3.27 25.58
N ARG E 112 -8.19 -3.77 25.67
CA ARG E 112 -8.61 -4.55 26.86
C ARG E 112 -7.77 -5.80 27.00
N PHE E 113 -7.55 -6.46 25.86
CA PHE E 113 -6.73 -7.64 25.80
C PHE E 113 -5.33 -7.37 26.41
N ASN E 114 -4.66 -6.29 25.96
CA ASN E 114 -3.38 -5.92 26.53
C ASN E 114 -3.51 -5.59 28.00
N ARG E 115 -4.44 -4.69 28.32
CA ARG E 115 -4.60 -4.19 29.70
C ARG E 115 -4.79 -5.33 30.70
N LEU E 116 -5.66 -6.28 30.33
CA LEU E 116 -5.95 -7.46 31.20
C LEU E 116 -4.72 -8.30 31.44
N ARG E 117 -3.82 -8.35 30.47
CA ARG E 117 -2.54 -9.06 30.65
C ARG E 117 -1.40 -8.22 31.28
N LEU E 118 -1.66 -6.94 31.59
CA LEU E 118 -0.65 -6.06 32.23
C LEU E 118 -1.01 -5.67 33.67
N ASN E 119 -2.29 -5.54 33.98
CA ASN E 119 -2.68 -5.20 35.35
C ASN E 119 -2.01 -6.04 36.45
N PRO E 120 -1.97 -7.38 36.29
CA PRO E 120 -1.49 -8.18 37.41
C PRO E 120 -0.03 -7.95 37.76
N ASP E 121 0.79 -7.63 36.77
CA ASP E 121 2.22 -7.48 36.97
C ASP E 121 2.72 -6.04 37.07
N VAL E 122 1.94 -5.07 36.62
CA VAL E 122 2.34 -3.67 36.73
C VAL E 122 1.64 -2.92 37.87
N LEU E 123 0.33 -3.12 38.04
CA LEU E 123 -0.50 -2.28 38.95
C LEU E 123 -0.99 -2.95 40.23
N SER E 124 -1.24 -4.26 40.17
CA SER E 124 -1.88 -4.99 41.26
C SER E 124 -1.06 -4.93 42.52
N PRO E 125 -1.71 -5.18 43.66
CA PRO E 125 -0.99 -5.15 44.93
C PRO E 125 0.04 -6.27 45.10
N LYS E 126 -0.19 -7.44 44.49
CA LYS E 126 0.82 -8.52 44.54
C LYS E 126 2.12 -8.07 43.87
N ALA E 127 2.00 -7.35 42.75
CA ALA E 127 3.18 -6.79 42.06
C ALA E 127 3.94 -5.79 42.94
N VAL E 128 3.23 -4.84 43.52
CA VAL E 128 3.86 -3.85 44.39
C VAL E 128 4.67 -4.53 45.50
N GLN E 129 4.10 -5.54 46.14
CA GLN E 129 4.79 -6.33 47.16
C GLN E 129 6.13 -6.85 46.68
N ARG E 130 6.22 -7.15 45.40
CA ARG E 130 7.45 -7.65 44.84
C ARG E 130 8.45 -6.55 44.40
N PHE E 131 8.01 -5.42 43.83
CA PHE E 131 9.03 -4.44 43.38
C PHE E 131 9.34 -3.34 44.37
N LEU E 132 8.50 -3.14 45.37
CA LEU E 132 8.71 -2.04 46.29
C LEU E 132 10.10 -2.11 46.95
N PRO E 133 10.52 -3.30 47.44
CA PRO E 133 11.87 -3.36 48.04
C PRO E 133 13.00 -3.00 47.09
N MET E 134 12.78 -3.22 45.79
CA MET E 134 13.80 -2.90 44.81
C MET E 134 13.83 -1.37 44.74
N VAL E 135 12.67 -0.73 44.57
CA VAL E 135 12.60 0.74 44.64
C VAL E 135 13.25 1.29 45.91
N ASP E 136 12.89 0.77 47.07
CA ASP E 136 13.41 1.28 48.32
C ASP E 136 14.95 1.27 48.37
N ALA E 137 15.57 0.23 47.86
CA ALA E 137 17.02 0.18 47.76
C ALA E 137 17.55 1.40 46.99
N VAL E 138 16.87 1.76 45.90
CA VAL E 138 17.30 2.92 45.14
C VAL E 138 17.05 4.19 45.94
N ALA E 139 15.92 4.25 46.66
CA ALA E 139 15.61 5.44 47.46
C ALA E 139 16.65 5.66 48.50
N ARG E 140 17.09 4.58 49.17
CA ARG E 140 18.16 4.65 50.18
C ARG E 140 19.46 5.14 49.59
N ASP E 141 19.86 4.54 48.47
CA ASP E 141 21.11 4.91 47.79
C ASP E 141 21.14 6.38 47.37
N PHE E 142 19.99 6.97 47.04
CA PHE E 142 19.89 8.41 46.71
C PHE E 142 20.23 9.26 47.90
N SER E 143 19.60 8.95 49.03
CA SER E 143 19.84 9.70 50.26
C SER E 143 21.25 9.54 50.73
N GLN E 144 21.72 8.29 50.74
CA GLN E 144 23.08 8.01 51.16
C GLN E 144 24.09 8.79 50.31
N ALA E 145 23.89 8.77 48.99
CA ALA E 145 24.81 9.44 48.11
C ALA E 145 24.83 10.91 48.48
N LEU E 146 23.64 11.47 48.77
CA LEU E 146 23.52 12.91 48.99
C LEU E 146 24.06 13.29 50.36
N LYS E 147 23.87 12.41 51.33
CA LYS E 147 24.37 12.68 52.65
C LYS E 147 25.92 12.74 52.66
N LYS E 148 26.55 11.82 51.93
CA LYS E 148 28.00 11.83 51.73
C LYS E 148 28.50 13.18 51.20
N LYS E 149 27.87 13.70 50.15
CA LYS E 149 28.24 15.04 49.64
C LYS E 149 28.02 16.11 50.71
N VAL E 150 26.89 16.01 51.40
CA VAL E 150 26.51 17.00 52.42
C VAL E 150 27.54 17.06 53.55
N LEU E 151 27.94 15.92 54.09
CA LEU E 151 28.90 15.92 55.20
C LEU E 151 30.33 16.31 54.81
N GLN E 152 30.66 16.36 53.51
CA GLN E 152 31.96 16.91 53.09
C GLN E 152 32.03 18.43 53.28
N ASN E 153 30.87 19.08 53.34
CA ASN E 153 30.79 20.53 53.50
C ASN E 153 30.83 20.98 54.97
N ALA E 154 31.47 22.11 55.22
CA ALA E 154 31.69 22.57 56.58
C ALA E 154 30.40 22.83 57.36
N ARG E 155 29.40 23.41 56.69
CA ARG E 155 28.06 23.58 57.26
C ARG E 155 27.14 22.35 57.17
N GLY E 156 27.65 21.18 56.85
CA GLY E 156 26.77 20.02 56.76
C GLY E 156 25.46 20.24 55.98
N SER E 157 25.57 20.91 54.84
CA SER E 157 24.47 20.99 53.89
C SER E 157 24.98 21.07 52.47
N LEU E 158 24.09 20.79 51.51
CA LEU E 158 24.35 21.02 50.10
C LEU E 158 23.19 21.79 49.48
N THR E 159 23.52 22.77 48.67
CA THR E 159 22.54 23.58 48.00
C THR E 159 22.66 23.35 46.49
N LEU E 160 21.60 22.86 45.86
CA LEU E 160 21.65 22.48 44.44
C LEU E 160 20.31 22.67 43.72
N ASP E 161 20.41 22.65 42.41
CA ASP E 161 19.31 22.27 41.57
C ASP E 161 19.24 20.75 41.68
N VAL E 162 18.20 20.22 42.36
CA VAL E 162 18.06 18.76 42.54
C VAL E 162 17.52 18.04 41.32
N GLN E 163 17.11 18.78 40.32
CA GLN E 163 16.37 18.20 39.22
C GLN E 163 17.15 17.09 38.52
N PRO E 164 18.42 17.34 38.16
CA PRO E 164 19.05 16.26 37.41
C PRO E 164 19.12 14.96 38.22
N SER E 165 19.45 15.07 39.51
CA SER E 165 19.61 13.89 40.32
C SER E 165 18.25 13.22 40.59
N ILE E 166 17.17 13.99 40.69
CA ILE E 166 15.86 13.36 40.82
C ILE E 166 15.47 12.62 39.53
N PHE E 167 15.81 13.19 38.39
CA PHE E 167 15.53 12.52 37.13
C PHE E 167 16.34 11.23 37.02
N HIS E 168 17.57 11.27 37.48
CA HIS E 168 18.35 10.06 37.43
C HIS E 168 17.86 9.05 38.44
N TYR E 169 17.32 9.52 39.55
CA TYR E 169 16.66 8.64 40.50
C TYR E 169 15.51 7.84 39.84
N THR E 170 14.65 8.54 39.09
CA THR E 170 13.48 7.90 38.49
C THR E 170 13.87 7.02 37.34
N ILE E 171 14.91 7.36 36.59
CA ILE E 171 15.44 6.43 35.55
C ILE E 171 15.95 5.15 36.23
N GLU E 172 16.62 5.32 37.37
CA GLU E 172 17.22 4.17 38.02
C GLU E 172 16.18 3.30 38.72
N ALA E 173 15.23 3.93 39.42
CA ALA E 173 14.24 3.16 40.19
C ALA E 173 13.32 2.43 39.23
N SER E 174 12.94 3.09 38.16
CA SER E 174 12.09 2.51 37.15
C SER E 174 12.78 1.39 36.43
N ASN E 175 14.02 1.58 36.00
CA ASN E 175 14.73 0.50 35.31
C ASN E 175 14.95 -0.76 36.19
N LEU E 176 15.17 -0.57 37.49
CA LEU E 176 15.28 -1.71 38.42
C LEU E 176 13.91 -2.44 38.52
N ALA E 177 12.83 -1.68 38.66
CA ALA E 177 11.54 -2.29 38.87
C ALA E 177 11.07 -2.97 37.59
N LEU E 178 11.34 -2.33 36.44
CA LEU E 178 10.92 -2.86 35.16
C LEU E 178 11.80 -4.02 34.64
N PHE E 179 13.13 -3.87 34.69
CA PHE E 179 14.03 -4.84 34.08
C PHE E 179 14.92 -5.61 35.05
N GLY E 180 14.93 -5.22 36.31
CA GLY E 180 15.79 -5.88 37.27
C GLY E 180 17.27 -5.55 37.21
N GLU E 181 17.62 -4.45 36.53
CA GLU E 181 19.02 -3.98 36.43
C GLU E 181 19.28 -2.62 37.08
N ARG E 182 20.40 -2.52 37.80
CA ARG E 182 20.92 -1.24 38.28
C ARG E 182 21.72 -0.61 37.19
N LEU E 183 21.39 0.63 36.83
CA LEU E 183 22.13 1.36 35.78
C LEU E 183 23.34 2.09 36.32
N GLY E 184 23.43 2.21 37.65
CA GLY E 184 24.52 2.93 38.29
C GLY E 184 24.42 4.45 38.20
N LEU E 185 23.21 5.00 37.99
CA LEU E 185 23.02 6.47 37.83
C LEU E 185 22.81 7.25 39.13
N VAL E 186 22.56 6.57 40.25
CA VAL E 186 22.41 7.25 41.54
C VAL E 186 23.75 7.25 42.25
N GLY E 187 24.18 8.43 42.68
CA GLY E 187 25.44 8.61 43.38
C GLY E 187 26.62 8.59 42.43
N HIS E 188 26.33 8.69 41.14
CA HIS E 188 27.35 8.81 40.11
C HIS E 188 26.89 9.84 39.15
N SER E 189 27.72 10.14 38.18
CA SER E 189 27.35 11.12 37.19
C SER E 189 26.46 10.49 36.13
N PRO E 190 25.62 11.31 35.48
CA PRO E 190 24.85 10.81 34.35
C PRO E 190 25.72 10.10 33.30
N SER E 191 25.23 8.98 32.77
CA SER E 191 25.84 8.40 31.57
C SER E 191 25.41 9.23 30.37
N SER E 192 26.12 9.12 29.27
CA SER E 192 25.71 9.85 28.07
C SER E 192 24.42 9.24 27.51
N ALA E 193 24.22 7.94 27.71
CA ALA E 193 22.93 7.32 27.34
C ALA E 193 21.75 7.95 28.11
N SER E 194 21.89 8.13 29.43
CA SER E 194 20.80 8.74 30.20
C SER E 194 20.55 10.20 29.81
N LEU E 195 21.60 10.98 29.54
CA LEU E 195 21.40 12.37 29.12
C LEU E 195 20.68 12.45 27.80
N ASN E 196 21.07 11.61 26.85
CA ASN E 196 20.42 11.56 25.53
C ASN E 196 18.96 11.18 25.65
N PHE E 197 18.69 10.19 26.45
CA PHE E 197 17.32 9.72 26.71
C PHE E 197 16.45 10.87 27.25
N LEU E 198 16.96 11.59 28.25
CA LEU E 198 16.24 12.70 28.85
C LEU E 198 15.94 13.79 27.84
N HIS E 199 16.91 14.04 26.98
CA HIS E 199 16.77 15.04 25.97
C HIS E 199 15.78 14.62 24.92
N ALA E 200 15.85 13.36 24.50
CA ALA E 200 14.91 12.86 23.51
C ALA E 200 13.46 12.91 24.01
N LEU E 201 13.24 12.59 25.29
CA LEU E 201 11.92 12.68 25.87
C LEU E 201 11.40 14.12 25.79
N GLU E 202 12.25 15.07 26.15
CA GLU E 202 11.88 16.47 26.17
C GLU E 202 11.56 16.97 24.77
N VAL E 203 12.40 16.63 23.79
CA VAL E 203 12.12 17.02 22.40
C VAL E 203 10.81 16.35 21.95
N MET E 204 10.65 15.06 22.25
CA MET E 204 9.42 14.33 21.91
C MET E 204 8.18 15.03 22.47
N PHE E 205 8.21 15.38 23.75
CA PHE E 205 7.04 16.04 24.37
C PHE E 205 6.70 17.39 23.73
N LYS E 206 7.72 18.20 23.47
CA LYS E 206 7.55 19.53 22.89
C LYS E 206 6.98 19.42 21.49
N SER E 207 7.59 18.56 20.67
CA SER E 207 7.10 18.36 19.33
C SER E 207 5.70 17.75 19.32
N THR E 208 5.36 16.97 20.35
CA THR E 208 3.98 16.48 20.46
C THR E 208 3.03 17.65 20.50
N VAL E 209 3.30 18.65 21.34
CA VAL E 209 2.37 19.78 21.44
C VAL E 209 2.24 20.48 20.11
N GLN E 210 3.31 20.51 19.32
CA GLN E 210 3.32 21.20 18.05
C GLN E 210 2.49 20.51 16.98
N LEU E 211 2.43 19.18 17.01
CA LEU E 211 1.69 18.39 15.98
C LEU E 211 0.30 17.98 16.43
N MET E 212 0.06 18.09 17.72
CA MET E 212 -1.11 17.54 18.37
C MET E 212 -2.39 18.32 18.09
N PHE E 213 -2.30 19.61 17.81
CA PHE E 213 -3.51 20.45 17.69
C PHE E 213 -3.91 20.78 16.25
N MET E 214 -3.38 20.03 15.30
CA MET E 214 -3.76 20.13 13.93
C MET E 214 -3.92 18.73 13.38
N PRO E 215 -4.66 18.57 12.28
CA PRO E 215 -4.67 17.27 11.62
C PRO E 215 -3.37 17.01 10.84
N ARG E 216 -2.98 15.75 10.70
CA ARG E 216 -1.74 15.39 9.98
C ARG E 216 -1.69 15.94 8.54
N SER E 217 -2.82 15.84 7.82
CA SER E 217 -2.93 16.35 6.43
C SER E 217 -2.36 17.77 6.24
N LEU E 218 -2.57 18.61 7.25
CA LEU E 218 -2.12 19.98 7.24
C LEU E 218 -0.66 20.09 7.76
N SER E 219 -0.37 19.45 8.89
CA SER E 219 0.97 19.55 9.50
C SER E 219 2.07 18.94 8.63
N ARG E 220 1.71 17.95 7.82
CA ARG E 220 2.64 17.33 6.88
C ARG E 220 3.42 18.37 6.12
N TRP E 221 2.72 19.39 5.61
CA TRP E 221 3.37 20.42 4.76
C TRP E 221 3.56 21.76 5.42
N ILE E 222 2.82 22.05 6.49
CA ILE E 222 3.08 23.23 7.33
C ILE E 222 4.32 23.07 8.21
N SER E 223 4.50 21.90 8.82
CA SER E 223 5.59 21.66 9.78
C SER E 223 6.36 20.37 9.46
N PRO E 224 6.81 20.22 8.21
CA PRO E 224 7.48 18.94 7.90
C PRO E 224 8.67 18.64 8.79
N LYS E 225 9.42 19.64 9.23
CA LYS E 225 10.62 19.36 10.04
C LYS E 225 10.34 19.18 11.53
N VAL E 226 9.16 19.59 11.98
CA VAL E 226 8.68 19.18 13.30
C VAL E 226 8.41 17.66 13.34
N TRP E 227 7.86 17.10 12.27
CA TRP E 227 7.69 15.65 12.13
C TRP E 227 9.02 14.97 12.18
N LYS E 228 9.95 15.48 11.39
CA LYS E 228 11.29 14.96 11.34
C LYS E 228 11.90 14.97 12.74
N GLU E 229 11.70 16.05 13.48
CA GLU E 229 12.20 16.21 14.86
C GLU E 229 11.60 15.12 15.77
N HIS E 230 10.28 15.01 15.73
CA HIS E 230 9.49 14.11 16.56
C HIS E 230 9.88 12.65 16.34
N PHE E 231 10.03 12.22 15.10
CA PHE E 231 10.47 10.84 14.81
C PHE E 231 11.90 10.58 15.29
N GLU E 232 12.79 11.53 15.07
CA GLU E 232 14.14 11.40 15.59
C GLU E 232 14.14 11.22 17.11
N ALA E 233 13.34 12.01 17.81
CA ALA E 233 13.24 11.86 19.26
C ALA E 233 12.77 10.44 19.59
N TRP E 234 11.66 10.02 18.99
CA TRP E 234 11.16 8.66 19.20
C TRP E 234 12.19 7.60 18.90
N ASP E 235 12.83 7.70 17.76
CA ASP E 235 13.94 6.80 17.42
C ASP E 235 14.94 6.62 18.55
N CYS E 236 15.28 7.70 19.24
CA CYS E 236 16.29 7.65 20.30
C CYS E 236 15.69 7.01 21.57
N ILE E 237 14.44 7.36 21.87
CA ILE E 237 13.70 6.75 22.95
C ILE E 237 13.59 5.23 22.69
N PHE E 238 13.26 4.85 21.45
CA PHE E 238 13.05 3.43 21.10
C PHE E 238 14.33 2.62 21.12
N GLN E 239 15.44 3.26 20.79
CA GLN E 239 16.73 2.61 20.86
C GLN E 239 17.10 2.35 22.32
N TYR E 240 16.87 3.34 23.18
CA TYR E 240 17.09 3.18 24.59
C TYR E 240 16.27 2.02 25.17
N GLY E 241 15.00 1.91 24.78
CA GLY E 241 14.11 0.87 25.30
C GLY E 241 14.41 -0.50 24.70
N ASP E 242 14.76 -0.52 23.40
CA ASP E 242 15.08 -1.77 22.74
C ASP E 242 16.37 -2.32 23.32
N ASN E 243 17.35 -1.46 23.63
CA ASN E 243 18.52 -1.95 24.31
C ASN E 243 18.12 -2.71 25.59
N CYS E 244 17.21 -2.14 26.39
CA CYS E 244 16.83 -2.74 27.66
C CYS E 244 16.15 -4.08 27.42
N ILE E 245 15.28 -4.13 26.44
CA ILE E 245 14.48 -5.33 26.17
C ILE E 245 15.37 -6.46 25.68
N GLN E 246 16.37 -6.15 24.87
CA GLN E 246 17.24 -7.16 24.26
C GLN E 246 18.01 -7.88 25.32
N LYS E 247 18.47 -7.12 26.31
CA LYS E 247 19.26 -7.66 27.38
C LYS E 247 18.45 -8.66 28.23
N ILE E 248 17.23 -8.29 28.61
CA ILE E 248 16.39 -9.17 29.41
C ILE E 248 15.94 -10.40 28.60
N TYR E 249 15.56 -10.19 27.35
CA TYR E 249 15.04 -11.25 26.52
C TYR E 249 16.06 -12.38 26.31
N GLN E 250 17.30 -11.99 26.04
CA GLN E 250 18.39 -12.95 25.94
C GLN E 250 18.66 -13.62 27.25
N GLU E 251 18.58 -12.87 28.35
CA GLU E 251 18.81 -13.44 29.67
C GLU E 251 17.76 -14.50 30.04
N LEU E 252 16.50 -14.15 29.84
CA LEU E 252 15.40 -15.07 30.10
C LEU E 252 15.25 -16.20 29.06
N ALA E 253 15.78 -16.05 27.85
CA ALA E 253 15.87 -17.20 26.92
C ALA E 253 16.66 -18.38 27.53
N PHE E 254 17.69 -18.07 28.33
CA PHE E 254 18.61 -19.12 28.82
C PHE E 254 18.38 -19.60 30.25
N ASN E 255 17.77 -18.76 31.08
CA ASN E 255 17.51 -19.09 32.46
C ASN E 255 16.26 -18.39 32.99
N ARG E 256 15.27 -19.16 33.42
CA ARG E 256 14.09 -18.64 34.09
C ARG E 256 14.34 -18.58 35.58
N PRO E 257 14.56 -17.37 36.12
CA PRO E 257 14.82 -17.29 37.53
C PRO E 257 13.67 -17.85 38.34
N GLN E 258 14.00 -18.23 39.57
CA GLN E 258 13.08 -18.80 40.54
C GLN E 258 12.49 -17.65 41.35
N HIS E 259 13.25 -16.55 41.47
CA HIS E 259 12.87 -15.37 42.22
C HIS E 259 12.50 -14.23 41.32
N TYR E 260 12.03 -13.15 41.95
CA TYR E 260 11.50 -11.99 41.25
C TYR E 260 12.64 -11.10 40.73
N THR E 261 12.58 -10.75 39.46
CA THR E 261 13.57 -9.88 38.87
C THR E 261 12.93 -8.79 38.04
N GLY E 262 11.67 -8.46 38.34
CA GLY E 262 11.01 -7.25 37.85
C GLY E 262 9.76 -7.48 37.01
N ILE E 263 9.16 -6.36 36.63
CA ILE E 263 7.83 -6.33 35.97
C ILE E 263 7.86 -6.90 34.56
N VAL E 264 8.84 -6.52 33.74
CA VAL E 264 8.91 -7.04 32.38
C VAL E 264 9.33 -8.53 32.35
N ALA E 265 10.10 -8.98 33.32
CA ALA E 265 10.39 -10.42 33.45
C ALA E 265 9.08 -11.22 33.63
N GLU E 266 8.18 -10.76 34.49
CA GLU E 266 6.92 -11.47 34.70
C GLU E 266 6.19 -11.55 33.38
N LEU E 267 6.19 -10.47 32.61
CA LEU E 267 5.47 -10.51 31.33
C LEU E 267 6.07 -11.49 30.33
N LEU E 268 7.40 -11.62 30.28
CA LEU E 268 8.04 -12.52 29.28
C LEU E 268 8.03 -13.98 29.73
N LEU E 269 8.13 -14.20 31.04
CA LEU E 269 8.01 -15.56 31.57
C LEU E 269 6.62 -16.10 31.25
N LYS E 270 5.57 -15.37 31.63
CA LYS E 270 4.20 -15.82 31.35
C LYS E 270 3.99 -15.98 29.85
N ALA E 271 4.61 -15.11 29.05
CA ALA E 271 4.38 -15.07 27.59
C ALA E 271 2.90 -15.22 27.17
N GLU E 272 2.00 -14.51 27.85
CA GLU E 272 0.60 -14.40 27.44
C GLU E 272 0.41 -13.39 26.31
N LEU E 273 1.18 -12.30 26.38
CA LEU E 273 1.25 -11.35 25.28
C LEU E 273 2.35 -11.79 24.33
N SER E 274 2.20 -11.43 23.06
CA SER E 274 3.22 -11.73 22.08
C SER E 274 4.42 -10.82 22.29
N LEU E 275 5.56 -11.21 21.72
CA LEU E 275 6.81 -10.50 21.90
C LEU E 275 6.73 -9.05 21.43
N GLU E 276 6.19 -8.83 20.24
CA GLU E 276 5.96 -7.46 19.75
C GLU E 276 5.02 -6.66 20.66
N ALA E 277 4.04 -7.36 21.26
CA ALA E 277 3.13 -6.71 22.19
C ALA E 277 3.82 -6.38 23.52
N ILE E 278 4.73 -7.26 23.97
CA ILE E 278 5.51 -6.96 25.17
C ILE E 278 6.48 -5.82 24.86
N LYS E 279 7.18 -5.87 23.73
CA LYS E 279 8.11 -4.80 23.33
C LYS E 279 7.39 -3.45 23.42
N ALA E 280 6.20 -3.39 22.83
CA ALA E 280 5.45 -2.16 22.74
C ALA E 280 5.08 -1.65 24.12
N ASN E 281 4.55 -2.52 24.97
CA ASN E 281 4.11 -2.07 26.29
C ASN E 281 5.30 -1.70 27.19
N SER E 282 6.41 -2.36 26.95
CA SER E 282 7.63 -2.11 27.68
C SER E 282 8.21 -0.73 27.34
N MET E 283 8.10 -0.32 26.07
CA MET E 283 8.50 1.04 25.64
C MET E 283 7.62 2.09 26.32
N GLU E 284 6.33 1.80 26.46
CA GLU E 284 5.47 2.73 27.10
C GLU E 284 5.85 2.86 28.55
N LEU E 285 6.21 1.76 29.19
CA LEU E 285 6.54 1.82 30.61
C LEU E 285 7.89 2.52 30.83
N THR E 286 8.82 2.33 29.90
CA THR E 286 10.14 2.96 30.01
C THR E 286 10.10 4.46 29.73
N ALA E 287 9.48 4.83 28.61
CA ALA E 287 9.24 6.24 28.28
C ALA E 287 8.39 6.93 29.33
N GLY E 288 7.46 6.18 29.91
CA GLY E 288 6.44 6.76 30.77
C GLY E 288 6.88 7.04 32.19
N SER E 289 7.90 6.33 32.63
CA SER E 289 8.21 6.30 34.05
C SER E 289 9.22 7.34 34.53
N VAL E 290 9.65 8.25 33.68
CA VAL E 290 10.72 9.19 34.03
C VAL E 290 10.18 10.56 34.43
N ASP E 291 9.60 11.31 33.48
CA ASP E 291 9.21 12.73 33.71
C ASP E 291 7.96 12.82 34.55
N THR E 292 7.06 11.88 34.31
CA THR E 292 5.79 11.88 34.97
C THR E 292 5.94 11.77 36.48
N THR E 293 6.91 10.97 36.95
CA THR E 293 7.21 10.87 38.38
C THR E 293 8.18 11.96 38.88
N ALA E 294 9.09 12.39 38.01
CA ALA E 294 10.14 13.30 38.44
C ALA E 294 9.60 14.68 38.85
N PHE E 295 8.71 15.23 38.03
CA PHE E 295 8.22 16.59 38.30
C PHE E 295 7.33 16.71 39.55
N PRO E 296 6.49 15.69 39.85
CA PRO E 296 5.73 15.77 41.10
C PRO E 296 6.60 15.67 42.35
N LEU E 297 7.73 14.94 42.22
CA LEU E 297 8.74 14.86 43.28
C LEU E 297 9.39 16.19 43.49
N LEU E 298 9.86 16.81 42.41
CA LEU E 298 10.45 18.16 42.49
C LEU E 298 9.47 19.14 43.16
N MET E 299 8.22 19.11 42.72
CA MET E 299 7.22 20.03 43.25
C MET E 299 6.99 19.77 44.73
N THR E 300 6.92 18.49 45.13
CA THR E 300 6.74 18.17 46.54
C THR E 300 7.92 18.66 47.34
N LEU E 301 9.13 18.51 46.79
CA LEU E 301 10.33 18.99 47.54
C LEU E 301 10.22 20.50 47.72
N PHE E 302 9.77 21.17 46.68
CA PHE E 302 9.63 22.61 46.69
C PHE E 302 8.62 23.07 47.75
N GLU E 303 7.46 22.41 47.79
CA GLU E 303 6.40 22.77 48.74
C GLU E 303 6.77 22.48 50.18
N LEU E 304 7.45 21.36 50.41
CA LEU E 304 7.99 21.13 51.72
C LEU E 304 8.98 22.25 52.05
N ALA E 305 9.89 22.56 51.12
CA ALA E 305 10.94 23.56 51.39
C ALA E 305 10.37 24.88 51.88
N ARG E 306 9.19 25.25 51.41
CA ARG E 306 8.57 26.53 51.75
C ARG E 306 7.34 26.40 52.66
N ASN E 307 7.03 25.17 53.06
CA ASN E 307 6.09 24.89 54.13
C ASN E 307 6.77 24.06 55.22
N PRO E 308 7.79 24.61 55.86
CA PRO E 308 8.59 23.83 56.82
C PRO E 308 7.80 23.25 57.99
N ASP E 309 6.68 23.88 58.35
CA ASP E 309 5.84 23.38 59.43
C ASP E 309 5.19 22.11 58.97
N VAL E 310 4.71 22.10 57.72
CA VAL E 310 4.14 20.84 57.18
C VAL E 310 5.24 19.80 57.05
N GLN E 311 6.43 20.25 56.68
CA GLN E 311 7.59 19.40 56.57
C GLN E 311 7.90 18.74 57.89
N GLN E 312 7.86 19.49 58.99
CA GLN E 312 8.11 18.91 60.31
C GLN E 312 7.14 17.83 60.69
N ILE E 313 5.86 18.07 60.44
CA ILE E 313 4.84 17.03 60.70
C ILE E 313 5.18 15.76 59.91
N LEU E 314 5.43 15.88 58.60
CA LEU E 314 5.76 14.71 57.75
C LEU E 314 7.05 13.96 58.23
N ARG E 315 8.06 14.71 58.65
CA ARG E 315 9.27 14.11 59.23
C ARG E 315 8.98 13.36 60.53
N GLN E 316 8.24 14.00 61.42
CA GLN E 316 7.78 13.40 62.68
C GLN E 316 7.22 11.99 62.40
N GLU E 317 6.39 11.92 61.38
CA GLU E 317 5.74 10.67 61.04
C GLU E 317 6.75 9.68 60.49
N SER E 318 7.63 10.16 59.62
CA SER E 318 8.62 9.31 58.96
C SER E 318 9.68 8.81 59.94
N LEU E 319 10.08 9.66 60.89
CA LEU E 319 10.98 9.21 62.00
C LEU E 319 10.37 8.10 62.85
N ALA E 320 9.05 8.17 63.05
CA ALA E 320 8.32 7.23 63.91
C ALA E 320 8.10 5.88 63.24
N ALA E 321 8.18 5.84 61.91
CA ALA E 321 7.98 4.59 61.15
C ALA E 321 9.29 4.00 60.60
N ALA E 322 10.40 4.72 60.80
CA ALA E 322 11.72 4.32 60.31
C ALA E 322 12.02 2.85 60.57
N ALA E 323 11.84 2.44 61.83
CA ALA E 323 12.13 1.08 62.24
C ALA E 323 11.30 0.07 61.48
N SER E 324 9.98 0.27 61.39
CA SER E 324 9.12 -0.68 60.62
C SER E 324 9.54 -0.81 59.16
N ILE E 325 9.90 0.32 58.57
CA ILE E 325 10.10 0.41 57.14
C ILE E 325 11.50 -0.04 56.78
N SER E 326 12.43 0.08 57.73
CA SER E 326 13.74 -0.59 57.60
C SER E 326 13.63 -2.10 57.57
N GLU E 327 12.65 -2.64 58.26
CA GLU E 327 12.51 -4.07 58.47
C GLU E 327 11.72 -4.67 57.32
N HIS E 328 10.56 -4.08 57.02
CA HIS E 328 9.78 -4.45 55.83
C HIS E 328 9.42 -3.19 55.07
N PRO E 329 10.16 -2.88 53.98
CA PRO E 329 9.88 -1.67 53.19
C PRO E 329 8.44 -1.54 52.69
N GLN E 330 7.73 -2.66 52.50
CA GLN E 330 6.31 -2.62 52.06
C GLN E 330 5.40 -1.84 53.02
N LYS E 331 5.81 -1.70 54.27
CA LYS E 331 4.93 -1.07 55.24
C LYS E 331 4.80 0.42 55.02
N ALA E 332 5.65 1.01 54.19
CA ALA E 332 5.56 2.44 53.94
C ALA E 332 4.20 2.83 53.32
N THR E 333 3.63 1.96 52.50
CA THR E 333 2.30 2.22 51.89
C THR E 333 1.17 2.48 52.89
N THR E 334 1.26 1.91 54.09
CA THR E 334 0.20 2.05 55.10
C THR E 334 0.63 2.93 56.26
N GLU E 335 1.94 3.00 56.52
CA GLU E 335 2.45 3.69 57.71
C GLU E 335 2.84 5.14 57.49
N LEU E 336 2.64 5.65 56.28
CA LEU E 336 3.01 7.03 55.94
C LEU E 336 1.82 7.77 55.35
N PRO E 337 0.66 7.70 56.01
CA PRO E 337 -0.57 8.27 55.44
C PRO E 337 -0.47 9.79 55.18
N LEU E 338 0.20 10.53 56.07
CA LEU E 338 0.34 11.98 55.88
C LEU E 338 1.23 12.30 54.64
N LEU E 339 2.25 11.48 54.40
CA LEU E 339 3.11 11.66 53.25
C LEU E 339 2.38 11.26 51.98
N ARG E 340 1.61 10.18 52.04
CA ARG E 340 0.77 9.81 50.92
C ARG E 340 -0.16 10.97 50.60
N ALA E 341 -0.68 11.61 51.66
CA ALA E 341 -1.60 12.72 51.50
C ALA E 341 -0.90 13.94 50.88
N ALA E 342 0.35 14.19 51.27
CA ALA E 342 1.17 15.25 50.66
C ALA E 342 1.27 15.09 49.14
N LEU E 343 1.32 13.85 48.68
CA LEU E 343 1.45 13.59 47.26
C LEU E 343 0.18 13.98 46.54
N LYS E 344 -0.97 13.69 47.16
CA LYS E 344 -2.27 14.02 46.58
C LYS E 344 -2.34 15.52 46.46
N GLU E 345 -1.74 16.19 47.44
CA GLU E 345 -1.75 17.62 47.50
C GLU E 345 -0.86 18.22 46.39
N THR E 346 0.24 17.54 46.08
CA THR E 346 1.10 18.03 45.04
C THR E 346 0.41 17.87 43.69
N LEU E 347 -0.28 16.76 43.50
CA LEU E 347 -0.91 16.48 42.21
C LEU E 347 -2.24 17.24 42.03
N ARG E 348 -2.80 17.72 43.13
CA ARG E 348 -3.96 18.62 43.09
C ARG E 348 -3.56 19.95 42.46
N LEU E 349 -2.51 20.55 43.02
CA LEU E 349 -1.96 21.81 42.54
C LEU E 349 -1.20 21.65 41.22
N TYR E 350 -0.42 20.58 41.09
CA TYR E 350 0.50 20.43 39.97
C TYR E 350 0.31 19.12 39.27
N PRO E 351 -0.82 18.97 38.59
CA PRO E 351 -1.16 17.69 37.94
C PRO E 351 -0.37 17.42 36.67
N VAL E 352 0.64 16.56 36.74
CA VAL E 352 1.45 16.24 35.55
C VAL E 352 0.60 16.06 34.32
N GLY E 353 -0.49 15.33 34.45
CA GLY E 353 -1.47 15.18 33.38
C GLY E 353 -2.46 16.28 33.60
N LEU E 354 -2.48 17.25 32.70
CA LEU E 354 -3.36 18.42 32.82
C LEU E 354 -4.85 18.02 32.73
N PHE E 355 -5.20 17.25 31.71
CA PHE E 355 -6.60 16.91 31.51
C PHE E 355 -6.87 15.40 31.29
N LEU E 356 -7.94 14.90 31.93
CA LEU E 356 -8.47 13.56 31.67
C LEU E 356 -9.31 13.70 30.43
N GLU E 357 -9.40 12.64 29.63
CA GLU E 357 -10.09 12.77 28.36
C GLU E 357 -10.84 11.49 27.91
N ARG E 358 -12.10 11.66 27.48
CA ARG E 358 -12.82 10.58 26.80
C ARG E 358 -13.60 11.06 25.57
N VAL E 359 -13.49 10.29 24.49
CA VAL E 359 -14.44 10.35 23.40
C VAL E 359 -15.62 9.45 23.80
N VAL E 360 -16.62 10.05 24.42
CA VAL E 360 -17.75 9.34 25.03
C VAL E 360 -18.60 8.57 23.98
N SER E 361 -18.92 7.31 24.28
CA SER E 361 -19.60 6.42 23.31
C SER E 361 -21.13 6.40 23.47
N SER E 362 -21.66 7.19 24.42
CA SER E 362 -23.11 7.33 24.61
C SER E 362 -23.54 8.73 25.07
N ASP E 363 -24.76 9.12 24.69
CA ASP E 363 -25.37 10.36 25.19
C ASP E 363 -25.36 10.38 26.73
N LEU E 364 -25.17 11.55 27.32
CA LEU E 364 -25.20 11.69 28.80
C LEU E 364 -25.42 13.15 29.21
N VAL E 365 -25.51 13.38 30.52
CA VAL E 365 -25.78 14.70 31.05
C VAL E 365 -24.73 15.13 32.07
N LEU E 366 -24.06 16.24 31.76
CA LEU E 366 -23.12 16.88 32.68
C LEU E 366 -23.59 18.28 32.87
N GLN E 367 -23.77 18.68 34.13
CA GLN E 367 -24.05 20.07 34.47
C GLN E 367 -25.45 20.52 33.96
N ASN E 368 -26.35 19.56 33.81
CA ASN E 368 -27.67 19.79 33.23
C ASN E 368 -27.68 20.03 31.70
N TYR E 369 -26.55 19.78 31.02
CA TYR E 369 -26.50 19.91 29.56
C TYR E 369 -26.46 18.53 28.91
N HIS E 370 -27.05 18.41 27.74
CA HIS E 370 -27.15 17.13 27.05
C HIS E 370 -25.88 16.95 26.26
N ILE E 371 -25.17 15.84 26.51
CA ILE E 371 -23.89 15.56 25.84
C ILE E 371 -24.04 14.38 24.85
N PRO E 372 -23.98 14.65 23.54
CA PRO E 372 -24.20 13.59 22.56
C PRO E 372 -23.11 12.53 22.45
N ALA E 373 -23.50 11.36 21.99
CA ALA E 373 -22.58 10.31 21.57
C ALA E 373 -21.52 10.89 20.67
N GLY E 374 -20.26 10.58 20.95
CA GLY E 374 -19.17 11.00 20.09
C GLY E 374 -18.53 12.31 20.50
N THR E 375 -18.94 12.86 21.63
CA THR E 375 -18.39 14.12 22.12
C THR E 375 -17.06 13.95 22.88
N LEU E 376 -16.06 14.71 22.47
CA LEU E 376 -14.84 14.80 23.20
C LEU E 376 -15.11 15.53 24.51
N VAL E 377 -15.01 14.82 25.62
CA VAL E 377 -15.09 15.43 26.96
C VAL E 377 -13.70 15.47 27.61
N GLN E 378 -13.31 16.65 28.12
CA GLN E 378 -12.01 16.87 28.77
C GLN E 378 -12.17 17.47 30.16
N VAL E 379 -11.42 16.93 31.12
CA VAL E 379 -11.54 17.33 32.51
C VAL E 379 -10.26 18.02 32.95
N PHE E 380 -10.26 19.35 33.03
CA PHE E 380 -9.05 20.08 33.40
C PHE E 380 -8.81 20.02 34.87
N LEU E 381 -7.85 19.16 35.23
CA LEU E 381 -7.50 18.91 36.65
C LEU E 381 -6.84 20.12 37.29
N TYR E 382 -6.25 20.99 36.48
CA TYR E 382 -5.64 22.18 37.05
C TYR E 382 -6.69 23.05 37.75
N SER E 383 -7.82 23.29 37.06
CA SER E 383 -8.91 24.11 37.61
C SER E 383 -9.64 23.36 38.69
N LEU E 384 -9.96 22.10 38.40
CA LEU E 384 -10.59 21.20 39.37
C LEU E 384 -9.95 21.31 40.73
N GLY E 385 -8.63 21.16 40.78
CA GLY E 385 -7.90 21.20 42.02
C GLY E 385 -7.90 22.55 42.69
N ARG E 386 -8.23 23.60 41.93
CA ARG E 386 -8.24 24.95 42.48
C ARG E 386 -9.64 25.52 42.77
N ASN E 387 -10.68 24.72 42.58
CA ASN E 387 -12.02 25.09 43.03
C ASN E 387 -12.05 25.30 44.56
N ALA E 388 -12.31 26.54 44.99
CA ALA E 388 -12.23 26.90 46.42
C ALA E 388 -13.40 26.34 47.22
N ALA E 389 -14.52 26.07 46.55
CA ALA E 389 -15.70 25.55 47.22
C ALA E 389 -15.51 24.07 47.61
N LEU E 390 -14.72 23.33 46.84
CA LEU E 390 -14.41 21.93 47.16
C LEU E 390 -13.09 21.81 47.89
N PHE E 391 -12.20 22.79 47.69
CA PHE E 391 -10.89 22.76 48.31
C PHE E 391 -10.64 24.06 49.05
N PRO E 392 -11.23 24.18 50.25
CA PRO E 392 -11.05 25.37 51.06
C PRO E 392 -9.57 25.81 51.18
N ARG E 393 -9.28 27.02 50.70
CA ARG E 393 -7.93 27.62 50.69
C ARG E 393 -7.05 26.83 49.73
N PRO E 394 -7.45 26.79 48.45
CA PRO E 394 -6.77 25.94 47.49
C PRO E 394 -5.29 26.31 47.28
N GLU E 395 -4.94 27.55 47.59
CA GLU E 395 -3.55 28.01 47.56
C GLU E 395 -2.67 27.33 48.63
N ARG E 396 -3.28 26.87 49.71
CA ARG E 396 -2.56 26.34 50.85
C ARG E 396 -2.19 24.88 50.59
N TYR E 397 -0.92 24.55 50.80
CA TYR E 397 -0.45 23.20 50.68
C TYR E 397 -0.73 22.56 52.04
N ASN E 398 -1.76 21.73 52.10
CA ASN E 398 -2.27 21.19 53.35
C ASN E 398 -2.64 19.72 53.19
N PRO E 399 -1.71 18.81 53.52
CA PRO E 399 -1.99 17.39 53.32
C PRO E 399 -3.10 16.85 54.20
N GLN E 400 -3.27 17.48 55.38
CA GLN E 400 -4.34 17.12 56.34
C GLN E 400 -5.72 17.09 55.70
N ARG E 401 -5.94 17.98 54.74
CA ARG E 401 -7.23 18.09 54.06
C ARG E 401 -7.76 16.76 53.51
N TRP E 402 -6.88 15.77 53.31
CA TRP E 402 -7.32 14.47 52.80
C TRP E 402 -7.62 13.49 53.89
N LEU E 403 -7.21 13.77 55.12
CA LEU E 403 -7.53 12.90 56.26
C LEU E 403 -8.91 13.21 56.82
N ASP E 404 -9.26 14.50 56.85
CA ASP E 404 -10.58 14.97 57.28
C ASP E 404 -11.63 14.63 56.19
N ASN E 411 -15.27 12.14 47.57
CA ASN E 411 -14.71 10.95 46.90
C ASN E 411 -13.82 11.26 45.67
N PHE E 412 -14.46 11.60 44.54
CA PHE E 412 -13.75 11.82 43.24
C PHE E 412 -12.91 13.11 43.22
N HIS E 413 -12.41 13.51 44.37
CA HIS E 413 -11.63 14.71 44.53
C HIS E 413 -10.19 14.50 44.11
N HIS E 414 -9.68 13.31 44.41
CA HIS E 414 -8.34 12.90 44.01
C HIS E 414 -8.43 12.05 42.79
N VAL E 415 -8.23 12.64 41.59
CA VAL E 415 -8.24 11.86 40.35
C VAL E 415 -7.07 12.17 39.42
N PRO E 416 -5.89 12.48 39.97
CA PRO E 416 -4.77 12.80 39.09
C PRO E 416 -4.34 11.65 38.23
N PHE E 417 -4.58 10.41 38.65
CA PHE E 417 -4.26 9.23 37.81
C PHE E 417 -5.41 8.75 36.92
N GLY E 418 -6.45 9.58 36.78
CA GLY E 418 -7.61 9.19 35.95
C GLY E 418 -8.56 8.30 36.74
N PHE E 419 -9.35 7.49 36.06
CA PHE E 419 -10.40 6.72 36.72
C PHE E 419 -10.71 5.46 35.91
N GLY E 420 -11.35 4.49 36.55
CA GLY E 420 -11.89 3.33 35.83
C GLY E 420 -10.83 2.37 35.31
N MET E 421 -11.13 1.69 34.23
CA MET E 421 -10.26 0.63 33.72
C MET E 421 -9.03 1.17 32.98
N ARG E 422 -9.12 2.44 32.58
CA ARG E 422 -8.06 3.12 31.89
C ARG E 422 -7.26 3.94 32.88
N GLN E 423 -7.56 3.84 34.17
CA GLN E 423 -6.76 4.53 35.16
C GLN E 423 -5.27 4.16 34.98
N CYS E 424 -4.37 5.10 35.30
CA CYS E 424 -2.91 4.94 35.12
C CYS E 424 -2.44 3.52 35.45
N LEU E 425 -1.81 2.87 34.49
CA LEU E 425 -1.23 1.55 34.69
C LEU E 425 -0.01 1.60 35.63
N GLY E 426 0.64 2.77 35.73
CA GLY E 426 1.89 2.90 36.48
C GLY E 426 1.70 3.59 37.80
N ARG E 427 0.46 3.74 38.23
CA ARG E 427 0.18 4.52 39.41
C ARG E 427 0.96 4.02 40.60
N ARG E 428 0.95 2.71 40.82
CA ARG E 428 1.52 2.19 42.07
C ARG E 428 3.05 2.20 42.02
N LEU E 429 3.64 2.01 40.83
CA LEU E 429 5.08 2.22 40.68
C LEU E 429 5.44 3.67 40.99
N ALA E 430 4.74 4.61 40.33
CA ALA E 430 5.00 6.04 40.53
C ALA E 430 4.83 6.44 41.98
N GLU E 431 3.80 5.96 42.64
CA GLU E 431 3.63 6.30 44.05
C GLU E 431 4.73 5.72 44.92
N ALA E 432 5.10 4.49 44.66
CA ALA E 432 6.16 3.83 45.41
C ALA E 432 7.46 4.63 45.32
N GLU E 433 7.83 5.01 44.08
CA GLU E 433 9.06 5.75 43.78
C GLU E 433 9.05 7.06 44.53
N MET E 434 7.90 7.72 44.51
CA MET E 434 7.75 9.06 45.10
C MET E 434 7.82 9.01 46.61
N LEU E 435 7.08 8.07 47.17
CA LEU E 435 6.93 7.98 48.59
C LEU E 435 8.25 7.61 49.25
N LEU E 436 8.94 6.63 48.67
CA LEU E 436 10.15 6.11 49.29
C LEU E 436 11.29 7.08 49.22
N LEU E 437 11.40 7.83 48.12
CA LEU E 437 12.43 8.83 48.05
C LEU E 437 12.20 9.90 49.09
N LEU E 438 10.97 10.37 49.20
CA LEU E 438 10.62 11.39 50.20
C LEU E 438 10.87 10.92 51.64
N HIS E 439 10.48 9.68 51.92
CA HIS E 439 10.67 9.08 53.22
C HIS E 439 12.11 9.14 53.66
N HIS E 440 13.03 8.77 52.78
CA HIS E 440 14.43 8.70 53.19
C HIS E 440 15.04 10.07 53.25
N VAL E 441 14.67 10.95 52.35
CA VAL E 441 15.12 12.32 52.43
C VAL E 441 14.69 12.91 53.78
N LEU E 442 13.40 12.77 54.11
CA LEU E 442 12.83 13.35 55.36
C LEU E 442 13.49 12.90 56.63
N LYS E 443 13.91 11.64 56.69
CA LYS E 443 14.60 11.11 57.87
C LYS E 443 15.92 11.78 58.10
N HIS E 444 16.63 12.13 57.03
CA HIS E 444 18.03 12.57 57.15
C HIS E 444 18.22 14.07 57.03
N PHE E 445 17.38 14.74 56.23
CA PHE E 445 17.62 16.13 55.88
C PHE E 445 16.48 17.10 56.26
N LEU E 446 16.84 18.32 56.65
CA LEU E 446 15.95 19.48 56.49
C LEU E 446 16.09 20.02 55.03
N VAL E 447 14.99 20.47 54.43
CA VAL E 447 15.00 21.01 53.07
C VAL E 447 14.53 22.47 53.12
N GLU E 448 15.34 23.39 52.57
CA GLU E 448 15.08 24.83 52.68
C GLU E 448 15.22 25.59 51.35
N THR E 449 14.48 26.69 51.20
CA THR E 449 14.73 27.68 50.12
C THR E 449 14.42 29.11 50.52
N LEU E 450 15.09 30.05 49.85
CA LEU E 450 14.70 31.44 49.90
C LEU E 450 13.60 31.75 48.88
N THR E 451 13.63 31.05 47.75
CA THR E 451 12.58 31.14 46.72
C THR E 451 11.25 30.66 47.28
N GLN E 452 10.56 31.57 47.96
CA GLN E 452 9.30 31.28 48.63
C GLN E 452 8.08 31.60 47.70
N GLU E 453 8.31 31.96 46.44
CA GLU E 453 7.23 32.37 45.53
C GLU E 453 6.93 31.35 44.40
N ASP E 454 5.66 31.29 44.00
CA ASP E 454 5.13 30.32 43.06
C ASP E 454 6.00 30.08 41.86
N ILE E 455 6.23 28.81 41.54
CA ILE E 455 6.91 28.40 40.34
C ILE E 455 5.85 28.38 39.25
N LYS E 456 6.11 29.06 38.14
CA LYS E 456 5.19 29.02 37.03
C LYS E 456 5.27 27.65 36.43
N MET E 457 4.11 27.01 36.25
CA MET E 457 4.02 25.78 35.50
C MET E 457 3.96 26.04 34.00
N VAL E 458 4.41 25.07 33.22
CA VAL E 458 4.52 25.18 31.79
C VAL E 458 3.97 23.89 31.22
N TYR E 459 3.12 24.02 30.19
CA TYR E 459 2.51 22.87 29.57
C TYR E 459 3.30 22.52 28.37
N SER E 460 3.81 21.29 28.33
CA SER E 460 4.34 20.72 27.11
C SER E 460 4.05 19.25 27.10
N PHE E 461 2.78 18.96 26.85
CA PHE E 461 2.18 17.63 26.91
C PHE E 461 2.10 17.10 28.32
N ILE E 462 3.18 17.17 29.05
CA ILE E 462 3.13 17.04 30.50
C ILE E 462 3.08 18.45 31.05
N LEU E 463 2.53 18.62 32.26
CA LEU E 463 2.56 19.91 32.95
C LEU E 463 3.77 19.94 33.90
N ARG E 464 4.68 20.87 33.69
CA ARG E 464 5.92 20.85 34.43
C ARG E 464 6.36 22.25 34.84
N PRO E 465 7.18 22.35 35.90
CA PRO E 465 7.76 23.65 36.27
C PRO E 465 8.64 24.25 35.17
N GLY E 466 8.63 25.57 35.03
CA GLY E 466 9.47 26.21 34.05
C GLY E 466 10.78 26.60 34.66
N THR E 467 10.95 26.22 35.91
CA THR E 467 12.03 26.71 36.75
C THR E 467 12.32 25.70 37.83
N SER E 468 13.56 25.52 38.20
CA SER E 468 13.89 24.65 39.29
C SER E 468 14.47 25.49 40.38
N PRO E 469 13.86 25.46 41.56
CA PRO E 469 14.38 26.26 42.66
C PRO E 469 15.65 25.65 43.29
N LEU E 470 16.49 26.52 43.80
CA LEU E 470 17.68 26.12 44.52
C LEU E 470 17.28 25.59 45.91
N LEU E 471 17.44 24.29 46.16
CA LEU E 471 17.07 23.73 47.46
C LEU E 471 18.30 23.40 48.27
N THR E 472 18.20 23.59 49.59
CA THR E 472 19.27 23.31 50.49
C THR E 472 18.90 22.07 51.26
N PHE E 473 19.76 21.06 51.25
CA PHE E 473 19.56 19.88 52.08
C PHE E 473 20.55 19.91 53.24
N ARG E 474 20.03 19.98 54.47
CA ARG E 474 20.85 20.13 55.69
C ARG E 474 20.76 18.89 56.55
N ALA E 475 21.90 18.26 56.84
CA ALA E 475 21.88 17.02 57.63
C ALA E 475 21.44 17.37 59.03
N ILE E 476 20.43 16.65 59.52
CA ILE E 476 19.98 16.80 60.90
C ILE E 476 20.99 16.12 61.82
N ASN E 477 21.42 14.91 61.47
CA ASN E 477 22.30 14.13 62.34
C ASN E 477 23.79 14.55 62.29
N HIS E 478 24.43 14.30 61.13
CA HIS E 478 25.90 14.45 60.93
C HIS E 478 26.56 13.08 60.95
N HIS E 479 25.92 12.14 60.25
CA HIS E 479 26.39 10.78 60.17
C HIS E 479 25.89 10.21 58.85
N HIS E 480 26.75 9.48 58.14
CA HIS E 480 26.44 9.06 56.75
C HIS E 480 25.28 8.08 56.65
N HIS E 481 25.25 7.12 57.59
CA HIS E 481 24.14 6.13 57.73
C HIS E 481 22.96 6.53 58.62
N HIS E 482 23.23 6.90 59.89
CA HIS E 482 22.16 7.21 60.88
C HIS E 482 21.47 8.56 60.68
N HIS E 483 20.16 8.60 60.93
CA HIS E 483 19.32 9.75 60.54
C HIS E 483 18.97 10.76 61.63
N THR F 8 66.06 86.82 12.35
CA THR F 8 65.39 87.23 11.08
C THR F 8 65.15 86.04 10.14
N VAL F 9 65.94 84.98 10.30
CA VAL F 9 65.61 83.66 9.76
C VAL F 9 65.39 82.73 10.94
N LEU F 10 64.20 82.16 11.05
CA LEU F 10 63.91 81.21 12.13
C LEU F 10 64.30 79.78 11.75
N PRO F 11 64.45 78.88 12.76
CA PRO F 11 64.74 77.48 12.49
C PRO F 11 63.49 76.65 12.13
N PHE F 12 63.74 75.45 11.61
CA PHE F 12 62.70 74.56 11.14
C PHE F 12 61.62 74.34 12.20
N GLU F 13 62.04 74.05 13.44
CA GLU F 13 61.08 73.73 14.52
C GLU F 13 60.46 74.96 15.17
N ALA F 14 60.87 76.15 14.77
CA ALA F 14 60.13 77.35 15.13
C ALA F 14 58.73 77.31 14.48
N MET F 15 58.68 76.66 13.30
CA MET F 15 57.47 76.51 12.49
C MET F 15 56.34 75.77 13.23
N PRO F 16 55.08 76.30 13.14
CA PRO F 16 53.90 75.61 13.70
C PRO F 16 53.82 74.15 13.26
N GLN F 17 53.53 73.25 14.20
CA GLN F 17 53.43 71.83 13.90
C GLN F 17 51.97 71.55 13.54
N HIS F 18 51.74 70.39 12.93
CA HIS F 18 50.40 69.90 12.63
C HIS F 18 49.89 69.21 13.86
N PRO F 19 48.67 69.56 14.32
CA PRO F 19 48.00 68.86 15.44
C PRO F 19 48.00 67.32 15.39
N GLY F 20 47.84 66.75 14.20
CA GLY F 20 47.56 65.33 14.03
C GLY F 20 48.75 64.40 14.17
N ASN F 21 48.45 63.10 14.24
CA ASN F 21 49.44 62.05 14.43
C ASN F 21 49.52 61.13 13.21
N ARG F 22 50.72 60.97 12.65
CA ARG F 22 51.00 59.93 11.62
C ARG F 22 50.29 58.60 11.93
N TRP F 23 50.00 58.37 13.20
CA TRP F 23 49.38 57.10 13.64
C TRP F 23 47.88 57.11 13.64
N LEU F 24 47.26 58.12 14.26
CA LEU F 24 45.79 58.30 14.15
C LEU F 24 45.37 58.34 12.67
N ARG F 25 46.22 58.95 11.84
CA ARG F 25 46.02 58.96 10.41
C ARG F 25 45.91 57.55 9.84
N LEU F 26 46.98 56.76 9.94
CA LEU F 26 46.92 55.37 9.46
C LEU F 26 45.64 54.75 9.94
N LEU F 27 45.43 54.85 11.25
CA LEU F 27 44.30 54.19 11.89
C LEU F 27 42.99 54.68 11.30
N GLN F 28 42.79 55.99 11.24
CA GLN F 28 41.55 56.54 10.66
C GLN F 28 41.35 56.06 9.20
N ILE F 29 42.43 56.05 8.43
CA ILE F 29 42.44 55.50 7.06
C ILE F 29 42.18 53.98 7.00
N TRP F 30 42.73 53.20 7.96
CA TRP F 30 42.39 51.76 8.04
C TRP F 30 40.91 51.62 8.20
N ARG F 31 40.33 52.50 9.01
CA ARG F 31 38.93 52.43 9.38
C ARG F 31 38.00 52.80 8.23
N GLU F 32 38.26 53.94 7.59
CA GLU F 32 37.35 54.50 6.57
C GLU F 32 37.60 54.01 5.15
N GLN F 33 38.69 53.26 4.96
CA GLN F 33 39.10 52.80 3.62
C GLN F 33 39.29 53.98 2.68
N GLY F 34 39.86 55.07 3.20
CA GLY F 34 39.94 56.35 2.48
C GLY F 34 40.33 57.53 3.38
N TYR F 35 40.45 58.72 2.77
CA TYR F 35 40.73 59.99 3.46
C TYR F 35 40.04 61.10 2.63
N GLU F 36 38.73 61.01 2.51
CA GLU F 36 37.99 61.82 1.56
C GLU F 36 38.03 63.33 1.86
N HIS F 37 38.28 63.68 3.10
CA HIS F 37 38.18 65.08 3.52
C HIS F 37 39.55 65.73 3.66
N LEU F 38 40.57 65.10 3.07
CA LEU F 38 41.95 65.58 3.24
C LEU F 38 42.00 67.07 2.97
N HIS F 39 41.53 67.45 1.80
CA HIS F 39 41.53 68.85 1.37
C HIS F 39 40.92 69.79 2.33
N LEU F 40 39.77 69.44 2.88
CA LEU F 40 39.07 70.30 3.83
C LEU F 40 39.88 70.41 5.13
N GLU F 41 40.56 69.33 5.50
CA GLU F 41 41.34 69.32 6.74
C GLU F 41 42.60 70.11 6.59
N MET F 42 43.20 70.07 5.41
CA MET F 42 44.37 70.87 5.16
C MET F 42 43.96 72.33 5.04
N HIS F 43 42.85 72.57 4.35
CA HIS F 43 42.33 73.91 4.26
C HIS F 43 42.13 74.49 5.63
N GLN F 44 41.52 73.71 6.52
CA GLN F 44 41.28 74.17 7.88
C GLN F 44 42.58 74.42 8.64
N THR F 45 43.53 73.50 8.55
CA THR F 45 44.81 73.73 9.20
C THR F 45 45.51 75.02 8.76
N PHE F 46 45.53 75.32 7.46
CA PHE F 46 46.13 76.59 6.99
C PHE F 46 45.41 77.80 7.57
N GLN F 47 44.11 77.64 7.80
CA GLN F 47 43.34 78.66 8.45
C GLN F 47 43.76 78.77 9.91
N GLU F 48 43.87 77.63 10.59
CA GLU F 48 44.13 77.60 12.02
C GLU F 48 45.58 77.87 12.38
N LEU F 49 46.50 77.48 11.51
CA LEU F 49 47.93 77.59 11.83
C LEU F 49 48.69 78.54 10.89
N GLY F 50 47.98 79.24 10.02
CA GLY F 50 48.63 80.16 9.09
C GLY F 50 49.28 79.46 7.89
N PRO F 51 49.91 80.26 7.01
CA PRO F 51 50.21 79.87 5.64
C PRO F 51 51.39 78.91 5.49
N ILE F 52 51.92 78.42 6.62
CA ILE F 52 52.96 77.40 6.56
C ILE F 52 52.94 76.54 7.80
N PHE F 53 53.27 75.25 7.62
CA PHE F 53 53.38 74.34 8.75
C PHE F 53 54.04 73.02 8.38
N ARG F 54 54.40 72.26 9.41
CA ARG F 54 55.11 70.99 9.26
C ARG F 54 54.29 69.84 9.79
N TYR F 55 54.43 68.70 9.16
CA TYR F 55 53.67 67.53 9.56
C TYR F 55 54.61 66.51 10.21
N ASN F 56 54.29 66.12 11.43
CA ASN F 56 55.09 65.11 12.12
C ASN F 56 55.02 63.77 11.39
N LEU F 57 56.02 63.51 10.56
CA LEU F 57 56.06 62.30 9.74
C LEU F 57 57.00 61.27 10.37
N GLY F 58 57.45 61.55 11.60
CA GLY F 58 58.22 60.62 12.42
C GLY F 58 59.63 61.09 12.75
N GLY F 59 60.14 62.01 11.93
CA GLY F 59 61.56 62.31 11.85
C GLY F 59 61.86 62.90 10.49
N PRO F 60 61.42 62.22 9.40
CA PRO F 60 61.50 62.80 8.04
C PRO F 60 60.71 64.12 7.94
N ARG F 61 61.32 65.10 7.28
CA ARG F 61 60.89 66.49 7.39
C ARG F 61 59.98 66.85 6.22
N MET F 62 58.73 67.19 6.53
CA MET F 62 57.81 67.69 5.50
C MET F 62 57.08 68.96 5.96
N VAL F 63 56.86 69.85 4.99
CA VAL F 63 56.33 71.16 5.21
C VAL F 63 55.23 71.44 4.21
N CYS F 64 54.19 72.15 4.64
CA CYS F 64 53.06 72.44 3.78
C CYS F 64 52.90 73.92 3.63
N VAL F 65 52.63 74.36 2.40
CA VAL F 65 52.51 75.78 2.07
C VAL F 65 51.42 76.01 1.04
N MET F 66 50.86 77.21 1.03
CA MET F 66 49.81 77.57 0.06
C MET F 66 49.90 78.96 -0.56
N LEU F 67 50.65 79.87 0.04
CA LEU F 67 50.88 81.18 -0.58
C LEU F 67 51.65 81.04 -1.89
N PRO F 68 51.30 81.85 -2.91
CA PRO F 68 51.93 81.79 -4.24
C PRO F 68 53.40 82.24 -4.25
N GLU F 69 53.75 83.14 -3.32
CA GLU F 69 55.14 83.60 -3.13
C GLU F 69 56.06 82.40 -3.02
N ASP F 70 55.69 81.49 -2.12
CA ASP F 70 56.46 80.31 -1.79
C ASP F 70 56.50 79.30 -2.94
N VAL F 71 55.56 79.43 -3.88
CA VAL F 71 55.58 78.64 -5.10
C VAL F 71 56.73 79.11 -6.01
N GLU F 72 56.76 80.43 -6.24
CA GLU F 72 57.84 81.09 -6.98
C GLU F 72 59.21 80.72 -6.41
N LYS F 73 59.34 80.83 -5.10
CA LYS F 73 60.55 80.40 -4.39
C LYS F 73 60.90 78.94 -4.74
N LEU F 74 59.90 78.07 -4.71
CA LEU F 74 60.13 76.65 -4.92
C LEU F 74 60.56 76.37 -6.36
N GLN F 75 60.13 77.22 -7.29
CA GLN F 75 60.49 77.06 -8.69
C GLN F 75 61.98 77.31 -8.87
N GLN F 76 62.45 78.42 -8.30
CA GLN F 76 63.86 78.77 -8.40
C GLN F 76 64.77 77.65 -7.88
N VAL F 77 64.34 76.94 -6.84
CA VAL F 77 65.15 75.89 -6.20
C VAL F 77 65.10 74.52 -6.86
N ASP F 78 64.35 74.41 -7.97
CA ASP F 78 64.33 73.18 -8.79
C ASP F 78 65.70 72.96 -9.42
N SER F 79 66.15 71.71 -9.43
CA SER F 79 67.44 71.39 -10.01
C SER F 79 67.27 71.12 -11.50
N LEU F 80 68.34 70.71 -12.15
CA LEU F 80 68.22 70.10 -13.45
C LEU F 80 67.31 68.88 -13.33
N HIS F 81 67.37 68.19 -12.19
CA HIS F 81 66.54 67.03 -11.90
C HIS F 81 65.67 67.25 -10.68
N PRO F 82 64.43 67.75 -10.86
CA PRO F 82 63.55 67.83 -9.69
C PRO F 82 63.05 66.46 -9.22
N CYS F 83 62.59 66.42 -7.99
CA CYS F 83 62.41 65.18 -7.28
C CYS F 83 61.13 65.21 -6.50
N ARG F 84 60.38 64.12 -6.54
CA ARG F 84 59.21 64.00 -5.70
C ARG F 84 59.25 62.75 -4.87
N MET F 85 58.44 62.75 -3.80
CA MET F 85 58.27 61.58 -2.95
C MET F 85 57.85 60.42 -3.84
N ILE F 86 58.63 59.35 -3.79
CA ILE F 86 58.42 58.23 -4.68
C ILE F 86 57.16 57.47 -4.21
N LEU F 87 56.14 57.43 -5.07
CA LEU F 87 54.87 56.82 -4.71
C LEU F 87 55.05 55.32 -4.61
N GLU F 88 55.15 54.83 -3.38
CA GLU F 88 55.60 53.46 -3.15
C GLU F 88 54.71 52.39 -3.76
N PRO F 89 53.39 52.49 -3.59
CA PRO F 89 52.52 51.43 -4.13
C PRO F 89 52.60 51.27 -5.64
N TRP F 90 52.68 52.39 -6.37
CA TRP F 90 52.80 52.34 -7.84
C TRP F 90 54.10 51.77 -8.30
N VAL F 91 55.21 52.18 -7.69
CA VAL F 91 56.54 51.63 -8.02
C VAL F 91 56.56 50.15 -7.71
N ALA F 92 56.02 49.82 -6.54
CA ALA F 92 55.95 48.44 -6.09
C ALA F 92 55.37 47.52 -7.16
N TYR F 93 54.36 47.98 -7.87
CA TYR F 93 53.76 47.16 -8.92
C TYR F 93 54.68 47.01 -10.12
N ARG F 94 55.36 48.09 -10.48
CA ARG F 94 56.26 48.06 -11.63
C ARG F 94 57.33 46.99 -11.40
N GLN F 95 57.92 47.04 -10.20
CA GLN F 95 59.04 46.12 -9.87
C GLN F 95 58.55 44.71 -9.59
N HIS F 96 57.28 44.56 -9.27
CA HIS F 96 56.71 43.25 -9.08
C HIS F 96 56.46 42.53 -10.37
N ARG F 97 56.03 43.26 -11.41
CA ARG F 97 55.84 42.65 -12.75
C ARG F 97 57.04 42.86 -13.70
N GLY F 98 58.13 43.40 -13.18
CA GLY F 98 59.34 43.62 -13.98
C GLY F 98 59.12 44.58 -15.12
N HIS F 99 58.44 45.70 -14.84
CA HIS F 99 58.20 46.76 -15.84
C HIS F 99 59.03 47.96 -15.51
N LYS F 100 59.22 48.81 -16.51
CA LYS F 100 60.01 50.02 -16.34
C LYS F 100 59.07 51.09 -15.84
N CYS F 101 59.60 52.13 -15.24
CA CYS F 101 58.79 53.20 -14.74
C CYS F 101 58.76 54.33 -15.73
N GLY F 102 57.57 54.88 -15.92
CA GLY F 102 57.37 56.02 -16.78
C GLY F 102 57.78 57.29 -16.10
N VAL F 103 57.71 58.38 -16.83
CA VAL F 103 58.28 59.64 -16.36
C VAL F 103 57.70 60.14 -15.02
N PHE F 104 56.52 59.67 -14.66
CA PHE F 104 55.89 60.14 -13.44
C PHE F 104 56.61 59.58 -12.25
N LEU F 105 57.00 58.31 -12.35
CA LEU F 105 57.57 57.58 -11.20
C LEU F 105 59.13 57.55 -11.19
N LEU F 106 59.76 58.20 -12.17
CA LEU F 106 61.21 58.28 -12.25
C LEU F 106 61.67 59.56 -11.59
N ASN F 107 62.82 59.49 -10.91
CA ASN F 107 63.55 60.67 -10.47
C ASN F 107 64.93 60.62 -11.10
N GLY F 108 65.67 61.72 -11.02
CA GLY F 108 67.06 61.72 -11.43
C GLY F 108 67.25 61.69 -12.94
N PRO F 109 68.38 61.11 -13.40
CA PRO F 109 68.71 61.19 -14.83
C PRO F 109 67.93 60.24 -15.76
N GLU F 110 67.40 59.14 -15.23
CA GLU F 110 66.52 58.30 -16.06
C GLU F 110 65.29 59.14 -16.39
N TRP F 111 64.81 59.90 -15.41
CA TRP F 111 63.73 60.83 -15.64
C TRP F 111 64.04 61.76 -16.78
N ARG F 112 65.13 62.53 -16.67
CA ARG F 112 65.49 63.56 -17.67
C ARG F 112 65.64 62.99 -19.06
N PHE F 113 66.27 61.81 -19.16
CA PHE F 113 66.39 61.11 -20.44
C PHE F 113 65.00 60.91 -21.08
N ASN F 114 64.05 60.41 -20.28
CA ASN F 114 62.71 60.16 -20.76
C ASN F 114 62.05 61.46 -21.13
N ARG F 115 62.08 62.40 -20.21
CA ARG F 115 61.30 63.64 -20.38
C ARG F 115 61.65 64.36 -21.67
N LEU F 116 62.95 64.45 -21.97
CA LEU F 116 63.42 65.27 -23.09
C LEU F 116 63.07 64.60 -24.41
N ARG F 117 62.83 63.30 -24.35
CA ARG F 117 62.38 62.51 -25.50
C ARG F 117 60.86 62.35 -25.57
N LEU F 118 60.13 63.01 -24.67
CA LEU F 118 58.66 63.00 -24.63
C LEU F 118 58.05 64.38 -24.85
N ASN F 119 58.64 65.45 -24.30
CA ASN F 119 58.11 66.81 -24.56
C ASN F 119 57.73 67.10 -26.02
N PRO F 120 58.61 66.77 -26.99
CA PRO F 120 58.31 67.20 -28.35
C PRO F 120 57.01 66.65 -28.95
N ASP F 121 56.74 65.37 -28.74
CA ASP F 121 55.55 64.74 -29.33
C ASP F 121 54.29 64.74 -28.43
N VAL F 122 54.44 64.94 -27.09
CA VAL F 122 53.29 64.92 -26.19
C VAL F 122 52.81 66.32 -25.86
N LEU F 123 53.74 67.25 -25.62
CA LEU F 123 53.42 68.55 -25.01
C LEU F 123 53.54 69.78 -25.91
N SER F 124 54.43 69.74 -26.90
CA SER F 124 54.79 70.97 -27.65
C SER F 124 53.63 71.55 -28.43
N PRO F 125 53.73 72.84 -28.81
CA PRO F 125 52.69 73.37 -29.68
C PRO F 125 52.70 72.67 -31.05
N LYS F 126 53.86 72.20 -31.47
CA LYS F 126 53.99 71.51 -32.75
C LYS F 126 53.17 70.22 -32.75
N ALA F 127 53.24 69.46 -31.66
CA ALA F 127 52.45 68.23 -31.53
C ALA F 127 50.93 68.53 -31.45
N VAL F 128 50.56 69.60 -30.74
CA VAL F 128 49.16 70.05 -30.62
C VAL F 128 48.55 70.41 -31.97
N GLN F 129 49.26 71.14 -32.82
CA GLN F 129 48.84 71.38 -34.23
C GLN F 129 48.44 70.08 -34.97
N ARG F 130 49.14 69.01 -34.64
CA ARG F 130 48.93 67.76 -35.31
C ARG F 130 47.78 66.91 -34.71
N PHE F 131 47.62 66.88 -33.39
CA PHE F 131 46.51 66.06 -32.83
C PHE F 131 45.19 66.78 -32.59
N LEU F 132 45.22 68.11 -32.51
CA LEU F 132 44.01 68.86 -32.20
C LEU F 132 42.85 68.56 -33.15
N PRO F 133 43.09 68.51 -34.47
CA PRO F 133 41.99 68.14 -35.37
C PRO F 133 41.39 66.76 -35.09
N MET F 134 42.20 65.80 -34.61
CA MET F 134 41.69 64.45 -34.32
C MET F 134 40.75 64.60 -33.13
N VAL F 135 41.22 65.20 -32.06
CA VAL F 135 40.38 65.50 -30.89
C VAL F 135 39.07 66.23 -31.28
N ASP F 136 39.17 67.21 -32.19
CA ASP F 136 38.00 67.97 -32.63
C ASP F 136 36.93 67.03 -33.16
N ALA F 137 37.35 66.06 -33.95
CA ALA F 137 36.46 65.08 -34.55
C ALA F 137 35.64 64.37 -33.48
N VAL F 138 36.29 63.89 -32.42
CA VAL F 138 35.58 63.16 -31.37
C VAL F 138 34.62 64.08 -30.62
N ALA F 139 35.05 65.33 -30.40
CA ALA F 139 34.22 66.33 -29.77
C ALA F 139 32.99 66.64 -30.63
N ARG F 140 33.21 66.79 -31.94
CA ARG F 140 32.10 67.04 -32.85
C ARG F 140 31.12 65.87 -32.72
N ASP F 141 31.67 64.65 -32.67
CA ASP F 141 30.84 63.44 -32.64
C ASP F 141 30.03 63.30 -31.37
N PHE F 142 30.61 63.71 -30.25
CA PHE F 142 29.92 63.71 -29.00
C PHE F 142 28.67 64.58 -29.12
N SER F 143 28.84 65.73 -29.74
CA SER F 143 27.79 66.74 -29.77
C SER F 143 26.66 66.34 -30.72
N GLN F 144 27.03 65.71 -31.82
CA GLN F 144 26.04 65.16 -32.75
C GLN F 144 25.26 63.98 -32.14
N ALA F 145 25.95 63.05 -31.48
CA ALA F 145 25.28 61.89 -30.90
C ALA F 145 24.28 62.40 -29.89
N LEU F 146 24.70 63.37 -29.09
CA LEU F 146 23.86 63.91 -28.03
C LEU F 146 22.66 64.64 -28.61
N LYS F 147 22.88 65.37 -29.69
CA LYS F 147 21.81 66.08 -30.34
C LYS F 147 20.74 65.14 -30.95
N LYS F 148 21.18 64.05 -31.56
CA LYS F 148 20.24 63.07 -32.09
C LYS F 148 19.27 62.65 -30.98
N LYS F 149 19.81 62.32 -29.82
CA LYS F 149 18.97 61.92 -28.70
C LYS F 149 18.06 63.05 -28.26
N VAL F 150 18.61 64.25 -28.17
CA VAL F 150 17.84 65.40 -27.70
C VAL F 150 16.67 65.71 -28.62
N LEU F 151 16.89 65.67 -29.93
CA LEU F 151 15.81 65.96 -30.89
C LEU F 151 14.73 64.87 -30.98
N GLN F 152 15.00 63.66 -30.50
CA GLN F 152 14.00 62.59 -30.46
C GLN F 152 12.96 62.93 -29.39
N ASN F 153 13.33 63.80 -28.43
CA ASN F 153 12.44 64.17 -27.35
C ASN F 153 11.55 65.35 -27.72
N ALA F 154 10.33 65.34 -27.19
CA ALA F 154 9.29 66.30 -27.58
C ALA F 154 9.57 67.74 -27.08
N ARG F 155 10.17 67.86 -25.89
CA ARG F 155 10.64 69.16 -25.40
C ARG F 155 12.02 69.56 -25.97
N GLY F 156 12.58 68.78 -26.89
CA GLY F 156 13.86 69.16 -27.49
C GLY F 156 15.05 69.28 -26.53
N SER F 157 14.99 68.56 -25.41
CA SER F 157 16.08 68.50 -24.44
C SER F 157 16.27 67.07 -23.98
N LEU F 158 17.46 66.79 -23.44
CA LEU F 158 17.71 65.58 -22.68
C LEU F 158 18.27 65.97 -21.31
N THR F 159 17.82 65.25 -20.30
CA THR F 159 18.22 65.49 -18.96
C THR F 159 18.78 64.19 -18.44
N LEU F 160 20.06 64.21 -18.06
CA LEU F 160 20.85 63.01 -17.73
C LEU F 160 21.98 63.35 -16.78
N ASP F 161 22.49 62.31 -16.14
CA ASP F 161 23.82 62.30 -15.59
C ASP F 161 24.79 62.14 -16.75
N VAL F 162 25.55 63.20 -17.08
CA VAL F 162 26.49 63.12 -18.23
C VAL F 162 27.79 62.39 -17.94
N GLN F 163 28.07 62.12 -16.69
CA GLN F 163 29.38 61.57 -16.31
C GLN F 163 29.74 60.35 -17.17
N PRO F 164 28.82 59.40 -17.31
CA PRO F 164 29.31 58.25 -18.07
C PRO F 164 29.82 58.65 -19.46
N SER F 165 29.04 59.45 -20.20
CA SER F 165 29.35 59.73 -21.58
C SER F 165 30.56 60.68 -21.73
N ILE F 166 30.77 61.53 -20.73
CA ILE F 166 32.00 62.33 -20.68
C ILE F 166 33.24 61.45 -20.49
N PHE F 167 33.16 60.47 -19.60
CA PHE F 167 34.30 59.57 -19.42
C PHE F 167 34.60 58.78 -20.68
N HIS F 168 33.58 58.44 -21.43
CA HIS F 168 33.78 57.70 -22.68
C HIS F 168 34.24 58.62 -23.79
N TYR F 169 33.88 59.89 -23.71
CA TYR F 169 34.47 60.87 -24.60
C TYR F 169 35.99 60.94 -24.38
N THR F 170 36.43 61.07 -23.12
CA THR F 170 37.84 61.28 -22.85
C THR F 170 38.66 60.04 -23.21
N ILE F 171 38.09 58.85 -22.99
CA ILE F 171 38.73 57.59 -23.40
C ILE F 171 38.89 57.55 -24.91
N GLU F 172 37.88 58.01 -25.62
CA GLU F 172 37.92 58.01 -27.07
C GLU F 172 38.92 59.06 -27.58
N ALA F 173 38.75 60.31 -27.14
CA ALA F 173 39.65 61.40 -27.52
C ALA F 173 41.14 61.05 -27.30
N SER F 174 41.46 60.56 -26.11
CA SER F 174 42.84 60.24 -25.78
C SER F 174 43.38 59.08 -26.60
N ASN F 175 42.57 58.08 -26.87
CA ASN F 175 43.02 56.92 -27.64
C ASN F 175 43.29 57.30 -29.08
N LEU F 176 42.46 58.16 -29.65
CA LEU F 176 42.72 58.72 -30.99
C LEU F 176 44.00 59.57 -30.99
N ALA F 177 44.12 60.52 -30.06
CA ALA F 177 45.30 61.36 -29.95
C ALA F 177 46.58 60.56 -29.71
N LEU F 178 46.45 59.50 -28.91
CA LEU F 178 47.62 58.74 -28.49
C LEU F 178 47.98 57.67 -29.47
N PHE F 179 46.99 56.87 -29.88
CA PHE F 179 47.27 55.73 -30.74
C PHE F 179 46.70 55.84 -32.13
N GLY F 180 45.91 56.88 -32.38
CA GLY F 180 45.33 57.05 -33.68
C GLY F 180 44.24 56.07 -34.02
N GLU F 181 43.75 55.33 -33.03
CA GLU F 181 42.61 54.45 -33.23
C GLU F 181 41.36 55.07 -32.65
N ARG F 182 40.25 54.66 -33.23
CA ARG F 182 38.95 55.15 -32.90
C ARG F 182 38.26 54.00 -32.24
N LEU F 183 37.85 54.16 -30.97
CA LEU F 183 37.32 53.02 -30.22
C LEU F 183 35.84 52.76 -30.43
N GLY F 184 35.11 53.75 -30.96
CA GLY F 184 33.67 53.60 -31.16
C GLY F 184 32.84 53.77 -29.90
N LEU F 185 33.38 54.47 -28.91
CA LEU F 185 32.71 54.65 -27.63
C LEU F 185 31.80 55.85 -27.58
N VAL F 186 32.08 56.88 -28.38
CA VAL F 186 31.23 58.08 -28.38
C VAL F 186 30.06 57.84 -29.29
N GLY F 187 28.86 58.12 -28.79
CA GLY F 187 27.62 57.92 -29.54
C GLY F 187 27.12 56.49 -29.59
N HIS F 188 27.76 55.61 -28.82
CA HIS F 188 27.34 54.21 -28.70
C HIS F 188 27.46 53.86 -27.27
N SER F 189 27.08 52.65 -26.93
CA SER F 189 27.17 52.20 -25.57
C SER F 189 28.61 51.85 -25.16
N PRO F 190 28.91 52.01 -23.86
CA PRO F 190 30.17 51.56 -23.30
C PRO F 190 30.43 50.10 -23.60
N SER F 191 31.62 49.79 -24.12
CA SER F 191 32.08 48.40 -24.22
C SER F 191 32.44 47.87 -22.82
N SER F 192 32.66 46.57 -22.71
CA SER F 192 32.96 45.99 -21.39
C SER F 192 34.45 46.19 -21.02
N ALA F 193 35.35 46.16 -22.01
CA ALA F 193 36.75 46.59 -21.78
C ALA F 193 36.77 48.02 -21.26
N SER F 194 35.95 48.85 -21.86
CA SER F 194 35.82 50.24 -21.49
C SER F 194 35.39 50.40 -20.02
N LEU F 195 34.33 49.70 -19.61
CA LEU F 195 33.87 49.77 -18.20
C LEU F 195 34.84 49.14 -17.20
N ASN F 196 35.46 48.02 -17.57
CA ASN F 196 36.43 47.37 -16.69
C ASN F 196 37.60 48.29 -16.42
N PHE F 197 38.03 49.01 -17.45
CA PHE F 197 39.10 49.98 -17.33
C PHE F 197 38.74 51.14 -16.38
N LEU F 198 37.52 51.69 -16.52
CA LEU F 198 37.06 52.78 -15.63
C LEU F 198 36.98 52.32 -14.19
N HIS F 199 36.54 51.08 -14.00
CA HIS F 199 36.47 50.52 -12.67
C HIS F 199 37.86 50.28 -12.12
N ALA F 200 38.72 49.64 -12.91
CA ALA F 200 40.09 49.35 -12.47
C ALA F 200 40.79 50.62 -12.03
N LEU F 201 40.67 51.70 -12.79
CA LEU F 201 41.21 53.01 -12.40
C LEU F 201 40.69 53.50 -11.06
N GLU F 202 39.40 53.32 -10.83
CA GLU F 202 38.78 53.87 -9.62
C GLU F 202 39.27 53.07 -8.41
N VAL F 203 39.35 51.75 -8.57
CA VAL F 203 39.89 50.89 -7.53
C VAL F 203 41.36 51.18 -7.30
N MET F 204 42.09 51.48 -8.37
CA MET F 204 43.51 51.77 -8.23
C MET F 204 43.72 53.06 -7.45
N PHE F 205 42.88 54.05 -7.68
CA PHE F 205 42.97 55.29 -6.94
C PHE F 205 42.58 55.14 -5.46
N LYS F 206 41.54 54.37 -5.19
CA LYS F 206 41.09 54.17 -3.82
C LYS F 206 42.24 53.52 -3.06
N SER F 207 42.63 52.33 -3.52
CA SER F 207 43.68 51.56 -2.86
C SER F 207 44.95 52.37 -2.73
N THR F 208 45.24 53.24 -3.71
CA THR F 208 46.40 54.12 -3.58
C THR F 208 46.34 54.85 -2.25
N VAL F 209 45.22 55.55 -1.98
CA VAL F 209 45.11 56.31 -0.73
C VAL F 209 45.24 55.38 0.48
N GLN F 210 44.65 54.19 0.41
CA GLN F 210 44.76 53.24 1.50
C GLN F 210 46.24 52.98 1.84
N LEU F 211 47.05 52.67 0.83
CA LEU F 211 48.46 52.24 1.00
C LEU F 211 49.45 53.38 1.08
N MET F 212 49.01 54.57 0.71
CA MET F 212 49.88 55.70 0.45
C MET F 212 50.52 56.28 1.70
N PHE F 213 49.77 56.28 2.80
CA PHE F 213 50.19 57.01 3.99
C PHE F 213 50.85 56.12 5.02
N MET F 214 51.27 54.92 4.62
CA MET F 214 51.98 54.03 5.52
C MET F 214 53.06 53.21 4.80
N PRO F 215 54.21 52.99 5.47
CA PRO F 215 55.32 52.28 4.83
C PRO F 215 54.96 50.87 4.43
N ARG F 216 55.60 50.35 3.40
CA ARG F 216 55.33 48.97 2.95
C ARG F 216 55.54 48.00 4.13
N SER F 217 56.57 48.23 4.95
CA SER F 217 56.89 47.37 6.11
C SER F 217 55.68 47.15 7.02
N LEU F 218 54.94 48.22 7.26
CA LEU F 218 53.74 48.14 8.06
C LEU F 218 52.47 47.72 7.22
N SER F 219 52.18 48.45 6.14
CA SER F 219 50.97 48.16 5.33
C SER F 219 50.89 46.71 4.85
N ARG F 220 52.06 46.08 4.71
CA ARG F 220 52.18 44.67 4.31
C ARG F 220 51.28 43.76 5.12
N TRP F 221 51.33 43.91 6.44
CA TRP F 221 50.55 43.03 7.34
C TRP F 221 49.31 43.67 7.89
N ILE F 222 49.26 45.01 7.90
CA ILE F 222 48.03 45.71 8.31
C ILE F 222 46.94 45.65 7.27
N SER F 223 47.29 45.76 5.98
CA SER F 223 46.31 45.81 4.88
C SER F 223 46.68 44.95 3.64
N PRO F 224 47.00 43.68 3.85
CA PRO F 224 47.50 42.89 2.70
C PRO F 224 46.44 42.69 1.61
N LYS F 225 45.18 42.63 2.01
CA LYS F 225 44.08 42.49 1.05
C LYS F 225 43.99 43.72 0.13
N VAL F 226 44.42 44.89 0.63
CA VAL F 226 44.45 46.10 -0.17
C VAL F 226 45.58 46.12 -1.21
N TRP F 227 46.75 45.57 -0.87
CA TRP F 227 47.82 45.37 -1.85
C TRP F 227 47.35 44.48 -2.96
N LYS F 228 46.56 43.48 -2.61
CA LYS F 228 46.03 42.58 -3.62
C LYS F 228 45.12 43.38 -4.57
N GLU F 229 44.22 44.20 -4.00
CA GLU F 229 43.24 44.97 -4.79
C GLU F 229 43.92 45.92 -5.75
N HIS F 230 44.95 46.57 -5.23
CA HIS F 230 45.73 47.57 -5.95
C HIS F 230 46.42 46.97 -7.13
N PHE F 231 47.09 45.83 -6.92
CA PHE F 231 47.81 45.11 -7.98
C PHE F 231 46.87 44.52 -9.03
N GLU F 232 45.66 44.15 -8.62
CA GLU F 232 44.68 43.60 -9.54
C GLU F 232 44.17 44.71 -10.43
N ALA F 233 44.01 45.90 -9.85
CA ALA F 233 43.58 47.06 -10.60
C ALA F 233 44.63 47.35 -11.66
N TRP F 234 45.91 47.37 -11.25
CA TRP F 234 47.00 47.61 -12.20
C TRP F 234 47.10 46.56 -13.26
N ASP F 235 46.86 45.30 -12.94
CA ASP F 235 46.90 44.27 -13.95
C ASP F 235 45.89 44.53 -15.04
N CYS F 236 44.73 45.04 -14.66
CA CYS F 236 43.66 45.28 -15.62
C CYS F 236 44.03 46.52 -16.46
N ILE F 237 44.60 47.53 -15.81
CA ILE F 237 44.99 48.73 -16.49
C ILE F 237 46.11 48.41 -17.51
N PHE F 238 47.12 47.71 -17.06
CA PHE F 238 48.22 47.29 -17.95
C PHE F 238 47.72 46.42 -19.08
N GLN F 239 46.77 45.53 -18.77
CA GLN F 239 46.09 44.70 -19.79
C GLN F 239 45.50 45.57 -20.92
N TYR F 240 44.81 46.65 -20.54
CA TYR F 240 44.15 47.53 -21.49
C TYR F 240 45.19 48.34 -22.27
N GLY F 241 46.08 49.02 -21.55
CA GLY F 241 47.17 49.77 -22.18
C GLY F 241 48.09 48.96 -23.08
N ASP F 242 48.32 47.70 -22.74
CA ASP F 242 49.21 46.85 -23.51
C ASP F 242 48.52 46.33 -24.79
N ASN F 243 47.23 46.04 -24.69
CA ASN F 243 46.46 45.74 -25.87
C ASN F 243 46.66 46.89 -26.86
N CYS F 244 46.47 48.12 -26.41
CA CYS F 244 46.66 49.30 -27.27
C CYS F 244 48.03 49.31 -27.96
N ILE F 245 49.06 49.08 -27.18
CA ILE F 245 50.39 49.29 -27.68
C ILE F 245 50.83 48.14 -28.60
N GLN F 246 50.33 46.95 -28.37
CA GLN F 246 50.76 45.84 -29.17
C GLN F 246 50.18 46.01 -30.56
N LYS F 247 49.00 46.63 -30.62
CA LYS F 247 48.34 46.95 -31.87
C LYS F 247 49.13 47.98 -32.70
N ILE F 248 49.49 49.10 -32.07
CA ILE F 248 50.24 50.13 -32.76
C ILE F 248 51.67 49.61 -33.13
N TYR F 249 52.33 48.90 -32.22
CA TYR F 249 53.69 48.40 -32.47
C TYR F 249 53.75 47.55 -33.73
N GLN F 250 52.84 46.60 -33.83
CA GLN F 250 52.82 45.69 -34.94
C GLN F 250 52.39 46.45 -36.18
N GLU F 251 51.50 47.43 -36.06
CA GLU F 251 51.14 48.21 -37.25
C GLU F 251 52.36 49.02 -37.77
N LEU F 252 53.10 49.69 -36.87
CA LEU F 252 54.30 50.49 -37.22
C LEU F 252 55.58 49.68 -37.59
N ALA F 253 55.70 48.44 -37.16
CA ALA F 253 56.85 47.63 -37.65
C ALA F 253 56.76 47.39 -39.16
N PHE F 254 55.54 47.37 -39.71
CA PHE F 254 55.34 47.01 -41.13
C PHE F 254 55.26 48.19 -42.13
N ASN F 255 54.65 49.29 -41.72
CA ASN F 255 54.51 50.47 -42.58
C ASN F 255 54.72 51.74 -41.74
N ARG F 256 55.59 52.64 -42.21
CA ARG F 256 55.73 53.96 -41.58
C ARG F 256 54.83 54.90 -42.32
N PRO F 257 53.74 55.35 -41.69
CA PRO F 257 52.87 56.24 -42.44
C PRO F 257 53.56 57.56 -42.80
N GLN F 258 53.13 58.15 -43.90
CA GLN F 258 53.62 59.44 -44.34
C GLN F 258 52.87 60.57 -43.66
N HIS F 259 51.87 60.24 -42.84
CA HIS F 259 51.08 61.24 -42.15
C HIS F 259 50.96 60.96 -40.70
N TYR F 260 50.35 61.90 -39.99
CA TYR F 260 50.26 61.83 -38.53
C TYR F 260 49.20 60.84 -38.17
N THR F 261 49.56 59.87 -37.34
CA THR F 261 48.62 58.92 -36.79
C THR F 261 48.76 58.82 -35.28
N GLY F 262 49.12 59.94 -34.62
CA GLY F 262 49.14 60.03 -33.15
C GLY F 262 50.45 60.20 -32.40
N ILE F 263 50.31 60.46 -31.11
CA ILE F 263 51.44 60.79 -30.23
C ILE F 263 52.38 59.60 -30.05
N VAL F 264 51.85 58.43 -29.68
CA VAL F 264 52.66 57.26 -29.48
C VAL F 264 53.28 56.80 -30.81
N ALA F 265 52.63 57.08 -31.92
CA ALA F 265 53.22 56.77 -33.22
C ALA F 265 54.55 57.53 -33.39
N GLU F 266 54.54 58.84 -33.12
CA GLU F 266 55.76 59.61 -33.19
C GLU F 266 56.86 59.02 -32.33
N LEU F 267 56.54 58.65 -31.10
CA LEU F 267 57.59 58.09 -30.21
C LEU F 267 58.19 56.80 -30.77
N LEU F 268 57.35 55.99 -31.38
CA LEU F 268 57.79 54.69 -31.87
C LEU F 268 58.55 54.85 -33.17
N LEU F 269 58.06 55.71 -34.05
CA LEU F 269 58.78 56.04 -35.26
C LEU F 269 60.19 56.52 -34.91
N LYS F 270 60.30 57.55 -34.10
CA LYS F 270 61.62 58.03 -33.76
C LYS F 270 62.46 56.94 -33.09
N ALA F 271 61.86 56.16 -32.19
CA ALA F 271 62.60 55.08 -31.48
C ALA F 271 63.86 55.62 -30.76
N GLU F 272 63.75 56.80 -30.17
CA GLU F 272 64.79 57.39 -29.36
C GLU F 272 64.83 56.72 -27.98
N LEU F 273 63.65 56.33 -27.49
CA LEU F 273 63.52 55.61 -26.23
C LEU F 273 63.45 54.13 -26.56
N SER F 274 63.96 53.28 -25.68
CA SER F 274 63.77 51.85 -25.89
C SER F 274 62.29 51.52 -25.87
N LEU F 275 61.96 50.38 -26.44
CA LEU F 275 60.62 49.87 -26.42
C LEU F 275 60.02 49.84 -24.99
N GLU F 276 60.79 49.34 -24.04
CA GLU F 276 60.29 49.23 -22.67
C GLU F 276 59.96 50.58 -22.10
N ALA F 277 60.78 51.57 -22.43
CA ALA F 277 60.55 52.93 -21.97
C ALA F 277 59.28 53.49 -22.59
N ILE F 278 59.11 53.27 -23.89
CA ILE F 278 57.95 53.75 -24.60
C ILE F 278 56.71 53.11 -23.95
N LYS F 279 56.73 51.79 -23.79
CA LYS F 279 55.61 51.06 -23.15
C LYS F 279 55.24 51.69 -21.81
N ALA F 280 56.24 51.91 -20.95
CA ALA F 280 56.05 52.52 -19.62
C ALA F 280 55.41 53.90 -19.71
N ASN F 281 55.87 54.73 -20.63
CA ASN F 281 55.34 56.08 -20.72
C ASN F 281 53.97 56.06 -21.35
N SER F 282 53.78 55.16 -22.32
CA SER F 282 52.49 54.99 -22.96
C SER F 282 51.39 54.58 -21.96
N MET F 283 51.72 53.68 -21.04
CA MET F 283 50.85 53.33 -19.89
C MET F 283 50.46 54.53 -19.02
N GLU F 284 51.40 55.43 -18.77
CA GLU F 284 51.09 56.58 -17.95
C GLU F 284 50.11 57.53 -18.64
N LEU F 285 50.23 57.66 -19.96
CA LEU F 285 49.38 58.59 -20.73
C LEU F 285 48.00 57.97 -20.88
N THR F 286 47.95 56.67 -21.20
CA THR F 286 46.69 55.93 -21.24
C THR F 286 45.93 55.93 -19.88
N ALA F 287 46.64 55.65 -18.80
CA ALA F 287 46.01 55.63 -17.49
C ALA F 287 45.72 57.04 -17.03
N GLY F 288 46.63 57.95 -17.28
CA GLY F 288 46.48 59.33 -16.85
C GLY F 288 45.58 60.22 -17.68
N SER F 289 45.11 59.75 -18.84
CA SER F 289 44.32 60.60 -19.75
C SER F 289 42.81 60.50 -19.61
N VAL F 290 42.30 59.88 -18.56
CA VAL F 290 40.86 59.66 -18.45
C VAL F 290 40.24 60.47 -17.32
N ASP F 291 40.50 60.09 -16.07
CA ASP F 291 39.82 60.73 -14.91
C ASP F 291 40.25 62.16 -14.72
N THR F 292 41.54 62.40 -14.97
CA THR F 292 42.14 63.71 -14.80
C THR F 292 41.48 64.76 -15.67
N THR F 293 41.19 64.41 -16.91
CA THR F 293 40.45 65.29 -17.82
C THR F 293 38.92 65.28 -17.59
N ALA F 294 38.33 64.09 -17.37
CA ALA F 294 36.85 63.95 -17.29
C ALA F 294 36.24 64.83 -16.21
N PHE F 295 36.77 64.77 -15.01
CA PHE F 295 36.16 65.47 -13.89
C PHE F 295 36.16 67.00 -14.01
N PRO F 296 37.28 67.61 -14.46
CA PRO F 296 37.19 69.09 -14.61
C PRO F 296 36.21 69.48 -15.67
N LEU F 297 36.14 68.68 -16.73
CA LEU F 297 35.16 68.87 -17.79
C LEU F 297 33.74 68.87 -17.22
N LEU F 298 33.45 67.86 -16.40
CA LEU F 298 32.20 67.77 -15.66
C LEU F 298 31.96 68.99 -14.73
N MET F 299 32.99 69.39 -13.99
CA MET F 299 32.84 70.52 -13.09
C MET F 299 32.60 71.83 -13.83
N THR F 300 33.24 72.00 -15.00
CA THR F 300 32.95 73.17 -15.82
C THR F 300 31.49 73.11 -16.28
N LEU F 301 31.06 71.98 -16.82
CA LEU F 301 29.67 71.83 -17.24
C LEU F 301 28.71 72.27 -16.13
N PHE F 302 29.03 71.88 -14.91
CA PHE F 302 28.20 72.20 -13.77
C PHE F 302 28.25 73.69 -13.46
N GLU F 303 29.44 74.30 -13.50
CA GLU F 303 29.57 75.74 -13.18
C GLU F 303 28.93 76.62 -14.23
N LEU F 304 28.98 76.20 -15.50
CA LEU F 304 28.25 76.91 -16.54
C LEU F 304 26.72 76.82 -16.34
N ALA F 305 26.21 75.65 -15.95
CA ALA F 305 24.79 75.47 -15.70
C ALA F 305 24.35 76.40 -14.57
N ARG F 306 25.22 76.54 -13.59
CA ARG F 306 24.97 77.34 -12.40
C ARG F 306 25.18 78.83 -12.66
N ASN F 307 25.89 79.17 -13.74
CA ASN F 307 26.16 80.56 -14.10
C ASN F 307 25.75 80.85 -15.54
N PRO F 308 24.44 80.97 -15.76
CA PRO F 308 23.93 81.22 -17.11
C PRO F 308 24.54 82.44 -17.80
N ASP F 309 24.81 83.51 -17.04
CA ASP F 309 25.33 84.73 -17.64
C ASP F 309 26.68 84.42 -18.22
N VAL F 310 27.52 83.76 -17.42
CA VAL F 310 28.87 83.40 -17.85
C VAL F 310 28.83 82.40 -19.01
N GLN F 311 27.84 81.51 -18.98
CA GLN F 311 27.67 80.55 -20.04
C GLN F 311 27.30 81.27 -21.31
N GLN F 312 26.39 82.23 -21.23
CA GLN F 312 25.96 82.96 -22.44
C GLN F 312 27.11 83.75 -23.06
N ILE F 313 27.97 84.32 -22.22
CA ILE F 313 29.16 85.00 -22.74
C ILE F 313 30.04 83.99 -23.45
N LEU F 314 30.28 82.84 -22.83
CA LEU F 314 31.11 81.85 -23.49
C LEU F 314 30.52 81.40 -24.83
N ARG F 315 29.20 81.28 -24.91
CA ARG F 315 28.54 80.87 -26.15
C ARG F 315 28.73 81.90 -27.25
N GLN F 316 28.64 83.17 -26.88
CA GLN F 316 28.81 84.29 -27.81
C GLN F 316 30.20 84.19 -28.43
N GLU F 317 31.18 83.90 -27.60
CA GLU F 317 32.53 83.71 -28.08
C GLU F 317 32.61 82.54 -29.08
N SER F 318 31.96 81.42 -28.76
CA SER F 318 32.03 80.21 -29.60
C SER F 318 31.21 80.33 -30.86
N LEU F 319 30.09 81.05 -30.78
CA LEU F 319 29.29 81.34 -32.00
C LEU F 319 30.05 82.18 -33.00
N ALA F 320 30.75 83.20 -32.50
CA ALA F 320 31.50 84.11 -33.37
C ALA F 320 32.67 83.37 -34.05
N ALA F 321 33.29 82.42 -33.34
CA ALA F 321 34.47 81.73 -33.89
C ALA F 321 34.14 80.39 -34.57
N ALA F 322 32.85 80.04 -34.64
CA ALA F 322 32.44 78.71 -35.15
C ALA F 322 32.93 78.41 -36.56
N ALA F 323 32.65 79.32 -37.49
CA ALA F 323 33.06 79.13 -38.88
C ALA F 323 34.59 79.05 -39.02
N SER F 324 35.32 79.91 -38.32
CA SER F 324 36.80 79.85 -38.37
C SER F 324 37.35 78.47 -37.91
N ILE F 325 36.66 77.86 -36.95
CA ILE F 325 37.11 76.62 -36.31
C ILE F 325 36.57 75.40 -37.04
N SER F 326 35.38 75.51 -37.62
CA SER F 326 34.87 74.46 -38.52
C SER F 326 35.81 74.25 -39.69
N GLU F 327 36.53 75.31 -40.06
CA GLU F 327 37.42 75.31 -41.21
C GLU F 327 38.83 74.88 -40.81
N HIS F 328 39.34 75.45 -39.71
CA HIS F 328 40.66 75.05 -39.15
C HIS F 328 40.57 74.87 -37.64
N PRO F 329 40.50 73.60 -37.18
CA PRO F 329 40.32 73.36 -35.73
C PRO F 329 41.44 73.89 -34.81
N GLN F 330 42.67 73.97 -35.33
CA GLN F 330 43.85 74.46 -34.54
C GLN F 330 43.66 75.88 -34.00
N LYS F 331 42.77 76.63 -34.64
CA LYS F 331 42.46 78.00 -34.23
C LYS F 331 41.64 78.06 -32.98
N ALA F 332 41.24 76.92 -32.45
CA ALA F 332 40.42 76.89 -31.27
C ALA F 332 41.23 77.42 -30.10
N THR F 333 42.49 77.05 -30.09
CA THR F 333 43.34 77.33 -28.94
C THR F 333 43.61 78.81 -28.77
N THR F 334 43.43 79.59 -29.82
CA THR F 334 43.62 81.03 -29.74
C THR F 334 42.36 81.88 -29.96
N GLU F 335 41.32 81.35 -30.58
CA GLU F 335 40.09 82.16 -30.80
C GLU F 335 39.01 81.97 -29.75
N LEU F 336 39.32 81.21 -28.68
CA LEU F 336 38.35 80.97 -27.61
C LEU F 336 39.01 81.28 -26.27
N PRO F 337 39.58 82.49 -26.13
CA PRO F 337 40.29 82.82 -24.91
C PRO F 337 39.43 82.77 -23.64
N LEU F 338 38.18 83.23 -23.69
CA LEU F 338 37.33 83.22 -22.47
C LEU F 338 37.05 81.79 -22.04
N LEU F 339 36.83 80.90 -23.01
CA LEU F 339 36.55 79.50 -22.67
C LEU F 339 37.78 78.88 -22.04
N ARG F 340 38.96 79.26 -22.53
CA ARG F 340 40.22 78.81 -21.92
C ARG F 340 40.38 79.36 -20.51
N ALA F 341 39.80 80.53 -20.26
CA ALA F 341 39.81 81.11 -18.94
C ALA F 341 38.88 80.29 -18.03
N ALA F 342 37.78 79.83 -18.60
CA ALA F 342 36.80 79.02 -17.87
C ALA F 342 37.48 77.79 -17.28
N LEU F 343 38.27 77.10 -18.09
CA LEU F 343 39.04 75.97 -17.62
C LEU F 343 39.92 76.33 -16.43
N LYS F 344 40.63 77.46 -16.55
CA LYS F 344 41.53 77.91 -15.48
C LYS F 344 40.72 78.17 -14.23
N GLU F 345 39.54 78.70 -14.42
CA GLU F 345 38.72 79.01 -13.28
C GLU F 345 38.30 77.73 -12.56
N THR F 346 37.92 76.72 -13.34
CA THR F 346 37.51 75.41 -12.80
C THR F 346 38.66 74.76 -12.03
N LEU F 347 39.85 74.79 -12.59
CA LEU F 347 40.99 74.14 -11.95
C LEU F 347 41.49 74.92 -10.75
N ARG F 348 41.13 76.19 -10.67
CA ARG F 348 41.40 77.01 -9.51
C ARG F 348 40.58 76.50 -8.31
N LEU F 349 39.27 76.41 -8.50
CA LEU F 349 38.37 75.88 -7.47
C LEU F 349 38.51 74.35 -7.26
N TYR F 350 38.78 73.61 -8.34
CA TYR F 350 38.69 72.16 -8.29
C TYR F 350 39.94 71.51 -8.86
N PRO F 351 41.08 71.68 -8.17
CA PRO F 351 42.34 71.12 -8.60
C PRO F 351 42.32 69.61 -8.60
N VAL F 352 42.33 69.01 -9.77
CA VAL F 352 42.38 67.56 -9.88
C VAL F 352 43.48 67.00 -8.99
N GLY F 353 44.68 67.52 -9.19
CA GLY F 353 45.80 67.26 -8.29
C GLY F 353 45.76 68.24 -7.14
N LEU F 354 45.54 67.73 -5.94
CA LEU F 354 45.42 68.56 -4.73
C LEU F 354 46.66 69.36 -4.42
N PHE F 355 47.82 68.71 -4.52
CA PHE F 355 49.06 69.33 -4.08
C PHE F 355 50.25 69.05 -4.99
N LEU F 356 51.07 70.07 -5.19
CA LEU F 356 52.39 69.91 -5.80
C LEU F 356 53.42 69.49 -4.76
N GLU F 357 54.22 68.49 -5.14
CA GLU F 357 55.13 67.78 -4.28
C GLU F 357 56.58 68.05 -4.72
N ARG F 358 57.44 68.54 -3.82
CA ARG F 358 58.90 68.57 -4.12
C ARG F 358 59.73 68.14 -2.91
N VAL F 359 60.57 67.12 -3.13
CA VAL F 359 61.67 66.81 -2.20
C VAL F 359 62.89 67.66 -2.60
N VAL F 360 63.06 68.76 -1.88
CA VAL F 360 64.03 69.78 -2.24
C VAL F 360 65.48 69.30 -2.10
N SER F 361 66.35 69.72 -3.02
CA SER F 361 67.77 69.33 -3.01
C SER F 361 68.70 70.49 -2.61
N SER F 362 68.15 71.52 -1.98
CA SER F 362 68.93 72.68 -1.55
C SER F 362 68.25 73.33 -0.36
N ASP F 363 69.02 73.60 0.69
CA ASP F 363 68.56 74.46 1.76
C ASP F 363 67.84 75.65 1.15
N LEU F 364 66.75 76.07 1.77
CA LEU F 364 66.12 77.31 1.38
C LEU F 364 65.33 77.90 2.53
N VAL F 365 64.74 79.07 2.29
CA VAL F 365 63.86 79.72 3.25
C VAL F 365 62.52 79.96 2.61
N LEU F 366 61.47 79.51 3.28
CA LEU F 366 60.10 79.85 2.94
C LEU F 366 59.49 80.51 4.15
N GLN F 367 58.91 81.70 3.97
CA GLN F 367 58.14 82.34 5.05
C GLN F 367 59.00 82.59 6.31
N ASN F 368 60.25 83.00 6.11
CA ASN F 368 61.20 83.24 7.21
C ASN F 368 61.47 82.00 8.06
N TYR F 369 61.38 80.83 7.42
CA TYR F 369 61.70 79.56 8.07
C TYR F 369 62.76 78.79 7.27
N HIS F 370 63.71 78.21 8.00
CA HIS F 370 64.74 77.37 7.40
C HIS F 370 64.18 76.06 6.90
N ILE F 371 64.29 75.84 5.59
CA ILE F 371 63.93 74.57 4.98
C ILE F 371 65.22 73.86 4.55
N PRO F 372 65.56 72.76 5.24
CA PRO F 372 66.75 71.98 4.87
C PRO F 372 66.61 71.19 3.56
N ALA F 373 67.74 70.95 2.89
CA ALA F 373 67.78 69.98 1.80
C ALA F 373 67.20 68.63 2.25
N GLY F 374 66.54 67.93 1.32
CA GLY F 374 65.88 66.65 1.63
C GLY F 374 64.47 66.76 2.20
N THR F 375 64.00 67.98 2.42
CA THR F 375 62.64 68.20 2.89
C THR F 375 61.57 68.05 1.77
N LEU F 376 60.46 67.41 2.12
CA LEU F 376 59.26 67.37 1.28
C LEU F 376 58.50 68.69 1.47
N VAL F 377 58.45 69.50 0.43
CA VAL F 377 57.59 70.68 0.42
C VAL F 377 56.40 70.44 -0.52
N GLN F 378 55.21 70.74 0.01
CA GLN F 378 53.92 70.53 -0.65
C GLN F 378 53.20 71.85 -0.85
N VAL F 379 52.76 72.14 -2.06
CA VAL F 379 51.84 73.24 -2.28
C VAL F 379 50.43 72.66 -2.29
N PHE F 380 49.59 73.16 -1.40
CA PHE F 380 48.20 72.78 -1.35
C PHE F 380 47.45 73.72 -2.29
N LEU F 381 47.01 73.22 -3.45
CA LEU F 381 46.39 74.05 -4.48
C LEU F 381 44.95 74.44 -4.15
N TYR F 382 44.20 73.57 -3.49
CA TYR F 382 42.84 73.90 -3.11
C TYR F 382 42.78 75.23 -2.33
N SER F 383 43.77 75.49 -1.48
CA SER F 383 43.80 76.75 -0.68
C SER F 383 44.46 77.87 -1.44
N LEU F 384 45.57 77.56 -2.11
CA LEU F 384 46.17 78.51 -3.03
C LEU F 384 45.09 79.12 -3.84
N GLY F 385 44.26 78.25 -4.41
CA GLY F 385 43.22 78.68 -5.33
C GLY F 385 42.20 79.60 -4.72
N ARG F 386 42.11 79.60 -3.38
CA ARG F 386 41.07 80.34 -2.64
C ARG F 386 41.61 81.48 -1.77
N ASN F 387 42.88 81.82 -1.97
CA ASN F 387 43.46 83.04 -1.40
C ASN F 387 42.77 84.30 -1.99
N ALA F 388 41.94 84.93 -1.16
CA ALA F 388 41.21 86.15 -1.55
C ALA F 388 42.13 87.23 -2.11
N ALA F 389 43.37 87.27 -1.63
CA ALA F 389 44.36 88.27 -2.10
C ALA F 389 44.68 88.11 -3.60
N LEU F 390 45.02 86.89 -4.02
CA LEU F 390 45.30 86.64 -5.43
C LEU F 390 44.03 86.64 -6.29
N PHE F 391 42.92 86.24 -5.69
CA PHE F 391 41.66 86.07 -6.40
C PHE F 391 40.53 86.68 -5.62
N PRO F 392 40.30 87.96 -5.81
CA PRO F 392 39.16 88.59 -5.12
C PRO F 392 37.83 87.96 -5.56
N ARG F 393 36.91 87.81 -4.60
CA ARG F 393 35.68 87.07 -4.76
C ARG F 393 36.00 85.65 -5.26
N PRO F 394 36.84 84.93 -4.52
CA PRO F 394 37.31 83.61 -4.96
C PRO F 394 36.21 82.53 -5.04
N GLU F 395 35.03 82.78 -4.46
CA GLU F 395 33.91 81.85 -4.59
C GLU F 395 33.17 82.08 -5.92
N ARG F 396 33.53 83.11 -6.66
CA ARG F 396 32.82 83.42 -7.88
C ARG F 396 33.51 82.77 -9.08
N TYR F 397 32.73 82.05 -9.89
CA TYR F 397 33.21 81.50 -11.15
C TYR F 397 33.24 82.67 -12.13
N ASN F 398 34.45 83.15 -12.44
CA ASN F 398 34.60 84.35 -13.26
C ASN F 398 35.81 84.29 -14.18
N PRO F 399 35.67 83.65 -15.35
CA PRO F 399 36.78 83.52 -16.31
C PRO F 399 37.46 84.85 -16.64
N GLN F 400 36.69 85.95 -16.65
CA GLN F 400 37.20 87.29 -16.93
C GLN F 400 38.44 87.68 -16.07
N ARG F 401 38.50 87.22 -14.82
CA ARG F 401 39.66 87.48 -13.95
C ARG F 401 41.00 87.13 -14.62
N TRP F 402 41.00 86.14 -15.49
CA TRP F 402 42.23 85.73 -16.14
C TRP F 402 42.62 86.64 -17.27
N LEU F 403 41.67 87.41 -17.79
CA LEU F 403 41.96 88.36 -18.86
C LEU F 403 42.41 89.73 -18.30
N ASP F 404 41.80 90.16 -17.19
CA ASP F 404 42.15 91.44 -16.55
C ASP F 404 43.65 91.54 -16.25
N PHE F 412 52.02 83.99 -11.59
CA PHE F 412 52.11 82.57 -11.20
C PHE F 412 50.96 82.17 -10.27
N HIS F 413 49.75 82.54 -10.69
CA HIS F 413 48.51 82.19 -10.02
C HIS F 413 47.98 80.87 -10.53
N HIS F 414 48.35 80.53 -11.77
CA HIS F 414 47.87 79.34 -12.43
C HIS F 414 48.94 78.24 -12.45
N VAL F 415 48.93 77.44 -11.39
CA VAL F 415 49.79 76.26 -11.29
C VAL F 415 49.07 74.89 -11.11
N PRO F 416 47.81 74.74 -11.59
CA PRO F 416 47.17 73.43 -11.55
C PRO F 416 47.93 72.31 -12.24
N PHE F 417 48.74 72.65 -13.24
CA PHE F 417 49.53 71.69 -13.98
C PHE F 417 50.99 71.63 -13.52
N GLY F 418 51.28 72.28 -12.39
CA GLY F 418 52.63 72.35 -11.88
C GLY F 418 53.45 73.50 -12.45
N PHE F 419 54.77 73.35 -12.38
CA PHE F 419 55.73 74.36 -12.86
C PHE F 419 57.01 73.68 -13.33
N GLY F 420 57.83 74.41 -14.09
CA GLY F 420 59.16 73.93 -14.48
C GLY F 420 59.19 72.66 -15.30
N MET F 421 60.37 72.07 -15.44
CA MET F 421 60.55 70.93 -16.36
C MET F 421 59.68 69.72 -16.03
N ARG F 422 59.13 69.67 -14.82
CA ARG F 422 58.36 68.54 -14.33
C ARG F 422 56.86 68.75 -14.50
N GLN F 423 56.48 69.97 -14.90
CA GLN F 423 55.07 70.33 -15.07
C GLN F 423 54.39 69.38 -16.01
N CYS F 424 53.06 69.33 -15.90
CA CYS F 424 52.21 68.32 -16.56
C CYS F 424 52.64 68.01 -17.99
N LEU F 425 52.94 66.74 -18.26
CA LEU F 425 53.27 66.32 -19.61
C LEU F 425 52.07 66.33 -20.57
N GLY F 426 50.88 66.01 -20.07
CA GLY F 426 49.69 65.90 -20.94
C GLY F 426 48.79 67.12 -20.91
N ARG F 427 49.30 68.23 -20.41
CA ARG F 427 48.51 69.45 -20.26
C ARG F 427 47.82 69.85 -21.55
N ARG F 428 48.54 69.94 -22.65
CA ARG F 428 47.94 70.48 -23.88
C ARG F 428 46.99 69.47 -24.52
N LEU F 429 47.27 68.18 -24.36
CA LEU F 429 46.26 67.19 -24.69
C LEU F 429 44.98 67.43 -23.84
N ALA F 430 45.17 67.58 -22.55
CA ALA F 430 44.04 67.71 -21.64
C ALA F 430 43.21 68.95 -21.95
N GLU F 431 43.90 70.09 -22.09
CA GLU F 431 43.28 71.38 -22.41
C GLU F 431 42.52 71.29 -23.74
N ALA F 432 43.15 70.68 -24.75
CA ALA F 432 42.50 70.47 -26.04
C ALA F 432 41.18 69.69 -25.95
N GLU F 433 41.23 68.55 -25.27
CA GLU F 433 40.06 67.69 -25.07
C GLU F 433 38.94 68.47 -24.39
N MET F 434 39.28 69.23 -23.36
CA MET F 434 38.28 69.95 -22.59
C MET F 434 37.71 71.06 -23.41
N LEU F 435 38.57 71.79 -24.09
CA LEU F 435 38.18 73.03 -24.75
C LEU F 435 37.22 72.73 -25.88
N LEU F 436 37.54 71.69 -26.67
CA LEU F 436 36.80 71.41 -27.88
C LEU F 436 35.46 70.76 -27.62
N LEU F 437 35.35 69.95 -26.57
CA LEU F 437 34.06 69.42 -26.21
C LEU F 437 33.17 70.57 -25.81
N LEU F 438 33.67 71.45 -24.95
CA LEU F 438 32.86 72.58 -24.48
C LEU F 438 32.42 73.46 -25.62
N HIS F 439 33.30 73.61 -26.60
CA HIS F 439 33.03 74.44 -27.77
C HIS F 439 31.82 73.96 -28.50
N HIS F 440 31.77 72.68 -28.84
CA HIS F 440 30.62 72.17 -29.59
C HIS F 440 29.34 72.08 -28.77
N VAL F 441 29.46 71.76 -27.49
CA VAL F 441 28.29 71.76 -26.63
C VAL F 441 27.68 73.18 -26.62
N LEU F 442 28.51 74.20 -26.38
CA LEU F 442 28.06 75.58 -26.30
C LEU F 442 27.38 76.06 -27.59
N LYS F 443 27.93 75.71 -28.74
CA LYS F 443 27.26 76.05 -30.00
C LYS F 443 25.87 75.49 -30.06
N HIS F 444 25.73 74.20 -29.75
CA HIS F 444 24.46 73.51 -29.97
C HIS F 444 23.46 73.51 -28.82
N PHE F 445 23.92 73.68 -27.58
CA PHE F 445 23.02 73.51 -26.40
C PHE F 445 23.08 74.60 -25.35
N LEU F 446 21.94 74.91 -24.74
CA LEU F 446 21.94 75.49 -23.39
C LEU F 446 22.06 74.32 -22.38
N VAL F 447 22.84 74.51 -21.32
CA VAL F 447 23.01 73.53 -20.23
C VAL F 447 22.36 74.12 -18.97
N GLU F 448 21.43 73.40 -18.35
CA GLU F 448 20.67 73.92 -17.20
C GLU F 448 20.54 72.88 -16.06
N THR F 449 20.61 73.30 -14.78
CA THR F 449 20.15 72.46 -13.64
C THR F 449 19.35 73.23 -12.62
N LEU F 450 18.53 72.49 -11.88
CA LEU F 450 17.89 72.99 -10.66
C LEU F 450 18.83 72.92 -9.47
N THR F 451 19.80 71.99 -9.56
CA THR F 451 20.87 71.83 -8.57
C THR F 451 21.84 73.01 -8.54
N GLN F 452 21.62 73.95 -7.63
CA GLN F 452 22.50 75.11 -7.46
C GLN F 452 23.48 75.00 -6.27
N GLU F 453 23.44 73.91 -5.52
CA GLU F 453 24.25 73.78 -4.31
C GLU F 453 25.61 73.25 -4.64
N ASP F 454 26.63 73.76 -3.95
CA ASP F 454 28.00 73.35 -4.15
C ASP F 454 28.10 71.83 -4.13
N ILE F 455 28.98 71.27 -4.94
CA ILE F 455 29.20 69.84 -4.95
C ILE F 455 30.29 69.54 -3.97
N LYS F 456 30.08 68.54 -3.12
CA LYS F 456 31.11 68.13 -2.18
C LYS F 456 32.21 67.42 -2.94
N MET F 457 33.42 67.97 -2.86
CA MET F 457 34.56 67.33 -3.48
C MET F 457 35.07 66.24 -2.55
N VAL F 458 35.84 65.32 -3.09
CA VAL F 458 36.25 64.15 -2.37
C VAL F 458 37.64 63.81 -2.80
N TYR F 459 38.58 63.79 -1.88
CA TYR F 459 39.94 63.40 -2.21
C TYR F 459 40.01 61.90 -2.30
N SER F 460 40.41 61.43 -3.47
CA SER F 460 40.64 60.02 -3.67
C SER F 460 41.78 59.84 -4.63
N PHE F 461 42.96 60.27 -4.16
CA PHE F 461 44.18 60.49 -4.95
C PHE F 461 44.04 61.64 -5.93
N ILE F 462 43.10 61.52 -6.88
CA ILE F 462 42.63 62.73 -7.59
C ILE F 462 41.54 63.37 -6.73
N LEU F 463 41.34 64.67 -6.85
CA LEU F 463 40.20 65.34 -6.22
C LEU F 463 39.03 65.34 -7.21
N ARG F 464 37.88 64.85 -6.76
CA ARG F 464 36.75 64.67 -7.66
C ARG F 464 35.43 65.00 -6.99
N PRO F 465 34.43 65.33 -7.80
CA PRO F 465 33.09 65.54 -7.24
C PRO F 465 32.52 64.27 -6.61
N GLY F 466 31.73 64.44 -5.57
CA GLY F 466 31.18 63.31 -4.84
C GLY F 466 29.87 62.84 -5.40
N THR F 467 29.17 63.74 -6.09
CA THR F 467 27.94 63.43 -6.79
C THR F 467 28.02 63.98 -8.21
N SER F 468 27.13 63.53 -9.08
CA SER F 468 27.01 64.11 -10.41
C SER F 468 25.62 64.65 -10.56
N PRO F 469 25.50 65.97 -10.77
CA PRO F 469 24.19 66.52 -10.80
C PRO F 469 23.51 66.26 -12.14
N LEU F 470 22.20 66.40 -12.13
CA LEU F 470 21.35 66.13 -13.26
C LEU F 470 21.40 67.37 -14.13
N LEU F 471 21.91 67.25 -15.36
CA LEU F 471 22.00 68.38 -16.30
C LEU F 471 21.06 68.21 -17.49
N THR F 472 20.40 69.30 -17.86
CA THR F 472 19.55 69.31 -19.02
C THR F 472 20.29 70.00 -20.14
N PHE F 473 20.43 69.28 -21.27
CA PHE F 473 20.98 69.84 -22.52
C PHE F 473 19.83 70.13 -23.46
N ARG F 474 19.68 71.40 -23.82
CA ARG F 474 18.53 71.90 -24.57
C ARG F 474 18.97 72.44 -25.94
N ALA F 475 18.46 71.84 -27.02
CA ALA F 475 18.89 72.26 -28.37
C ALA F 475 18.44 73.67 -28.61
N ILE F 476 19.37 74.55 -28.96
CA ILE F 476 19.03 75.94 -29.27
C ILE F 476 18.31 75.99 -30.61
N ASN F 477 18.80 75.19 -31.55
CA ASN F 477 18.17 75.06 -32.84
C ASN F 477 17.83 73.62 -33.13
N HIS F 478 16.58 73.34 -33.49
CA HIS F 478 16.12 71.96 -33.73
C HIS F 478 16.53 71.41 -35.08
N HIS F 479 17.85 71.27 -35.26
CA HIS F 479 18.45 70.63 -36.43
C HIS F 479 19.60 69.78 -35.97
N HIS F 480 19.79 68.61 -36.57
CA HIS F 480 20.80 67.66 -36.08
C HIS F 480 22.23 68.12 -36.30
N HIS F 481 22.48 68.75 -37.46
CA HIS F 481 23.83 69.29 -37.84
C HIS F 481 24.10 70.75 -37.51
N HIS F 482 23.12 71.62 -37.76
CA HIS F 482 23.31 73.08 -37.68
C HIS F 482 22.97 73.55 -36.31
N HIS F 483 23.86 74.34 -35.71
CA HIS F 483 23.52 75.05 -34.46
C HIS F 483 22.63 76.24 -34.72
N THR G 8 38.76 -42.40 -2.16
CA THR G 8 38.14 -42.18 -3.48
C THR G 8 36.63 -41.87 -3.32
N VAL G 9 36.33 -40.80 -2.57
CA VAL G 9 34.94 -40.40 -2.26
C VAL G 9 34.25 -39.62 -3.40
N LEU G 10 33.10 -40.13 -3.85
CA LEU G 10 32.39 -39.57 -5.00
C LEU G 10 31.61 -38.31 -4.60
N PRO G 11 31.07 -37.55 -5.58
CA PRO G 11 30.28 -36.37 -5.26
C PRO G 11 28.75 -36.61 -5.28
N PHE G 12 28.00 -35.70 -4.67
CA PHE G 12 26.55 -35.85 -4.47
C PHE G 12 25.80 -36.34 -5.72
N GLU G 13 26.04 -35.69 -6.86
CA GLU G 13 25.24 -35.92 -8.08
C GLU G 13 25.51 -37.30 -8.70
N ALA G 14 26.60 -37.95 -8.27
CA ALA G 14 26.95 -39.30 -8.71
C ALA G 14 25.99 -40.38 -8.16
N MET G 15 25.28 -40.04 -7.08
CA MET G 15 24.36 -40.96 -6.42
C MET G 15 23.20 -41.34 -7.35
N PRO G 16 22.76 -42.62 -7.30
CA PRO G 16 21.54 -43.00 -8.00
C PRO G 16 20.34 -42.15 -7.56
N GLN G 17 19.33 -42.05 -8.43
CA GLN G 17 18.19 -41.18 -8.20
C GLN G 17 16.87 -41.93 -8.36
N HIS G 18 15.90 -41.62 -7.50
CA HIS G 18 14.56 -42.20 -7.60
C HIS G 18 13.95 -41.83 -8.94
N PRO G 19 13.51 -42.83 -9.74
CA PRO G 19 13.01 -42.55 -11.10
C PRO G 19 12.01 -41.38 -11.23
N GLY G 20 11.03 -41.35 -10.32
CA GLY G 20 10.00 -40.31 -10.35
C GLY G 20 10.46 -38.95 -9.86
N ASN G 21 9.81 -37.90 -10.38
CA ASN G 21 10.12 -36.49 -10.05
C ASN G 21 9.25 -35.97 -8.90
N ARG G 22 9.31 -34.65 -8.69
CA ARG G 22 8.35 -33.95 -7.83
C ARG G 22 6.94 -34.06 -8.41
N TRP G 23 6.85 -34.38 -9.70
CA TRP G 23 5.56 -34.57 -10.37
C TRP G 23 4.79 -35.73 -9.80
N LEU G 24 5.35 -36.93 -9.88
CA LEU G 24 4.67 -38.13 -9.36
C LEU G 24 4.23 -37.94 -7.89
N ARG G 25 4.92 -37.05 -7.17
CA ARG G 25 4.63 -36.78 -5.76
C ARG G 25 3.28 -36.07 -5.56
N LEU G 26 2.97 -35.07 -6.38
CA LEU G 26 1.65 -34.43 -6.36
C LEU G 26 0.59 -35.27 -7.08
N LEU G 27 1.02 -36.02 -8.11
CA LEU G 27 0.11 -36.85 -8.91
C LEU G 27 -0.61 -37.87 -8.01
N GLN G 28 0.18 -38.56 -7.17
CA GLN G 28 -0.35 -39.53 -6.20
C GLN G 28 -1.39 -38.91 -5.24
N ILE G 29 -1.05 -37.77 -4.63
CA ILE G 29 -1.91 -37.13 -3.59
C ILE G 29 -3.24 -36.62 -4.11
N TRP G 30 -3.27 -36.13 -5.35
CA TRP G 30 -4.51 -35.65 -5.97
C TRP G 30 -5.29 -36.74 -6.64
N ARG G 31 -4.66 -37.89 -6.86
CA ARG G 31 -5.37 -39.08 -7.35
C ARG G 31 -6.26 -39.71 -6.26
N GLU G 32 -5.70 -40.01 -5.09
CA GLU G 32 -6.40 -40.80 -4.05
C GLU G 32 -6.25 -40.30 -2.60
N GLN G 33 -5.93 -38.99 -2.45
CA GLN G 33 -5.84 -38.31 -1.14
C GLN G 33 -4.92 -39.01 -0.13
N GLY G 34 -3.77 -39.50 -0.60
CA GLY G 34 -2.83 -40.18 0.28
C GLY G 34 -1.82 -41.02 -0.47
N TYR G 35 -0.72 -41.30 0.22
CA TYR G 35 0.39 -42.06 -0.32
C TYR G 35 0.45 -43.39 0.46
N GLU G 36 -0.65 -44.14 0.42
CA GLU G 36 -0.81 -45.33 1.26
C GLU G 36 0.27 -46.41 1.12
N HIS G 37 0.84 -46.54 -0.07
CA HIS G 37 1.85 -47.56 -0.36
C HIS G 37 3.26 -47.02 -0.31
N LEU G 38 3.46 -45.79 0.18
CA LEU G 38 4.78 -45.13 0.18
C LEU G 38 5.93 -46.04 0.65
N HIS G 39 5.64 -46.86 1.65
CA HIS G 39 6.63 -47.75 2.23
C HIS G 39 7.03 -48.88 1.33
N LEU G 40 6.12 -49.36 0.49
CA LEU G 40 6.43 -50.42 -0.47
C LEU G 40 7.17 -49.80 -1.66
N GLU G 41 6.83 -48.55 -1.96
CA GLU G 41 7.49 -47.79 -3.00
C GLU G 41 8.98 -47.67 -2.69
N MET G 42 9.32 -46.97 -1.60
CA MET G 42 10.72 -46.77 -1.23
C MET G 42 11.47 -48.10 -1.10
N HIS G 43 10.80 -49.14 -0.59
CA HIS G 43 11.44 -50.46 -0.47
C HIS G 43 11.90 -51.01 -1.81
N GLN G 44 11.14 -50.76 -2.88
CA GLN G 44 11.56 -51.24 -4.21
C GLN G 44 12.67 -50.35 -4.80
N THR G 45 12.53 -49.04 -4.69
CA THR G 45 13.59 -48.13 -5.07
C THR G 45 14.93 -48.58 -4.43
N PHE G 46 14.87 -49.03 -3.19
CA PHE G 46 16.04 -49.55 -2.51
C PHE G 46 16.50 -50.90 -3.06
N GLN G 47 15.57 -51.79 -3.34
CA GLN G 47 15.88 -53.05 -4.03
C GLN G 47 16.53 -52.79 -5.40
N GLU G 48 16.01 -51.79 -6.11
CA GLU G 48 16.47 -51.46 -7.48
C GLU G 48 17.82 -50.71 -7.53
N LEU G 49 17.99 -49.69 -6.68
CA LEU G 49 19.14 -48.80 -6.76
C LEU G 49 20.19 -49.05 -5.67
N GLY G 50 19.89 -49.95 -4.74
CA GLY G 50 20.77 -50.20 -3.60
C GLY G 50 20.52 -49.29 -2.40
N PRO G 51 21.43 -49.33 -1.40
CA PRO G 51 21.14 -48.85 -0.04
C PRO G 51 21.19 -47.34 0.15
N ILE G 52 21.29 -46.58 -0.94
CA ILE G 52 21.25 -45.13 -0.87
C ILE G 52 20.82 -44.48 -2.19
N PHE G 53 19.99 -43.46 -2.11
CA PHE G 53 19.59 -42.70 -3.31
C PHE G 53 19.06 -41.32 -2.97
N ARG G 54 19.11 -40.42 -3.95
CA ARG G 54 18.58 -39.07 -3.78
C ARG G 54 17.19 -38.97 -4.38
N TYR G 55 16.35 -38.09 -3.81
CA TYR G 55 15.02 -37.84 -4.32
C TYR G 55 15.06 -36.49 -4.98
N ASN G 56 14.27 -36.34 -6.05
CA ASN G 56 14.33 -35.11 -6.86
C ASN G 56 13.94 -33.88 -6.05
N LEU G 57 12.69 -33.83 -5.59
CA LEU G 57 12.14 -32.69 -4.85
C LEU G 57 12.09 -31.37 -5.68
N GLY G 58 12.83 -31.32 -6.80
CA GLY G 58 12.86 -30.15 -7.68
C GLY G 58 13.51 -28.92 -7.07
N GLY G 59 14.44 -29.12 -6.14
CA GLY G 59 15.09 -28.00 -5.47
C GLY G 59 16.10 -28.44 -4.42
N PRO G 60 15.74 -28.29 -3.12
CA PRO G 60 16.70 -28.68 -2.07
C PRO G 60 17.11 -30.15 -2.18
N ARG G 61 18.31 -30.46 -1.68
CA ARG G 61 18.86 -31.81 -1.76
C ARG G 61 18.24 -32.72 -0.70
N MET G 62 17.80 -33.92 -1.08
CA MET G 62 17.36 -34.93 -0.10
C MET G 62 17.84 -36.33 -0.46
N VAL G 63 18.15 -37.11 0.58
CA VAL G 63 18.84 -38.38 0.47
C VAL G 63 18.16 -39.43 1.35
N CYS G 64 18.16 -40.69 0.86
CA CYS G 64 17.44 -41.79 1.53
C CYS G 64 18.38 -42.94 1.84
N VAL G 65 18.37 -43.41 3.10
CA VAL G 65 19.26 -44.49 3.53
C VAL G 65 18.50 -45.56 4.31
N MET G 66 19.19 -46.65 4.63
CA MET G 66 18.53 -47.78 5.27
C MET G 66 19.43 -48.67 6.12
N LEU G 67 20.68 -48.28 6.34
CA LEU G 67 21.64 -49.14 6.99
C LEU G 67 22.02 -48.56 8.33
N PRO G 68 22.28 -49.43 9.32
CA PRO G 68 22.77 -49.01 10.65
C PRO G 68 23.98 -48.09 10.60
N GLU G 69 24.95 -48.41 9.76
CA GLU G 69 26.15 -47.56 9.62
C GLU G 69 25.81 -46.12 9.16
N ASP G 70 24.75 -45.96 8.38
CA ASP G 70 24.29 -44.64 7.95
C ASP G 70 23.65 -43.90 9.14
N VAL G 71 22.96 -44.63 10.02
CA VAL G 71 22.34 -44.02 11.21
C VAL G 71 23.39 -43.54 12.23
N GLU G 72 24.36 -44.40 12.54
CA GLU G 72 25.49 -44.05 13.41
C GLU G 72 26.21 -42.84 12.85
N LYS G 73 26.48 -42.87 11.55
CA LYS G 73 27.15 -41.74 10.89
C LYS G 73 26.32 -40.47 10.94
N LEU G 74 25.02 -40.59 11.16
CA LEU G 74 24.12 -39.43 11.31
C LEU G 74 24.02 -38.97 12.76
N GLN G 75 24.10 -39.89 13.72
CA GLN G 75 24.14 -39.45 15.11
C GLN G 75 25.36 -38.55 15.30
N GLN G 76 26.53 -39.03 14.88
CA GLN G 76 27.80 -38.29 15.05
C GLN G 76 27.78 -36.81 14.60
N VAL G 77 26.94 -36.49 13.62
CA VAL G 77 26.86 -35.13 13.11
C VAL G 77 25.59 -34.40 13.60
N ASP G 78 24.89 -34.99 14.58
CA ASP G 78 23.89 -34.24 15.34
C ASP G 78 24.66 -33.14 16.02
N SER G 79 24.16 -31.93 15.94
CA SER G 79 24.76 -30.84 16.66
C SER G 79 24.32 -30.93 18.13
N LEU G 80 24.38 -29.80 18.81
CA LEU G 80 23.71 -29.62 20.07
C LEU G 80 22.20 -29.40 19.74
N HIS G 81 21.92 -28.94 18.53
CA HIS G 81 20.56 -28.67 18.09
C HIS G 81 20.18 -29.41 16.82
N PRO G 82 19.97 -30.74 16.92
CA PRO G 82 19.52 -31.51 15.77
C PRO G 82 18.23 -30.96 15.18
N CYS G 83 18.20 -30.86 13.86
CA CYS G 83 17.08 -30.28 13.15
C CYS G 83 16.30 -31.33 12.42
N ARG G 84 15.00 -31.07 12.29
CA ARG G 84 14.14 -31.82 11.38
C ARG G 84 13.42 -30.78 10.57
N MET G 85 12.95 -31.16 9.39
CA MET G 85 12.14 -30.26 8.61
C MET G 85 10.81 -30.09 9.32
N ILE G 86 10.67 -28.99 10.06
CA ILE G 86 9.43 -28.71 10.76
C ILE G 86 8.26 -28.97 9.82
N LEU G 87 7.25 -29.65 10.35
CA LEU G 87 6.14 -30.11 9.56
C LEU G 87 5.13 -28.95 9.45
N GLU G 88 5.10 -28.31 8.28
CA GLU G 88 4.37 -27.04 8.08
C GLU G 88 2.89 -27.08 8.48
N PRO G 89 2.17 -28.14 8.14
CA PRO G 89 0.77 -28.15 8.52
C PRO G 89 0.57 -28.07 10.03
N TRP G 90 1.37 -28.81 10.79
CA TRP G 90 1.23 -28.80 12.25
C TRP G 90 1.61 -27.48 12.79
N VAL G 91 2.70 -26.92 12.27
CA VAL G 91 3.13 -25.62 12.74
C VAL G 91 2.10 -24.54 12.39
N ALA G 92 1.58 -24.60 11.16
CA ALA G 92 0.61 -23.60 10.68
C ALA G 92 -0.56 -23.44 11.62
N TYR G 93 -1.14 -24.58 12.05
CA TYR G 93 -2.23 -24.58 13.04
C TYR G 93 -1.89 -23.75 14.28
N ARG G 94 -0.71 -23.99 14.85
CA ARG G 94 -0.37 -23.40 16.14
C ARG G 94 -0.16 -21.89 16.10
N GLN G 95 0.38 -21.36 15.02
CA GLN G 95 0.50 -19.91 14.88
C GLN G 95 -0.86 -19.27 14.58
N HIS G 96 -1.72 -19.98 13.85
CA HIS G 96 -3.10 -19.53 13.60
C HIS G 96 -4.05 -19.57 14.80
N ARG G 97 -3.64 -20.19 15.90
CA ARG G 97 -4.43 -20.14 17.16
C ARG G 97 -3.64 -19.50 18.30
N GLY G 98 -2.44 -19.01 17.99
CA GLY G 98 -1.60 -18.40 19.00
C GLY G 98 -1.10 -19.36 20.06
N HIS G 99 -0.88 -20.63 19.68
CA HIS G 99 -0.34 -21.63 20.61
C HIS G 99 1.13 -21.74 20.43
N LYS G 100 1.81 -22.03 21.52
CA LYS G 100 3.25 -22.22 21.47
C LYS G 100 3.54 -23.57 20.79
N CYS G 101 4.79 -23.77 20.37
CA CYS G 101 5.21 -25.05 19.79
C CYS G 101 5.83 -25.96 20.86
N GLY G 102 5.47 -27.24 20.80
CA GLY G 102 6.06 -28.28 21.64
C GLY G 102 7.35 -28.81 21.03
N VAL G 103 7.97 -29.75 21.74
CA VAL G 103 9.32 -30.16 21.46
C VAL G 103 9.48 -30.87 20.12
N PHE G 104 8.45 -31.56 19.65
CA PHE G 104 8.52 -32.23 18.36
C PHE G 104 8.63 -31.22 17.21
N LEU G 105 8.03 -30.04 17.39
CA LEU G 105 7.91 -29.03 16.33
C LEU G 105 8.89 -27.86 16.48
N LEU G 106 9.85 -27.98 17.39
CA LEU G 106 10.82 -26.93 17.66
C LEU G 106 12.21 -27.32 17.17
N ASN G 107 13.03 -26.31 16.86
CA ASN G 107 14.45 -26.50 16.55
C ASN G 107 15.32 -25.52 17.34
N GLY G 108 16.63 -25.67 17.25
CA GLY G 108 17.54 -24.72 17.89
C GLY G 108 17.45 -24.74 19.41
N PRO G 109 17.89 -23.64 20.05
CA PRO G 109 17.94 -23.59 21.52
C PRO G 109 16.61 -23.72 22.22
N GLU G 110 15.52 -23.25 21.61
CA GLU G 110 14.22 -23.36 22.25
C GLU G 110 13.88 -24.84 22.46
N TRP G 111 14.14 -25.66 21.44
CA TRP G 111 13.94 -27.09 21.52
C TRP G 111 14.68 -27.66 22.70
N ARG G 112 15.96 -27.33 22.78
CA ARG G 112 16.83 -27.87 23.82
C ARG G 112 16.38 -27.39 25.20
N PHE G 113 16.06 -26.11 25.31
CA PHE G 113 15.57 -25.57 26.57
C PHE G 113 14.32 -26.35 27.02
N ASN G 114 13.40 -26.66 26.10
CA ASN G 114 12.20 -27.44 26.42
C ASN G 114 12.55 -28.89 26.74
N ARG G 115 13.28 -29.53 25.83
CA ARG G 115 13.64 -30.93 25.93
C ARG G 115 14.31 -31.31 27.26
N LEU G 116 15.28 -30.51 27.71
CA LEU G 116 16.00 -30.80 28.96
C LEU G 116 15.09 -30.62 30.17
N ARG G 117 13.98 -29.93 30.00
CA ARG G 117 13.02 -29.79 31.11
C ARG G 117 11.86 -30.79 31.02
N LEU G 118 11.80 -31.56 29.93
CA LEU G 118 10.83 -32.64 29.79
C LEU G 118 11.43 -34.01 30.17
N ASN G 119 12.70 -34.25 29.87
CA ASN G 119 13.31 -35.59 30.08
C ASN G 119 13.15 -36.16 31.50
N PRO G 120 13.36 -35.32 32.51
CA PRO G 120 13.35 -35.92 33.84
C PRO G 120 12.04 -36.55 34.24
N ASP G 121 10.93 -35.92 33.84
CA ASP G 121 9.61 -36.41 34.24
C ASP G 121 8.83 -37.21 33.20
N VAL G 122 9.32 -37.28 31.96
CA VAL G 122 8.64 -38.06 30.90
C VAL G 122 9.43 -39.31 30.51
N LEU G 123 10.76 -39.16 30.42
CA LEU G 123 11.64 -40.20 29.85
C LEU G 123 12.53 -40.89 30.88
N SER G 124 12.89 -40.22 31.97
CA SER G 124 13.88 -40.77 32.92
C SER G 124 13.40 -41.98 33.72
N PRO G 125 14.33 -42.90 34.04
CA PRO G 125 13.97 -44.04 34.90
C PRO G 125 13.33 -43.60 36.22
N LYS G 126 13.71 -42.44 36.74
CA LYS G 126 13.05 -41.89 37.94
C LYS G 126 11.55 -41.65 37.68
N ALA G 127 11.17 -41.26 36.47
CA ALA G 127 9.74 -41.05 36.16
C ALA G 127 9.01 -42.39 35.93
N VAL G 128 9.61 -43.30 35.18
CA VAL G 128 9.03 -44.65 34.98
C VAL G 128 8.76 -45.36 36.32
N GLN G 129 9.70 -45.25 37.24
CA GLN G 129 9.50 -45.77 38.58
C GLN G 129 8.19 -45.33 39.22
N ARG G 130 7.68 -44.17 38.84
CA ARG G 130 6.48 -43.65 39.49
C ARG G 130 5.23 -43.87 38.65
N PHE G 131 5.33 -43.79 37.31
CA PHE G 131 4.12 -43.95 36.51
C PHE G 131 3.79 -45.39 36.18
N LEU G 132 4.80 -46.24 36.07
CA LEU G 132 4.66 -47.68 35.76
C LEU G 132 3.64 -48.43 36.61
N PRO G 133 3.66 -48.22 37.94
CA PRO G 133 2.59 -48.86 38.75
C PRO G 133 1.18 -48.48 38.30
N MET G 134 1.02 -47.27 37.79
CA MET G 134 -0.30 -46.79 37.40
C MET G 134 -0.68 -47.46 36.11
N VAL G 135 0.28 -47.58 35.21
CA VAL G 135 0.02 -48.26 33.95
C VAL G 135 -0.36 -49.71 34.23
N ASP G 136 0.32 -50.32 35.20
CA ASP G 136 0.09 -51.70 35.58
C ASP G 136 -1.35 -51.98 35.95
N ALA G 137 -1.97 -51.10 36.72
CA ALA G 137 -3.34 -51.25 37.17
C ALA G 137 -4.34 -51.16 35.99
N VAL G 138 -4.04 -50.35 34.98
CA VAL G 138 -4.90 -50.25 33.79
C VAL G 138 -4.71 -51.51 32.92
N ALA G 139 -3.47 -51.97 32.79
CA ALA G 139 -3.22 -53.28 32.14
C ALA G 139 -3.89 -54.42 32.93
N ARG G 140 -3.82 -54.38 34.26
CA ARG G 140 -4.58 -55.36 35.06
C ARG G 140 -6.06 -55.27 34.78
N ASP G 141 -6.62 -54.08 34.78
CA ASP G 141 -8.08 -53.93 34.58
C ASP G 141 -8.54 -54.35 33.18
N PHE G 142 -7.62 -54.31 32.21
CA PHE G 142 -7.92 -54.76 30.85
C PHE G 142 -8.14 -56.27 30.82
N SER G 143 -7.26 -57.02 31.45
CA SER G 143 -7.40 -58.48 31.50
C SER G 143 -8.63 -58.88 32.32
N GLN G 144 -8.81 -58.21 33.44
CA GLN G 144 -9.99 -58.45 34.25
C GLN G 144 -11.25 -58.27 33.39
N ALA G 145 -11.36 -57.17 32.64
CA ALA G 145 -12.58 -56.91 31.85
C ALA G 145 -12.76 -58.01 30.82
N LEU G 146 -11.68 -58.31 30.12
CA LEU G 146 -11.69 -59.36 29.11
C LEU G 146 -12.08 -60.72 29.73
N LYS G 147 -11.41 -61.10 30.82
CA LYS G 147 -11.71 -62.35 31.50
C LYS G 147 -13.21 -62.46 31.74
N LYS G 148 -13.79 -61.42 32.29
CA LYS G 148 -15.20 -61.43 32.65
C LYS G 148 -16.10 -61.74 31.45
N LYS G 149 -15.79 -61.17 30.29
CA LYS G 149 -16.61 -61.39 29.08
C LYS G 149 -16.42 -62.81 28.53
N VAL G 150 -15.22 -63.34 28.71
CA VAL G 150 -14.91 -64.68 28.24
C VAL G 150 -15.76 -65.72 28.97
N LEU G 151 -15.84 -65.60 30.29
CA LEU G 151 -16.58 -66.55 31.14
C LEU G 151 -18.09 -66.59 30.82
N GLN G 152 -18.59 -65.58 30.13
CA GLN G 152 -19.98 -65.57 29.67
C GLN G 152 -20.18 -66.30 28.32
N ASN G 153 -19.21 -67.13 27.91
CA ASN G 153 -19.36 -67.94 26.70
C ASN G 153 -19.11 -69.40 27.00
N ALA G 154 -19.95 -70.30 26.48
CA ALA G 154 -19.83 -71.72 26.78
C ALA G 154 -18.42 -72.26 26.52
N ARG G 155 -17.74 -71.78 25.48
CA ARG G 155 -16.35 -72.25 25.15
C ARG G 155 -15.21 -71.53 25.90
N GLY G 156 -15.56 -70.73 26.91
CA GLY G 156 -14.56 -70.09 27.77
C GLY G 156 -13.62 -69.17 27.02
N SER G 157 -14.15 -68.51 25.98
CA SER G 157 -13.33 -67.66 25.14
C SER G 157 -14.11 -66.59 24.36
N LEU G 158 -13.42 -65.49 24.04
CA LEU G 158 -14.02 -64.38 23.28
C LEU G 158 -13.21 -64.12 22.03
N THR G 159 -13.91 -63.92 20.93
CA THR G 159 -13.29 -63.78 19.65
C THR G 159 -13.76 -62.50 19.08
N LEU G 160 -12.82 -61.59 18.81
CA LEU G 160 -13.17 -60.23 18.38
C LEU G 160 -12.03 -59.48 17.67
N ASP G 161 -12.42 -58.41 16.96
CA ASP G 161 -11.52 -57.33 16.55
C ASP G 161 -11.15 -56.51 17.81
N VAL G 162 -9.89 -56.62 18.27
CA VAL G 162 -9.45 -55.92 19.51
C VAL G 162 -9.06 -54.45 19.37
N GLN G 163 -8.79 -53.99 18.16
CA GLN G 163 -8.29 -52.61 17.96
C GLN G 163 -9.01 -51.59 18.87
N PRO G 164 -10.36 -51.52 18.83
CA PRO G 164 -11.06 -50.51 19.65
C PRO G 164 -10.64 -50.54 21.12
N SER G 165 -10.70 -51.71 21.75
CA SER G 165 -10.38 -51.77 23.15
C SER G 165 -8.91 -51.48 23.39
N ILE G 166 -8.02 -51.92 22.49
CA ILE G 166 -6.61 -51.59 22.67
C ILE G 166 -6.41 -50.06 22.59
N PHE G 167 -7.06 -49.42 21.62
CA PHE G 167 -6.97 -47.96 21.54
C PHE G 167 -7.46 -47.28 22.80
N HIS G 168 -8.59 -47.76 23.32
CA HIS G 168 -9.11 -47.19 24.56
C HIS G 168 -8.18 -47.50 25.70
N TYR G 169 -7.57 -48.67 25.67
CA TYR G 169 -6.52 -48.99 26.63
C TYR G 169 -5.38 -47.98 26.60
N THR G 170 -4.91 -47.62 25.41
CA THR G 170 -3.82 -46.64 25.32
C THR G 170 -4.29 -45.24 25.78
N ILE G 171 -5.54 -44.86 25.50
CA ILE G 171 -6.06 -43.59 26.03
C ILE G 171 -6.08 -43.59 27.59
N GLU G 172 -6.67 -44.62 28.18
CA GLU G 172 -6.76 -44.75 29.64
C GLU G 172 -5.38 -44.77 30.29
N ALA G 173 -4.49 -45.64 29.81
CA ALA G 173 -3.19 -45.78 30.42
C ALA G 173 -2.45 -44.49 30.33
N SER G 174 -2.49 -43.89 29.13
CA SER G 174 -1.79 -42.61 28.90
C SER G 174 -2.36 -41.47 29.73
N ASN G 175 -3.68 -41.38 29.81
CA ASN G 175 -4.29 -40.33 30.60
C ASN G 175 -3.99 -40.52 32.10
N LEU G 176 -3.89 -41.76 32.56
CA LEU G 176 -3.59 -41.96 33.96
C LEU G 176 -2.15 -41.51 34.24
N ALA G 177 -1.21 -41.97 33.42
CA ALA G 177 0.20 -41.62 33.61
C ALA G 177 0.45 -40.12 33.39
N LEU G 178 -0.25 -39.53 32.43
CA LEU G 178 -0.09 -38.09 32.17
C LEU G 178 -0.74 -37.24 33.25
N PHE G 179 -2.00 -37.51 33.57
CA PHE G 179 -2.81 -36.59 34.41
C PHE G 179 -3.33 -37.12 35.75
N GLY G 180 -3.06 -38.38 36.08
CA GLY G 180 -3.56 -38.99 37.31
C GLY G 180 -5.07 -39.16 37.33
N GLU G 181 -5.68 -39.08 36.16
CA GLU G 181 -7.12 -39.18 36.05
C GLU G 181 -7.44 -40.47 35.32
N ARG G 182 -8.45 -41.16 35.83
CA ARG G 182 -8.93 -42.40 35.30
C ARG G 182 -10.17 -42.06 34.51
N LEU G 183 -10.20 -42.40 33.23
CA LEU G 183 -11.31 -41.95 32.36
C LEU G 183 -12.48 -42.93 32.31
N GLY G 184 -12.25 -44.17 32.75
CA GLY G 184 -13.25 -45.22 32.74
C GLY G 184 -13.60 -45.78 31.37
N LEU G 185 -12.62 -45.81 30.46
CA LEU G 185 -12.84 -46.31 29.08
C LEU G 185 -12.49 -47.81 28.90
N VAL G 186 -11.87 -48.41 29.92
CA VAL G 186 -11.45 -49.81 29.88
C VAL G 186 -12.51 -50.67 30.58
N GLY G 187 -13.01 -51.69 29.89
CA GLY G 187 -14.05 -52.57 30.43
C GLY G 187 -15.42 -51.93 30.50
N HIS G 188 -15.60 -50.82 29.79
CA HIS G 188 -16.88 -50.14 29.59
C HIS G 188 -16.90 -49.71 28.18
N SER G 189 -17.88 -48.91 27.78
CA SER G 189 -17.99 -48.52 26.38
C SER G 189 -17.25 -47.21 26.05
N PRO G 190 -16.68 -47.16 24.83
CA PRO G 190 -16.13 -45.92 24.29
C PRO G 190 -17.05 -44.74 24.59
N SER G 191 -16.49 -43.67 25.15
CA SER G 191 -17.26 -42.44 25.41
C SER G 191 -17.40 -41.60 24.13
N SER G 192 -18.18 -40.54 24.22
CA SER G 192 -18.33 -39.61 23.12
C SER G 192 -17.03 -38.83 22.94
N ALA G 193 -16.54 -38.29 24.04
CA ALA G 193 -15.23 -37.66 24.08
C ALA G 193 -14.13 -38.53 23.42
N SER G 194 -14.12 -39.83 23.70
CA SER G 194 -13.05 -40.71 23.23
C SER G 194 -13.19 -41.03 21.74
N LEU G 195 -14.39 -41.38 21.31
CA LEU G 195 -14.58 -41.72 19.90
C LEU G 195 -14.21 -40.53 19.03
N ASN G 196 -14.62 -39.34 19.46
CA ASN G 196 -14.32 -38.11 18.72
C ASN G 196 -12.83 -37.82 18.64
N PHE G 197 -12.14 -38.06 19.75
CA PHE G 197 -10.71 -37.85 19.80
C PHE G 197 -9.99 -38.77 18.81
N LEU G 198 -10.37 -40.03 18.75
CA LEU G 198 -9.70 -40.97 17.83
C LEU G 198 -9.98 -40.69 16.36
N HIS G 199 -11.21 -40.27 16.07
CA HIS G 199 -11.59 -39.91 14.71
C HIS G 199 -10.86 -38.67 14.29
N ALA G 200 -10.74 -37.72 15.21
CA ALA G 200 -10.00 -36.49 14.98
C ALA G 200 -8.52 -36.77 14.66
N LEU G 201 -7.90 -37.70 15.41
CA LEU G 201 -6.48 -38.06 15.17
C LEU G 201 -6.32 -38.68 13.80
N GLU G 202 -7.21 -39.61 13.46
CA GLU G 202 -7.18 -40.29 12.16
C GLU G 202 -7.31 -39.32 10.96
N VAL G 203 -8.14 -38.30 11.12
CA VAL G 203 -8.35 -37.34 10.05
C VAL G 203 -7.13 -36.46 10.00
N MET G 204 -6.67 -36.01 11.17
CA MET G 204 -5.50 -35.14 11.25
C MET G 204 -4.31 -35.79 10.53
N PHE G 205 -4.14 -37.12 10.69
CA PHE G 205 -3.02 -37.83 10.08
C PHE G 205 -3.17 -37.90 8.56
N LYS G 206 -4.34 -38.34 8.10
CA LYS G 206 -4.68 -38.37 6.65
C LYS G 206 -4.45 -37.01 6.02
N SER G 207 -5.03 -35.97 6.60
CA SER G 207 -4.84 -34.62 6.09
C SER G 207 -3.36 -34.16 6.12
N THR G 208 -2.61 -34.56 7.15
CA THR G 208 -1.18 -34.27 7.20
C THR G 208 -0.48 -34.75 5.92
N VAL G 209 -0.75 -35.97 5.48
CA VAL G 209 -0.05 -36.48 4.29
C VAL G 209 -0.43 -35.66 3.03
N GLN G 210 -1.67 -35.18 2.97
CA GLN G 210 -2.17 -34.41 1.83
C GLN G 210 -1.64 -32.97 1.77
N LEU G 211 -0.97 -32.51 2.81
CA LEU G 211 -0.42 -31.16 2.85
C LEU G 211 1.09 -31.19 2.98
N MET G 212 1.64 -32.38 3.11
CA MET G 212 3.04 -32.59 3.46
C MET G 212 3.93 -32.25 2.28
N PHE G 213 3.49 -32.69 1.10
CA PHE G 213 4.34 -32.71 -0.09
C PHE G 213 4.08 -31.55 -1.05
N MET G 214 4.17 -30.35 -0.52
CA MET G 214 4.03 -29.10 -1.28
C MET G 214 4.00 -28.01 -0.22
N PRO G 215 4.40 -26.77 -0.59
CA PRO G 215 4.43 -25.69 0.40
C PRO G 215 3.04 -25.09 0.64
N ARG G 216 2.85 -24.50 1.82
CA ARG G 216 1.56 -23.92 2.21
C ARG G 216 0.98 -23.00 1.12
N SER G 217 1.82 -22.06 0.65
CA SER G 217 1.46 -21.09 -0.38
C SER G 217 0.63 -21.67 -1.53
N LEU G 218 1.04 -22.84 -2.01
CA LEU G 218 0.30 -23.56 -3.05
C LEU G 218 -0.96 -24.25 -2.49
N SER G 219 -0.75 -25.22 -1.60
CA SER G 219 -1.84 -26.08 -1.11
C SER G 219 -3.00 -25.28 -0.55
N ARG G 220 -2.68 -24.16 0.10
CA ARG G 220 -3.67 -23.25 0.65
C ARG G 220 -4.69 -22.91 -0.40
N TRP G 221 -4.20 -22.51 -1.57
CA TRP G 221 -5.09 -22.10 -2.65
C TRP G 221 -5.62 -23.24 -3.49
N ILE G 222 -4.94 -24.38 -3.51
CA ILE G 222 -5.41 -25.51 -4.33
C ILE G 222 -6.14 -26.60 -3.55
N SER G 223 -5.89 -26.69 -2.24
CA SER G 223 -6.55 -27.68 -1.39
C SER G 223 -7.20 -27.01 -0.18
N PRO G 224 -8.04 -26.00 -0.41
CA PRO G 224 -8.53 -25.20 0.72
C PRO G 224 -9.32 -26.01 1.74
N LYS G 225 -10.04 -27.03 1.28
CA LYS G 225 -10.88 -27.84 2.17
C LYS G 225 -10.13 -28.95 2.93
N VAL G 226 -8.94 -29.33 2.45
CA VAL G 226 -8.03 -30.16 3.24
C VAL G 226 -7.51 -29.39 4.46
N TRP G 227 -7.10 -28.14 4.25
CA TRP G 227 -6.69 -27.27 5.35
C TRP G 227 -7.73 -27.14 6.41
N LYS G 228 -8.99 -26.94 6.01
CA LYS G 228 -10.07 -26.77 6.99
C LYS G 228 -10.37 -28.11 7.65
N GLU G 229 -10.34 -29.17 6.87
CA GLU G 229 -10.44 -30.53 7.42
C GLU G 229 -9.31 -30.79 8.45
N HIS G 230 -8.13 -30.25 8.19
CA HIS G 230 -6.98 -30.47 9.04
C HIS G 230 -7.04 -29.60 10.27
N PHE G 231 -7.48 -28.37 10.09
CA PHE G 231 -7.59 -27.42 11.19
C PHE G 231 -8.73 -27.78 12.14
N GLU G 232 -9.78 -28.36 11.59
CA GLU G 232 -10.91 -28.78 12.40
C GLU G 232 -10.54 -30.02 13.19
N ALA G 233 -9.87 -30.98 12.55
CA ALA G 233 -9.29 -32.12 13.27
C ALA G 233 -8.51 -31.67 14.51
N TRP G 234 -7.56 -30.77 14.31
CA TRP G 234 -6.76 -30.25 15.43
C TRP G 234 -7.57 -29.56 16.45
N ASP G 235 -8.62 -28.87 16.04
CA ASP G 235 -9.46 -28.15 16.99
C ASP G 235 -10.12 -29.13 17.94
N CYS G 236 -10.50 -30.29 17.42
CA CYS G 236 -11.05 -31.32 18.26
C CYS G 236 -9.97 -31.88 19.20
N ILE G 237 -8.81 -32.17 18.64
CA ILE G 237 -7.70 -32.70 19.46
C ILE G 237 -7.34 -31.72 20.54
N PHE G 238 -7.26 -30.45 20.18
CA PHE G 238 -6.89 -29.40 21.13
C PHE G 238 -7.95 -29.16 22.21
N GLN G 239 -9.22 -29.12 21.85
CA GLN G 239 -10.27 -28.98 22.84
C GLN G 239 -10.14 -30.13 23.86
N TYR G 240 -9.92 -31.35 23.36
CA TYR G 240 -9.77 -32.53 24.22
C TYR G 240 -8.57 -32.37 25.14
N GLY G 241 -7.42 -32.00 24.60
CA GLY G 241 -6.21 -31.91 25.40
C GLY G 241 -6.23 -30.75 26.39
N ASP G 242 -6.87 -29.67 25.98
CA ASP G 242 -7.03 -28.52 26.84
C ASP G 242 -8.06 -28.80 27.96
N ASN G 243 -9.10 -29.59 27.69
CA ASN G 243 -9.98 -29.97 28.80
C ASN G 243 -9.16 -30.64 29.90
N CYS G 244 -8.36 -31.64 29.54
CA CYS G 244 -7.50 -32.32 30.51
C CYS G 244 -6.65 -31.33 31.30
N ILE G 245 -6.05 -30.34 30.60
CA ILE G 245 -5.07 -29.47 31.27
C ILE G 245 -5.76 -28.46 32.16
N GLN G 246 -6.93 -27.99 31.74
CA GLN G 246 -7.69 -27.04 32.57
C GLN G 246 -8.00 -27.72 33.90
N LYS G 247 -8.47 -28.97 33.81
CA LYS G 247 -8.78 -29.83 34.96
C LYS G 247 -7.62 -29.95 35.96
N ILE G 248 -6.46 -30.41 35.51
CA ILE G 248 -5.28 -30.56 36.41
C ILE G 248 -4.78 -29.19 36.94
N TYR G 249 -4.82 -28.14 36.13
CA TYR G 249 -4.24 -26.86 36.56
C TYR G 249 -5.07 -26.28 37.71
N GLN G 250 -6.38 -26.35 37.60
CA GLN G 250 -7.27 -25.87 38.65
C GLN G 250 -7.12 -26.71 39.89
N GLU G 251 -7.04 -28.01 39.71
CA GLU G 251 -6.80 -28.88 40.84
C GLU G 251 -5.53 -28.48 41.59
N LEU G 252 -4.38 -28.46 40.91
CA LEU G 252 -3.12 -28.18 41.63
C LEU G 252 -3.16 -26.76 42.21
N ALA G 253 -3.83 -25.84 41.49
CA ALA G 253 -4.10 -24.49 42.02
C ALA G 253 -4.60 -24.49 43.46
N PHE G 254 -5.42 -25.46 43.84
CA PHE G 254 -6.02 -25.48 45.18
C PHE G 254 -5.37 -26.48 46.14
N ASN G 255 -4.65 -27.46 45.63
CA ASN G 255 -3.88 -28.32 46.52
C ASN G 255 -2.77 -29.01 45.79
N ARG G 256 -1.55 -28.76 46.25
CA ARG G 256 -0.36 -29.34 45.67
C ARG G 256 -0.15 -30.67 46.40
N PRO G 257 -0.40 -31.80 45.71
CA PRO G 257 -0.38 -33.11 46.37
C PRO G 257 1.01 -33.56 46.86
N GLN G 258 1.02 -34.42 47.87
CA GLN G 258 2.25 -34.96 48.43
C GLN G 258 2.66 -36.27 47.77
N HIS G 259 1.70 -37.00 47.22
CA HIS G 259 1.98 -38.21 46.44
C HIS G 259 2.03 -37.91 44.95
N TYR G 260 2.61 -38.82 44.18
CA TYR G 260 2.74 -38.66 42.74
C TYR G 260 1.38 -38.80 42.10
N THR G 261 1.03 -37.90 41.20
CA THR G 261 -0.24 -37.99 40.51
C THR G 261 -0.07 -37.82 38.99
N GLY G 262 1.11 -38.17 38.47
CA GLY G 262 1.37 -38.20 37.03
C GLY G 262 2.39 -37.21 36.51
N ILE G 263 2.64 -37.28 35.21
CA ILE G 263 3.74 -36.55 34.57
C ILE G 263 3.49 -35.05 34.45
N VAL G 264 2.30 -34.70 33.98
CA VAL G 264 2.00 -33.30 33.76
C VAL G 264 1.92 -32.57 35.11
N ALA G 265 1.46 -33.26 36.15
CA ALA G 265 1.51 -32.68 37.51
C ALA G 265 2.95 -32.25 37.86
N GLU G 266 3.90 -33.16 37.69
CA GLU G 266 5.29 -32.87 37.98
C GLU G 266 5.82 -31.67 37.21
N LEU G 267 5.36 -31.48 35.96
CA LEU G 267 5.84 -30.34 35.17
C LEU G 267 5.28 -29.06 35.72
N LEU G 268 3.97 -29.03 35.95
CA LEU G 268 3.32 -27.88 36.59
C LEU G 268 3.86 -27.53 37.97
N LEU G 269 4.18 -28.55 38.78
CA LEU G 269 4.68 -28.30 40.14
C LEU G 269 6.05 -27.65 40.06
N LYS G 270 6.92 -28.17 39.21
CA LYS G 270 8.26 -27.59 39.03
C LYS G 270 8.21 -26.18 38.43
N ALA G 271 7.23 -25.92 37.56
CA ALA G 271 7.11 -24.63 36.87
C ALA G 271 8.46 -24.14 36.30
N GLU G 272 9.21 -25.05 35.69
CA GLU G 272 10.48 -24.71 35.03
C GLU G 272 10.29 -24.25 33.59
N LEU G 273 9.08 -24.40 33.08
CA LEU G 273 8.70 -23.83 31.77
C LEU G 273 7.45 -22.99 31.93
N SER G 274 7.26 -22.01 31.06
CA SER G 274 6.03 -21.25 31.08
C SER G 274 4.81 -22.17 31.00
N LEU G 275 3.76 -21.82 31.73
CA LEU G 275 2.47 -22.47 31.58
C LEU G 275 2.18 -22.73 30.11
N GLU G 276 2.47 -21.76 29.28
CA GLU G 276 2.24 -21.90 27.83
C GLU G 276 3.10 -23.02 27.18
N ALA G 277 4.33 -23.17 27.66
CA ALA G 277 5.23 -24.23 27.17
C ALA G 277 4.82 -25.63 27.73
N ILE G 278 4.40 -25.68 28.98
CA ILE G 278 3.86 -26.90 29.54
C ILE G 278 2.63 -27.35 28.73
N LYS G 279 1.74 -26.42 28.38
CA LYS G 279 0.51 -26.77 27.64
C LYS G 279 0.77 -27.29 26.22
N ALA G 280 1.76 -26.71 25.55
CA ALA G 280 2.13 -27.15 24.20
C ALA G 280 2.70 -28.57 24.21
N ASN G 281 3.54 -28.85 25.19
CA ASN G 281 4.11 -30.18 25.36
C ASN G 281 3.09 -31.21 25.88
N SER G 282 2.19 -30.79 26.78
CA SER G 282 1.14 -31.70 27.24
C SER G 282 0.25 -32.13 26.11
N MET G 283 -0.02 -31.22 25.20
CA MET G 283 -0.80 -31.55 24.01
C MET G 283 -0.08 -32.54 23.11
N GLU G 284 1.24 -32.39 22.96
CA GLU G 284 2.02 -33.34 22.18
C GLU G 284 1.98 -34.74 22.79
N LEU G 285 2.12 -34.81 24.10
CA LEU G 285 2.12 -36.09 24.76
C LEU G 285 0.70 -36.71 24.70
N THR G 286 -0.32 -35.88 24.83
CA THR G 286 -1.69 -36.37 24.82
C THR G 286 -2.07 -36.87 23.42
N ALA G 287 -1.59 -36.19 22.39
CA ALA G 287 -1.92 -36.57 21.01
C ALA G 287 -1.04 -37.70 20.49
N GLY G 288 0.22 -37.70 20.86
CA GLY G 288 1.16 -38.70 20.38
C GLY G 288 1.04 -40.06 21.05
N SER G 289 0.38 -40.12 22.20
CA SER G 289 0.38 -41.33 23.01
C SER G 289 -0.81 -42.26 22.79
N VAL G 290 -1.46 -42.16 21.64
CA VAL G 290 -2.61 -43.03 21.40
C VAL G 290 -2.29 -44.05 20.32
N ASP G 291 -2.27 -43.60 19.06
CA ASP G 291 -2.10 -44.49 17.90
C ASP G 291 -0.70 -45.10 17.85
N THR G 292 0.29 -44.25 18.13
CA THR G 292 1.69 -44.65 18.14
C THR G 292 1.89 -45.94 18.90
N THR G 293 1.26 -46.05 20.05
CA THR G 293 1.44 -47.23 20.90
C THR G 293 0.46 -48.36 20.62
N ALA G 294 -0.74 -48.02 20.15
CA ALA G 294 -1.81 -49.00 19.98
C ALA G 294 -1.52 -49.94 18.84
N PHE G 295 -0.98 -49.41 17.75
CA PHE G 295 -0.77 -50.22 16.55
C PHE G 295 0.31 -51.26 16.73
N PRO G 296 1.44 -50.89 17.35
CA PRO G 296 2.42 -51.96 17.53
C PRO G 296 1.93 -53.00 18.57
N LEU G 297 1.26 -52.53 19.60
CA LEU G 297 0.59 -53.42 20.54
C LEU G 297 -0.27 -54.41 19.73
N LEU G 298 -1.16 -53.88 18.88
CA LEU G 298 -2.10 -54.71 18.13
C LEU G 298 -1.34 -55.72 17.26
N MET G 299 -0.29 -55.24 16.60
CA MET G 299 0.51 -56.06 15.71
C MET G 299 1.23 -57.15 16.47
N THR G 300 1.62 -56.86 17.71
CA THR G 300 2.28 -57.86 18.56
C THR G 300 1.33 -58.99 18.94
N LEU G 301 0.17 -58.62 19.45
CA LEU G 301 -0.87 -59.60 19.69
C LEU G 301 -1.13 -60.45 18.45
N PHE G 302 -1.21 -59.82 17.29
CA PHE G 302 -1.42 -60.55 16.02
C PHE G 302 -0.30 -61.56 15.75
N GLU G 303 0.93 -61.11 15.90
CA GLU G 303 2.07 -61.96 15.61
C GLU G 303 2.23 -63.08 16.63
N LEU G 304 1.82 -62.83 17.88
CA LEU G 304 1.80 -63.91 18.87
C LEU G 304 0.70 -64.92 18.54
N ALA G 305 -0.37 -64.47 17.88
CA ALA G 305 -1.41 -65.38 17.41
C ALA G 305 -0.91 -66.31 16.28
N ARG G 306 -0.09 -65.77 15.39
CA ARG G 306 0.53 -66.57 14.31
C ARG G 306 1.68 -67.47 14.77
N ASN G 307 2.28 -67.17 15.92
CA ASN G 307 3.47 -67.87 16.40
C ASN G 307 3.29 -68.43 17.81
N PRO G 308 2.32 -69.35 17.98
CA PRO G 308 1.93 -69.84 19.31
C PRO G 308 3.07 -70.50 20.08
N ASP G 309 4.05 -71.05 19.35
CA ASP G 309 5.28 -71.59 19.98
C ASP G 309 6.02 -70.45 20.71
N VAL G 310 6.20 -69.32 20.02
CA VAL G 310 6.80 -68.14 20.61
C VAL G 310 5.87 -67.53 21.65
N GLN G 311 4.57 -67.53 21.40
CA GLN G 311 3.64 -67.10 22.42
C GLN G 311 3.81 -67.86 23.75
N GLN G 312 4.00 -69.18 23.65
CA GLN G 312 4.15 -70.05 24.83
C GLN G 312 5.44 -69.81 25.60
N ILE G 313 6.53 -69.59 24.88
CA ILE G 313 7.75 -69.22 25.59
C ILE G 313 7.49 -67.95 26.41
N LEU G 314 6.86 -66.96 25.78
CA LEU G 314 6.61 -65.68 26.46
C LEU G 314 5.68 -65.84 27.67
N ARG G 315 4.69 -66.70 27.55
CA ARG G 315 3.81 -67.03 28.69
C ARG G 315 4.55 -67.68 29.83
N GLN G 316 5.47 -68.57 29.49
CA GLN G 316 6.31 -69.24 30.49
C GLN G 316 7.08 -68.22 31.30
N GLU G 317 7.79 -67.34 30.60
CA GLU G 317 8.47 -66.21 31.24
C GLU G 317 7.52 -65.41 32.12
N SER G 318 6.34 -65.08 31.62
CA SER G 318 5.47 -64.18 32.39
C SER G 318 4.99 -64.88 33.64
N LEU G 319 4.62 -66.14 33.50
CA LEU G 319 4.14 -66.91 34.63
C LEU G 319 5.21 -67.09 35.73
N ALA G 320 6.47 -67.28 35.35
CA ALA G 320 7.56 -67.35 36.34
C ALA G 320 7.76 -66.01 37.08
N ALA G 321 7.81 -64.92 36.34
CA ALA G 321 8.07 -63.59 36.95
C ALA G 321 6.81 -62.97 37.60
N ALA G 322 5.66 -63.59 37.38
CA ALA G 322 4.41 -63.02 37.78
C ALA G 322 4.42 -62.54 39.23
N ALA G 323 4.79 -63.43 40.16
CA ALA G 323 4.61 -63.12 41.59
C ALA G 323 5.43 -61.90 42.02
N SER G 324 6.66 -61.82 41.55
CA SER G 324 7.58 -60.75 41.92
C SER G 324 7.27 -59.44 41.19
N ILE G 325 6.64 -59.58 40.01
CA ILE G 325 6.12 -58.44 39.26
C ILE G 325 4.86 -57.89 39.92
N SER G 326 4.01 -58.77 40.42
CA SER G 326 2.77 -58.31 41.02
C SER G 326 2.98 -57.73 42.42
N GLU G 327 4.16 -57.98 42.99
CA GLU G 327 4.57 -57.34 44.22
C GLU G 327 5.19 -55.96 43.97
N HIS G 328 6.13 -55.88 43.01
CA HIS G 328 6.72 -54.63 42.53
C HIS G 328 6.60 -54.62 41.02
N PRO G 329 5.71 -53.79 40.45
CA PRO G 329 5.60 -53.89 38.98
C PRO G 329 6.78 -53.31 38.18
N GLN G 330 7.54 -52.38 38.77
CA GLN G 330 8.75 -51.83 38.12
C GLN G 330 9.69 -52.93 37.65
N LYS G 331 9.52 -54.10 38.26
CA LYS G 331 10.37 -55.23 37.98
C LYS G 331 10.11 -55.78 36.59
N ALA G 332 8.94 -55.51 36.04
CA ALA G 332 8.60 -55.99 34.68
C ALA G 332 9.55 -55.54 33.57
N THR G 333 10.30 -54.46 33.77
CA THR G 333 11.21 -53.99 32.72
C THR G 333 12.47 -54.86 32.66
N THR G 334 12.99 -55.27 33.82
CA THR G 334 14.23 -56.04 33.85
C THR G 334 14.02 -57.55 33.93
N GLU G 335 12.79 -58.02 34.17
CA GLU G 335 12.50 -59.47 34.27
C GLU G 335 11.53 -60.02 33.23
N LEU G 336 11.37 -59.32 32.13
CA LEU G 336 10.63 -59.84 30.98
C LEU G 336 11.39 -59.51 29.69
N PRO G 337 12.67 -59.96 29.59
CA PRO G 337 13.48 -59.67 28.41
C PRO G 337 12.99 -60.34 27.12
N LEU G 338 12.38 -61.51 27.23
CA LEU G 338 11.89 -62.20 26.04
C LEU G 338 10.70 -61.43 25.48
N LEU G 339 9.85 -60.89 26.35
CA LEU G 339 8.72 -60.07 25.93
C LEU G 339 9.23 -58.79 25.29
N ARG G 340 10.20 -58.17 25.94
CA ARG G 340 10.81 -56.98 25.40
C ARG G 340 11.39 -57.20 24.01
N ALA G 341 12.08 -58.34 23.84
CA ALA G 341 12.63 -58.73 22.56
C ALA G 341 11.50 -58.92 21.52
N ALA G 342 10.39 -59.51 21.94
CA ALA G 342 9.22 -59.63 21.07
C ALA G 342 8.75 -58.23 20.55
N LEU G 343 8.74 -57.22 21.42
CA LEU G 343 8.33 -55.88 21.01
C LEU G 343 9.29 -55.30 19.99
N LYS G 344 10.59 -55.48 20.25
CA LYS G 344 11.63 -55.06 19.30
C LYS G 344 11.37 -55.71 17.96
N GLU G 345 11.02 -56.99 18.00
CA GLU G 345 10.74 -57.72 16.79
C GLU G 345 9.50 -57.20 16.09
N THR G 346 8.47 -56.82 16.85
CA THR G 346 7.31 -56.19 16.24
C THR G 346 7.70 -54.87 15.56
N LEU G 347 8.49 -54.05 16.23
CA LEU G 347 8.82 -52.73 15.70
C LEU G 347 9.80 -52.78 14.54
N ARG G 348 10.57 -53.86 14.45
CA ARG G 348 11.40 -54.12 13.27
C ARG G 348 10.54 -54.34 12.03
N LEU G 349 9.53 -55.20 12.13
CA LEU G 349 8.68 -55.49 10.99
C LEU G 349 7.69 -54.36 10.75
N TYR G 350 7.25 -53.72 11.83
CA TYR G 350 6.14 -52.81 11.77
C TYR G 350 6.45 -51.48 12.50
N PRO G 351 7.36 -50.68 11.95
CA PRO G 351 7.74 -49.41 12.58
C PRO G 351 6.65 -48.35 12.45
N VAL G 352 6.16 -47.83 13.56
CA VAL G 352 5.05 -46.86 13.51
C VAL G 352 5.47 -45.62 12.73
N GLY G 353 6.68 -45.15 13.03
CA GLY G 353 7.30 -44.11 12.23
C GLY G 353 8.01 -44.72 11.04
N LEU G 354 7.48 -44.49 9.84
CA LEU G 354 8.09 -44.98 8.61
C LEU G 354 9.56 -44.57 8.52
N PHE G 355 9.85 -43.28 8.67
CA PHE G 355 11.24 -42.78 8.55
C PHE G 355 11.73 -41.84 9.65
N LEU G 356 13.05 -41.85 9.86
CA LEU G 356 13.72 -40.87 10.72
C LEU G 356 14.21 -39.77 9.83
N GLU G 357 14.34 -38.54 10.33
CA GLU G 357 14.84 -37.48 9.46
C GLU G 357 15.70 -36.42 10.13
N ARG G 358 16.79 -36.03 9.47
CA ARG G 358 17.59 -34.89 9.90
C ARG G 358 17.92 -33.96 8.73
N VAL G 359 17.77 -32.66 8.99
CA VAL G 359 18.34 -31.61 8.15
C VAL G 359 19.72 -31.40 8.71
N VAL G 360 20.73 -31.79 7.95
CA VAL G 360 22.10 -31.94 8.46
C VAL G 360 22.83 -30.59 8.65
N SER G 361 23.48 -30.41 9.80
CA SER G 361 24.17 -29.14 10.12
C SER G 361 25.38 -28.88 9.23
N SER G 362 26.25 -29.89 9.16
CA SER G 362 27.55 -29.81 8.50
C SER G 362 27.66 -30.81 7.35
N ASP G 363 28.74 -30.69 6.57
CA ASP G 363 29.04 -31.65 5.50
C ASP G 363 29.32 -33.02 6.09
N LEU G 364 29.17 -34.02 5.24
CA LEU G 364 29.12 -35.38 5.69
C LEU G 364 29.29 -36.33 4.50
N VAL G 365 29.76 -37.55 4.78
CA VAL G 365 29.85 -38.61 3.77
C VAL G 365 28.99 -39.81 4.20
N LEU G 366 28.16 -40.30 3.29
CA LEU G 366 27.34 -41.49 3.54
C LEU G 366 27.47 -42.48 2.38
N GLN G 367 27.72 -43.74 2.73
CA GLN G 367 27.93 -44.82 1.76
C GLN G 367 28.92 -44.38 0.66
N ASN G 368 30.01 -43.78 1.10
CA ASN G 368 31.01 -43.16 0.23
C ASN G 368 30.45 -42.14 -0.80
N TYR G 369 29.58 -41.24 -0.36
CA TYR G 369 29.07 -40.15 -1.19
C TYR G 369 29.08 -38.86 -0.38
N HIS G 370 29.27 -37.74 -1.08
CA HIS G 370 29.31 -36.42 -0.44
C HIS G 370 27.90 -35.95 -0.16
N ILE G 371 27.59 -35.74 1.12
CA ILE G 371 26.28 -35.20 1.53
C ILE G 371 26.49 -33.76 2.00
N PRO G 372 26.18 -32.79 1.15
CA PRO G 372 26.37 -31.39 1.57
C PRO G 372 25.54 -31.04 2.78
N ALA G 373 25.94 -29.97 3.47
CA ALA G 373 25.13 -29.31 4.49
C ALA G 373 23.75 -28.91 3.95
N GLY G 374 22.77 -28.79 4.85
CA GLY G 374 21.38 -28.46 4.50
C GLY G 374 20.60 -29.55 3.74
N THR G 375 21.21 -30.73 3.60
CA THR G 375 20.59 -31.86 2.94
C THR G 375 19.64 -32.60 3.90
N LEU G 376 18.46 -32.96 3.38
CA LEU G 376 17.48 -33.72 4.13
C LEU G 376 17.83 -35.18 3.99
N VAL G 377 18.34 -35.77 5.08
CA VAL G 377 18.60 -37.21 5.14
C VAL G 377 17.47 -37.98 5.83
N GLN G 378 16.88 -38.95 5.13
CA GLN G 378 15.82 -39.77 5.67
C GLN G 378 16.29 -41.21 5.75
N VAL G 379 16.04 -41.85 6.90
CA VAL G 379 16.31 -43.29 7.10
C VAL G 379 15.00 -44.08 7.08
N PHE G 380 14.88 -45.05 6.18
CA PHE G 380 13.63 -45.79 6.02
C PHE G 380 13.68 -47.09 6.79
N LEU G 381 13.05 -47.05 7.96
CA LEU G 381 13.12 -48.13 8.92
C LEU G 381 12.48 -49.40 8.39
N TYR G 382 11.45 -49.28 7.56
CA TYR G 382 10.78 -50.45 6.99
C TYR G 382 11.78 -51.27 6.19
N SER G 383 12.63 -50.61 5.39
CA SER G 383 13.66 -51.31 4.62
C SER G 383 14.84 -51.80 5.50
N LEU G 384 15.24 -50.95 6.44
CA LEU G 384 16.30 -51.29 7.36
C LEU G 384 16.01 -52.63 8.04
N GLY G 385 14.81 -52.78 8.58
CA GLY G 385 14.39 -54.00 9.29
C GLY G 385 14.20 -55.23 8.42
N ARG G 386 14.10 -55.06 7.11
CA ARG G 386 13.84 -56.15 6.20
C ARG G 386 15.05 -56.55 5.37
N ASN G 387 16.18 -55.93 5.67
CA ASN G 387 17.45 -56.29 5.08
C ASN G 387 17.86 -57.69 5.52
N ALA G 388 17.71 -58.66 4.61
CA ALA G 388 18.10 -60.06 4.86
C ALA G 388 19.54 -60.26 5.36
N ALA G 389 20.46 -59.37 4.96
CA ALA G 389 21.90 -59.48 5.36
C ALA G 389 22.12 -59.29 6.85
N LEU G 390 21.33 -58.39 7.43
CA LEU G 390 21.38 -58.09 8.85
C LEU G 390 20.34 -58.89 9.62
N PHE G 391 19.24 -59.28 8.97
CA PHE G 391 18.23 -60.11 9.62
C PHE G 391 17.87 -61.30 8.72
N PRO G 392 18.59 -62.44 8.87
CA PRO G 392 18.26 -63.61 8.06
C PRO G 392 16.82 -64.06 8.26
N ARG G 393 16.12 -64.29 7.15
CA ARG G 393 14.69 -64.62 7.14
C ARG G 393 13.91 -63.46 7.75
N PRO G 394 13.98 -62.29 7.12
CA PRO G 394 13.41 -61.09 7.70
C PRO G 394 11.90 -61.15 7.88
N GLU G 395 11.24 -62.02 7.12
CA GLU G 395 9.78 -62.23 7.24
C GLU G 395 9.39 -62.83 8.60
N ARG G 396 10.27 -63.65 9.18
CA ARG G 396 9.95 -64.40 10.40
C ARG G 396 9.93 -63.54 11.64
N TYR G 397 8.88 -63.74 12.43
CA TYR G 397 8.76 -63.15 13.74
C TYR G 397 9.53 -64.02 14.72
N ASN G 398 10.71 -63.56 15.17
CA ASN G 398 11.61 -64.34 16.02
C ASN G 398 12.27 -63.46 17.08
N PRO G 399 11.73 -63.48 18.32
CA PRO G 399 12.30 -62.74 19.44
C PRO G 399 13.74 -63.09 19.79
N GLN G 400 14.07 -64.38 19.74
CA GLN G 400 15.41 -64.89 20.07
C GLN G 400 16.55 -64.15 19.33
N ARG G 401 16.18 -63.55 18.21
CA ARG G 401 17.04 -62.74 17.39
C ARG G 401 17.77 -61.61 18.16
N TRP G 402 17.20 -61.18 19.28
CA TRP G 402 17.73 -60.06 20.04
C TRP G 402 18.44 -60.43 21.33
N LEU G 403 18.96 -61.66 21.44
CA LEU G 403 19.65 -62.09 22.69
C LEU G 403 20.97 -61.37 23.04
N ASP G 404 21.37 -60.37 22.25
CA ASP G 404 22.72 -59.75 22.34
C ASP G 404 22.68 -58.24 22.18
N PHE G 412 22.97 -50.31 16.47
CA PHE G 412 22.03 -49.47 15.72
C PHE G 412 21.09 -50.29 14.81
N HIS G 413 20.83 -51.55 15.15
CA HIS G 413 19.86 -52.38 14.41
C HIS G 413 18.43 -52.08 14.82
N HIS G 414 18.25 -51.56 16.02
CA HIS G 414 16.94 -51.23 16.57
C HIS G 414 16.89 -49.75 16.87
N VAL G 415 16.38 -48.97 15.93
CA VAL G 415 16.21 -47.52 16.13
C VAL G 415 14.81 -47.00 15.75
N PRO G 416 13.76 -47.72 16.15
CA PRO G 416 12.38 -47.28 15.89
C PRO G 416 11.94 -46.08 16.75
N PHE G 417 12.66 -45.83 17.84
CA PHE G 417 12.47 -44.62 18.60
C PHE G 417 13.51 -43.54 18.24
N GLY G 418 14.17 -43.72 17.09
CA GLY G 418 15.24 -42.81 16.62
C GLY G 418 16.44 -42.81 17.56
N PHE G 419 17.20 -41.71 17.58
CA PHE G 419 18.50 -41.70 18.24
C PHE G 419 18.91 -40.35 18.81
N GLY G 420 19.96 -40.36 19.65
CA GLY G 420 20.51 -39.12 20.24
C GLY G 420 19.54 -38.34 21.10
N MET G 421 19.82 -37.05 21.31
CA MET G 421 19.01 -36.23 22.21
C MET G 421 17.55 -36.03 21.75
N ARG G 422 17.33 -36.18 20.43
CA ARG G 422 15.98 -36.12 19.84
C ARG G 422 15.22 -37.45 19.78
N GLN G 423 15.78 -38.54 20.30
CA GLN G 423 15.07 -39.84 20.31
C GLN G 423 13.73 -39.69 21.06
N CYS G 424 12.81 -40.63 20.83
CA CYS G 424 11.44 -40.55 21.36
C CYS G 424 11.41 -40.15 22.80
N LEU G 425 10.70 -39.07 23.09
CA LEU G 425 10.54 -38.62 24.49
C LEU G 425 9.61 -39.55 25.23
N GLY G 426 8.74 -40.23 24.48
CA GLY G 426 7.69 -41.04 25.08
C GLY G 426 8.04 -42.50 25.16
N ARG G 427 9.24 -42.87 24.72
CA ARG G 427 9.62 -44.29 24.64
C ARG G 427 9.21 -45.10 25.86
N ARG G 428 9.68 -44.71 27.04
CA ARG G 428 9.52 -45.56 28.21
C ARG G 428 8.07 -45.65 28.68
N LEU G 429 7.29 -44.60 28.45
CA LEU G 429 5.82 -44.68 28.60
C LEU G 429 5.24 -45.66 27.57
N ALA G 430 5.55 -45.47 26.28
CA ALA G 430 5.09 -46.40 25.23
C ALA G 430 5.43 -47.84 25.63
N GLU G 431 6.70 -48.05 25.98
CA GLU G 431 7.20 -49.38 26.24
C GLU G 431 6.54 -50.02 27.47
N ALA G 432 6.26 -49.22 28.49
CA ALA G 432 5.67 -49.74 29.71
C ALA G 432 4.21 -50.10 29.52
N GLU G 433 3.53 -49.44 28.59
CA GLU G 433 2.11 -49.72 28.32
C GLU G 433 1.95 -51.02 27.52
N MET G 434 2.78 -51.16 26.50
CA MET G 434 2.79 -52.37 25.66
C MET G 434 3.15 -53.58 26.48
N LEU G 435 4.16 -53.43 27.32
CA LEU G 435 4.75 -54.55 28.04
C LEU G 435 3.83 -55.01 29.14
N LEU G 436 3.26 -54.06 29.89
CA LEU G 436 2.34 -54.43 30.98
C LEU G 436 1.03 -55.08 30.52
N LEU G 437 0.51 -54.66 29.37
CA LEU G 437 -0.72 -55.23 28.82
C LEU G 437 -0.53 -56.67 28.37
N LEU G 438 0.51 -56.93 27.59
CA LEU G 438 0.84 -58.28 27.12
C LEU G 438 1.09 -59.22 28.31
N HIS G 439 1.89 -58.75 29.26
CA HIS G 439 2.20 -59.51 30.44
C HIS G 439 0.96 -60.05 31.07
N HIS G 440 -0.06 -59.22 31.26
CA HIS G 440 -1.29 -59.70 31.89
C HIS G 440 -2.19 -60.47 30.98
N VAL G 441 -2.12 -60.22 29.68
CA VAL G 441 -2.90 -61.00 28.76
C VAL G 441 -2.32 -62.43 28.65
N LEU G 442 -1.00 -62.54 28.58
CA LEU G 442 -0.35 -63.84 28.41
C LEU G 442 -0.54 -64.75 29.61
N LYS G 443 -0.66 -64.18 30.81
CA LYS G 443 -0.90 -64.95 32.04
C LYS G 443 -2.28 -65.57 32.13
N HIS G 444 -3.26 -65.01 31.43
CA HIS G 444 -4.64 -65.50 31.54
C HIS G 444 -5.22 -66.02 30.25
N PHE G 445 -4.60 -65.71 29.10
CA PHE G 445 -5.17 -66.13 27.83
C PHE G 445 -4.17 -66.72 26.84
N LEU G 446 -4.66 -67.65 26.04
CA LEU G 446 -4.01 -68.07 24.83
C LEU G 446 -4.66 -67.24 23.74
N VAL G 447 -3.85 -66.70 22.82
CA VAL G 447 -4.32 -65.87 21.73
C VAL G 447 -4.17 -66.64 20.43
N GLU G 448 -5.29 -66.83 19.73
CA GLU G 448 -5.35 -67.70 18.57
C GLU G 448 -5.97 -67.00 17.37
N THR G 449 -5.46 -67.31 16.19
CA THR G 449 -6.08 -66.85 14.95
C THR G 449 -5.98 -67.91 13.89
N LEU G 450 -6.98 -67.92 13.02
CA LEU G 450 -7.01 -68.79 11.88
C LEU G 450 -6.40 -68.05 10.71
N THR G 451 -6.50 -66.71 10.73
CA THR G 451 -5.83 -65.85 9.76
C THR G 451 -4.30 -65.97 9.77
N GLN G 452 -3.74 -66.39 8.65
CA GLN G 452 -2.28 -66.55 8.52
C GLN G 452 -1.66 -65.54 7.55
N GLU G 453 -2.43 -65.09 6.56
CA GLU G 453 -2.05 -64.03 5.62
C GLU G 453 -1.43 -62.80 6.32
N ASP G 454 -0.40 -62.20 5.71
CA ASP G 454 0.19 -60.96 6.21
C ASP G 454 -0.85 -59.86 6.21
N ILE G 455 -0.76 -58.96 7.17
CA ILE G 455 -1.56 -57.75 7.15
C ILE G 455 -0.86 -56.70 6.30
N LYS G 456 -1.57 -56.20 5.29
CA LYS G 456 -1.10 -55.05 4.52
C LYS G 456 -1.04 -53.85 5.46
N MET G 457 0.10 -53.19 5.49
CA MET G 457 0.24 -51.93 6.21
C MET G 457 -0.15 -50.77 5.32
N VAL G 458 -0.46 -49.62 5.91
CA VAL G 458 -0.82 -48.43 5.13
C VAL G 458 -0.16 -47.19 5.72
N TYR G 459 0.45 -46.36 4.86
CA TYR G 459 1.09 -45.13 5.33
C TYR G 459 0.10 -43.97 5.31
N SER G 460 -0.21 -43.44 6.49
CA SER G 460 -0.89 -42.17 6.63
C SER G 460 -0.22 -41.44 7.78
N PHE G 461 1.05 -41.13 7.53
CA PHE G 461 1.95 -40.43 8.46
C PHE G 461 2.50 -41.38 9.51
N ILE G 462 1.62 -42.05 10.24
CA ILE G 462 2.01 -43.24 11.00
C ILE G 462 1.74 -44.44 10.12
N LEU G 463 2.59 -45.45 10.23
CA LEU G 463 2.42 -46.68 9.46
C LEU G 463 1.50 -47.59 10.27
N ARG G 464 0.33 -47.89 9.72
CA ARG G 464 -0.68 -48.66 10.41
C ARG G 464 -1.18 -49.85 9.61
N PRO G 465 -1.69 -50.88 10.29
CA PRO G 465 -2.36 -51.97 9.62
C PRO G 465 -3.65 -51.49 8.99
N GLY G 466 -3.97 -51.99 7.80
CA GLY G 466 -5.19 -51.57 7.08
C GLY G 466 -6.31 -52.56 7.27
N THR G 467 -6.15 -53.44 8.24
CA THR G 467 -7.06 -54.53 8.48
C THR G 467 -6.89 -54.97 9.91
N SER G 468 -7.98 -55.36 10.57
CA SER G 468 -7.85 -55.94 11.90
C SER G 468 -8.30 -57.39 11.91
N PRO G 469 -7.39 -58.30 12.25
CA PRO G 469 -7.71 -59.72 12.30
C PRO G 469 -8.62 -60.11 13.48
N LEU G 470 -9.28 -61.25 13.33
CA LEU G 470 -10.18 -61.74 14.33
C LEU G 470 -9.36 -62.64 15.24
N LEU G 471 -9.15 -62.16 16.46
CA LEU G 471 -8.35 -62.86 17.42
C LEU G 471 -9.26 -63.45 18.51
N THR G 472 -8.94 -64.67 18.92
CA THR G 472 -9.66 -65.34 19.97
C THR G 472 -8.82 -65.31 21.20
N PHE G 473 -9.44 -64.92 22.31
CA PHE G 473 -8.83 -64.99 23.61
C PHE G 473 -9.52 -66.09 24.41
N ARG G 474 -8.77 -67.12 24.82
CA ARG G 474 -9.35 -68.26 25.55
C ARG G 474 -8.78 -68.33 26.94
N ALA G 475 -9.62 -68.36 27.97
CA ALA G 475 -9.12 -68.36 29.36
C ALA G 475 -8.35 -69.66 29.62
N ILE G 476 -7.24 -69.59 30.34
CA ILE G 476 -6.41 -70.78 30.59
C ILE G 476 -7.05 -71.71 31.64
N THR H 8 -66.35 -71.39 -45.97
CA THR H 8 -66.09 -71.91 -44.59
C THR H 8 -65.22 -70.95 -43.75
N VAL H 9 -65.88 -70.12 -42.93
CA VAL H 9 -65.23 -69.04 -42.16
C VAL H 9 -64.56 -69.51 -40.85
N LEU H 10 -63.28 -69.20 -40.69
CA LEU H 10 -62.51 -69.65 -39.52
C LEU H 10 -62.86 -68.78 -38.32
N PRO H 11 -62.81 -69.33 -37.10
CA PRO H 11 -63.19 -68.56 -35.91
C PRO H 11 -62.14 -67.54 -35.48
N PHE H 12 -62.56 -66.54 -34.71
CA PHE H 12 -61.69 -65.46 -34.25
C PHE H 12 -60.37 -65.92 -33.61
N GLU H 13 -60.44 -66.97 -32.80
CA GLU H 13 -59.26 -67.44 -32.05
C GLU H 13 -58.32 -68.28 -32.92
N ALA H 14 -58.80 -68.72 -34.08
CA ALA H 14 -57.95 -69.37 -35.08
C ALA H 14 -56.92 -68.40 -35.68
N MET H 15 -57.17 -67.10 -35.49
CA MET H 15 -56.26 -66.04 -35.95
C MET H 15 -54.95 -66.07 -35.17
N PRO H 16 -53.81 -66.05 -35.88
CA PRO H 16 -52.49 -65.98 -35.25
C PRO H 16 -52.39 -64.85 -34.22
N GLN H 17 -51.58 -65.04 -33.19
CA GLN H 17 -51.52 -64.10 -32.07
C GLN H 17 -50.17 -63.39 -31.99
N HIS H 18 -50.21 -62.12 -31.62
CA HIS H 18 -49.01 -61.36 -31.33
C HIS H 18 -48.48 -61.87 -30.01
N PRO H 19 -47.18 -62.19 -29.97
CA PRO H 19 -46.59 -62.76 -28.74
C PRO H 19 -46.51 -61.82 -27.54
N GLY H 20 -46.56 -60.51 -27.78
CA GLY H 20 -46.48 -59.51 -26.71
C GLY H 20 -47.74 -59.37 -25.85
N ASN H 21 -47.64 -58.52 -24.83
CA ASN H 21 -48.67 -58.44 -23.80
C ASN H 21 -49.17 -57.01 -23.56
N ARG H 22 -50.46 -56.90 -23.32
CA ARG H 22 -51.12 -55.68 -22.82
C ARG H 22 -50.28 -54.88 -21.80
N TRP H 23 -49.51 -55.59 -20.95
CA TRP H 23 -48.82 -55.00 -19.78
C TRP H 23 -47.35 -54.75 -19.95
N LEU H 24 -46.64 -55.71 -20.53
CA LEU H 24 -45.22 -55.52 -20.91
C LEU H 24 -45.04 -54.31 -21.84
N ARG H 25 -46.03 -54.09 -22.71
CA ARG H 25 -46.08 -52.89 -23.55
C ARG H 25 -46.15 -51.62 -22.70
N LEU H 26 -47.14 -51.50 -21.82
CA LEU H 26 -47.32 -50.23 -21.09
C LEU H 26 -46.17 -49.98 -20.11
N LEU H 27 -45.57 -51.05 -19.60
CA LEU H 27 -44.40 -50.91 -18.73
C LEU H 27 -43.14 -50.51 -19.49
N GLN H 28 -42.88 -51.11 -20.65
CA GLN H 28 -41.72 -50.72 -21.48
C GLN H 28 -41.81 -49.25 -21.94
N ILE H 29 -43.03 -48.77 -22.18
CA ILE H 29 -43.23 -47.35 -22.48
C ILE H 29 -42.90 -46.50 -21.26
N TRP H 30 -43.29 -46.94 -20.06
CA TRP H 30 -42.93 -46.22 -18.83
C TRP H 30 -41.44 -46.13 -18.68
N ARG H 31 -40.74 -47.19 -19.04
CA ARG H 31 -39.30 -47.24 -18.85
C ARG H 31 -38.63 -46.31 -19.84
N GLU H 32 -38.99 -46.44 -21.11
CA GLU H 32 -38.34 -45.72 -22.20
C GLU H 32 -38.92 -44.30 -22.47
N GLN H 33 -40.05 -43.97 -21.84
CA GLN H 33 -40.74 -42.68 -22.02
C GLN H 33 -41.20 -42.45 -23.47
N GLY H 34 -41.33 -43.52 -24.25
CA GLY H 34 -41.67 -43.43 -25.67
C GLY H 34 -41.92 -44.82 -26.24
N TYR H 35 -42.11 -44.90 -27.55
CA TYR H 35 -42.34 -46.18 -28.22
C TYR H 35 -41.92 -46.02 -29.69
N GLU H 36 -40.72 -45.52 -29.88
CA GLU H 36 -40.25 -45.06 -31.18
C GLU H 36 -40.24 -46.13 -32.28
N HIS H 37 -40.14 -47.39 -31.87
CA HIS H 37 -39.92 -48.49 -32.83
C HIS H 37 -41.21 -49.18 -33.19
N LEU H 38 -42.34 -48.65 -32.71
CA LEU H 38 -43.66 -49.29 -32.89
C LEU H 38 -43.93 -49.78 -34.32
N HIS H 39 -43.57 -48.98 -35.30
CA HIS H 39 -43.76 -49.35 -36.72
C HIS H 39 -42.95 -50.51 -37.16
N LEU H 40 -41.71 -50.59 -36.68
CA LEU H 40 -40.83 -51.71 -37.06
C LEU H 40 -41.29 -53.00 -36.35
N GLU H 41 -41.64 -52.90 -35.06
CA GLU H 41 -42.29 -53.99 -34.37
C GLU H 41 -43.39 -54.57 -35.26
N MET H 42 -44.47 -53.82 -35.45
CA MET H 42 -45.63 -54.31 -36.20
C MET H 42 -45.22 -54.86 -37.55
N HIS H 43 -44.26 -54.21 -38.21
CA HIS H 43 -43.78 -54.66 -39.53
C HIS H 43 -43.13 -56.04 -39.48
N GLN H 44 -42.31 -56.30 -38.46
CA GLN H 44 -41.67 -57.64 -38.33
C GLN H 44 -42.75 -58.70 -38.05
N THR H 45 -43.63 -58.41 -37.10
CA THR H 45 -44.78 -59.26 -36.78
C THR H 45 -45.58 -59.71 -38.02
N PHE H 46 -45.93 -58.77 -38.89
CA PHE H 46 -46.64 -59.10 -40.10
C PHE H 46 -45.81 -60.02 -40.97
N GLN H 47 -44.49 -59.82 -41.00
CA GLN H 47 -43.59 -60.71 -41.74
C GLN H 47 -43.56 -62.10 -41.08
N GLU H 48 -43.46 -62.12 -39.74
CA GLU H 48 -43.52 -63.37 -38.98
C GLU H 48 -44.86 -64.15 -39.14
N LEU H 49 -46.00 -63.43 -39.17
CA LEU H 49 -47.33 -64.05 -39.02
C LEU H 49 -48.31 -63.83 -40.18
N GLY H 50 -47.88 -63.17 -41.24
CA GLY H 50 -48.78 -62.83 -42.34
C GLY H 50 -49.64 -61.59 -42.07
N PRO H 51 -50.51 -61.25 -43.04
CA PRO H 51 -51.24 -60.01 -43.12
C PRO H 51 -52.41 -59.83 -42.15
N ILE H 52 -52.46 -60.59 -41.07
CA ILE H 52 -53.45 -60.35 -40.03
C ILE H 52 -53.05 -61.04 -38.74
N PHE H 53 -53.34 -60.40 -37.61
CA PHE H 53 -53.11 -61.00 -36.29
C PHE H 53 -53.86 -60.25 -35.21
N ARG H 54 -54.07 -60.92 -34.08
CA ARG H 54 -54.83 -60.34 -32.99
C ARG H 54 -53.86 -59.91 -31.93
N TYR H 55 -54.27 -58.97 -31.09
CA TYR H 55 -53.41 -58.51 -30.03
C TYR H 55 -54.03 -58.73 -28.65
N ASN H 56 -53.21 -59.26 -27.75
CA ASN H 56 -53.60 -59.57 -26.39
C ASN H 56 -54.04 -58.32 -25.63
N LEU H 57 -55.32 -57.98 -25.80
CA LEU H 57 -55.97 -56.94 -24.98
C LEU H 57 -56.91 -57.60 -23.93
N GLY H 58 -57.08 -58.93 -24.04
CA GLY H 58 -57.62 -59.77 -22.96
C GLY H 58 -59.08 -59.55 -22.62
N GLY H 59 -59.97 -59.82 -23.57
CA GLY H 59 -61.40 -59.55 -23.42
C GLY H 59 -61.90 -58.59 -24.50
N PRO H 60 -61.35 -57.35 -24.53
CA PRO H 60 -61.52 -56.51 -25.73
C PRO H 60 -60.61 -57.01 -26.85
N ARG H 61 -61.19 -57.23 -28.03
CA ARG H 61 -60.47 -57.83 -29.13
C ARG H 61 -59.83 -56.76 -30.00
N MET H 62 -58.61 -57.01 -30.45
CA MET H 62 -57.88 -56.06 -31.28
C MET H 62 -57.17 -56.78 -32.42
N VAL H 63 -57.59 -56.47 -33.66
CA VAL H 63 -57.03 -57.03 -34.89
C VAL H 63 -56.17 -56.00 -35.65
N CYS H 64 -54.97 -56.42 -36.04
CA CYS H 64 -54.08 -55.62 -36.87
C CYS H 64 -54.04 -56.18 -38.28
N VAL H 65 -54.37 -55.36 -39.27
CA VAL H 65 -54.32 -55.78 -40.68
C VAL H 65 -53.41 -54.86 -41.48
N MET H 66 -53.16 -55.21 -42.75
CA MET H 66 -52.21 -54.43 -43.59
C MET H 66 -52.44 -54.49 -45.11
N LEU H 67 -53.63 -54.93 -45.54
CA LEU H 67 -53.94 -55.11 -46.96
C LEU H 67 -55.08 -54.18 -47.40
N PRO H 68 -55.01 -53.67 -48.65
CA PRO H 68 -56.14 -52.96 -49.31
C PRO H 68 -57.48 -53.66 -49.20
N GLU H 69 -57.51 -54.97 -49.41
CA GLU H 69 -58.73 -55.77 -49.25
C GLU H 69 -59.43 -55.44 -47.93
N ASP H 70 -58.67 -55.46 -46.85
CA ASP H 70 -59.20 -55.29 -45.49
C ASP H 70 -59.70 -53.87 -45.21
N VAL H 71 -59.25 -52.89 -45.99
CA VAL H 71 -59.68 -51.50 -45.84
C VAL H 71 -61.11 -51.31 -46.39
N GLU H 72 -61.32 -51.83 -47.60
CA GLU H 72 -62.62 -51.77 -48.29
C GLU H 72 -63.73 -52.38 -47.44
N LYS H 73 -63.46 -53.57 -46.89
CA LYS H 73 -64.38 -54.29 -46.01
C LYS H 73 -64.69 -53.49 -44.75
N LEU H 74 -63.69 -52.74 -44.29
CA LEU H 74 -63.84 -51.88 -43.11
C LEU H 74 -64.69 -50.64 -43.45
N GLN H 75 -64.57 -50.11 -44.67
CA GLN H 75 -65.46 -49.01 -45.09
C GLN H 75 -66.90 -49.50 -45.12
N GLN H 76 -67.13 -50.55 -45.92
CA GLN H 76 -68.45 -51.22 -46.01
C GLN H 76 -69.19 -51.25 -44.69
N VAL H 77 -68.47 -51.40 -43.60
CA VAL H 77 -69.04 -51.62 -42.29
C VAL H 77 -69.02 -50.38 -41.36
N ASP H 78 -68.49 -49.24 -41.82
CA ASP H 78 -68.66 -47.94 -41.12
C ASP H 78 -70.15 -47.70 -40.87
N SER H 79 -70.51 -47.17 -39.72
CA SER H 79 -71.90 -46.76 -39.53
C SER H 79 -72.15 -45.40 -40.21
N LEU H 80 -73.34 -44.88 -40.00
CA LEU H 80 -73.57 -43.47 -40.08
C LEU H 80 -72.59 -42.78 -39.10
N HIS H 81 -72.23 -43.44 -38.00
CA HIS H 81 -71.32 -42.88 -37.01
C HIS H 81 -70.05 -43.72 -36.73
N PRO H 82 -69.07 -43.73 -37.68
CA PRO H 82 -67.80 -44.48 -37.50
C PRO H 82 -67.06 -44.14 -36.20
N CYS H 83 -66.58 -45.17 -35.51
CA CYS H 83 -65.94 -44.92 -34.23
C CYS H 83 -64.45 -45.17 -34.28
N ARG H 84 -63.70 -44.26 -33.68
CA ARG H 84 -62.33 -44.55 -33.34
C ARG H 84 -62.35 -44.66 -31.83
N MET H 85 -61.31 -45.23 -31.25
CA MET H 85 -61.23 -45.35 -29.81
C MET H 85 -61.00 -43.96 -29.24
N ILE H 86 -61.59 -43.64 -28.10
CA ILE H 86 -61.39 -42.33 -27.48
C ILE H 86 -59.91 -42.18 -27.11
N LEU H 87 -59.29 -41.09 -27.57
CA LEU H 87 -57.94 -40.75 -27.14
C LEU H 87 -58.07 -39.97 -25.83
N GLU H 88 -57.85 -40.67 -24.71
CA GLU H 88 -58.16 -40.15 -23.36
C GLU H 88 -57.33 -38.95 -22.97
N PRO H 89 -56.02 -38.97 -23.23
CA PRO H 89 -55.25 -37.80 -22.84
C PRO H 89 -55.78 -36.48 -23.45
N TRP H 90 -55.96 -36.46 -24.77
CA TRP H 90 -56.52 -35.29 -25.46
C TRP H 90 -57.91 -34.93 -25.00
N VAL H 91 -58.79 -35.93 -24.87
CA VAL H 91 -60.16 -35.70 -24.39
C VAL H 91 -60.12 -35.15 -22.96
N ALA H 92 -59.26 -35.75 -22.14
CA ALA H 92 -59.12 -35.35 -20.75
C ALA H 92 -58.65 -33.89 -20.60
N TYR H 93 -57.94 -33.36 -21.60
CA TYR H 93 -57.52 -31.94 -21.53
C TYR H 93 -58.72 -31.02 -21.64
N ARG H 94 -59.64 -31.34 -22.52
CA ARG H 94 -60.79 -30.47 -22.76
C ARG H 94 -61.68 -30.38 -21.52
N GLN H 95 -61.90 -31.51 -20.86
CA GLN H 95 -62.76 -31.54 -19.69
C GLN H 95 -62.14 -30.73 -18.56
N HIS H 96 -60.84 -30.83 -18.37
CA HIS H 96 -60.16 -30.06 -17.33
C HIS H 96 -60.21 -28.55 -17.50
N ARG H 97 -60.23 -28.08 -18.76
CA ARG H 97 -60.33 -26.63 -19.06
C ARG H 97 -61.71 -26.23 -19.60
N GLY H 98 -62.67 -27.15 -19.53
CA GLY H 98 -64.04 -26.87 -19.94
C GLY H 98 -64.23 -26.54 -21.41
N HIS H 99 -63.33 -27.02 -22.26
CA HIS H 99 -63.46 -26.86 -23.70
C HIS H 99 -64.26 -28.00 -24.23
N LYS H 100 -64.84 -27.79 -25.40
CA LYS H 100 -65.51 -28.87 -26.14
C LYS H 100 -64.53 -29.57 -27.06
N CYS H 101 -64.95 -30.71 -27.60
CA CYS H 101 -64.12 -31.52 -28.46
C CYS H 101 -64.43 -31.22 -29.90
N GLY H 102 -63.38 -31.19 -30.72
CA GLY H 102 -63.53 -31.04 -32.16
C GLY H 102 -63.80 -32.37 -32.84
N VAL H 103 -63.83 -32.34 -34.15
CA VAL H 103 -64.34 -33.46 -34.93
C VAL H 103 -63.47 -34.74 -34.79
N PHE H 104 -62.18 -34.58 -34.55
CA PHE H 104 -61.27 -35.75 -34.41
C PHE H 104 -61.46 -36.54 -33.11
N LEU H 105 -61.86 -35.86 -32.03
CA LEU H 105 -62.03 -36.51 -30.75
C LEU H 105 -63.49 -36.71 -30.43
N LEU H 106 -64.37 -36.67 -31.40
CA LEU H 106 -65.79 -36.88 -31.18
C LEU H 106 -66.24 -38.13 -31.88
N ASN H 107 -67.14 -38.88 -31.22
CA ASN H 107 -67.89 -39.98 -31.86
C ASN H 107 -69.38 -39.67 -31.79
N GLY H 108 -70.19 -40.38 -32.59
CA GLY H 108 -71.61 -40.38 -32.41
C GLY H 108 -72.27 -39.26 -33.21
N PRO H 109 -73.57 -39.03 -32.96
CA PRO H 109 -74.29 -37.97 -33.66
C PRO H 109 -73.61 -36.59 -33.56
N GLU H 110 -72.89 -36.35 -32.46
CA GLU H 110 -72.23 -35.07 -32.28
C GLU H 110 -71.12 -34.94 -33.31
N TRP H 111 -70.32 -35.98 -33.47
CA TRP H 111 -69.29 -35.97 -34.53
C TRP H 111 -69.89 -35.65 -35.86
N ARG H 112 -70.95 -36.35 -36.21
CA ARG H 112 -71.61 -36.14 -37.50
C ARG H 112 -72.14 -34.71 -37.64
N PHE H 113 -72.73 -34.19 -36.58
CA PHE H 113 -73.28 -32.86 -36.62
C PHE H 113 -72.16 -31.85 -36.92
N ASN H 114 -70.99 -32.03 -36.29
CA ASN H 114 -69.82 -31.16 -36.57
C ASN H 114 -69.29 -31.31 -37.97
N ARG H 115 -69.05 -32.56 -38.39
CA ARG H 115 -68.40 -32.88 -39.69
C ARG H 115 -69.12 -32.30 -40.89
N LEU H 116 -70.44 -32.52 -40.95
CA LEU H 116 -71.23 -32.01 -42.07
C LEU H 116 -71.18 -30.49 -42.16
N ARG H 117 -70.93 -29.80 -41.05
CA ARG H 117 -70.82 -28.33 -41.07
C ARG H 117 -69.37 -27.79 -41.21
N LEU H 118 -68.38 -28.69 -41.22
CA LEU H 118 -66.97 -28.36 -41.52
C LEU H 118 -66.57 -28.69 -42.98
N ASN H 119 -67.12 -29.76 -43.53
CA ASN H 119 -66.78 -30.20 -44.88
C ASN H 119 -66.86 -29.14 -45.97
N PRO H 120 -67.93 -28.32 -45.96
CA PRO H 120 -68.04 -27.38 -47.08
C PRO H 120 -66.94 -26.32 -47.10
N ASP H 121 -66.46 -25.90 -45.95
CA ASP H 121 -65.49 -24.82 -45.89
C ASP H 121 -64.05 -25.25 -45.56
N VAL H 122 -63.83 -26.52 -45.20
CA VAL H 122 -62.47 -27.02 -45.01
C VAL H 122 -62.00 -27.97 -46.13
N LEU H 123 -62.88 -28.87 -46.59
CA LEU H 123 -62.50 -29.95 -47.51
C LEU H 123 -63.02 -29.81 -48.96
N SER H 124 -64.14 -29.12 -49.16
CA SER H 124 -64.83 -29.15 -50.45
C SER H 124 -64.03 -28.44 -51.52
N PRO H 125 -64.19 -28.89 -52.77
CA PRO H 125 -63.60 -28.19 -53.91
C PRO H 125 -63.92 -26.70 -53.95
N LYS H 126 -65.16 -26.32 -53.65
CA LYS H 126 -65.48 -24.89 -53.64
C LYS H 126 -64.61 -24.16 -52.61
N ALA H 127 -64.33 -24.78 -51.46
CA ALA H 127 -63.40 -24.24 -50.47
C ALA H 127 -61.93 -24.06 -51.00
N VAL H 128 -61.39 -25.06 -51.71
CA VAL H 128 -60.00 -24.97 -52.26
C VAL H 128 -59.81 -23.87 -53.29
N GLN H 129 -60.79 -23.70 -54.17
CA GLN H 129 -60.78 -22.62 -55.14
C GLN H 129 -60.42 -21.32 -54.43
N ARG H 130 -60.96 -21.13 -53.24
CA ARG H 130 -60.83 -19.87 -52.57
C ARG H 130 -59.49 -19.75 -51.83
N PHE H 131 -59.07 -20.76 -51.06
CA PHE H 131 -57.84 -20.60 -50.25
C PHE H 131 -56.54 -20.97 -50.97
N LEU H 132 -56.64 -21.75 -52.03
CA LEU H 132 -55.44 -22.17 -52.72
C LEU H 132 -54.59 -20.98 -53.22
N PRO H 133 -55.20 -19.94 -53.80
CA PRO H 133 -54.30 -18.82 -54.23
C PRO H 133 -53.61 -18.10 -53.07
N MET H 134 -54.19 -18.17 -51.89
CA MET H 134 -53.52 -17.72 -50.68
C MET H 134 -52.28 -18.62 -50.45
N VAL H 135 -52.50 -19.92 -50.26
CA VAL H 135 -51.37 -20.84 -50.07
C VAL H 135 -50.31 -20.54 -51.09
N ASP H 136 -50.74 -20.26 -52.32
CA ASP H 136 -49.80 -20.12 -53.41
C ASP H 136 -48.91 -18.93 -53.23
N ALA H 137 -49.49 -17.84 -52.77
CA ALA H 137 -48.70 -16.65 -52.50
C ALA H 137 -47.59 -16.97 -51.52
N VAL H 138 -47.89 -17.79 -50.50
CA VAL H 138 -46.92 -18.11 -49.44
C VAL H 138 -45.85 -19.06 -49.96
N ALA H 139 -46.25 -19.98 -50.83
CA ALA H 139 -45.30 -20.86 -51.50
C ALA H 139 -44.30 -20.04 -52.32
N ARG H 140 -44.79 -19.08 -53.11
CA ARG H 140 -43.89 -18.19 -53.86
C ARG H 140 -42.85 -17.52 -52.97
N ASP H 141 -43.28 -16.94 -51.85
CA ASP H 141 -42.38 -16.19 -51.02
C ASP H 141 -41.28 -17.07 -50.47
N PHE H 142 -41.57 -18.37 -50.27
CA PHE H 142 -40.54 -19.31 -49.81
C PHE H 142 -39.36 -19.40 -50.81
N SER H 143 -39.68 -19.64 -52.08
CA SER H 143 -38.65 -19.64 -53.14
C SER H 143 -37.88 -18.35 -53.25
N GLN H 144 -38.57 -17.21 -53.19
CA GLN H 144 -37.90 -15.90 -53.29
C GLN H 144 -36.96 -15.69 -52.11
N ALA H 145 -37.42 -15.99 -50.91
CA ALA H 145 -36.54 -15.85 -49.78
C ALA H 145 -35.28 -16.71 -50.05
N LEU H 146 -35.50 -17.97 -50.44
CA LEU H 146 -34.40 -18.88 -50.78
C LEU H 146 -33.53 -18.37 -51.93
N LYS H 147 -34.16 -17.82 -52.97
CA LYS H 147 -33.40 -17.23 -54.05
C LYS H 147 -32.44 -16.14 -53.55
N LYS H 148 -32.91 -15.22 -52.69
CA LYS H 148 -32.05 -14.11 -52.22
C LYS H 148 -30.84 -14.60 -51.45
N LYS H 149 -31.03 -15.60 -50.59
CA LYS H 149 -29.92 -16.20 -49.80
C LYS H 149 -28.89 -16.90 -50.70
N VAL H 150 -29.38 -17.59 -51.71
CA VAL H 150 -28.52 -18.36 -52.58
C VAL H 150 -27.61 -17.48 -53.43
N LEU H 151 -28.17 -16.41 -53.98
CA LEU H 151 -27.41 -15.49 -54.83
C LEU H 151 -26.32 -14.73 -54.06
N GLN H 152 -26.43 -14.68 -52.74
CA GLN H 152 -25.36 -14.08 -51.92
C GLN H 152 -24.20 -15.07 -51.62
N ASN H 153 -24.23 -16.24 -52.24
CA ASN H 153 -23.10 -17.17 -52.17
C ASN H 153 -22.48 -17.31 -53.56
N ALA H 154 -21.15 -17.41 -53.60
CA ALA H 154 -20.41 -17.40 -54.85
C ALA H 154 -20.72 -18.60 -55.75
N ARG H 155 -21.07 -19.75 -55.15
CA ARG H 155 -21.43 -20.95 -55.94
C ARG H 155 -22.93 -21.09 -56.28
N GLY H 156 -23.73 -20.05 -56.02
CA GLY H 156 -25.10 -19.97 -56.53
C GLY H 156 -26.04 -20.98 -55.90
N SER H 157 -25.83 -21.22 -54.61
CA SER H 157 -26.47 -22.33 -53.93
C SER H 157 -26.47 -22.09 -52.44
N LEU H 158 -27.48 -22.64 -51.74
CA LEU H 158 -27.52 -22.63 -50.26
C LEU H 158 -27.73 -24.05 -49.75
N THR H 159 -26.90 -24.45 -48.79
CA THR H 159 -26.88 -25.78 -48.25
C THR H 159 -27.22 -25.73 -46.79
N LEU H 160 -28.35 -26.35 -46.43
CA LEU H 160 -28.92 -26.22 -45.09
C LEU H 160 -29.74 -27.41 -44.61
N ASP H 161 -30.00 -27.43 -43.32
CA ASP H 161 -31.08 -28.17 -42.71
C ASP H 161 -32.34 -27.35 -42.94
N VAL H 162 -33.15 -27.76 -43.94
CA VAL H 162 -34.38 -27.02 -44.30
C VAL H 162 -35.55 -27.25 -43.35
N GLN H 163 -35.47 -28.26 -42.50
CA GLN H 163 -36.62 -28.55 -41.62
C GLN H 163 -37.22 -27.27 -40.95
N PRO H 164 -36.40 -26.44 -40.26
CA PRO H 164 -37.03 -25.30 -39.60
C PRO H 164 -37.82 -24.39 -40.54
N SER H 165 -37.24 -24.01 -41.67
CA SER H 165 -37.97 -23.18 -42.60
C SER H 165 -39.21 -23.88 -43.24
N ILE H 166 -39.17 -25.19 -43.41
CA ILE H 166 -40.36 -25.92 -43.92
C ILE H 166 -41.51 -25.94 -42.94
N PHE H 167 -41.18 -26.14 -41.67
CA PHE H 167 -42.17 -26.02 -40.61
C PHE H 167 -42.77 -24.62 -40.62
N HIS H 168 -41.92 -23.61 -40.72
CA HIS H 168 -42.42 -22.23 -40.73
C HIS H 168 -43.28 -21.96 -41.94
N TYR H 169 -42.87 -22.45 -43.08
CA TYR H 169 -43.75 -22.39 -44.24
C TYR H 169 -45.16 -22.93 -43.92
N THR H 170 -45.25 -24.11 -43.30
CA THR H 170 -46.56 -24.72 -43.07
C THR H 170 -47.34 -23.97 -42.00
N ILE H 171 -46.65 -23.42 -40.99
CA ILE H 171 -47.33 -22.52 -40.04
C ILE H 171 -47.95 -21.31 -40.78
N GLU H 172 -47.19 -20.65 -41.64
CA GLU H 172 -47.65 -19.45 -42.35
C GLU H 172 -48.82 -19.73 -43.35
N ALA H 173 -48.65 -20.76 -44.19
CA ALA H 173 -49.69 -21.13 -45.17
C ALA H 173 -50.95 -21.48 -44.45
N SER H 174 -50.83 -22.33 -43.44
CA SER H 174 -51.99 -22.74 -42.66
C SER H 174 -52.68 -21.56 -42.02
N ASN H 175 -51.91 -20.69 -41.38
CA ASN H 175 -52.53 -19.56 -40.71
C ASN H 175 -53.21 -18.64 -41.70
N LEU H 176 -52.63 -18.50 -42.91
CA LEU H 176 -53.21 -17.64 -43.94
C LEU H 176 -54.51 -18.24 -44.47
N ALA H 177 -54.50 -19.54 -44.75
CA ALA H 177 -55.69 -20.21 -45.24
C ALA H 177 -56.73 -20.24 -44.16
N LEU H 178 -56.33 -20.51 -42.93
CA LEU H 178 -57.27 -20.61 -41.83
C LEU H 178 -57.84 -19.26 -41.44
N PHE H 179 -56.96 -18.32 -41.11
CA PHE H 179 -57.39 -17.06 -40.49
C PHE H 179 -57.22 -15.80 -41.34
N GLY H 180 -56.59 -15.93 -42.51
CA GLY H 180 -56.34 -14.76 -43.37
C GLY H 180 -55.29 -13.77 -42.85
N GLU H 181 -54.57 -14.16 -41.80
CA GLU H 181 -53.48 -13.36 -41.25
C GLU H 181 -52.17 -13.90 -41.87
N ARG H 182 -51.28 -12.97 -42.11
CA ARG H 182 -49.95 -13.25 -42.58
C ARG H 182 -49.08 -13.05 -41.37
N LEU H 183 -48.32 -14.06 -41.00
CA LEU H 183 -47.54 -13.99 -39.76
C LEU H 183 -46.10 -13.43 -39.96
N GLY H 184 -45.64 -13.37 -41.19
CA GLY H 184 -44.28 -12.91 -41.48
C GLY H 184 -43.17 -13.90 -41.11
N LEU H 185 -43.47 -15.19 -41.09
CA LEU H 185 -42.47 -16.19 -40.68
C LEU H 185 -41.69 -16.70 -41.87
N VAL H 186 -42.27 -16.66 -43.07
CA VAL H 186 -41.54 -17.03 -44.28
C VAL H 186 -40.64 -15.89 -44.74
N GLY H 187 -39.41 -16.24 -45.12
CA GLY H 187 -38.39 -15.25 -45.50
C GLY H 187 -37.78 -14.46 -44.35
N HIS H 188 -38.02 -14.91 -43.12
CA HIS H 188 -37.59 -14.23 -41.89
C HIS H 188 -37.32 -15.22 -40.81
N SER H 189 -36.88 -14.72 -39.66
CA SER H 189 -36.56 -15.61 -38.56
C SER H 189 -37.80 -16.14 -37.81
N PRO H 190 -37.70 -17.38 -37.30
CA PRO H 190 -38.68 -17.89 -36.35
C PRO H 190 -38.99 -16.86 -35.24
N SER H 191 -40.27 -16.68 -34.92
CA SER H 191 -40.69 -15.82 -33.80
C SER H 191 -40.70 -16.66 -32.56
N SER H 192 -40.68 -16.02 -31.40
CA SER H 192 -40.68 -16.76 -30.16
C SER H 192 -42.06 -17.40 -29.94
N ALA H 193 -43.10 -16.82 -30.53
CA ALA H 193 -44.43 -17.45 -30.50
C ALA H 193 -44.45 -18.77 -31.31
N SER H 194 -43.95 -18.73 -32.54
CA SER H 194 -43.87 -19.93 -33.37
C SER H 194 -42.87 -20.99 -32.87
N LEU H 195 -41.78 -20.58 -32.22
CA LEU H 195 -40.80 -21.59 -31.73
C LEU H 195 -41.40 -22.36 -30.55
N ASN H 196 -42.02 -21.61 -29.63
CA ASN H 196 -42.78 -22.19 -28.51
C ASN H 196 -43.96 -23.07 -28.96
N PHE H 197 -44.54 -22.73 -30.11
CA PHE H 197 -45.64 -23.52 -30.69
C PHE H 197 -45.11 -24.89 -31.09
N LEU H 198 -44.03 -24.91 -31.85
CA LEU H 198 -43.47 -26.17 -32.35
C LEU H 198 -42.99 -27.06 -31.21
N HIS H 199 -42.30 -26.46 -30.24
CA HIS H 199 -41.85 -27.21 -29.08
C HIS H 199 -43.00 -27.89 -28.34
N ALA H 200 -44.05 -27.12 -28.08
CA ALA H 200 -45.27 -27.63 -27.44
C ALA H 200 -45.91 -28.76 -28.22
N LEU H 201 -45.97 -28.64 -29.54
CA LEU H 201 -46.48 -29.76 -30.37
C LEU H 201 -45.65 -31.03 -30.21
N GLU H 202 -44.35 -30.85 -30.08
CA GLU H 202 -43.45 -31.99 -30.00
C GLU H 202 -43.62 -32.67 -28.64
N VAL H 203 -43.75 -31.88 -27.57
CA VAL H 203 -43.95 -32.41 -26.22
C VAL H 203 -45.30 -33.09 -26.08
N MET H 204 -46.34 -32.42 -26.58
CA MET H 204 -47.69 -32.98 -26.56
C MET H 204 -47.69 -34.34 -27.24
N PHE H 205 -46.98 -34.46 -28.37
CA PHE H 205 -46.98 -35.70 -29.13
C PHE H 205 -46.28 -36.76 -28.35
N LYS H 206 -45.03 -36.48 -27.97
CA LYS H 206 -44.19 -37.35 -27.11
C LYS H 206 -45.03 -37.86 -25.93
N SER H 207 -45.46 -36.93 -25.09
CA SER H 207 -46.25 -37.30 -23.93
C SER H 207 -47.58 -37.96 -24.30
N THR H 208 -48.11 -37.71 -25.50
CA THR H 208 -49.29 -38.43 -25.96
C THR H 208 -48.97 -39.91 -25.96
N VAL H 209 -47.90 -40.29 -26.62
CA VAL H 209 -47.50 -41.71 -26.66
C VAL H 209 -47.37 -42.33 -25.24
N GLN H 210 -46.89 -41.56 -24.26
CA GLN H 210 -46.69 -42.04 -22.86
C GLN H 210 -47.98 -42.19 -22.03
N LEU H 211 -49.14 -42.07 -22.67
CA LEU H 211 -50.44 -42.13 -21.98
C LEU H 211 -51.54 -42.83 -22.81
N MET H 212 -51.32 -43.08 -24.10
CA MET H 212 -52.35 -43.73 -24.92
C MET H 212 -52.51 -45.20 -24.58
N PHE H 213 -51.48 -45.79 -23.98
CA PHE H 213 -51.40 -47.25 -23.84
C PHE H 213 -51.74 -47.78 -22.43
N MET H 214 -52.49 -46.99 -21.67
CA MET H 214 -52.97 -47.42 -20.37
C MET H 214 -54.08 -46.47 -19.91
N PRO H 215 -55.00 -46.95 -19.04
CA PRO H 215 -56.12 -46.10 -18.62
C PRO H 215 -55.70 -45.06 -17.62
N ARG H 216 -56.54 -44.03 -17.41
CA ARG H 216 -56.17 -42.94 -16.51
C ARG H 216 -56.04 -43.44 -15.06
N SER H 217 -56.84 -44.46 -14.67
CA SER H 217 -56.71 -45.06 -13.34
C SER H 217 -55.29 -45.57 -13.09
N LEU H 218 -54.69 -46.22 -14.07
CA LEU H 218 -53.28 -46.62 -13.97
C LEU H 218 -52.33 -45.43 -14.08
N SER H 219 -52.44 -44.66 -15.17
CA SER H 219 -51.42 -43.64 -15.48
C SER H 219 -51.42 -42.47 -14.49
N ARG H 220 -52.57 -42.25 -13.84
CA ARG H 220 -52.72 -41.25 -12.77
C ARG H 220 -51.50 -41.22 -11.86
N TRP H 221 -51.16 -42.39 -11.31
CA TRP H 221 -50.10 -42.50 -10.30
C TRP H 221 -48.78 -43.06 -10.82
N ILE H 222 -48.79 -43.73 -11.99
CA ILE H 222 -47.52 -44.14 -12.64
C ILE H 222 -46.79 -42.94 -13.25
N SER H 223 -47.55 -42.06 -13.90
CA SER H 223 -46.97 -41.00 -14.73
C SER H 223 -47.60 -39.61 -14.50
N PRO H 224 -47.80 -39.23 -13.23
CA PRO H 224 -48.40 -37.92 -12.96
C PRO H 224 -47.60 -36.76 -13.54
N LYS H 225 -46.28 -36.93 -13.65
CA LYS H 225 -45.44 -35.89 -14.26
C LYS H 225 -45.57 -35.83 -15.78
N VAL H 226 -46.09 -36.90 -16.39
CA VAL H 226 -46.39 -36.91 -17.82
C VAL H 226 -47.74 -36.25 -18.08
N TRP H 227 -48.70 -36.41 -17.18
CA TRP H 227 -49.94 -35.65 -17.28
C TRP H 227 -49.72 -34.15 -17.21
N LYS H 228 -48.90 -33.71 -16.26
CA LYS H 228 -48.54 -32.28 -16.09
C LYS H 228 -47.86 -31.71 -17.30
N GLU H 229 -46.92 -32.46 -17.84
CA GLU H 229 -46.22 -32.13 -19.07
C GLU H 229 -47.23 -31.91 -20.23
N HIS H 230 -48.07 -32.92 -20.42
CA HIS H 230 -49.03 -32.98 -21.50
C HIS H 230 -49.98 -31.83 -21.39
N PHE H 231 -50.41 -31.53 -20.17
CA PHE H 231 -51.39 -30.46 -19.94
C PHE H 231 -50.75 -29.10 -20.10
N GLU H 232 -49.46 -29.00 -19.79
CA GLU H 232 -48.72 -27.78 -20.00
C GLU H 232 -48.50 -27.52 -21.48
N ALA H 233 -48.11 -28.55 -22.22
CA ALA H 233 -47.94 -28.42 -23.66
C ALA H 233 -49.26 -27.99 -24.29
N TRP H 234 -50.35 -28.67 -23.94
CA TRP H 234 -51.65 -28.27 -24.46
C TRP H 234 -51.99 -26.83 -24.12
N ASP H 235 -51.76 -26.41 -22.89
CA ASP H 235 -51.98 -25.01 -22.53
C ASP H 235 -51.29 -24.05 -23.49
N CYS H 236 -50.04 -24.35 -23.83
CA CYS H 236 -49.30 -23.51 -24.78
C CYS H 236 -49.98 -23.52 -26.16
N ILE H 237 -50.36 -24.71 -26.61
CA ILE H 237 -51.09 -24.85 -27.88
C ILE H 237 -52.39 -24.05 -27.85
N PHE H 238 -53.15 -24.22 -26.78
CA PHE H 238 -54.43 -23.50 -26.68
C PHE H 238 -54.24 -21.99 -26.53
N GLN H 239 -53.18 -21.56 -25.86
CA GLN H 239 -52.90 -20.14 -25.79
C GLN H 239 -52.71 -19.59 -27.20
N TYR H 240 -51.89 -20.28 -28.00
CA TYR H 240 -51.58 -19.84 -29.36
C TYR H 240 -52.79 -19.87 -30.31
N GLY H 241 -53.49 -21.00 -30.35
CA GLY H 241 -54.69 -21.10 -31.16
C GLY H 241 -55.86 -20.24 -30.69
N ASP H 242 -55.96 -19.98 -29.39
CA ASP H 242 -56.97 -19.05 -28.89
C ASP H 242 -56.65 -17.59 -29.26
N ASN H 243 -55.37 -17.22 -29.19
CA ASN H 243 -54.99 -15.91 -29.68
C ASN H 243 -55.45 -15.74 -31.12
N CYS H 244 -55.15 -16.70 -31.99
CA CYS H 244 -55.65 -16.61 -33.35
C CYS H 244 -57.16 -16.37 -33.37
N ILE H 245 -57.94 -17.12 -32.56
CA ILE H 245 -59.41 -17.02 -32.68
C ILE H 245 -59.95 -15.68 -32.13
N GLN H 246 -59.42 -15.19 -31.02
CA GLN H 246 -59.85 -13.89 -30.46
C GLN H 246 -59.74 -12.77 -31.49
N LYS H 247 -58.61 -12.77 -32.21
CA LYS H 247 -58.33 -11.78 -33.27
C LYS H 247 -59.37 -11.79 -34.37
N ILE H 248 -59.62 -12.96 -34.95
CA ILE H 248 -60.61 -13.02 -36.03
C ILE H 248 -62.03 -12.76 -35.50
N TYR H 249 -62.36 -13.25 -34.31
CA TYR H 249 -63.71 -13.04 -33.77
C TYR H 249 -63.96 -11.57 -33.59
N GLN H 250 -63.01 -10.89 -32.95
CA GLN H 250 -63.14 -9.45 -32.73
C GLN H 250 -63.29 -8.73 -34.06
N GLU H 251 -62.43 -9.07 -35.03
CA GLU H 251 -62.44 -8.37 -36.32
C GLU H 251 -63.76 -8.55 -37.02
N LEU H 252 -64.19 -9.79 -37.17
CA LEU H 252 -65.49 -10.07 -37.80
C LEU H 252 -66.66 -9.47 -37.01
N ALA H 253 -66.46 -9.28 -35.70
CA ALA H 253 -67.48 -8.65 -34.87
C ALA H 253 -67.77 -7.24 -35.39
N PHE H 254 -66.71 -6.50 -35.72
CA PHE H 254 -66.86 -5.13 -36.19
C PHE H 254 -67.04 -4.99 -37.70
N ASN H 255 -66.75 -6.02 -38.47
CA ASN H 255 -66.94 -5.89 -39.91
C ASN H 255 -66.94 -7.23 -40.61
N ARG H 256 -68.02 -7.47 -41.37
CA ARG H 256 -68.22 -8.74 -42.05
C ARG H 256 -67.82 -8.58 -43.50
N PRO H 257 -66.62 -9.03 -43.87
CA PRO H 257 -66.06 -8.69 -45.17
C PRO H 257 -66.82 -9.29 -46.35
N GLN H 258 -66.75 -8.64 -47.51
CA GLN H 258 -67.46 -9.12 -48.72
C GLN H 258 -66.60 -10.07 -49.56
N HIS H 259 -65.33 -10.22 -49.19
CA HIS H 259 -64.41 -11.09 -49.91
C HIS H 259 -63.92 -12.18 -48.96
N TYR H 260 -63.36 -13.25 -49.54
CA TYR H 260 -62.87 -14.39 -48.78
C TYR H 260 -61.67 -13.98 -47.93
N THR H 261 -61.68 -14.39 -46.68
CA THR H 261 -60.58 -14.09 -45.79
C THR H 261 -60.22 -15.29 -44.94
N GLY H 262 -60.47 -16.48 -45.48
CA GLY H 262 -60.02 -17.73 -44.87
C GLY H 262 -61.12 -18.67 -44.46
N ILE H 263 -60.70 -19.84 -43.98
CA ILE H 263 -61.62 -20.94 -43.64
C ILE H 263 -62.45 -20.66 -42.40
N VAL H 264 -61.80 -20.17 -41.36
CA VAL H 264 -62.47 -20.02 -40.07
C VAL H 264 -63.44 -18.87 -40.07
N ALA H 265 -63.21 -17.90 -40.96
CA ALA H 265 -64.14 -16.80 -41.14
C ALA H 265 -65.45 -17.35 -41.74
N GLU H 266 -65.34 -18.23 -42.73
CA GLU H 266 -66.54 -18.83 -43.30
C GLU H 266 -67.36 -19.55 -42.23
N LEU H 267 -66.68 -20.24 -41.32
CA LEU H 267 -67.37 -20.90 -40.20
C LEU H 267 -68.08 -19.89 -39.28
N LEU H 268 -67.35 -18.89 -38.81
CA LEU H 268 -67.94 -17.86 -37.92
C LEU H 268 -69.10 -17.07 -38.57
N LEU H 269 -68.91 -16.72 -39.84
CA LEU H 269 -69.90 -15.98 -40.59
C LEU H 269 -71.19 -16.77 -40.74
N LYS H 270 -71.07 -18.07 -40.97
CA LYS H 270 -72.23 -18.91 -41.11
C LYS H 270 -72.93 -19.18 -39.77
N ALA H 271 -72.19 -19.20 -38.66
CA ALA H 271 -72.75 -19.51 -37.34
C ALA H 271 -73.66 -20.76 -37.32
N GLU H 272 -73.33 -21.79 -38.08
CA GLU H 272 -74.03 -23.11 -38.04
C GLU H 272 -73.59 -24.00 -36.88
N LEU H 273 -72.61 -23.56 -36.10
CA LEU H 273 -72.21 -24.27 -34.90
C LEU H 273 -72.03 -23.24 -33.81
N SER H 274 -72.07 -23.69 -32.57
CA SER H 274 -71.86 -22.81 -31.45
C SER H 274 -70.45 -22.26 -31.58
N LEU H 275 -70.22 -21.11 -30.97
CA LEU H 275 -68.91 -20.50 -30.96
C LEU H 275 -67.95 -21.44 -30.25
N GLU H 276 -68.41 -22.13 -29.22
CA GLU H 276 -67.54 -23.05 -28.51
C GLU H 276 -67.16 -24.26 -29.40
N ALA H 277 -68.04 -24.60 -30.34
CA ALA H 277 -67.80 -25.71 -31.24
C ALA H 277 -66.84 -25.29 -32.41
N ILE H 278 -66.97 -24.05 -32.88
CA ILE H 278 -66.02 -23.49 -33.83
C ILE H 278 -64.62 -23.34 -33.21
N LYS H 279 -64.54 -22.79 -32.00
CA LYS H 279 -63.25 -22.71 -31.30
C LYS H 279 -62.54 -24.09 -31.32
N ALA H 280 -63.27 -25.15 -30.92
CA ALA H 280 -62.70 -26.49 -30.74
C ALA H 280 -62.14 -27.02 -32.05
N ASN H 281 -62.87 -26.75 -33.12
CA ASN H 281 -62.52 -27.23 -34.44
C ASN H 281 -61.34 -26.42 -35.00
N SER H 282 -61.37 -25.10 -34.79
CA SER H 282 -60.24 -24.25 -35.14
C SER H 282 -58.94 -24.67 -34.46
N MET H 283 -59.00 -25.03 -33.19
CA MET H 283 -57.82 -25.60 -32.52
C MET H 283 -57.30 -26.80 -33.26
N GLU H 284 -58.19 -27.73 -33.63
CA GLU H 284 -57.78 -28.95 -34.28
C GLU H 284 -57.09 -28.61 -35.59
N LEU H 285 -57.69 -27.70 -36.34
CA LEU H 285 -57.12 -27.34 -37.61
C LEU H 285 -55.79 -26.62 -37.39
N THR H 286 -55.73 -25.71 -36.41
CA THR H 286 -54.52 -24.97 -36.13
C THR H 286 -53.38 -25.84 -35.63
N ALA H 287 -53.71 -26.82 -34.79
CA ALA H 287 -52.71 -27.70 -34.20
C ALA H 287 -52.32 -28.87 -35.12
N GLY H 288 -53.21 -29.23 -36.03
CA GLY H 288 -53.00 -30.39 -36.88
C GLY H 288 -52.37 -30.07 -38.21
N SER H 289 -52.28 -28.78 -38.52
CA SER H 289 -51.85 -28.34 -39.84
C SER H 289 -50.40 -27.89 -39.88
N VAL H 290 -49.59 -28.37 -38.94
CA VAL H 290 -48.17 -27.98 -38.89
C VAL H 290 -47.33 -29.20 -39.21
N ASP H 291 -47.18 -30.08 -38.21
CA ASP H 291 -46.25 -31.24 -38.29
C ASP H 291 -46.66 -32.24 -39.36
N THR H 292 -47.98 -32.45 -39.50
CA THR H 292 -48.53 -33.44 -40.45
C THR H 292 -48.14 -33.19 -41.88
N THR H 293 -48.08 -31.92 -42.29
CA THR H 293 -47.70 -31.56 -43.66
C THR H 293 -46.18 -31.40 -43.83
N ALA H 294 -45.54 -30.77 -42.86
CA ALA H 294 -44.12 -30.43 -42.94
C ALA H 294 -43.26 -31.68 -43.15
N PHE H 295 -43.47 -32.68 -42.32
CA PHE H 295 -42.67 -33.88 -42.35
C PHE H 295 -42.72 -34.66 -43.69
N PRO H 296 -43.90 -34.86 -44.29
CA PRO H 296 -43.90 -35.46 -45.66
C PRO H 296 -43.37 -34.52 -46.72
N LEU H 297 -43.51 -33.22 -46.50
CA LEU H 297 -42.91 -32.23 -47.37
C LEU H 297 -41.42 -32.47 -47.41
N LEU H 298 -40.83 -32.50 -46.22
CA LEU H 298 -39.38 -32.59 -46.05
C LEU H 298 -38.84 -33.94 -46.57
N MET H 299 -39.62 -35.00 -46.38
CA MET H 299 -39.29 -36.32 -46.92
C MET H 299 -39.40 -36.39 -48.43
N THR H 300 -40.31 -35.62 -49.02
CA THR H 300 -40.36 -35.51 -50.50
C THR H 300 -39.11 -34.82 -51.06
N LEU H 301 -38.74 -33.67 -50.47
CA LEU H 301 -37.54 -32.95 -50.89
C LEU H 301 -36.33 -33.86 -50.86
N PHE H 302 -36.20 -34.58 -49.74
CA PHE H 302 -35.14 -35.53 -49.50
C PHE H 302 -35.13 -36.63 -50.54
N GLU H 303 -36.30 -37.13 -50.90
CA GLU H 303 -36.35 -38.20 -51.88
C GLU H 303 -36.05 -37.71 -53.26
N LEU H 304 -36.43 -36.48 -53.58
CA LEU H 304 -36.12 -35.95 -54.89
C LEU H 304 -34.63 -35.69 -55.03
N ALA H 305 -33.98 -35.43 -53.90
CA ALA H 305 -32.53 -35.28 -53.85
C ALA H 305 -31.81 -36.63 -54.09
N ARG H 306 -32.37 -37.69 -53.53
CA ARG H 306 -31.89 -39.05 -53.77
C ARG H 306 -32.14 -39.52 -55.20
N ASN H 307 -33.22 -39.03 -55.79
CA ASN H 307 -33.67 -39.51 -57.10
C ASN H 307 -33.72 -38.36 -58.15
N PRO H 308 -32.54 -37.85 -58.55
CA PRO H 308 -32.53 -36.71 -59.49
C PRO H 308 -33.14 -37.01 -60.86
N ASP H 309 -33.14 -38.28 -61.28
CA ASP H 309 -33.85 -38.68 -62.52
C ASP H 309 -35.30 -38.27 -62.39
N VAL H 310 -35.91 -38.72 -61.28
CA VAL H 310 -37.29 -38.40 -60.95
C VAL H 310 -37.45 -36.90 -60.75
N GLN H 311 -36.53 -36.29 -60.02
CA GLN H 311 -36.63 -34.86 -59.75
C GLN H 311 -36.70 -34.10 -61.04
N GLN H 312 -35.91 -34.51 -62.03
CA GLN H 312 -35.84 -33.79 -63.30
C GLN H 312 -37.15 -33.93 -64.09
N ILE H 313 -37.81 -35.07 -64.00
CA ILE H 313 -39.04 -35.26 -64.74
C ILE H 313 -40.10 -34.34 -64.15
N LEU H 314 -40.18 -34.32 -62.81
CA LEU H 314 -41.14 -33.45 -62.11
C LEU H 314 -40.88 -31.97 -62.47
N ARG H 315 -39.62 -31.61 -62.64
CA ARG H 315 -39.28 -30.24 -62.99
C ARG H 315 -39.76 -29.87 -64.40
N GLN H 316 -39.61 -30.79 -65.36
CA GLN H 316 -40.04 -30.55 -66.72
C GLN H 316 -41.56 -30.34 -66.71
N GLU H 317 -42.28 -31.15 -65.95
CA GLU H 317 -43.72 -30.99 -65.82
C GLU H 317 -44.10 -29.59 -65.28
N SER H 318 -43.35 -29.11 -64.30
CA SER H 318 -43.68 -27.88 -63.61
C SER H 318 -43.34 -26.69 -64.48
N LEU H 319 -42.13 -26.68 -65.05
CA LEU H 319 -41.74 -25.66 -66.06
C LEU H 319 -42.79 -25.56 -67.18
N ALA H 320 -43.14 -26.68 -67.78
CA ALA H 320 -44.13 -26.69 -68.86
C ALA H 320 -45.53 -26.17 -68.43
N ALA H 321 -45.92 -26.38 -67.17
CA ALA H 321 -47.22 -25.89 -66.66
C ALA H 321 -47.12 -24.51 -65.93
N ALA H 322 -45.93 -23.91 -65.89
CA ALA H 322 -45.72 -22.74 -65.07
C ALA H 322 -46.66 -21.59 -65.47
N ALA H 323 -46.64 -21.21 -66.75
CA ALA H 323 -47.44 -20.08 -67.21
C ALA H 323 -48.92 -20.25 -66.84
N SER H 324 -49.45 -21.46 -66.99
CA SER H 324 -50.87 -21.70 -66.69
C SER H 324 -51.18 -21.63 -65.20
N ILE H 325 -50.23 -22.06 -64.38
CA ILE H 325 -50.38 -22.03 -62.92
C ILE H 325 -50.23 -20.59 -62.35
N SER H 326 -49.32 -19.81 -62.93
CA SER H 326 -49.21 -18.39 -62.52
C SER H 326 -50.43 -17.58 -62.92
N GLU H 327 -51.17 -18.07 -63.91
CA GLU H 327 -52.43 -17.44 -64.27
C GLU H 327 -53.53 -17.89 -63.32
N HIS H 328 -53.78 -19.19 -63.23
CA HIS H 328 -54.77 -19.74 -62.32
C HIS H 328 -54.11 -20.79 -61.46
N PRO H 329 -53.76 -20.40 -60.21
CA PRO H 329 -53.07 -21.35 -59.32
C PRO H 329 -53.88 -22.60 -58.99
N GLN H 330 -55.20 -22.48 -59.07
CA GLN H 330 -56.10 -23.61 -58.89
C GLN H 330 -55.75 -24.75 -59.84
N LYS H 331 -55.09 -24.44 -60.96
CA LYS H 331 -54.82 -25.47 -61.96
C LYS H 331 -53.68 -26.38 -61.57
N ALA H 332 -52.91 -26.00 -60.55
CA ALA H 332 -51.86 -26.88 -60.03
C ALA H 332 -52.41 -28.25 -59.63
N THR H 333 -53.61 -28.29 -59.07
CA THR H 333 -54.19 -29.57 -58.60
C THR H 333 -54.43 -30.59 -59.71
N THR H 334 -54.91 -30.13 -60.87
CA THR H 334 -55.15 -31.05 -62.01
C THR H 334 -54.04 -31.01 -63.07
N GLU H 335 -53.23 -29.95 -63.10
CA GLU H 335 -52.21 -29.80 -64.14
C GLU H 335 -50.78 -30.31 -63.76
N LEU H 336 -50.61 -30.90 -62.57
CA LEU H 336 -49.29 -31.40 -62.09
C LEU H 336 -49.36 -32.85 -61.55
N PRO H 337 -49.88 -33.77 -62.37
CA PRO H 337 -50.16 -35.13 -61.90
C PRO H 337 -48.93 -35.96 -61.52
N LEU H 338 -47.81 -35.78 -62.19
CA LEU H 338 -46.62 -36.54 -61.80
C LEU H 338 -46.17 -36.15 -60.40
N LEU H 339 -46.19 -34.85 -60.13
CA LEU H 339 -45.83 -34.32 -58.82
C LEU H 339 -46.83 -34.78 -57.76
N ARG H 340 -48.10 -34.86 -58.13
CA ARG H 340 -49.14 -35.36 -57.19
C ARG H 340 -48.84 -36.82 -56.86
N ALA H 341 -48.30 -37.55 -57.84
CA ALA H 341 -47.88 -38.94 -57.65
C ALA H 341 -46.66 -39.07 -56.70
N ALA H 342 -45.71 -38.16 -56.83
CA ALA H 342 -44.55 -38.14 -55.92
C ALA H 342 -45.01 -38.11 -54.44
N LEU H 343 -46.04 -37.29 -54.17
CA LEU H 343 -46.62 -37.17 -52.82
C LEU H 343 -47.27 -38.47 -52.40
N LYS H 344 -47.99 -39.13 -53.32
CA LYS H 344 -48.53 -40.45 -53.06
C LYS H 344 -47.39 -41.43 -52.68
N GLU H 345 -46.27 -41.31 -53.38
CA GLU H 345 -45.10 -42.13 -53.12
C GLU H 345 -44.45 -41.81 -51.77
N THR H 346 -44.36 -40.52 -51.41
CA THR H 346 -43.81 -40.14 -50.12
C THR H 346 -44.65 -40.77 -48.99
N LEU H 347 -45.96 -40.58 -49.10
CA LEU H 347 -46.86 -41.05 -48.07
C LEU H 347 -47.01 -42.55 -48.01
N ARG H 348 -46.78 -43.24 -49.14
CA ARG H 348 -46.71 -44.71 -49.14
C ARG H 348 -45.52 -45.18 -48.31
N LEU H 349 -44.35 -44.60 -48.52
CA LEU H 349 -43.14 -44.99 -47.77
C LEU H 349 -43.11 -44.41 -46.36
N TYR H 350 -43.65 -43.21 -46.19
CA TYR H 350 -43.52 -42.47 -44.93
C TYR H 350 -44.84 -41.86 -44.50
N PRO H 351 -45.80 -42.71 -44.12
CA PRO H 351 -47.13 -42.27 -43.73
C PRO H 351 -47.16 -41.55 -42.39
N VAL H 352 -47.51 -40.27 -42.37
CA VAL H 352 -47.43 -39.49 -41.10
C VAL H 352 -48.28 -40.06 -40.00
N GLY H 353 -49.40 -40.66 -40.38
CA GLY H 353 -50.19 -41.48 -39.46
C GLY H 353 -49.87 -42.94 -39.68
N LEU H 354 -49.23 -43.57 -38.70
CA LEU H 354 -48.83 -44.99 -38.82
C LEU H 354 -50.01 -45.94 -39.14
N PHE H 355 -51.12 -45.77 -38.43
CA PHE H 355 -52.27 -46.65 -38.58
C PHE H 355 -53.63 -45.95 -38.61
N LEU H 356 -54.55 -46.55 -39.36
CA LEU H 356 -55.95 -46.18 -39.35
C LEU H 356 -56.65 -47.03 -38.30
N GLU H 357 -57.80 -46.58 -37.83
CA GLU H 357 -58.43 -47.18 -36.67
C GLU H 357 -59.96 -47.07 -36.67
N ARG H 358 -60.61 -48.20 -36.42
CA ARG H 358 -62.06 -48.24 -36.29
C ARG H 358 -62.40 -49.23 -35.21
N VAL H 359 -63.31 -48.86 -34.32
CA VAL H 359 -63.96 -49.82 -33.44
C VAL H 359 -65.22 -50.25 -34.21
N VAL H 360 -65.16 -51.44 -34.82
CA VAL H 360 -66.26 -51.95 -35.66
C VAL H 360 -67.61 -51.96 -34.91
N SER H 361 -68.68 -51.60 -35.64
CA SER H 361 -70.01 -51.37 -35.06
C SER H 361 -70.87 -52.62 -35.19
N SER H 362 -70.70 -53.34 -36.31
CA SER H 362 -71.32 -54.66 -36.52
C SER H 362 -70.22 -55.73 -36.70
N ASP H 363 -70.62 -57.00 -36.84
CA ASP H 363 -69.65 -58.08 -37.13
C ASP H 363 -69.19 -58.01 -38.60
N LEU H 364 -68.00 -58.56 -38.87
CA LEU H 364 -67.48 -58.70 -40.25
C LEU H 364 -66.38 -59.78 -40.37
N VAL H 365 -65.91 -60.02 -41.60
CA VAL H 365 -64.88 -61.03 -41.84
C VAL H 365 -63.70 -60.55 -42.72
N LEU H 366 -62.54 -60.48 -42.07
CA LEU H 366 -61.28 -60.05 -42.67
C LEU H 366 -60.35 -61.24 -42.83
N GLN H 367 -59.87 -61.45 -44.06
CA GLN H 367 -58.94 -62.57 -44.38
C GLN H 367 -59.49 -63.93 -43.89
N ASN H 368 -60.81 -64.09 -44.02
CA ASN H 368 -61.52 -65.33 -43.68
C ASN H 368 -61.53 -65.69 -42.18
N TYR H 369 -61.38 -64.69 -41.33
CA TYR H 369 -61.62 -64.83 -39.90
C TYR H 369 -62.85 -63.98 -39.50
N HIS H 370 -63.52 -64.38 -38.43
CA HIS H 370 -64.66 -63.63 -37.91
C HIS H 370 -64.13 -62.55 -37.03
N ILE H 371 -64.55 -61.31 -37.29
CA ILE H 371 -64.29 -60.20 -36.37
C ILE H 371 -65.64 -59.75 -35.84
N PRO H 372 -65.91 -60.01 -34.56
CA PRO H 372 -67.22 -59.65 -34.04
C PRO H 372 -67.30 -58.16 -33.75
N ALA H 373 -68.53 -57.66 -33.63
CA ALA H 373 -68.80 -56.28 -33.28
C ALA H 373 -67.97 -55.89 -32.09
N GLY H 374 -67.52 -54.63 -32.07
CA GLY H 374 -66.81 -54.08 -30.91
C GLY H 374 -65.30 -54.25 -30.92
N THR H 375 -64.76 -54.90 -31.94
CA THR H 375 -63.32 -55.13 -32.02
C THR H 375 -62.60 -53.90 -32.54
N LEU H 376 -61.41 -53.66 -32.00
CA LEU H 376 -60.56 -52.56 -32.43
C LEU H 376 -59.69 -53.03 -33.59
N VAL H 377 -60.01 -52.59 -34.81
CA VAL H 377 -59.24 -52.95 -36.00
C VAL H 377 -58.26 -51.85 -36.43
N GLN H 378 -56.97 -52.16 -36.48
CA GLN H 378 -55.94 -51.21 -36.93
C GLN H 378 -55.30 -51.59 -38.24
N VAL H 379 -55.24 -50.64 -39.17
CA VAL H 379 -54.58 -50.83 -40.46
C VAL H 379 -53.21 -50.14 -40.43
N PHE H 380 -52.15 -50.93 -40.56
CA PHE H 380 -50.78 -50.40 -40.50
C PHE H 380 -50.22 -50.06 -41.86
N LEU H 381 -50.25 -48.76 -42.16
CA LEU H 381 -49.97 -48.26 -43.53
C LEU H 381 -48.51 -48.39 -43.93
N TYR H 382 -47.62 -48.37 -42.93
CA TYR H 382 -46.21 -48.57 -43.17
C TYR H 382 -46.03 -49.90 -43.89
N SER H 383 -46.56 -50.96 -43.30
CA SER H 383 -46.43 -52.30 -43.86
C SER H 383 -47.28 -52.49 -45.11
N LEU H 384 -48.40 -51.77 -45.19
CA LEU H 384 -49.25 -51.81 -46.38
C LEU H 384 -48.46 -51.31 -47.56
N GLY H 385 -47.76 -50.20 -47.35
CA GLY H 385 -46.98 -49.56 -48.40
C GLY H 385 -45.81 -50.40 -48.88
N ARG H 386 -45.24 -51.21 -47.98
CA ARG H 386 -44.03 -51.97 -48.29
C ARG H 386 -44.28 -53.41 -48.76
N ASN H 387 -45.55 -53.77 -48.99
CA ASN H 387 -45.91 -55.08 -49.53
C ASN H 387 -45.54 -55.20 -51.01
N ALA H 388 -44.50 -55.98 -51.30
CA ALA H 388 -43.97 -56.14 -52.67
C ALA H 388 -44.96 -56.75 -53.69
N ALA H 389 -45.89 -57.58 -53.22
CA ALA H 389 -46.89 -58.20 -54.10
C ALA H 389 -47.86 -57.14 -54.68
N LEU H 390 -48.07 -56.06 -53.94
CA LEU H 390 -48.94 -54.99 -54.40
C LEU H 390 -48.18 -53.76 -54.93
N PHE H 391 -46.94 -53.57 -54.45
CA PHE H 391 -46.06 -52.54 -55.01
C PHE H 391 -44.73 -53.16 -55.43
N PRO H 392 -44.64 -53.64 -56.69
CA PRO H 392 -43.38 -54.21 -57.20
C PRO H 392 -42.19 -53.29 -56.98
N ARG H 393 -41.14 -53.81 -56.33
CA ARG H 393 -39.95 -53.03 -56.02
C ARG H 393 -40.31 -51.91 -55.03
N PRO H 394 -40.71 -52.30 -53.81
CA PRO H 394 -41.31 -51.34 -52.87
C PRO H 394 -40.35 -50.28 -52.32
N GLU H 395 -39.07 -50.60 -52.20
CA GLU H 395 -38.06 -49.64 -51.70
C GLU H 395 -37.79 -48.48 -52.68
N ARG H 396 -38.24 -48.61 -53.92
CA ARG H 396 -37.94 -47.65 -54.98
C ARG H 396 -38.95 -46.49 -55.04
N TYR H 397 -38.42 -45.26 -55.04
CA TYR H 397 -39.26 -44.06 -55.20
C TYR H 397 -39.63 -43.87 -56.68
N ASN H 398 -40.92 -44.07 -57.00
CA ASN H 398 -41.38 -44.14 -58.40
C ASN H 398 -42.81 -43.59 -58.57
N PRO H 399 -42.93 -42.28 -58.82
CA PRO H 399 -44.22 -41.64 -59.02
C PRO H 399 -45.08 -42.33 -60.07
N GLN H 400 -44.45 -42.68 -61.19
CA GLN H 400 -45.12 -43.37 -62.30
C GLN H 400 -46.01 -44.57 -61.89
N ARG H 401 -45.67 -45.26 -60.81
CA ARG H 401 -46.46 -46.40 -60.37
C ARG H 401 -47.94 -46.07 -60.07
N TRP H 402 -48.27 -44.78 -60.03
CA TRP H 402 -49.61 -44.32 -59.73
C TRP H 402 -50.40 -43.93 -60.93
N LEU H 403 -49.77 -43.89 -62.09
CA LEU H 403 -50.47 -43.49 -63.31
C LEU H 403 -50.89 -44.71 -64.14
N ASP H 404 -51.47 -45.73 -63.48
CA ASP H 404 -51.90 -46.99 -64.13
C ASP H 404 -52.55 -46.75 -65.50
N PHE H 412 -57.94 -48.62 -53.54
CA PHE H 412 -57.64 -48.57 -52.11
C PHE H 412 -56.15 -48.74 -51.79
N HIS H 413 -55.27 -48.43 -52.73
CA HIS H 413 -53.83 -48.58 -52.51
C HIS H 413 -53.24 -47.36 -51.81
N HIS H 414 -53.83 -46.21 -52.07
CA HIS H 414 -53.45 -44.93 -51.45
C HIS H 414 -54.52 -44.57 -50.46
N VAL H 415 -54.30 -44.89 -49.18
CA VAL H 415 -55.22 -44.46 -48.12
C VAL H 415 -54.53 -43.77 -46.92
N PRO H 416 -53.49 -42.98 -47.19
CA PRO H 416 -52.80 -42.33 -46.09
C PRO H 416 -53.64 -41.27 -45.35
N PHE H 417 -54.74 -40.82 -45.96
CA PHE H 417 -55.71 -39.95 -45.32
C PHE H 417 -56.97 -40.67 -44.86
N GLY H 418 -56.93 -42.00 -44.80
CA GLY H 418 -58.10 -42.78 -44.38
C GLY H 418 -59.17 -42.95 -45.44
N PHE H 419 -60.40 -43.18 -45.01
CA PHE H 419 -61.49 -43.51 -45.92
C PHE H 419 -62.82 -43.01 -45.38
N GLY H 420 -63.83 -42.96 -46.26
CA GLY H 420 -65.23 -42.66 -45.87
C GLY H 420 -65.46 -41.25 -45.36
N MET H 421 -66.44 -41.08 -44.48
CA MET H 421 -66.84 -39.78 -43.98
C MET H 421 -65.85 -39.19 -42.97
N ARG H 422 -65.02 -40.06 -42.41
CA ARG H 422 -64.03 -39.67 -41.41
C ARG H 422 -62.65 -39.43 -42.02
N GLN H 423 -62.51 -39.61 -43.33
CA GLN H 423 -61.24 -39.32 -44.02
C GLN H 423 -60.76 -37.90 -43.68
N CYS H 424 -59.44 -37.68 -43.65
CA CYS H 424 -58.84 -36.39 -43.25
C CYS H 424 -59.68 -35.17 -43.62
N LEU H 425 -60.02 -34.33 -42.66
CA LEU H 425 -60.74 -33.09 -42.96
C LEU H 425 -59.82 -32.11 -43.71
N GLY H 426 -58.52 -32.19 -43.43
CA GLY H 426 -57.56 -31.22 -43.93
C GLY H 426 -56.83 -31.62 -45.19
N ARG H 427 -57.22 -32.76 -45.76
CA ARG H 427 -56.54 -33.33 -46.91
C ARG H 427 -56.16 -32.27 -47.94
N ARG H 428 -57.17 -31.53 -48.38
CA ARG H 428 -56.98 -30.63 -49.50
C ARG H 428 -56.22 -29.34 -49.16
N LEU H 429 -56.29 -28.88 -47.91
CA LEU H 429 -55.35 -27.85 -47.49
C LEU H 429 -53.92 -28.42 -47.50
N ALA H 430 -53.76 -29.64 -46.97
CA ALA H 430 -52.43 -30.29 -46.84
C ALA H 430 -51.81 -30.51 -48.19
N GLU H 431 -52.57 -31.10 -49.10
CA GLU H 431 -52.06 -31.37 -50.46
C GLU H 431 -51.66 -30.09 -51.21
N ALA H 432 -52.42 -29.01 -51.05
CA ALA H 432 -52.13 -27.75 -51.70
C ALA H 432 -50.82 -27.18 -51.20
N GLU H 433 -50.66 -27.18 -49.89
CA GLU H 433 -49.45 -26.66 -49.26
C GLU H 433 -48.23 -27.39 -49.77
N MET H 434 -48.32 -28.69 -49.84
CA MET H 434 -47.19 -29.49 -50.29
C MET H 434 -46.95 -29.31 -51.77
N LEU H 435 -48.03 -29.30 -52.56
CA LEU H 435 -47.91 -29.29 -54.02
C LEU H 435 -47.34 -27.97 -54.50
N LEU H 436 -47.85 -26.88 -53.93
CA LEU H 436 -47.45 -25.54 -54.41
C LEU H 436 -46.00 -25.17 -54.03
N LEU H 437 -45.55 -25.56 -52.83
CA LEU H 437 -44.18 -25.32 -52.42
C LEU H 437 -43.21 -26.06 -53.33
N LEU H 438 -43.45 -27.34 -53.50
CA LEU H 438 -42.62 -28.17 -54.34
C LEU H 438 -42.59 -27.62 -55.73
N HIS H 439 -43.76 -27.28 -56.25
CA HIS H 439 -43.86 -26.69 -57.57
C HIS H 439 -42.95 -25.52 -57.66
N HIS H 440 -43.02 -24.61 -56.71
CA HIS H 440 -42.14 -23.41 -56.83
C HIS H 440 -40.67 -23.65 -56.61
N VAL H 441 -40.30 -24.66 -55.82
CA VAL H 441 -38.88 -24.98 -55.68
C VAL H 441 -38.30 -25.58 -56.96
N LEU H 442 -39.06 -26.47 -57.59
CA LEU H 442 -38.57 -27.20 -58.76
C LEU H 442 -38.24 -26.28 -59.91
N LYS H 443 -38.92 -25.12 -59.94
CA LYS H 443 -38.76 -24.17 -61.02
C LYS H 443 -37.47 -23.39 -60.91
N HIS H 444 -37.01 -23.21 -59.69
CA HIS H 444 -35.92 -22.31 -59.44
C HIS H 444 -34.70 -23.01 -58.89
N PHE H 445 -34.83 -24.28 -58.49
CA PHE H 445 -33.72 -24.97 -57.83
C PHE H 445 -33.49 -26.43 -58.20
N LEU H 446 -32.22 -26.82 -58.20
CA LEU H 446 -31.83 -28.20 -58.09
C LEU H 446 -31.67 -28.51 -56.60
N VAL H 447 -32.18 -29.66 -56.16
CA VAL H 447 -32.01 -30.13 -54.79
C VAL H 447 -31.03 -31.32 -54.83
N GLU H 448 -30.00 -31.29 -53.99
CA GLU H 448 -28.92 -32.29 -54.01
C GLU H 448 -28.51 -32.65 -52.57
N THR H 449 -28.13 -33.91 -52.32
CA THR H 449 -27.43 -34.32 -51.06
C THR H 449 -26.37 -35.35 -51.31
N LEU H 450 -25.43 -35.41 -50.38
CA LEU H 450 -24.49 -36.52 -50.23
C LEU H 450 -25.03 -37.60 -49.24
N THR H 451 -25.92 -37.21 -48.34
CA THR H 451 -26.61 -38.15 -47.47
C THR H 451 -27.58 -39.06 -48.25
N GLN H 452 -27.06 -40.17 -48.79
CA GLN H 452 -27.82 -41.08 -49.68
C GLN H 452 -28.46 -42.29 -48.93
N GLU H 453 -28.16 -42.46 -47.65
CA GLU H 453 -28.74 -43.57 -46.89
C GLU H 453 -30.13 -43.25 -46.29
N ASP H 454 -30.94 -44.29 -46.09
CA ASP H 454 -32.29 -44.18 -45.55
C ASP H 454 -32.29 -43.40 -44.23
N ILE H 455 -33.30 -42.57 -44.04
CA ILE H 455 -33.50 -41.88 -42.77
C ILE H 455 -34.35 -42.81 -41.92
N LYS H 456 -33.89 -43.09 -40.70
CA LYS H 456 -34.66 -43.87 -39.77
C LYS H 456 -35.85 -43.03 -39.36
N MET H 457 -37.05 -43.60 -39.45
CA MET H 457 -38.26 -42.93 -38.97
C MET H 457 -38.48 -43.25 -37.50
N VAL H 458 -39.11 -42.32 -36.78
CA VAL H 458 -39.38 -42.44 -35.35
C VAL H 458 -40.88 -42.27 -35.07
N TYR H 459 -41.51 -43.25 -34.44
CA TYR H 459 -42.93 -43.10 -34.06
C TYR H 459 -43.04 -42.24 -32.80
N SER H 460 -43.72 -41.10 -32.91
CA SER H 460 -44.11 -40.30 -31.75
C SER H 460 -45.54 -39.75 -31.93
N PHE H 461 -46.48 -40.69 -32.06
CA PHE H 461 -47.90 -40.42 -32.36
C PHE H 461 -48.03 -40.06 -33.82
N ILE H 462 -47.15 -39.18 -34.30
CA ILE H 462 -46.88 -39.03 -35.72
C ILE H 462 -45.63 -39.84 -36.10
N LEU H 463 -45.58 -40.36 -37.31
CA LEU H 463 -44.38 -41.07 -37.81
C LEU H 463 -43.54 -40.02 -38.51
N ARG H 464 -42.36 -39.76 -37.98
CA ARG H 464 -41.50 -38.69 -38.49
C ARG H 464 -40.02 -39.11 -38.63
N PRO H 465 -39.25 -38.39 -39.44
CA PRO H 465 -37.80 -38.61 -39.50
C PRO H 465 -37.07 -38.43 -38.19
N GLY H 466 -36.11 -39.32 -37.92
CA GLY H 466 -35.24 -39.19 -36.77
C GLY H 466 -34.14 -38.19 -37.04
N THR H 467 -33.79 -38.04 -38.32
CA THR H 467 -32.67 -37.21 -38.77
C THR H 467 -33.18 -36.19 -39.76
N SER H 468 -32.46 -35.08 -39.92
CA SER H 468 -32.71 -34.19 -41.03
C SER H 468 -31.47 -34.11 -41.92
N PRO H 469 -31.62 -34.43 -43.21
CA PRO H 469 -30.49 -34.46 -44.10
C PRO H 469 -30.05 -33.04 -44.44
N LEU H 470 -28.79 -32.90 -44.84
CA LEU H 470 -28.24 -31.61 -45.31
C LEU H 470 -28.46 -31.57 -46.82
N LEU H 471 -29.29 -30.62 -47.26
CA LEU H 471 -29.72 -30.50 -48.66
C LEU H 471 -29.20 -29.23 -49.31
N THR H 472 -28.85 -29.32 -50.58
CA THR H 472 -28.32 -28.17 -51.29
C THR H 472 -29.33 -27.67 -52.29
N PHE H 473 -29.68 -26.39 -52.15
CA PHE H 473 -30.53 -25.74 -53.14
C PHE H 473 -29.64 -24.90 -54.04
N ARG H 474 -29.55 -25.29 -55.31
CA ARG H 474 -28.73 -24.59 -56.29
C ARG H 474 -29.64 -24.02 -57.38
N ALA H 475 -29.50 -22.71 -57.58
CA ALA H 475 -30.38 -21.92 -58.44
C ALA H 475 -30.12 -22.33 -59.85
N ILE H 476 -31.16 -22.31 -60.68
CA ILE H 476 -31.01 -22.62 -62.09
C ILE H 476 -30.81 -21.34 -62.87
N THR I 8 -65.29 31.73 13.40
CA THR I 8 -65.91 30.80 12.41
C THR I 8 -64.91 29.80 11.78
N VAL I 9 -63.63 30.16 11.70
CA VAL I 9 -62.56 29.22 11.26
C VAL I 9 -62.30 28.14 12.32
N LEU I 10 -62.65 26.89 12.00
CA LEU I 10 -62.45 25.76 12.94
C LEU I 10 -60.97 25.37 12.98
N PRO I 11 -60.37 25.22 14.19
CA PRO I 11 -58.95 24.84 14.24
C PRO I 11 -58.63 23.47 13.62
N PHE I 12 -57.34 23.16 13.52
CA PHE I 12 -56.85 21.95 12.84
C PHE I 12 -57.45 20.69 13.45
N GLU I 13 -57.45 20.61 14.78
CA GLU I 13 -57.89 19.41 15.49
C GLU I 13 -59.33 19.04 15.10
N ALA I 14 -60.15 20.04 14.77
CA ALA I 14 -61.59 19.84 14.51
C ALA I 14 -61.92 19.10 13.20
N MET I 15 -60.89 18.63 12.49
CA MET I 15 -61.07 18.01 11.17
C MET I 15 -61.31 16.50 11.26
N PRO I 16 -62.24 15.97 10.43
CA PRO I 16 -62.41 14.52 10.28
C PRO I 16 -61.07 13.78 10.11
N GLN I 17 -60.98 12.55 10.63
CA GLN I 17 -59.71 11.81 10.69
C GLN I 17 -59.82 10.35 10.25
N HIS I 18 -58.85 9.90 9.44
CA HIS I 18 -58.79 8.52 8.90
C HIS I 18 -58.64 7.50 10.00
N PRO I 19 -59.46 6.43 9.98
CA PRO I 19 -59.48 5.50 11.13
C PRO I 19 -58.22 4.65 11.31
N GLY I 20 -57.73 4.04 10.23
CA GLY I 20 -56.60 3.09 10.28
C GLY I 20 -55.31 3.62 10.91
N ASN I 21 -54.49 2.71 11.42
CA ASN I 21 -53.27 3.05 12.18
C ASN I 21 -52.02 3.10 11.27
N ARG I 22 -51.16 4.10 11.51
CA ARG I 22 -49.99 4.33 10.67
C ARG I 22 -48.88 3.27 10.77
N TRP I 23 -48.98 2.38 11.75
CA TRP I 23 -48.10 1.20 11.81
C TRP I 23 -48.77 0.00 11.20
N LEU I 24 -50.10 -0.07 11.31
CA LEU I 24 -50.85 -1.17 10.72
C LEU I 24 -51.14 -0.93 9.23
N ARG I 25 -50.80 0.26 8.73
CA ARG I 25 -50.71 0.49 7.29
C ARG I 25 -49.30 0.14 6.82
N LEU I 26 -48.30 0.61 7.58
CA LEU I 26 -46.89 0.41 7.26
C LEU I 26 -46.45 -1.06 7.11
N LEU I 27 -47.05 -1.95 7.90
CA LEU I 27 -46.68 -3.37 7.85
C LEU I 27 -47.50 -4.16 6.81
N GLN I 28 -48.65 -3.62 6.40
CA GLN I 28 -49.39 -4.16 5.25
C GLN I 28 -48.54 -4.11 3.99
N ILE I 29 -47.72 -3.06 3.90
CA ILE I 29 -46.78 -2.89 2.81
C ILE I 29 -45.57 -3.86 2.92
N TRP I 30 -45.16 -4.20 4.15
CA TRP I 30 -44.12 -5.22 4.36
C TRP I 30 -44.64 -6.55 3.94
N ARG I 31 -45.83 -6.87 4.42
CA ARG I 31 -46.46 -8.16 4.18
C ARG I 31 -46.77 -8.38 2.71
N GLU I 32 -47.25 -7.34 2.04
CA GLU I 32 -47.75 -7.47 0.67
C GLU I 32 -46.76 -7.05 -0.42
N GLN I 33 -45.64 -6.44 -0.01
CA GLN I 33 -44.59 -5.98 -0.96
C GLN I 33 -45.12 -4.88 -1.91
N GLY I 34 -46.19 -4.19 -1.49
CA GLY I 34 -46.90 -3.25 -2.35
C GLY I 34 -48.11 -2.61 -1.64
N TYR I 35 -48.87 -1.83 -2.39
CA TYR I 35 -50.03 -1.10 -1.87
C TYR I 35 -50.92 -0.74 -3.05
N GLU I 36 -51.42 -1.77 -3.73
CA GLU I 36 -52.00 -1.61 -5.07
C GLU I 36 -53.33 -0.87 -5.12
N HIS I 37 -53.95 -0.69 -3.97
CA HIS I 37 -55.33 -0.19 -3.91
C HIS I 37 -55.42 1.18 -3.30
N LEU I 38 -54.27 1.82 -3.04
CA LEU I 38 -54.21 3.11 -2.31
C LEU I 38 -55.23 4.12 -2.83
N HIS I 39 -55.46 4.10 -4.14
CA HIS I 39 -56.37 5.03 -4.77
C HIS I 39 -57.79 4.74 -4.42
N LEU I 40 -58.17 3.47 -4.37
CA LEU I 40 -59.56 3.09 -4.03
C LEU I 40 -59.87 3.23 -2.53
N GLU I 41 -58.85 3.03 -1.70
CA GLU I 41 -58.96 3.26 -0.26
C GLU I 41 -59.17 4.75 -0.03
N MET I 42 -58.21 5.57 -0.44
CA MET I 42 -58.30 7.02 -0.29
C MET I 42 -59.57 7.58 -0.92
N HIS I 43 -60.06 6.95 -1.98
CA HIS I 43 -61.28 7.39 -2.64
C HIS I 43 -62.49 7.14 -1.79
N GLN I 44 -62.54 5.99 -1.11
CA GLN I 44 -63.72 5.72 -0.28
C GLN I 44 -63.70 6.55 1.02
N THR I 45 -62.53 6.74 1.63
CA THR I 45 -62.38 7.66 2.74
C THR I 45 -63.14 8.96 2.47
N PHE I 46 -62.97 9.52 1.27
CA PHE I 46 -63.63 10.79 0.86
C PHE I 46 -65.18 10.72 0.71
N GLN I 47 -65.75 9.53 0.64
CA GLN I 47 -67.21 9.38 0.63
C GLN I 47 -67.76 9.07 2.03
N GLU I 48 -66.86 8.66 2.93
CA GLU I 48 -67.18 8.44 4.35
C GLU I 48 -66.67 9.57 5.26
N LEU I 49 -66.11 10.64 4.68
CA LEU I 49 -65.63 11.81 5.46
C LEU I 49 -65.71 13.16 4.70
N GLY I 50 -66.12 13.15 3.43
CA GLY I 50 -66.18 14.37 2.63
C GLY I 50 -64.82 14.94 2.23
N PRO I 51 -64.82 16.08 1.48
CA PRO I 51 -63.68 16.65 0.74
C PRO I 51 -62.36 16.91 1.49
N ILE I 52 -62.33 16.74 2.81
CA ILE I 52 -61.12 17.00 3.58
C ILE I 52 -60.98 16.07 4.78
N PHE I 53 -59.75 15.60 5.02
CA PHE I 53 -59.44 14.85 6.23
C PHE I 53 -57.95 14.84 6.52
N ARG I 54 -57.61 14.45 7.75
CA ARG I 54 -56.22 14.37 8.18
C ARG I 54 -55.86 12.93 8.53
N TYR I 55 -54.60 12.57 8.28
CA TYR I 55 -54.08 11.24 8.63
C TYR I 55 -53.09 11.37 9.77
N ASN I 56 -53.14 10.43 10.72
CA ASN I 56 -52.26 10.48 11.88
C ASN I 56 -50.88 9.93 11.52
N LEU I 57 -50.07 10.79 10.92
CA LEU I 57 -48.69 10.45 10.55
C LEU I 57 -47.76 10.48 11.77
N GLY I 58 -48.27 10.99 12.90
CA GLY I 58 -47.50 11.05 14.14
C GLY I 58 -46.83 12.41 14.32
N GLY I 59 -45.55 12.49 13.95
CA GLY I 59 -44.75 13.70 14.14
C GLY I 59 -45.30 14.91 13.41
N PRO I 60 -45.07 14.98 12.08
CA PRO I 60 -45.74 16.01 11.27
C PRO I 60 -47.20 15.66 11.06
N ARG I 61 -47.98 16.64 10.58
CA ARG I 61 -49.41 16.47 10.37
C ARG I 61 -49.69 16.54 8.87
N MET I 62 -50.45 15.57 8.35
CA MET I 62 -50.80 15.57 6.92
C MET I 62 -52.32 15.70 6.70
N VAL I 63 -52.69 16.58 5.77
CA VAL I 63 -54.08 16.75 5.33
C VAL I 63 -54.28 16.25 3.88
N CYS I 64 -55.45 15.69 3.61
CA CYS I 64 -55.81 15.24 2.27
C CYS I 64 -57.01 16.02 1.76
N VAL I 65 -57.02 16.36 0.47
CA VAL I 65 -58.16 17.06 -0.14
C VAL I 65 -58.46 16.50 -1.53
N MET I 66 -59.52 17.00 -2.16
CA MET I 66 -59.89 16.54 -3.50
C MET I 66 -60.73 17.53 -4.30
N LEU I 67 -60.54 18.83 -4.05
CA LEU I 67 -61.36 19.89 -4.68
C LEU I 67 -60.50 20.93 -5.38
N PRO I 68 -60.93 21.39 -6.59
CA PRO I 68 -60.15 22.36 -7.37
C PRO I 68 -59.82 23.65 -6.61
N GLU I 69 -60.81 24.21 -5.93
CA GLU I 69 -60.62 25.43 -5.12
C GLU I 69 -59.51 25.27 -4.07
N ASP I 70 -59.39 24.08 -3.48
CA ASP I 70 -58.28 23.78 -2.55
C ASP I 70 -56.89 23.92 -3.22
N VAL I 71 -56.80 23.60 -4.51
CA VAL I 71 -55.52 23.63 -5.25
C VAL I 71 -55.08 25.08 -5.58
N GLU I 72 -56.06 25.92 -5.89
CA GLU I 72 -55.87 27.37 -6.01
C GLU I 72 -55.32 27.96 -4.70
N LYS I 73 -56.01 27.65 -3.60
CA LYS I 73 -55.59 28.09 -2.27
C LYS I 73 -54.17 27.62 -1.99
N LEU I 74 -53.87 26.43 -2.46
CA LEU I 74 -52.57 25.82 -2.22
C LEU I 74 -51.49 26.42 -3.11
N GLN I 75 -51.82 26.82 -4.34
CA GLN I 75 -50.82 27.47 -5.20
C GLN I 75 -50.49 28.86 -4.68
N GLN I 76 -51.55 29.61 -4.38
CA GLN I 76 -51.43 30.93 -3.73
C GLN I 76 -50.35 30.93 -2.64
N VAL I 77 -50.31 29.88 -1.83
CA VAL I 77 -49.39 29.77 -0.69
C VAL I 77 -48.01 29.17 -1.04
N ASP I 78 -47.81 28.70 -2.27
CA ASP I 78 -46.47 28.29 -2.68
C ASP I 78 -45.54 29.46 -2.47
N SER I 79 -44.50 29.26 -1.67
CA SER I 79 -43.47 30.28 -1.56
C SER I 79 -42.60 30.23 -2.82
N LEU I 80 -41.55 31.04 -2.84
CA LEU I 80 -40.60 31.08 -3.96
C LEU I 80 -39.82 29.76 -4.09
N HIS I 81 -39.93 28.91 -3.06
CA HIS I 81 -39.35 27.57 -3.07
C HIS I 81 -40.37 26.59 -2.55
N PRO I 82 -41.31 26.18 -3.42
CA PRO I 82 -42.31 25.19 -2.98
C PRO I 82 -41.63 23.91 -2.56
N CYS I 83 -42.25 23.18 -1.65
CA CYS I 83 -41.56 22.09 -0.99
C CYS I 83 -42.36 20.80 -1.07
N ARG I 84 -41.67 19.70 -1.41
CA ARG I 84 -42.30 18.38 -1.43
C ARG I 84 -41.55 17.47 -0.46
N MET I 85 -42.20 16.39 -0.03
CA MET I 85 -41.54 15.45 0.86
C MET I 85 -40.33 14.83 0.17
N ILE I 86 -39.27 14.67 0.94
CA ILE I 86 -38.02 14.09 0.47
C ILE I 86 -38.28 12.62 0.20
N LEU I 87 -38.32 12.23 -1.07
CA LEU I 87 -38.48 10.83 -1.43
C LEU I 87 -37.19 10.10 -1.08
N GLU I 88 -37.19 9.45 0.08
CA GLU I 88 -35.97 8.94 0.70
C GLU I 88 -35.22 7.86 -0.10
N PRO I 89 -35.95 6.90 -0.69
CA PRO I 89 -35.28 5.84 -1.48
C PRO I 89 -34.49 6.36 -2.69
N TRP I 90 -35.13 7.18 -3.49
CA TRP I 90 -34.51 7.76 -4.67
C TRP I 90 -33.31 8.56 -4.26
N VAL I 91 -33.52 9.48 -3.31
CA VAL I 91 -32.41 10.32 -2.82
C VAL I 91 -31.30 9.46 -2.22
N ALA I 92 -31.67 8.33 -1.63
CA ALA I 92 -30.68 7.43 -1.01
C ALA I 92 -29.73 6.87 -2.04
N TYR I 93 -30.30 6.46 -3.17
CA TYR I 93 -29.50 5.96 -4.26
C TYR I 93 -28.53 7.03 -4.72
N ARG I 94 -29.03 8.26 -4.80
CA ARG I 94 -28.21 9.37 -5.29
C ARG I 94 -26.97 9.55 -4.38
N GLN I 95 -27.22 9.65 -3.08
CA GLN I 95 -26.14 9.93 -2.12
C GLN I 95 -25.28 8.69 -1.78
N HIS I 96 -25.80 7.49 -2.05
CA HIS I 96 -24.97 6.27 -1.93
C HIS I 96 -24.04 6.09 -3.10
N ARG I 97 -24.38 6.65 -4.26
CA ARG I 97 -23.50 6.57 -5.44
C ARG I 97 -22.74 7.87 -5.72
N GLY I 98 -23.04 8.92 -4.96
CA GLY I 98 -22.37 10.21 -5.16
C GLY I 98 -22.76 10.87 -6.48
N HIS I 99 -24.07 10.94 -6.72
CA HIS I 99 -24.61 11.75 -7.79
C HIS I 99 -25.37 12.88 -7.18
N LYS I 100 -25.49 13.99 -7.93
CA LYS I 100 -26.37 15.09 -7.54
C LYS I 100 -27.79 14.67 -7.81
N CYS I 101 -28.73 15.33 -7.13
CA CYS I 101 -30.15 15.12 -7.38
C CYS I 101 -30.59 16.14 -8.38
N GLY I 102 -31.58 15.75 -9.18
CA GLY I 102 -32.12 16.60 -10.23
C GLY I 102 -33.40 17.24 -9.74
N VAL I 103 -34.10 17.93 -10.63
CA VAL I 103 -35.13 18.87 -10.17
C VAL I 103 -36.21 18.22 -9.33
N PHE I 104 -36.57 16.98 -9.63
CA PHE I 104 -37.69 16.33 -8.92
C PHE I 104 -37.38 16.15 -7.44
N LEU I 105 -36.13 15.83 -7.15
CA LEU I 105 -35.71 15.49 -5.79
C LEU I 105 -35.10 16.65 -5.00
N LEU I 106 -34.78 17.77 -5.65
CA LEU I 106 -34.23 18.95 -4.94
C LEU I 106 -35.33 19.74 -4.21
N ASN I 107 -34.90 20.70 -3.38
CA ASN I 107 -35.77 21.68 -2.68
C ASN I 107 -35.03 23.01 -2.43
N GLY I 108 -35.77 24.07 -2.11
CA GLY I 108 -35.15 25.34 -1.73
C GLY I 108 -34.39 26.07 -2.84
N PRO I 109 -33.34 26.82 -2.48
CA PRO I 109 -32.64 27.60 -3.50
C PRO I 109 -31.95 26.76 -4.58
N GLU I 110 -31.48 25.55 -4.25
CA GLU I 110 -30.84 24.66 -5.24
C GLU I 110 -31.88 24.17 -6.29
N TRP I 111 -33.09 23.91 -5.83
CA TRP I 111 -34.16 23.61 -6.76
C TRP I 111 -34.36 24.74 -7.72
N ARG I 112 -34.77 25.90 -7.20
CA ARG I 112 -35.10 27.03 -8.07
C ARG I 112 -33.93 27.37 -9.00
N PHE I 113 -32.72 27.25 -8.47
CA PHE I 113 -31.54 27.43 -9.29
C PHE I 113 -31.62 26.48 -10.52
N ASN I 114 -31.71 25.17 -10.26
CA ASN I 114 -31.87 24.15 -11.31
C ASN I 114 -33.07 24.38 -12.27
N ARG I 115 -34.25 24.67 -11.72
CA ARG I 115 -35.45 24.72 -12.53
C ARG I 115 -35.41 25.83 -13.58
N LEU I 116 -34.98 27.02 -13.18
CA LEU I 116 -34.97 28.16 -14.10
C LEU I 116 -33.95 27.92 -15.20
N ARG I 117 -33.01 27.01 -14.94
CA ARG I 117 -32.00 26.61 -15.93
C ARG I 117 -32.44 25.44 -16.83
N LEU I 118 -33.70 25.01 -16.68
CA LEU I 118 -34.28 23.89 -17.43
C LEU I 118 -35.55 24.32 -18.16
N ASN I 119 -36.41 25.03 -17.44
CA ASN I 119 -37.65 25.58 -18.01
C ASN I 119 -37.55 26.06 -19.46
N PRO I 120 -36.53 26.87 -19.77
CA PRO I 120 -36.35 27.34 -21.13
C PRO I 120 -36.20 26.25 -22.22
N ASP I 121 -35.36 25.26 -22.00
CA ASP I 121 -35.07 24.22 -23.03
C ASP I 121 -35.91 22.92 -22.95
N VAL I 122 -36.79 22.79 -21.97
CA VAL I 122 -37.59 21.58 -21.83
C VAL I 122 -39.08 21.86 -21.87
N LEU I 123 -39.51 23.05 -21.42
CA LEU I 123 -40.94 23.36 -21.26
C LEU I 123 -41.44 24.52 -22.10
N SER I 124 -40.58 25.47 -22.47
CA SER I 124 -41.08 26.70 -23.13
C SER I 124 -41.51 26.47 -24.58
N PRO I 125 -42.57 27.20 -25.04
CA PRO I 125 -43.03 27.23 -26.44
C PRO I 125 -41.93 27.23 -27.50
N LYS I 126 -40.84 27.91 -27.23
CA LYS I 126 -39.70 27.92 -28.15
C LYS I 126 -38.99 26.57 -28.15
N ALA I 127 -38.98 25.92 -26.98
CA ALA I 127 -38.46 24.56 -26.86
C ALA I 127 -39.30 23.58 -27.68
N VAL I 128 -40.61 23.61 -27.44
CA VAL I 128 -41.56 22.73 -28.13
C VAL I 128 -41.42 22.86 -29.64
N GLN I 129 -41.39 24.08 -30.15
CA GLN I 129 -41.25 24.30 -31.60
C GLN I 129 -40.07 23.56 -32.22
N ARG I 130 -38.95 23.55 -31.52
CA ARG I 130 -37.74 22.88 -32.04
C ARG I 130 -37.85 21.33 -31.98
N PHE I 131 -38.40 20.79 -30.89
CA PHE I 131 -38.41 19.34 -30.68
C PHE I 131 -39.68 18.61 -31.17
N LEU I 132 -40.73 19.36 -31.46
CA LEU I 132 -41.98 18.80 -31.91
C LEU I 132 -41.93 18.06 -33.26
N PRO I 133 -41.15 18.57 -34.23
CA PRO I 133 -41.04 17.86 -35.51
C PRO I 133 -40.26 16.57 -35.41
N MET I 134 -39.37 16.50 -34.42
CA MET I 134 -38.59 15.30 -34.19
C MET I 134 -39.52 14.24 -33.64
N VAL I 135 -40.36 14.61 -32.68
CA VAL I 135 -41.40 13.72 -32.19
C VAL I 135 -42.32 13.25 -33.33
N ASP I 136 -42.71 14.17 -34.21
CA ASP I 136 -43.63 13.88 -35.31
C ASP I 136 -43.11 12.82 -36.29
N ALA I 137 -41.82 12.85 -36.57
CA ALA I 137 -41.20 11.83 -37.42
C ALA I 137 -41.36 10.43 -36.81
N VAL I 138 -41.18 10.34 -35.48
CA VAL I 138 -41.35 9.07 -34.76
C VAL I 138 -42.82 8.64 -34.74
N ALA I 139 -43.72 9.60 -34.54
CA ALA I 139 -45.16 9.31 -34.55
C ALA I 139 -45.67 8.90 -35.93
N ARG I 140 -45.00 9.36 -36.97
CA ARG I 140 -45.31 9.01 -38.35
C ARG I 140 -44.87 7.59 -38.59
N ASP I 141 -43.61 7.29 -38.28
CA ASP I 141 -43.04 5.98 -38.51
C ASP I 141 -43.81 4.86 -37.81
N PHE I 142 -44.33 5.14 -36.62
CA PHE I 142 -45.15 4.19 -35.87
C PHE I 142 -46.36 3.78 -36.66
N SER I 143 -47.05 4.74 -37.26
CA SER I 143 -48.23 4.46 -38.08
C SER I 143 -47.91 3.77 -39.38
N GLN I 144 -46.80 4.16 -40.02
CA GLN I 144 -46.35 3.53 -41.25
C GLN I 144 -46.02 2.05 -40.99
N ALA I 145 -45.22 1.81 -39.94
CA ALA I 145 -44.91 0.46 -39.50
C ALA I 145 -46.21 -0.38 -39.33
N LEU I 146 -47.20 0.22 -38.67
CA LEU I 146 -48.45 -0.45 -38.37
C LEU I 146 -49.32 -0.65 -39.60
N LYS I 147 -49.28 0.29 -40.52
CA LYS I 147 -50.04 0.16 -41.79
C LYS I 147 -49.50 -0.96 -42.71
N LYS I 148 -48.18 -1.12 -42.71
CA LYS I 148 -47.52 -2.15 -43.51
C LYS I 148 -47.98 -3.55 -43.06
N LYS I 149 -47.97 -3.78 -41.75
CA LYS I 149 -48.40 -5.05 -41.16
C LYS I 149 -49.91 -5.29 -41.39
N VAL I 150 -50.71 -4.26 -41.21
CA VAL I 150 -52.18 -4.35 -41.41
C VAL I 150 -52.55 -4.75 -42.82
N LEU I 151 -51.86 -4.17 -43.80
CA LEU I 151 -52.27 -4.35 -45.20
C LEU I 151 -51.91 -5.72 -45.77
N GLN I 152 -51.08 -6.49 -45.08
CA GLN I 152 -50.80 -7.86 -45.48
C GLN I 152 -51.92 -8.83 -45.09
N ASN I 153 -52.54 -8.60 -43.94
CA ASN I 153 -53.67 -9.42 -43.50
C ASN I 153 -54.90 -9.19 -44.36
N ALA I 154 -55.64 -10.27 -44.64
CA ALA I 154 -56.75 -10.24 -45.62
C ALA I 154 -57.92 -9.29 -45.25
N ARG I 155 -58.08 -8.98 -43.98
CA ARG I 155 -59.17 -8.12 -43.53
C ARG I 155 -58.75 -6.66 -43.27
N GLY I 156 -57.54 -6.30 -43.71
CA GLY I 156 -57.12 -4.93 -43.63
C GLY I 156 -57.13 -4.45 -42.20
N SER I 157 -56.75 -5.34 -41.29
CA SER I 157 -56.63 -5.01 -39.88
C SER I 157 -55.57 -5.87 -39.17
N LEU I 158 -54.99 -5.32 -38.12
CA LEU I 158 -54.17 -6.08 -37.17
C LEU I 158 -54.75 -5.85 -35.79
N THR I 159 -54.85 -6.93 -35.01
CA THR I 159 -55.45 -6.94 -33.72
C THR I 159 -54.38 -7.40 -32.78
N LEU I 160 -54.12 -6.61 -31.75
CA LEU I 160 -52.99 -6.88 -30.87
C LEU I 160 -53.07 -6.20 -29.51
N ASP I 161 -52.14 -6.58 -28.66
CA ASP I 161 -51.84 -5.88 -27.45
C ASP I 161 -50.85 -4.79 -27.87
N VAL I 162 -51.30 -3.55 -27.94
CA VAL I 162 -50.42 -2.42 -28.34
C VAL I 162 -49.43 -1.94 -27.28
N GLN I 163 -49.53 -2.43 -26.05
CA GLN I 163 -48.66 -1.91 -24.99
C GLN I 163 -47.16 -2.00 -25.33
N PRO I 164 -46.68 -3.16 -25.75
CA PRO I 164 -45.24 -3.14 -26.04
C PRO I 164 -44.84 -2.09 -27.06
N SER I 165 -45.59 -1.93 -28.15
CA SER I 165 -45.14 -1.04 -29.18
C SER I 165 -45.22 0.42 -28.71
N ILE I 166 -46.34 0.80 -28.08
CA ILE I 166 -46.52 2.13 -27.48
C ILE I 166 -45.41 2.47 -26.51
N PHE I 167 -45.01 1.51 -25.69
CA PHE I 167 -43.93 1.77 -24.74
C PHE I 167 -42.63 2.06 -25.44
N HIS I 168 -42.44 1.41 -26.60
CA HIS I 168 -41.24 1.61 -27.40
C HIS I 168 -41.33 2.87 -28.20
N TYR I 169 -42.52 3.31 -28.54
CA TYR I 169 -42.69 4.63 -29.11
C TYR I 169 -42.22 5.72 -28.13
N THR I 170 -42.69 5.66 -26.89
CA THR I 170 -42.33 6.70 -25.93
C THR I 170 -40.84 6.69 -25.61
N ILE I 171 -40.21 5.51 -25.61
CA ILE I 171 -38.74 5.43 -25.50
C ILE I 171 -38.04 6.07 -26.70
N GLU I 172 -38.51 5.75 -27.91
CA GLU I 172 -37.89 6.26 -29.13
C GLU I 172 -38.16 7.78 -29.28
N ALA I 173 -39.42 8.18 -29.18
CA ALA I 173 -39.80 9.61 -29.17
C ALA I 173 -38.96 10.40 -28.16
N SER I 174 -39.03 10.00 -26.90
CA SER I 174 -38.27 10.70 -25.85
C SER I 174 -36.78 10.82 -26.16
N ASN I 175 -36.19 9.74 -26.66
CA ASN I 175 -34.74 9.71 -26.92
C ASN I 175 -34.28 10.64 -28.03
N LEU I 176 -35.10 10.81 -29.07
CA LEU I 176 -34.80 11.75 -30.15
C LEU I 176 -34.95 13.19 -29.59
N ALA I 177 -36.10 13.48 -29.00
CA ALA I 177 -36.32 14.75 -28.34
C ALA I 177 -35.17 15.13 -27.43
N LEU I 178 -34.68 14.17 -26.64
CA LEU I 178 -33.73 14.50 -25.59
C LEU I 178 -32.31 14.55 -26.08
N PHE I 179 -31.91 13.56 -26.88
CA PHE I 179 -30.52 13.41 -27.27
C PHE I 179 -30.23 13.52 -28.73
N GLY I 180 -31.28 13.60 -29.55
CA GLY I 180 -31.09 13.69 -31.01
C GLY I 180 -30.68 12.39 -31.68
N GLU I 181 -30.59 11.29 -30.91
CA GLU I 181 -30.33 9.96 -31.45
C GLU I 181 -31.65 9.26 -31.79
N ARG I 182 -31.62 8.51 -32.88
CA ARG I 182 -32.71 7.63 -33.24
C ARG I 182 -32.31 6.20 -32.85
N LEU I 183 -33.15 5.52 -32.09
CA LEU I 183 -32.82 4.19 -31.55
C LEU I 183 -33.30 3.02 -32.48
N GLY I 184 -34.24 3.27 -33.38
CA GLY I 184 -34.75 2.20 -34.24
C GLY I 184 -35.56 1.14 -33.47
N LEU I 185 -36.23 1.58 -32.42
CA LEU I 185 -37.14 0.71 -31.69
C LEU I 185 -38.58 0.83 -32.23
N VAL I 186 -38.88 1.84 -33.05
CA VAL I 186 -40.22 1.93 -33.68
C VAL I 186 -40.21 1.32 -35.07
N GLY I 187 -41.14 0.40 -35.29
CA GLY I 187 -41.18 -0.39 -36.54
C GLY I 187 -40.31 -1.65 -36.58
N HIS I 188 -39.62 -1.95 -35.49
CA HIS I 188 -38.79 -3.15 -35.37
C HIS I 188 -39.05 -3.76 -34.05
N SER I 189 -38.33 -4.82 -33.71
CA SER I 189 -38.57 -5.49 -32.45
C SER I 189 -37.76 -4.80 -31.34
N PRO I 190 -38.18 -4.96 -30.08
CA PRO I 190 -37.43 -4.46 -28.94
C PRO I 190 -35.99 -4.97 -28.91
N SER I 191 -35.09 -4.17 -28.35
CA SER I 191 -33.70 -4.59 -28.07
C SER I 191 -33.62 -5.05 -26.62
N SER I 192 -32.61 -5.84 -26.27
CA SER I 192 -32.48 -6.26 -24.87
C SER I 192 -32.28 -5.03 -23.94
N ALA I 193 -31.57 -4.01 -24.42
CA ALA I 193 -31.41 -2.76 -23.66
C ALA I 193 -32.78 -2.15 -23.37
N SER I 194 -33.63 -2.04 -24.40
CA SER I 194 -34.96 -1.47 -24.21
C SER I 194 -35.80 -2.34 -23.28
N LEU I 195 -35.59 -3.65 -23.32
CA LEU I 195 -36.34 -4.55 -22.45
C LEU I 195 -35.87 -4.50 -21.00
N ASN I 196 -34.56 -4.53 -20.79
CA ASN I 196 -33.99 -4.38 -19.45
C ASN I 196 -34.37 -3.05 -18.82
N PHE I 197 -34.43 -2.00 -19.65
CA PHE I 197 -34.84 -0.68 -19.21
C PHE I 197 -36.29 -0.66 -18.73
N LEU I 198 -37.20 -1.28 -19.46
CA LEU I 198 -38.60 -1.29 -19.02
C LEU I 198 -38.80 -2.15 -17.80
N HIS I 199 -38.07 -3.25 -17.70
CA HIS I 199 -38.18 -4.10 -16.53
C HIS I 199 -37.69 -3.36 -15.32
N ALA I 200 -36.50 -2.76 -15.40
CA ALA I 200 -35.96 -1.94 -14.31
C ALA I 200 -36.96 -0.86 -13.85
N LEU I 201 -37.40 -0.01 -14.78
CA LEU I 201 -38.42 0.96 -14.45
C LEU I 201 -39.52 0.36 -13.59
N GLU I 202 -40.11 -0.75 -14.05
CA GLU I 202 -41.24 -1.36 -13.34
C GLU I 202 -40.87 -1.85 -11.92
N VAL I 203 -39.66 -2.36 -11.78
CA VAL I 203 -39.16 -2.76 -10.47
C VAL I 203 -38.83 -1.54 -9.60
N MET I 204 -38.22 -0.52 -10.21
CA MET I 204 -37.85 0.69 -9.50
C MET I 204 -39.08 1.23 -8.82
N PHE I 205 -40.18 1.27 -9.56
CA PHE I 205 -41.44 1.78 -9.03
C PHE I 205 -42.00 0.88 -7.95
N LYS I 206 -42.22 -0.40 -8.28
CA LYS I 206 -42.68 -1.39 -7.29
C LYS I 206 -41.95 -1.18 -5.96
N SER I 207 -40.63 -1.36 -5.99
CA SER I 207 -39.85 -1.27 -4.78
C SER I 207 -39.92 0.14 -4.12
N THR I 208 -40.24 1.16 -4.91
CA THR I 208 -40.40 2.50 -4.35
C THR I 208 -41.52 2.54 -3.34
N VAL I 209 -42.63 1.90 -3.65
CA VAL I 209 -43.76 1.87 -2.72
C VAL I 209 -43.36 1.15 -1.44
N GLN I 210 -42.68 0.02 -1.57
CA GLN I 210 -42.28 -0.75 -0.40
C GLN I 210 -41.52 0.12 0.59
N LEU I 211 -40.58 0.91 0.08
CA LEU I 211 -39.69 1.70 0.94
C LEU I 211 -40.17 3.10 1.34
N MET I 212 -41.15 3.65 0.61
CA MET I 212 -41.55 5.06 0.86
C MET I 212 -42.40 5.25 2.12
N PHE I 213 -43.09 4.21 2.58
CA PHE I 213 -43.99 4.36 3.72
C PHE I 213 -43.38 3.91 5.08
N MET I 214 -42.08 4.13 5.25
CA MET I 214 -41.38 3.86 6.53
C MET I 214 -40.01 4.57 6.53
N PRO I 215 -39.46 4.90 7.71
CA PRO I 215 -38.19 5.68 7.73
C PRO I 215 -36.93 4.89 7.30
N ARG I 216 -35.97 5.58 6.68
CA ARG I 216 -34.66 4.99 6.31
C ARG I 216 -34.21 3.94 7.32
N SER I 217 -34.03 4.39 8.57
CA SER I 217 -33.43 3.59 9.64
C SER I 217 -34.22 2.31 9.93
N LEU I 218 -35.54 2.40 9.81
CA LEU I 218 -36.41 1.27 10.07
C LEU I 218 -36.40 0.28 8.87
N SER I 219 -36.48 0.81 7.65
CA SER I 219 -36.48 -0.04 6.45
C SER I 219 -35.09 -0.64 6.22
N ARG I 220 -34.05 0.05 6.69
CA ARG I 220 -32.66 -0.36 6.48
C ARG I 220 -32.46 -1.87 6.76
N TRP I 221 -33.19 -2.41 7.74
CA TRP I 221 -33.04 -3.83 8.15
C TRP I 221 -34.30 -4.67 8.20
N ILE I 222 -35.49 -4.04 8.25
CA ILE I 222 -36.73 -4.81 8.19
C ILE I 222 -36.92 -5.45 6.80
N SER I 223 -36.57 -4.70 5.74
CA SER I 223 -36.53 -5.22 4.37
C SER I 223 -35.16 -4.89 3.79
N PRO I 224 -34.14 -5.71 4.08
CA PRO I 224 -32.81 -5.43 3.54
C PRO I 224 -32.69 -5.84 2.06
N LYS I 225 -33.59 -6.70 1.61
CA LYS I 225 -33.59 -7.15 0.21
C LYS I 225 -34.19 -6.06 -0.69
N VAL I 226 -35.33 -5.50 -0.28
CA VAL I 226 -35.97 -4.41 -1.03
C VAL I 226 -34.99 -3.28 -1.38
N TRP I 227 -34.11 -2.92 -0.45
CA TRP I 227 -33.07 -1.92 -0.74
C TRP I 227 -32.09 -2.36 -1.80
N LYS I 228 -31.56 -3.58 -1.69
CA LYS I 228 -30.64 -4.12 -2.70
C LYS I 228 -31.30 -4.19 -4.09
N GLU I 229 -32.58 -4.52 -4.09
CA GLU I 229 -33.39 -4.69 -5.29
C GLU I 229 -33.62 -3.35 -5.99
N HIS I 230 -34.07 -2.37 -5.20
CA HIS I 230 -34.30 -0.99 -5.62
C HIS I 230 -33.03 -0.32 -6.11
N PHE I 231 -31.91 -0.66 -5.48
CA PHE I 231 -30.59 -0.15 -5.90
C PHE I 231 -30.10 -0.85 -7.17
N GLU I 232 -30.37 -2.14 -7.31
CA GLU I 232 -29.99 -2.87 -8.51
C GLU I 232 -30.82 -2.33 -9.70
N ALA I 233 -32.14 -2.17 -9.48
CA ALA I 233 -33.01 -1.55 -10.48
C ALA I 233 -32.50 -0.15 -10.89
N TRP I 234 -32.11 0.66 -9.90
CA TRP I 234 -31.56 1.98 -10.19
C TRP I 234 -30.23 1.90 -10.91
N ASP I 235 -29.39 0.93 -10.60
CA ASP I 235 -28.11 0.77 -11.32
C ASP I 235 -28.36 0.49 -12.80
N CYS I 236 -29.47 -0.20 -13.10
CA CYS I 236 -29.80 -0.56 -14.47
C CYS I 236 -30.34 0.64 -15.25
N ILE I 237 -31.20 1.43 -14.62
CA ILE I 237 -31.70 2.67 -15.21
C ILE I 237 -30.56 3.67 -15.44
N PHE I 238 -29.72 3.87 -14.44
CA PHE I 238 -28.62 4.84 -14.55
C PHE I 238 -27.64 4.54 -15.67
N GLN I 239 -27.26 3.28 -15.84
CA GLN I 239 -26.31 2.95 -16.89
C GLN I 239 -26.98 3.00 -18.27
N TYR I 240 -28.30 2.90 -18.34
CA TYR I 240 -28.99 3.12 -19.62
C TYR I 240 -28.90 4.61 -20.01
N GLY I 241 -29.32 5.47 -19.10
CA GLY I 241 -29.32 6.91 -19.32
C GLY I 241 -27.93 7.47 -19.40
N ASP I 242 -27.06 7.01 -18.51
CA ASP I 242 -25.65 7.42 -18.52
C ASP I 242 -24.92 7.03 -19.82
N ASN I 243 -25.39 6.00 -20.53
CA ASN I 243 -24.81 5.68 -21.83
C ASN I 243 -25.29 6.69 -22.86
N CYS I 244 -26.57 7.05 -22.80
CA CYS I 244 -27.05 8.14 -23.62
C CYS I 244 -26.21 9.39 -23.37
N ILE I 245 -25.96 9.68 -22.09
CA ILE I 245 -25.30 10.93 -21.70
C ILE I 245 -23.88 10.96 -22.24
N GLN I 246 -23.12 9.89 -21.96
CA GLN I 246 -21.73 9.78 -22.40
C GLN I 246 -21.56 9.97 -23.91
N LYS I 247 -22.53 9.50 -24.70
CA LYS I 247 -22.49 9.60 -26.16
C LYS I 247 -22.65 11.04 -26.64
N ILE I 248 -23.70 11.71 -26.17
CA ILE I 248 -23.91 13.09 -26.55
C ILE I 248 -22.72 13.94 -26.07
N TYR I 249 -22.30 13.73 -24.82
CA TYR I 249 -21.20 14.52 -24.27
C TYR I 249 -19.94 14.39 -25.11
N GLN I 250 -19.60 13.17 -25.55
CA GLN I 250 -18.39 12.95 -26.34
C GLN I 250 -18.53 13.53 -27.73
N GLU I 251 -19.74 13.45 -28.28
CA GLU I 251 -20.04 14.01 -29.59
C GLU I 251 -19.87 15.52 -29.52
N LEU I 252 -20.52 16.14 -28.54
CA LEU I 252 -20.48 17.59 -28.36
C LEU I 252 -19.08 18.11 -28.02
N ALA I 253 -18.30 17.34 -27.27
CA ALA I 253 -16.90 17.72 -27.05
C ALA I 253 -16.12 18.00 -28.37
N PHE I 254 -16.43 17.28 -29.46
CA PHE I 254 -15.66 17.39 -30.71
C PHE I 254 -16.27 18.28 -31.79
N ASN I 255 -17.54 18.61 -31.64
CA ASN I 255 -18.23 19.43 -32.61
C ASN I 255 -19.47 20.01 -31.97
N ARG I 256 -19.69 21.30 -32.20
CA ARG I 256 -20.79 22.04 -31.57
C ARG I 256 -21.74 22.48 -32.68
N PRO I 257 -22.77 21.67 -32.93
CA PRO I 257 -23.48 21.68 -34.22
C PRO I 257 -24.15 23.00 -34.61
N GLN I 258 -24.34 23.18 -35.93
CA GLN I 258 -25.03 24.37 -36.47
C GLN I 258 -26.46 24.46 -35.93
N HIS I 259 -27.11 23.31 -35.82
CA HIS I 259 -28.58 23.23 -35.78
C HIS I 259 -29.08 22.53 -34.53
N TYR I 260 -30.40 22.46 -34.38
CA TYR I 260 -31.01 21.80 -33.22
C TYR I 260 -30.80 20.29 -33.28
N THR I 261 -30.33 19.74 -32.17
CA THR I 261 -30.10 18.31 -32.05
C THR I 261 -30.55 17.81 -30.68
N GLY I 262 -31.67 18.38 -30.21
CA GLY I 262 -32.34 17.94 -28.98
C GLY I 262 -32.15 18.78 -27.71
N ILE I 263 -33.02 18.49 -26.72
CA ILE I 263 -33.07 19.21 -25.43
C ILE I 263 -31.75 19.20 -24.66
N VAL I 264 -31.08 18.04 -24.61
CA VAL I 264 -29.93 17.88 -23.70
C VAL I 264 -28.67 18.56 -24.22
N ALA I 265 -28.48 18.58 -25.52
CA ALA I 265 -27.35 19.32 -26.10
C ALA I 265 -27.45 20.79 -25.73
N GLU I 266 -28.63 21.38 -25.84
CA GLU I 266 -28.78 22.78 -25.41
C GLU I 266 -28.17 22.94 -24.00
N LEU I 267 -28.65 22.15 -23.05
CA LEU I 267 -28.20 22.28 -21.65
C LEU I 267 -26.69 22.11 -21.50
N LEU I 268 -26.11 21.24 -22.31
CA LEU I 268 -24.65 21.01 -22.32
C LEU I 268 -23.91 22.13 -23.02
N LEU I 269 -24.53 22.72 -24.04
CA LEU I 269 -23.92 23.83 -24.78
C LEU I 269 -23.96 25.08 -23.90
N LYS I 270 -25.14 25.48 -23.45
CA LYS I 270 -25.30 26.54 -22.44
C LYS I 270 -24.32 26.42 -21.27
N ALA I 271 -24.10 25.21 -20.78
CA ALA I 271 -23.17 24.98 -19.67
C ALA I 271 -23.54 25.77 -18.43
N GLU I 272 -24.77 26.29 -18.37
CA GLU I 272 -25.17 27.08 -17.22
C GLU I 272 -25.03 26.21 -15.99
N LEU I 273 -25.72 25.07 -15.99
CA LEU I 273 -25.59 24.04 -14.95
C LEU I 273 -24.31 23.20 -15.12
N SER I 274 -23.79 22.73 -13.98
CA SER I 274 -22.65 21.78 -13.95
C SER I 274 -22.94 20.51 -14.74
N LEU I 275 -21.87 19.90 -15.27
CA LEU I 275 -21.97 18.60 -15.91
C LEU I 275 -22.76 17.67 -15.00
N GLU I 276 -22.32 17.59 -13.75
CA GLU I 276 -22.95 16.72 -12.80
C GLU I 276 -24.43 17.02 -12.66
N ALA I 277 -24.81 18.29 -12.63
CA ALA I 277 -26.22 18.65 -12.50
C ALA I 277 -27.00 18.37 -13.80
N ILE I 278 -26.31 18.40 -14.93
CA ILE I 278 -26.94 18.04 -16.21
C ILE I 278 -27.20 16.53 -16.28
N LYS I 279 -26.24 15.74 -15.81
CA LYS I 279 -26.40 14.28 -15.69
C LYS I 279 -27.61 13.96 -14.79
N ALA I 280 -27.73 14.67 -13.68
CA ALA I 280 -28.79 14.38 -12.75
C ALA I 280 -30.15 14.62 -13.36
N ASN I 281 -30.31 15.74 -14.07
CA ASN I 281 -31.61 16.09 -14.67
C ASN I 281 -31.91 15.30 -15.93
N SER I 282 -30.87 14.97 -16.69
CA SER I 282 -31.03 14.07 -17.82
C SER I 282 -31.58 12.69 -17.39
N MET I 283 -30.98 12.07 -16.38
CA MET I 283 -31.54 10.82 -15.83
C MET I 283 -33.02 10.97 -15.50
N GLU I 284 -33.37 12.07 -14.83
CA GLU I 284 -34.78 12.29 -14.49
C GLU I 284 -35.64 12.37 -15.76
N LEU I 285 -35.12 13.06 -16.76
CA LEU I 285 -35.86 13.24 -18.01
C LEU I 285 -35.96 11.92 -18.82
N THR I 286 -34.84 11.19 -18.93
CA THR I 286 -34.84 9.88 -19.57
C THR I 286 -35.75 8.92 -18.83
N ALA I 287 -35.57 8.85 -17.52
CA ALA I 287 -36.26 7.88 -16.71
C ALA I 287 -37.73 8.17 -16.65
N GLY I 288 -38.08 9.45 -16.66
CA GLY I 288 -39.45 9.87 -16.37
C GLY I 288 -40.32 9.96 -17.61
N SER I 289 -39.70 9.82 -18.78
CA SER I 289 -40.40 10.06 -20.04
C SER I 289 -41.00 8.82 -20.70
N VAL I 290 -40.97 7.67 -20.01
CA VAL I 290 -41.40 6.39 -20.60
C VAL I 290 -42.77 5.94 -20.12
N ASP I 291 -42.88 5.54 -18.87
CA ASP I 291 -44.13 4.98 -18.34
C ASP I 291 -45.21 6.05 -18.20
N THR I 292 -44.80 7.25 -17.78
CA THR I 292 -45.71 8.40 -17.61
C THR I 292 -46.56 8.71 -18.81
N THR I 293 -45.93 8.72 -19.98
CA THR I 293 -46.62 9.05 -21.22
C THR I 293 -47.34 7.84 -21.82
N ALA I 294 -46.70 6.68 -21.75
CA ALA I 294 -47.24 5.49 -22.44
C ALA I 294 -48.63 5.12 -21.92
N PHE I 295 -48.81 5.10 -20.61
CA PHE I 295 -50.05 4.59 -20.01
C PHE I 295 -51.28 5.43 -20.32
N PRO I 296 -51.17 6.75 -20.29
CA PRO I 296 -52.24 7.61 -20.81
C PRO I 296 -52.51 7.45 -22.30
N LEU I 297 -51.47 7.21 -23.11
CA LEU I 297 -51.67 6.90 -24.54
C LEU I 297 -52.54 5.69 -24.64
N LEU I 298 -52.07 4.60 -24.01
CA LEU I 298 -52.84 3.33 -23.96
C LEU I 298 -54.28 3.56 -23.55
N MET I 299 -54.47 4.28 -22.46
CA MET I 299 -55.83 4.55 -21.98
C MET I 299 -56.64 5.45 -22.91
N THR I 300 -56.00 6.35 -23.67
CA THR I 300 -56.76 7.08 -24.68
C THR I 300 -57.19 6.19 -25.82
N LEU I 301 -56.34 5.24 -26.19
CA LEU I 301 -56.65 4.31 -27.28
C LEU I 301 -57.79 3.41 -26.88
N PHE I 302 -57.75 2.94 -25.64
CA PHE I 302 -58.85 2.19 -25.06
C PHE I 302 -60.17 2.99 -25.09
N GLU I 303 -60.12 4.24 -24.65
CA GLU I 303 -61.36 5.01 -24.55
C GLU I 303 -61.92 5.43 -25.89
N LEU I 304 -61.07 5.58 -26.91
CA LEU I 304 -61.57 5.85 -28.25
C LEU I 304 -62.20 4.62 -28.87
N ALA I 305 -61.72 3.42 -28.53
CA ALA I 305 -62.34 2.17 -29.02
C ALA I 305 -63.68 1.89 -28.33
N ARG I 306 -63.79 2.19 -27.04
CA ARG I 306 -65.09 2.11 -26.37
C ARG I 306 -66.02 3.25 -26.77
N ASN I 307 -65.50 4.33 -27.36
CA ASN I 307 -66.34 5.48 -27.71
C ASN I 307 -66.22 5.86 -29.18
N PRO I 308 -66.69 4.98 -30.08
CA PRO I 308 -66.49 5.23 -31.51
C PRO I 308 -67.00 6.60 -31.97
N ASP I 309 -68.10 7.08 -31.38
CA ASP I 309 -68.68 8.40 -31.78
C ASP I 309 -67.65 9.52 -31.62
N VAL I 310 -67.00 9.51 -30.46
CA VAL I 310 -66.01 10.49 -30.10
C VAL I 310 -64.76 10.33 -30.98
N GLN I 311 -64.47 9.08 -31.33
CA GLN I 311 -63.35 8.78 -32.20
C GLN I 311 -63.56 9.42 -33.58
N GLN I 312 -64.75 9.21 -34.13
CA GLN I 312 -65.19 9.82 -35.38
C GLN I 312 -64.95 11.34 -35.38
N ILE I 313 -65.45 12.02 -34.34
CA ILE I 313 -65.31 13.46 -34.28
C ILE I 313 -63.85 13.83 -34.23
N LEU I 314 -63.07 13.13 -33.41
CA LEU I 314 -61.64 13.37 -33.35
C LEU I 314 -60.97 13.15 -34.71
N ARG I 315 -61.49 12.21 -35.47
CA ARG I 315 -60.94 11.90 -36.78
C ARG I 315 -61.24 13.02 -37.78
N GLN I 316 -62.50 13.44 -37.84
CA GLN I 316 -62.87 14.52 -38.76
C GLN I 316 -61.96 15.72 -38.62
N GLU I 317 -61.53 16.03 -37.41
CA GLU I 317 -60.61 17.15 -37.23
C GLU I 317 -59.15 16.83 -37.53
N SER I 318 -58.76 15.57 -37.31
CA SER I 318 -57.41 15.13 -37.64
C SER I 318 -57.24 15.07 -39.15
N LEU I 319 -58.25 14.57 -39.87
CA LEU I 319 -58.18 14.62 -41.35
C LEU I 319 -58.16 16.10 -41.78
N ALA I 320 -59.03 16.92 -41.20
CA ALA I 320 -59.05 18.38 -41.43
C ALA I 320 -57.69 19.04 -41.48
N ALA I 321 -56.76 18.59 -40.66
CA ALA I 321 -55.46 19.22 -40.53
C ALA I 321 -54.30 18.40 -41.07
N ALA I 322 -54.57 17.29 -41.77
CA ALA I 322 -53.50 16.42 -42.28
C ALA I 322 -52.47 17.23 -43.11
N ALA I 323 -52.97 18.01 -44.07
CA ALA I 323 -52.12 18.88 -44.90
C ALA I 323 -51.23 19.83 -44.05
N SER I 324 -51.87 20.65 -43.21
CA SER I 324 -51.13 21.63 -42.39
C SER I 324 -50.06 21.00 -41.52
N ILE I 325 -50.43 19.94 -40.80
CA ILE I 325 -49.51 19.26 -39.89
C ILE I 325 -48.34 18.64 -40.66
N SER I 326 -48.58 18.23 -41.91
CA SER I 326 -47.49 17.77 -42.81
C SER I 326 -46.50 18.89 -43.14
N GLU I 327 -47.03 20.05 -43.53
CA GLU I 327 -46.22 21.24 -43.78
C GLU I 327 -45.45 21.66 -42.52
N HIS I 328 -46.20 21.98 -41.46
CA HIS I 328 -45.61 22.45 -40.20
C HIS I 328 -46.14 21.64 -39.04
N PRO I 329 -45.43 20.56 -38.69
CA PRO I 329 -45.81 19.72 -37.55
C PRO I 329 -46.08 20.55 -36.31
N GLN I 330 -45.31 21.63 -36.11
CA GLN I 330 -45.51 22.56 -34.96
C GLN I 330 -46.94 23.09 -34.84
N LYS I 331 -47.75 22.97 -35.90
CA LYS I 331 -49.15 23.38 -35.86
C LYS I 331 -50.09 22.42 -35.13
N ALA I 332 -49.61 21.24 -34.75
CA ALA I 332 -50.53 20.21 -34.27
C ALA I 332 -51.15 20.63 -32.97
N THR I 333 -50.35 21.32 -32.16
CA THR I 333 -50.84 21.83 -30.89
C THR I 333 -52.09 22.66 -31.09
N THR I 334 -52.00 23.63 -32.00
CA THR I 334 -53.07 24.63 -32.15
C THR I 334 -54.22 24.11 -33.03
N GLU I 335 -53.92 23.21 -33.97
CA GLU I 335 -54.93 22.64 -34.87
C GLU I 335 -55.78 21.48 -34.27
N LEU I 336 -55.31 20.80 -33.21
CA LEU I 336 -56.06 19.64 -32.66
C LEU I 336 -56.58 19.86 -31.23
N PRO I 337 -57.47 20.85 -31.04
CA PRO I 337 -57.85 21.22 -29.70
C PRO I 337 -58.77 20.20 -29.07
N LEU I 338 -59.54 19.48 -29.87
CA LEU I 338 -60.47 18.47 -29.34
C LEU I 338 -59.73 17.18 -28.93
N LEU I 339 -58.56 16.95 -29.52
CA LEU I 339 -57.74 15.80 -29.18
C LEU I 339 -56.93 16.12 -27.94
N ARG I 340 -56.49 17.37 -27.83
CA ARG I 340 -55.93 17.88 -26.57
C ARG I 340 -56.99 17.65 -25.50
N ALA I 341 -58.22 18.06 -25.80
CA ALA I 341 -59.33 17.84 -24.89
C ALA I 341 -59.38 16.38 -24.39
N ALA I 342 -59.25 15.42 -25.30
CA ALA I 342 -59.37 13.98 -24.97
C ALA I 342 -58.29 13.55 -24.01
N LEU I 343 -57.08 14.10 -24.17
CA LEU I 343 -56.01 13.79 -23.24
C LEU I 343 -56.46 14.22 -21.86
N LYS I 344 -56.82 15.50 -21.73
CA LYS I 344 -57.34 16.04 -20.47
C LYS I 344 -58.44 15.13 -19.89
N GLU I 345 -59.28 14.57 -20.75
CA GLU I 345 -60.27 13.60 -20.31
C GLU I 345 -59.67 12.28 -19.83
N THR I 346 -58.69 11.76 -20.57
CA THR I 346 -58.01 10.54 -20.18
C THR I 346 -57.36 10.72 -18.80
N LEU I 347 -56.56 11.78 -18.65
CA LEU I 347 -55.85 12.03 -17.39
C LEU I 347 -56.80 12.32 -16.18
N ARG I 348 -57.97 12.89 -16.42
CA ARG I 348 -58.98 13.06 -15.38
C ARG I 348 -59.35 11.71 -14.78
N LEU I 349 -59.71 10.76 -15.65
CA LEU I 349 -60.17 9.43 -15.22
C LEU I 349 -59.03 8.53 -14.79
N TYR I 350 -57.84 8.77 -15.32
CA TYR I 350 -56.69 7.91 -15.04
C TYR I 350 -55.41 8.70 -14.81
N PRO I 351 -55.30 9.36 -13.66
CA PRO I 351 -54.09 10.15 -13.42
C PRO I 351 -52.82 9.30 -13.35
N VAL I 352 -51.73 9.78 -13.92
CA VAL I 352 -50.46 9.03 -13.87
C VAL I 352 -49.82 9.28 -12.52
N GLY I 353 -49.68 10.56 -12.19
CA GLY I 353 -49.39 10.98 -10.83
C GLY I 353 -50.70 11.00 -10.06
N LEU I 354 -50.76 10.20 -9.01
CA LEU I 354 -51.98 10.03 -8.24
C LEU I 354 -52.29 11.26 -7.41
N PHE I 355 -51.26 11.80 -6.77
CA PHE I 355 -51.47 12.92 -5.86
C PHE I 355 -50.39 13.99 -5.90
N LEU I 356 -50.83 15.24 -5.72
CA LEU I 356 -49.94 16.39 -5.64
C LEU I 356 -49.56 16.59 -4.18
N GLU I 357 -48.31 16.97 -3.94
CA GLU I 357 -47.74 17.06 -2.60
C GLU I 357 -47.11 18.41 -2.36
N ARG I 358 -47.48 19.06 -1.24
CA ARG I 358 -46.80 20.29 -0.79
C ARG I 358 -46.61 20.29 0.74
N VAL I 359 -45.38 20.53 1.20
CA VAL I 359 -45.13 20.83 2.62
C VAL I 359 -45.25 22.33 2.79
N VAL I 360 -46.50 22.77 2.96
CA VAL I 360 -46.85 24.19 3.13
C VAL I 360 -45.85 24.94 4.01
N SER I 361 -45.38 26.09 3.54
CA SER I 361 -44.45 26.92 4.30
C SER I 361 -45.15 28.13 4.96
N SER I 362 -46.43 27.95 5.31
CA SER I 362 -47.26 29.01 5.91
C SER I 362 -48.52 28.44 6.60
N ASP I 363 -49.35 29.32 7.14
CA ASP I 363 -50.70 28.95 7.60
C ASP I 363 -51.61 29.06 6.39
N LEU I 364 -52.68 28.26 6.34
CA LEU I 364 -53.74 28.47 5.33
C LEU I 364 -55.11 27.91 5.73
N VAL I 365 -56.12 28.20 4.89
CA VAL I 365 -57.51 27.89 5.17
C VAL I 365 -58.07 26.98 4.08
N LEU I 366 -58.30 25.71 4.41
CA LEU I 366 -58.83 24.74 3.44
C LEU I 366 -60.16 24.16 3.90
N GLN I 367 -61.21 24.45 3.13
CA GLN I 367 -62.56 24.00 3.46
C GLN I 367 -63.02 24.58 4.80
N ASN I 368 -62.49 25.77 5.12
CA ASN I 368 -62.67 26.41 6.42
C ASN I 368 -62.11 25.56 7.58
N TYR I 369 -60.83 25.19 7.46
CA TYR I 369 -60.07 24.58 8.57
C TYR I 369 -58.68 25.20 8.57
N HIS I 370 -57.99 25.12 9.71
CA HIS I 370 -56.70 25.78 9.89
C HIS I 370 -55.57 24.84 9.55
N ILE I 371 -54.70 25.24 8.62
CA ILE I 371 -53.56 24.43 8.21
C ILE I 371 -52.24 25.16 8.55
N PRO I 372 -51.49 24.65 9.55
CA PRO I 372 -50.25 25.29 9.97
C PRO I 372 -49.05 25.04 9.06
N ALA I 373 -47.93 25.70 9.39
CA ALA I 373 -46.64 25.47 8.73
C ALA I 373 -46.17 24.03 8.93
N GLY I 374 -45.40 23.51 7.97
CA GLY I 374 -44.87 22.15 8.02
C GLY I 374 -45.89 21.04 7.82
N THR I 375 -47.14 21.42 7.52
CA THR I 375 -48.20 20.45 7.22
C THR I 375 -47.99 19.85 5.82
N LEU I 376 -48.32 18.58 5.67
CA LEU I 376 -48.25 17.88 4.39
C LEU I 376 -49.64 17.85 3.76
N VAL I 377 -49.85 18.67 2.73
CA VAL I 377 -51.11 18.70 2.00
C VAL I 377 -50.99 17.85 0.72
N GLN I 378 -51.94 16.92 0.56
CA GLN I 378 -51.97 16.01 -0.57
C GLN I 378 -53.31 16.13 -1.30
N VAL I 379 -53.26 16.56 -2.56
CA VAL I 379 -54.43 16.54 -3.43
C VAL I 379 -54.46 15.21 -4.17
N PHE I 380 -55.54 14.46 -3.98
CA PHE I 380 -55.74 13.21 -4.70
C PHE I 380 -56.61 13.43 -5.92
N LEU I 381 -56.02 13.26 -7.10
CA LEU I 381 -56.66 13.62 -8.37
C LEU I 381 -57.66 12.56 -8.84
N TYR I 382 -57.48 11.32 -8.40
CA TYR I 382 -58.47 10.26 -8.69
C TYR I 382 -59.86 10.70 -8.25
N SER I 383 -59.97 11.14 -7.00
CA SER I 383 -61.24 11.52 -6.41
C SER I 383 -61.72 12.84 -6.99
N LEU I 384 -60.77 13.76 -7.14
CA LEU I 384 -60.99 15.06 -7.79
C LEU I 384 -61.70 14.96 -9.13
N GLY I 385 -61.19 14.08 -9.99
CA GLY I 385 -61.74 13.89 -11.33
C GLY I 385 -63.11 13.25 -11.33
N ARG I 386 -63.39 12.47 -10.28
CA ARG I 386 -64.64 11.70 -10.20
C ARG I 386 -65.74 12.34 -9.35
N ASN I 387 -65.46 13.54 -8.84
CA ASN I 387 -66.47 14.42 -8.26
C ASN I 387 -67.53 14.88 -9.31
N ALA I 388 -68.69 14.22 -9.29
CA ALA I 388 -69.81 14.52 -10.23
C ALA I 388 -70.24 15.99 -10.29
N ALA I 389 -70.13 16.70 -9.16
CA ALA I 389 -70.54 18.11 -9.07
C ALA I 389 -69.83 18.99 -10.11
N LEU I 390 -68.53 18.83 -10.23
CA LEU I 390 -67.76 19.62 -11.18
C LEU I 390 -67.68 18.95 -12.55
N PHE I 391 -67.90 17.64 -12.58
CA PHE I 391 -67.81 16.87 -13.82
C PHE I 391 -69.07 16.08 -14.07
N PRO I 392 -70.14 16.76 -14.51
CA PRO I 392 -71.42 16.06 -14.77
C PRO I 392 -71.19 14.74 -15.52
N ARG I 393 -71.81 13.66 -15.04
CA ARG I 393 -71.61 12.32 -15.61
C ARG I 393 -70.11 12.01 -15.69
N PRO I 394 -69.46 11.83 -14.53
CA PRO I 394 -68.01 11.68 -14.50
C PRO I 394 -67.51 10.33 -15.01
N GLU I 395 -68.43 9.42 -15.36
CA GLU I 395 -68.09 8.13 -15.98
C GLU I 395 -67.85 8.37 -17.45
N ARG I 396 -68.81 9.01 -18.12
CA ARG I 396 -68.70 9.26 -19.55
C ARG I 396 -67.39 9.97 -19.90
N TYR I 397 -66.76 9.47 -20.96
CA TYR I 397 -65.52 10.02 -21.50
C TYR I 397 -65.96 11.02 -22.56
N ASN I 398 -65.83 12.30 -22.22
CA ASN I 398 -66.43 13.40 -22.97
C ASN I 398 -65.45 14.58 -23.14
N PRO I 399 -64.60 14.53 -24.16
CA PRO I 399 -63.63 15.61 -24.35
C PRO I 399 -64.24 17.01 -24.58
N GLN I 400 -65.50 17.11 -25.02
CA GLN I 400 -66.12 18.44 -25.24
C GLN I 400 -66.30 19.23 -23.96
N ARG I 401 -66.30 18.56 -22.80
CA ARG I 401 -66.46 19.23 -21.51
C ARG I 401 -65.37 20.31 -21.30
N TRP I 402 -64.19 20.12 -21.89
CA TRP I 402 -63.13 21.11 -21.82
C TRP I 402 -63.28 22.22 -22.84
N LEU I 403 -64.26 22.11 -23.73
CA LEU I 403 -64.64 23.20 -24.64
C LEU I 403 -65.78 24.03 -24.02
N ASP I 404 -66.64 23.39 -23.23
CA ASP I 404 -67.73 24.06 -22.51
C ASP I 404 -67.21 24.70 -21.21
N PHE I 412 -59.87 25.82 -13.75
CA PHE I 412 -58.88 25.37 -12.75
C PHE I 412 -59.07 23.90 -12.31
N HIS I 413 -59.77 23.10 -13.12
CA HIS I 413 -60.07 21.70 -12.76
C HIS I 413 -59.12 20.68 -13.40
N HIS I 414 -58.14 21.17 -14.16
CA HIS I 414 -57.19 20.31 -14.84
C HIS I 414 -55.83 20.56 -14.27
N VAL I 415 -55.43 19.70 -13.33
CA VAL I 415 -54.09 19.75 -12.74
C VAL I 415 -53.32 18.41 -12.71
N PRO I 416 -53.58 17.48 -13.67
CA PRO I 416 -52.77 16.24 -13.73
C PRO I 416 -51.26 16.45 -13.75
N PHE I 417 -50.83 17.62 -14.21
CA PHE I 417 -49.43 18.00 -14.18
C PHE I 417 -49.07 18.90 -12.99
N GLY I 418 -50.00 19.02 -12.03
CA GLY I 418 -49.79 19.88 -10.85
C GLY I 418 -50.01 21.36 -11.15
N PHE I 419 -49.20 22.21 -10.51
CA PHE I 419 -49.37 23.67 -10.59
C PHE I 419 -48.15 24.43 -10.11
N GLY I 420 -48.15 25.75 -10.35
CA GLY I 420 -47.09 26.63 -9.85
C GLY I 420 -45.79 26.44 -10.57
N MET I 421 -44.74 27.12 -10.12
CA MET I 421 -43.40 26.98 -10.73
C MET I 421 -42.91 25.52 -10.80
N ARG I 422 -43.50 24.66 -9.97
CA ARG I 422 -43.12 23.25 -9.86
C ARG I 422 -44.01 22.29 -10.70
N GLN I 423 -44.91 22.82 -11.53
CA GLN I 423 -45.71 21.97 -12.45
C GLN I 423 -44.77 21.12 -13.29
N CYS I 424 -45.25 19.97 -13.75
CA CYS I 424 -44.49 19.03 -14.60
C CYS I 424 -43.54 19.72 -15.60
N LEU I 425 -42.24 19.55 -15.40
CA LEU I 425 -41.24 20.10 -16.32
C LEU I 425 -41.37 19.49 -17.71
N GLY I 426 -41.77 18.22 -17.81
CA GLY I 426 -41.82 17.51 -19.09
C GLY I 426 -43.14 17.55 -19.82
N ARG I 427 -44.07 18.37 -19.33
CA ARG I 427 -45.47 18.35 -19.75
C ARG I 427 -45.69 18.51 -21.24
N ARG I 428 -44.98 19.45 -21.86
CA ARG I 428 -45.24 19.77 -23.27
C ARG I 428 -44.61 18.70 -24.21
N LEU I 429 -43.46 18.14 -23.82
CA LEU I 429 -42.95 16.90 -24.44
C LEU I 429 -43.99 15.76 -24.28
N ALA I 430 -44.37 15.44 -23.05
CA ALA I 430 -45.40 14.42 -22.88
C ALA I 430 -46.60 14.68 -23.79
N GLU I 431 -47.24 15.84 -23.67
CA GLU I 431 -48.41 16.16 -24.50
C GLU I 431 -48.11 16.00 -26.02
N ALA I 432 -46.93 16.44 -26.46
CA ALA I 432 -46.55 16.35 -27.86
C ALA I 432 -46.50 14.91 -28.37
N GLU I 433 -45.87 14.02 -27.58
CA GLU I 433 -45.77 12.60 -27.96
C GLU I 433 -47.12 11.93 -28.08
N MET I 434 -47.98 12.17 -27.09
CA MET I 434 -49.31 11.61 -27.06
C MET I 434 -50.15 12.09 -28.23
N LEU I 435 -50.07 13.38 -28.51
CA LEU I 435 -50.95 14.02 -29.50
C LEU I 435 -50.53 13.58 -30.93
N LEU I 436 -49.23 13.59 -31.18
CA LEU I 436 -48.74 13.26 -32.49
C LEU I 436 -48.96 11.79 -32.85
N LEU I 437 -48.69 10.86 -31.92
CA LEU I 437 -49.06 9.47 -32.16
C LEU I 437 -50.53 9.36 -32.44
N LEU I 438 -51.36 9.86 -31.53
CA LEU I 438 -52.81 9.77 -31.70
C LEU I 438 -53.29 10.38 -33.00
N HIS I 439 -52.82 11.57 -33.33
CA HIS I 439 -53.18 12.20 -34.59
C HIS I 439 -52.98 11.27 -35.77
N HIS I 440 -51.81 10.66 -35.88
CA HIS I 440 -51.50 9.81 -37.03
C HIS I 440 -52.26 8.50 -37.07
N VAL I 441 -52.50 7.88 -35.93
CA VAL I 441 -53.34 6.69 -35.86
C VAL I 441 -54.72 7.04 -36.37
N LEU I 442 -55.26 8.14 -35.90
CA LEU I 442 -56.63 8.54 -36.25
C LEU I 442 -56.80 8.82 -37.75
N LYS I 443 -55.75 9.34 -38.40
CA LYS I 443 -55.75 9.54 -39.86
C LYS I 443 -55.87 8.23 -40.67
N HIS I 444 -55.31 7.15 -40.15
CA HIS I 444 -55.20 5.90 -40.92
C HIS I 444 -56.05 4.74 -40.47
N PHE I 445 -56.44 4.66 -39.19
CA PHE I 445 -57.17 3.47 -38.68
C PHE I 445 -58.43 3.77 -37.89
N LEU I 446 -59.37 2.83 -37.91
CA LEU I 446 -60.41 2.73 -36.90
C LEU I 446 -59.82 1.90 -35.77
N VAL I 447 -60.00 2.35 -34.53
CA VAL I 447 -59.58 1.55 -33.39
C VAL I 447 -60.80 0.95 -32.73
N GLU I 448 -60.82 -0.37 -32.52
CA GLU I 448 -62.03 -1.09 -32.04
C GLU I 448 -61.66 -2.19 -31.02
N THR I 449 -62.58 -2.52 -30.12
CA THR I 449 -62.42 -3.68 -29.20
C THR I 449 -63.77 -4.23 -28.84
N LEU I 450 -63.81 -5.52 -28.55
CA LEU I 450 -64.96 -6.09 -27.87
C LEU I 450 -64.80 -5.93 -26.34
N THR I 451 -63.58 -5.76 -25.83
CA THR I 451 -63.32 -5.60 -24.40
C THR I 451 -63.91 -4.29 -23.83
N GLN I 452 -65.21 -4.27 -23.57
CA GLN I 452 -65.90 -3.03 -23.25
C GLN I 452 -65.95 -2.68 -21.73
N GLU I 453 -65.51 -3.60 -20.88
CA GLU I 453 -65.56 -3.40 -19.42
C GLU I 453 -64.34 -2.62 -18.96
N ASP I 454 -64.44 -1.98 -17.81
CA ASP I 454 -63.44 -1.01 -17.37
C ASP I 454 -62.16 -1.69 -16.95
N ILE I 455 -61.04 -1.03 -17.19
CA ILE I 455 -59.75 -1.54 -16.75
C ILE I 455 -59.55 -1.07 -15.33
N LYS I 456 -59.03 -1.95 -14.49
CA LYS I 456 -58.80 -1.62 -13.09
C LYS I 456 -57.42 -1.04 -12.98
N MET I 457 -57.30 0.07 -12.27
CA MET I 457 -56.04 0.77 -12.12
C MET I 457 -55.34 0.26 -10.87
N VAL I 458 -54.01 0.27 -10.93
CA VAL I 458 -53.15 -0.35 -9.93
C VAL I 458 -52.12 0.68 -9.49
N TYR I 459 -52.02 0.94 -8.19
CA TYR I 459 -51.06 1.94 -7.71
C TYR I 459 -49.70 1.29 -7.53
N SER I 460 -48.69 1.88 -8.18
CA SER I 460 -47.30 1.45 -8.06
C SER I 460 -46.36 2.67 -8.30
N PHE I 461 -46.50 3.66 -7.42
CA PHE I 461 -45.89 5.00 -7.52
C PHE I 461 -46.53 5.85 -8.61
N ILE I 462 -46.42 5.38 -9.85
CA ILE I 462 -47.30 5.84 -10.92
C ILE I 462 -48.55 5.01 -10.81
N LEU I 463 -49.68 5.55 -11.24
CA LEU I 463 -50.90 4.77 -11.34
C LEU I 463 -50.98 4.22 -12.77
N ARG I 464 -51.12 2.90 -12.89
CA ARG I 464 -51.15 2.23 -14.19
C ARG I 464 -52.31 1.22 -14.28
N PRO I 465 -52.68 0.84 -15.50
CA PRO I 465 -53.72 -0.16 -15.67
C PRO I 465 -53.23 -1.57 -15.39
N GLY I 466 -54.12 -2.41 -14.89
CA GLY I 466 -53.79 -3.79 -14.58
C GLY I 466 -53.69 -4.66 -15.82
N THR I 467 -54.58 -4.40 -16.77
CA THR I 467 -54.70 -5.19 -17.99
C THR I 467 -54.55 -4.32 -19.23
N SER I 468 -54.06 -4.93 -20.30
CA SER I 468 -54.04 -4.31 -21.60
C SER I 468 -55.01 -5.03 -22.57
N PRO I 469 -56.01 -4.31 -23.09
CA PRO I 469 -57.03 -4.92 -23.92
C PRO I 469 -56.58 -5.14 -25.36
N LEU I 470 -57.25 -6.08 -26.03
CA LEU I 470 -56.97 -6.45 -27.39
C LEU I 470 -57.61 -5.45 -28.34
N LEU I 471 -56.81 -4.54 -28.88
CA LEU I 471 -57.31 -3.51 -29.79
C LEU I 471 -57.08 -3.91 -31.25
N THR I 472 -58.07 -3.63 -32.07
CA THR I 472 -57.96 -3.78 -33.49
C THR I 472 -57.73 -2.40 -34.14
N PHE I 473 -56.70 -2.33 -34.99
CA PHE I 473 -56.47 -1.20 -35.87
C PHE I 473 -56.82 -1.61 -37.29
N ARG I 474 -57.84 -0.97 -37.85
CA ARG I 474 -58.40 -1.26 -39.17
C ARG I 474 -58.17 -0.07 -40.12
N ALA I 475 -57.38 -0.31 -41.18
CA ALA I 475 -57.11 0.66 -42.25
C ALA I 475 -58.39 1.24 -42.85
N ILE I 476 -58.47 2.57 -42.95
CA ILE I 476 -59.71 3.22 -43.38
C ILE I 476 -59.99 3.08 -44.88
N THR J 8 -52.11 15.90 48.56
CA THR J 8 -51.47 14.73 49.25
C THR J 8 -50.94 13.72 48.21
N VAL J 9 -51.82 13.30 47.29
CA VAL J 9 -51.49 12.31 46.22
C VAL J 9 -51.10 13.03 44.92
N LEU J 10 -50.54 12.29 43.95
CA LEU J 10 -50.22 12.83 42.61
C LEU J 10 -50.78 11.92 41.51
N PRO J 11 -51.20 12.51 40.37
CA PRO J 11 -51.86 11.74 39.29
C PRO J 11 -50.94 10.82 38.47
N PHE J 12 -51.56 9.89 37.74
CA PHE J 12 -50.85 8.89 36.95
C PHE J 12 -49.92 9.50 35.88
N GLU J 13 -50.31 10.65 35.35
CA GLU J 13 -49.57 11.26 34.24
C GLU J 13 -48.22 11.84 34.73
N ALA J 14 -48.12 12.14 36.02
CA ALA J 14 -46.91 12.76 36.60
C ALA J 14 -45.70 11.82 36.71
N MET J 15 -45.94 10.53 36.50
CA MET J 15 -44.91 9.49 36.68
C MET J 15 -43.86 9.56 35.59
N PRO J 16 -42.56 9.48 35.96
CA PRO J 16 -41.51 9.40 34.94
C PRO J 16 -41.82 8.30 33.90
N GLN J 17 -41.36 8.48 32.66
CA GLN J 17 -41.63 7.52 31.58
C GLN J 17 -40.35 6.85 31.06
N HIS J 18 -40.47 5.57 30.71
CA HIS J 18 -39.41 4.84 30.02
C HIS J 18 -39.25 5.47 28.67
N PRO J 19 -38.06 6.01 28.36
CA PRO J 19 -37.92 6.83 27.15
C PRO J 19 -37.79 6.00 25.85
N GLY J 20 -38.72 5.06 25.64
CA GLY J 20 -38.63 4.12 24.52
C GLY J 20 -39.96 3.77 23.87
N ASN J 21 -39.92 3.54 22.56
CA ASN J 21 -41.12 3.27 21.77
C ASN J 21 -41.44 1.78 21.71
N ARG J 22 -42.71 1.43 21.96
CA ARG J 22 -43.16 0.02 21.98
C ARG J 22 -43.06 -0.68 20.63
N TRP J 23 -43.10 0.10 19.54
CA TRP J 23 -42.95 -0.43 18.18
C TRP J 23 -41.49 -0.68 17.87
N LEU J 24 -40.61 0.22 18.34
CA LEU J 24 -39.17 0.07 18.15
C LEU J 24 -38.50 -0.75 19.27
N ARG J 25 -39.31 -1.39 20.10
CA ARG J 25 -38.82 -2.46 20.98
C ARG J 25 -39.19 -3.80 20.34
N LEU J 26 -40.48 -3.98 20.06
CA LEU J 26 -40.99 -5.24 19.52
C LEU J 26 -40.39 -5.65 18.16
N LEU J 27 -39.82 -4.70 17.43
CA LEU J 27 -39.11 -5.00 16.18
C LEU J 27 -37.62 -5.23 16.43
N GLN J 28 -37.09 -4.63 17.51
CA GLN J 28 -35.76 -4.99 17.98
C GLN J 28 -35.71 -6.47 18.44
N ILE J 29 -36.90 -7.08 18.58
CA ILE J 29 -37.04 -8.51 18.89
C ILE J 29 -37.13 -9.38 17.62
N TRP J 30 -37.64 -8.82 16.51
CA TRP J 30 -37.69 -9.56 15.22
C TRP J 30 -36.32 -9.82 14.71
N ARG J 31 -35.49 -8.78 14.72
CA ARG J 31 -34.16 -8.85 14.12
C ARG J 31 -33.20 -9.64 14.99
N GLU J 32 -33.18 -9.31 16.28
CA GLU J 32 -32.22 -9.90 17.23
C GLU J 32 -32.60 -11.35 17.62
N GLN J 33 -33.86 -11.70 17.35
CA GLN J 33 -34.42 -13.06 17.58
C GLN J 33 -34.55 -13.46 19.06
N GLY J 34 -34.60 -12.45 19.92
CA GLY J 34 -34.70 -12.64 21.34
C GLY J 34 -34.68 -11.29 22.03
N TYR J 35 -34.21 -11.27 23.27
CA TYR J 35 -34.19 -10.03 24.08
C TYR J 35 -33.33 -10.27 25.33
N GLU J 36 -32.07 -10.68 25.12
CA GLU J 36 -31.19 -11.17 26.20
C GLU J 36 -30.77 -10.12 27.22
N HIS J 37 -31.30 -8.91 27.11
CA HIS J 37 -30.76 -7.75 27.81
C HIS J 37 -31.73 -7.13 28.80
N LEU J 38 -32.96 -7.63 28.85
CA LEU J 38 -34.07 -6.93 29.54
C LEU J 38 -33.72 -6.51 30.96
N HIS J 39 -33.14 -7.42 31.72
CA HIS J 39 -32.79 -7.15 33.13
C HIS J 39 -31.88 -5.95 33.31
N LEU J 40 -30.79 -5.88 32.55
CA LEU J 40 -29.84 -4.77 32.70
C LEU J 40 -30.44 -3.45 32.16
N GLU J 41 -31.27 -3.54 31.14
CA GLU J 41 -31.95 -2.39 30.58
C GLU J 41 -32.94 -1.82 31.60
N MET J 42 -33.75 -2.68 32.22
CA MET J 42 -34.70 -2.21 33.23
C MET J 42 -33.95 -1.69 34.46
N HIS J 43 -32.83 -2.34 34.82
CA HIS J 43 -31.95 -1.84 35.91
C HIS J 43 -31.45 -0.46 35.60
N GLN J 44 -31.10 -0.22 34.33
CA GLN J 44 -30.68 1.11 33.88
C GLN J 44 -31.80 2.14 34.12
N THR J 45 -32.96 1.88 33.53
CA THR J 45 -34.09 2.77 33.63
C THR J 45 -34.51 3.13 35.05
N PHE J 46 -34.29 2.23 36.02
CA PHE J 46 -34.55 2.55 37.44
C PHE J 46 -33.53 3.51 38.08
N GLN J 47 -32.35 3.62 37.45
CA GLN J 47 -31.30 4.52 37.92
C GLN J 47 -31.39 5.88 37.21
N GLU J 48 -31.88 5.89 35.97
CA GLU J 48 -32.18 7.12 35.26
C GLU J 48 -33.35 7.87 35.91
N LEU J 49 -34.37 7.12 36.37
CA LEU J 49 -35.68 7.70 36.76
C LEU J 49 -36.18 7.38 38.19
N GLY J 50 -35.33 6.72 39.00
CA GLY J 50 -35.71 6.35 40.37
C GLY J 50 -36.67 5.15 40.49
N PRO J 51 -37.06 4.79 41.73
CA PRO J 51 -37.76 3.54 42.10
C PRO J 51 -39.16 3.28 41.52
N ILE J 52 -39.60 4.05 40.52
CA ILE J 52 -40.88 3.77 39.83
C ILE J 52 -40.97 4.55 38.51
N PHE J 53 -41.51 3.90 37.49
CA PHE J 53 -41.76 4.55 36.20
C PHE J 53 -42.85 3.85 35.41
N ARG J 54 -43.46 4.60 34.49
CA ARG J 54 -44.50 4.07 33.60
C ARG J 54 -43.96 3.85 32.20
N TYR J 55 -44.57 2.91 31.49
CA TYR J 55 -44.14 2.53 30.15
C TYR J 55 -45.29 2.73 29.17
N ASN J 56 -44.95 3.04 27.92
CA ASN J 56 -45.95 3.45 26.94
C ASN J 56 -46.44 2.30 26.03
N LEU J 57 -47.09 1.31 26.63
CA LEU J 57 -47.69 0.18 25.86
C LEU J 57 -48.85 0.65 24.95
N GLY J 58 -49.39 1.84 25.24
CA GLY J 58 -50.28 2.55 24.30
C GLY J 58 -51.76 2.22 24.33
N GLY J 59 -52.19 1.40 25.31
CA GLY J 59 -53.61 1.01 25.43
C GLY J 59 -53.95 0.63 26.87
N PRO J 60 -53.60 -0.61 27.27
CA PRO J 60 -53.54 -0.89 28.71
C PRO J 60 -52.29 -0.22 29.31
N ARG J 61 -52.47 0.59 30.34
CA ARG J 61 -51.35 1.28 31.00
C ARG J 61 -50.52 0.28 31.83
N MET J 62 -49.20 0.50 31.93
CA MET J 62 -48.31 -0.36 32.75
C MET J 62 -47.27 0.43 33.57
N VAL J 63 -47.02 -0.03 34.79
CA VAL J 63 -46.08 0.63 35.70
C VAL J 63 -45.00 -0.37 36.21
N CYS J 64 -43.82 0.15 36.54
CA CYS J 64 -42.73 -0.68 37.02
C CYS J 64 -42.19 -0.22 38.37
N VAL J 65 -41.98 -1.18 39.27
CA VAL J 65 -41.50 -0.90 40.62
C VAL J 65 -40.41 -1.89 41.03
N MET J 66 -39.57 -1.47 41.98
CA MET J 66 -38.40 -2.26 42.38
C MET J 66 -38.19 -2.26 43.91
N LEU J 67 -39.28 -2.07 44.66
CA LEU J 67 -39.23 -1.91 46.12
C LEU J 67 -40.23 -2.81 46.87
N PRO J 68 -39.86 -3.27 48.09
CA PRO J 68 -40.72 -4.16 48.85
C PRO J 68 -42.06 -3.58 49.24
N GLU J 69 -42.07 -2.34 49.75
CA GLU J 69 -43.33 -1.65 50.10
C GLU J 69 -44.33 -1.67 48.95
N ASP J 70 -43.81 -1.48 47.73
CA ASP J 70 -44.63 -1.57 46.54
C ASP J 70 -45.24 -2.98 46.39
N VAL J 71 -44.49 -3.99 46.81
CA VAL J 71 -44.98 -5.39 46.77
C VAL J 71 -46.07 -5.60 47.82
N GLU J 72 -45.85 -5.07 49.03
CA GLU J 72 -46.84 -5.20 50.11
C GLU J 72 -48.18 -4.62 49.70
N LYS J 73 -48.12 -3.41 49.15
CA LYS J 73 -49.34 -2.69 48.75
C LYS J 73 -50.06 -3.43 47.64
N LEU J 74 -49.30 -4.14 46.82
CA LEU J 74 -49.90 -4.92 45.73
C LEU J 74 -50.51 -6.25 46.23
N GLN J 75 -50.05 -6.76 47.37
CA GLN J 75 -50.75 -7.93 47.94
C GLN J 75 -52.05 -7.51 48.63
N GLN J 76 -52.04 -6.36 49.28
CA GLN J 76 -53.22 -5.83 49.96
C GLN J 76 -54.41 -5.74 49.00
N VAL J 77 -54.12 -5.42 47.74
CA VAL J 77 -55.17 -5.36 46.72
C VAL J 77 -55.23 -6.60 45.79
N ASP J 78 -54.67 -7.73 46.19
CA ASP J 78 -54.92 -9.00 45.49
C ASP J 78 -56.37 -9.37 45.75
N SER J 79 -57.14 -9.56 44.68
CA SER J 79 -58.54 -9.89 44.86
C SER J 79 -58.68 -11.36 45.26
N LEU J 80 -59.91 -11.84 45.34
CA LEU J 80 -60.16 -13.27 45.38
C LEU J 80 -59.61 -13.93 44.11
N HIS J 81 -59.37 -13.12 43.07
CA HIS J 81 -58.78 -13.56 41.82
C HIS J 81 -57.68 -12.62 41.39
N PRO J 82 -56.47 -12.79 41.95
CA PRO J 82 -55.39 -11.97 41.40
C PRO J 82 -55.15 -12.39 39.95
N CYS J 83 -54.68 -11.44 39.16
CA CYS J 83 -54.68 -11.58 37.72
C CYS J 83 -53.32 -11.21 37.15
N ARG J 84 -52.78 -12.04 36.26
CA ARG J 84 -51.66 -11.60 35.42
C ARG J 84 -52.09 -11.66 33.98
N MET J 85 -51.28 -11.10 33.09
CA MET J 85 -51.62 -11.07 31.69
C MET J 85 -51.60 -12.47 31.08
N ILE J 86 -52.58 -12.75 30.23
CA ILE J 86 -52.54 -13.95 29.43
C ILE J 86 -51.18 -13.97 28.75
N LEU J 87 -50.39 -15.02 28.96
CA LEU J 87 -49.20 -15.24 28.16
C LEU J 87 -49.68 -15.93 26.89
N GLU J 88 -49.86 -15.13 25.82
CA GLU J 88 -50.63 -15.58 24.65
C GLU J 88 -50.01 -16.77 23.91
N PRO J 89 -48.69 -16.74 23.67
CA PRO J 89 -48.06 -17.88 22.98
C PRO J 89 -48.43 -19.23 23.59
N TRP J 90 -48.24 -19.33 24.91
CA TRP J 90 -48.50 -20.56 25.68
C TRP J 90 -49.94 -20.96 25.58
N VAL J 91 -50.83 -19.98 25.79
CA VAL J 91 -52.28 -20.18 25.71
C VAL J 91 -52.71 -20.55 24.28
N ALA J 92 -52.11 -19.87 23.32
CA ALA J 92 -52.32 -20.17 21.91
C ALA J 92 -52.06 -21.65 21.60
N TYR J 93 -51.08 -22.26 22.27
CA TYR J 93 -50.77 -23.68 22.03
C TYR J 93 -51.82 -24.59 22.63
N ARG J 94 -52.38 -24.18 23.76
CA ARG J 94 -53.40 -25.00 24.45
C ARG J 94 -54.67 -25.10 23.60
N GLN J 95 -55.22 -23.94 23.24
CA GLN J 95 -56.46 -23.88 22.48
C GLN J 95 -56.32 -24.57 21.11
N HIS J 96 -55.11 -24.57 20.56
CA HIS J 96 -54.86 -25.18 19.27
C HIS J 96 -54.84 -26.69 19.28
N ARG J 97 -54.35 -27.30 20.37
CA ARG J 97 -54.43 -28.77 20.49
C ARG J 97 -55.62 -29.21 21.35
N GLY J 98 -56.54 -28.27 21.64
CA GLY J 98 -57.71 -28.57 22.47
C GLY J 98 -57.37 -29.12 23.86
N HIS J 99 -56.51 -28.40 24.58
CA HIS J 99 -56.13 -28.75 25.95
C HIS J 99 -56.58 -27.68 26.88
N LYS J 100 -56.78 -28.08 28.13
CA LYS J 100 -57.12 -27.15 29.22
C LYS J 100 -55.88 -26.37 29.58
N CYS J 101 -56.06 -25.23 30.22
CA CYS J 101 -54.98 -24.44 30.79
C CYS J 101 -54.85 -24.76 32.29
N GLY J 102 -53.62 -25.03 32.74
CA GLY J 102 -53.31 -25.19 34.17
C GLY J 102 -53.20 -23.84 34.88
N VAL J 103 -52.76 -23.84 36.15
CA VAL J 103 -52.93 -22.66 37.02
C VAL J 103 -52.11 -21.45 36.62
N PHE J 104 -50.97 -21.68 36.00
CA PHE J 104 -50.13 -20.54 35.57
C PHE J 104 -50.81 -19.72 34.48
N LEU J 105 -51.65 -20.36 33.69
CA LEU J 105 -52.30 -19.70 32.56
C LEU J 105 -53.76 -19.36 32.75
N LEU J 106 -54.31 -19.57 33.95
CA LEU J 106 -55.74 -19.26 34.19
C LEU J 106 -55.91 -17.97 35.00
N ASN J 107 -57.14 -17.41 34.96
CA ASN J 107 -57.58 -16.31 35.85
C ASN J 107 -59.02 -16.49 36.34
N GLY J 108 -59.40 -15.74 37.38
CA GLY J 108 -60.78 -15.78 37.85
C GLY J 108 -61.21 -17.09 38.50
N PRO J 109 -62.53 -17.31 38.59
CA PRO J 109 -63.10 -18.51 39.18
C PRO J 109 -62.36 -19.79 38.83
N GLU J 110 -62.09 -20.01 37.55
CA GLU J 110 -61.49 -21.26 37.10
C GLU J 110 -60.09 -21.46 37.68
N TRP J 111 -59.34 -20.36 37.84
CA TRP J 111 -58.07 -20.44 38.53
C TRP J 111 -58.24 -20.92 39.94
N ARG J 112 -58.95 -20.15 40.77
CA ARG J 112 -59.15 -20.50 42.19
C ARG J 112 -59.54 -21.94 42.35
N PHE J 113 -60.52 -22.36 41.56
CA PHE J 113 -61.04 -23.71 41.68
C PHE J 113 -59.92 -24.71 41.46
N ASN J 114 -59.01 -24.40 40.53
CA ASN J 114 -57.82 -25.23 40.29
C ASN J 114 -56.79 -25.17 41.44
N ARG J 115 -56.35 -23.96 41.79
CA ARG J 115 -55.29 -23.79 42.76
C ARG J 115 -55.56 -24.46 44.11
N LEU J 116 -56.78 -24.32 44.61
CA LEU J 116 -57.12 -24.88 45.92
C LEU J 116 -57.23 -26.41 45.88
N ARG J 117 -57.44 -26.96 44.68
CA ARG J 117 -57.42 -28.42 44.46
C ARG J 117 -56.00 -28.95 44.14
N LEU J 118 -54.99 -28.07 44.27
CA LEU J 118 -53.57 -28.39 44.07
C LEU J 118 -52.71 -28.05 45.31
N ASN J 119 -52.93 -26.88 45.92
CA ASN J 119 -52.22 -26.46 47.15
C ASN J 119 -51.92 -27.59 48.15
N PRO J 120 -52.97 -28.33 48.59
CA PRO J 120 -52.80 -29.48 49.50
C PRO J 120 -51.79 -30.55 49.03
N ASP J 121 -51.73 -30.83 47.74
CA ASP J 121 -50.85 -31.90 47.24
C ASP J 121 -49.55 -31.48 46.56
N VAL J 122 -49.29 -30.18 46.43
CA VAL J 122 -48.02 -29.70 45.85
C VAL J 122 -47.22 -28.75 46.79
N LEU J 123 -47.91 -28.03 47.67
CA LEU J 123 -47.29 -26.94 48.46
C LEU J 123 -47.40 -27.08 50.01
N SER J 124 -48.45 -27.75 50.51
CA SER J 124 -48.68 -27.83 51.96
C SER J 124 -47.64 -28.73 52.64
N PRO J 125 -47.15 -28.31 53.82
CA PRO J 125 -46.17 -29.07 54.63
C PRO J 125 -46.45 -30.55 54.73
N LYS J 126 -47.72 -30.94 54.59
CA LYS J 126 -48.15 -32.32 54.69
C LYS J 126 -47.82 -33.03 53.40
N ALA J 127 -47.84 -32.28 52.30
CA ALA J 127 -47.33 -32.76 51.02
C ALA J 127 -45.81 -32.96 51.11
N VAL J 128 -45.10 -31.92 51.55
CA VAL J 128 -43.64 -31.96 51.70
C VAL J 128 -43.16 -33.15 52.54
N GLN J 129 -43.71 -33.31 53.73
CA GLN J 129 -43.34 -34.45 54.57
C GLN J 129 -43.34 -35.74 53.77
N ARG J 130 -44.35 -35.94 52.93
CA ARG J 130 -44.48 -37.19 52.20
C ARG J 130 -43.56 -37.32 50.96
N PHE J 131 -43.20 -36.21 50.31
CA PHE J 131 -42.36 -36.30 49.08
C PHE J 131 -40.88 -35.98 49.29
N LEU J 132 -40.57 -35.34 50.39
CA LEU J 132 -39.21 -34.93 50.67
C LEU J 132 -38.23 -36.11 50.81
N PRO J 133 -38.66 -37.23 51.42
CA PRO J 133 -37.74 -38.38 51.56
C PRO J 133 -37.36 -38.98 50.23
N MET J 134 -38.26 -38.83 49.26
CA MET J 134 -38.02 -39.31 47.89
C MET J 134 -36.94 -38.43 47.26
N VAL J 135 -37.16 -37.13 47.29
CA VAL J 135 -36.18 -36.18 46.83
C VAL J 135 -34.79 -36.45 47.46
N ASP J 136 -34.76 -36.59 48.78
CA ASP J 136 -33.53 -36.88 49.50
C ASP J 136 -32.78 -38.15 48.97
N ALA J 137 -33.52 -39.15 48.56
CA ALA J 137 -32.95 -40.35 47.94
C ALA J 137 -32.17 -40.01 46.66
N VAL J 138 -32.75 -39.14 45.83
CA VAL J 138 -32.14 -38.79 44.55
C VAL J 138 -30.95 -37.88 44.79
N ALA J 139 -31.02 -37.03 45.82
CA ALA J 139 -29.87 -36.21 46.21
C ALA J 139 -28.72 -37.08 46.72
N ARG J 140 -29.03 -38.15 47.44
CA ARG J 140 -28.00 -39.04 48.00
C ARG J 140 -27.29 -39.73 46.88
N ASP J 141 -28.08 -40.31 45.97
CA ASP J 141 -27.55 -40.92 44.77
C ASP J 141 -26.61 -40.03 43.96
N PHE J 142 -26.93 -38.73 43.86
CA PHE J 142 -26.07 -37.77 43.18
C PHE J 142 -24.68 -37.76 43.80
N SER J 143 -24.63 -37.50 45.11
CA SER J 143 -23.39 -37.41 45.84
C SER J 143 -22.57 -38.69 45.74
N GLN J 144 -23.22 -39.84 45.86
CA GLN J 144 -22.51 -41.11 45.83
C GLN J 144 -21.96 -41.42 44.44
N ALA J 145 -22.75 -41.16 43.41
CA ALA J 145 -22.31 -41.25 42.02
C ALA J 145 -21.04 -40.44 41.88
N LEU J 146 -21.11 -39.19 42.29
CA LEU J 146 -20.03 -38.24 42.12
C LEU J 146 -18.80 -38.70 42.89
N LYS J 147 -19.00 -39.20 44.11
CA LYS J 147 -17.91 -39.72 44.97
C LYS J 147 -17.11 -40.89 44.37
N LYS J 148 -17.80 -41.79 43.69
CA LYS J 148 -17.19 -42.95 43.05
C LYS J 148 -16.25 -42.49 41.94
N LYS J 149 -16.71 -41.55 41.12
CA LYS J 149 -15.87 -40.92 40.10
C LYS J 149 -14.64 -40.29 40.75
N VAL J 150 -14.88 -39.49 41.78
CA VAL J 150 -13.82 -38.74 42.42
C VAL J 150 -12.72 -39.64 42.95
N LEU J 151 -13.07 -40.75 43.62
CA LEU J 151 -12.05 -41.63 44.22
C LEU J 151 -11.26 -42.51 43.22
N GLN J 152 -11.73 -42.57 41.97
CA GLN J 152 -10.96 -43.20 40.91
C GLN J 152 -9.77 -42.34 40.48
N ASN J 153 -9.80 -41.04 40.79
CA ASN J 153 -8.71 -40.10 40.38
C ASN J 153 -7.69 -39.83 41.46
N ALA J 154 -6.41 -39.81 41.08
CA ALA J 154 -5.30 -39.80 42.05
C ALA J 154 -5.35 -38.63 43.01
N ARG J 155 -5.88 -37.49 42.58
CA ARG J 155 -5.95 -36.31 43.45
C ARG J 155 -7.23 -36.25 44.29
N GLY J 156 -8.07 -37.29 44.19
CA GLY J 156 -9.30 -37.37 44.96
C GLY J 156 -10.20 -36.18 44.71
N SER J 157 -10.31 -35.81 43.43
CA SER J 157 -11.12 -34.69 42.99
C SER J 157 -11.67 -34.98 41.59
N LEU J 158 -12.82 -34.36 41.23
CA LEU J 158 -13.28 -34.35 39.82
C LEU J 158 -13.67 -32.92 39.43
N THR J 159 -13.13 -32.47 38.31
CA THR J 159 -13.35 -31.14 37.86
C THR J 159 -14.17 -31.20 36.60
N LEU J 160 -15.34 -30.56 36.61
CA LEU J 160 -16.25 -30.65 35.49
C LEU J 160 -17.16 -29.43 35.36
N ASP J 161 -17.93 -29.43 34.29
CA ASP J 161 -19.06 -28.54 34.10
C ASP J 161 -20.23 -29.34 34.65
N VAL J 162 -20.77 -28.92 35.80
CA VAL J 162 -21.85 -29.67 36.46
C VAL J 162 -23.21 -29.45 35.84
N GLN J 163 -23.32 -28.53 34.89
CA GLN J 163 -24.64 -28.20 34.39
C GLN J 163 -25.42 -29.43 33.91
N PRO J 164 -24.86 -30.22 33.01
CA PRO J 164 -25.69 -31.36 32.54
C PRO J 164 -26.18 -32.28 33.68
N SER J 165 -25.30 -32.64 34.61
CA SER J 165 -25.67 -33.55 35.68
C SER J 165 -26.72 -32.91 36.61
N ILE J 166 -26.48 -31.66 37.02
CA ILE J 166 -27.46 -30.92 37.85
C ILE J 166 -28.81 -30.84 37.18
N PHE J 167 -28.83 -30.70 35.87
CA PHE J 167 -30.13 -30.62 35.17
C PHE J 167 -30.82 -31.96 35.24
N HIS J 168 -30.03 -33.02 35.16
CA HIS J 168 -30.60 -34.36 35.18
C HIS J 168 -31.03 -34.76 36.56
N TYR J 169 -30.37 -34.23 37.58
CA TYR J 169 -30.89 -34.32 38.94
C TYR J 169 -32.30 -33.71 39.07
N THR J 170 -32.47 -32.46 38.66
CA THR J 170 -33.79 -31.81 38.81
C THR J 170 -34.89 -32.52 38.00
N ILE J 171 -34.52 -33.22 36.92
CA ILE J 171 -35.51 -34.03 36.16
C ILE J 171 -35.91 -35.30 36.92
N GLU J 172 -34.92 -35.94 37.53
CA GLU J 172 -35.12 -37.13 38.37
C GLU J 172 -35.88 -36.81 39.66
N ALA J 173 -35.31 -35.96 40.52
CA ALA J 173 -36.00 -35.51 41.74
C ALA J 173 -37.46 -35.14 41.45
N SER J 174 -37.67 -34.26 40.47
CA SER J 174 -39.03 -33.87 40.11
C SER J 174 -39.90 -35.05 39.70
N ASN J 175 -39.41 -35.89 38.81
CA ASN J 175 -40.20 -37.00 38.27
C ASN J 175 -40.60 -38.01 39.35
N LEU J 176 -39.72 -38.21 40.32
CA LEU J 176 -40.02 -39.06 41.46
C LEU J 176 -41.10 -38.38 42.34
N ALA J 177 -40.89 -37.16 42.79
CA ALA J 177 -41.89 -36.46 43.59
C ALA J 177 -43.26 -36.42 42.91
N LEU J 178 -43.28 -36.23 41.60
CA LEU J 178 -44.53 -36.06 40.88
C LEU J 178 -45.19 -37.37 40.50
N PHE J 179 -44.43 -38.32 39.95
CA PHE J 179 -45.04 -39.54 39.43
C PHE J 179 -44.64 -40.79 40.15
N GLY J 180 -43.75 -40.65 41.14
CA GLY J 180 -43.27 -41.80 41.88
C GLY J 180 -42.42 -42.75 41.07
N GLU J 181 -41.92 -42.29 39.94
CA GLU J 181 -41.03 -43.10 39.12
C GLU J 181 -39.62 -42.62 39.26
N ARG J 182 -38.70 -43.57 39.15
CA ARG J 182 -37.28 -43.29 39.13
C ARG J 182 -36.78 -43.51 37.70
N LEU J 183 -36.23 -42.45 37.07
CA LEU J 183 -35.87 -42.50 35.63
C LEU J 183 -34.46 -43.08 35.34
N GLY J 184 -33.57 -43.04 36.33
CA GLY J 184 -32.21 -43.57 36.18
C GLY J 184 -31.24 -42.61 35.52
N LEU J 185 -31.47 -41.32 35.70
CA LEU J 185 -30.65 -40.29 35.09
C LEU J 185 -29.46 -39.92 35.97
N VAL J 186 -29.65 -39.88 37.30
CA VAL J 186 -28.54 -39.63 38.21
C VAL J 186 -27.52 -40.76 38.26
N GLY J 187 -26.25 -40.41 38.09
CA GLY J 187 -25.15 -41.41 38.03
C GLY J 187 -25.05 -42.20 36.73
N HIS J 188 -25.69 -41.70 35.69
CA HIS J 188 -25.69 -42.37 34.39
C HIS J 188 -25.73 -41.32 33.34
N SER J 189 -25.36 -41.68 32.12
CA SER J 189 -25.41 -40.74 31.00
C SER J 189 -26.87 -40.37 30.71
N PRO J 190 -27.11 -39.14 30.21
CA PRO J 190 -28.46 -38.73 29.81
C PRO J 190 -29.12 -39.71 28.86
N SER J 191 -30.44 -39.81 28.90
CA SER J 191 -31.20 -40.52 27.88
C SER J 191 -31.45 -39.54 26.75
N SER J 192 -31.83 -40.04 25.57
CA SER J 192 -32.12 -39.13 24.46
C SER J 192 -33.44 -38.40 24.74
N ALA J 193 -34.36 -39.08 25.42
CA ALA J 193 -35.64 -38.45 25.80
C ALA J 193 -35.40 -37.19 26.63
N SER J 194 -34.46 -37.26 27.58
CA SER J 194 -34.16 -36.14 28.47
C SER J 194 -33.45 -35.01 27.75
N LEU J 195 -32.42 -35.36 26.99
CA LEU J 195 -31.69 -34.39 26.15
C LEU J 195 -32.63 -33.63 25.20
N ASN J 196 -33.57 -34.34 24.60
CA ASN J 196 -34.59 -33.70 23.78
C ASN J 196 -35.48 -32.74 24.56
N PHE J 197 -35.88 -33.20 25.75
CA PHE J 197 -36.75 -32.46 26.62
C PHE J 197 -36.08 -31.16 27.05
N LEU J 198 -34.84 -31.23 27.49
CA LEU J 198 -34.13 -30.01 27.91
C LEU J 198 -34.00 -29.06 26.72
N HIS J 199 -33.81 -29.64 25.53
CA HIS J 199 -33.66 -28.83 24.34
C HIS J 199 -34.97 -28.19 23.95
N ALA J 200 -36.04 -28.96 23.93
CA ALA J 200 -37.37 -28.38 23.66
C ALA J 200 -37.69 -27.26 24.67
N LEU J 201 -37.40 -27.47 25.95
CA LEU J 201 -37.61 -26.39 26.93
C LEU J 201 -36.84 -25.16 26.54
N GLU J 202 -35.60 -25.33 26.15
CA GLU J 202 -34.75 -24.19 25.82
C GLU J 202 -35.34 -23.40 24.67
N VAL J 203 -35.80 -24.12 23.65
CA VAL J 203 -36.37 -23.49 22.46
C VAL J 203 -37.68 -22.83 22.81
N MET J 204 -38.46 -23.52 23.64
CA MET J 204 -39.78 -23.05 24.03
C MET J 204 -39.64 -21.71 24.70
N PHE J 205 -38.65 -21.60 25.60
CA PHE J 205 -38.37 -20.35 26.32
C PHE J 205 -37.89 -19.25 25.38
N LYS J 206 -36.91 -19.57 24.55
CA LYS J 206 -36.35 -18.61 23.58
C LYS J 206 -37.46 -18.02 22.73
N SER J 207 -38.21 -18.91 22.08
CA SER J 207 -39.28 -18.50 21.21
C SER J 207 -40.46 -17.87 21.95
N THR J 208 -40.54 -18.07 23.26
CA THR J 208 -41.54 -17.37 24.05
C THR J 208 -41.27 -15.88 24.06
N VAL J 209 -40.00 -15.49 24.07
CA VAL J 209 -39.68 -14.07 24.13
C VAL J 209 -40.02 -13.42 22.80
N GLN J 210 -39.67 -14.10 21.71
CA GLN J 210 -39.85 -13.58 20.37
C GLN J 210 -41.33 -13.26 20.14
N LEU J 211 -42.19 -14.22 20.46
CA LEU J 211 -43.63 -14.09 20.28
C LEU J 211 -44.29 -13.20 21.34
N MET J 212 -43.55 -12.81 22.36
CA MET J 212 -44.15 -12.25 23.57
C MET J 212 -44.67 -10.85 23.35
N PHE J 213 -43.79 -9.96 22.92
CA PHE J 213 -44.11 -8.53 22.85
C PHE J 213 -44.81 -8.10 21.56
N MET J 214 -45.71 -8.95 21.05
CA MET J 214 -46.56 -8.58 19.91
C MET J 214 -47.78 -9.49 19.84
N PRO J 215 -48.97 -8.91 19.61
CA PRO J 215 -50.21 -9.71 19.63
C PRO J 215 -50.24 -10.78 18.55
N ARG J 216 -51.08 -11.79 18.76
CA ARG J 216 -51.21 -12.89 17.81
C ARG J 216 -51.62 -12.35 16.44
N SER J 217 -52.61 -11.46 16.43
CA SER J 217 -53.08 -10.79 15.20
C SER J 217 -51.92 -10.36 14.29
N LEU J 218 -50.89 -9.77 14.91
CA LEU J 218 -49.73 -9.22 14.19
C LEU J 218 -48.61 -10.25 14.00
N SER J 219 -48.29 -11.00 15.04
CA SER J 219 -47.14 -11.93 15.00
C SER J 219 -47.37 -13.13 14.08
N ARG J 220 -48.63 -13.39 13.75
CA ARG J 220 -49.01 -14.60 13.00
C ARG J 220 -48.37 -14.67 11.61
N TRP J 221 -48.01 -13.52 11.03
CA TRP J 221 -47.41 -13.49 9.67
C TRP J 221 -46.06 -12.82 9.55
N ILE J 222 -45.70 -11.93 10.48
CA ILE J 222 -44.32 -11.39 10.54
C ILE J 222 -43.31 -12.45 11.02
N SER J 223 -43.76 -13.40 11.84
CA SER J 223 -42.88 -14.47 12.32
C SER J 223 -43.58 -15.83 12.30
N PRO J 224 -44.06 -16.25 11.12
CA PRO J 224 -44.71 -17.57 11.06
C PRO J 224 -43.73 -18.71 11.36
N LYS J 225 -42.43 -18.44 11.23
CA LYS J 225 -41.40 -19.40 11.63
C LYS J 225 -41.37 -19.56 13.15
N VAL J 226 -41.22 -18.44 13.85
CA VAL J 226 -41.10 -18.47 15.29
C VAL J 226 -42.25 -19.24 15.93
N TRP J 227 -43.48 -19.02 15.47
CA TRP J 227 -44.63 -19.81 15.94
C TRP J 227 -44.46 -21.30 15.80
N LYS J 228 -44.29 -21.78 14.58
CA LYS J 228 -44.21 -23.22 14.34
C LYS J 228 -43.09 -23.86 15.16
N GLU J 229 -42.02 -23.10 15.36
CA GLU J 229 -40.89 -23.51 16.18
C GLU J 229 -41.29 -23.60 17.66
N HIS J 230 -42.11 -22.66 18.10
CA HIS J 230 -42.65 -22.61 19.46
C HIS J 230 -43.61 -23.74 19.68
N PHE J 231 -44.43 -24.02 18.68
CA PHE J 231 -45.39 -25.11 18.77
C PHE J 231 -44.71 -26.46 18.66
N GLU J 232 -43.61 -26.55 17.92
CA GLU J 232 -42.90 -27.84 17.78
C GLU J 232 -42.14 -28.12 19.08
N ALA J 233 -41.57 -27.07 19.69
CA ALA J 233 -40.98 -27.20 21.02
C ALA J 233 -42.05 -27.75 22.02
N TRP J 234 -43.22 -27.11 22.02
CA TRP J 234 -44.32 -27.55 22.88
C TRP J 234 -44.77 -28.96 22.64
N ASP J 235 -44.72 -29.44 21.41
CA ASP J 235 -45.06 -30.86 21.12
C ASP J 235 -44.05 -31.84 21.68
N CYS J 236 -42.80 -31.40 21.82
CA CYS J 236 -41.79 -32.26 22.37
C CYS J 236 -42.05 -32.33 23.88
N ILE J 237 -42.27 -31.18 24.49
CA ILE J 237 -42.64 -31.09 25.90
C ILE J 237 -43.89 -31.89 26.24
N PHE J 238 -44.95 -31.73 25.44
CA PHE J 238 -46.24 -32.39 25.76
C PHE J 238 -46.21 -33.88 25.64
N GLN J 239 -45.60 -34.40 24.58
CA GLN J 239 -45.41 -35.82 24.46
C GLN J 239 -44.59 -36.35 25.64
N TYR J 240 -43.64 -35.57 26.11
CA TYR J 240 -42.81 -36.07 27.18
C TYR J 240 -43.65 -36.19 28.47
N GLY J 241 -44.34 -35.12 28.84
CA GLY J 241 -45.13 -35.11 30.06
C GLY J 241 -46.38 -35.94 29.94
N ASP J 242 -46.83 -36.20 28.73
CA ASP J 242 -48.02 -37.02 28.50
C ASP J 242 -47.64 -38.49 28.48
N ASN J 243 -46.37 -38.77 28.25
CA ASN J 243 -45.85 -40.11 28.44
C ASN J 243 -45.92 -40.45 29.94
N CYS J 244 -45.40 -39.56 30.79
CA CYS J 244 -45.47 -39.75 32.23
C CYS J 244 -46.95 -39.98 32.65
N ILE J 245 -47.83 -39.11 32.18
CA ILE J 245 -49.25 -39.15 32.56
C ILE J 245 -49.86 -40.48 32.19
N GLN J 246 -49.78 -40.84 30.92
CA GLN J 246 -50.37 -42.10 30.45
C GLN J 246 -49.86 -43.31 31.24
N LYS J 247 -48.58 -43.29 31.64
CA LYS J 247 -48.02 -44.37 32.48
C LYS J 247 -48.71 -44.48 33.85
N ILE J 248 -48.85 -43.35 34.55
CA ILE J 248 -49.48 -43.34 35.88
C ILE J 248 -51.01 -43.55 35.82
N TYR J 249 -51.67 -43.00 34.80
CA TYR J 249 -53.11 -43.21 34.64
C TYR J 249 -53.45 -44.69 34.44
N GLN J 250 -52.72 -45.36 33.55
CA GLN J 250 -52.90 -46.79 33.36
C GLN J 250 -52.56 -47.56 34.63
N GLU J 251 -51.60 -47.07 35.42
CA GLU J 251 -51.19 -47.74 36.65
C GLU J 251 -52.31 -47.65 37.71
N LEU J 252 -52.81 -46.44 37.96
CA LEU J 252 -53.85 -46.21 38.97
C LEU J 252 -55.21 -46.80 38.62
N ALA J 253 -55.45 -47.02 37.34
CA ALA J 253 -56.66 -47.69 36.89
C ALA J 253 -56.73 -49.16 37.36
N PHE J 254 -55.58 -49.82 37.52
CA PHE J 254 -55.59 -51.24 37.90
C PHE J 254 -55.24 -51.50 39.36
N ASN J 255 -54.64 -50.52 40.01
CA ASN J 255 -54.34 -50.62 41.43
C ASN J 255 -54.30 -49.23 42.03
N ARG J 256 -55.15 -48.98 43.03
CA ARG J 256 -55.17 -47.72 43.75
C ARG J 256 -54.40 -47.92 45.05
N PRO J 257 -53.12 -47.50 45.09
CA PRO J 257 -52.16 -47.98 46.10
C PRO J 257 -52.43 -47.50 47.53
N GLN J 258 -51.90 -48.25 48.49
CA GLN J 258 -52.10 -47.97 49.92
C GLN J 258 -51.25 -46.81 50.40
N HIS J 259 -50.05 -46.70 49.84
CA HIS J 259 -49.06 -45.73 50.31
C HIS J 259 -48.87 -44.59 49.34
N TYR J 260 -48.01 -43.64 49.71
CA TYR J 260 -47.65 -42.50 48.86
C TYR J 260 -46.79 -42.91 47.64
N THR J 261 -47.22 -42.49 46.45
CA THR J 261 -46.48 -42.64 45.20
C THR J 261 -46.52 -41.33 44.36
N GLY J 262 -46.41 -40.20 45.04
CA GLY J 262 -46.22 -38.88 44.40
C GLY J 262 -47.40 -37.92 44.20
N ILE J 263 -47.06 -36.64 44.03
CA ILE J 263 -48.04 -35.55 43.89
C ILE J 263 -49.18 -35.93 42.94
N VAL J 264 -48.87 -36.16 41.67
CA VAL J 264 -49.88 -36.48 40.64
C VAL J 264 -50.71 -37.76 40.96
N ALA J 265 -50.14 -38.69 41.71
CA ALA J 265 -50.92 -39.83 42.20
C ALA J 265 -52.12 -39.36 43.06
N GLU J 266 -51.87 -38.42 43.98
CA GLU J 266 -52.93 -37.92 44.87
C GLU J 266 -54.05 -37.28 44.07
N LEU J 267 -53.67 -36.43 43.13
CA LEU J 267 -54.60 -35.64 42.31
C LEU J 267 -55.56 -36.52 41.48
N LEU J 268 -55.15 -37.72 41.13
CA LEU J 268 -55.97 -38.61 40.33
C LEU J 268 -56.91 -39.45 41.20
N LEU J 269 -56.42 -39.82 42.39
CA LEU J 269 -57.20 -40.67 43.32
C LEU J 269 -58.34 -39.85 43.92
N LYS J 270 -58.08 -38.57 44.17
CA LYS J 270 -59.11 -37.64 44.61
C LYS J 270 -60.15 -37.36 43.51
N ALA J 271 -59.67 -37.16 42.29
CA ALA J 271 -60.54 -36.91 41.12
C ALA J 271 -61.43 -35.68 41.33
N GLU J 272 -60.94 -34.70 42.07
CA GLU J 272 -61.69 -33.47 42.26
C GLU J 272 -61.72 -32.77 40.91
N LEU J 273 -60.53 -32.44 40.41
CA LEU J 273 -60.34 -31.88 39.06
C LEU J 273 -60.58 -32.95 37.98
N SER J 274 -61.02 -32.51 36.80
CA SER J 274 -61.26 -33.44 35.70
C SER J 274 -59.95 -34.01 35.18
N LEU J 275 -60.05 -35.11 34.42
CA LEU J 275 -58.89 -35.77 33.85
C LEU J 275 -58.02 -34.75 33.09
N GLU J 276 -58.67 -33.96 32.23
CA GLU J 276 -58.00 -32.92 31.42
C GLU J 276 -57.45 -31.75 32.23
N ALA J 277 -58.04 -31.48 33.39
CA ALA J 277 -57.55 -30.43 34.28
C ALA J 277 -56.29 -30.90 35.03
N ILE J 278 -56.22 -32.21 35.29
CA ILE J 278 -55.06 -32.81 35.95
C ILE J 278 -53.89 -32.82 34.94
N LYS J 279 -54.16 -33.36 33.74
CA LYS J 279 -53.21 -33.32 32.61
C LYS J 279 -52.62 -31.92 32.42
N ALA J 280 -53.49 -30.93 32.26
CA ALA J 280 -53.02 -29.54 32.09
C ALA J 280 -52.09 -29.10 33.22
N ASN J 281 -52.46 -29.39 34.47
CA ASN J 281 -51.66 -28.96 35.64
C ASN J 281 -50.41 -29.82 35.82
N SER J 282 -50.54 -31.11 35.57
CA SER J 282 -49.38 -31.99 35.61
C SER J 282 -48.30 -31.48 34.66
N MET J 283 -48.67 -31.15 33.43
CA MET J 283 -47.73 -30.59 32.46
C MET J 283 -47.12 -29.29 32.95
N GLU J 284 -47.93 -28.42 33.54
CA GLU J 284 -47.36 -27.22 34.11
C GLU J 284 -46.27 -27.56 35.15
N LEU J 285 -46.51 -28.59 35.95
CA LEU J 285 -45.54 -29.02 36.98
C LEU J 285 -44.32 -29.70 36.35
N THR J 286 -44.55 -30.60 35.41
CA THR J 286 -43.45 -31.31 34.74
C THR J 286 -42.46 -30.39 34.00
N ALA J 287 -42.99 -29.45 33.23
CA ALA J 287 -42.19 -28.51 32.46
C ALA J 287 -41.52 -27.47 33.32
N GLY J 288 -42.22 -27.04 34.37
CA GLY J 288 -41.76 -25.93 35.18
C GLY J 288 -40.74 -26.30 36.24
N SER J 289 -40.54 -27.59 36.44
CA SER J 289 -39.70 -28.07 37.52
C SER J 289 -38.27 -28.36 37.13
N VAL J 290 -37.92 -28.17 35.86
CA VAL J 290 -36.54 -28.46 35.41
C VAL J 290 -35.62 -27.24 35.53
N ASP J 291 -35.73 -26.28 34.61
CA ASP J 291 -34.75 -25.16 34.53
C ASP J 291 -34.86 -24.16 35.68
N THR J 292 -36.06 -23.93 36.16
CA THR J 292 -36.26 -23.00 37.29
C THR J 292 -35.48 -23.44 38.55
N THR J 293 -35.47 -24.73 38.84
CA THR J 293 -34.70 -25.25 39.98
C THR J 293 -33.20 -25.39 39.66
N ALA J 294 -32.88 -25.88 38.46
CA ALA J 294 -31.47 -26.17 38.11
C ALA J 294 -30.56 -24.94 38.19
N PHE J 295 -31.04 -23.83 37.67
CA PHE J 295 -30.17 -22.66 37.54
C PHE J 295 -29.75 -22.05 38.86
N PRO J 296 -30.68 -21.76 39.75
CA PRO J 296 -30.27 -21.27 41.07
C PRO J 296 -29.38 -22.27 41.85
N LEU J 297 -29.60 -23.57 41.64
CA LEU J 297 -28.66 -24.59 42.14
C LEU J 297 -27.26 -24.38 41.61
N LEU J 298 -27.13 -24.33 40.29
CA LEU J 298 -25.81 -24.09 39.69
C LEU J 298 -25.17 -22.81 40.23
N MET J 299 -25.95 -21.73 40.33
CA MET J 299 -25.41 -20.44 40.82
C MET J 299 -25.01 -20.50 42.28
N THR J 300 -25.76 -21.25 43.08
CA THR J 300 -25.36 -21.43 44.46
C THR J 300 -24.04 -22.17 44.52
N LEU J 301 -23.89 -23.19 43.69
CA LEU J 301 -22.64 -23.98 43.74
C LEU J 301 -21.48 -23.11 43.34
N PHE J 302 -21.70 -22.36 42.26
CA PHE J 302 -20.77 -21.33 41.84
C PHE J 302 -20.41 -20.37 42.98
N GLU J 303 -21.41 -19.82 43.64
CA GLU J 303 -21.15 -18.83 44.69
C GLU J 303 -20.46 -19.42 45.89
N LEU J 304 -20.83 -20.64 46.27
CA LEU J 304 -20.10 -21.37 47.31
C LEU J 304 -18.61 -21.53 46.99
N ALA J 305 -18.28 -21.77 45.72
CA ALA J 305 -16.89 -21.94 45.29
C ALA J 305 -16.09 -20.64 45.31
N ARG J 306 -16.74 -19.49 45.10
CA ARG J 306 -16.04 -18.19 45.22
C ARG J 306 -16.08 -17.68 46.65
N ASN J 307 -16.98 -18.21 47.47
CA ASN J 307 -17.07 -17.80 48.87
C ASN J 307 -16.77 -18.97 49.81
N PRO J 308 -15.53 -19.48 49.78
CA PRO J 308 -15.13 -20.64 50.60
C PRO J 308 -15.45 -20.48 52.07
N ASP J 309 -15.22 -19.30 52.62
CA ASP J 309 -15.51 -18.98 54.03
C ASP J 309 -16.91 -19.41 54.42
N VAL J 310 -17.85 -18.90 53.64
CA VAL J 310 -19.26 -19.18 53.81
C VAL J 310 -19.54 -20.67 53.66
N GLN J 311 -18.86 -21.28 52.68
CA GLN J 311 -18.99 -22.70 52.41
C GLN J 311 -18.60 -23.52 53.65
N GLN J 312 -17.53 -23.12 54.32
CA GLN J 312 -17.11 -23.84 55.51
C GLN J 312 -18.18 -23.74 56.61
N ILE J 313 -18.68 -22.52 56.85
CA ILE J 313 -19.75 -22.35 57.84
C ILE J 313 -20.90 -23.27 57.46
N LEU J 314 -21.32 -23.23 56.21
CA LEU J 314 -22.42 -24.09 55.76
C LEU J 314 -22.11 -25.57 55.90
N ARG J 315 -20.83 -25.92 55.84
CA ARG J 315 -20.42 -27.30 56.00
C ARG J 315 -20.53 -27.73 57.45
N GLN J 316 -20.06 -26.89 58.37
CA GLN J 316 -20.23 -27.23 59.78
C GLN J 316 -21.71 -27.47 60.08
N GLU J 317 -22.58 -26.65 59.50
CA GLU J 317 -24.01 -26.82 59.71
C GLU J 317 -24.48 -28.18 59.19
N SER J 318 -24.03 -28.54 57.97
CA SER J 318 -24.50 -29.78 57.32
C SER J 318 -23.93 -31.03 57.95
N LEU J 319 -22.68 -30.96 58.41
CA LEU J 319 -22.09 -32.08 59.18
C LEU J 319 -22.83 -32.25 60.52
N ALA J 320 -23.06 -31.14 61.21
CA ALA J 320 -23.73 -31.17 62.50
C ALA J 320 -25.05 -31.95 62.44
N ALA J 321 -25.80 -31.78 61.35
CA ALA J 321 -27.13 -32.33 61.28
C ALA J 321 -27.18 -33.65 60.56
N ALA J 322 -26.03 -34.09 60.01
CA ALA J 322 -26.01 -35.25 59.08
C ALA J 322 -26.75 -36.45 59.67
N ALA J 323 -26.55 -36.73 60.96
CA ALA J 323 -27.16 -37.91 61.62
C ALA J 323 -28.71 -37.81 61.65
N SER J 324 -29.23 -36.68 62.10
CA SER J 324 -30.69 -36.56 62.17
C SER J 324 -31.37 -36.63 60.77
N ILE J 325 -30.79 -35.91 59.80
CA ILE J 325 -31.33 -35.90 58.43
C ILE J 325 -31.23 -37.27 57.81
N SER J 326 -30.23 -38.04 58.21
CA SER J 326 -30.09 -39.39 57.75
C SER J 326 -31.30 -40.22 58.25
N GLU J 327 -31.70 -40.02 59.50
CA GLU J 327 -32.84 -40.75 60.07
C GLU J 327 -34.17 -40.22 59.58
N HIS J 328 -34.30 -38.91 59.58
CA HIS J 328 -35.53 -38.26 59.14
C HIS J 328 -35.19 -37.11 58.20
N PRO J 329 -35.14 -37.39 56.88
CA PRO J 329 -34.83 -36.36 55.89
C PRO J 329 -35.70 -35.13 56.09
N GLN J 330 -36.96 -35.36 56.46
CA GLN J 330 -37.94 -34.29 56.65
C GLN J 330 -37.43 -33.19 57.58
N LYS J 331 -36.39 -33.49 58.37
CA LYS J 331 -35.84 -32.53 59.32
C LYS J 331 -34.87 -31.55 58.66
N ALA J 332 -34.62 -31.71 57.36
CA ALA J 332 -33.62 -30.87 56.68
C ALA J 332 -34.07 -29.41 56.63
N THR J 333 -35.37 -29.17 56.40
CA THR J 333 -35.83 -27.79 56.29
C THR J 333 -35.58 -27.02 57.58
N THR J 334 -35.80 -27.64 58.74
CA THR J 334 -35.61 -26.93 60.01
C THR J 334 -34.20 -27.03 60.52
N GLU J 335 -33.47 -28.10 60.17
CA GLU J 335 -32.06 -28.30 60.62
C GLU J 335 -30.98 -27.50 59.84
N LEU J 336 -31.32 -26.95 58.66
CA LEU J 336 -30.30 -26.26 57.83
C LEU J 336 -30.68 -24.80 57.47
N PRO J 337 -30.95 -23.97 58.48
CA PRO J 337 -31.38 -22.59 58.23
C PRO J 337 -30.37 -21.70 57.49
N LEU J 338 -29.07 -21.97 57.63
CA LEU J 338 -28.08 -21.13 56.99
C LEU J 338 -27.99 -21.41 55.48
N LEU J 339 -28.23 -22.66 55.10
CA LEU J 339 -28.22 -23.08 53.70
C LEU J 339 -29.52 -22.65 53.05
N ARG J 340 -30.62 -22.78 53.79
CA ARG J 340 -31.91 -22.18 53.43
C ARG J 340 -31.72 -20.69 53.14
N ALA J 341 -30.91 -20.04 53.98
CA ALA J 341 -30.54 -18.63 53.80
C ALA J 341 -29.73 -18.39 52.52
N ALA J 342 -28.83 -19.32 52.22
CA ALA J 342 -27.93 -19.18 51.08
C ALA J 342 -28.76 -19.19 49.80
N LEU J 343 -29.75 -20.06 49.78
CA LEU J 343 -30.69 -20.12 48.68
C LEU J 343 -31.43 -18.80 48.51
N LYS J 344 -31.78 -18.14 49.61
CA LYS J 344 -32.38 -16.79 49.53
C LYS J 344 -31.41 -15.79 48.90
N GLU J 345 -30.14 -15.95 49.24
CA GLU J 345 -29.11 -15.06 48.77
C GLU J 345 -28.86 -15.28 47.27
N THR J 346 -28.85 -16.54 46.85
CA THR J 346 -28.73 -16.85 45.44
C THR J 346 -29.84 -16.14 44.66
N LEU J 347 -31.09 -16.44 45.01
CA LEU J 347 -32.23 -15.86 44.32
C LEU J 347 -32.32 -14.32 44.35
N ARG J 348 -31.73 -13.70 45.38
CA ARG J 348 -31.67 -12.24 45.46
C ARG J 348 -30.87 -11.71 44.29
N LEU J 349 -29.70 -12.32 44.07
CA LEU J 349 -28.77 -11.90 43.04
C LEU J 349 -29.12 -12.46 41.66
N TYR J 350 -29.74 -13.64 41.63
CA TYR J 350 -30.07 -14.30 40.37
C TYR J 350 -31.53 -14.73 40.36
N PRO J 351 -32.46 -13.77 40.21
CA PRO J 351 -33.87 -14.12 40.14
C PRO J 351 -34.18 -14.95 38.91
N VAL J 352 -34.58 -16.19 39.12
CA VAL J 352 -35.00 -17.07 38.03
C VAL J 352 -36.23 -16.49 37.32
N GLY J 353 -37.18 -16.01 38.12
CA GLY J 353 -38.29 -15.22 37.64
C GLY J 353 -37.90 -13.76 37.73
N LEU J 354 -37.70 -13.13 36.59
CA LEU J 354 -37.20 -11.76 36.53
C LEU J 354 -38.17 -10.73 37.10
N PHE J 355 -39.46 -10.87 36.82
CA PHE J 355 -40.42 -9.93 37.38
C PHE J 355 -41.76 -10.55 37.78
N LEU J 356 -42.29 -10.03 38.88
CA LEU J 356 -43.63 -10.36 39.34
C LEU J 356 -44.58 -9.44 38.58
N GLU J 357 -45.79 -9.92 38.37
CA GLU J 357 -46.73 -9.24 37.51
C GLU J 357 -48.13 -9.36 38.08
N ARG J 358 -48.86 -8.24 38.16
CA ARG J 358 -50.29 -8.25 38.46
C ARG J 358 -51.07 -7.28 37.55
N VAL J 359 -52.29 -7.66 37.16
CA VAL J 359 -53.26 -6.71 36.61
C VAL J 359 -54.26 -6.37 37.72
N VAL J 360 -53.90 -5.36 38.51
CA VAL J 360 -54.70 -4.90 39.65
C VAL J 360 -56.13 -4.56 39.25
N SER J 361 -57.10 -5.18 39.92
CA SER J 361 -58.52 -4.91 39.66
C SER J 361 -59.06 -3.72 40.48
N SER J 362 -58.18 -2.99 41.17
CA SER J 362 -58.58 -1.83 41.95
C SER J 362 -57.58 -0.69 41.86
N ASP J 363 -58.07 0.52 42.12
CA ASP J 363 -57.23 1.72 42.21
C ASP J 363 -56.24 1.59 43.37
N LEU J 364 -55.02 2.07 43.18
CA LEU J 364 -53.94 1.87 44.14
C LEU J 364 -53.00 3.08 44.16
N VAL J 365 -52.12 3.13 45.14
CA VAL J 365 -51.11 4.20 45.24
C VAL J 365 -49.77 3.63 45.66
N LEU J 366 -48.75 3.88 44.83
CA LEU J 366 -47.41 3.37 45.02
C LEU J 366 -46.43 4.53 44.81
N GLN J 367 -45.59 4.79 45.82
CA GLN J 367 -44.62 5.91 45.79
C GLN J 367 -45.29 7.29 45.62
N ASN J 368 -46.51 7.41 46.12
CA ASN J 368 -47.29 8.65 46.02
C ASN J 368 -47.74 8.95 44.58
N TYR J 369 -47.85 7.92 43.74
CA TYR J 369 -48.46 8.05 42.40
C TYR J 369 -49.75 7.25 42.35
N HIS J 370 -50.61 7.59 41.39
CA HIS J 370 -51.96 7.02 41.30
C HIS J 370 -52.03 5.89 40.29
N ILE J 371 -52.47 4.71 40.73
CA ILE J 371 -52.53 3.51 39.88
C ILE J 371 -53.99 3.07 39.68
N PRO J 372 -54.56 3.36 38.49
CA PRO J 372 -55.92 2.97 38.09
C PRO J 372 -56.21 1.46 38.12
N ALA J 373 -57.41 1.09 37.67
CA ALA J 373 -57.84 -0.30 37.57
C ALA J 373 -57.42 -0.85 36.22
N GLY J 374 -56.97 -2.11 36.21
CA GLY J 374 -56.50 -2.74 35.00
C GLY J 374 -55.17 -2.19 34.53
N THR J 375 -54.46 -1.47 35.40
CA THR J 375 -53.06 -1.12 35.15
C THR J 375 -52.18 -2.38 35.30
N LEU J 376 -51.19 -2.52 34.42
CA LEU J 376 -50.22 -3.60 34.55
C LEU J 376 -49.08 -3.14 35.45
N VAL J 377 -49.00 -3.75 36.63
CA VAL J 377 -47.93 -3.45 37.57
C VAL J 377 -46.95 -4.63 37.60
N GLN J 378 -45.69 -4.31 37.24
CA GLN J 378 -44.62 -5.29 37.10
C GLN J 378 -43.51 -4.97 38.07
N VAL J 379 -43.24 -5.89 39.01
CA VAL J 379 -42.15 -5.72 39.99
C VAL J 379 -40.90 -6.41 39.48
N PHE J 380 -39.80 -5.67 39.42
CA PHE J 380 -38.56 -6.19 38.87
C PHE J 380 -37.59 -6.57 39.96
N LEU J 381 -37.39 -7.88 40.08
CA LEU J 381 -36.67 -8.49 41.18
C LEU J 381 -35.16 -8.30 41.10
N TYR J 382 -34.62 -8.19 39.90
CA TYR J 382 -33.16 -8.04 39.74
C TYR J 382 -32.71 -6.78 40.46
N SER J 383 -33.39 -5.68 40.17
CA SER J 383 -33.08 -4.37 40.77
C SER J 383 -33.42 -4.35 42.25
N LEU J 384 -34.51 -5.04 42.61
CA LEU J 384 -34.97 -5.10 43.99
C LEU J 384 -33.90 -5.70 44.86
N GLY J 385 -33.35 -6.83 44.41
CA GLY J 385 -32.30 -7.52 45.13
C GLY J 385 -31.01 -6.73 45.28
N ARG J 386 -30.70 -5.87 44.32
CA ARG J 386 -29.44 -5.13 44.29
C ARG J 386 -29.53 -3.73 44.88
N ASN J 387 -30.73 -3.35 45.34
CA ASN J 387 -30.96 -2.09 46.02
C ASN J 387 -30.10 -1.95 47.29
N ALA J 388 -28.97 -1.23 47.16
CA ALA J 388 -28.00 -1.11 48.28
C ALA J 388 -28.59 -0.54 49.58
N ALA J 389 -29.66 0.24 49.46
CA ALA J 389 -30.34 0.81 50.63
C ALA J 389 -30.82 -0.31 51.56
N LEU J 390 -31.68 -1.17 51.03
CA LEU J 390 -32.34 -2.22 51.81
C LEU J 390 -31.53 -3.51 51.92
N PHE J 391 -30.43 -3.60 51.13
CA PHE J 391 -29.49 -4.73 51.21
C PHE J 391 -28.06 -4.21 51.24
N PRO J 392 -27.54 -3.88 52.44
CA PRO J 392 -26.17 -3.36 52.49
C PRO J 392 -25.19 -4.30 51.79
N ARG J 393 -24.18 -3.73 51.13
CA ARG J 393 -23.19 -4.51 50.41
C ARG J 393 -23.88 -5.56 49.54
N PRO J 394 -24.65 -5.08 48.56
CA PRO J 394 -25.57 -5.92 47.79
C PRO J 394 -24.88 -6.81 46.76
N GLU J 395 -23.58 -6.58 46.56
CA GLU J 395 -22.82 -7.41 45.66
C GLU J 395 -22.22 -8.62 46.40
N ARG J 396 -22.10 -8.52 47.72
CA ARG J 396 -21.51 -9.63 48.49
C ARG J 396 -22.53 -10.70 48.75
N TYR J 397 -22.07 -11.94 48.70
CA TYR J 397 -22.90 -13.11 48.91
C TYR J 397 -22.76 -13.45 50.39
N ASN J 398 -23.84 -13.23 51.14
CA ASN J 398 -23.79 -13.25 52.61
C ASN J 398 -25.11 -13.72 53.22
N PRO J 399 -25.33 -15.04 53.25
CA PRO J 399 -26.54 -15.59 53.84
C PRO J 399 -26.89 -15.10 55.25
N GLN J 400 -25.91 -14.64 56.03
CA GLN J 400 -26.18 -14.12 57.39
C GLN J 400 -27.15 -12.92 57.43
N ARG J 401 -27.25 -12.18 56.33
CA ARG J 401 -28.21 -11.06 56.27
C ARG J 401 -29.67 -11.51 56.48
N TRP J 402 -29.98 -12.77 56.21
CA TRP J 402 -31.34 -13.29 56.39
C TRP J 402 -31.67 -13.81 57.76
N LEU J 403 -30.66 -13.90 58.64
CA LEU J 403 -30.87 -14.45 59.99
C LEU J 403 -31.18 -13.38 61.06
N ASP J 404 -31.28 -12.11 60.67
CA ASP J 404 -31.60 -11.02 61.60
C ASP J 404 -32.59 -10.02 61.00
N PHE J 412 -40.53 -8.62 54.18
CA PHE J 412 -41.12 -8.55 52.84
C PHE J 412 -40.09 -8.46 51.69
N HIS J 413 -38.79 -8.56 52.01
CA HIS J 413 -37.71 -8.37 51.01
C HIS J 413 -37.29 -9.64 50.26
N HIS J 414 -37.88 -10.78 50.61
CA HIS J 414 -37.64 -12.03 49.91
C HIS J 414 -38.90 -12.42 49.20
N VAL J 415 -39.00 -12.06 47.93
CA VAL J 415 -40.20 -12.39 47.11
C VAL J 415 -39.92 -13.12 45.78
N PRO J 416 -38.82 -13.90 45.70
CA PRO J 416 -38.45 -14.51 44.42
C PRO J 416 -39.51 -15.45 43.93
N PHE J 417 -40.34 -15.96 44.83
CA PHE J 417 -41.44 -16.82 44.44
C PHE J 417 -42.77 -16.06 44.31
N GLY J 418 -42.73 -14.75 44.45
CA GLY J 418 -43.96 -13.93 44.43
C GLY J 418 -44.67 -13.88 45.78
N PHE J 419 -45.99 -13.72 45.76
CA PHE J 419 -46.74 -13.48 46.99
C PHE J 419 -48.18 -13.91 46.87
N GLY J 420 -48.91 -13.81 47.97
CA GLY J 420 -50.33 -14.05 47.98
C GLY J 420 -50.68 -15.50 47.79
N MET J 421 -51.86 -15.73 47.27
CA MET J 421 -52.33 -17.07 47.00
C MET J 421 -51.90 -17.50 45.59
N ARG J 422 -51.32 -16.57 44.84
CA ARG J 422 -50.71 -16.88 43.56
C ARG J 422 -49.19 -17.11 43.70
N GLN J 423 -48.64 -17.10 44.92
CA GLN J 423 -47.20 -17.35 45.09
C GLN J 423 -46.89 -18.72 44.54
N CYS J 424 -45.64 -18.91 44.08
CA CYS J 424 -45.21 -20.13 43.39
C CYS J 424 -45.82 -21.41 43.92
N LEU J 425 -46.64 -22.07 43.12
CA LEU J 425 -47.21 -23.35 43.53
C LEU J 425 -46.15 -24.39 43.93
N GLY J 426 -44.94 -24.29 43.38
CA GLY J 426 -43.96 -25.39 43.48
C GLY J 426 -42.81 -25.13 44.40
N ARG J 427 -42.97 -24.12 45.26
CA ARG J 427 -41.87 -23.53 46.02
C ARG J 427 -41.18 -24.53 46.91
N ARG J 428 -41.96 -25.39 47.56
CA ARG J 428 -41.42 -26.28 48.61
C ARG J 428 -40.71 -27.46 47.99
N LEU J 429 -41.22 -27.94 46.84
CA LEU J 429 -40.54 -28.95 46.02
C LEU J 429 -39.22 -28.40 45.46
N ALA J 430 -39.26 -27.19 44.90
CA ALA J 430 -38.03 -26.55 44.45
C ALA J 430 -37.04 -26.36 45.59
N GLU J 431 -37.51 -25.83 46.71
CA GLU J 431 -36.62 -25.56 47.84
C GLU J 431 -36.07 -26.86 48.42
N ALA J 432 -36.87 -27.92 48.37
CA ALA J 432 -36.44 -29.23 48.86
C ALA J 432 -35.31 -29.79 47.98
N GLU J 433 -35.53 -29.79 46.65
CA GLU J 433 -34.55 -30.28 45.67
C GLU J 433 -33.20 -29.60 45.79
N MET J 434 -33.22 -28.28 45.96
CA MET J 434 -32.00 -27.50 46.01
C MET J 434 -31.33 -27.77 47.34
N LEU J 435 -32.10 -27.62 48.41
CA LEU J 435 -31.56 -27.75 49.76
C LEU J 435 -30.91 -29.14 49.97
N LEU J 436 -31.56 -30.20 49.50
CA LEU J 436 -31.02 -31.54 49.75
C LEU J 436 -29.75 -31.85 48.99
N LEU J 437 -29.68 -31.41 47.73
CA LEU J 437 -28.50 -31.69 46.93
C LEU J 437 -27.29 -31.09 47.58
N LEU J 438 -27.40 -29.79 47.83
CA LEU J 438 -26.29 -29.05 48.39
C LEU J 438 -25.93 -29.66 49.70
N HIS J 439 -26.94 -30.07 50.47
CA HIS J 439 -26.66 -30.63 51.78
C HIS J 439 -25.73 -31.79 51.67
N HIS J 440 -26.10 -32.73 50.81
CA HIS J 440 -25.26 -33.90 50.60
C HIS J 440 -23.95 -33.58 49.98
N VAL J 441 -23.89 -32.65 49.04
CA VAL J 441 -22.60 -32.28 48.45
C VAL J 441 -21.67 -31.74 49.51
N LEU J 442 -22.14 -30.80 50.33
CA LEU J 442 -21.29 -30.16 51.38
C LEU J 442 -20.80 -31.16 52.44
N LYS J 443 -21.54 -32.24 52.66
CA LYS J 443 -21.09 -33.31 53.57
C LYS J 443 -19.81 -33.94 53.06
N HIS J 444 -19.68 -34.07 51.75
CA HIS J 444 -18.65 -34.91 51.18
C HIS J 444 -17.56 -34.20 50.44
N PHE J 445 -17.77 -32.99 49.98
CA PHE J 445 -16.81 -32.36 49.07
C PHE J 445 -16.49 -30.91 49.42
N LEU J 446 -15.27 -30.50 49.07
CA LEU J 446 -14.96 -29.09 48.94
C LEU J 446 -15.30 -28.67 47.50
N VAL J 447 -15.92 -27.51 47.32
CA VAL J 447 -16.15 -26.99 45.97
C VAL J 447 -15.25 -25.79 45.68
N GLU J 448 -14.54 -25.85 44.55
CA GLU J 448 -13.44 -24.92 44.27
C GLU J 448 -13.45 -24.51 42.81
N THR J 449 -13.07 -23.26 42.52
CA THR J 449 -12.99 -22.75 41.14
C THR J 449 -11.96 -21.67 41.03
N LEU J 450 -11.37 -21.55 39.86
CA LEU J 450 -10.48 -20.42 39.54
C LEU J 450 -11.29 -19.27 38.94
N THR J 451 -12.32 -19.60 38.17
CA THR J 451 -13.26 -18.63 37.60
C THR J 451 -13.93 -17.79 38.69
N GLN J 452 -13.24 -16.76 39.16
CA GLN J 452 -13.77 -15.88 40.19
C GLN J 452 -14.58 -14.69 39.61
N GLU J 453 -14.54 -14.49 38.29
CA GLU J 453 -15.28 -13.41 37.64
C GLU J 453 -16.80 -13.68 37.55
N ASP J 454 -17.59 -12.61 37.60
CA ASP J 454 -19.06 -12.73 37.60
C ASP J 454 -19.51 -13.44 36.37
N ILE J 455 -20.71 -14.01 36.43
CA ILE J 455 -21.35 -14.64 35.28
C ILE J 455 -22.49 -13.73 34.82
N LYS J 456 -22.52 -13.45 33.53
CA LYS J 456 -23.57 -12.61 32.97
C LYS J 456 -24.83 -13.42 32.93
N MET J 457 -25.93 -12.84 33.40
CA MET J 457 -27.22 -13.45 33.20
C MET J 457 -27.74 -13.10 31.81
N VAL J 458 -28.52 -14.00 31.22
CA VAL J 458 -29.11 -13.85 29.91
C VAL J 458 -30.62 -14.03 30.10
N TYR J 459 -31.44 -13.04 29.72
CA TYR J 459 -32.88 -13.17 29.91
C TYR J 459 -33.50 -13.96 28.77
N SER J 460 -34.13 -15.09 29.10
CA SER J 460 -34.82 -15.92 28.11
C SER J 460 -36.11 -16.51 28.71
N PHE J 461 -37.02 -15.59 29.06
CA PHE J 461 -38.22 -15.86 29.86
C PHE J 461 -37.89 -16.21 31.31
N ILE J 462 -37.14 -17.29 31.51
CA ILE J 462 -36.40 -17.46 32.75
C ILE J 462 -35.15 -16.64 32.56
N LEU J 463 -34.54 -16.26 33.66
CA LEU J 463 -33.26 -15.58 33.63
C LEU J 463 -32.21 -16.61 34.04
N ARG J 464 -31.17 -16.74 33.22
CA ARG J 464 -30.23 -17.86 33.31
C ARG J 464 -28.79 -17.40 33.06
N PRO J 465 -27.83 -18.13 33.63
CA PRO J 465 -26.45 -17.79 33.42
C PRO J 465 -26.05 -17.99 31.96
N GLY J 466 -25.10 -17.18 31.49
CA GLY J 466 -24.61 -17.28 30.13
C GLY J 466 -23.51 -18.31 30.00
N THR J 467 -22.83 -18.56 31.11
CA THR J 467 -21.65 -19.42 31.16
C THR J 467 -21.82 -20.49 32.24
N SER J 468 -20.98 -21.51 32.19
CA SER J 468 -20.97 -22.55 33.20
C SER J 468 -19.54 -22.84 33.64
N PRO J 469 -19.20 -22.46 34.87
CA PRO J 469 -17.83 -22.48 35.32
C PRO J 469 -17.29 -23.88 35.62
N LEU J 470 -15.98 -23.99 35.59
CA LEU J 470 -15.32 -25.24 35.85
C LEU J 470 -15.19 -25.38 37.37
N LEU J 471 -15.90 -26.34 37.94
CA LEU J 471 -15.87 -26.55 39.36
C LEU J 471 -15.15 -27.86 39.68
N THR J 472 -14.33 -27.82 40.72
CA THR J 472 -13.73 -29.00 41.30
C THR J 472 -14.47 -29.46 42.56
N PHE J 473 -14.82 -30.75 42.57
CA PHE J 473 -15.39 -31.40 43.73
C PHE J 473 -14.33 -32.30 44.37
N ARG J 474 -13.78 -31.86 45.51
CA ARG J 474 -12.66 -32.51 46.19
C ARG J 474 -13.08 -33.23 47.48
N ALA J 475 -12.92 -34.55 47.50
CA ALA J 475 -13.37 -35.36 48.63
C ALA J 475 -12.67 -34.97 49.94
N ILE J 476 -13.43 -34.88 51.02
CA ILE J 476 -12.91 -34.42 52.31
C ILE J 476 -12.00 -35.43 53.05
N THR K 8 -68.44 -88.55 -7.77
CA THR K 8 -67.62 -88.06 -8.92
C THR K 8 -67.03 -86.66 -8.64
N VAL K 9 -65.82 -86.44 -9.16
CA VAL K 9 -65.00 -85.28 -8.83
C VAL K 9 -65.05 -84.24 -9.94
N LEU K 10 -65.34 -82.98 -9.59
CA LEU K 10 -65.58 -81.91 -10.58
C LEU K 10 -64.26 -81.30 -11.10
N PRO K 11 -64.21 -80.94 -12.40
CA PRO K 11 -62.96 -80.44 -13.00
C PRO K 11 -62.35 -79.20 -12.32
N PHE K 12 -61.08 -78.95 -12.58
CA PHE K 12 -60.34 -77.83 -11.96
C PHE K 12 -60.97 -76.50 -12.30
N GLU K 13 -61.34 -76.36 -13.57
CA GLU K 13 -61.88 -75.10 -14.10
C GLU K 13 -63.29 -74.82 -13.57
N ALA K 14 -63.91 -75.85 -12.97
CA ALA K 14 -65.19 -75.71 -12.31
C ALA K 14 -65.12 -74.79 -11.09
N MET K 15 -64.15 -75.02 -10.20
CA MET K 15 -64.08 -74.23 -8.96
C MET K 15 -63.99 -72.73 -9.26
N PRO K 16 -64.43 -71.90 -8.30
CA PRO K 16 -64.57 -70.47 -8.57
C PRO K 16 -63.23 -69.73 -8.66
N GLN K 17 -63.19 -68.70 -9.50
CA GLN K 17 -61.99 -67.89 -9.71
C GLN K 17 -62.01 -66.67 -8.80
N HIS K 18 -60.86 -66.33 -8.23
CA HIS K 18 -60.65 -65.06 -7.52
C HIS K 18 -60.94 -63.91 -8.46
N PRO K 19 -61.92 -63.04 -8.10
CA PRO K 19 -62.21 -61.92 -8.97
C PRO K 19 -61.23 -60.80 -8.67
N GLY K 20 -60.25 -60.66 -9.56
CA GLY K 20 -59.08 -59.79 -9.34
C GLY K 20 -57.92 -60.32 -10.17
N ASN K 21 -57.28 -59.43 -10.94
CA ASN K 21 -56.36 -59.85 -12.01
C ASN K 21 -54.87 -59.89 -11.57
N ARG K 22 -54.10 -60.77 -12.20
CA ARG K 22 -52.69 -61.05 -11.80
C ARG K 22 -51.75 -59.85 -11.98
N TRP K 23 -52.02 -59.00 -12.97
CA TRP K 23 -51.20 -57.81 -13.27
C TRP K 23 -51.61 -56.59 -12.48
N LEU K 24 -52.90 -56.48 -12.16
CA LEU K 24 -53.41 -55.39 -11.31
C LEU K 24 -52.81 -55.46 -9.90
N ARG K 25 -52.43 -56.68 -9.49
CA ARG K 25 -51.71 -56.91 -8.24
C ARG K 25 -50.29 -56.31 -8.31
N LEU K 26 -49.47 -56.69 -9.30
CA LEU K 26 -48.12 -56.09 -9.48
C LEU K 26 -48.15 -54.59 -9.29
N LEU K 27 -49.03 -53.96 -10.04
CA LEU K 27 -49.14 -52.52 -10.10
C LEU K 27 -49.60 -51.98 -8.75
N GLN K 28 -50.52 -52.69 -8.10
CA GLN K 28 -50.91 -52.36 -6.73
C GLN K 28 -49.66 -52.32 -5.79
N ILE K 29 -48.78 -53.33 -5.92
CA ILE K 29 -47.58 -53.47 -5.05
C ILE K 29 -46.46 -52.45 -5.38
N TRP K 30 -46.30 -52.11 -6.67
CA TRP K 30 -45.39 -51.00 -7.09
C TRP K 30 -45.81 -49.70 -6.47
N ARG K 31 -47.13 -49.51 -6.37
CA ARG K 31 -47.72 -48.24 -5.97
C ARG K 31 -47.62 -48.00 -4.45
N GLU K 32 -48.22 -48.90 -3.68
CA GLU K 32 -48.28 -48.76 -2.22
C GLU K 32 -47.00 -49.28 -1.51
N GLN K 33 -46.11 -49.92 -2.27
CA GLN K 33 -44.84 -50.50 -1.74
C GLN K 33 -45.07 -51.58 -0.68
N GLY K 34 -45.95 -52.53 -0.97
CA GLY K 34 -46.20 -53.65 -0.08
C GLY K 34 -47.67 -53.99 0.06
N TYR K 35 -47.95 -55.28 0.21
CA TYR K 35 -49.30 -55.83 0.29
C TYR K 35 -49.68 -56.00 1.78
N GLU K 36 -49.84 -54.86 2.48
CA GLU K 36 -50.16 -54.81 3.94
C GLU K 36 -51.48 -55.47 4.35
N HIS K 37 -52.38 -55.61 3.39
CA HIS K 37 -53.74 -56.07 3.64
C HIS K 37 -54.01 -57.38 2.93
N LEU K 38 -52.97 -58.07 2.44
CA LEU K 38 -53.13 -59.38 1.78
C LEU K 38 -54.02 -60.33 2.58
N HIS K 39 -53.74 -60.45 3.88
CA HIS K 39 -54.50 -61.31 4.77
C HIS K 39 -55.96 -60.91 4.80
N LEU K 40 -56.23 -59.61 5.00
CA LEU K 40 -57.60 -59.10 5.13
C LEU K 40 -58.42 -59.30 3.84
N GLU K 41 -57.76 -59.11 2.69
CA GLU K 41 -58.40 -59.24 1.38
C GLU K 41 -58.61 -60.69 0.93
N MET K 42 -57.70 -61.60 1.28
CA MET K 42 -57.87 -63.03 1.01
C MET K 42 -59.00 -63.58 1.86
N HIS K 43 -59.06 -63.10 3.09
CA HIS K 43 -60.17 -63.42 3.97
C HIS K 43 -61.49 -63.06 3.31
N GLN K 44 -61.60 -61.80 2.87
CA GLN K 44 -62.78 -61.32 2.14
C GLN K 44 -63.20 -62.34 1.06
N THR K 45 -62.25 -62.70 0.20
CA THR K 45 -62.53 -63.65 -0.88
C THR K 45 -63.11 -64.99 -0.38
N PHE K 46 -62.56 -65.53 0.70
CA PHE K 46 -63.05 -66.82 1.22
C PHE K 46 -64.51 -66.72 1.63
N GLN K 47 -64.82 -65.70 2.41
CA GLN K 47 -66.19 -65.44 2.88
C GLN K 47 -67.00 -64.74 1.77
N GLU K 48 -66.90 -65.29 0.57
CA GLU K 48 -67.56 -64.69 -0.62
C GLU K 48 -67.57 -65.70 -1.78
N LEU K 49 -66.62 -66.63 -1.79
CA LEU K 49 -66.58 -67.74 -2.75
C LEU K 49 -66.50 -69.11 -2.07
N GLY K 50 -66.54 -69.14 -0.73
CA GLY K 50 -66.37 -70.39 -0.01
C GLY K 50 -64.91 -70.74 0.20
N PRO K 51 -64.64 -71.90 0.84
CA PRO K 51 -63.31 -72.28 1.32
C PRO K 51 -62.39 -72.91 0.25
N ILE K 52 -62.56 -72.49 -1.01
CA ILE K 52 -61.64 -72.88 -2.10
C ILE K 52 -61.88 -72.04 -3.38
N PHE K 53 -60.78 -71.54 -3.94
CA PHE K 53 -60.80 -70.77 -5.20
C PHE K 53 -59.44 -70.82 -5.91
N ARG K 54 -59.46 -70.53 -7.21
CA ARG K 54 -58.24 -70.49 -8.04
C ARG K 54 -57.92 -69.05 -8.44
N TYR K 55 -56.64 -68.77 -8.59
CA TYR K 55 -56.19 -67.42 -8.91
C TYR K 55 -55.58 -67.46 -10.30
N ASN K 56 -56.03 -66.55 -11.17
CA ASN K 56 -55.50 -66.44 -12.53
C ASN K 56 -54.05 -65.96 -12.48
N LEU K 57 -53.13 -66.90 -12.69
CA LEU K 57 -51.72 -66.63 -12.57
C LEU K 57 -51.09 -66.48 -13.95
N GLY K 58 -51.95 -66.47 -14.98
CA GLY K 58 -51.53 -66.32 -16.38
C GLY K 58 -51.41 -67.65 -17.13
N GLY K 59 -51.93 -68.73 -16.54
CA GLY K 59 -51.72 -70.07 -17.04
C GLY K 59 -51.43 -71.07 -15.94
N PRO K 60 -50.30 -70.88 -15.20
CA PRO K 60 -49.95 -71.85 -14.14
C PRO K 60 -50.94 -71.78 -13.00
N ARG K 61 -51.22 -72.92 -12.38
CA ARG K 61 -52.38 -73.06 -11.50
C ARG K 61 -52.02 -72.85 -10.05
N MET K 62 -52.73 -71.94 -9.39
CA MET K 62 -52.65 -71.84 -7.93
C MET K 62 -54.04 -71.84 -7.30
N VAL K 63 -54.18 -72.67 -6.27
CA VAL K 63 -55.41 -72.82 -5.50
C VAL K 63 -55.18 -72.27 -4.08
N CYS K 64 -56.22 -71.73 -3.47
CA CYS K 64 -56.16 -71.29 -2.08
C CYS K 64 -57.24 -72.00 -1.26
N VAL K 65 -56.83 -72.60 -0.14
CA VAL K 65 -57.75 -73.34 0.73
C VAL K 65 -57.68 -72.77 2.14
N MET K 66 -58.51 -73.29 3.05
CA MET K 66 -58.44 -72.92 4.47
C MET K 66 -59.12 -73.92 5.45
N LEU K 67 -59.37 -75.13 4.97
CA LEU K 67 -59.96 -76.13 5.81
C LEU K 67 -58.88 -77.11 6.28
N PRO K 68 -58.94 -77.52 7.56
CA PRO K 68 -58.06 -78.57 8.11
C PRO K 68 -58.04 -79.86 7.27
N GLU K 69 -59.23 -80.33 6.88
CA GLU K 69 -59.37 -81.54 6.04
C GLU K 69 -58.54 -81.43 4.74
N ASP K 70 -58.59 -80.26 4.09
CA ASP K 70 -57.77 -80.00 2.90
C ASP K 70 -56.25 -80.08 3.19
N VAL K 71 -55.83 -79.56 4.34
CA VAL K 71 -54.43 -79.60 4.76
C VAL K 71 -53.92 -81.04 4.89
N GLU K 72 -54.71 -81.89 5.54
CA GLU K 72 -54.40 -83.32 5.64
C GLU K 72 -54.24 -83.94 4.26
N LYS K 73 -55.20 -83.64 3.38
CA LYS K 73 -55.14 -84.14 2.01
C LYS K 73 -53.89 -83.66 1.30
N LEU K 74 -53.43 -82.45 1.68
CA LEU K 74 -52.18 -81.89 1.17
C LEU K 74 -50.98 -82.66 1.69
N GLN K 75 -50.92 -82.83 3.02
CA GLN K 75 -49.85 -83.67 3.59
C GLN K 75 -49.84 -85.06 2.97
N GLN K 76 -51.04 -85.57 2.66
CA GLN K 76 -51.19 -86.90 2.04
C GLN K 76 -50.32 -87.02 0.80
N VAL K 77 -50.29 -85.97 -0.01
CA VAL K 77 -49.60 -85.97 -1.31
C VAL K 77 -48.19 -85.35 -1.26
N ASP K 78 -47.73 -84.96 -0.06
CA ASP K 78 -46.32 -84.59 0.11
C ASP K 78 -45.48 -85.68 -0.51
N SER K 79 -44.43 -85.29 -1.21
CA SER K 79 -43.54 -86.27 -1.83
C SER K 79 -42.56 -86.75 -0.76
N LEU K 80 -41.52 -87.46 -1.19
CA LEU K 80 -40.34 -87.64 -0.37
C LEU K 80 -39.57 -86.30 -0.34
N HIS K 81 -39.79 -85.48 -1.39
CA HIS K 81 -39.33 -84.07 -1.46
C HIS K 81 -40.50 -83.12 -1.67
N PRO K 82 -41.16 -82.71 -0.57
CA PRO K 82 -42.15 -81.63 -0.69
C PRO K 82 -41.51 -80.36 -1.25
N CYS K 83 -42.22 -79.65 -2.12
CA CYS K 83 -41.65 -78.50 -2.88
C CYS K 83 -42.36 -77.22 -2.53
N ARG K 84 -41.59 -76.14 -2.41
CA ARG K 84 -42.14 -74.80 -2.24
C ARG K 84 -42.00 -74.04 -3.54
N MET K 85 -42.65 -72.90 -3.63
CA MET K 85 -42.40 -71.99 -4.73
C MET K 85 -41.04 -71.33 -4.44
N ILE K 86 -40.12 -71.40 -5.40
CA ILE K 86 -38.82 -70.69 -5.34
C ILE K 86 -39.05 -69.24 -4.86
N LEU K 87 -38.47 -68.89 -3.72
CA LEU K 87 -38.53 -67.49 -3.31
C LEU K 87 -37.34 -66.80 -3.98
N GLU K 88 -37.62 -66.15 -5.10
CA GLU K 88 -36.58 -65.68 -6.03
C GLU K 88 -35.62 -64.61 -5.47
N PRO K 89 -36.14 -63.59 -4.76
CA PRO K 89 -35.25 -62.51 -4.28
C PRO K 89 -34.19 -62.96 -3.27
N TRP K 90 -34.54 -63.97 -2.45
CA TRP K 90 -33.65 -64.55 -1.45
C TRP K 90 -32.64 -65.41 -2.12
N VAL K 91 -33.10 -66.35 -2.94
CA VAL K 91 -32.24 -67.17 -3.77
C VAL K 91 -31.29 -66.27 -4.59
N ALA K 92 -31.84 -65.19 -5.16
CA ALA K 92 -31.12 -64.25 -6.01
C ALA K 92 -29.95 -63.59 -5.27
N TYR K 93 -30.12 -63.32 -3.98
CA TYR K 93 -29.04 -62.75 -3.20
C TYR K 93 -27.94 -63.78 -3.03
N ARG K 94 -28.32 -65.04 -2.80
CA ARG K 94 -27.32 -66.09 -2.53
C ARG K 94 -26.42 -66.31 -3.73
N GLN K 95 -27.04 -66.47 -4.90
CA GLN K 95 -26.33 -66.68 -6.16
C GLN K 95 -25.47 -65.46 -6.53
N HIS K 96 -26.02 -64.26 -6.35
CA HIS K 96 -25.25 -63.03 -6.47
C HIS K 96 -23.94 -63.05 -5.70
N ARG K 97 -23.97 -63.43 -4.41
CA ARG K 97 -22.76 -63.46 -3.57
C ARG K 97 -22.03 -64.81 -3.52
N GLY K 98 -22.57 -65.83 -4.19
CA GLY K 98 -21.92 -67.14 -4.28
C GLY K 98 -22.08 -68.02 -3.05
N HIS K 99 -23.14 -67.80 -2.27
CA HIS K 99 -23.43 -68.64 -1.10
C HIS K 99 -24.37 -69.74 -1.47
N LYS K 100 -24.29 -70.86 -0.77
CA LYS K 100 -25.26 -71.94 -0.94
C LYS K 100 -26.61 -71.54 -0.30
N CYS K 101 -27.65 -72.30 -0.57
CA CYS K 101 -28.97 -72.05 0.03
C CYS K 101 -29.20 -72.97 1.20
N GLY K 102 -29.74 -72.41 2.29
CA GLY K 102 -30.12 -73.23 3.44
C GLY K 102 -31.46 -73.89 3.20
N VAL K 103 -31.95 -74.60 4.22
CA VAL K 103 -33.02 -75.58 4.02
C VAL K 103 -34.38 -74.95 3.65
N PHE K 104 -34.58 -73.68 3.94
CA PHE K 104 -35.82 -73.04 3.54
C PHE K 104 -35.89 -72.88 2.03
N LEU K 105 -34.74 -72.61 1.40
CA LEU K 105 -34.71 -72.23 -0.02
C LEU K 105 -34.35 -73.38 -0.96
N LEU K 106 -34.23 -74.58 -0.43
CA LEU K 106 -33.85 -75.75 -1.21
C LEU K 106 -35.08 -76.61 -1.60
N ASN K 107 -34.91 -77.45 -2.64
CA ASN K 107 -35.93 -78.44 -3.06
C ASN K 107 -35.28 -79.73 -3.60
N GLY K 108 -35.99 -80.83 -3.45
CA GLY K 108 -35.48 -82.08 -3.97
C GLY K 108 -34.37 -82.64 -3.10
N PRO K 109 -33.53 -83.54 -3.68
CA PRO K 109 -32.46 -84.24 -2.96
C PRO K 109 -31.63 -83.37 -2.01
N GLU K 110 -31.13 -82.24 -2.52
CA GLU K 110 -30.28 -81.34 -1.73
C GLU K 110 -31.01 -80.88 -0.46
N TRP K 111 -32.28 -80.51 -0.60
CA TRP K 111 -33.09 -80.14 0.55
C TRP K 111 -33.12 -81.24 1.56
N ARG K 112 -33.42 -82.44 1.07
CA ARG K 112 -33.64 -83.60 1.93
C ARG K 112 -32.45 -83.90 2.80
N PHE K 113 -31.26 -84.07 2.20
CA PHE K 113 -30.08 -84.45 2.97
C PHE K 113 -29.61 -83.32 3.89
N ASN K 114 -29.89 -82.08 3.52
CA ASN K 114 -29.72 -80.98 4.47
C ASN K 114 -30.63 -81.18 5.70
N ARG K 115 -31.92 -81.36 5.43
CA ARG K 115 -32.93 -81.45 6.47
C ARG K 115 -32.62 -82.57 7.47
N LEU K 116 -32.32 -83.77 6.95
CA LEU K 116 -31.95 -84.92 7.80
C LEU K 116 -30.67 -84.69 8.61
N ARG K 117 -29.73 -83.93 8.08
CA ARG K 117 -28.50 -83.65 8.82
C ARG K 117 -28.61 -82.42 9.78
N LEU K 118 -29.83 -81.99 10.11
CA LEU K 118 -30.08 -80.81 10.97
C LEU K 118 -31.13 -81.12 12.06
N ASN K 119 -32.21 -81.82 11.68
CA ASN K 119 -33.21 -82.27 12.63
C ASN K 119 -32.60 -82.82 13.90
N PRO K 120 -31.60 -83.71 13.78
CA PRO K 120 -30.98 -84.21 15.00
C PRO K 120 -30.60 -83.11 16.01
N ASP K 121 -30.01 -82.01 15.52
CA ASP K 121 -29.39 -81.00 16.40
C ASP K 121 -30.17 -79.68 16.58
N VAL K 122 -31.15 -79.44 15.72
CA VAL K 122 -31.98 -78.23 15.78
C VAL K 122 -33.37 -78.50 16.37
N LEU K 123 -33.94 -79.68 16.06
CA LEU K 123 -35.37 -80.00 16.31
C LEU K 123 -35.61 -81.21 17.22
N SER K 124 -34.76 -82.24 17.12
CA SER K 124 -34.93 -83.46 17.93
C SER K 124 -35.07 -83.17 19.44
N PRO K 125 -35.92 -83.96 20.13
CA PRO K 125 -36.05 -83.91 21.59
C PRO K 125 -34.73 -84.03 22.34
N LYS K 126 -33.82 -84.88 21.86
CA LYS K 126 -32.48 -84.98 22.44
C LYS K 126 -31.77 -83.61 22.40
N ALA K 127 -32.02 -82.85 21.34
CA ALA K 127 -31.43 -81.53 21.14
C ALA K 127 -32.02 -80.53 22.14
N VAL K 128 -33.35 -80.52 22.23
CA VAL K 128 -34.06 -79.58 23.09
C VAL K 128 -33.57 -79.73 24.52
N GLN K 129 -33.38 -80.98 24.95
CA GLN K 129 -32.84 -81.29 26.28
C GLN K 129 -31.49 -80.60 26.63
N ARG K 130 -30.69 -80.32 25.61
CA ARG K 130 -29.37 -79.72 25.84
C ARG K 130 -29.46 -78.19 25.86
N PHE K 131 -30.26 -77.61 24.95
CA PHE K 131 -30.35 -76.14 24.89
C PHE K 131 -31.49 -75.48 25.72
N LEU K 132 -32.52 -76.24 26.07
CA LEU K 132 -33.62 -75.73 26.87
C LEU K 132 -33.09 -75.00 28.10
N PRO K 133 -32.22 -75.66 28.90
CA PRO K 133 -31.69 -74.94 30.09
C PRO K 133 -31.01 -73.59 29.79
N MET K 134 -30.34 -73.50 28.65
CA MET K 134 -29.64 -72.27 28.23
C MET K 134 -30.66 -71.14 27.95
N VAL K 135 -31.67 -71.44 27.14
CA VAL K 135 -32.76 -70.50 26.90
C VAL K 135 -33.43 -70.06 28.21
N ASP K 136 -33.75 -71.04 29.05
CA ASP K 136 -34.32 -70.79 30.36
C ASP K 136 -33.54 -69.71 31.10
N ALA K 137 -32.22 -69.81 31.07
CA ALA K 137 -31.37 -68.88 31.80
C ALA K 137 -31.58 -67.42 31.35
N VAL K 138 -31.81 -67.21 30.06
CA VAL K 138 -32.07 -65.89 29.51
C VAL K 138 -33.48 -65.44 29.92
N ALA K 139 -34.45 -66.36 29.78
CA ALA K 139 -35.83 -66.09 30.18
C ALA K 139 -35.87 -65.68 31.65
N ARG K 140 -35.10 -66.37 32.49
CA ARG K 140 -34.94 -65.99 33.90
C ARG K 140 -34.41 -64.56 33.96
N ASP K 141 -33.30 -64.31 33.24
CA ASP K 141 -32.63 -63.00 33.24
C ASP K 141 -33.53 -61.81 32.82
N PHE K 142 -34.54 -62.08 32.00
CA PHE K 142 -35.43 -61.04 31.49
C PHE K 142 -36.43 -60.61 32.57
N SER K 143 -37.04 -61.59 33.22
CA SER K 143 -37.90 -61.31 34.38
C SER K 143 -37.09 -60.67 35.50
N GLN K 144 -35.84 -61.10 35.66
CA GLN K 144 -35.03 -60.59 36.76
C GLN K 144 -34.78 -59.10 36.61
N ALA K 145 -34.19 -58.74 35.46
CA ALA K 145 -33.82 -57.36 35.13
C ALA K 145 -35.04 -56.46 35.14
N LEU K 146 -36.17 -57.00 34.67
CA LEU K 146 -37.45 -56.31 34.65
C LEU K 146 -37.97 -56.11 36.07
N LYS K 147 -37.82 -57.12 36.92
CA LYS K 147 -38.19 -56.99 38.32
C LYS K 147 -37.37 -55.90 39.02
N LYS K 148 -36.12 -55.74 38.62
CA LYS K 148 -35.24 -54.80 39.30
C LYS K 148 -35.64 -53.37 38.92
N LYS K 149 -35.98 -53.15 37.65
CA LYS K 149 -36.48 -51.84 37.20
C LYS K 149 -37.82 -51.48 37.85
N VAL K 150 -38.73 -52.45 37.90
CA VAL K 150 -40.05 -52.24 38.48
C VAL K 150 -39.96 -51.91 39.98
N LEU K 151 -39.02 -52.50 40.71
CA LEU K 151 -38.95 -52.26 42.14
C LEU K 151 -38.39 -50.87 42.51
N GLN K 152 -37.86 -50.14 41.53
CA GLN K 152 -37.37 -48.79 41.78
C GLN K 152 -38.49 -47.76 41.81
N ASN K 153 -39.63 -48.09 41.22
CA ASN K 153 -40.77 -47.21 41.18
C ASN K 153 -41.71 -47.45 42.38
N ALA K 154 -42.27 -46.38 42.92
CA ALA K 154 -43.08 -46.42 44.15
C ALA K 154 -44.25 -47.38 44.07
N ARG K 155 -44.83 -47.56 42.88
CA ARG K 155 -46.00 -48.44 42.74
C ARG K 155 -45.61 -49.86 42.38
N GLY K 156 -44.33 -50.21 42.52
CA GLY K 156 -43.85 -51.55 42.19
C GLY K 156 -44.30 -52.00 40.83
N SER K 157 -44.22 -51.09 39.87
CA SER K 157 -44.67 -51.37 38.51
C SER K 157 -44.04 -50.43 37.49
N LEU K 158 -43.82 -51.00 36.29
CA LEU K 158 -43.32 -50.26 35.12
C LEU K 158 -44.32 -50.42 33.98
N THR K 159 -44.52 -49.33 33.26
CA THR K 159 -45.41 -49.33 32.12
C THR K 159 -44.62 -48.87 30.90
N LEU K 160 -44.56 -49.74 29.89
CA LEU K 160 -43.74 -49.47 28.72
C LEU K 160 -44.26 -50.14 27.44
N ASP K 161 -43.61 -49.76 26.35
CA ASP K 161 -43.73 -50.45 25.08
C ASP K 161 -42.72 -51.57 25.20
N VAL K 162 -43.18 -52.80 25.46
CA VAL K 162 -42.23 -53.91 25.71
C VAL K 162 -41.63 -54.51 24.46
N GLN K 163 -42.06 -54.08 23.28
CA GLN K 163 -41.53 -54.63 22.01
C GLN K 163 -39.99 -54.68 21.93
N PRO K 164 -39.30 -53.56 22.18
CA PRO K 164 -37.86 -53.65 21.91
C PRO K 164 -37.16 -54.72 22.74
N SER K 165 -37.45 -54.81 24.04
CA SER K 165 -36.84 -55.79 24.93
C SER K 165 -37.23 -57.25 24.63
N ILE K 166 -38.44 -57.49 24.14
CA ILE K 166 -38.80 -58.85 23.75
C ILE K 166 -37.94 -59.25 22.58
N PHE K 167 -37.74 -58.29 21.68
CA PHE K 167 -36.88 -58.51 20.52
C PHE K 167 -35.45 -58.85 20.91
N HIS K 168 -34.90 -58.16 21.90
CA HIS K 168 -33.53 -58.47 22.30
C HIS K 168 -33.48 -59.73 23.10
N TYR K 169 -34.62 -60.12 23.68
CA TYR K 169 -34.69 -61.41 24.36
C TYR K 169 -34.51 -62.53 23.34
N THR K 170 -35.29 -62.49 22.27
CA THR K 170 -35.22 -63.53 21.25
C THR K 170 -33.84 -63.57 20.59
N ILE K 171 -33.21 -62.42 20.45
CA ILE K 171 -31.85 -62.37 19.92
C ILE K 171 -30.90 -63.07 20.89
N GLU K 172 -31.03 -62.75 22.18
CA GLU K 172 -30.14 -63.32 23.17
C GLU K 172 -30.42 -64.82 23.33
N ALA K 173 -31.66 -65.14 23.69
CA ALA K 173 -32.11 -66.54 23.80
C ALA K 173 -31.59 -67.34 22.61
N SER K 174 -31.92 -66.91 21.40
CA SER K 174 -31.49 -67.60 20.18
C SER K 174 -29.96 -67.72 20.05
N ASN K 175 -29.25 -66.61 20.31
CA ASN K 175 -27.81 -66.57 20.00
C ASN K 175 -27.10 -67.58 20.87
N LEU K 176 -27.52 -67.62 22.14
CA LEU K 176 -27.00 -68.59 23.09
C LEU K 176 -27.25 -70.04 22.57
N ALA K 177 -28.51 -70.33 22.24
CA ALA K 177 -28.90 -71.66 21.77
C ALA K 177 -28.12 -72.09 20.52
N LEU K 178 -27.89 -71.14 19.62
CA LEU K 178 -27.24 -71.41 18.36
C LEU K 178 -25.71 -71.43 18.48
N PHE K 179 -25.15 -70.50 19.24
CA PHE K 179 -23.69 -70.31 19.24
C PHE K 179 -22.98 -70.51 20.56
N GLY K 180 -23.74 -70.54 21.65
CA GLY K 180 -23.16 -70.68 22.98
C GLY K 180 -22.55 -69.38 23.47
N GLU K 181 -22.98 -68.29 22.84
CA GLU K 181 -22.45 -66.96 23.08
C GLU K 181 -23.54 -66.10 23.71
N ARG K 182 -23.18 -65.47 24.81
CA ARG K 182 -24.05 -64.58 25.49
C ARG K 182 -23.71 -63.18 24.99
N LEU K 183 -24.69 -62.48 24.42
CA LEU K 183 -24.45 -61.17 23.82
C LEU K 183 -24.64 -59.95 24.77
N GLY K 184 -25.36 -60.13 25.87
CA GLY K 184 -25.53 -59.05 26.85
C GLY K 184 -26.57 -58.02 26.48
N LEU K 185 -27.60 -58.45 25.74
CA LEU K 185 -28.70 -57.58 25.32
C LEU K 185 -29.99 -57.73 26.17
N VAL K 186 -30.02 -58.67 27.11
CA VAL K 186 -31.11 -58.71 28.13
C VAL K 186 -30.54 -58.14 29.42
N GLY K 187 -31.28 -57.21 30.00
CA GLY K 187 -30.80 -56.47 31.18
C GLY K 187 -30.25 -55.12 30.80
N HIS K 188 -29.60 -55.05 29.64
CA HIS K 188 -28.95 -53.82 29.19
C HIS K 188 -29.54 -53.24 27.93
N SER K 189 -29.04 -52.08 27.54
CA SER K 189 -29.59 -51.34 26.42
C SER K 189 -29.14 -51.94 25.10
N PRO K 190 -29.99 -51.85 24.07
CA PRO K 190 -29.67 -52.30 22.73
C PRO K 190 -28.30 -51.85 22.25
N SER K 191 -27.57 -52.74 21.59
CA SER K 191 -26.30 -52.41 20.95
C SER K 191 -26.54 -51.95 19.50
N SER K 192 -25.65 -51.12 18.98
CA SER K 192 -25.77 -50.64 17.60
C SER K 192 -25.77 -51.80 16.58
N ALA K 193 -25.07 -52.88 16.91
CA ALA K 193 -25.12 -54.11 16.11
C ALA K 193 -26.52 -54.80 16.22
N SER K 194 -27.15 -54.70 17.38
CA SER K 194 -28.53 -55.18 17.55
C SER K 194 -29.49 -54.39 16.70
N LEU K 195 -29.44 -53.06 16.85
CA LEU K 195 -30.41 -52.17 16.22
C LEU K 195 -30.34 -52.23 14.69
N ASN K 196 -29.10 -52.34 14.17
CA ASN K 196 -28.85 -52.49 12.74
C ASN K 196 -29.47 -53.73 12.19
N PHE K 197 -29.27 -54.84 12.90
CA PHE K 197 -29.82 -56.14 12.51
C PHE K 197 -31.36 -56.08 12.48
N LEU K 198 -32.00 -55.48 13.49
CA LEU K 198 -33.45 -55.38 13.49
C LEU K 198 -33.93 -54.55 12.31
N HIS K 199 -33.24 -53.45 12.03
CA HIS K 199 -33.62 -52.60 10.90
C HIS K 199 -33.44 -53.32 9.61
N ALA K 200 -32.33 -54.02 9.50
CA ALA K 200 -31.99 -54.75 8.30
C ALA K 200 -33.03 -55.83 7.97
N LEU K 201 -33.51 -56.54 9.00
CA LEU K 201 -34.53 -57.59 8.82
C LEU K 201 -35.84 -57.00 8.40
N GLU K 202 -36.22 -55.88 9.02
CA GLU K 202 -37.47 -55.20 8.67
C GLU K 202 -37.49 -54.83 7.19
N VAL K 203 -36.45 -54.13 6.74
CA VAL K 203 -36.31 -53.72 5.33
C VAL K 203 -36.32 -54.95 4.41
N MET K 204 -35.58 -55.98 4.79
CA MET K 204 -35.48 -57.22 3.99
C MET K 204 -36.85 -57.87 3.80
N PHE K 205 -37.65 -57.93 4.86
CA PHE K 205 -39.01 -58.42 4.75
C PHE K 205 -39.86 -57.53 3.85
N LYS K 206 -39.74 -56.21 4.03
CA LYS K 206 -40.51 -55.27 3.24
C LYS K 206 -40.16 -55.40 1.74
N SER K 207 -38.89 -55.43 1.41
CA SER K 207 -38.49 -55.53 0.02
C SER K 207 -38.86 -56.89 -0.58
N THR K 208 -38.90 -57.93 0.26
CA THR K 208 -39.30 -59.25 -0.22
C THR K 208 -40.72 -59.19 -0.77
N VAL K 209 -41.63 -58.54 -0.05
CA VAL K 209 -42.98 -58.44 -0.53
C VAL K 209 -42.98 -57.73 -1.89
N GLN K 210 -42.25 -56.62 -1.95
CA GLN K 210 -42.17 -55.80 -3.17
C GLN K 210 -41.60 -56.50 -4.39
N LEU K 211 -40.88 -57.63 -4.21
CA LEU K 211 -40.22 -58.38 -5.31
C LEU K 211 -40.79 -59.80 -5.61
N MET K 212 -41.54 -60.38 -4.68
CA MET K 212 -41.93 -61.79 -4.81
C MET K 212 -43.12 -62.10 -5.72
N PHE K 213 -43.83 -61.06 -6.18
CA PHE K 213 -45.05 -61.27 -6.97
C PHE K 213 -44.87 -60.97 -8.47
N MET K 214 -43.62 -60.87 -8.92
CA MET K 214 -43.32 -60.56 -10.31
C MET K 214 -42.00 -61.19 -10.65
N PRO K 215 -41.80 -61.57 -11.93
CA PRO K 215 -40.53 -62.24 -12.29
C PRO K 215 -39.30 -61.34 -12.16
N ARG K 216 -38.14 -61.95 -12.05
CA ARG K 216 -36.89 -61.21 -11.96
C ARG K 216 -36.76 -60.34 -13.23
N SER K 217 -37.07 -60.93 -14.38
CA SER K 217 -37.01 -60.23 -15.68
C SER K 217 -37.76 -58.90 -15.63
N LEU K 218 -38.98 -58.92 -15.11
CA LEU K 218 -39.79 -57.74 -15.03
C LEU K 218 -39.32 -56.79 -13.93
N SER K 219 -39.06 -57.34 -12.75
CA SER K 219 -38.80 -56.51 -11.57
C SER K 219 -37.45 -55.80 -11.61
N ARG K 220 -36.50 -56.35 -12.39
CA ARG K 220 -35.13 -55.83 -12.37
C ARG K 220 -34.97 -54.51 -13.11
N TRP K 221 -35.95 -54.14 -13.94
CA TRP K 221 -35.98 -52.79 -14.52
C TRP K 221 -37.08 -51.91 -14.00
N ILE K 222 -38.24 -52.46 -13.64
CA ILE K 222 -39.30 -51.59 -13.10
C ILE K 222 -39.06 -51.17 -11.64
N SER K 223 -38.24 -51.94 -10.91
CA SER K 223 -37.87 -51.60 -9.53
C SER K 223 -36.44 -51.99 -9.15
N PRO K 224 -35.43 -51.37 -9.81
CA PRO K 224 -34.04 -51.72 -9.46
C PRO K 224 -33.58 -51.16 -8.11
N LYS K 225 -34.23 -50.12 -7.62
CA LYS K 225 -33.89 -49.58 -6.29
C LYS K 225 -34.28 -50.60 -5.20
N VAL K 226 -35.49 -51.14 -5.33
CA VAL K 226 -35.95 -52.20 -4.44
C VAL K 226 -34.94 -53.36 -4.35
N TRP K 227 -34.48 -53.83 -5.50
CA TRP K 227 -33.41 -54.85 -5.55
C TRP K 227 -32.18 -54.43 -4.80
N LYS K 228 -31.69 -53.24 -5.11
CA LYS K 228 -30.54 -52.64 -4.44
C LYS K 228 -30.77 -52.62 -2.91
N GLU K 229 -31.96 -52.22 -2.50
CA GLU K 229 -32.33 -52.08 -1.09
C GLU K 229 -32.36 -53.44 -0.38
N HIS K 230 -32.96 -54.40 -1.06
CA HIS K 230 -33.08 -55.76 -0.57
C HIS K 230 -31.73 -56.40 -0.36
N PHE K 231 -30.84 -56.26 -1.36
CA PHE K 231 -29.51 -56.89 -1.33
C PHE K 231 -28.58 -56.23 -0.33
N GLU K 232 -28.92 -55.01 0.03
CA GLU K 232 -28.18 -54.24 1.01
C GLU K 232 -28.62 -54.68 2.42
N ALA K 233 -29.93 -54.88 2.59
CA ALA K 233 -30.44 -55.42 3.85
C ALA K 233 -29.79 -56.80 4.13
N TRP K 234 -29.72 -57.66 3.12
CA TRP K 234 -29.05 -58.96 3.29
C TRP K 234 -27.57 -58.82 3.53
N ASP K 235 -26.91 -57.81 2.95
CA ASP K 235 -25.49 -57.60 3.24
C ASP K 235 -25.31 -57.44 4.73
N CYS K 236 -26.18 -56.62 5.30
CA CYS K 236 -26.11 -56.29 6.72
C CYS K 236 -26.40 -57.52 7.58
N ILE K 237 -27.40 -58.28 7.16
CA ILE K 237 -27.80 -59.52 7.81
C ILE K 237 -26.66 -60.55 7.76
N PHE K 238 -26.13 -60.81 6.57
CA PHE K 238 -25.04 -61.78 6.41
C PHE K 238 -23.80 -61.36 7.17
N GLN K 239 -23.51 -60.07 7.17
CA GLN K 239 -22.41 -59.57 7.95
C GLN K 239 -22.58 -59.91 9.45
N TYR K 240 -23.78 -59.73 9.99
CA TYR K 240 -24.08 -60.14 11.37
C TYR K 240 -23.95 -61.68 11.54
N GLY K 241 -24.58 -62.43 10.65
CA GLY K 241 -24.50 -63.89 10.73
C GLY K 241 -23.12 -64.45 10.46
N ASP K 242 -22.39 -63.84 9.54
CA ASP K 242 -21.04 -64.31 9.24
C ASP K 242 -20.15 -64.01 10.44
N ASN K 243 -20.38 -62.87 11.10
CA ASN K 243 -19.61 -62.56 12.30
C ASN K 243 -19.76 -63.68 13.30
N CYS K 244 -20.99 -64.12 13.51
CA CYS K 244 -21.28 -65.23 14.42
C CYS K 244 -20.60 -66.51 13.96
N ILE K 245 -20.78 -66.85 12.68
CA ILE K 245 -20.15 -68.06 12.11
C ILE K 245 -18.61 -68.01 12.29
N GLN K 246 -18.04 -66.83 12.02
CA GLN K 246 -16.59 -66.64 12.01
C GLN K 246 -16.02 -66.87 13.40
N LYS K 247 -16.68 -66.29 14.40
CA LYS K 247 -16.29 -66.51 15.78
C LYS K 247 -16.28 -67.99 16.16
N ILE K 248 -17.41 -68.67 15.96
CA ILE K 248 -17.52 -70.06 16.40
C ILE K 248 -16.55 -70.98 15.62
N TYR K 249 -16.38 -70.73 14.33
CA TYR K 249 -15.49 -71.56 13.54
C TYR K 249 -14.08 -71.52 14.06
N GLN K 250 -13.58 -70.31 14.28
CA GLN K 250 -12.24 -70.12 14.81
C GLN K 250 -12.13 -70.76 16.18
N GLU K 251 -13.14 -70.60 17.02
CA GLU K 251 -13.09 -71.15 18.38
C GLU K 251 -12.97 -72.68 18.35
N LEU K 252 -13.77 -73.35 17.51
CA LEU K 252 -13.78 -74.79 17.52
C LEU K 252 -12.52 -75.36 16.84
N ALA K 253 -11.89 -74.58 15.95
CA ALA K 253 -10.66 -75.02 15.27
C ALA K 253 -9.45 -75.04 16.20
N PHE K 254 -9.60 -74.51 17.41
CA PHE K 254 -8.50 -74.58 18.37
C PHE K 254 -8.82 -75.46 19.58
N ASN K 255 -10.09 -75.58 19.93
CA ASN K 255 -10.47 -76.45 21.03
C ASN K 255 -11.85 -77.03 20.74
N ARG K 256 -11.96 -78.35 20.77
CA ARG K 256 -13.22 -79.04 20.52
C ARG K 256 -13.78 -79.40 21.88
N PRO K 257 -14.78 -78.64 22.35
CA PRO K 257 -15.19 -78.82 23.75
C PRO K 257 -15.90 -80.15 24.04
N GLN K 258 -15.66 -80.69 25.24
CA GLN K 258 -16.30 -81.95 25.68
C GLN K 258 -17.76 -81.75 26.14
N HIS K 259 -18.26 -80.52 26.12
CA HIS K 259 -19.61 -80.18 26.65
C HIS K 259 -20.38 -79.35 25.65
N TYR K 260 -21.69 -79.33 25.81
CA TYR K 260 -22.59 -78.64 24.88
C TYR K 260 -22.37 -77.14 24.90
N THR K 261 -22.20 -76.58 23.72
CA THR K 261 -21.98 -75.16 23.56
C THR K 261 -22.79 -74.68 22.36
N GLY K 262 -23.96 -75.30 22.16
CA GLY K 262 -24.95 -74.83 21.19
C GLY K 262 -25.25 -75.73 20.00
N ILE K 263 -26.22 -75.29 19.22
CA ILE K 263 -26.68 -76.01 18.06
C ILE K 263 -25.64 -76.02 16.94
N VAL K 264 -24.99 -74.88 16.71
CA VAL K 264 -24.14 -74.78 15.54
C VAL K 264 -22.81 -75.52 15.73
N ALA K 265 -22.31 -75.55 16.97
CA ALA K 265 -21.11 -76.36 17.28
C ALA K 265 -21.32 -77.87 16.96
N GLU K 266 -22.46 -78.43 17.36
CA GLU K 266 -22.73 -79.81 17.01
C GLU K 266 -22.57 -80.01 15.50
N LEU K 267 -23.24 -79.17 14.69
CA LEU K 267 -23.12 -79.22 13.20
C LEU K 267 -21.67 -79.21 12.71
N LEU K 268 -20.87 -78.30 13.25
CA LEU K 268 -19.47 -78.16 12.86
C LEU K 268 -18.61 -79.33 13.32
N LEU K 269 -18.88 -79.82 14.54
CA LEU K 269 -18.13 -80.95 15.09
C LEU K 269 -18.39 -82.24 14.29
N LYS K 270 -19.63 -82.47 13.90
CA LYS K 270 -19.98 -83.61 13.04
C LYS K 270 -19.45 -83.46 11.59
N ALA K 271 -19.40 -82.23 11.09
CA ALA K 271 -18.96 -81.97 9.72
C ALA K 271 -19.65 -82.88 8.67
N GLU K 272 -20.91 -83.25 8.93
CA GLU K 272 -21.66 -84.06 7.96
C GLU K 272 -21.91 -83.21 6.72
N LEU K 273 -22.49 -82.04 6.93
CA LEU K 273 -22.63 -81.03 5.88
C LEU K 273 -21.30 -80.32 5.63
N SER K 274 -21.13 -79.79 4.42
CA SER K 274 -19.97 -78.98 4.03
C SER K 274 -19.98 -77.69 4.82
N LEU K 275 -18.84 -77.01 4.90
CA LEU K 275 -18.74 -75.74 5.63
C LEU K 275 -19.70 -74.72 5.01
N GLU K 276 -19.68 -74.66 3.69
CA GLU K 276 -20.52 -73.74 2.96
C GLU K 276 -21.99 -74.01 3.29
N ALA K 277 -22.34 -75.29 3.44
CA ALA K 277 -23.72 -75.69 3.76
C ALA K 277 -24.11 -75.32 5.18
N ILE K 278 -23.23 -75.56 6.13
CA ILE K 278 -23.46 -75.16 7.51
C ILE K 278 -23.59 -73.61 7.62
N LYS K 279 -22.89 -72.85 6.78
CA LYS K 279 -23.01 -71.39 6.77
C LYS K 279 -24.41 -70.95 6.29
N ALA K 280 -24.86 -71.56 5.19
CA ALA K 280 -26.16 -71.28 4.64
C ALA K 280 -27.30 -71.53 5.64
N ASN K 281 -27.21 -72.64 6.35
CA ASN K 281 -28.25 -73.02 7.32
C ASN K 281 -28.11 -72.20 8.61
N SER K 282 -26.88 -72.03 9.09
CA SER K 282 -26.64 -71.18 10.25
C SER K 282 -27.22 -69.79 10.05
N MET K 283 -27.08 -69.23 8.85
CA MET K 283 -27.71 -67.93 8.55
C MET K 283 -29.22 -67.99 8.61
N GLU K 284 -29.80 -69.08 8.10
CA GLU K 284 -31.26 -69.22 8.15
C GLU K 284 -31.76 -69.23 9.61
N LEU K 285 -31.03 -69.93 10.45
CA LEU K 285 -31.37 -70.03 11.86
C LEU K 285 -31.17 -68.68 12.58
N THR K 286 -30.12 -67.96 12.19
CA THR K 286 -29.79 -66.70 12.88
C THR K 286 -30.74 -65.59 12.52
N ALA K 287 -31.17 -65.54 11.27
CA ALA K 287 -32.12 -64.53 10.78
C ALA K 287 -33.54 -64.94 11.08
N GLY K 288 -33.78 -66.24 11.11
CA GLY K 288 -35.12 -66.76 11.22
C GLY K 288 -35.69 -66.74 12.61
N SER K 289 -34.81 -66.59 13.60
CA SER K 289 -35.15 -66.83 14.98
C SER K 289 -35.43 -65.57 15.78
N VAL K 290 -35.82 -64.50 15.11
CA VAL K 290 -35.92 -63.19 15.74
C VAL K 290 -37.34 -62.65 15.68
N ASP K 291 -37.81 -62.27 14.49
CA ASP K 291 -39.13 -61.64 14.36
C ASP K 291 -40.25 -62.67 14.54
N THR K 292 -39.98 -63.89 14.09
CA THR K 292 -40.96 -64.96 14.12
C THR K 292 -41.38 -65.33 15.53
N THR K 293 -40.42 -65.38 16.44
CA THR K 293 -40.67 -65.72 17.83
C THR K 293 -41.25 -64.53 18.58
N ALA K 294 -40.77 -63.34 18.29
CA ALA K 294 -41.03 -62.21 19.18
C ALA K 294 -42.46 -61.66 19.04
N PHE K 295 -43.03 -61.77 17.85
CA PHE K 295 -44.36 -61.18 17.59
C PHE K 295 -45.52 -61.96 18.20
N PRO K 296 -45.54 -63.29 18.04
CA PRO K 296 -46.60 -64.02 18.74
C PRO K 296 -46.41 -63.94 20.26
N LEU K 297 -45.15 -63.83 20.68
CA LEU K 297 -44.82 -63.56 22.06
C LEU K 297 -45.47 -62.25 22.50
N LEU K 298 -45.27 -61.21 21.72
CA LEU K 298 -45.86 -59.91 22.04
C LEU K 298 -47.40 -59.91 21.99
N MET K 299 -47.96 -60.71 21.08
CA MET K 299 -49.43 -60.80 20.97
C MET K 299 -50.03 -61.56 22.15
N THR K 300 -49.37 -62.64 22.55
CA THR K 300 -49.71 -63.35 23.77
C THR K 300 -49.79 -62.41 24.99
N LEU K 301 -48.73 -61.64 25.24
CA LEU K 301 -48.71 -60.72 26.38
C LEU K 301 -49.87 -59.71 26.31
N PHE K 302 -50.21 -59.30 25.09
CA PHE K 302 -51.33 -58.38 24.88
C PHE K 302 -52.68 -59.08 25.13
N GLU K 303 -52.89 -60.26 24.54
CA GLU K 303 -54.15 -60.94 24.77
C GLU K 303 -54.33 -61.33 26.24
N LEU K 304 -53.23 -61.64 26.95
CA LEU K 304 -53.30 -61.96 28.38
C LEU K 304 -53.63 -60.71 29.17
N ALA K 305 -53.05 -59.58 28.78
CA ALA K 305 -53.41 -58.32 29.43
C ALA K 305 -54.88 -58.02 29.20
N ARG K 306 -55.38 -58.25 27.99
CA ARG K 306 -56.78 -57.99 27.68
C ARG K 306 -57.75 -58.96 28.37
N ASN K 307 -57.25 -60.12 28.78
CA ASN K 307 -58.05 -61.14 29.42
C ASN K 307 -57.39 -61.57 30.75
N PRO K 308 -57.59 -60.75 31.80
CA PRO K 308 -56.88 -61.02 33.07
C PRO K 308 -57.35 -62.29 33.76
N ASP K 309 -58.60 -62.69 33.52
CA ASP K 309 -59.13 -63.95 34.07
C ASP K 309 -58.49 -65.19 33.44
N VAL K 310 -58.31 -65.19 32.12
CA VAL K 310 -57.48 -66.22 31.45
C VAL K 310 -56.01 -66.09 31.87
N GLN K 311 -55.58 -64.86 32.13
CA GLN K 311 -54.24 -64.64 32.65
C GLN K 311 -54.06 -65.33 33.99
N GLN K 312 -55.09 -65.20 34.86
CA GLN K 312 -55.04 -65.81 36.21
C GLN K 312 -54.92 -67.32 36.16
N ILE K 313 -55.74 -67.98 35.32
CA ILE K 313 -55.66 -69.45 35.16
C ILE K 313 -54.23 -69.87 34.79
N LEU K 314 -53.60 -69.14 33.87
CA LEU K 314 -52.20 -69.42 33.47
C LEU K 314 -51.22 -69.24 34.62
N ARG K 315 -51.50 -68.27 35.49
CA ARG K 315 -50.63 -68.04 36.64
C ARG K 315 -50.70 -69.19 37.61
N GLN K 316 -51.91 -69.68 37.87
CA GLN K 316 -52.06 -70.81 38.78
C GLN K 316 -51.17 -71.96 38.31
N GLU K 317 -51.23 -72.27 37.01
CA GLU K 317 -50.52 -73.41 36.44
C GLU K 317 -49.00 -73.26 36.59
N SER K 318 -48.52 -72.03 36.47
CA SER K 318 -47.09 -71.76 36.50
C SER K 318 -46.56 -71.62 37.92
N LEU K 319 -47.33 -70.99 38.79
CA LEU K 319 -47.01 -71.01 40.22
C LEU K 319 -47.06 -72.49 40.72
N ALA K 320 -48.09 -73.23 40.29
CA ALA K 320 -48.27 -74.64 40.71
C ALA K 320 -47.33 -75.65 40.04
N ALA K 321 -46.49 -75.18 39.10
CA ALA K 321 -45.45 -76.02 38.52
C ALA K 321 -44.04 -75.42 38.75
N ALA K 322 -43.98 -74.27 39.43
CA ALA K 322 -42.74 -73.51 39.59
C ALA K 322 -41.58 -74.37 40.06
N ALA K 323 -41.71 -74.95 41.24
CA ALA K 323 -40.61 -75.74 41.87
C ALA K 323 -40.01 -76.80 40.95
N SER K 324 -40.86 -77.60 40.32
CA SER K 324 -40.37 -78.68 39.43
C SER K 324 -39.72 -78.15 38.14
N ILE K 325 -40.06 -76.92 37.72
CA ILE K 325 -39.40 -76.33 36.53
C ILE K 325 -38.05 -75.75 36.90
N SER K 326 -37.94 -75.20 38.11
CA SER K 326 -36.64 -74.76 38.62
C SER K 326 -35.69 -75.94 38.78
N GLU K 327 -36.25 -77.12 39.04
CA GLU K 327 -35.48 -78.35 39.21
C GLU K 327 -35.04 -78.84 37.83
N HIS K 328 -36.02 -79.19 36.99
CA HIS K 328 -35.75 -79.56 35.60
C HIS K 328 -36.50 -78.64 34.68
N PRO K 329 -35.78 -77.69 34.02
CA PRO K 329 -36.51 -76.74 33.15
C PRO K 329 -37.26 -77.43 31.98
N GLN K 330 -36.71 -78.54 31.52
CA GLN K 330 -37.25 -79.33 30.41
C GLN K 330 -38.72 -79.69 30.57
N LYS K 331 -39.15 -79.88 31.81
CA LYS K 331 -40.52 -80.29 32.12
C LYS K 331 -41.52 -79.16 31.90
N ALA K 332 -41.02 -77.97 31.56
CA ALA K 332 -41.86 -76.83 31.17
C ALA K 332 -42.71 -77.15 29.94
N THR K 333 -42.14 -77.95 29.04
CA THR K 333 -42.82 -78.32 27.79
C THR K 333 -43.94 -79.37 27.97
N THR K 334 -44.07 -79.92 29.18
CA THR K 334 -45.03 -80.99 29.46
C THR K 334 -45.93 -80.73 30.69
N GLU K 335 -45.48 -79.84 31.60
CA GLU K 335 -46.24 -79.49 32.80
C GLU K 335 -46.93 -78.11 32.74
N LEU K 336 -46.99 -77.50 31.57
CA LEU K 336 -47.68 -76.20 31.41
C LEU K 336 -48.64 -76.22 30.21
N PRO K 337 -49.55 -77.22 30.14
CA PRO K 337 -50.36 -77.36 28.93
C PRO K 337 -51.31 -76.19 28.67
N LEU K 338 -51.86 -75.60 29.73
CA LEU K 338 -52.78 -74.46 29.56
C LEU K 338 -52.03 -73.27 28.92
N LEU K 339 -50.80 -73.02 29.37
CA LEU K 339 -49.95 -72.00 28.75
C LEU K 339 -49.80 -72.25 27.25
N ARG K 340 -49.47 -73.48 26.88
CA ARG K 340 -49.31 -73.83 25.47
C ARG K 340 -50.58 -73.61 24.66
N ALA K 341 -51.74 -73.94 25.23
CA ALA K 341 -53.02 -73.69 24.55
C ALA K 341 -53.15 -72.19 24.31
N ALA K 342 -52.76 -71.39 25.30
CA ALA K 342 -52.68 -69.95 25.14
C ALA K 342 -51.85 -69.61 23.89
N LEU K 343 -50.66 -70.20 23.81
CA LEU K 343 -49.81 -70.06 22.64
C LEU K 343 -50.56 -70.43 21.38
N LYS K 344 -51.18 -71.61 21.37
CA LYS K 344 -51.90 -72.10 20.17
C LYS K 344 -53.00 -71.12 19.80
N GLU K 345 -53.58 -70.52 20.81
CA GLU K 345 -54.71 -69.63 20.63
C GLU K 345 -54.26 -68.27 20.06
N THR K 346 -53.03 -67.84 20.43
CA THR K 346 -52.39 -66.66 19.81
C THR K 346 -52.07 -66.87 18.34
N LEU K 347 -51.47 -68.02 18.04
CA LEU K 347 -51.14 -68.41 16.65
C LEU K 347 -52.38 -68.78 15.79
N ARG K 348 -53.52 -68.98 16.43
CA ARG K 348 -54.79 -69.09 15.69
C ARG K 348 -55.20 -67.69 15.18
N LEU K 349 -55.12 -66.70 16.05
CA LEU K 349 -55.55 -65.35 15.71
C LEU K 349 -54.49 -64.58 14.95
N TYR K 350 -53.22 -64.73 15.35
CA TYR K 350 -52.13 -63.90 14.83
C TYR K 350 -50.96 -64.77 14.35
N PRO K 351 -51.18 -65.49 13.25
CA PRO K 351 -50.15 -66.38 12.75
C PRO K 351 -49.08 -65.63 11.97
N VAL K 352 -47.89 -65.51 12.54
CA VAL K 352 -46.69 -64.99 11.84
C VAL K 352 -46.57 -65.49 10.42
N GLY K 353 -46.65 -66.80 10.25
CA GLY K 353 -46.72 -67.39 8.90
C GLY K 353 -48.16 -67.26 8.42
N LEU K 354 -48.38 -66.43 7.39
CA LEU K 354 -49.74 -66.17 6.90
C LEU K 354 -50.34 -67.42 6.23
N PHE K 355 -49.57 -68.09 5.36
CA PHE K 355 -50.07 -69.22 4.61
C PHE K 355 -49.04 -70.32 4.45
N LEU K 356 -49.52 -71.56 4.31
CA LEU K 356 -48.63 -72.68 3.99
C LEU K 356 -48.59 -72.88 2.47
N GLU K 357 -47.54 -73.53 1.97
CA GLU K 357 -47.36 -73.62 0.53
C GLU K 357 -46.86 -74.98 0.09
N ARG K 358 -47.44 -75.52 -0.98
CA ARG K 358 -46.84 -76.64 -1.73
C ARG K 358 -47.07 -76.48 -3.24
N VAL K 359 -46.00 -76.67 -4.03
CA VAL K 359 -46.16 -77.01 -5.47
C VAL K 359 -46.27 -78.52 -5.58
N VAL K 360 -47.49 -79.02 -5.67
CA VAL K 360 -47.75 -80.44 -5.50
C VAL K 360 -47.28 -81.24 -6.71
N SER K 361 -46.70 -82.41 -6.43
CA SER K 361 -46.10 -83.29 -7.45
C SER K 361 -47.06 -84.35 -8.04
N SER K 362 -48.28 -84.44 -7.50
CA SER K 362 -49.28 -85.41 -7.98
C SER K 362 -50.69 -84.82 -8.03
N ASP K 363 -51.54 -85.43 -8.84
CA ASP K 363 -52.96 -85.11 -8.85
C ASP K 363 -53.55 -85.42 -7.49
N LEU K 364 -54.56 -84.65 -7.11
CA LEU K 364 -55.32 -84.97 -5.93
C LEU K 364 -56.67 -84.27 -5.99
N VAL K 365 -57.51 -84.58 -5.02
CA VAL K 365 -58.79 -83.93 -4.86
C VAL K 365 -58.76 -83.16 -3.55
N LEU K 366 -59.26 -81.93 -3.59
CA LEU K 366 -59.55 -81.16 -2.39
C LEU K 366 -60.92 -80.58 -2.62
N GLN K 367 -61.76 -80.60 -1.60
CA GLN K 367 -63.09 -79.97 -1.66
C GLN K 367 -63.85 -80.38 -2.94
N ASN K 368 -63.73 -81.66 -3.30
CA ASN K 368 -64.38 -82.21 -4.48
C ASN K 368 -64.03 -81.45 -5.79
N TYR K 369 -62.74 -81.21 -6.00
CA TYR K 369 -62.23 -80.60 -7.25
C TYR K 369 -60.91 -81.23 -7.66
N HIS K 370 -60.77 -81.48 -8.96
CA HIS K 370 -59.54 -82.02 -9.54
C HIS K 370 -58.48 -80.95 -9.43
N ILE K 371 -57.32 -81.36 -8.92
CA ILE K 371 -56.18 -80.48 -8.76
C ILE K 371 -55.00 -81.14 -9.45
N PRO K 372 -54.70 -80.72 -10.69
CA PRO K 372 -53.62 -81.38 -11.42
C PRO K 372 -52.26 -81.28 -10.72
N ALA K 373 -51.35 -82.15 -11.13
CA ALA K 373 -49.96 -82.06 -10.74
C ALA K 373 -49.45 -80.67 -11.11
N GLY K 374 -48.48 -80.17 -10.33
CA GLY K 374 -47.79 -78.91 -10.65
C GLY K 374 -48.53 -77.66 -10.23
N THR K 375 -49.56 -77.81 -9.41
CA THR K 375 -50.37 -76.66 -8.97
C THR K 375 -49.86 -76.12 -7.64
N LEU K 376 -49.83 -74.80 -7.52
CA LEU K 376 -49.48 -74.17 -6.26
C LEU K 376 -50.71 -74.15 -5.36
N VAL K 377 -50.69 -74.98 -4.32
CA VAL K 377 -51.72 -74.95 -3.28
C VAL K 377 -51.21 -74.11 -2.10
N GLN K 378 -51.96 -73.06 -1.73
CA GLN K 378 -51.63 -72.23 -0.56
C GLN K 378 -52.73 -72.33 0.49
N VAL K 379 -52.34 -72.54 1.75
CA VAL K 379 -53.30 -72.66 2.86
C VAL K 379 -53.28 -71.42 3.74
N PHE K 380 -54.30 -70.59 3.63
CA PHE K 380 -54.32 -69.34 4.39
C PHE K 380 -54.75 -69.54 5.84
N LEU K 381 -53.76 -69.59 6.72
CA LEU K 381 -53.95 -69.80 8.15
C LEU K 381 -54.82 -68.71 8.82
N TYR K 382 -54.77 -67.48 8.32
CA TYR K 382 -55.59 -66.42 8.92
C TYR K 382 -57.06 -66.81 8.85
N SER K 383 -57.49 -67.16 7.64
CA SER K 383 -58.89 -67.55 7.40
C SER K 383 -59.24 -68.87 8.08
N LEU K 384 -58.37 -69.87 7.97
CA LEU K 384 -58.59 -71.17 8.61
C LEU K 384 -58.96 -70.98 10.08
N GLY K 385 -58.07 -70.33 10.82
CA GLY K 385 -58.19 -70.19 12.26
C GLY K 385 -59.28 -69.26 12.74
N ARG K 386 -59.87 -68.47 11.83
CA ARG K 386 -60.96 -67.55 12.21
C ARG K 386 -62.31 -67.83 11.46
N ASN K 387 -62.60 -69.11 11.17
CA ASN K 387 -63.89 -69.50 10.58
C ASN K 387 -64.87 -70.00 11.65
N ALA K 388 -66.06 -69.38 11.66
CA ALA K 388 -67.13 -69.71 12.61
C ALA K 388 -67.37 -71.22 12.77
N ALA K 389 -67.41 -71.95 11.65
CA ALA K 389 -67.83 -73.36 11.64
C ALA K 389 -66.98 -74.28 12.53
N LEU K 390 -65.66 -74.07 12.57
CA LEU K 390 -64.77 -74.87 13.45
C LEU K 390 -64.37 -74.15 14.74
N PHE K 391 -64.48 -72.83 14.75
CA PHE K 391 -64.12 -72.05 15.89
C PHE K 391 -65.28 -71.12 16.19
N PRO K 392 -66.17 -71.54 17.10
CA PRO K 392 -67.30 -70.69 17.46
C PRO K 392 -66.82 -69.43 18.21
N ARG K 393 -67.39 -68.28 17.83
CA ARG K 393 -66.92 -66.97 18.28
C ARG K 393 -65.41 -66.90 18.07
N PRO K 394 -64.98 -66.84 16.79
CA PRO K 394 -63.54 -66.91 16.51
C PRO K 394 -62.73 -65.70 17.00
N GLU K 395 -63.37 -64.52 17.10
CA GLU K 395 -62.69 -63.29 17.53
C GLU K 395 -62.61 -63.20 19.07
N ARG K 396 -62.55 -64.34 19.73
CA ARG K 396 -62.47 -64.41 21.17
C ARG K 396 -61.30 -65.28 21.54
N TYR K 397 -60.48 -64.80 22.49
CA TYR K 397 -59.25 -65.46 22.85
C TYR K 397 -59.56 -66.41 24.00
N ASN K 398 -59.68 -67.70 23.68
CA ASN K 398 -59.96 -68.68 24.72
C ASN K 398 -59.17 -69.98 24.55
N PRO K 399 -58.06 -70.13 25.29
CA PRO K 399 -57.33 -71.41 25.36
C PRO K 399 -58.18 -72.64 25.76
N GLN K 400 -59.40 -72.41 26.23
CA GLN K 400 -60.29 -73.51 26.67
C GLN K 400 -60.73 -74.38 25.49
N ARG K 401 -60.69 -73.85 24.27
CA ARG K 401 -61.12 -74.63 23.09
C ARG K 401 -60.10 -75.65 22.59
N TRP K 402 -58.95 -75.76 23.27
CA TRP K 402 -57.88 -76.70 22.90
C TRP K 402 -57.73 -77.82 23.90
N PHE K 412 -54.90 -81.52 12.53
CA PHE K 412 -54.68 -80.55 11.45
C PHE K 412 -55.43 -79.21 11.65
N HIS K 413 -55.68 -78.88 12.92
CA HIS K 413 -56.35 -77.62 13.31
C HIS K 413 -55.33 -76.59 13.79
N HIS K 414 -54.30 -77.07 14.48
CA HIS K 414 -53.12 -76.29 14.86
C HIS K 414 -51.99 -76.68 13.94
N VAL K 415 -51.81 -75.92 12.87
CA VAL K 415 -50.66 -76.12 11.97
C VAL K 415 -49.94 -74.80 11.61
N PRO K 416 -49.77 -73.88 12.60
CA PRO K 416 -49.11 -72.60 12.26
C PRO K 416 -47.60 -72.74 11.99
N PHE K 417 -47.05 -73.93 12.27
CA PHE K 417 -45.67 -74.29 11.92
C PHE K 417 -45.64 -75.21 10.70
N GLY K 418 -46.77 -75.37 10.03
CA GLY K 418 -46.83 -76.29 8.89
C GLY K 418 -46.88 -77.76 9.29
N PHE K 419 -46.49 -78.62 8.36
CA PHE K 419 -46.70 -80.05 8.51
C PHE K 419 -45.69 -80.89 7.75
N GLY K 420 -45.70 -82.18 8.07
CA GLY K 420 -44.94 -83.19 7.35
C GLY K 420 -43.48 -83.04 7.65
N MET K 421 -42.64 -83.46 6.70
CA MET K 421 -41.19 -83.41 6.87
C MET K 421 -40.61 -81.96 6.78
N ARG K 422 -41.36 -81.05 6.13
CA ARG K 422 -40.94 -79.66 5.89
C ARG K 422 -41.39 -78.66 6.98
N GLN K 423 -41.95 -79.15 8.08
CA GLN K 423 -42.49 -78.24 9.09
C GLN K 423 -41.37 -77.55 9.85
N CYS K 424 -41.66 -76.34 10.31
CA CYS K 424 -40.73 -75.50 11.03
C CYS K 424 -39.60 -76.24 11.71
N LEU K 425 -38.37 -75.92 11.31
CA LEU K 425 -37.20 -76.59 11.85
C LEU K 425 -36.93 -76.15 13.28
N GLY K 426 -37.14 -74.86 13.55
CA GLY K 426 -36.84 -74.30 14.86
C GLY K 426 -38.06 -74.19 15.75
N ARG K 427 -39.04 -75.05 15.48
CA ARG K 427 -40.32 -75.04 16.16
C ARG K 427 -40.12 -75.20 17.65
N ARG K 428 -39.31 -76.16 18.04
CA ARG K 428 -39.11 -76.45 19.47
C ARG K 428 -38.22 -75.41 20.15
N LEU K 429 -37.29 -74.81 19.42
CA LEU K 429 -36.53 -73.67 19.95
C LEU K 429 -37.49 -72.50 20.22
N ALA K 430 -38.34 -72.21 19.22
CA ALA K 430 -39.32 -71.14 19.27
C ALA K 430 -40.35 -71.32 20.37
N GLU K 431 -40.83 -72.56 20.51
CA GLU K 431 -41.79 -72.92 21.57
C GLU K 431 -41.13 -72.89 22.94
N ALA K 432 -39.82 -73.18 23.00
CA ALA K 432 -39.06 -73.05 24.24
C ALA K 432 -38.91 -71.58 24.65
N GLU K 433 -38.47 -70.75 23.70
CA GLU K 433 -38.28 -69.32 23.97
C GLU K 433 -39.59 -68.65 24.42
N MET K 434 -40.67 -68.85 23.67
CA MET K 434 -41.95 -68.22 24.01
C MET K 434 -42.52 -68.72 25.35
N LEU K 435 -42.40 -70.01 25.62
CA LEU K 435 -43.05 -70.62 26.78
C LEU K 435 -42.33 -70.28 28.09
N LEU K 436 -41.00 -70.35 28.08
CA LEU K 436 -40.20 -70.05 29.27
C LEU K 436 -40.29 -68.60 29.71
N LEU K 437 -40.26 -67.68 28.76
CA LEU K 437 -40.39 -66.27 29.11
C LEU K 437 -41.73 -66.03 29.80
N LEU K 438 -42.82 -66.38 29.13
CA LEU K 438 -44.17 -66.19 29.67
C LEU K 438 -44.34 -66.91 31.00
N HIS K 439 -43.73 -68.09 31.13
CA HIS K 439 -43.78 -68.81 32.40
C HIS K 439 -43.19 -67.96 33.47
N HIS K 440 -42.00 -67.43 33.22
CA HIS K 440 -41.33 -66.59 34.20
C HIS K 440 -41.96 -65.24 34.40
N VAL K 441 -42.59 -64.66 33.39
CA VAL K 441 -43.26 -63.36 33.56
C VAL K 441 -44.49 -63.52 34.47
N LEU K 442 -45.28 -64.55 34.22
CA LEU K 442 -46.48 -64.83 34.99
C LEU K 442 -46.18 -65.08 36.47
N LYS K 443 -45.07 -65.76 36.76
CA LYS K 443 -44.63 -65.99 38.16
C LYS K 443 -44.42 -64.70 38.97
N HIS K 444 -44.03 -63.62 38.31
CA HIS K 444 -43.54 -62.46 39.03
C HIS K 444 -44.32 -61.19 38.83
N PHE K 445 -45.18 -61.15 37.81
CA PHE K 445 -45.89 -59.92 37.50
C PHE K 445 -47.35 -60.14 37.07
N LEU K 446 -48.19 -59.15 37.32
CA LEU K 446 -49.47 -59.03 36.59
C LEU K 446 -49.22 -58.14 35.38
N VAL K 447 -49.78 -58.52 34.24
CA VAL K 447 -49.74 -57.67 33.05
C VAL K 447 -51.14 -57.10 32.81
N GLU K 448 -51.21 -55.78 32.59
CA GLU K 448 -52.46 -55.03 32.46
C GLU K 448 -52.34 -53.95 31.37
N THR K 449 -53.41 -53.66 30.64
CA THR K 449 -53.45 -52.47 29.75
C THR K 449 -54.83 -51.86 29.71
N LEU K 450 -54.90 -50.55 29.48
CA LEU K 450 -56.17 -49.92 29.14
C LEU K 450 -56.45 -50.03 27.65
N THR K 451 -55.40 -50.22 26.84
CA THR K 451 -55.55 -50.25 25.38
C THR K 451 -56.26 -51.55 24.98
N GLN K 452 -57.58 -51.57 25.22
CA GLN K 452 -58.44 -52.74 25.02
C GLN K 452 -58.90 -52.88 23.54
N GLU K 453 -58.81 -51.80 22.79
CA GLU K 453 -59.06 -51.82 21.34
C GLU K 453 -58.28 -52.96 20.65
N ASP K 454 -58.76 -53.38 19.49
CA ASP K 454 -58.12 -54.45 18.72
C ASP K 454 -56.89 -53.88 17.99
N ILE K 455 -55.80 -54.63 17.98
CA ILE K 455 -54.61 -54.24 17.23
C ILE K 455 -54.71 -54.83 15.84
N LYS K 456 -54.64 -53.98 14.82
CA LYS K 456 -54.62 -54.46 13.44
C LYS K 456 -53.34 -55.25 13.21
N MET K 457 -53.38 -56.18 12.27
CA MET K 457 -52.20 -56.92 11.85
C MET K 457 -51.82 -56.46 10.46
N VAL K 458 -50.52 -56.51 10.14
CA VAL K 458 -49.99 -56.04 8.86
C VAL K 458 -49.16 -57.13 8.18
N TYR K 459 -49.34 -57.32 6.87
CA TYR K 459 -48.52 -58.29 6.13
C TYR K 459 -47.29 -57.68 5.49
N SER K 460 -46.10 -58.08 5.96
CA SER K 460 -44.88 -57.92 5.18
C SER K 460 -44.11 -59.21 5.29
N PHE K 461 -44.58 -60.18 4.53
CA PHE K 461 -43.99 -61.52 4.46
C PHE K 461 -44.21 -62.34 5.72
N ILE K 462 -43.78 -61.79 6.85
CA ILE K 462 -44.33 -62.19 8.14
C ILE K 462 -45.57 -61.34 8.42
N LEU K 463 -46.42 -61.91 9.25
CA LEU K 463 -47.61 -61.23 9.74
C LEU K 463 -47.24 -60.63 11.07
N ARG K 464 -47.45 -59.33 11.21
CA ARG K 464 -46.99 -58.62 12.38
C ARG K 464 -47.97 -57.54 12.81
N PRO K 465 -48.04 -57.28 14.14
CA PRO K 465 -48.85 -56.19 14.67
C PRO K 465 -48.40 -54.87 14.09
N GLY K 466 -49.33 -53.94 14.01
CA GLY K 466 -49.04 -52.63 13.46
C GLY K 466 -48.67 -51.63 14.52
N THR K 467 -49.06 -51.91 15.76
CA THR K 467 -48.75 -51.02 16.87
C THR K 467 -48.47 -51.87 18.06
N SER K 468 -47.97 -51.27 19.12
CA SER K 468 -47.76 -52.00 20.35
C SER K 468 -48.34 -51.19 21.50
N PRO K 469 -49.19 -51.83 22.32
CA PRO K 469 -49.86 -51.05 23.36
C PRO K 469 -48.94 -50.79 24.54
N LEU K 470 -49.30 -49.81 25.37
CA LEU K 470 -48.65 -49.63 26.67
C LEU K 470 -49.05 -50.80 27.55
N LEU K 471 -48.08 -51.66 27.88
CA LEU K 471 -48.29 -52.70 28.89
C LEU K 471 -47.70 -52.27 30.24
N THR K 472 -48.45 -52.52 31.32
CA THR K 472 -47.96 -52.32 32.69
C THR K 472 -47.57 -53.66 33.30
N PHE K 473 -46.40 -53.71 33.92
CA PHE K 473 -45.98 -54.91 34.65
C PHE K 473 -45.93 -54.60 36.13
N ARG K 474 -46.79 -55.28 36.92
CA ARG K 474 -46.95 -55.03 38.36
C ARG K 474 -46.43 -56.21 39.14
N ALA K 475 -45.46 -55.95 40.03
CA ALA K 475 -44.70 -57.00 40.69
C ALA K 475 -45.47 -57.75 41.77
N ILE K 476 -44.89 -58.86 42.23
CA ILE K 476 -45.32 -59.60 43.45
C ILE K 476 -44.30 -60.69 43.82
N LEU L 10 30.10 -17.04 -20.81
CA LEU L 10 29.72 -17.88 -21.98
C LEU L 10 28.74 -19.04 -21.63
N PRO L 11 28.90 -19.72 -20.49
CA PRO L 11 28.08 -20.92 -20.23
C PRO L 11 26.64 -20.67 -19.77
N PHE L 12 25.78 -21.66 -19.99
CA PHE L 12 24.35 -21.53 -19.76
C PHE L 12 24.00 -21.10 -18.33
N GLU L 13 24.67 -21.67 -17.34
CA GLU L 13 24.32 -21.42 -15.91
C GLU L 13 24.63 -19.98 -15.48
N ALA L 14 25.47 -19.28 -16.26
CA ALA L 14 25.78 -17.86 -16.05
C ALA L 14 24.67 -16.93 -16.56
N MET L 15 23.65 -17.52 -17.18
CA MET L 15 22.40 -16.82 -17.51
C MET L 15 21.73 -16.27 -16.25
N PRO L 16 21.37 -14.97 -16.24
CA PRO L 16 20.53 -14.50 -15.14
C PRO L 16 19.23 -15.30 -15.12
N GLN L 17 18.62 -15.47 -13.96
CA GLN L 17 17.44 -16.32 -13.84
C GLN L 17 16.29 -15.60 -13.15
N HIS L 18 15.06 -16.00 -13.51
CA HIS L 18 13.86 -15.45 -12.91
C HIS L 18 13.83 -15.81 -11.44
N PRO L 19 13.79 -14.80 -10.55
CA PRO L 19 13.96 -15.07 -9.11
C PRO L 19 12.96 -16.07 -8.52
N GLY L 20 11.75 -16.13 -9.09
CA GLY L 20 10.74 -17.09 -8.69
C GLY L 20 11.02 -18.46 -9.28
N ASN L 21 11.22 -19.45 -8.42
CA ASN L 21 11.45 -20.85 -8.84
C ASN L 21 10.13 -21.50 -9.31
N ARG L 22 10.22 -22.75 -9.81
CA ARG L 22 9.07 -23.45 -10.42
C ARG L 22 7.69 -23.09 -9.81
N TRP L 23 7.65 -22.96 -8.49
CA TRP L 23 6.41 -22.77 -7.72
C TRP L 23 5.51 -21.65 -8.20
N LEU L 24 6.09 -20.53 -8.65
CA LEU L 24 5.33 -19.31 -8.97
C LEU L 24 4.37 -19.46 -10.17
N ARG L 25 4.66 -20.44 -11.04
CA ARG L 25 3.80 -20.70 -12.20
C ARG L 25 2.39 -21.09 -11.78
N LEU L 26 2.29 -22.15 -10.99
CA LEU L 26 0.99 -22.71 -10.60
C LEU L 26 0.25 -21.87 -9.56
N LEU L 27 0.99 -21.04 -8.80
CA LEU L 27 0.39 -20.13 -7.81
C LEU L 27 -0.64 -19.22 -8.48
N GLN L 28 -0.18 -18.42 -9.45
CA GLN L 28 -1.05 -17.50 -10.18
C GLN L 28 -2.24 -18.21 -10.88
N ILE L 29 -2.04 -19.41 -11.41
CA ILE L 29 -3.10 -20.11 -12.15
C ILE L 29 -4.31 -20.49 -11.28
N TRP L 30 -4.07 -21.23 -10.21
CA TRP L 30 -5.16 -21.60 -9.30
C TRP L 30 -5.62 -20.47 -8.40
N ARG L 31 -4.72 -19.51 -8.10
CA ARG L 31 -5.07 -18.33 -7.29
C ARG L 31 -6.04 -17.39 -8.02
N GLU L 32 -5.67 -16.96 -9.23
CA GLU L 32 -6.44 -15.99 -10.05
C GLU L 32 -7.26 -16.62 -11.20
N GLN L 33 -6.98 -17.89 -11.52
CA GLN L 33 -7.65 -18.60 -12.62
C GLN L 33 -7.32 -17.95 -13.98
N GLY L 34 -6.02 -17.69 -14.18
CA GLY L 34 -5.49 -16.98 -15.36
C GLY L 34 -4.22 -16.19 -15.03
N TYR L 35 -3.42 -15.88 -16.05
CA TYR L 35 -2.17 -15.10 -15.88
C TYR L 35 -2.31 -13.76 -16.64
N GLU L 36 -3.19 -12.90 -16.11
CA GLU L 36 -3.67 -11.73 -16.86
C GLU L 36 -2.52 -10.76 -17.19
N HIS L 37 -1.50 -10.78 -16.35
CA HIS L 37 -0.44 -9.77 -16.37
C HIS L 37 0.88 -10.31 -16.86
N LEU L 38 0.88 -11.47 -17.52
CA LEU L 38 2.14 -12.07 -17.97
C LEU L 38 3.05 -11.09 -18.72
N HIS L 39 2.48 -10.36 -19.68
CA HIS L 39 3.24 -9.39 -20.49
C HIS L 39 4.02 -8.37 -19.67
N LEU L 40 3.38 -7.79 -18.65
CA LEU L 40 4.00 -6.74 -17.81
C LEU L 40 5.05 -7.31 -16.85
N GLU L 41 4.81 -8.53 -16.37
CA GLU L 41 5.76 -9.23 -15.48
C GLU L 41 7.07 -9.59 -16.20
N MET L 42 6.97 -10.12 -17.41
CA MET L 42 8.16 -10.42 -18.21
C MET L 42 8.90 -9.13 -18.60
N HIS L 43 8.15 -8.12 -19.03
CA HIS L 43 8.72 -6.81 -19.38
C HIS L 43 9.61 -6.30 -18.29
N GLN L 44 9.16 -6.40 -17.04
CA GLN L 44 9.90 -5.83 -15.93
C GLN L 44 11.04 -6.75 -15.47
N THR L 45 10.96 -8.03 -15.79
CA THR L 45 12.11 -8.93 -15.59
C THR L 45 13.27 -8.55 -16.56
N PHE L 46 12.93 -8.22 -17.81
CA PHE L 46 13.94 -7.73 -18.78
C PHE L 46 14.66 -6.44 -18.35
N GLN L 47 13.89 -5.43 -17.92
CA GLN L 47 14.51 -4.14 -17.50
C GLN L 47 15.22 -4.20 -16.12
N GLU L 48 15.16 -5.35 -15.45
CA GLU L 48 15.93 -5.61 -14.20
C GLU L 48 17.06 -6.63 -14.40
N LEU L 49 16.97 -7.48 -15.44
CA LEU L 49 17.95 -8.56 -15.65
C LEU L 49 18.70 -8.50 -16.98
N GLY L 50 18.34 -7.55 -17.86
CA GLY L 50 18.95 -7.43 -19.18
C GLY L 50 18.12 -8.02 -20.31
N PRO L 51 18.67 -8.06 -21.54
CA PRO L 51 17.96 -8.51 -22.72
C PRO L 51 17.87 -10.02 -22.85
N ILE L 52 18.36 -10.76 -21.86
CA ILE L 52 18.24 -12.22 -21.83
C ILE L 52 18.22 -12.78 -20.40
N PHE L 53 17.39 -13.80 -20.19
CA PHE L 53 17.36 -14.54 -18.92
C PHE L 53 16.75 -15.93 -19.14
N ARG L 54 17.04 -16.84 -18.21
CA ARG L 54 16.49 -18.19 -18.21
C ARG L 54 15.39 -18.35 -17.15
N TYR L 55 14.74 -19.51 -17.15
CA TYR L 55 13.58 -19.75 -16.30
C TYR L 55 13.81 -21.04 -15.49
N PRO L 60 11.46 -28.71 -18.26
CA PRO L 60 12.82 -28.58 -18.83
C PRO L 60 13.48 -27.25 -18.41
N ARG L 61 14.28 -26.65 -19.31
CA ARG L 61 14.79 -25.28 -19.12
C ARG L 61 14.52 -24.38 -20.35
N MET L 62 14.40 -23.07 -20.08
CA MET L 62 13.77 -22.15 -21.01
C MET L 62 14.57 -20.85 -21.10
N VAL L 63 14.51 -20.15 -22.23
CA VAL L 63 15.20 -18.85 -22.37
C VAL L 63 14.32 -17.72 -22.94
N CYS L 64 14.33 -16.58 -22.27
CA CYS L 64 13.54 -15.43 -22.68
C CYS L 64 14.45 -14.37 -23.27
N VAL L 65 14.13 -13.92 -24.49
CA VAL L 65 14.88 -12.84 -25.17
C VAL L 65 13.93 -11.79 -25.75
N MET L 66 14.50 -10.70 -26.29
CA MET L 66 13.70 -9.59 -26.82
C MET L 66 14.47 -8.61 -27.71
N LEU L 67 15.46 -9.10 -28.45
CA LEU L 67 16.22 -8.26 -29.37
C LEU L 67 16.18 -8.87 -30.79
N PRO L 68 16.00 -8.01 -31.84
CA PRO L 68 16.01 -8.55 -33.22
C PRO L 68 17.30 -9.27 -33.58
N GLU L 69 18.41 -8.80 -33.01
CA GLU L 69 19.70 -9.49 -33.04
C GLU L 69 19.52 -10.99 -32.73
N ASP L 70 18.79 -11.29 -31.66
CA ASP L 70 18.57 -12.67 -31.22
C ASP L 70 17.55 -13.40 -32.10
N VAL L 71 16.59 -12.67 -32.67
CA VAL L 71 15.60 -13.26 -33.59
C VAL L 71 16.27 -13.73 -34.89
N GLU L 72 17.06 -12.85 -35.50
CA GLU L 72 17.85 -13.20 -36.67
C GLU L 72 18.70 -14.46 -36.40
N LYS L 73 19.32 -14.53 -35.22
CA LYS L 73 20.10 -15.72 -34.81
C LYS L 73 19.24 -16.98 -34.70
N LEU L 74 18.00 -16.79 -34.25
CA LEU L 74 17.02 -17.87 -34.10
C LEU L 74 16.52 -18.40 -35.45
N GLN L 75 16.40 -17.52 -36.46
CA GLN L 75 16.00 -17.97 -37.78
C GLN L 75 17.08 -18.81 -38.41
N GLN L 76 18.34 -18.42 -38.21
CA GLN L 76 19.47 -19.10 -38.90
C GLN L 76 19.67 -20.54 -38.42
N VAL L 77 19.08 -20.88 -37.28
CA VAL L 77 19.11 -22.24 -36.76
C VAL L 77 17.73 -22.99 -36.88
N ASP L 78 16.72 -22.32 -37.45
CA ASP L 78 15.55 -23.01 -38.03
C ASP L 78 16.07 -24.07 -39.00
N SER L 79 15.64 -25.31 -38.84
CA SER L 79 16.01 -26.34 -39.79
C SER L 79 14.95 -26.35 -40.89
N LEU L 80 14.84 -27.47 -41.61
CA LEU L 80 13.73 -27.67 -42.53
C LEU L 80 12.43 -27.87 -41.76
N HIS L 81 12.54 -28.28 -40.49
CA HIS L 81 11.36 -28.59 -39.68
C HIS L 81 11.37 -27.82 -38.39
N PRO L 82 11.23 -26.48 -38.48
CA PRO L 82 11.18 -25.67 -37.25
C PRO L 82 10.09 -26.16 -36.30
N CYS L 83 10.31 -26.00 -35.01
CA CYS L 83 9.63 -26.78 -34.00
C CYS L 83 9.03 -25.96 -32.84
N ARG L 84 7.74 -26.13 -32.58
CA ARG L 84 7.08 -25.49 -31.44
C ARG L 84 7.11 -26.39 -30.20
N MET L 85 6.90 -25.77 -29.03
CA MET L 85 6.53 -26.53 -27.83
C MET L 85 5.10 -27.03 -27.99
N ILE L 86 4.92 -28.35 -27.84
CA ILE L 86 3.62 -29.03 -27.99
C ILE L 86 2.52 -28.37 -27.15
N LEU L 87 1.49 -27.83 -27.78
CA LEU L 87 0.37 -27.25 -27.01
C LEU L 87 -0.61 -28.38 -26.59
N GLU L 88 -0.41 -28.87 -25.36
CA GLU L 88 -1.04 -30.13 -24.91
C GLU L 88 -2.57 -30.06 -24.93
N PRO L 89 -3.17 -29.01 -24.32
CA PRO L 89 -4.65 -28.98 -24.31
C PRO L 89 -5.28 -29.12 -25.72
N TRP L 90 -4.73 -28.39 -26.69
CA TRP L 90 -5.25 -28.39 -28.04
C TRP L 90 -5.08 -29.69 -28.70
N VAL L 91 -3.89 -30.26 -28.58
CA VAL L 91 -3.63 -31.58 -29.14
C VAL L 91 -4.51 -32.64 -28.43
N ALA L 92 -4.61 -32.54 -27.10
CA ALA L 92 -5.48 -33.43 -26.32
C ALA L 92 -6.91 -33.46 -26.86
N TYR L 93 -7.44 -32.30 -27.25
CA TYR L 93 -8.78 -32.27 -27.80
C TYR L 93 -8.87 -33.05 -29.12
N ARG L 94 -7.89 -32.86 -30.02
CA ARG L 94 -7.95 -33.49 -31.34
C ARG L 94 -7.84 -34.98 -31.14
N GLN L 95 -6.91 -35.40 -30.28
CA GLN L 95 -6.70 -36.84 -29.97
C GLN L 95 -8.00 -37.46 -29.47
N HIS L 96 -8.57 -36.85 -28.44
CA HIS L 96 -9.81 -37.30 -27.83
C HIS L 96 -10.99 -37.43 -28.75
N ARG L 97 -10.98 -36.74 -29.90
CA ARG L 97 -12.10 -36.78 -30.88
C ARG L 97 -11.77 -37.38 -32.28
N GLY L 98 -10.59 -37.97 -32.42
CA GLY L 98 -10.19 -38.58 -33.67
C GLY L 98 -10.15 -37.58 -34.80
N HIS L 99 -9.57 -36.43 -34.52
CA HIS L 99 -9.35 -35.41 -35.52
C HIS L 99 -7.88 -35.27 -35.73
N LYS L 100 -7.49 -35.07 -36.99
CA LYS L 100 -6.10 -34.81 -37.33
C LYS L 100 -5.66 -33.42 -36.82
N CYS L 101 -4.36 -33.24 -36.66
CA CYS L 101 -3.79 -31.96 -36.25
C CYS L 101 -3.51 -31.07 -37.48
N GLY L 102 -3.87 -29.79 -37.32
CA GLY L 102 -3.60 -28.76 -38.35
C GLY L 102 -2.17 -28.22 -38.21
N VAL L 103 -1.80 -27.33 -39.13
CA VAL L 103 -0.40 -26.91 -39.29
C VAL L 103 0.20 -26.22 -38.04
N PHE L 104 -0.58 -25.42 -37.31
CA PHE L 104 -0.11 -24.83 -36.05
C PHE L 104 0.32 -25.91 -35.03
N LEU L 105 -0.41 -27.01 -34.97
CA LEU L 105 -0.12 -28.04 -33.95
C LEU L 105 0.83 -29.16 -34.42
N LEU L 106 1.08 -29.27 -35.71
CA LEU L 106 2.05 -30.26 -36.21
C LEU L 106 3.52 -29.81 -36.02
N ASN L 107 4.40 -30.80 -35.87
CA ASN L 107 5.85 -30.60 -36.00
C ASN L 107 6.41 -31.54 -37.07
N GLY L 108 7.72 -31.48 -37.29
CA GLY L 108 8.41 -32.49 -38.10
C GLY L 108 7.99 -32.51 -39.55
N PRO L 109 8.37 -33.59 -40.26
CA PRO L 109 8.07 -33.77 -41.70
C PRO L 109 6.58 -33.65 -42.09
N GLU L 110 5.68 -33.97 -41.17
CA GLU L 110 4.23 -33.85 -41.44
C GLU L 110 3.80 -32.36 -41.53
N TRP L 111 4.34 -31.54 -40.64
CA TRP L 111 4.15 -30.08 -40.71
C TRP L 111 4.52 -29.53 -42.07
N ARG L 112 5.74 -29.87 -42.53
CA ARG L 112 6.25 -29.39 -43.82
C ARG L 112 5.37 -29.86 -45.00
N PHE L 113 4.94 -31.12 -44.95
CA PHE L 113 4.12 -31.63 -46.02
C PHE L 113 2.83 -30.80 -46.11
N ASN L 114 2.26 -30.48 -44.94
CA ASN L 114 1.06 -29.64 -44.86
C ASN L 114 1.33 -28.20 -45.32
N ARG L 115 2.35 -27.58 -44.72
CA ARG L 115 2.64 -26.16 -44.95
C ARG L 115 2.84 -25.84 -46.44
N LEU L 116 3.58 -26.71 -47.12
CA LEU L 116 3.84 -26.51 -48.54
C LEU L 116 2.56 -26.53 -49.40
N ARG L 117 1.53 -27.23 -48.93
CA ARG L 117 0.32 -27.46 -49.71
C ARG L 117 -0.82 -26.55 -49.25
N LEU L 118 -0.48 -25.60 -48.39
CA LEU L 118 -1.38 -24.55 -47.93
C LEU L 118 -0.90 -23.15 -48.35
N ASN L 119 0.42 -22.94 -48.43
CA ASN L 119 1.02 -21.65 -48.80
C ASN L 119 0.50 -21.13 -50.14
N PRO L 120 0.48 -21.99 -51.19
CA PRO L 120 0.02 -21.43 -52.47
C PRO L 120 -1.34 -20.79 -52.41
N ASP L 121 -2.29 -21.34 -51.66
CA ASP L 121 -3.68 -20.84 -51.70
C ASP L 121 -4.16 -19.96 -50.52
N VAL L 122 -3.44 -19.96 -49.41
CA VAL L 122 -3.78 -19.12 -48.25
C VAL L 122 -2.89 -17.84 -48.17
N LEU L 123 -1.61 -17.97 -48.50
CA LEU L 123 -0.61 -16.94 -48.21
C LEU L 123 0.03 -16.29 -49.46
N SER L 124 -0.05 -16.94 -50.61
CA SER L 124 0.49 -16.41 -51.88
C SER L 124 -0.10 -15.08 -52.27
N PRO L 125 0.71 -14.24 -52.97
CA PRO L 125 0.23 -13.05 -53.69
C PRO L 125 -0.82 -13.42 -54.71
N LYS L 126 -0.55 -14.45 -55.50
CA LYS L 126 -1.54 -15.00 -56.46
C LYS L 126 -2.92 -15.20 -55.77
N ALA L 127 -2.92 -15.82 -54.60
CA ALA L 127 -4.14 -16.05 -53.85
C ALA L 127 -4.75 -14.75 -53.37
N VAL L 128 -3.95 -13.89 -52.73
CA VAL L 128 -4.49 -12.59 -52.28
C VAL L 128 -5.22 -11.92 -53.43
N GLN L 129 -4.67 -11.99 -54.64
CA GLN L 129 -5.25 -11.29 -55.77
C GLN L 129 -6.66 -11.82 -55.95
N ARG L 130 -6.82 -13.11 -55.75
CA ARG L 130 -8.12 -13.72 -55.99
C ARG L 130 -9.16 -13.36 -54.91
N PHE L 131 -8.76 -13.39 -53.64
CA PHE L 131 -9.72 -13.17 -52.55
C PHE L 131 -9.84 -11.75 -52.00
N LEU L 132 -8.94 -10.85 -52.38
CA LEU L 132 -8.97 -9.47 -51.86
C LEU L 132 -10.25 -8.70 -52.26
N PRO L 133 -10.75 -8.90 -53.50
CA PRO L 133 -12.00 -8.20 -53.87
C PRO L 133 -13.22 -8.67 -53.08
N MET L 134 -13.23 -9.93 -52.68
CA MET L 134 -14.29 -10.42 -51.83
C MET L 134 -14.20 -9.71 -50.48
N VAL L 135 -13.00 -9.65 -49.93
CA VAL L 135 -12.75 -8.90 -48.69
C VAL L 135 -13.18 -7.41 -48.81
N ASP L 136 -12.92 -6.79 -49.96
CA ASP L 136 -13.23 -5.37 -50.18
C ASP L 136 -14.71 -5.15 -50.04
N ALA L 137 -15.50 -6.02 -50.65
CA ALA L 137 -16.97 -5.93 -50.63
C ALA L 137 -17.51 -5.97 -49.21
N VAL L 138 -16.88 -6.74 -48.35
CA VAL L 138 -17.31 -6.80 -46.95
C VAL L 138 -16.83 -5.58 -46.17
N ALA L 139 -15.69 -5.02 -46.58
CA ALA L 139 -15.21 -3.75 -46.02
C ALA L 139 -16.13 -2.59 -46.41
N ARG L 140 -16.53 -2.57 -47.68
CA ARG L 140 -17.46 -1.56 -48.17
C ARG L 140 -18.78 -1.61 -47.40
N ASP L 141 -19.35 -2.81 -47.29
CA ASP L 141 -20.64 -2.98 -46.61
C ASP L 141 -20.62 -2.56 -45.17
N PHE L 142 -19.49 -2.77 -44.48
CA PHE L 142 -19.33 -2.29 -43.11
C PHE L 142 -19.53 -0.77 -43.01
N SER L 143 -18.83 -0.02 -43.85
CA SER L 143 -18.96 1.46 -43.85
C SER L 143 -20.32 1.86 -44.33
N GLN L 144 -20.75 1.30 -45.46
CA GLN L 144 -22.04 1.63 -46.02
C GLN L 144 -23.09 1.51 -44.92
N ALA L 145 -23.08 0.37 -44.21
CA ALA L 145 -24.04 0.06 -43.14
C ALA L 145 -23.89 1.01 -41.96
N LEU L 146 -22.65 1.33 -41.61
CA LEU L 146 -22.39 2.26 -40.53
C LEU L 146 -22.90 3.65 -40.93
N LYS L 147 -22.57 4.09 -42.14
CA LYS L 147 -23.03 5.40 -42.62
C LYS L 147 -24.55 5.54 -42.48
N LYS L 148 -25.28 4.45 -42.69
CA LYS L 148 -26.74 4.52 -42.67
C LYS L 148 -27.28 4.88 -41.28
N LYS L 149 -26.71 4.24 -40.25
CA LYS L 149 -27.17 4.47 -38.87
C LYS L 149 -26.78 5.86 -38.46
N VAL L 150 -25.53 6.19 -38.74
CA VAL L 150 -24.94 7.50 -38.44
C VAL L 150 -25.81 8.68 -38.93
N LEU L 151 -26.35 8.57 -40.15
CA LEU L 151 -27.17 9.66 -40.76
C LEU L 151 -28.59 9.78 -40.16
N GLN L 152 -29.02 8.75 -39.45
CA GLN L 152 -30.31 8.75 -38.76
C GLN L 152 -30.24 9.66 -37.50
N ASN L 153 -29.03 10.06 -37.11
CA ASN L 153 -28.86 10.91 -35.96
C ASN L 153 -28.61 12.40 -36.35
N ALA L 154 -29.08 13.30 -35.49
CA ALA L 154 -29.14 14.72 -35.82
C ALA L 154 -27.75 15.28 -36.02
N ARG L 155 -26.78 14.76 -35.26
CA ARG L 155 -25.40 15.20 -35.35
C ARG L 155 -24.55 14.47 -36.40
N GLY L 156 -25.18 13.70 -37.27
CA GLY L 156 -24.45 12.94 -38.29
C GLY L 156 -23.29 12.13 -37.74
N SER L 157 -23.53 11.42 -36.64
CA SER L 157 -22.50 10.62 -36.00
C SER L 157 -23.09 9.50 -35.11
N LEU L 158 -22.34 8.42 -34.95
CA LEU L 158 -22.70 7.33 -34.06
C LEU L 158 -21.55 7.04 -33.09
N THR L 159 -21.88 6.88 -31.82
CA THR L 159 -20.90 6.67 -30.79
C THR L 159 -21.14 5.35 -30.15
N LEU L 160 -20.15 4.45 -30.22
CA LEU L 160 -20.35 3.09 -29.67
C LEU L 160 -19.08 2.35 -29.28
N ASP L 161 -19.33 1.25 -28.57
CA ASP L 161 -18.41 0.16 -28.44
C ASP L 161 -18.43 -0.53 -29.83
N VAL L 162 -17.37 -0.32 -30.63
CA VAL L 162 -17.29 -0.89 -32.00
C VAL L 162 -16.80 -2.34 -32.03
N GLN L 163 -16.46 -2.89 -30.87
CA GLN L 163 -15.87 -4.23 -30.79
C GLN L 163 -16.79 -5.31 -31.37
N PRO L 164 -18.06 -5.39 -30.91
CA PRO L 164 -18.92 -6.39 -31.52
C PRO L 164 -18.93 -6.36 -33.04
N SER L 165 -19.16 -5.21 -33.64
CA SER L 165 -19.36 -5.15 -35.10
C SER L 165 -18.06 -5.46 -35.88
N ILE L 166 -16.91 -5.27 -35.24
CA ILE L 166 -15.61 -5.51 -35.84
C ILE L 166 -15.33 -7.01 -35.79
N PHE L 167 -15.72 -7.63 -34.69
CA PHE L 167 -15.67 -9.09 -34.60
C PHE L 167 -16.56 -9.68 -35.70
N HIS L 168 -17.76 -9.14 -35.89
CA HIS L 168 -18.61 -9.70 -36.93
C HIS L 168 -18.09 -9.41 -38.30
N TYR L 169 -17.36 -8.32 -38.45
CA TYR L 169 -16.68 -8.05 -39.73
C TYR L 169 -15.64 -9.14 -40.07
N THR L 170 -14.79 -9.45 -39.12
CA THR L 170 -13.73 -10.40 -39.34
C THR L 170 -14.32 -11.77 -39.68
N ILE L 171 -15.27 -12.24 -38.85
CA ILE L 171 -16.06 -13.46 -39.13
C ILE L 171 -16.56 -13.44 -40.57
N GLU L 172 -17.37 -12.44 -40.92
CA GLU L 172 -17.99 -12.36 -42.26
C GLU L 172 -16.94 -12.31 -43.35
N ALA L 173 -15.94 -11.45 -43.17
CA ALA L 173 -14.90 -11.25 -44.19
C ALA L 173 -14.09 -12.54 -44.41
N SER L 174 -13.70 -13.17 -43.29
CA SER L 174 -12.97 -14.43 -43.31
C SER L 174 -13.80 -15.51 -43.91
N ASN L 175 -15.08 -15.55 -43.59
CA ASN L 175 -15.96 -16.61 -44.09
C ASN L 175 -16.17 -16.47 -45.57
N LEU L 176 -16.22 -15.24 -46.07
CA LEU L 176 -16.27 -15.06 -47.52
C LEU L 176 -14.94 -15.50 -48.14
N ALA L 177 -13.83 -15.11 -47.52
CA ALA L 177 -12.52 -15.40 -48.10
C ALA L 177 -12.31 -16.93 -48.12
N LEU L 178 -12.69 -17.60 -47.02
CA LEU L 178 -12.41 -19.00 -46.86
C LEU L 178 -13.41 -19.90 -47.65
N PHE L 179 -14.72 -19.62 -47.55
CA PHE L 179 -15.74 -20.53 -48.10
C PHE L 179 -16.65 -20.00 -49.21
N GLY L 180 -16.48 -18.73 -49.62
CA GLY L 180 -17.31 -18.13 -50.68
C GLY L 180 -18.76 -17.84 -50.25
N GLU L 181 -19.00 -17.99 -48.96
CA GLU L 181 -20.31 -17.86 -48.35
C GLU L 181 -20.34 -16.52 -47.64
N ARG L 182 -21.44 -15.79 -47.86
CA ARG L 182 -21.73 -14.57 -47.13
C ARG L 182 -22.70 -14.85 -45.96
N LEU L 183 -22.25 -14.65 -44.72
CA LEU L 183 -23.07 -14.99 -43.54
C LEU L 183 -24.20 -14.00 -43.18
N GLY L 184 -24.19 -12.80 -43.78
CA GLY L 184 -25.19 -11.78 -43.48
C GLY L 184 -25.04 -11.12 -42.12
N LEU L 185 -23.84 -11.15 -41.54
CA LEU L 185 -23.59 -10.56 -40.21
C LEU L 185 -23.18 -9.07 -40.21
N VAL L 186 -22.81 -8.51 -41.36
CA VAL L 186 -22.40 -7.10 -41.44
C VAL L 186 -23.57 -6.23 -41.85
N GLY L 187 -24.02 -5.36 -40.95
CA GLY L 187 -25.18 -4.48 -41.20
C GLY L 187 -26.49 -5.05 -40.69
N HIS L 188 -26.42 -6.20 -40.02
CA HIS L 188 -27.58 -6.85 -39.37
C HIS L 188 -27.14 -7.34 -38.02
N SER L 189 -28.10 -7.73 -37.19
CA SER L 189 -27.75 -8.17 -35.85
C SER L 189 -27.00 -9.51 -35.89
N PRO L 190 -26.16 -9.76 -34.88
CA PRO L 190 -25.44 -11.02 -34.82
C PRO L 190 -26.40 -12.21 -34.71
N SER L 191 -25.99 -13.36 -35.28
CA SER L 191 -26.73 -14.61 -35.16
C SER L 191 -26.38 -15.30 -33.83
N SER L 192 -27.19 -16.28 -33.44
CA SER L 192 -26.89 -17.09 -32.26
C SER L 192 -25.63 -17.92 -32.54
N ALA L 193 -25.55 -18.47 -33.74
CA ALA L 193 -24.33 -19.13 -34.22
C ALA L 193 -23.05 -18.27 -33.96
N SER L 194 -23.08 -16.97 -34.30
CA SER L 194 -21.93 -16.07 -34.09
C SER L 194 -21.61 -15.83 -32.63
N LEU L 195 -22.64 -15.53 -31.83
CA LEU L 195 -22.43 -15.20 -30.42
C LEU L 195 -21.83 -16.39 -29.67
N ASN L 196 -22.36 -17.59 -29.94
CA ASN L 196 -21.81 -18.85 -29.38
C ASN L 196 -20.39 -19.17 -29.87
N PHE L 197 -20.13 -18.92 -31.15
CA PHE L 197 -18.78 -19.05 -31.70
C PHE L 197 -17.76 -18.13 -30.99
N LEU L 198 -18.07 -16.84 -30.82
CA LEU L 198 -17.16 -15.92 -30.10
C LEU L 198 -16.97 -16.31 -28.65
N HIS L 199 -18.08 -16.61 -27.97
CA HIS L 199 -18.01 -17.10 -26.57
C HIS L 199 -17.18 -18.36 -26.48
N ALA L 200 -17.39 -19.31 -27.41
CA ALA L 200 -16.56 -20.54 -27.46
C ALA L 200 -15.09 -20.18 -27.49
N LEU L 201 -14.72 -19.29 -28.41
CA LEU L 201 -13.33 -18.89 -28.59
C LEU L 201 -12.74 -18.32 -27.30
N GLU L 202 -13.51 -17.47 -26.63
CA GLU L 202 -13.04 -16.77 -25.44
C GLU L 202 -12.75 -17.74 -24.28
N VAL L 203 -13.69 -18.64 -24.03
CA VAL L 203 -13.51 -19.71 -23.03
C VAL L 203 -12.39 -20.71 -23.47
N MET L 204 -12.25 -20.93 -24.78
CA MET L 204 -11.16 -21.77 -25.26
C MET L 204 -9.80 -21.17 -24.88
N PHE L 205 -9.60 -19.91 -25.21
CA PHE L 205 -8.37 -19.22 -24.86
C PHE L 205 -8.17 -19.16 -23.34
N LYS L 206 -9.26 -18.84 -22.62
CA LYS L 206 -9.21 -18.69 -21.15
C LYS L 206 -8.72 -19.98 -20.46
N SER L 207 -9.39 -21.11 -20.76
CA SER L 207 -8.97 -22.39 -20.22
C SER L 207 -7.63 -22.87 -20.78
N THR L 208 -7.22 -22.43 -21.98
CA THR L 208 -5.86 -22.81 -22.48
C THR L 208 -4.81 -22.30 -21.51
N VAL L 209 -4.96 -21.04 -21.06
CA VAL L 209 -4.00 -20.42 -20.13
C VAL L 209 -3.96 -21.16 -18.80
N GLN L 210 -5.15 -21.53 -18.30
CA GLN L 210 -5.30 -22.27 -17.04
C GLN L 210 -4.63 -23.65 -17.09
N LEU L 211 -4.61 -24.27 -18.28
CA LEU L 211 -4.17 -25.66 -18.47
C LEU L 211 -2.74 -25.81 -19.02
N MET L 212 -2.10 -24.69 -19.34
CA MET L 212 -0.91 -24.68 -20.20
C MET L 212 0.42 -24.88 -19.45
N PHE L 213 0.45 -24.58 -18.16
CA PHE L 213 1.69 -24.56 -17.36
C PHE L 213 1.85 -25.77 -16.40
N MET L 214 1.20 -26.88 -16.75
CA MET L 214 1.41 -28.20 -16.10
C MET L 214 1.06 -29.29 -17.11
N PRO L 215 1.68 -30.46 -17.01
CA PRO L 215 1.44 -31.48 -18.04
C PRO L 215 0.05 -32.10 -17.85
N ARG L 216 -0.55 -32.57 -18.95
CA ARG L 216 -1.88 -33.18 -18.89
C ARG L 216 -1.94 -34.20 -17.76
N SER L 217 -0.89 -35.02 -17.65
CA SER L 217 -0.80 -36.07 -16.64
C SER L 217 -1.26 -35.61 -15.25
N LEU L 218 -0.73 -34.47 -14.79
CA LEU L 218 -1.20 -33.86 -13.55
C LEU L 218 -2.50 -33.07 -13.76
N SER L 219 -2.55 -32.26 -14.82
CA SER L 219 -3.68 -31.36 -15.11
C SER L 219 -5.04 -32.04 -14.90
N ARG L 220 -5.19 -33.24 -15.46
CA ARG L 220 -6.52 -33.88 -15.53
C ARG L 220 -7.05 -34.38 -14.20
N TRP L 221 -6.18 -34.53 -13.19
CA TRP L 221 -6.63 -34.96 -11.84
C TRP L 221 -6.79 -33.80 -10.88
N ILE L 222 -6.34 -32.61 -11.27
CA ILE L 222 -6.41 -31.43 -10.40
C ILE L 222 -7.44 -30.40 -10.89
N SER L 223 -7.51 -30.18 -12.20
CA SER L 223 -8.48 -29.24 -12.78
C SER L 223 -9.38 -29.88 -13.86
N PRO L 224 -10.07 -31.00 -13.51
CA PRO L 224 -10.89 -31.67 -14.55
C PRO L 224 -12.04 -30.78 -15.03
N LYS L 225 -12.55 -29.95 -14.12
CA LYS L 225 -13.56 -28.94 -14.44
C LYS L 225 -13.04 -27.87 -15.45
N VAL L 226 -11.74 -27.61 -15.46
CA VAL L 226 -11.14 -26.78 -16.52
C VAL L 226 -11.04 -27.55 -17.86
N TRP L 227 -10.79 -28.85 -17.82
CA TRP L 227 -10.79 -29.65 -19.05
C TRP L 227 -12.14 -29.75 -19.66
N LYS L 228 -13.16 -29.93 -18.83
CA LYS L 228 -14.55 -29.90 -19.29
C LYS L 228 -14.80 -28.59 -20.04
N GLU L 229 -14.54 -27.49 -19.35
CA GLU L 229 -14.68 -26.15 -19.90
C GLU L 229 -13.99 -26.05 -21.25
N HIS L 230 -12.80 -26.63 -21.35
CA HIS L 230 -11.98 -26.52 -22.54
C HIS L 230 -12.48 -27.37 -23.69
N PHE L 231 -12.84 -28.61 -23.41
CA PHE L 231 -13.36 -29.53 -24.44
C PHE L 231 -14.75 -29.14 -24.91
N GLU L 232 -15.56 -28.60 -24.00
CA GLU L 232 -16.90 -28.10 -24.35
C GLU L 232 -16.76 -26.94 -25.32
N ALA L 233 -15.84 -26.01 -25.03
CA ALA L 233 -15.58 -24.89 -25.93
C ALA L 233 -15.12 -25.38 -27.33
N TRP L 234 -14.19 -26.32 -27.35
CA TRP L 234 -13.70 -26.85 -28.61
C TRP L 234 -14.79 -27.56 -29.38
N ASP L 235 -15.72 -28.20 -28.70
CA ASP L 235 -16.84 -28.85 -29.38
C ASP L 235 -17.64 -27.84 -30.16
N CYS L 236 -17.92 -26.71 -29.53
CA CYS L 236 -18.72 -25.65 -30.16
C CYS L 236 -17.98 -25.07 -31.35
N ILE L 237 -16.70 -24.78 -31.15
CA ILE L 237 -15.88 -24.28 -32.23
C ILE L 237 -15.85 -25.28 -33.39
N PHE L 238 -15.75 -26.58 -33.09
CA PHE L 238 -15.68 -27.60 -34.15
C PHE L 238 -17.02 -27.80 -34.88
N GLN L 239 -18.14 -27.67 -34.17
CA GLN L 239 -19.46 -27.78 -34.80
C GLN L 239 -19.61 -26.65 -35.83
N TYR L 240 -19.26 -25.43 -35.41
CA TYR L 240 -19.29 -24.28 -36.29
C TYR L 240 -18.44 -24.49 -37.52
N GLY L 241 -17.18 -24.85 -37.32
CA GLY L 241 -16.28 -25.06 -38.43
C GLY L 241 -16.65 -26.28 -39.28
N ASP L 242 -17.17 -27.33 -38.65
CA ASP L 242 -17.55 -28.51 -39.41
C ASP L 242 -18.73 -28.24 -40.32
N ASN L 243 -19.65 -27.37 -39.88
CA ASN L 243 -20.80 -27.03 -40.69
C ASN L 243 -20.38 -26.23 -41.94
N CYS L 244 -19.46 -25.27 -41.79
CA CYS L 244 -18.90 -24.61 -42.96
C CYS L 244 -18.27 -25.58 -43.94
N ILE L 245 -17.54 -26.56 -43.43
CA ILE L 245 -16.84 -27.55 -44.26
C ILE L 245 -17.82 -28.41 -45.02
N GLN L 246 -18.82 -28.91 -44.31
CA GLN L 246 -19.77 -29.86 -44.90
C GLN L 246 -20.63 -29.17 -45.99
N LYS L 247 -20.99 -27.92 -45.77
CA LYS L 247 -21.66 -27.11 -46.79
C LYS L 247 -20.82 -27.04 -48.10
N ILE L 248 -19.55 -26.63 -47.99
CA ILE L 248 -18.74 -26.49 -49.21
C ILE L 248 -18.43 -27.86 -49.87
N TYR L 249 -18.16 -28.87 -49.04
CA TYR L 249 -17.83 -30.19 -49.58
C TYR L 249 -18.96 -30.70 -50.48
N GLN L 250 -20.19 -30.65 -49.95
CA GLN L 250 -21.37 -31.08 -50.71
C GLN L 250 -21.61 -30.24 -51.97
N GLU L 251 -21.33 -28.93 -51.88
CA GLU L 251 -21.54 -28.07 -53.05
C GLU L 251 -20.51 -28.46 -54.12
N LEU L 252 -19.23 -28.47 -53.75
CA LEU L 252 -18.17 -28.89 -54.68
C LEU L 252 -18.36 -30.32 -55.25
N ALA L 253 -19.04 -31.19 -54.51
CA ALA L 253 -19.25 -32.56 -54.99
C ALA L 253 -20.15 -32.61 -56.25
N PHE L 254 -21.11 -31.69 -56.37
CA PHE L 254 -22.07 -31.67 -57.49
C PHE L 254 -21.71 -30.70 -58.60
N ASN L 255 -20.87 -29.71 -58.28
CA ASN L 255 -20.46 -28.74 -59.27
C ASN L 255 -19.12 -28.17 -58.91
N ARG L 256 -18.15 -28.37 -59.80
CA ARG L 256 -16.83 -27.76 -59.69
C ARG L 256 -16.93 -26.41 -60.41
N PRO L 257 -16.86 -25.29 -59.65
CA PRO L 257 -17.04 -23.99 -60.28
C PRO L 257 -15.92 -23.64 -61.23
N GLN L 258 -16.25 -22.81 -62.20
CA GLN L 258 -15.34 -22.40 -63.23
C GLN L 258 -14.77 -21.04 -62.82
N HIS L 259 -15.02 -20.64 -61.57
CA HIS L 259 -14.51 -19.39 -61.03
C HIS L 259 -14.16 -19.49 -59.55
N TYR L 260 -13.50 -18.43 -59.07
CA TYR L 260 -13.00 -18.38 -57.70
C TYR L 260 -14.16 -18.28 -56.72
N THR L 261 -14.13 -19.15 -55.70
CA THR L 261 -15.16 -19.18 -54.67
C THR L 261 -14.55 -19.41 -53.27
N GLY L 262 -13.26 -19.06 -53.13
CA GLY L 262 -12.58 -19.09 -51.83
C GLY L 262 -11.35 -19.99 -51.69
N ILE L 263 -10.71 -19.87 -50.53
CA ILE L 263 -9.46 -20.57 -50.19
C ILE L 263 -9.66 -22.07 -50.04
N VAL L 264 -10.67 -22.47 -49.26
CA VAL L 264 -10.89 -23.86 -48.92
C VAL L 264 -11.38 -24.57 -50.17
N ALA L 265 -12.19 -23.88 -50.97
CA ALA L 265 -12.57 -24.42 -52.28
C ALA L 265 -11.33 -24.82 -53.03
N GLU L 266 -10.34 -23.92 -53.13
CA GLU L 266 -9.14 -24.25 -53.93
C GLU L 266 -8.47 -25.53 -53.40
N LEU L 267 -8.40 -25.64 -52.08
CA LEU L 267 -7.74 -26.77 -51.44
C LEU L 267 -8.47 -28.10 -51.69
N LEU L 268 -9.80 -28.05 -51.68
CA LEU L 268 -10.62 -29.23 -51.97
C LEU L 268 -10.60 -29.65 -53.46
N LEU L 269 -10.59 -28.66 -54.37
CA LEU L 269 -10.47 -28.92 -55.81
C LEU L 269 -9.11 -29.54 -56.16
N LYS L 270 -8.09 -29.14 -55.43
CA LYS L 270 -6.74 -29.67 -55.68
C LYS L 270 -6.54 -31.05 -55.07
N ALA L 271 -7.24 -31.34 -53.96
CA ALA L 271 -7.10 -32.61 -53.24
C ALA L 271 -5.64 -33.06 -53.08
N GLU L 272 -4.76 -32.15 -52.67
CA GLU L 272 -3.33 -32.48 -52.47
C GLU L 272 -3.06 -32.96 -51.04
N LEU L 273 -3.96 -32.59 -50.13
CA LEU L 273 -3.94 -33.08 -48.77
C LEU L 273 -5.15 -34.00 -48.61
N SER L 274 -5.15 -34.84 -47.56
CA SER L 274 -6.26 -35.76 -47.32
C SER L 274 -7.43 -34.92 -46.82
N LEU L 275 -8.64 -35.31 -47.20
CA LEU L 275 -9.84 -34.63 -46.74
C LEU L 275 -9.71 -34.36 -45.23
N GLU L 276 -9.24 -35.34 -44.49
CA GLU L 276 -9.11 -35.20 -43.04
C GLU L 276 -8.09 -34.09 -42.63
N ALA L 277 -7.06 -33.89 -43.45
CA ALA L 277 -6.04 -32.83 -43.26
C ALA L 277 -6.54 -31.45 -43.74
N ILE L 278 -7.22 -31.41 -44.88
CA ILE L 278 -7.92 -30.20 -45.33
C ILE L 278 -8.89 -29.72 -44.24
N LYS L 279 -9.61 -30.69 -43.70
CA LYS L 279 -10.61 -30.50 -42.69
C LYS L 279 -9.95 -29.92 -41.43
N ALA L 280 -8.81 -30.46 -41.02
CA ALA L 280 -8.15 -29.96 -39.80
C ALA L 280 -7.54 -28.55 -39.97
N ASN L 281 -7.03 -28.26 -41.16
CA ASN L 281 -6.45 -26.96 -41.45
C ASN L 281 -7.54 -25.85 -41.58
N SER L 282 -8.67 -26.19 -42.22
CA SER L 282 -9.79 -25.24 -42.33
C SER L 282 -10.28 -24.78 -40.99
N MET L 283 -10.25 -25.70 -40.02
CA MET L 283 -10.63 -25.37 -38.65
C MET L 283 -9.67 -24.38 -38.03
N GLU L 284 -8.36 -24.59 -38.22
CA GLU L 284 -7.36 -23.63 -37.74
C GLU L 284 -7.53 -22.25 -38.40
N LEU L 285 -7.81 -22.24 -39.70
CA LEU L 285 -8.10 -21.00 -40.43
C LEU L 285 -9.36 -20.29 -39.87
N THR L 286 -10.47 -21.03 -39.84
CA THR L 286 -11.75 -20.54 -39.37
C THR L 286 -11.69 -20.06 -37.90
N ALA L 287 -11.00 -20.80 -37.04
CA ALA L 287 -10.91 -20.44 -35.62
C ALA L 287 -9.88 -19.34 -35.36
N GLY L 288 -8.81 -19.34 -36.14
CA GLY L 288 -7.74 -18.39 -35.93
C GLY L 288 -8.03 -17.00 -36.49
N SER L 289 -8.92 -16.93 -37.47
CA SER L 289 -9.13 -15.69 -38.23
C SER L 289 -10.13 -14.71 -37.61
N VAL L 290 -10.52 -14.91 -36.36
CA VAL L 290 -11.46 -13.99 -35.72
C VAL L 290 -10.70 -13.06 -34.77
N ASP L 291 -10.40 -13.50 -33.55
CA ASP L 291 -9.87 -12.60 -32.51
C ASP L 291 -8.53 -12.00 -32.88
N THR L 292 -7.75 -12.74 -33.67
CA THR L 292 -6.42 -12.30 -34.06
C THR L 292 -6.47 -11.06 -34.91
N THR L 293 -7.43 -10.98 -35.82
CA THR L 293 -7.57 -9.81 -36.68
C THR L 293 -8.36 -8.71 -35.99
N ALA L 294 -9.43 -9.10 -35.30
CA ALA L 294 -10.32 -8.14 -34.66
C ALA L 294 -9.56 -7.16 -33.77
N PHE L 295 -8.75 -7.70 -32.85
CA PHE L 295 -8.18 -6.88 -31.79
C PHE L 295 -7.18 -5.85 -32.27
N PRO L 296 -6.25 -6.22 -33.17
CA PRO L 296 -5.35 -5.17 -33.66
C PRO L 296 -6.13 -4.14 -34.47
N LEU L 297 -7.16 -4.61 -35.20
CA LEU L 297 -8.07 -3.69 -35.87
C LEU L 297 -8.61 -2.68 -34.83
N LEU L 298 -9.15 -3.19 -33.73
CA LEU L 298 -9.80 -2.35 -32.73
C LEU L 298 -8.81 -1.37 -32.13
N MET L 299 -7.58 -1.82 -31.92
CA MET L 299 -6.52 -0.98 -31.36
C MET L 299 -6.00 0.09 -32.34
N THR L 300 -5.98 -0.20 -33.62
CA THR L 300 -5.67 0.82 -34.62
C THR L 300 -6.74 1.92 -34.57
N LEU L 301 -8.02 1.53 -34.54
CA LEU L 301 -9.11 2.52 -34.46
C LEU L 301 -9.00 3.36 -33.21
N PHE L 302 -8.57 2.73 -32.13
CA PHE L 302 -8.33 3.44 -30.88
C PHE L 302 -7.15 4.39 -31.02
N GLU L 303 -6.10 3.98 -31.72
CA GLU L 303 -4.89 4.81 -31.81
C GLU L 303 -5.07 6.00 -32.74
N LEU L 304 -5.82 5.79 -33.83
CA LEU L 304 -6.18 6.89 -34.72
C LEU L 304 -7.08 7.89 -34.01
N ALA L 305 -7.87 7.40 -33.07
CA ALA L 305 -8.74 8.25 -32.30
C ALA L 305 -7.94 9.21 -31.40
N ARG L 306 -6.92 8.71 -30.72
CA ARG L 306 -6.09 9.60 -29.87
C ARG L 306 -5.06 10.40 -30.67
N ASN L 307 -4.83 10.04 -31.93
CA ASN L 307 -3.89 10.77 -32.79
C ASN L 307 -4.58 11.17 -34.11
N PRO L 308 -5.57 12.09 -34.04
CA PRO L 308 -6.36 12.52 -35.24
C PRO L 308 -5.49 13.18 -36.30
N ASP L 309 -4.43 13.83 -35.84
CA ASP L 309 -3.33 14.31 -36.67
C ASP L 309 -2.79 13.21 -37.60
N VAL L 310 -2.42 12.06 -37.03
CA VAL L 310 -2.00 10.90 -37.82
C VAL L 310 -3.17 10.32 -38.60
N GLN L 311 -4.36 10.34 -38.01
CA GLN L 311 -5.55 9.92 -38.72
C GLN L 311 -5.74 10.68 -40.04
N GLN L 312 -5.45 11.99 -40.03
CA GLN L 312 -5.72 12.85 -41.20
C GLN L 312 -4.80 12.51 -42.36
N ILE L 313 -3.52 12.34 -42.07
CA ILE L 313 -2.56 11.99 -43.12
C ILE L 313 -3.04 10.74 -43.85
N LEU L 314 -3.56 9.79 -43.08
CA LEU L 314 -4.05 8.53 -43.64
C LEU L 314 -5.29 8.80 -44.49
N ARG L 315 -6.19 9.64 -43.99
CA ARG L 315 -7.39 9.99 -44.75
C ARG L 315 -7.04 10.55 -46.14
N GLN L 316 -6.09 11.49 -46.19
CA GLN L 316 -5.71 12.09 -47.47
C GLN L 316 -5.14 11.05 -48.43
N GLU L 317 -4.29 10.14 -47.92
CA GLU L 317 -3.79 9.01 -48.72
C GLU L 317 -4.99 8.22 -49.28
N SER L 318 -5.86 7.77 -48.37
CA SER L 318 -7.03 7.01 -48.78
C SER L 318 -7.89 7.73 -49.81
N LEU L 319 -8.20 9.00 -49.60
CA LEU L 319 -9.02 9.76 -50.57
C LEU L 319 -8.31 9.87 -51.94
N ALA L 320 -7.04 10.28 -51.90
CA ALA L 320 -6.19 10.37 -53.11
C ALA L 320 -6.11 9.07 -53.92
N ALA L 321 -6.20 7.93 -53.26
CA ALA L 321 -6.16 6.64 -53.94
C ALA L 321 -7.54 6.04 -54.13
N ALA L 322 -8.54 6.59 -53.43
CA ALA L 322 -9.88 6.02 -53.41
C ALA L 322 -10.30 5.56 -54.81
N ALA L 323 -10.33 6.48 -55.79
CA ALA L 323 -10.83 6.17 -57.13
C ALA L 323 -10.09 5.00 -57.74
N SER L 324 -8.76 5.02 -57.62
CA SER L 324 -7.92 3.94 -58.12
C SER L 324 -8.40 2.57 -57.56
N ILE L 325 -8.58 2.52 -56.24
CA ILE L 325 -8.98 1.29 -55.54
C ILE L 325 -10.38 0.82 -55.91
N SER L 326 -11.24 1.76 -56.29
CA SER L 326 -12.60 1.43 -56.71
C SER L 326 -12.59 0.59 -57.96
N GLU L 327 -11.72 0.95 -58.91
CA GLU L 327 -11.52 0.12 -60.09
C GLU L 327 -10.87 -1.21 -59.68
N HIS L 328 -9.66 -1.16 -59.11
CA HIS L 328 -8.87 -2.37 -58.81
C HIS L 328 -8.47 -2.41 -57.35
N PRO L 329 -9.30 -3.03 -56.50
CA PRO L 329 -9.02 -3.06 -55.05
C PRO L 329 -7.66 -3.67 -54.65
N GLN L 330 -7.11 -4.51 -55.51
CA GLN L 330 -5.82 -5.15 -55.28
C GLN L 330 -4.73 -4.09 -55.12
N LYS L 331 -4.97 -2.92 -55.72
CA LYS L 331 -4.03 -1.81 -55.60
C LYS L 331 -3.89 -1.28 -54.17
N ALA L 332 -4.82 -1.63 -53.28
CA ALA L 332 -4.74 -1.23 -51.85
C ALA L 332 -3.46 -1.74 -51.16
N THR L 333 -3.04 -2.96 -51.55
CA THR L 333 -1.76 -3.53 -51.11
C THR L 333 -0.58 -2.58 -51.33
N THR L 334 -0.58 -1.85 -52.45
CA THR L 334 0.58 -1.07 -52.87
C THR L 334 0.41 0.46 -52.77
N GLU L 335 -0.83 0.95 -52.75
CA GLU L 335 -1.08 2.41 -52.73
C GLU L 335 -1.59 2.95 -51.38
N LEU L 336 -1.34 2.20 -50.30
CA LEU L 336 -1.69 2.64 -48.94
C LEU L 336 -0.51 2.37 -47.97
N PRO L 337 0.72 2.75 -48.40
CA PRO L 337 1.88 2.52 -47.55
C PRO L 337 1.78 3.17 -46.17
N LEU L 338 1.12 4.32 -46.07
CA LEU L 338 1.03 4.99 -44.78
C LEU L 338 0.13 4.21 -43.84
N LEU L 339 -1.03 3.75 -44.33
CA LEU L 339 -1.93 2.90 -43.53
C LEU L 339 -1.25 1.57 -43.13
N ARG L 340 -0.52 0.97 -44.07
CA ARG L 340 0.28 -0.21 -43.77
C ARG L 340 1.26 0.07 -42.65
N ALA L 341 1.89 1.23 -42.69
CA ALA L 341 2.80 1.64 -41.62
C ALA L 341 2.09 1.84 -40.27
N ALA L 342 0.83 2.31 -40.29
CA ALA L 342 0.06 2.41 -39.04
C ALA L 342 -0.15 1.01 -38.49
N LEU L 343 -0.41 0.04 -39.36
CA LEU L 343 -0.65 -1.33 -38.91
C LEU L 343 0.55 -1.88 -38.17
N LYS L 344 1.73 -1.68 -38.75
CA LYS L 344 3.01 -2.09 -38.13
C LYS L 344 3.14 -1.48 -36.74
N GLU L 345 2.72 -0.23 -36.62
CA GLU L 345 2.84 0.49 -35.37
C GLU L 345 1.89 -0.09 -34.31
N THR L 346 0.65 -0.38 -34.70
CA THR L 346 -0.29 -1.09 -33.82
C THR L 346 0.28 -2.45 -33.33
N LEU L 347 0.76 -3.25 -34.25
CA LEU L 347 1.31 -4.55 -33.90
C LEU L 347 2.59 -4.45 -33.07
N ARG L 348 3.31 -3.33 -33.17
CA ARG L 348 4.50 -3.12 -32.34
C ARG L 348 4.10 -2.90 -30.87
N LEU L 349 3.05 -2.12 -30.65
CA LEU L 349 2.60 -1.83 -29.29
C LEU L 349 1.68 -2.91 -28.75
N TYR L 350 0.81 -3.42 -29.62
CA TYR L 350 -0.19 -4.41 -29.22
C TYR L 350 -0.12 -5.65 -30.12
N PRO L 351 0.92 -6.49 -29.92
CA PRO L 351 1.03 -7.70 -30.71
C PRO L 351 0.05 -8.74 -30.19
N VAL L 352 -0.74 -9.32 -31.08
CA VAL L 352 -1.78 -10.25 -30.68
C VAL L 352 -1.16 -11.46 -30.01
N GLY L 353 -0.08 -11.96 -30.62
CA GLY L 353 0.74 -12.99 -30.00
C GLY L 353 1.81 -12.39 -29.12
N LEU L 354 1.81 -12.74 -27.83
CA LEU L 354 2.78 -12.21 -26.87
C LEU L 354 4.23 -12.58 -27.23
N PHE L 355 4.48 -13.87 -27.44
CA PHE L 355 5.83 -14.35 -27.73
C PHE L 355 5.91 -15.36 -28.88
N LEU L 356 6.99 -15.25 -29.65
CA LEU L 356 7.37 -16.27 -30.61
C LEU L 356 8.09 -17.38 -29.85
N GLU L 357 8.03 -18.60 -30.36
CA GLU L 357 8.55 -19.75 -29.65
C GLU L 357 9.29 -20.68 -30.59
N ARG L 358 10.34 -21.32 -30.07
CA ARG L 358 11.07 -22.38 -30.81
C ARG L 358 11.91 -23.28 -29.88
N VAL L 359 11.71 -24.59 -30.02
CA VAL L 359 12.59 -25.58 -29.39
C VAL L 359 13.70 -25.84 -30.40
N VAL L 360 14.89 -25.38 -30.03
CA VAL L 360 16.00 -25.33 -30.96
C VAL L 360 16.65 -26.73 -31.24
N SER L 361 16.99 -26.98 -32.51
CA SER L 361 17.54 -28.29 -32.93
C SER L 361 18.98 -28.46 -32.46
N SER L 362 19.80 -27.45 -32.76
CA SER L 362 21.23 -27.46 -32.47
C SER L 362 21.58 -26.40 -31.43
N ASP L 363 22.84 -26.42 -30.99
CA ASP L 363 23.33 -25.44 -30.03
C ASP L 363 23.38 -24.06 -30.64
N LEU L 364 23.51 -23.07 -29.76
CA LEU L 364 23.46 -21.68 -30.15
C LEU L 364 24.27 -20.80 -29.23
N VAL L 365 24.54 -19.57 -29.69
CA VAL L 365 24.96 -18.50 -28.80
C VAL L 365 24.15 -17.23 -29.03
N LEU L 366 23.31 -16.90 -28.05
CA LEU L 366 22.61 -15.61 -27.96
C LEU L 366 23.25 -14.81 -26.85
N GLN L 367 23.52 -13.53 -27.10
CA GLN L 367 24.10 -12.63 -26.10
C GLN L 367 25.33 -13.27 -25.42
N ASN L 368 26.15 -13.92 -26.23
CA ASN L 368 27.32 -14.68 -25.77
C ASN L 368 27.00 -15.82 -24.76
N TYR L 369 25.80 -16.40 -24.83
CA TYR L 369 25.41 -17.46 -23.89
C TYR L 369 25.26 -18.80 -24.57
N HIS L 370 25.92 -19.81 -24.01
CA HIS L 370 25.83 -21.19 -24.50
C HIS L 370 24.40 -21.61 -24.35
N ILE L 371 23.77 -21.92 -25.47
CA ILE L 371 22.36 -22.28 -25.46
C ILE L 371 22.23 -23.69 -26.01
N PRO L 372 22.01 -24.68 -25.11
CA PRO L 372 21.94 -26.11 -25.49
C PRO L 372 20.85 -26.47 -26.51
N ALA L 373 21.13 -27.48 -27.33
CA ALA L 373 20.16 -28.06 -28.24
C ALA L 373 18.95 -28.58 -27.46
N GLY L 374 17.75 -28.32 -27.97
CA GLY L 374 16.52 -28.72 -27.28
C GLY L 374 15.94 -27.73 -26.27
N THR L 375 16.61 -26.61 -25.99
CA THR L 375 16.05 -25.65 -25.04
C THR L 375 14.98 -24.80 -25.74
N LEU L 376 13.92 -24.49 -24.98
CA LEU L 376 12.86 -23.58 -25.41
C LEU L 376 13.40 -22.14 -25.41
N VAL L 377 13.44 -21.53 -26.59
CA VAL L 377 13.76 -20.11 -26.71
C VAL L 377 12.47 -19.38 -27.02
N GLN L 378 12.23 -18.31 -26.29
CA GLN L 378 10.94 -17.62 -26.27
C GLN L 378 11.18 -16.11 -26.46
N VAL L 379 10.73 -15.58 -27.60
CA VAL L 379 10.98 -14.18 -27.94
C VAL L 379 9.78 -13.34 -27.53
N PHE L 380 9.93 -12.49 -26.53
CA PHE L 380 8.81 -11.72 -26.02
C PHE L 380 8.65 -10.41 -26.77
N LEU L 381 7.66 -10.41 -27.67
CA LEU L 381 7.40 -9.31 -28.63
C LEU L 381 6.89 -8.02 -28.02
N TYR L 382 6.25 -8.09 -26.85
CA TYR L 382 5.81 -6.87 -26.17
C TYR L 382 6.99 -5.97 -25.80
N SER L 383 8.05 -6.59 -25.31
CA SER L 383 9.20 -5.86 -24.76
C SER L 383 10.20 -5.45 -25.83
N LEU L 384 10.19 -6.12 -26.99
CA LEU L 384 11.04 -5.69 -28.09
C LEU L 384 10.46 -4.44 -28.80
N GLY L 385 9.14 -4.36 -28.89
CA GLY L 385 8.49 -3.17 -29.45
C GLY L 385 8.57 -1.94 -28.55
N ARG L 386 9.00 -2.13 -27.30
CA ARG L 386 9.15 -1.01 -26.35
C ARG L 386 10.62 -0.86 -25.90
N ASN L 387 11.54 -1.34 -26.74
CA ASN L 387 12.97 -1.13 -26.60
C ASN L 387 13.34 0.28 -27.08
N ALA L 388 13.68 1.15 -26.14
CA ALA L 388 14.09 2.54 -26.43
C ALA L 388 15.21 2.60 -27.47
N ALA L 389 16.23 1.77 -27.28
CA ALA L 389 17.39 1.75 -28.15
C ALA L 389 17.04 1.57 -29.63
N LEU L 390 15.94 0.88 -29.94
CA LEU L 390 15.52 0.78 -31.35
C LEU L 390 14.31 1.65 -31.68
N PHE L 391 13.45 1.86 -30.71
CA PHE L 391 12.28 2.67 -30.90
C PHE L 391 12.30 3.79 -29.87
N PRO L 392 12.91 4.93 -30.22
CA PRO L 392 12.92 6.05 -29.27
C PRO L 392 11.50 6.59 -29.02
N ARG L 393 11.27 7.08 -27.79
CA ARG L 393 9.92 7.35 -27.25
C ARG L 393 8.99 6.21 -27.64
N PRO L 394 9.20 5.04 -27.01
CA PRO L 394 8.55 3.81 -27.45
C PRO L 394 7.02 3.87 -27.47
N GLU L 395 6.42 4.59 -26.53
CA GLU L 395 4.97 4.58 -26.36
C GLU L 395 4.23 5.57 -27.27
N ARG L 396 4.94 6.24 -28.16
CA ARG L 396 4.29 7.10 -29.14
C ARG L 396 3.83 6.28 -30.32
N TYR L 397 2.66 6.62 -30.85
CA TYR L 397 2.12 5.97 -32.05
C TYR L 397 2.55 6.83 -33.19
N ASN L 398 3.37 6.29 -34.09
CA ASN L 398 3.93 7.06 -35.19
C ASN L 398 4.33 6.23 -36.43
N PRO L 399 3.47 6.18 -37.45
CA PRO L 399 3.71 5.46 -38.71
C PRO L 399 5.03 5.75 -39.43
N GLN L 400 5.55 6.97 -39.32
CA GLN L 400 6.76 7.33 -40.08
C GLN L 400 8.05 6.61 -39.59
N ARG L 401 7.98 5.94 -38.44
CA ARG L 401 9.06 5.05 -38.02
C ARG L 401 9.46 4.04 -39.09
N TRP L 402 8.54 3.72 -40.00
CA TRP L 402 8.73 2.63 -40.96
C TRP L 402 8.78 3.10 -42.40
N LEU L 403 9.63 4.09 -42.68
CA LEU L 403 9.91 4.51 -44.06
C LEU L 403 11.01 3.62 -44.66
N ASP L 404 10.72 2.33 -44.84
CA ASP L 404 11.67 1.35 -45.39
C ASP L 404 10.95 0.15 -46.04
N HIS L 414 10.42 -5.66 -36.54
CA HIS L 414 9.03 -5.94 -36.89
C HIS L 414 8.82 -7.40 -37.25
N VAL L 415 8.42 -8.19 -36.26
CA VAL L 415 8.14 -9.63 -36.47
C VAL L 415 6.90 -10.13 -35.72
N PRO L 416 5.77 -9.41 -35.86
CA PRO L 416 4.58 -9.87 -35.15
C PRO L 416 3.89 -11.08 -35.79
N PHE L 417 4.22 -11.39 -37.03
CA PHE L 417 3.77 -12.62 -37.65
C PHE L 417 4.88 -13.70 -37.64
N GLY L 418 5.90 -13.50 -36.82
CA GLY L 418 6.97 -14.47 -36.69
C GLY L 418 7.89 -14.39 -37.89
N PHE L 419 8.50 -15.52 -38.26
CA PHE L 419 9.57 -15.51 -39.24
C PHE L 419 9.84 -16.87 -39.87
N GLY L 420 10.53 -16.85 -41.00
CA GLY L 420 10.92 -18.07 -41.69
C GLY L 420 9.72 -18.83 -42.21
N MET L 421 9.88 -20.15 -42.31
CA MET L 421 8.89 -21.01 -42.97
C MET L 421 7.63 -21.21 -42.12
N ARG L 422 7.77 -21.06 -40.80
CA ARG L 422 6.63 -21.08 -39.87
C ARG L 422 5.92 -19.73 -39.68
N GLN L 423 6.38 -18.66 -40.32
CA GLN L 423 5.70 -17.36 -40.22
C GLN L 423 4.19 -17.50 -40.46
N CYS L 424 3.38 -16.71 -39.75
CA CYS L 424 1.90 -16.78 -39.87
C CYS L 424 1.39 -17.16 -41.28
N LEU L 425 0.65 -18.27 -41.34
CA LEU L 425 -0.02 -18.70 -42.57
C LEU L 425 -1.12 -17.71 -43.00
N GLY L 426 -1.85 -17.16 -42.01
CA GLY L 426 -2.95 -16.21 -42.26
C GLY L 426 -2.59 -14.72 -42.44
N ARG L 427 -1.30 -14.40 -42.42
CA ARG L 427 -0.82 -13.03 -42.44
C ARG L 427 -1.44 -12.10 -43.52
N ARG L 428 -1.43 -12.51 -44.79
CA ARG L 428 -1.91 -11.60 -45.84
C ARG L 428 -3.43 -11.47 -45.88
N LEU L 429 -4.14 -12.52 -45.48
CA LEU L 429 -5.58 -12.42 -45.30
C LEU L 429 -5.86 -11.40 -44.20
N ALA L 430 -5.20 -11.58 -43.06
CA ALA L 430 -5.32 -10.66 -41.92
C ALA L 430 -5.05 -9.20 -42.31
N GLU L 431 -3.96 -9.01 -43.07
CA GLU L 431 -3.55 -7.68 -43.52
C GLU L 431 -4.55 -7.10 -44.51
N ALA L 432 -5.08 -7.92 -45.40
CA ALA L 432 -6.07 -7.43 -46.36
C ALA L 432 -7.34 -7.01 -45.61
N GLU L 433 -7.74 -7.80 -44.61
CA GLU L 433 -8.98 -7.51 -43.87
C GLU L 433 -8.86 -6.20 -43.10
N MET L 434 -7.74 -6.00 -42.43
CA MET L 434 -7.51 -4.79 -41.62
C MET L 434 -7.35 -3.56 -42.49
N LEU L 435 -6.51 -3.67 -43.52
CA LEU L 435 -6.24 -2.57 -44.42
C LEU L 435 -7.52 -2.04 -45.04
N LEU L 436 -8.37 -2.94 -45.54
CA LEU L 436 -9.51 -2.54 -46.39
C LEU L 436 -10.66 -1.94 -45.59
N LEU L 437 -10.94 -2.50 -44.41
CA LEU L 437 -11.92 -1.88 -43.52
C LEU L 437 -11.48 -0.46 -43.22
N LEU L 438 -10.24 -0.34 -42.77
CA LEU L 438 -9.69 0.94 -42.35
C LEU L 438 -9.69 1.95 -43.48
N HIS L 439 -9.37 1.52 -44.69
CA HIS L 439 -9.41 2.42 -45.85
C HIS L 439 -10.79 3.00 -46.04
N HIS L 440 -11.82 2.19 -45.88
CA HIS L 440 -13.17 2.64 -46.15
C HIS L 440 -13.73 3.47 -45.05
N VAL L 441 -13.38 3.17 -43.81
CA VAL L 441 -13.82 3.99 -42.70
C VAL L 441 -13.26 5.40 -42.79
N LEU L 442 -11.96 5.50 -43.10
CA LEU L 442 -11.25 6.78 -43.16
C LEU L 442 -11.80 7.69 -44.24
N LYS L 443 -12.29 7.12 -45.33
CA LYS L 443 -12.81 7.93 -46.45
C LYS L 443 -14.31 8.31 -46.29
N HIS L 444 -14.90 7.95 -45.15
CA HIS L 444 -16.30 8.28 -44.89
C HIS L 444 -16.56 8.88 -43.55
N PHE L 445 -15.62 8.74 -42.60
CA PHE L 445 -15.83 9.20 -41.24
C PHE L 445 -14.58 9.75 -40.56
N LEU L 446 -14.81 10.55 -39.49
CA LEU L 446 -13.78 10.89 -38.52
C LEU L 446 -14.02 10.03 -37.31
N VAL L 447 -12.93 9.54 -36.68
CA VAL L 447 -13.04 8.70 -35.50
C VAL L 447 -12.45 9.48 -34.31
N GLU L 448 -13.23 9.66 -33.26
CA GLU L 448 -12.85 10.55 -32.16
C GLU L 448 -13.16 9.91 -30.81
N THR L 449 -12.30 10.10 -29.80
CA THR L 449 -12.61 9.74 -28.39
C THR L 449 -12.21 10.78 -27.38
N LEU L 450 -12.88 10.73 -26.23
CA LEU L 450 -12.41 11.42 -25.03
C LEU L 450 -11.49 10.52 -24.16
N THR L 451 -11.59 9.20 -24.33
CA THR L 451 -10.82 8.26 -23.52
C THR L 451 -9.38 8.15 -24.02
N GLN L 452 -8.54 9.07 -23.53
CA GLN L 452 -7.16 9.23 -24.00
C GLN L 452 -6.16 8.43 -23.12
N GLU L 453 -6.62 7.87 -22.01
CA GLU L 453 -5.75 7.02 -21.17
C GLU L 453 -5.50 5.64 -21.81
N ASP L 454 -4.30 5.10 -21.63
CA ASP L 454 -3.92 3.79 -22.22
C ASP L 454 -4.88 2.65 -21.89
N ILE L 455 -5.20 1.84 -22.91
CA ILE L 455 -5.97 0.61 -22.69
C ILE L 455 -5.02 -0.39 -22.11
N LYS L 456 -5.35 -0.89 -20.91
CA LYS L 456 -4.60 -1.94 -20.26
C LYS L 456 -4.88 -3.24 -20.98
N MET L 457 -3.82 -3.91 -21.41
CA MET L 457 -3.96 -5.18 -22.12
C MET L 457 -4.11 -6.33 -21.14
N VAL L 458 -4.51 -7.48 -21.67
CA VAL L 458 -4.76 -8.69 -20.88
C VAL L 458 -4.23 -9.91 -21.65
N TYR L 459 -3.35 -10.69 -21.02
CA TYR L 459 -2.92 -11.98 -21.58
C TYR L 459 -3.98 -13.04 -21.33
N SER L 460 -4.44 -13.65 -22.43
CA SER L 460 -5.33 -14.80 -22.41
C SER L 460 -5.00 -15.62 -23.66
N PHE L 461 -3.75 -16.08 -23.70
CA PHE L 461 -3.14 -16.76 -24.84
C PHE L 461 -2.89 -15.81 -26.02
N ILE L 462 -3.92 -15.10 -26.44
CA ILE L 462 -3.75 -13.91 -27.26
C ILE L 462 -3.71 -12.69 -26.33
N LEU L 463 -3.11 -11.61 -26.81
CA LEU L 463 -3.07 -10.36 -26.07
C LEU L 463 -4.28 -9.48 -26.49
N ARG L 464 -5.18 -9.22 -25.55
CA ARG L 464 -6.42 -8.49 -25.83
C ARG L 464 -6.59 -7.21 -24.97
N PRO L 465 -7.39 -6.24 -25.46
CA PRO L 465 -7.78 -5.10 -24.64
C PRO L 465 -8.78 -5.47 -23.57
N GLY L 466 -8.57 -4.94 -22.37
CA GLY L 466 -9.46 -5.20 -21.26
C GLY L 466 -10.64 -4.26 -21.23
N THR L 467 -10.67 -3.30 -22.15
CA THR L 467 -11.81 -2.38 -22.28
C THR L 467 -12.00 -2.05 -23.73
N SER L 468 -13.24 -1.80 -24.11
CA SER L 468 -13.55 -1.24 -25.41
C SER L 468 -13.88 0.22 -25.20
N PRO L 469 -12.98 1.10 -25.64
CA PRO L 469 -13.25 2.52 -25.46
C PRO L 469 -14.42 2.96 -26.33
N LEU L 470 -15.16 3.96 -25.87
CA LEU L 470 -16.30 4.52 -26.58
C LEU L 470 -15.77 5.37 -27.72
N LEU L 471 -16.02 4.93 -28.95
CA LEU L 471 -15.57 5.65 -30.13
C LEU L 471 -16.74 6.26 -30.88
N THR L 472 -16.54 7.48 -31.35
CA THR L 472 -17.50 8.19 -32.22
C THR L 472 -17.08 8.09 -33.67
N PHE L 473 -18.04 7.76 -34.53
CA PHE L 473 -17.86 7.81 -35.97
C PHE L 473 -18.74 8.92 -36.50
N ARG L 474 -18.13 9.85 -37.23
CA ARG L 474 -18.77 11.10 -37.67
C ARG L 474 -18.65 11.24 -39.18
N ALA L 475 -19.80 11.32 -39.86
CA ALA L 475 -19.84 11.40 -41.32
C ALA L 475 -19.10 12.64 -41.77
N ILE L 476 -18.23 12.46 -42.76
CA ILE L 476 -17.52 13.57 -43.43
C ILE L 476 -18.37 14.11 -44.57
#